data_3K71
#
_entry.id   3K71
#
_cell.length_a   149.664
_cell.length_b   165.745
_cell.length_c   537.676
_cell.angle_alpha   90.00
_cell.angle_beta   90.00
_cell.angle_gamma   90.00
#
_symmetry.space_group_name_H-M   'P 21 21 21'
#
loop_
_entity.id
_entity.type
_entity.pdbx_description
1 polymer 'Integrin alpha-X'
2 polymer 'Integrin beta-2'
3 branched 2-acetamido-2-deoxy-beta-D-glucopyranose-(1-4)-2-acetamido-2-deoxy-beta-D-glucopyranose
4 branched alpha-D-mannopyranose-(1-4)-2-acetamido-2-deoxy-beta-D-glucopyranose-(1-4)-2-acetamido-2-deoxy-beta-D-glucopyranose
5 branched alpha-D-mannopyranose-(1-6)-alpha-D-mannopyranose-(1-4)-2-acetamido-2-deoxy-beta-D-glucopyranose-(1-4)-2-acetamido-2-deoxy-beta-D-glucopyranose
6 non-polymer 2-acetamido-2-deoxy-beta-D-glucopyranose
7 non-polymer 'CALCIUM ION'
8 non-polymer 'MAGNESIUM ION'
9 water water
#
loop_
_entity_poly.entity_id
_entity_poly.type
_entity_poly.pdbx_seq_one_letter_code
_entity_poly.pdbx_strand_id
1 'polypeptide(L)'
;FNLDTEELTAFRVDSAGFGDSVVQYANSWVVVGAPQKITAANQTGGLYQCGYSTGACEPIGLQVPPEAVNMSLGLSLAST
TSPSQLLACGPTVHHECGRNMYLTGLCFLLGPTQLTQRLPVSRQECPRQEQDIVFLIDGSGSISSRNFATMMNFVRAVIS
QFQRPSTQFSLMQFSNKFQTHFTFEEFRRSSNPLSLLASVHQLQGFTYTATAIQNVVHRLFHASYGARRDAAKILIVITD
GKKEGDSLDYKDVIPMADAAGIIRYAIGVGLAFQNRNSWKELNDIASKPSQEHIFKVEDFDALKDIQNQLKEKIFAIEGT
ETTSSSSFELEMAQEGFSAVFTPDGPVLGAVGSFTWSGGAFLYPPNMSPTFINMSQENVDMRDSYLGYSTELALWKGVQS
LVLGAPRYQHTGKAVIFTQVSRQWRMKAEVTGTQIGSYFGASLCSVDVDSDGSTDLVLIGAPHYYEQTRGGQVSVCPLPR
GWRRWWCDAVLYGEQGHPWGRFGAALTVLGDVNGDKLTDVVIGAPGEEENRGAVYLFHGVLGPSISPSHSQRIAGSQLSS
RLQYFGQALSGGQDLTQDGLVDLAVGARGQVLLLRTRPVLWVGVSMQFIPAEIPRSAFECREQVVSEQTLVQSNICLYID
KRSKNLLGSRDLQSSVTLDLALDPGRLSPRATFQETKNRSLSRVRVLGLKAHCENFNLLLPSCVEDSVTPITLRLNFTLV
GKPLLAFRNLRPMLAADAQRYFTASLPFEKNCGADHICQDNLGISFSFPGLKSLLVGSNLELNAEVMVWNDGEDSYGTTI
TFSHPAGLSYRYVAEGQKQGQLRSLHLTCDSAPVGSQGTWSTSCRINHLIFRGGAQITFLATFDVSPKAVLGDRLLLTAN
VSSENNTPRTSKTTFQLELPVKYAVYTVVSSHEQFTKYLNFSESEEKESHVAMHRYQVNNLGQRDLPVSINFWVPVELNQ
EAVWMDVEVSHPQNPSLRCSSEKIAPPASDFLAHIQKNPVLDCSIAGCLRFRCDVPSFSVQEELDFTLKGNLSFGWVRQI
LQKKVSVVSVAEITFDTSVYSQLPGQEAFMRAQTTTVLEKYKVHGCGGLENLYFQ
;
A,C,E,G
2 'polypeptide(L)'
;QECTKFKVSSCRECIESGPGCTWCQKLNFTGPGDPDSIRCDTRPQLLMRGCAADDIMDPTSLAETQEDHNGGQKQLSPQK
VTLYLRPGQAAAFNVTFRRAKGYPIDLYYLMDLSYSMLDDLRNVKKLGGDLLRALNEITESGRIGFGSFVDKTVLPFVNT
HPDKLRNPCPNKEKECQPPFAFRHVLKLTNNSNQFQTEVGKQLISGNLDAPEGGLDAMMQVAACPEEIGWRNVTRLLVFA
TDDGFHFAGDGKLGAILTPNDGRCHLEDNLYKRSNEFDYPSVGQLAHKLAENNIQPIFAVTSRMVKTYEKLTEIIPKSAV
GELSEDSSNVVQLIKNAYNKLSSRVFLDHNALPDTLKVTYDSFCSNGVTHRNQPRGDCDGVQINVPITFQVKVTATECIQ
EQSFVIRALGFTDIVTVQVLPQCECRCRDQSRDRSLCHGKGFLECGICRCDTGYIGKNCECQTQGRSSQELEGSCRKDNN
SIICSGLGDCVCGQCLCHTSDVPGKLIYGQYCECDTINCERYNGQVCGGPGRGLCFCGKCRCHPGFEGSACQCERTTEGC
LNPRRVECSGRGRCRCNVCECHSGYQLPLCQECPGCPSPCGKYISCAECLKFEKGPFGKNCSAACPGLQLSNNPVKGRTC
KERDSEGCWVAYTLEQQDGMDRYLIYVDESRECVAGPDGCGENLYFQ
;
B,D,F,H
#
loop_
_chem_comp.id
_chem_comp.type
_chem_comp.name
_chem_comp.formula
CA non-polymer 'CALCIUM ION' 'Ca 2'
MAN D-saccharide, alpha linking alpha-D-mannopyranose 'C6 H12 O6'
MG non-polymer 'MAGNESIUM ION' 'Mg 2'
NAG D-saccharide, beta linking 2-acetamido-2-deoxy-beta-D-glucopyranose 'C8 H15 N O6'
#
# COMPACT_ATOMS: atom_id res chain seq x y z
N PHE A 1 -40.38 -19.91 6.60
CA PHE A 1 -41.54 -19.39 5.83
C PHE A 1 -41.55 -19.97 4.41
N ASN A 2 -40.77 -21.03 4.20
CA ASN A 2 -40.67 -21.65 2.89
C ASN A 2 -40.87 -23.16 3.00
N LEU A 3 -41.96 -23.56 3.62
CA LEU A 3 -42.29 -24.97 3.79
C LEU A 3 -43.45 -25.33 2.86
N ASP A 4 -43.18 -26.18 1.87
CA ASP A 4 -44.17 -26.50 0.85
C ASP A 4 -45.49 -26.98 1.44
N THR A 5 -46.58 -26.44 0.93
CA THR A 5 -47.92 -26.83 1.36
C THR A 5 -48.79 -27.14 0.14
N GLU A 6 -48.20 -27.82 -0.85
CA GLU A 6 -48.93 -28.14 -2.08
C GLU A 6 -48.39 -29.42 -2.71
N GLU A 7 -47.16 -29.36 -3.24
CA GLU A 7 -46.57 -30.50 -3.92
C GLU A 7 -45.61 -31.26 -3.00
N LEU A 8 -46.19 -32.09 -2.13
CA LEU A 8 -45.38 -32.89 -1.21
C LEU A 8 -45.70 -34.36 -1.36
N THR A 9 -44.96 -35.21 -0.65
CA THR A 9 -45.17 -36.65 -0.71
C THR A 9 -45.88 -37.12 0.56
N ALA A 10 -46.68 -38.18 0.45
CA ALA A 10 -47.43 -38.72 1.59
C ALA A 10 -47.42 -40.25 1.61
N PHE A 11 -46.93 -40.82 2.71
CA PHE A 11 -46.93 -42.27 2.89
C PHE A 11 -47.99 -42.69 3.91
N ARG A 12 -49.10 -43.23 3.42
CA ARG A 12 -50.18 -43.65 4.31
C ARG A 12 -50.26 -45.18 4.44
N VAL A 13 -49.28 -45.74 5.14
CA VAL A 13 -49.25 -47.17 5.41
C VAL A 13 -49.99 -47.47 6.70
N ASP A 14 -51.17 -48.09 6.58
CA ASP A 14 -51.99 -48.40 7.75
C ASP A 14 -51.48 -49.65 8.46
N SER A 15 -50.64 -49.46 9.47
CA SER A 15 -50.11 -50.57 10.26
C SER A 15 -50.19 -50.25 11.77
N ALA A 16 -51.40 -49.98 12.25
CA ALA A 16 -51.64 -49.74 13.67
C ALA A 16 -50.99 -48.44 14.15
N GLY A 17 -49.94 -48.56 14.95
CA GLY A 17 -49.25 -47.39 15.49
C GLY A 17 -48.21 -46.83 14.53
N PHE A 18 -48.44 -47.01 13.24
CA PHE A 18 -47.54 -46.52 12.21
C PHE A 18 -47.45 -45.00 12.23
N GLY A 19 -46.33 -44.47 11.74
CA GLY A 19 -46.12 -43.04 11.74
C GLY A 19 -46.31 -42.45 13.13
N ASP A 20 -45.74 -43.13 14.13
CA ASP A 20 -45.83 -42.68 15.51
C ASP A 20 -44.46 -42.19 16.00
N SER A 21 -43.42 -42.60 15.28
CA SER A 21 -42.07 -42.08 15.53
C SER A 21 -41.22 -42.24 14.28
N VAL A 22 -40.56 -41.16 13.86
CA VAL A 22 -39.84 -41.14 12.59
C VAL A 22 -38.49 -40.45 12.71
N VAL A 23 -37.56 -40.80 11.82
CA VAL A 23 -36.23 -40.20 11.81
C VAL A 23 -35.63 -40.17 10.41
N GLN A 24 -34.69 -39.25 10.20
CA GLN A 24 -34.00 -39.15 8.93
C GLN A 24 -32.85 -40.16 8.85
N TYR A 25 -33.07 -41.22 8.09
CA TYR A 25 -32.02 -42.21 7.86
C TYR A 25 -30.94 -41.58 6.98
N ALA A 26 -29.96 -42.38 6.58
CA ALA A 26 -29.08 -42.00 5.48
C ALA A 26 -29.92 -41.22 4.49
N ASN A 27 -29.35 -40.15 3.93
CA ASN A 27 -30.13 -39.19 3.15
C ASN A 27 -31.16 -39.83 2.20
N SER A 28 -30.86 -41.02 1.70
CA SER A 28 -31.68 -41.64 0.65
C SER A 28 -33.05 -42.10 1.11
N TRP A 29 -33.22 -42.33 2.42
CA TRP A 29 -34.42 -42.97 2.94
C TRP A 29 -34.93 -42.31 4.22
N VAL A 30 -36.18 -42.61 4.57
CA VAL A 30 -36.75 -42.19 5.85
C VAL A 30 -37.38 -43.38 6.55
N VAL A 31 -37.08 -43.52 7.83
CA VAL A 31 -37.56 -44.65 8.60
C VAL A 31 -38.68 -44.23 9.54
N VAL A 32 -39.79 -44.95 9.48
CA VAL A 32 -40.93 -44.70 10.35
C VAL A 32 -41.06 -45.84 11.36
N GLY A 33 -41.85 -45.61 12.40
CA GLY A 33 -42.00 -46.60 13.47
C GLY A 33 -43.45 -47.01 13.67
N ALA A 34 -43.65 -48.31 13.89
CA ALA A 34 -44.97 -48.84 14.20
C ALA A 34 -44.86 -49.81 15.35
N PRO A 35 -44.73 -49.28 16.59
CA PRO A 35 -44.59 -50.11 17.78
C PRO A 35 -45.73 -51.12 17.93
N GLN A 36 -46.95 -50.69 17.61
CA GLN A 36 -48.12 -51.53 17.81
C GLN A 36 -48.53 -52.29 16.55
N LYS A 37 -47.54 -52.66 15.73
CA LYS A 37 -47.79 -53.50 14.56
C LYS A 37 -47.68 -54.96 14.96
N ILE A 38 -48.73 -55.48 15.57
CA ILE A 38 -48.74 -56.83 16.13
C ILE A 38 -48.06 -57.87 15.24
N THR A 39 -47.15 -58.64 15.83
CA THR A 39 -46.50 -59.74 15.14
C THR A 39 -46.31 -60.91 16.10
N ALA A 40 -46.76 -62.09 15.70
CA ALA A 40 -46.64 -63.29 16.53
C ALA A 40 -47.43 -63.14 17.83
N ALA A 41 -46.90 -63.69 18.91
CA ALA A 41 -47.60 -63.68 20.20
C ALA A 41 -47.26 -62.45 21.00
N ASN A 42 -48.16 -61.48 21.03
CA ASN A 42 -47.95 -60.25 21.78
C ASN A 42 -46.47 -59.86 21.77
N GLN A 43 -45.93 -59.68 20.56
CA GLN A 43 -44.50 -59.44 20.40
C GLN A 43 -44.19 -58.03 19.89
N THR A 44 -43.32 -57.94 18.88
CA THR A 44 -42.81 -56.65 18.42
C THR A 44 -43.83 -55.90 17.56
N GLY A 45 -43.35 -54.86 16.89
CA GLY A 45 -44.17 -54.09 15.96
C GLY A 45 -43.65 -54.23 14.54
N GLY A 46 -42.63 -53.42 14.21
CA GLY A 46 -42.01 -53.49 12.90
C GLY A 46 -41.64 -52.13 12.36
N LEU A 47 -40.68 -52.10 11.43
CA LEU A 47 -40.21 -50.86 10.83
C LEU A 47 -40.47 -50.82 9.33
N TYR A 48 -40.45 -49.61 8.76
CA TYR A 48 -40.69 -49.41 7.34
C TYR A 48 -39.75 -48.36 6.76
N GLN A 49 -39.02 -48.74 5.71
CA GLN A 49 -38.19 -47.80 4.99
C GLN A 49 -38.94 -47.32 3.75
N CYS A 50 -38.87 -46.02 3.50
CA CYS A 50 -39.62 -45.41 2.39
C CYS A 50 -38.70 -44.53 1.55
N GLY A 51 -38.79 -44.69 0.24
CA GLY A 51 -37.99 -43.90 -0.68
C GLY A 51 -38.84 -42.87 -1.41
N TYR A 52 -38.21 -41.81 -1.88
CA TYR A 52 -38.92 -40.74 -2.58
C TYR A 52 -39.27 -41.16 -4.01
N SER A 53 -38.31 -41.76 -4.70
CA SER A 53 -38.49 -42.19 -6.09
C SER A 53 -39.91 -42.68 -6.33
N THR A 54 -40.29 -43.72 -5.60
CA THR A 54 -41.65 -44.26 -5.68
C THR A 54 -42.34 -44.08 -4.32
N GLY A 55 -43.54 -43.52 -4.36
CA GLY A 55 -44.30 -43.27 -3.15
C GLY A 55 -44.87 -44.53 -2.53
N ALA A 56 -44.01 -45.29 -1.86
CA ALA A 56 -44.40 -46.56 -1.26
C ALA A 56 -43.41 -46.97 -0.17
N CYS A 57 -43.89 -47.68 0.84
CA CYS A 57 -43.05 -48.13 1.94
C CYS A 57 -42.82 -49.64 1.89
N GLU A 58 -41.56 -50.04 1.85
CA GLU A 58 -41.21 -51.46 1.87
C GLU A 58 -40.85 -51.91 3.28
N PRO A 59 -41.41 -53.04 3.72
CA PRO A 59 -41.06 -53.60 5.03
C PRO A 59 -39.55 -53.78 5.14
N ILE A 60 -39.03 -53.83 6.36
CA ILE A 60 -37.60 -54.02 6.56
C ILE A 60 -37.32 -55.35 7.28
N GLY A 61 -36.41 -56.12 6.71
CA GLY A 61 -36.06 -57.43 7.23
C GLY A 61 -35.41 -57.37 8.60
N LEU A 62 -35.88 -58.20 9.52
CA LEU A 62 -35.39 -58.20 10.89
C LEU A 62 -35.39 -59.60 11.51
N GLN A 63 -34.32 -59.90 12.25
CA GLN A 63 -34.21 -61.17 12.95
C GLN A 63 -34.65 -61.00 14.40
N VAL A 64 -35.95 -60.81 14.61
CA VAL A 64 -36.49 -60.60 15.96
C VAL A 64 -36.32 -61.84 16.81
N PRO A 65 -35.41 -61.78 17.80
CA PRO A 65 -35.16 -62.95 18.66
C PRO A 65 -36.40 -63.34 19.45
N PRO A 66 -36.65 -64.66 19.59
CA PRO A 66 -37.78 -65.09 20.41
C PRO A 66 -37.71 -64.49 21.81
N GLU A 67 -36.48 -64.24 22.28
CA GLU A 67 -36.25 -63.69 23.60
C GLU A 67 -37.03 -62.39 23.80
N ALA A 68 -36.89 -61.47 22.86
CA ALA A 68 -37.57 -60.18 22.96
C ALA A 68 -39.05 -60.32 22.66
N VAL A 69 -39.88 -60.01 23.66
CA VAL A 69 -41.32 -60.15 23.53
C VAL A 69 -42.01 -58.82 23.82
N ASN A 70 -43.19 -58.66 23.25
CA ASN A 70 -43.98 -57.43 23.39
C ASN A 70 -43.11 -56.19 23.50
N MET A 71 -42.02 -56.16 22.74
CA MET A 71 -41.09 -55.03 22.80
C MET A 71 -41.56 -53.88 21.93
N SER A 72 -42.54 -54.15 21.06
CA SER A 72 -43.12 -53.13 20.21
C SER A 72 -42.04 -52.16 19.72
N LEU A 73 -41.15 -52.64 18.87
CA LEU A 73 -40.02 -51.85 18.41
C LEU A 73 -40.47 -50.68 17.54
N GLY A 74 -39.56 -49.74 17.30
CA GLY A 74 -39.87 -48.55 16.52
C GLY A 74 -40.26 -47.36 17.38
N LEU A 75 -40.69 -47.63 18.61
CA LEU A 75 -41.14 -46.58 19.52
C LEU A 75 -40.08 -45.50 19.69
N SER A 76 -38.83 -45.92 19.81
CA SER A 76 -37.71 -44.99 19.92
C SER A 76 -36.80 -45.15 18.71
N LEU A 77 -36.42 -44.03 18.09
CA LEU A 77 -35.55 -44.05 16.92
C LEU A 77 -34.44 -43.00 17.04
N ALA A 78 -33.41 -43.17 16.22
CA ALA A 78 -32.27 -42.24 16.21
C ALA A 78 -31.33 -42.56 15.05
N SER A 79 -30.85 -41.52 14.36
CA SER A 79 -29.98 -41.71 13.20
C SER A 79 -28.76 -40.80 13.24
N THR A 80 -27.61 -41.34 12.83
CA THR A 80 -26.40 -40.54 12.73
C THR A 80 -25.97 -40.38 11.27
N THR A 81 -25.08 -39.42 11.03
CA THR A 81 -24.60 -39.14 9.69
C THR A 81 -23.13 -39.51 9.58
N SER A 82 -22.47 -39.62 10.72
CA SER A 82 -21.02 -39.68 10.78
C SER A 82 -20.53 -40.67 9.72
N PRO A 83 -20.45 -41.96 10.06
CA PRO A 83 -20.91 -42.83 8.97
C PRO A 83 -22.41 -43.06 9.12
N SER A 84 -23.12 -43.11 7.99
CA SER A 84 -24.57 -43.29 8.03
C SER A 84 -24.99 -44.59 8.71
N GLN A 85 -25.62 -44.46 9.87
CA GLN A 85 -26.19 -45.60 10.57
C GLN A 85 -27.58 -45.25 11.09
N LEU A 86 -28.30 -46.27 11.57
CA LEU A 86 -29.62 -46.05 12.16
C LEU A 86 -29.81 -46.91 13.40
N LEU A 87 -30.72 -46.48 14.27
CA LEU A 87 -30.98 -47.16 15.53
C LEU A 87 -32.47 -47.25 15.79
N ALA A 88 -33.01 -48.47 15.69
CA ALA A 88 -34.40 -48.72 16.04
C ALA A 88 -34.45 -49.45 17.38
N CYS A 89 -35.60 -49.43 18.05
CA CYS A 89 -35.66 -49.93 19.42
C CYS A 89 -37.02 -50.49 19.83
N GLY A 90 -36.98 -51.61 20.55
CA GLY A 90 -38.11 -52.10 21.32
C GLY A 90 -37.89 -51.86 22.81
N PRO A 91 -38.30 -50.68 23.29
CA PRO A 91 -38.14 -50.29 24.71
C PRO A 91 -39.06 -51.00 25.69
N THR A 92 -39.66 -52.12 25.29
CA THR A 92 -40.63 -52.80 26.14
C THR A 92 -40.48 -54.32 26.13
N VAL A 93 -39.25 -54.79 26.16
CA VAL A 93 -39.00 -56.23 26.18
C VAL A 93 -39.59 -56.85 27.44
N HIS A 94 -40.11 -58.06 27.32
CA HIS A 94 -40.65 -58.78 28.47
C HIS A 94 -39.94 -60.11 28.64
N HIS A 95 -39.25 -60.26 29.76
CA HIS A 95 -38.56 -61.51 30.08
C HIS A 95 -39.13 -62.09 31.38
N GLU A 96 -39.68 -63.29 31.29
CA GLU A 96 -40.34 -63.93 32.41
C GLU A 96 -39.34 -64.52 33.42
N CYS A 97 -39.28 -63.91 34.59
CA CYS A 97 -38.42 -64.41 35.68
C CYS A 97 -39.26 -65.20 36.68
N GLY A 98 -40.38 -65.74 36.22
CA GLY A 98 -41.25 -66.53 37.08
C GLY A 98 -42.28 -65.68 37.78
N ARG A 99 -42.03 -65.39 39.06
CA ARG A 99 -42.96 -64.64 39.91
C ARG A 99 -43.48 -63.38 39.21
N ASN A 100 -42.58 -62.65 38.58
CA ASN A 100 -42.95 -61.43 37.87
C ASN A 100 -41.93 -61.05 36.81
N MET A 101 -42.42 -60.71 35.63
CA MET A 101 -41.55 -60.31 34.52
C MET A 101 -41.20 -58.84 34.63
N TYR A 102 -40.29 -58.37 33.78
CA TYR A 102 -39.86 -56.98 33.80
C TYR A 102 -39.65 -56.46 32.39
N LEU A 103 -39.01 -55.30 32.27
CA LEU A 103 -38.77 -54.68 30.97
C LEU A 103 -37.33 -54.24 30.81
N THR A 104 -36.69 -54.69 29.74
CA THR A 104 -35.27 -54.46 29.56
C THR A 104 -34.95 -53.56 28.37
N GLY A 105 -35.58 -53.82 27.23
CA GLY A 105 -35.32 -53.05 26.03
C GLY A 105 -34.25 -53.68 25.16
N LEU A 106 -34.46 -53.63 23.84
CA LEU A 106 -33.55 -54.26 22.88
C LEU A 106 -33.47 -53.43 21.60
N CYS A 107 -32.26 -53.04 21.20
CA CYS A 107 -32.10 -52.21 20.00
C CYS A 107 -31.34 -52.91 18.88
N PHE A 108 -31.47 -52.35 17.67
CA PHE A 108 -30.83 -52.90 16.48
C PHE A 108 -30.14 -51.79 15.67
N LEU A 109 -28.85 -51.97 15.39
CA LEU A 109 -28.12 -51.05 14.53
C LEU A 109 -28.01 -51.59 13.12
N LEU A 110 -28.49 -50.81 12.16
CA LEU A 110 -28.45 -51.22 10.75
C LEU A 110 -27.48 -50.33 9.96
N GLY A 111 -27.59 -50.38 8.64
CA GLY A 111 -26.73 -49.58 7.78
C GLY A 111 -26.10 -50.39 6.67
N PRO A 112 -25.22 -49.77 5.88
CA PRO A 112 -24.41 -50.41 4.84
C PRO A 112 -23.24 -51.21 5.42
N THR A 113 -23.49 -51.91 6.52
CA THR A 113 -22.45 -52.66 7.22
C THR A 113 -23.03 -53.96 7.75
N GLN A 114 -22.65 -54.33 8.98
CA GLN A 114 -23.16 -55.53 9.61
C GLN A 114 -24.37 -55.20 10.46
N LEU A 115 -25.40 -56.04 10.41
CA LEU A 115 -26.61 -55.82 11.20
C LEU A 115 -26.36 -56.15 12.67
N THR A 116 -25.81 -55.19 13.40
CA THR A 116 -25.51 -55.39 14.82
C THR A 116 -26.79 -55.32 15.65
N GLN A 117 -26.75 -55.92 16.83
CA GLN A 117 -27.82 -55.81 17.80
C GLN A 117 -27.20 -55.50 19.15
N ARG A 118 -27.46 -54.29 19.66
CA ARG A 118 -26.72 -53.82 20.83
C ARG A 118 -27.52 -53.35 22.04
N LEU A 119 -27.75 -54.24 22.98
CA LEU A 119 -27.72 -53.88 24.38
C LEU A 119 -26.34 -54.17 24.99
N PRO A 120 -25.56 -55.09 24.39
CA PRO A 120 -25.75 -55.90 23.19
C PRO A 120 -26.18 -57.36 23.38
N VAL A 121 -27.49 -57.58 23.35
CA VAL A 121 -28.05 -58.90 23.07
C VAL A 121 -27.57 -59.98 24.05
N SER A 122 -26.96 -59.56 25.15
CA SER A 122 -26.83 -60.42 26.30
C SER A 122 -28.19 -60.43 26.98
N ARG A 123 -29.06 -61.33 26.52
CA ARG A 123 -30.43 -61.37 27.01
C ARG A 123 -30.44 -61.21 28.53
N GLN A 124 -30.93 -60.07 28.99
CA GLN A 124 -30.81 -59.69 30.40
C GLN A 124 -31.50 -60.71 31.32
N GLU A 125 -30.72 -61.65 31.83
CA GLU A 125 -31.24 -62.70 32.69
C GLU A 125 -31.84 -62.14 33.98
N CYS A 126 -32.72 -62.91 34.60
CA CYS A 126 -33.44 -62.49 35.80
C CYS A 126 -32.52 -62.33 37.00
N PRO A 127 -33.05 -61.76 38.09
CA PRO A 127 -32.35 -61.74 39.37
C PRO A 127 -32.66 -63.01 40.15
N GLU A 329 -33.03 -52.13 40.74
CA GLU A 329 -31.73 -51.95 40.11
C GLU A 329 -31.88 -51.66 38.62
N LEU A 330 -32.07 -52.71 37.83
CA LEU A 330 -32.18 -52.57 36.39
C LEU A 330 -33.06 -53.64 35.79
N GLU A 331 -34.29 -53.73 36.29
CA GLU A 331 -35.23 -54.74 35.82
C GLU A 331 -36.22 -54.12 34.85
N MET A 332 -36.72 -52.93 35.19
CA MET A 332 -37.69 -52.24 34.37
C MET A 332 -37.15 -50.88 33.94
N ALA A 333 -35.98 -50.88 33.31
CA ALA A 333 -35.34 -49.65 32.88
C ALA A 333 -35.63 -49.35 31.42
N GLN A 334 -36.21 -50.32 30.72
CA GLN A 334 -36.60 -50.15 29.32
C GLN A 334 -35.56 -49.34 28.54
N GLU A 335 -34.29 -49.68 28.73
CA GLU A 335 -33.22 -48.99 28.04
C GLU A 335 -33.53 -48.87 26.55
N GLY A 336 -33.09 -47.77 25.95
CA GLY A 336 -33.37 -47.52 24.55
C GLY A 336 -34.65 -46.74 24.36
N PHE A 337 -35.26 -46.31 25.46
CA PHE A 337 -36.47 -45.51 25.43
C PHE A 337 -36.25 -44.25 24.60
N SER A 338 -35.01 -43.76 24.62
CA SER A 338 -34.63 -42.59 23.82
C SER A 338 -33.14 -42.63 23.55
N ALA A 339 -32.74 -42.57 22.29
CA ALA A 339 -31.35 -42.73 21.92
C ALA A 339 -30.83 -41.62 21.00
N VAL A 340 -29.53 -41.39 21.04
CA VAL A 340 -28.87 -40.40 20.20
C VAL A 340 -27.39 -40.75 20.06
N PHE A 341 -26.83 -40.55 18.88
CA PHE A 341 -25.45 -40.94 18.61
C PHE A 341 -24.46 -39.92 19.15
N THR A 342 -23.18 -40.17 18.88
CA THR A 342 -22.09 -39.28 19.26
C THR A 342 -20.77 -39.91 18.82
N PRO A 343 -19.80 -39.08 18.40
CA PRO A 343 -18.52 -39.55 17.84
C PRO A 343 -17.93 -40.77 18.55
N ASP A 344 -18.18 -40.90 19.85
CA ASP A 344 -17.64 -42.03 20.60
C ASP A 344 -18.73 -43.03 20.96
N GLY A 345 -19.41 -43.55 19.94
CA GLY A 345 -20.40 -44.61 20.12
C GLY A 345 -21.78 -44.10 20.47
N PRO A 346 -22.82 -44.93 20.21
CA PRO A 346 -24.22 -44.59 20.52
C PRO A 346 -24.49 -44.44 22.02
N VAL A 347 -25.71 -44.03 22.36
CA VAL A 347 -26.09 -43.78 23.75
C VAL A 347 -27.58 -43.99 23.98
N LEU A 348 -27.94 -45.07 24.67
CA LEU A 348 -29.34 -45.36 24.97
C LEU A 348 -29.66 -44.98 26.42
N GLY A 349 -30.92 -44.72 26.69
CA GLY A 349 -31.33 -44.19 27.99
C GLY A 349 -32.19 -45.13 28.81
N ALA A 350 -31.82 -45.31 30.07
CA ALA A 350 -32.60 -46.11 31.01
C ALA A 350 -33.44 -45.18 31.89
N VAL A 351 -34.59 -45.67 32.34
CA VAL A 351 -35.50 -44.87 33.14
C VAL A 351 -35.66 -45.43 34.54
N GLY A 352 -35.84 -46.74 34.62
CA GLY A 352 -36.11 -47.41 35.89
C GLY A 352 -34.85 -47.84 36.61
N SER A 353 -33.80 -47.03 36.51
CA SER A 353 -32.55 -47.33 37.18
C SER A 353 -32.67 -47.08 38.69
N PHE A 354 -32.77 -48.17 39.46
CA PHE A 354 -32.78 -48.09 40.91
C PHE A 354 -34.14 -47.59 41.40
N THR A 355 -34.17 -46.40 41.98
CA THR A 355 -35.42 -45.78 42.41
C THR A 355 -36.07 -45.07 41.23
N TRP A 356 -36.04 -45.71 40.07
CA TRP A 356 -36.50 -45.09 38.83
C TRP A 356 -35.82 -43.73 38.67
N SER A 357 -34.58 -43.64 39.16
CA SER A 357 -33.79 -42.42 39.01
C SER A 357 -33.54 -42.17 37.54
N GLY A 358 -32.81 -43.08 36.90
CA GLY A 358 -32.54 -42.99 35.48
C GLY A 358 -31.06 -42.91 35.15
N GLY A 359 -30.76 -42.83 33.85
CA GLY A 359 -29.38 -42.75 33.39
C GLY A 359 -29.28 -43.00 31.89
N ALA A 360 -28.08 -43.39 31.44
CA ALA A 360 -27.87 -43.68 30.03
C ALA A 360 -26.60 -44.52 29.81
N PHE A 361 -26.75 -45.64 29.12
CA PHE A 361 -25.65 -46.55 28.84
C PHE A 361 -24.88 -46.19 27.57
N LEU A 362 -23.67 -45.70 27.73
CA LEU A 362 -22.81 -45.40 26.58
C LEU A 362 -22.10 -46.66 26.09
N TYR A 363 -22.10 -46.86 24.78
CA TYR A 363 -21.32 -47.93 24.17
C TYR A 363 -20.18 -47.40 23.32
N PRO A 364 -18.93 -47.70 23.71
CA PRO A 364 -17.74 -47.38 22.90
C PRO A 364 -17.58 -48.31 21.69
N PRO A 365 -16.38 -48.31 21.07
CA PRO A 365 -16.07 -49.14 19.89
C PRO A 365 -15.70 -50.58 20.24
N ASN A 366 -16.71 -51.41 20.49
CA ASN A 366 -16.49 -52.81 20.82
C ASN A 366 -15.90 -52.99 22.23
N MET A 367 -15.42 -51.89 22.81
CA MET A 367 -15.04 -51.88 24.21
C MET A 367 -16.29 -51.99 25.07
N SER A 368 -16.14 -52.57 26.26
CA SER A 368 -17.27 -52.74 27.17
C SER A 368 -17.87 -51.38 27.51
N PRO A 369 -19.20 -51.28 27.52
CA PRO A 369 -19.91 -50.01 27.70
C PRO A 369 -19.80 -49.42 29.10
N THR A 370 -20.08 -48.12 29.23
CA THR A 370 -20.15 -47.45 30.52
C THR A 370 -21.61 -47.04 30.80
N PHE A 371 -21.81 -46.28 31.87
CA PHE A 371 -23.16 -45.87 32.28
C PHE A 371 -23.09 -44.68 33.23
N ILE A 372 -24.08 -43.80 33.15
CA ILE A 372 -24.10 -42.60 34.00
C ILE A 372 -25.47 -42.39 34.65
N ASN A 373 -25.54 -42.69 35.95
CA ASN A 373 -26.69 -42.28 36.77
C ASN A 373 -26.31 -41.01 37.53
N MET A 374 -26.95 -40.76 38.66
CA MET A 374 -26.66 -39.55 39.44
C MET A 374 -26.09 -39.91 40.80
N SER A 375 -25.35 -41.02 40.86
CA SER A 375 -24.91 -41.60 42.13
C SER A 375 -26.10 -41.85 43.03
N GLN A 376 -25.84 -42.30 44.26
CA GLN A 376 -26.89 -42.48 45.25
C GLN A 376 -26.85 -41.33 46.24
N GLU A 377 -25.66 -40.77 46.45
CA GLU A 377 -25.50 -39.61 47.32
C GLU A 377 -26.47 -38.50 46.92
N ASN A 378 -26.99 -38.59 45.70
CA ASN A 378 -28.06 -37.71 45.25
C ASN A 378 -29.41 -38.24 45.74
N VAL A 379 -29.80 -37.82 46.94
CA VAL A 379 -30.98 -38.37 47.61
C VAL A 379 -32.25 -38.26 46.77
N ASP A 380 -32.42 -37.12 46.10
CA ASP A 380 -33.64 -36.85 45.34
C ASP A 380 -33.67 -37.62 44.02
N MET A 381 -34.43 -37.10 43.06
CA MET A 381 -34.47 -37.67 41.72
C MET A 381 -35.16 -39.03 41.71
N ARG A 382 -36.00 -39.27 42.71
CA ARG A 382 -36.80 -40.49 42.75
C ARG A 382 -37.98 -40.36 41.80
N ASP A 383 -38.09 -41.29 40.85
CA ASP A 383 -39.20 -41.28 39.90
C ASP A 383 -39.20 -39.99 39.09
N SER A 384 -38.23 -39.85 38.20
CA SER A 384 -38.15 -38.68 37.32
C SER A 384 -37.93 -39.10 35.87
N TYR A 385 -37.73 -40.39 35.65
CA TYR A 385 -37.47 -40.91 34.30
C TYR A 385 -36.27 -40.23 33.65
N LEU A 386 -35.23 -39.96 34.44
CA LEU A 386 -34.02 -39.35 33.91
C LEU A 386 -33.53 -40.14 32.70
N GLY A 387 -33.66 -39.55 31.52
CA GLY A 387 -33.28 -40.21 30.29
C GLY A 387 -34.49 -40.49 29.42
N TYR A 388 -35.62 -39.91 29.80
CA TYR A 388 -36.85 -40.03 29.01
C TYR A 388 -36.54 -39.56 27.61
N SER A 389 -35.77 -38.49 27.52
CA SER A 389 -35.29 -37.97 26.25
C SER A 389 -33.79 -37.76 26.36
N THR A 390 -33.08 -37.96 25.26
CA THR A 390 -31.63 -37.81 25.24
C THR A 390 -31.15 -37.09 23.98
N GLU A 391 -30.12 -36.26 24.13
CA GLU A 391 -29.59 -35.50 23.01
C GLU A 391 -28.11 -35.18 23.20
N LEU A 392 -27.40 -34.97 22.10
CA LEU A 392 -25.98 -34.66 22.12
C LEU A 392 -25.79 -33.15 22.32
N ALA A 393 -24.53 -32.74 22.52
CA ALA A 393 -24.21 -31.33 22.66
C ALA A 393 -22.75 -31.07 22.30
N LEU A 394 -22.33 -31.60 21.16
CA LEU A 394 -20.95 -31.48 20.69
C LEU A 394 -20.45 -30.06 20.87
N TRP A 395 -19.14 -29.93 21.12
CA TRP A 395 -18.51 -28.63 21.27
C TRP A 395 -17.06 -28.70 20.80
N LYS A 396 -16.47 -27.54 20.53
CA LYS A 396 -15.08 -27.49 20.07
C LYS A 396 -14.19 -28.39 20.91
N GLY A 397 -14.60 -28.62 22.16
CA GLY A 397 -13.90 -29.52 23.04
C GLY A 397 -14.53 -30.90 23.05
N VAL A 398 -14.85 -31.39 24.25
CA VAL A 398 -15.44 -32.72 24.39
C VAL A 398 -16.95 -32.66 24.23
N GLN A 399 -17.56 -33.82 23.99
CA GLN A 399 -19.01 -33.94 23.84
C GLN A 399 -19.70 -33.70 25.16
N SER A 400 -21.03 -33.59 25.12
CA SER A 400 -21.82 -33.42 26.33
C SER A 400 -23.20 -34.05 26.12
N LEU A 401 -23.63 -34.87 27.07
CA LEU A 401 -24.95 -35.50 26.97
C LEU A 401 -25.99 -34.72 27.76
N VAL A 402 -27.26 -35.01 27.50
CA VAL A 402 -28.35 -34.38 28.21
C VAL A 402 -29.52 -35.34 28.34
N LEU A 403 -30.12 -35.36 29.53
CA LEU A 403 -31.25 -36.24 29.79
C LEU A 403 -32.43 -35.41 30.28
N GLY A 404 -33.63 -35.86 29.95
CA GLY A 404 -34.85 -35.18 30.36
C GLY A 404 -35.52 -35.90 31.50
N ALA A 405 -35.81 -35.18 32.57
CA ALA A 405 -36.46 -35.77 33.74
C ALA A 405 -37.80 -35.09 34.01
N PRO A 406 -38.85 -35.54 33.30
CA PRO A 406 -40.19 -34.96 33.38
C PRO A 406 -40.75 -34.83 34.80
N ARG A 407 -40.30 -35.67 35.71
CA ARG A 407 -40.94 -35.77 37.02
C ARG A 407 -39.95 -35.70 38.19
N TYR A 408 -39.02 -34.77 38.12
CA TYR A 408 -38.16 -34.49 39.25
C TYR A 408 -38.95 -33.66 40.26
N GLN A 409 -39.26 -34.26 41.41
CA GLN A 409 -40.15 -33.62 42.38
C GLN A 409 -41.52 -33.37 41.73
N HIS A 410 -41.85 -34.19 40.74
CA HIS A 410 -43.16 -34.17 40.10
C HIS A 410 -43.37 -32.95 39.19
N THR A 411 -42.34 -32.14 39.02
CA THR A 411 -42.44 -30.95 38.17
C THR A 411 -41.72 -31.14 36.84
N GLY A 412 -40.42 -31.39 36.89
CA GLY A 412 -39.65 -31.63 35.69
C GLY A 412 -38.36 -30.83 35.64
N LYS A 413 -37.23 -31.52 35.69
CA LYS A 413 -35.93 -30.86 35.59
C LYS A 413 -35.13 -31.46 34.43
N ALA A 414 -34.18 -30.70 33.91
CA ALA A 414 -33.29 -31.19 32.87
C ALA A 414 -31.85 -31.07 33.35
N VAL A 415 -31.09 -32.15 33.19
CA VAL A 415 -29.71 -32.21 33.68
C VAL A 415 -28.75 -32.49 32.54
N ILE A 416 -27.62 -31.78 32.54
CA ILE A 416 -26.60 -31.94 31.51
C ILE A 416 -25.35 -32.57 32.10
N PHE A 417 -24.79 -33.54 31.38
CA PHE A 417 -23.61 -34.25 31.86
C PHE A 417 -22.40 -34.07 30.96
N THR A 418 -21.22 -34.02 31.59
CA THR A 418 -19.95 -34.01 30.88
C THR A 418 -19.18 -35.29 31.18
N GLN A 419 -18.27 -35.64 30.30
CA GLN A 419 -17.48 -36.86 30.49
C GLN A 419 -15.99 -36.53 30.45
N VAL A 420 -15.53 -35.84 31.50
CA VAL A 420 -14.14 -35.49 31.64
C VAL A 420 -13.31 -36.74 31.87
N SER A 421 -12.03 -36.69 31.49
CA SER A 421 -11.13 -37.82 31.67
C SER A 421 -11.20 -38.34 33.09
N ARG A 422 -11.68 -39.57 33.24
CA ARG A 422 -11.80 -40.20 34.55
C ARG A 422 -12.64 -39.36 35.51
N GLN A 423 -13.82 -38.95 35.04
CA GLN A 423 -14.74 -38.18 35.87
C GLN A 423 -16.20 -38.52 35.56
N TRP A 424 -16.68 -38.06 34.41
CA TRP A 424 -18.07 -38.30 34.01
C TRP A 424 -19.05 -37.73 35.05
N ARG A 425 -18.81 -36.49 35.47
CA ARG A 425 -19.66 -35.85 36.47
C ARG A 425 -20.75 -34.99 35.82
N MET A 426 -21.48 -34.26 36.65
CA MET A 426 -22.56 -33.40 36.16
C MET A 426 -22.04 -31.99 35.86
N LYS A 427 -22.47 -31.44 34.73
CA LYS A 427 -22.14 -30.06 34.36
C LYS A 427 -23.05 -29.11 35.14
N ALA A 428 -24.34 -29.16 34.85
CA ALA A 428 -25.32 -28.33 35.55
C ALA A 428 -26.75 -28.81 35.30
N GLU A 429 -27.72 -28.02 35.73
CA GLU A 429 -29.12 -28.43 35.66
C GLU A 429 -30.05 -27.27 35.96
N VAL A 430 -31.34 -27.46 35.68
CA VAL A 430 -32.35 -26.45 35.97
C VAL A 430 -33.69 -27.10 36.30
N THR A 431 -34.25 -26.74 37.45
CA THR A 431 -35.54 -27.26 37.86
C THR A 431 -36.62 -26.84 36.88
N GLY A 432 -37.83 -27.36 37.06
CA GLY A 432 -38.95 -27.00 36.20
C GLY A 432 -39.56 -25.69 36.64
N THR A 433 -40.55 -25.21 35.89
CA THR A 433 -41.20 -23.95 36.21
C THR A 433 -42.49 -24.20 36.98
N GLN A 434 -43.16 -25.30 36.66
CA GLN A 434 -44.45 -25.60 37.28
C GLN A 434 -44.63 -27.10 37.51
N ILE A 435 -45.47 -27.43 38.49
CA ILE A 435 -45.78 -28.82 38.79
C ILE A 435 -46.63 -29.42 37.69
N GLY A 436 -46.19 -30.57 37.18
CA GLY A 436 -46.92 -31.26 36.12
C GLY A 436 -46.61 -30.71 34.74
N SER A 437 -45.99 -29.54 34.70
CA SER A 437 -45.62 -28.89 33.44
C SER A 437 -44.94 -29.92 32.55
N TYR A 438 -44.21 -30.84 33.17
CA TYR A 438 -43.51 -31.88 32.46
C TYR A 438 -42.28 -31.30 31.76
N PHE A 439 -41.54 -30.49 32.49
CA PHE A 439 -40.35 -29.85 31.96
C PHE A 439 -39.21 -30.85 31.85
N GLY A 440 -38.97 -31.32 30.64
CA GLY A 440 -37.95 -32.33 30.40
C GLY A 440 -38.35 -33.28 29.27
N ALA A 441 -39.60 -33.15 28.81
CA ALA A 441 -40.13 -34.00 27.74
C ALA A 441 -39.20 -34.08 26.53
N SER A 442 -39.09 -32.99 25.79
CA SER A 442 -38.30 -32.97 24.55
C SER A 442 -37.05 -32.14 24.70
N LEU A 443 -35.98 -32.54 24.02
CA LEU A 443 -34.75 -31.75 24.02
C LEU A 443 -34.06 -31.77 22.66
N CYS A 444 -33.59 -30.60 22.23
CA CYS A 444 -32.92 -30.45 20.95
C CYS A 444 -31.77 -29.44 21.02
N SER A 445 -30.54 -29.94 20.91
CA SER A 445 -29.37 -29.07 20.82
C SER A 445 -29.29 -28.52 19.41
N VAL A 446 -29.39 -27.21 19.27
CA VAL A 446 -29.45 -26.59 17.96
C VAL A 446 -28.33 -25.56 17.78
N ASP A 447 -28.05 -25.23 16.53
CA ASP A 447 -26.88 -24.44 16.18
C ASP A 447 -27.27 -23.11 15.54
N VAL A 448 -27.48 -22.08 16.37
CA VAL A 448 -27.95 -20.78 15.89
C VAL A 448 -27.22 -20.34 14.62
N ASP A 449 -25.92 -20.61 14.57
CA ASP A 449 -25.11 -20.27 13.40
C ASP A 449 -24.74 -21.54 12.63
N SER A 450 -23.47 -21.69 12.30
CA SER A 450 -23.00 -22.88 11.60
C SER A 450 -21.56 -23.19 11.99
N ASP A 451 -21.13 -22.69 13.14
CA ASP A 451 -19.75 -22.87 13.58
C ASP A 451 -19.51 -24.31 14.04
N GLY A 452 -20.58 -25.11 14.08
CA GLY A 452 -20.46 -26.53 14.37
C GLY A 452 -20.49 -26.84 15.85
N SER A 453 -20.28 -25.83 16.69
CA SER A 453 -20.30 -26.01 18.13
C SER A 453 -21.66 -25.68 18.70
N THR A 454 -22.37 -26.69 19.19
CA THR A 454 -23.72 -26.50 19.72
C THR A 454 -23.77 -25.26 20.61
N ASP A 455 -24.71 -24.36 20.32
CA ASP A 455 -24.77 -23.08 21.01
C ASP A 455 -25.83 -23.08 22.10
N LEU A 456 -26.98 -23.68 21.80
CA LEU A 456 -28.08 -23.68 22.76
C LEU A 456 -28.89 -24.97 22.70
N VAL A 457 -29.92 -25.06 23.53
CA VAL A 457 -30.65 -26.30 23.71
C VAL A 457 -32.10 -26.04 24.08
N LEU A 458 -33.01 -26.73 23.41
CA LEU A 458 -34.43 -26.55 23.63
C LEU A 458 -34.96 -27.61 24.60
N ILE A 459 -36.12 -27.32 25.18
CA ILE A 459 -36.75 -28.23 26.14
C ILE A 459 -38.26 -28.23 25.92
N GLY A 460 -38.91 -29.34 26.26
CA GLY A 460 -40.34 -29.47 26.03
C GLY A 460 -41.14 -29.56 27.32
N ALA A 461 -42.41 -29.16 27.27
CA ALA A 461 -43.29 -29.24 28.42
C ALA A 461 -44.73 -29.03 27.98
N PRO A 462 -45.22 -29.91 27.10
CA PRO A 462 -46.53 -29.82 26.43
C PRO A 462 -47.70 -29.55 27.38
N HIS A 463 -47.55 -29.93 28.64
CA HIS A 463 -48.63 -29.81 29.59
C HIS A 463 -48.34 -28.74 30.64
N TYR A 464 -48.21 -27.50 30.18
CA TYR A 464 -47.87 -26.38 31.04
C TYR A 464 -48.79 -25.21 30.73
N TYR A 465 -48.91 -24.28 31.67
CA TYR A 465 -49.75 -23.10 31.45
C TYR A 465 -49.78 -22.15 32.64
N GLU A 466 -50.59 -21.12 32.51
CA GLU A 466 -50.89 -20.20 33.59
C GLU A 466 -52.30 -19.65 33.38
N GLN A 467 -52.64 -19.38 32.13
CA GLN A 467 -53.98 -18.97 31.75
C GLN A 467 -54.41 -19.70 30.47
N THR A 468 -53.45 -19.98 29.59
CA THR A 468 -53.73 -20.73 28.37
C THR A 468 -52.79 -21.92 28.26
N ARG A 469 -53.35 -23.11 28.12
CA ARG A 469 -52.58 -24.36 28.11
C ARG A 469 -52.09 -24.75 26.72
N GLY A 470 -51.57 -23.78 25.98
CA GLY A 470 -51.02 -24.05 24.67
C GLY A 470 -49.92 -25.10 24.72
N GLY A 471 -49.02 -24.93 25.68
CA GLY A 471 -47.85 -25.78 25.79
C GLY A 471 -46.65 -24.93 26.20
N GLN A 472 -45.44 -25.48 26.08
CA GLN A 472 -44.25 -24.73 26.44
C GLN A 472 -42.94 -25.37 25.99
N VAL A 473 -42.15 -24.61 25.23
CA VAL A 473 -40.80 -25.00 24.86
C VAL A 473 -39.84 -23.96 25.44
N SER A 474 -38.73 -24.41 26.00
CA SER A 474 -37.80 -23.53 26.70
C SER A 474 -36.42 -23.49 26.03
N VAL A 475 -35.99 -22.30 25.64
CA VAL A 475 -34.66 -22.12 25.07
C VAL A 475 -33.64 -21.93 26.19
N CYS A 476 -32.52 -22.63 26.10
CA CYS A 476 -31.55 -22.68 27.18
C CYS A 476 -30.15 -22.87 26.62
N PRO A 477 -29.41 -21.77 26.42
CA PRO A 477 -28.05 -21.80 25.88
C PRO A 477 -27.13 -22.70 26.69
N LEU A 478 -25.92 -22.96 26.20
CA LEU A 478 -24.97 -23.84 26.88
C LEU A 478 -23.74 -23.08 27.36
N PRO A 479 -23.92 -22.21 28.37
CA PRO A 479 -22.80 -21.54 29.03
C PRO A 479 -21.71 -22.52 29.45
N ARG A 480 -20.44 -22.13 29.34
CA ARG A 480 -19.34 -22.97 29.81
C ARG A 480 -18.78 -22.45 31.13
N GLY A 481 -18.58 -23.35 32.07
CA GLY A 481 -18.21 -23.01 33.43
C GLY A 481 -19.24 -23.59 34.38
N TRP A 482 -19.00 -24.82 34.81
CA TRP A 482 -20.01 -25.60 35.53
C TRP A 482 -20.58 -24.87 36.75
N ARG A 483 -21.64 -25.46 37.31
CA ARG A 483 -22.30 -24.92 38.50
C ARG A 483 -23.05 -23.63 38.22
N ARG A 484 -23.10 -23.23 36.96
CA ARG A 484 -23.94 -22.09 36.56
C ARG A 484 -24.48 -22.29 35.15
N TRP A 485 -25.81 -22.28 35.04
CA TRP A 485 -26.47 -22.57 33.78
C TRP A 485 -27.94 -22.23 33.88
N TRP A 486 -28.43 -21.43 32.94
CA TRP A 486 -29.79 -20.92 32.99
C TRP A 486 -30.54 -21.25 31.71
N CYS A 487 -31.72 -21.84 31.86
CA CYS A 487 -32.62 -22.02 30.73
C CYS A 487 -33.30 -20.69 30.44
N ASP A 488 -32.92 -19.67 31.19
CA ASP A 488 -33.50 -18.36 31.04
C ASP A 488 -32.52 -17.39 30.36
N ALA A 489 -32.16 -17.72 29.13
CA ALA A 489 -31.65 -16.72 28.21
C ALA A 489 -32.89 -16.08 27.61
N VAL A 490 -33.73 -15.55 28.51
CA VAL A 490 -35.02 -14.96 28.19
C VAL A 490 -36.11 -15.98 27.85
N LEU A 491 -36.33 -16.17 26.56
CA LEU A 491 -37.64 -16.48 26.02
C LEU A 491 -38.09 -17.94 26.13
N TYR A 492 -39.24 -18.20 25.53
CA TYR A 492 -39.83 -19.53 25.50
C TYR A 492 -41.07 -19.50 24.61
N GLY A 493 -41.01 -20.18 23.47
CA GLY A 493 -42.09 -20.16 22.49
C GLY A 493 -43.36 -20.85 22.97
N GLU A 494 -44.51 -20.41 22.46
CA GLU A 494 -45.80 -20.99 22.86
C GLU A 494 -46.84 -20.96 21.72
N GLN A 495 -48.06 -20.55 22.07
CA GLN A 495 -49.14 -20.30 21.12
C GLN A 495 -50.41 -19.98 21.89
N GLY A 496 -51.34 -19.26 21.25
CA GLY A 496 -52.59 -18.92 21.89
C GLY A 496 -53.69 -19.93 21.61
N HIS A 497 -53.57 -21.11 22.20
CA HIS A 497 -54.55 -22.18 22.03
C HIS A 497 -54.35 -23.29 23.05
N PRO A 498 -55.16 -23.28 24.13
CA PRO A 498 -55.09 -24.26 25.22
C PRO A 498 -55.06 -25.71 24.75
N TRP A 499 -54.72 -26.63 25.66
CA TRP A 499 -54.68 -28.07 25.36
C TRP A 499 -54.09 -28.38 23.99
N GLY A 500 -52.93 -27.80 23.70
CA GLY A 500 -52.31 -27.95 22.39
C GLY A 500 -51.14 -28.92 22.36
N ARG A 501 -50.56 -29.19 23.52
CA ARG A 501 -49.39 -30.05 23.60
C ARG A 501 -48.28 -29.52 22.68
N PHE A 502 -47.90 -28.26 22.89
CA PHE A 502 -46.85 -27.63 22.10
C PHE A 502 -45.49 -27.87 22.74
N GLY A 503 -44.65 -28.62 22.03
CA GLY A 503 -43.36 -29.01 22.54
C GLY A 503 -43.26 -30.53 22.63
N ALA A 504 -44.24 -31.20 22.03
CA ALA A 504 -44.28 -32.67 22.02
C ALA A 504 -43.02 -33.24 21.37
N ALA A 505 -42.57 -32.59 20.30
CA ALA A 505 -41.36 -33.02 19.61
C ALA A 505 -40.72 -31.83 18.90
N LEU A 506 -39.53 -32.05 18.34
CA LEU A 506 -38.81 -30.99 17.64
C LEU A 506 -37.44 -31.44 17.18
N THR A 507 -36.96 -30.87 16.09
CA THR A 507 -35.67 -31.21 15.51
C THR A 507 -35.01 -30.01 14.86
N VAL A 508 -33.68 -30.03 14.84
CA VAL A 508 -32.93 -29.04 14.08
C VAL A 508 -33.23 -29.21 12.60
N LEU A 509 -33.55 -28.11 11.92
CA LEU A 509 -33.81 -28.13 10.48
C LEU A 509 -32.63 -27.57 9.71
N GLY A 510 -31.96 -26.56 10.29
CA GLY A 510 -30.78 -25.98 9.68
C GLY A 510 -31.07 -24.72 8.89
N ASP A 511 -30.18 -24.40 7.96
CA ASP A 511 -30.33 -23.21 7.14
C ASP A 511 -31.30 -23.47 5.99
N VAL A 512 -32.47 -22.85 6.06
CA VAL A 512 -33.49 -23.03 5.02
C VAL A 512 -33.70 -21.76 4.22
N ASN A 513 -33.72 -20.62 4.90
CA ASN A 513 -33.91 -19.35 4.21
C ASN A 513 -32.60 -18.66 3.84
N GLY A 514 -31.48 -19.30 4.19
CA GLY A 514 -30.18 -18.88 3.69
C GLY A 514 -29.50 -17.74 4.40
N ASP A 515 -30.10 -17.26 5.50
CA ASP A 515 -29.57 -16.09 6.20
C ASP A 515 -28.55 -16.47 7.25
N LYS A 516 -27.91 -17.62 7.08
CA LYS A 516 -26.87 -18.08 7.99
C LYS A 516 -27.42 -18.37 9.39
N LEU A 517 -28.74 -18.23 9.56
CA LEU A 517 -29.37 -18.43 10.86
C LEU A 517 -30.27 -19.66 10.85
N THR A 518 -29.75 -20.75 11.39
CA THR A 518 -30.49 -22.01 11.45
C THR A 518 -31.93 -21.81 11.91
N ASP A 519 -32.82 -22.68 11.45
CA ASP A 519 -34.23 -22.62 11.82
C ASP A 519 -34.67 -23.98 12.36
N VAL A 520 -35.62 -23.99 13.30
CA VAL A 520 -36.06 -25.23 13.92
C VAL A 520 -37.55 -25.48 13.72
N VAL A 521 -37.95 -26.73 13.96
CA VAL A 521 -39.35 -27.12 13.83
C VAL A 521 -39.86 -27.70 15.15
N ILE A 522 -41.13 -27.45 15.45
CA ILE A 522 -41.72 -27.89 16.72
C ILE A 522 -43.14 -28.41 16.54
N GLY A 523 -43.40 -29.61 17.06
CA GLY A 523 -44.69 -30.26 16.90
C GLY A 523 -45.68 -29.99 18.03
N ALA A 524 -46.96 -30.13 17.71
CA ALA A 524 -48.04 -29.81 18.64
C ALA A 524 -49.33 -30.44 18.14
N PRO A 525 -49.45 -31.76 18.27
CA PRO A 525 -50.56 -32.58 17.76
C PRO A 525 -51.89 -32.33 18.48
N GLY A 526 -51.89 -31.39 19.42
CA GLY A 526 -53.08 -31.12 20.22
C GLY A 526 -53.78 -29.83 19.85
N GLU A 527 -53.19 -29.07 18.93
CA GLU A 527 -53.78 -27.81 18.48
C GLU A 527 -55.18 -28.02 17.92
N GLU A 528 -55.91 -26.91 17.71
CA GLU A 528 -57.26 -26.96 17.18
C GLU A 528 -58.07 -28.03 17.91
N GLU A 529 -59.05 -28.62 17.23
CA GLU A 529 -59.86 -29.68 17.84
C GLU A 529 -59.14 -31.02 17.78
N ASN A 530 -58.10 -31.16 18.61
CA ASN A 530 -57.27 -32.35 18.62
C ASN A 530 -56.40 -32.48 17.37
N ARG A 531 -56.70 -31.65 16.37
CA ARG A 531 -55.96 -31.69 15.11
C ARG A 531 -54.48 -31.49 15.40
N GLY A 532 -53.65 -31.75 14.40
CA GLY A 532 -52.21 -31.58 14.55
C GLY A 532 -51.77 -30.17 14.23
N ALA A 533 -50.48 -29.90 14.43
CA ALA A 533 -49.92 -28.58 14.16
C ALA A 533 -48.41 -28.60 14.24
N VAL A 534 -47.76 -27.65 13.57
CA VAL A 534 -46.30 -27.52 13.60
C VAL A 534 -45.91 -26.04 13.50
N TYR A 535 -44.72 -25.70 14.01
CA TYR A 535 -44.28 -24.30 14.05
C TYR A 535 -42.84 -24.15 13.55
N LEU A 536 -42.53 -22.98 13.01
CA LEU A 536 -41.19 -22.69 12.50
C LEU A 536 -40.65 -21.40 13.10
N PHE A 537 -39.48 -21.48 13.72
CA PHE A 537 -38.83 -20.31 14.31
C PHE A 537 -37.46 -20.12 13.68
N HIS A 538 -36.84 -18.97 13.97
CA HIS A 538 -35.52 -18.66 13.45
C HIS A 538 -34.61 -18.19 14.58
N GLY A 539 -33.30 -18.37 14.40
CA GLY A 539 -32.32 -17.88 15.36
C GLY A 539 -32.15 -16.38 15.20
N VAL A 540 -31.25 -15.80 15.99
CA VAL A 540 -30.97 -14.37 15.86
C VAL A 540 -29.46 -14.13 15.86
N LEU A 541 -28.88 -14.04 17.04
CA LEU A 541 -27.44 -13.87 17.17
C LEU A 541 -26.98 -14.52 18.47
N GLY A 542 -26.35 -15.69 18.33
CA GLY A 542 -25.89 -16.45 19.47
C GLY A 542 -27.04 -17.15 20.18
N PRO A 543 -27.09 -17.05 21.50
CA PRO A 543 -28.15 -17.68 22.30
C PRO A 543 -29.46 -16.90 22.23
N SER A 544 -30.37 -17.33 21.37
CA SER A 544 -31.66 -16.66 21.21
C SER A 544 -32.47 -17.27 20.07
N ILE A 545 -33.79 -17.08 20.12
CA ILE A 545 -34.65 -17.43 19.00
C ILE A 545 -35.75 -16.38 18.88
N SER A 546 -36.55 -16.47 17.81
CA SER A 546 -37.57 -15.47 17.54
C SER A 546 -38.95 -15.95 17.96
N PRO A 547 -39.45 -15.46 19.11
CA PRO A 547 -40.78 -15.85 19.62
C PRO A 547 -41.83 -15.86 18.53
N SER A 548 -41.89 -14.80 17.73
CA SER A 548 -42.82 -14.75 16.62
C SER A 548 -42.37 -15.71 15.52
N HIS A 549 -43.12 -16.78 15.34
CA HIS A 549 -42.83 -17.74 14.29
C HIS A 549 -43.24 -17.16 12.96
N SER A 550 -42.68 -17.70 11.88
CA SER A 550 -42.97 -17.20 10.55
C SER A 550 -44.07 -18.03 9.89
N GLN A 551 -44.16 -19.29 10.27
CA GLN A 551 -45.13 -20.19 9.66
C GLN A 551 -45.82 -21.05 10.73
N ARG A 552 -47.02 -21.53 10.42
CA ARG A 552 -47.77 -22.38 11.33
C ARG A 552 -48.61 -23.37 10.55
N ILE A 553 -47.95 -24.24 9.79
CA ILE A 553 -48.65 -25.28 9.04
C ILE A 553 -49.33 -26.25 10.00
N ALA A 554 -50.66 -26.21 10.04
CA ALA A 554 -51.43 -27.05 10.95
C ALA A 554 -52.15 -28.16 10.17
N GLY A 555 -53.01 -28.89 10.86
CA GLY A 555 -53.71 -30.00 10.24
C GLY A 555 -54.85 -29.57 9.35
N SER A 556 -55.01 -28.25 9.18
CA SER A 556 -56.09 -27.70 8.38
C SER A 556 -55.64 -27.52 6.94
N GLN A 557 -54.46 -28.04 6.62
CA GLN A 557 -53.83 -27.82 5.33
C GLN A 557 -54.21 -28.92 4.36
N LEU A 558 -55.49 -28.98 4.02
CA LEU A 558 -56.07 -30.06 3.25
C LEU A 558 -55.46 -31.42 3.62
N SER A 559 -55.11 -31.55 4.90
CA SER A 559 -55.01 -32.86 5.51
C SER A 559 -56.44 -33.33 5.63
N SER A 560 -56.88 -34.16 4.70
CA SER A 560 -58.28 -34.54 4.65
C SER A 560 -58.78 -34.86 6.05
N ARG A 561 -58.15 -35.84 6.69
CA ARG A 561 -58.61 -36.30 7.99
C ARG A 561 -57.52 -37.04 8.76
N LEU A 562 -56.62 -36.28 9.39
CA LEU A 562 -55.71 -36.86 10.38
C LEU A 562 -55.85 -36.14 11.70
N GLN A 563 -56.03 -36.93 12.76
CA GLN A 563 -56.34 -36.38 14.07
C GLN A 563 -55.15 -35.57 14.58
N TYR A 564 -54.19 -36.24 15.21
CA TYR A 564 -53.03 -35.55 15.74
C TYR A 564 -51.80 -35.86 14.92
N PHE A 565 -51.17 -34.80 14.42
CA PHE A 565 -49.99 -34.92 13.59
C PHE A 565 -48.92 -34.01 14.16
N GLY A 566 -47.66 -34.41 14.00
CA GLY A 566 -46.55 -33.66 14.57
C GLY A 566 -46.06 -34.30 15.86
N GLN A 567 -46.65 -35.44 16.21
CA GLN A 567 -46.23 -36.20 17.37
C GLN A 567 -44.70 -36.16 17.46
N ALA A 568 -44.05 -36.62 16.41
CA ALA A 568 -42.59 -36.58 16.32
C ALA A 568 -42.17 -35.97 14.99
N LEU A 569 -40.88 -35.67 14.84
CA LEU A 569 -40.37 -35.10 13.60
C LEU A 569 -38.86 -34.92 13.65
N SER A 570 -38.21 -35.24 12.54
CA SER A 570 -36.77 -35.06 12.40
C SER A 570 -36.45 -34.61 10.97
N GLY A 571 -35.61 -33.59 10.85
CA GLY A 571 -35.26 -33.06 9.55
C GLY A 571 -33.82 -32.59 9.48
N GLY A 572 -33.41 -32.15 8.30
CA GLY A 572 -32.06 -31.66 8.07
C GLY A 572 -31.37 -32.34 6.91
N GLN A 573 -31.96 -33.43 6.42
CA GLN A 573 -31.32 -34.24 5.38
C GLN A 573 -32.02 -34.11 4.04
N ASP A 574 -31.21 -33.95 2.99
CA ASP A 574 -31.70 -33.85 1.62
C ASP A 574 -31.94 -35.24 1.05
N LEU A 575 -33.21 -35.61 0.95
CA LEU A 575 -33.59 -36.97 0.58
C LEU A 575 -34.26 -37.07 -0.79
N THR A 576 -35.00 -36.04 -1.17
CA THR A 576 -35.68 -36.03 -2.46
C THR A 576 -34.67 -35.66 -3.54
N GLN A 577 -33.50 -35.20 -3.09
CA GLN A 577 -32.37 -34.91 -3.96
C GLN A 577 -32.57 -33.67 -4.84
N ASP A 578 -33.74 -33.05 -4.75
CA ASP A 578 -33.80 -31.63 -5.03
C ASP A 578 -32.98 -31.02 -3.91
N GLY A 579 -32.20 -29.98 -4.20
CA GLY A 579 -31.09 -29.60 -3.36
C GLY A 579 -31.32 -29.47 -1.86
N LEU A 580 -32.10 -28.47 -1.45
CA LEU A 580 -32.14 -28.05 -0.05
C LEU A 580 -32.75 -29.09 0.88
N VAL A 581 -32.51 -28.93 2.17
CA VAL A 581 -32.93 -29.90 3.18
C VAL A 581 -34.40 -30.26 3.09
N ASP A 582 -34.78 -31.32 3.79
CA ASP A 582 -36.17 -31.75 3.86
C ASP A 582 -36.57 -32.01 5.30
N LEU A 583 -37.87 -32.05 5.53
CA LEU A 583 -38.41 -32.28 6.85
C LEU A 583 -39.35 -33.48 6.81
N ALA A 584 -39.33 -34.28 7.88
CA ALA A 584 -40.23 -35.41 7.98
C ALA A 584 -41.03 -35.32 9.28
N VAL A 585 -42.35 -35.25 9.15
CA VAL A 585 -43.24 -35.17 10.32
C VAL A 585 -44.21 -36.34 10.36
N GLY A 586 -44.12 -37.14 11.41
CA GLY A 586 -44.99 -38.29 11.56
C GLY A 586 -46.37 -37.95 12.10
N ALA A 587 -47.37 -38.68 11.63
CA ALA A 587 -48.75 -38.48 12.06
C ALA A 587 -49.46 -39.83 12.19
N ARG A 588 -50.59 -39.85 12.88
CA ARG A 588 -51.32 -41.10 13.07
C ARG A 588 -51.78 -41.68 11.73
N GLY A 589 -51.16 -42.78 11.35
CA GLY A 589 -51.54 -43.48 10.13
C GLY A 589 -50.57 -43.25 8.99
N GLN A 590 -50.20 -41.99 8.77
CA GLN A 590 -49.32 -41.63 7.65
C GLN A 590 -48.24 -40.65 8.10
N VAL A 591 -47.22 -40.49 7.27
CA VAL A 591 -46.13 -39.56 7.56
C VAL A 591 -45.84 -38.72 6.32
N LEU A 592 -45.67 -37.41 6.50
CA LEU A 592 -45.50 -36.50 5.38
C LEU A 592 -44.07 -35.97 5.26
N LEU A 593 -43.72 -35.53 4.06
CA LEU A 593 -42.45 -34.86 3.81
C LEU A 593 -42.68 -33.47 3.22
N LEU A 594 -42.19 -32.45 3.92
CA LEU A 594 -42.29 -31.08 3.46
C LEU A 594 -40.93 -30.56 3.03
N ARG A 595 -40.81 -30.20 1.76
CA ARG A 595 -39.55 -29.67 1.24
C ARG A 595 -39.45 -28.17 1.49
N THR A 596 -38.22 -27.65 1.49
CA THR A 596 -37.97 -26.23 1.71
C THR A 596 -37.80 -25.49 0.39
N ARG A 597 -38.81 -24.69 0.03
CA ARG A 597 -38.79 -23.89 -1.18
C ARG A 597 -37.68 -22.83 -1.11
N PRO A 598 -36.86 -22.72 -2.17
CA PRO A 598 -35.70 -21.81 -2.25
C PRO A 598 -36.00 -20.33 -2.00
N VAL A 599 -35.35 -19.73 -1.00
CA VAL A 599 -35.50 -18.30 -0.77
C VAL A 599 -34.28 -17.54 -1.27
N LEU A 600 -34.42 -16.92 -2.42
CA LEU A 600 -33.42 -15.98 -2.90
C LEU A 600 -34.00 -14.60 -2.65
N TRP A 601 -33.13 -13.63 -2.41
CA TRP A 601 -33.55 -12.24 -2.46
C TRP A 601 -32.59 -11.47 -3.33
N VAL A 602 -33.02 -10.29 -3.76
CA VAL A 602 -32.36 -9.56 -4.83
C VAL A 602 -32.06 -8.13 -4.40
N GLY A 603 -31.01 -7.56 -4.96
CA GLY A 603 -30.67 -6.17 -4.74
C GLY A 603 -30.94 -5.35 -5.99
N VAL A 604 -31.28 -4.08 -5.81
CA VAL A 604 -31.70 -3.23 -6.91
C VAL A 604 -31.02 -1.87 -6.87
N SER A 605 -30.84 -1.27 -8.04
CA SER A 605 -30.26 0.06 -8.15
C SER A 605 -31.15 0.94 -9.02
N MET A 606 -31.32 2.20 -8.64
CA MET A 606 -32.14 3.12 -9.39
C MET A 606 -31.42 4.43 -9.68
N GLN A 607 -31.61 4.94 -10.89
CA GLN A 607 -30.95 6.17 -11.31
C GLN A 607 -31.74 6.87 -12.41
N PHE A 608 -31.57 8.19 -12.49
CA PHE A 608 -32.20 8.99 -13.55
C PHE A 608 -31.13 9.61 -14.44
N ILE A 609 -30.93 9.05 -15.62
CA ILE A 609 -29.86 9.49 -16.52
C ILE A 609 -29.73 11.01 -16.47
N PRO A 610 -30.80 11.74 -16.82
CA PRO A 610 -30.78 13.17 -16.49
C PRO A 610 -30.86 13.37 -14.98
N ALA A 611 -29.73 13.67 -14.36
CA ALA A 611 -29.65 13.80 -12.91
C ALA A 611 -30.86 14.54 -12.35
N GLU A 612 -30.96 15.82 -12.69
CA GLU A 612 -32.10 16.63 -12.28
C GLU A 612 -32.76 17.18 -13.53
N ILE A 613 -33.58 18.22 -13.38
CA ILE A 613 -34.27 18.81 -14.52
C ILE A 613 -33.69 20.18 -14.84
N PRO A 614 -33.39 20.44 -16.12
CA PRO A 614 -32.59 21.61 -16.49
C PRO A 614 -33.37 22.92 -16.45
N ARG A 615 -34.60 22.87 -15.96
CA ARG A 615 -35.46 24.06 -15.92
C ARG A 615 -35.97 24.39 -17.33
N SER A 616 -35.60 23.56 -18.30
CA SER A 616 -36.01 23.79 -19.68
C SER A 616 -37.52 23.63 -19.84
N ALA A 617 -38.02 22.45 -19.51
CA ALA A 617 -39.46 22.20 -19.53
C ALA A 617 -40.05 22.45 -18.14
N PHE A 618 -39.68 23.59 -17.54
CA PHE A 618 -40.04 23.88 -16.16
C PHE A 618 -41.28 24.76 -16.07
N GLU A 619 -41.09 26.07 -16.20
CA GLU A 619 -42.21 27.01 -16.07
C GLU A 619 -42.93 27.22 -17.40
N CYS A 620 -42.27 26.85 -18.49
CA CYS A 620 -42.93 26.74 -19.79
C CYS A 620 -43.64 28.02 -20.23
N ARG A 621 -44.45 27.92 -21.27
CA ARG A 621 -45.07 29.09 -21.87
C ARG A 621 -46.15 28.69 -22.87
N GLU A 622 -46.97 29.66 -23.28
CA GLU A 622 -48.17 29.36 -24.04
C GLU A 622 -48.31 30.12 -25.36
N GLN A 623 -47.19 30.29 -26.05
CA GLN A 623 -47.23 30.39 -27.50
C GLN A 623 -46.50 29.13 -27.97
N VAL A 624 -47.09 28.45 -28.94
CA VAL A 624 -46.65 27.12 -29.37
C VAL A 624 -46.68 26.05 -28.26
N VAL A 625 -45.72 25.15 -28.32
CA VAL A 625 -45.91 23.76 -27.89
C VAL A 625 -45.72 23.41 -26.42
N SER A 626 -46.24 22.23 -26.10
CA SER A 626 -45.62 21.35 -25.15
C SER A 626 -44.46 20.68 -25.88
N GLU A 627 -43.23 21.11 -25.58
CA GLU A 627 -42.09 20.26 -25.88
C GLU A 627 -41.88 19.45 -24.61
N GLN A 628 -42.46 18.26 -24.58
CA GLN A 628 -42.39 17.43 -23.40
C GLN A 628 -40.98 16.86 -23.28
N THR A 629 -40.24 17.37 -22.29
CA THR A 629 -38.87 16.93 -22.05
C THR A 629 -38.81 15.41 -21.94
N LEU A 630 -37.67 14.85 -22.26
CA LEU A 630 -37.50 13.40 -22.22
C LEU A 630 -36.47 12.95 -21.20
N VAL A 631 -36.95 12.54 -20.03
CA VAL A 631 -36.09 12.01 -18.99
C VAL A 631 -35.96 10.49 -19.12
N GLN A 632 -34.78 9.98 -18.79
CA GLN A 632 -34.56 8.55 -18.79
C GLN A 632 -34.35 8.03 -17.39
N SER A 633 -34.98 6.90 -17.06
CA SER A 633 -34.83 6.28 -15.76
C SER A 633 -34.35 4.83 -15.89
N ASN A 634 -33.13 4.55 -15.41
CA ASN A 634 -32.53 3.24 -15.53
C ASN A 634 -32.51 2.47 -14.23
N ILE A 635 -33.17 1.32 -14.23
CA ILE A 635 -33.21 0.42 -13.08
C ILE A 635 -32.53 -0.89 -13.43
N CYS A 636 -31.91 -1.53 -12.43
CA CYS A 636 -31.22 -2.80 -12.64
C CYS A 636 -31.59 -3.79 -11.54
N LEU A 637 -31.54 -5.08 -11.86
CA LEU A 637 -31.86 -6.12 -10.87
C LEU A 637 -30.93 -7.34 -10.92
N TYR A 638 -30.37 -7.68 -9.75
CA TYR A 638 -29.34 -8.70 -9.63
C TYR A 638 -29.45 -9.40 -8.30
N ILE A 639 -29.19 -10.70 -8.28
CA ILE A 639 -29.31 -11.50 -7.06
C ILE A 639 -27.93 -11.97 -6.59
N ASP A 640 -27.70 -11.91 -5.28
CA ASP A 640 -26.34 -12.01 -4.73
C ASP A 640 -26.14 -13.07 -3.65
N LYS A 641 -27.19 -13.33 -2.86
CA LYS A 641 -27.06 -14.26 -1.73
C LYS A 641 -27.58 -15.63 -2.14
N ARG A 642 -26.63 -16.56 -2.27
CA ARG A 642 -26.78 -17.71 -3.14
C ARG A 642 -26.22 -18.98 -2.52
N SER A 643 -25.48 -18.83 -1.43
CA SER A 643 -24.58 -19.86 -0.94
C SER A 643 -25.21 -21.26 -0.94
N LYS A 644 -26.46 -21.35 -0.51
CA LYS A 644 -27.13 -22.64 -0.38
C LYS A 644 -27.47 -23.25 -1.74
N ASN A 645 -28.15 -22.47 -2.58
CA ASN A 645 -28.68 -22.99 -3.84
C ASN A 645 -27.62 -23.27 -4.89
N LEU A 646 -26.43 -22.71 -4.69
CA LEU A 646 -25.28 -22.97 -5.55
C LEU A 646 -25.55 -22.57 -7.00
N LEU A 647 -24.50 -22.63 -7.83
CA LEU A 647 -24.60 -22.26 -9.23
C LEU A 647 -25.59 -23.16 -9.97
N GLY A 648 -25.82 -22.86 -11.25
CA GLY A 648 -26.61 -23.72 -12.11
C GLY A 648 -28.10 -23.42 -12.11
N SER A 649 -28.84 -24.22 -12.87
CA SER A 649 -30.28 -24.06 -13.01
C SER A 649 -30.94 -23.61 -11.72
N ARG A 650 -32.02 -22.83 -11.85
CA ARG A 650 -32.79 -22.35 -10.71
C ARG A 650 -32.11 -21.14 -10.08
N ASP A 651 -30.94 -21.35 -9.49
CA ASP A 651 -30.21 -20.24 -8.86
C ASP A 651 -30.06 -19.10 -9.85
N LEU A 652 -30.12 -19.44 -11.14
CA LEU A 652 -30.11 -18.43 -12.19
C LEU A 652 -31.55 -18.11 -12.63
N GLN A 653 -31.96 -18.71 -13.74
CA GLN A 653 -33.21 -18.33 -14.39
C GLN A 653 -34.39 -18.16 -13.45
N SER A 654 -35.06 -17.01 -13.60
CA SER A 654 -36.38 -16.78 -13.01
C SER A 654 -37.02 -15.60 -13.72
N SER A 655 -38.33 -15.63 -13.85
CA SER A 655 -39.06 -14.52 -14.46
C SER A 655 -39.62 -13.63 -13.37
N VAL A 656 -39.87 -12.36 -13.70
CA VAL A 656 -40.32 -11.38 -12.72
C VAL A 656 -41.32 -10.38 -13.30
N THR A 657 -42.28 -9.97 -12.47
CA THR A 657 -43.19 -8.89 -12.84
C THR A 657 -42.76 -7.58 -12.20
N LEU A 658 -42.56 -6.56 -13.04
CA LEU A 658 -42.16 -5.23 -12.57
C LEU A 658 -43.30 -4.24 -12.73
N ASP A 659 -43.48 -3.37 -11.74
CA ASP A 659 -44.57 -2.41 -11.77
C ASP A 659 -44.12 -1.02 -11.30
N LEU A 660 -43.59 -0.25 -12.24
CA LEU A 660 -43.13 1.10 -11.96
C LEU A 660 -44.30 2.07 -11.94
N ALA A 661 -44.26 3.03 -11.02
CA ALA A 661 -45.34 4.02 -10.88
C ALA A 661 -44.79 5.34 -10.33
N LEU A 662 -45.12 6.44 -10.99
CA LEU A 662 -44.57 7.74 -10.62
C LEU A 662 -45.56 8.55 -9.81
N ASP A 663 -45.04 9.33 -8.86
CA ASP A 663 -45.87 10.14 -7.96
C ASP A 663 -47.17 9.43 -7.62
N PRO A 664 -47.07 8.26 -6.98
CA PRO A 664 -48.22 7.40 -6.69
C PRO A 664 -49.23 8.00 -5.73
N GLY A 665 -48.76 8.53 -4.61
CA GLY A 665 -49.63 8.97 -3.54
C GLY A 665 -50.52 10.14 -3.87
N ARG A 666 -50.20 10.85 -4.95
CA ARG A 666 -50.97 12.02 -5.35
C ARG A 666 -51.80 11.74 -6.59
N LEU A 667 -52.97 12.37 -6.68
CA LEU A 667 -53.83 12.19 -7.84
C LEU A 667 -53.46 13.19 -8.93
N SER A 668 -52.17 13.50 -9.02
CA SER A 668 -51.66 14.43 -10.01
C SER A 668 -50.36 13.90 -10.57
N PRO A 669 -50.44 12.87 -11.43
CA PRO A 669 -49.28 12.24 -12.07
C PRO A 669 -48.35 13.28 -12.69
N ARG A 670 -47.15 13.41 -12.15
CA ARG A 670 -46.20 14.39 -12.64
C ARG A 670 -45.50 13.95 -13.91
N ALA A 671 -45.94 12.84 -14.51
CA ALA A 671 -45.33 12.34 -15.75
C ALA A 671 -46.01 11.05 -16.24
N THR A 672 -45.38 10.41 -17.21
CA THR A 672 -45.87 9.16 -17.78
C THR A 672 -44.77 8.47 -18.58
N PHE A 673 -44.80 7.14 -18.60
CA PHE A 673 -43.90 6.37 -19.45
C PHE A 673 -44.39 6.41 -20.89
N GLN A 674 -43.46 6.31 -21.84
CA GLN A 674 -43.80 6.43 -23.24
C GLN A 674 -44.36 5.12 -23.77
N GLU A 675 -43.72 4.02 -23.39
CA GLU A 675 -44.08 2.70 -23.88
C GLU A 675 -45.57 2.42 -23.75
N THR A 676 -46.18 2.94 -22.67
CA THR A 676 -47.59 2.70 -22.40
C THR A 676 -48.40 3.99 -22.36
N LYS A 677 -47.73 5.11 -22.10
CA LYS A 677 -48.38 6.41 -22.07
C LYS A 677 -49.07 6.66 -20.73
N ASN A 678 -49.20 5.63 -19.91
CA ASN A 678 -49.80 5.77 -18.59
C ASN A 678 -48.83 6.35 -17.59
N ARG A 679 -49.32 6.62 -16.38
CA ARG A 679 -48.49 7.12 -15.30
C ARG A 679 -47.74 5.97 -14.65
N SER A 680 -47.91 4.78 -15.21
CA SER A 680 -47.24 3.58 -14.72
C SER A 680 -47.16 2.53 -15.85
N LEU A 681 -46.34 1.51 -15.65
CA LEU A 681 -46.19 0.44 -16.64
C LEU A 681 -45.71 -0.85 -15.99
N SER A 682 -45.91 -1.96 -16.71
CA SER A 682 -45.46 -3.26 -16.24
C SER A 682 -44.89 -4.10 -17.39
N ARG A 683 -43.83 -4.83 -17.11
CA ARG A 683 -43.23 -5.72 -18.10
C ARG A 683 -42.53 -6.89 -17.41
N VAL A 684 -42.77 -8.10 -17.90
CA VAL A 684 -42.16 -9.30 -17.34
C VAL A 684 -40.84 -9.60 -18.05
N ARG A 685 -39.76 -9.61 -17.27
CA ARG A 685 -38.42 -9.80 -17.82
C ARG A 685 -37.61 -10.84 -17.03
N VAL A 686 -36.54 -11.34 -17.65
CA VAL A 686 -35.75 -12.44 -17.09
C VAL A 686 -34.58 -11.95 -16.25
N LEU A 687 -34.51 -12.43 -15.02
CA LEU A 687 -33.42 -12.10 -14.12
C LEU A 687 -32.26 -13.08 -14.24
N GLY A 688 -31.19 -12.80 -13.49
CA GLY A 688 -30.09 -13.73 -13.34
C GLY A 688 -29.26 -13.33 -12.13
N LEU A 689 -28.21 -14.08 -11.84
CA LEU A 689 -27.27 -13.66 -10.82
C LEU A 689 -26.42 -12.53 -11.37
N LYS A 690 -26.47 -12.38 -12.69
CA LYS A 690 -25.86 -11.23 -13.35
C LYS A 690 -26.95 -10.18 -13.56
N ALA A 691 -26.63 -8.93 -13.22
CA ALA A 691 -27.58 -7.83 -13.27
C ALA A 691 -28.48 -7.86 -14.51
N HIS A 692 -29.58 -7.12 -14.45
CA HIS A 692 -30.40 -6.87 -15.63
C HIS A 692 -30.89 -5.43 -15.65
N CYS A 693 -30.22 -4.58 -16.42
CA CYS A 693 -30.52 -3.16 -16.48
C CYS A 693 -31.28 -2.73 -17.73
N GLU A 694 -32.45 -2.12 -17.53
CA GLU A 694 -33.22 -1.55 -18.63
C GLU A 694 -33.73 -0.17 -18.28
N ASN A 695 -33.43 0.81 -19.13
CA ASN A 695 -33.87 2.18 -18.93
C ASN A 695 -35.15 2.49 -19.69
N PHE A 696 -36.06 3.24 -19.07
CA PHE A 696 -37.34 3.56 -19.68
C PHE A 696 -37.50 5.03 -19.99
N ASN A 697 -38.41 5.32 -20.91
CA ASN A 697 -38.63 6.68 -21.39
C ASN A 697 -39.75 7.36 -20.64
N LEU A 698 -39.46 8.56 -20.14
CA LEU A 698 -40.41 9.33 -19.35
C LEU A 698 -40.68 10.67 -20.04
N LEU A 699 -41.91 11.16 -19.89
CA LEU A 699 -42.31 12.39 -20.55
C LEU A 699 -42.80 13.39 -19.52
N LEU A 700 -42.08 14.49 -19.38
CA LEU A 700 -42.47 15.57 -18.49
C LEU A 700 -43.17 16.67 -19.28
N PRO A 701 -44.43 16.98 -18.92
CA PRO A 701 -45.14 18.08 -19.59
C PRO A 701 -44.42 19.40 -19.38
N SER A 702 -44.28 20.20 -20.44
CA SER A 702 -43.56 21.46 -20.38
C SER A 702 -43.95 22.27 -19.13
N CYS A 703 -45.25 22.34 -18.85
CA CYS A 703 -45.76 23.15 -17.74
C CYS A 703 -46.19 22.28 -16.56
N VAL A 704 -45.78 22.69 -15.35
CA VAL A 704 -46.12 21.95 -14.14
C VAL A 704 -46.17 22.86 -12.91
N GLU A 705 -47.03 22.51 -11.96
CA GLU A 705 -47.16 23.30 -10.74
C GLU A 705 -46.02 23.01 -9.77
N ASP A 706 -46.12 21.89 -9.07
CA ASP A 706 -45.13 21.53 -8.06
C ASP A 706 -43.81 21.08 -8.68
N SER A 707 -42.73 21.75 -8.32
CA SER A 707 -41.41 21.40 -8.79
C SER A 707 -40.46 21.12 -7.63
N VAL A 708 -40.78 21.70 -6.46
CA VAL A 708 -39.93 21.55 -5.28
C VAL A 708 -39.81 20.09 -4.85
N THR A 709 -40.92 19.37 -4.86
CA THR A 709 -40.93 17.97 -4.48
C THR A 709 -40.50 17.08 -5.63
N PRO A 710 -39.30 16.49 -5.54
CA PRO A 710 -38.87 15.60 -6.62
C PRO A 710 -39.96 14.61 -7.00
N ILE A 711 -39.95 14.13 -8.24
CA ILE A 711 -40.90 13.12 -8.66
C ILE A 711 -40.39 11.74 -8.29
N THR A 712 -41.22 10.96 -7.62
CA THR A 712 -40.87 9.63 -7.15
C THR A 712 -41.10 8.57 -8.22
N LEU A 713 -40.30 7.52 -8.18
CA LEU A 713 -40.52 6.35 -9.04
C LEU A 713 -40.21 5.08 -8.24
N ARG A 714 -41.25 4.33 -7.90
CA ARG A 714 -41.10 3.12 -7.10
C ARG A 714 -41.46 1.90 -7.95
N LEU A 715 -40.90 0.75 -7.60
CA LEU A 715 -41.26 -0.50 -8.27
C LEU A 715 -41.84 -1.54 -7.31
N ASN A 716 -42.88 -2.24 -7.77
CA ASN A 716 -43.37 -3.44 -7.12
C ASN A 716 -42.91 -4.62 -7.96
N PHE A 717 -42.12 -5.50 -7.38
CA PHE A 717 -41.60 -6.65 -8.12
C PHE A 717 -41.79 -7.92 -7.33
N THR A 718 -42.01 -9.01 -8.05
CA THR A 718 -42.23 -10.31 -7.41
C THR A 718 -41.62 -11.42 -8.28
N LEU A 719 -42.15 -12.63 -8.15
CA LEU A 719 -41.63 -13.76 -8.91
C LEU A 719 -42.76 -14.47 -9.65
N VAL A 720 -43.05 -14.00 -10.86
CA VAL A 720 -44.19 -14.51 -11.62
C VAL A 720 -43.85 -15.83 -12.29
N GLY A 721 -44.90 -16.60 -12.59
CA GLY A 721 -44.76 -17.85 -13.30
C GLY A 721 -44.27 -18.98 -12.44
N LYS A 722 -42.97 -18.99 -12.16
CA LYS A 722 -42.32 -20.06 -11.40
C LYS A 722 -42.22 -21.37 -12.21
N PRO A 723 -42.22 -21.28 -13.55
CA PRO A 723 -41.75 -22.44 -14.31
C PRO A 723 -40.27 -22.31 -14.67
N LEU A 724 -39.46 -23.29 -14.27
CA LEU A 724 -38.04 -23.25 -14.55
C LEU A 724 -37.47 -24.62 -14.92
N LEU A 725 -37.36 -24.89 -16.23
CA LEU A 725 -36.81 -26.14 -16.74
C LEU A 725 -37.62 -27.33 -16.23
N ALA A 726 -37.10 -28.04 -15.23
CA ALA A 726 -37.83 -29.14 -14.62
C ALA A 726 -38.62 -28.63 -13.43
N PHE A 727 -39.46 -29.49 -12.84
CA PHE A 727 -40.21 -29.11 -11.65
C PHE A 727 -39.40 -29.44 -10.40
N ARG A 728 -38.09 -29.28 -10.50
CA ARG A 728 -37.20 -29.59 -9.39
C ARG A 728 -36.94 -28.35 -8.53
N ASN A 729 -37.61 -27.25 -8.89
CA ASN A 729 -37.61 -26.05 -8.06
C ASN A 729 -39.03 -25.78 -7.56
N LEU A 730 -40.00 -26.06 -8.42
CA LEU A 730 -41.40 -25.76 -8.15
C LEU A 730 -41.60 -24.28 -7.78
N ARG A 731 -41.66 -23.97 -6.49
CA ARG A 731 -41.88 -22.59 -6.07
C ARG A 731 -40.69 -21.99 -5.31
N PRO A 732 -40.01 -21.01 -5.93
CA PRO A 732 -39.11 -20.12 -5.18
C PRO A 732 -39.90 -18.98 -4.51
N MET A 733 -39.24 -18.19 -3.67
CA MET A 733 -39.91 -17.09 -2.99
C MET A 733 -38.90 -16.09 -2.42
N LEU A 734 -39.42 -15.03 -1.81
CA LEU A 734 -38.59 -13.97 -1.24
C LEU A 734 -38.49 -14.11 0.27
N ALA A 735 -37.61 -13.33 0.88
CA ALA A 735 -37.36 -13.42 2.31
C ALA A 735 -38.33 -12.53 3.10
N ALA A 736 -38.15 -12.49 4.42
CA ALA A 736 -39.01 -11.71 5.30
C ALA A 736 -38.80 -10.22 5.08
N ASP A 737 -37.53 -9.80 5.14
CA ASP A 737 -37.16 -8.41 4.88
C ASP A 737 -37.10 -8.16 3.38
N ALA A 738 -38.26 -8.18 2.73
CA ALA A 738 -38.34 -7.92 1.30
C ALA A 738 -38.86 -6.51 1.09
N GLN A 739 -37.95 -5.59 0.83
CA GLN A 739 -38.33 -4.20 0.56
C GLN A 739 -38.76 -4.08 -0.89
N ARG A 740 -39.71 -4.91 -1.29
CA ARG A 740 -40.16 -4.99 -2.68
C ARG A 740 -40.53 -3.61 -3.22
N TYR A 741 -40.76 -2.66 -2.33
CA TYR A 741 -41.03 -1.29 -2.72
C TYR A 741 -39.78 -0.43 -2.62
N PHE A 742 -39.08 -0.28 -3.74
CA PHE A 742 -37.87 0.54 -3.80
C PHE A 742 -38.13 1.79 -4.63
N THR A 743 -37.82 2.95 -4.06
CA THR A 743 -38.10 4.22 -4.71
C THR A 743 -36.86 5.08 -4.89
N ALA A 744 -36.79 5.77 -6.03
CA ALA A 744 -35.71 6.70 -6.32
C ALA A 744 -36.30 8.04 -6.76
N SER A 745 -35.65 9.12 -6.38
CA SER A 745 -36.19 10.46 -6.59
C SER A 745 -35.51 11.19 -7.76
N LEU A 746 -36.24 12.09 -8.39
CA LEU A 746 -35.69 12.95 -9.44
C LEU A 746 -35.92 14.41 -9.08
N PRO A 747 -34.83 15.15 -8.75
CA PRO A 747 -34.96 16.55 -8.34
C PRO A 747 -35.19 17.50 -9.52
N PHE A 748 -35.40 18.78 -9.21
CA PHE A 748 -35.55 19.81 -10.22
C PHE A 748 -34.51 20.90 -9.99
N GLU A 749 -34.27 21.70 -11.03
CA GLU A 749 -33.42 22.88 -10.88
C GLU A 749 -34.24 24.01 -10.29
N LYS A 750 -34.27 24.11 -8.97
CA LYS A 750 -35.10 25.10 -8.29
C LYS A 750 -34.76 26.51 -8.74
N ASN A 751 -35.77 27.29 -9.06
CA ASN A 751 -35.58 28.70 -9.41
C ASN A 751 -35.04 29.50 -8.23
N CYS A 752 -33.76 29.82 -8.27
CA CYS A 752 -33.15 30.61 -7.20
C CYS A 752 -33.14 32.08 -7.59
N GLY A 753 -34.08 32.47 -8.44
CA GLY A 753 -34.22 33.85 -8.85
C GLY A 753 -34.14 34.03 -10.36
N ALA A 754 -34.36 35.25 -10.82
CA ALA A 754 -34.26 35.57 -12.24
C ALA A 754 -32.79 35.58 -12.66
N ASP A 755 -31.92 35.36 -11.70
CA ASP A 755 -30.48 35.36 -11.94
C ASP A 755 -29.80 34.77 -10.71
N HIS A 756 -28.55 35.15 -10.48
CA HIS A 756 -27.84 34.78 -9.26
C HIS A 756 -27.29 33.35 -9.28
N ILE A 757 -27.67 32.58 -10.30
CA ILE A 757 -26.92 31.37 -10.69
C ILE A 757 -27.01 30.18 -9.72
N CYS A 758 -27.54 30.38 -8.52
CA CYS A 758 -27.80 29.27 -7.60
C CYS A 758 -26.53 28.54 -7.17
N GLN A 759 -25.77 29.13 -6.26
CA GLN A 759 -24.53 28.50 -5.76
C GLN A 759 -24.81 27.54 -4.61
N ASP A 760 -24.46 26.27 -4.80
CA ASP A 760 -24.61 25.26 -3.75
C ASP A 760 -23.42 25.28 -2.81
N ASN A 761 -23.58 25.91 -1.65
CA ASN A 761 -22.50 25.94 -0.67
C ASN A 761 -22.95 25.44 0.70
N LEU A 762 -22.56 24.23 1.05
CA LEU A 762 -22.84 23.66 2.37
C LEU A 762 -21.59 23.01 2.94
N GLY A 763 -21.36 23.22 4.23
CA GLY A 763 -20.25 22.58 4.92
C GLY A 763 -20.80 21.65 5.95
N ILE A 764 -19.93 20.95 6.68
CA ILE A 764 -20.37 20.04 7.72
C ILE A 764 -19.25 19.69 8.69
N SER A 765 -19.64 19.42 9.94
CA SER A 765 -18.69 19.06 10.99
C SER A 765 -19.43 18.40 12.16
N PHE A 766 -18.92 17.27 12.62
CA PHE A 766 -19.53 16.55 13.74
C PHE A 766 -18.49 16.11 14.76
N SER A 767 -18.96 15.76 15.95
CA SER A 767 -18.09 15.35 17.03
C SER A 767 -18.76 14.27 17.89
N PHE A 768 -18.07 13.88 18.96
CA PHE A 768 -18.58 12.88 19.89
C PHE A 768 -18.44 13.41 21.31
N PRO A 769 -19.55 13.84 21.89
CA PRO A 769 -19.58 14.44 23.23
C PRO A 769 -19.30 13.43 24.35
N GLY A 770 -18.14 13.57 25.01
CA GLY A 770 -17.84 12.78 26.18
C GLY A 770 -17.28 11.39 25.90
N LEU A 771 -17.34 10.98 24.64
CA LEU A 771 -16.88 9.65 24.23
C LEU A 771 -15.45 9.39 24.68
N LYS A 772 -15.27 8.44 25.60
CA LYS A 772 -13.96 8.15 26.17
C LYS A 772 -13.48 6.74 25.84
N SER A 773 -12.62 6.64 24.84
CA SER A 773 -11.88 5.41 24.56
C SER A 773 -12.63 4.43 23.64
N LEU A 774 -13.91 4.19 23.90
CA LEU A 774 -14.75 3.39 23.01
C LEU A 774 -14.26 1.95 22.83
N LEU A 775 -14.64 1.07 23.74
CA LEU A 775 -14.31 -0.35 23.63
C LEU A 775 -15.57 -1.15 23.28
N VAL A 776 -15.38 -2.25 22.55
CA VAL A 776 -16.51 -3.01 22.01
C VAL A 776 -17.12 -3.93 23.07
N GLY A 777 -18.29 -3.55 23.56
CA GLY A 777 -18.92 -4.23 24.69
C GLY A 777 -19.64 -3.19 25.50
N SER A 778 -18.87 -2.30 26.13
CA SER A 778 -19.43 -1.08 26.67
C SER A 778 -19.61 -0.13 25.51
N ASN A 779 -20.22 1.02 25.76
CA ASN A 779 -20.41 1.97 24.69
C ASN A 779 -20.98 1.25 23.48
N LEU A 780 -22.19 0.73 23.64
CA LEU A 780 -22.88 0.07 22.53
C LEU A 780 -23.48 1.13 21.61
N GLU A 781 -24.33 2.00 22.16
CA GLU A 781 -24.85 3.10 21.39
C GLU A 781 -23.77 4.16 21.26
N LEU A 782 -23.73 4.83 20.11
CA LEU A 782 -22.69 5.83 19.85
C LEU A 782 -23.32 7.17 19.48
N ASN A 783 -23.21 8.13 20.39
CA ASN A 783 -23.84 9.44 20.22
C ASN A 783 -23.01 10.40 19.41
N ALA A 784 -23.53 10.78 18.24
CA ALA A 784 -22.86 11.70 17.33
C ALA A 784 -23.61 13.03 17.22
N GLU A 785 -22.91 14.11 17.54
CA GLU A 785 -23.46 15.46 17.46
C GLU A 785 -22.94 16.15 16.20
N VAL A 786 -23.74 16.13 15.14
CA VAL A 786 -23.34 16.73 13.88
C VAL A 786 -23.95 18.12 13.69
N MET A 787 -23.09 19.09 13.41
CA MET A 787 -23.50 20.43 13.00
C MET A 787 -23.31 20.58 11.49
N VAL A 788 -23.97 21.57 10.90
CA VAL A 788 -23.93 21.72 9.44
C VAL A 788 -24.26 23.16 9.01
N TRP A 789 -23.61 23.63 7.94
CA TRP A 789 -23.75 25.02 7.49
C TRP A 789 -24.55 25.17 6.20
N ASN A 790 -24.84 26.41 5.83
CA ASN A 790 -25.45 26.71 4.54
C ASN A 790 -25.05 28.11 4.08
N ASP A 791 -23.79 28.25 3.67
CA ASP A 791 -23.27 29.56 3.28
C ASP A 791 -23.56 29.87 1.81
N GLY A 792 -24.47 29.13 1.22
CA GLY A 792 -24.84 29.34 -0.17
C GLY A 792 -26.34 29.22 -0.38
N GLU A 793 -26.73 29.19 -1.66
CA GLU A 793 -28.13 29.06 -2.04
C GLU A 793 -28.86 28.01 -1.19
N ASP A 794 -30.16 28.21 -1.02
CA ASP A 794 -30.98 27.31 -0.21
C ASP A 794 -30.90 25.88 -0.73
N SER A 795 -30.53 24.96 0.16
CA SER A 795 -30.65 23.54 -0.15
C SER A 795 -32.00 23.07 0.35
N TYR A 796 -32.75 22.40 -0.52
CA TYR A 796 -34.10 21.97 -0.15
C TYR A 796 -34.08 20.55 0.39
N GLY A 797 -33.98 19.57 -0.49
CA GLY A 797 -33.95 18.18 -0.06
C GLY A 797 -32.56 17.76 0.37
N THR A 798 -31.87 18.64 1.09
CA THR A 798 -30.51 18.40 1.55
C THR A 798 -30.37 17.03 2.22
N THR A 799 -29.40 16.26 1.73
CA THR A 799 -29.14 14.93 2.27
C THR A 799 -27.77 14.87 2.94
N ILE A 800 -27.67 14.05 3.99
CA ILE A 800 -26.44 13.89 4.74
C ILE A 800 -26.10 12.41 4.94
N THR A 801 -25.03 11.95 4.28
CA THR A 801 -24.68 10.54 4.25
C THR A 801 -23.36 10.26 4.98
N PHE A 802 -23.31 9.17 5.74
CA PHE A 802 -22.11 8.78 6.48
C PHE A 802 -21.43 7.55 5.89
N SER A 803 -20.13 7.43 6.09
CA SER A 803 -19.38 6.21 5.77
C SER A 803 -18.85 5.54 7.04
N HIS A 804 -19.16 4.26 7.22
CA HIS A 804 -18.76 3.56 8.44
C HIS A 804 -18.43 2.08 8.19
N PRO A 805 -17.62 1.48 9.09
CA PRO A 805 -17.31 0.05 9.06
C PRO A 805 -18.57 -0.79 9.35
N ALA A 806 -18.60 -2.02 8.83
CA ALA A 806 -19.80 -2.85 8.91
C ALA A 806 -20.38 -2.95 10.33
N GLY A 807 -19.54 -2.71 11.33
CA GLY A 807 -19.90 -2.97 12.72
C GLY A 807 -20.87 -2.00 13.37
N LEU A 808 -21.72 -1.34 12.59
CA LEU A 808 -22.72 -0.45 13.16
C LEU A 808 -23.70 0.08 12.10
N SER A 809 -24.88 0.50 12.56
CA SER A 809 -25.89 1.12 11.69
C SER A 809 -26.72 2.11 12.50
N TYR A 810 -27.51 2.94 11.83
CA TYR A 810 -28.24 4.02 12.48
C TYR A 810 -29.57 3.55 13.07
N ARG A 811 -29.90 4.05 14.26
CA ARG A 811 -31.22 3.82 14.85
C ARG A 811 -31.83 5.16 15.26
N TYR A 812 -33.10 5.35 14.91
CA TYR A 812 -33.80 6.58 15.20
C TYR A 812 -33.72 6.88 16.70
N VAL A 813 -33.44 8.13 17.03
CA VAL A 813 -33.32 8.53 18.43
C VAL A 813 -34.71 8.68 19.06
N ALA A 814 -35.57 9.50 18.44
CA ALA A 814 -36.95 9.70 18.93
C ALA A 814 -36.97 10.23 20.35
N GLU A 815 -36.29 11.34 20.58
CA GLU A 815 -36.20 11.90 21.92
C GLU A 815 -37.12 13.13 22.07
N GLY A 816 -37.47 13.46 23.31
CA GLY A 816 -38.56 14.39 23.55
C GLY A 816 -38.61 15.14 24.87
N GLN A 817 -37.88 14.65 25.87
CA GLN A 817 -38.39 14.67 27.22
C GLN A 817 -37.43 15.09 28.35
N LYS A 818 -36.65 16.15 28.17
CA LYS A 818 -36.69 16.99 26.99
C LYS A 818 -35.31 17.58 26.71
N GLN A 819 -35.17 18.20 25.54
CA GLN A 819 -33.87 18.65 25.05
C GLN A 819 -34.04 19.22 23.65
N GLY A 820 -33.22 20.19 23.28
CA GLY A 820 -32.24 20.80 24.16
C GLY A 820 -32.16 22.26 23.77
N GLN A 821 -31.15 22.58 22.99
CA GLN A 821 -31.20 23.72 22.09
C GLN A 821 -31.08 23.01 20.75
N LEU A 822 -31.85 21.94 20.63
CA LEU A 822 -31.36 20.72 19.99
C LEU A 822 -32.35 20.04 19.05
N ARG A 823 -31.98 18.86 18.58
CA ARG A 823 -32.72 18.09 17.58
C ARG A 823 -34.23 18.11 17.76
N SER A 824 -34.91 18.31 16.63
CA SER A 824 -36.33 18.60 16.57
C SER A 824 -36.91 17.84 15.40
N LEU A 825 -36.11 16.92 14.89
CA LEU A 825 -35.98 16.77 13.45
C LEU A 825 -36.38 15.41 12.87
N HIS A 826 -37.50 15.39 12.17
CA HIS A 826 -37.90 14.20 11.42
C HIS A 826 -37.02 14.07 10.18
N LEU A 827 -36.29 12.97 10.10
CA LEU A 827 -35.39 12.72 8.98
C LEU A 827 -35.44 11.26 8.57
N THR A 828 -35.27 11.01 7.27
CA THR A 828 -35.36 9.65 6.73
C THR A 828 -33.98 9.11 6.39
N CYS A 829 -33.64 7.95 6.94
CA CYS A 829 -32.32 7.36 6.75
C CYS A 829 -32.42 5.95 6.18
N ASP A 830 -31.54 5.65 5.22
CA ASP A 830 -31.50 4.33 4.60
C ASP A 830 -30.07 3.78 4.54
N SER A 831 -29.82 2.71 5.28
CA SER A 831 -28.52 2.05 5.26
C SER A 831 -28.36 1.21 4.00
N ALA A 832 -27.13 0.89 3.64
CA ALA A 832 -26.86 0.13 2.44
C ALA A 832 -25.37 -0.14 2.26
N PRO A 833 -25.02 -1.33 1.75
CA PRO A 833 -23.62 -1.70 1.50
C PRO A 833 -23.03 -1.02 0.26
N VAL A 834 -21.80 -0.52 0.37
CA VAL A 834 -21.19 0.26 -0.69
C VAL A 834 -19.83 -0.29 -1.13
N GLY A 835 -18.81 -0.03 -0.30
CA GLY A 835 -17.44 -0.28 -0.67
C GLY A 835 -17.14 -1.70 -1.14
N SER A 836 -15.96 -1.88 -1.73
CA SER A 836 -15.55 -3.17 -2.25
C SER A 836 -15.74 -4.25 -1.19
N GLN A 837 -15.16 -4.04 -0.02
CA GLN A 837 -15.27 -5.02 1.06
C GLN A 837 -15.03 -4.40 2.43
N GLY A 838 -16.11 -4.11 3.14
CA GLY A 838 -16.03 -3.80 4.56
C GLY A 838 -16.90 -2.64 4.99
N THR A 839 -16.73 -1.50 4.32
CA THR A 839 -17.43 -0.29 4.67
C THR A 839 -18.74 -0.16 3.91
N TRP A 840 -19.56 0.83 4.29
CA TRP A 840 -20.85 1.05 3.66
C TRP A 840 -21.54 2.29 4.22
N SER A 841 -22.47 2.83 3.45
CA SER A 841 -23.04 4.15 3.72
C SER A 841 -24.48 4.11 4.25
N THR A 842 -24.74 4.96 5.24
CA THR A 842 -26.09 5.21 5.72
C THR A 842 -26.49 6.66 5.45
N SER A 843 -27.24 6.88 4.37
CA SER A 843 -27.68 8.23 4.00
C SER A 843 -28.87 8.66 4.87
N CYS A 844 -29.06 9.97 5.01
CA CYS A 844 -30.14 10.51 5.82
C CYS A 844 -30.59 11.88 5.34
N ARG A 845 -31.62 11.91 4.49
CA ARG A 845 -32.10 13.16 3.94
C ARG A 845 -33.11 13.83 4.87
N ILE A 846 -32.83 15.08 5.27
CA ILE A 846 -33.77 15.82 6.10
C ILE A 846 -35.09 15.91 5.33
N ASN A 847 -35.98 14.99 5.65
CA ASN A 847 -37.15 14.72 4.85
C ASN A 847 -37.91 15.97 4.41
N HIS A 848 -38.68 16.54 5.33
CA HIS A 848 -39.73 17.47 4.94
C HIS A 848 -39.57 18.90 5.48
N LEU A 849 -38.53 19.60 5.02
CA LEU A 849 -38.50 21.06 5.12
C LEU A 849 -37.17 21.64 4.71
N ILE A 850 -37.13 22.97 4.60
CA ILE A 850 -36.04 23.66 3.93
C ILE A 850 -34.90 24.09 4.86
N PHE A 851 -33.71 24.19 4.27
CA PHE A 851 -32.52 24.67 4.96
C PHE A 851 -32.05 25.93 4.23
N ARG A 852 -32.41 27.08 4.80
CA ARG A 852 -32.25 28.35 4.10
C ARG A 852 -31.08 29.18 4.62
N GLY A 853 -30.61 30.10 3.78
CA GLY A 853 -29.62 31.07 4.16
C GLY A 853 -28.42 30.50 4.90
N GLY A 854 -27.67 31.39 5.55
CA GLY A 854 -26.49 31.01 6.30
C GLY A 854 -26.82 30.39 7.62
N ALA A 855 -28.05 29.88 7.73
CA ALA A 855 -28.50 29.24 8.97
C ALA A 855 -27.80 27.92 9.17
N GLN A 856 -27.38 27.67 10.41
CA GLN A 856 -26.77 26.40 10.76
C GLN A 856 -27.77 25.61 11.57
N ILE A 857 -27.61 24.29 11.59
CA ILE A 857 -28.48 23.43 12.37
C ILE A 857 -27.71 22.24 12.92
N THR A 858 -28.16 21.73 14.07
CA THR A 858 -27.51 20.59 14.72
C THR A 858 -28.53 19.52 15.10
N PHE A 859 -28.27 18.27 14.70
CA PHE A 859 -29.12 17.17 15.09
C PHE A 859 -28.28 16.05 15.69
N LEU A 860 -28.94 15.03 16.22
CA LEU A 860 -28.25 13.91 16.86
C LEU A 860 -28.61 12.60 16.17
N ALA A 861 -27.57 11.91 15.71
CA ALA A 861 -27.73 10.63 15.04
C ALA A 861 -26.92 9.55 15.76
N THR A 862 -27.60 8.52 16.25
CA THR A 862 -26.96 7.48 17.06
C THR A 862 -26.76 6.17 16.29
N PHE A 863 -25.56 5.60 16.41
CA PHE A 863 -25.23 4.31 15.77
C PHE A 863 -24.97 3.20 16.78
N ASP A 864 -25.81 2.17 16.75
CA ASP A 864 -25.59 0.98 17.57
C ASP A 864 -24.37 0.23 17.07
N VAL A 865 -23.55 -0.26 17.98
CA VAL A 865 -22.37 -1.02 17.62
C VAL A 865 -22.44 -2.43 18.21
N SER A 866 -22.15 -3.43 17.37
CA SER A 866 -22.22 -4.83 17.82
C SER A 866 -21.05 -5.15 18.76
N PRO A 867 -21.34 -5.92 19.83
CA PRO A 867 -20.32 -6.35 20.80
C PRO A 867 -19.20 -7.14 20.13
N LYS A 868 -19.50 -7.74 18.99
CA LYS A 868 -18.49 -8.43 18.19
C LYS A 868 -18.28 -7.63 16.91
N ALA A 869 -17.86 -6.38 17.07
CA ALA A 869 -17.67 -5.47 15.95
C ALA A 869 -16.31 -5.68 15.30
N VAL A 870 -16.31 -6.33 14.13
CA VAL A 870 -15.09 -6.54 13.37
C VAL A 870 -14.66 -5.23 12.73
N LEU A 871 -13.52 -4.72 13.17
CA LEU A 871 -13.01 -3.44 12.68
C LEU A 871 -11.55 -3.28 13.11
N GLY A 872 -10.77 -2.58 12.29
CA GLY A 872 -9.36 -2.38 12.59
C GLY A 872 -9.12 -1.85 13.98
N ASP A 873 -7.84 -1.70 14.34
CA ASP A 873 -7.48 -1.10 15.62
C ASP A 873 -7.87 0.37 15.66
N ARG A 874 -8.37 0.88 14.53
CA ARG A 874 -8.93 2.22 14.45
C ARG A 874 -10.13 2.24 13.51
N LEU A 875 -11.11 3.08 13.83
CA LEU A 875 -12.30 3.18 12.99
C LEU A 875 -12.56 4.64 12.63
N LEU A 876 -12.62 4.90 11.32
CA LEU A 876 -12.86 6.24 10.81
C LEU A 876 -14.28 6.31 10.26
N LEU A 877 -14.77 7.53 10.08
CA LEU A 877 -16.07 7.72 9.46
C LEU A 877 -16.20 9.14 8.91
N THR A 878 -16.97 9.27 7.84
CA THR A 878 -17.08 10.51 7.10
C THR A 878 -18.51 11.02 7.02
N ALA A 879 -18.68 12.19 6.44
CA ALA A 879 -20.00 12.80 6.29
C ALA A 879 -20.07 13.61 5.01
N ASN A 880 -20.57 13.01 3.94
CA ASN A 880 -20.85 13.73 2.71
C ASN A 880 -22.10 14.56 2.87
N VAL A 881 -22.01 15.85 2.53
CA VAL A 881 -23.18 16.72 2.64
C VAL A 881 -23.40 17.50 1.33
N SER A 882 -24.65 17.56 0.89
CA SER A 882 -25.00 18.28 -0.34
C SER A 882 -26.48 18.62 -0.36
N SER A 883 -26.91 19.34 -1.41
CA SER A 883 -28.31 19.73 -1.55
C SER A 883 -29.08 18.73 -2.38
N GLU A 884 -30.41 18.85 -2.39
CA GLU A 884 -31.25 17.98 -3.20
C GLU A 884 -30.81 18.02 -4.66
N ASN A 885 -30.28 19.16 -5.09
CA ASN A 885 -29.83 19.32 -6.46
C ASN A 885 -28.48 18.68 -6.71
N ASN A 886 -28.19 17.61 -5.97
CA ASN A 886 -26.97 16.85 -6.18
C ASN A 886 -25.72 17.69 -6.00
N THR A 887 -24.57 17.15 -6.39
CA THR A 887 -23.30 17.86 -6.29
C THR A 887 -22.78 18.21 -7.68
N PRO A 888 -23.17 19.40 -8.18
CA PRO A 888 -22.87 19.82 -9.55
C PRO A 888 -21.39 20.02 -9.84
N ARG A 889 -20.54 20.09 -8.83
CA ARG A 889 -19.14 20.45 -9.06
C ARG A 889 -18.08 19.59 -8.37
N THR A 890 -16.91 20.20 -8.17
CA THR A 890 -15.63 19.49 -8.21
C THR A 890 -15.20 18.85 -6.89
N SER A 891 -14.81 19.67 -5.93
CA SER A 891 -14.23 19.15 -4.70
C SER A 891 -15.30 18.91 -3.65
N LYS A 892 -15.45 17.65 -3.24
CA LYS A 892 -16.44 17.27 -2.24
C LYS A 892 -16.15 17.93 -0.89
N THR A 893 -17.20 18.15 -0.11
CA THR A 893 -17.05 18.71 1.23
C THR A 893 -17.32 17.63 2.27
N THR A 894 -16.43 16.64 2.33
CA THR A 894 -16.56 15.53 3.25
C THR A 894 -15.82 15.86 4.55
N PHE A 895 -16.36 15.41 5.69
CA PHE A 895 -15.70 15.60 6.98
C PHE A 895 -15.52 14.26 7.68
N GLN A 896 -14.27 13.94 8.00
CA GLN A 896 -13.95 12.65 8.62
C GLN A 896 -13.13 12.80 9.89
N LEU A 897 -13.15 11.76 10.71
CA LEU A 897 -12.24 11.65 11.86
C LEU A 897 -11.99 10.17 12.18
N GLU A 898 -10.84 9.90 12.79
CA GLU A 898 -10.42 8.53 13.09
C GLU A 898 -10.20 8.35 14.59
N LEU A 899 -10.68 7.24 15.14
CA LEU A 899 -10.63 6.98 16.58
C LEU A 899 -9.90 5.68 16.92
N PRO A 900 -9.12 5.70 18.02
CA PRO A 900 -8.56 4.46 18.58
C PRO A 900 -9.66 3.55 19.12
N VAL A 901 -9.61 2.27 18.77
CA VAL A 901 -10.63 1.32 19.22
C VAL A 901 -10.02 0.23 20.11
N LYS A 902 -10.71 -0.08 21.21
CA LYS A 902 -10.34 -1.20 22.06
C LYS A 902 -11.46 -2.24 22.06
N TYR A 903 -11.38 -3.21 22.96
CA TYR A 903 -12.33 -4.32 22.97
C TYR A 903 -12.50 -4.87 24.39
N ALA A 904 -13.73 -5.22 24.74
CA ALA A 904 -14.03 -5.69 26.08
C ALA A 904 -13.46 -7.08 26.33
N VAL A 905 -13.14 -7.35 27.58
CA VAL A 905 -12.64 -8.66 28.00
C VAL A 905 -12.93 -8.88 29.47
N TYR A 906 -13.23 -10.13 29.84
CA TYR A 906 -13.45 -10.49 31.24
C TYR A 906 -12.33 -11.40 31.69
N THR A 907 -11.47 -10.89 32.56
CA THR A 907 -10.34 -11.66 33.05
C THR A 907 -10.31 -11.67 34.57
N VAL A 908 -10.52 -12.85 35.15
CA VAL A 908 -10.65 -12.99 36.60
C VAL A 908 -9.63 -14.00 37.13
N VAL A 909 -9.28 -13.87 38.41
CA VAL A 909 -8.30 -14.76 39.03
C VAL A 909 -8.59 -14.92 40.51
N SER A 910 -8.64 -16.18 40.95
CA SER A 910 -8.93 -16.47 42.34
C SER A 910 -7.79 -17.22 43.00
N SER A 911 -7.81 -17.28 44.33
CA SER A 911 -6.82 -18.01 45.11
C SER A 911 -7.37 -19.35 45.55
N HIS A 912 -7.02 -20.40 44.81
CA HIS A 912 -7.55 -21.74 45.07
C HIS A 912 -7.40 -22.12 46.54
N GLU A 913 -8.40 -22.81 47.08
CA GLU A 913 -8.44 -23.10 48.51
C GLU A 913 -7.49 -24.22 48.93
N GLN A 914 -6.61 -24.64 48.02
CA GLN A 914 -5.55 -25.57 48.37
C GLN A 914 -4.32 -24.79 48.83
N PHE A 915 -4.53 -23.88 49.77
CA PHE A 915 -3.50 -22.95 50.22
C PHE A 915 -3.01 -23.24 51.64
N THR A 916 -1.70 -23.13 51.84
CA THR A 916 -1.05 -23.61 53.05
C THR A 916 -1.03 -22.60 54.21
N LYS A 917 -2.02 -22.68 55.08
CA LYS A 917 -2.02 -21.92 56.33
C LYS A 917 -1.74 -22.91 57.46
N TYR A 918 -0.47 -22.99 57.88
CA TYR A 918 0.00 -24.16 58.61
C TYR A 918 0.49 -23.94 60.04
N LEU A 919 0.51 -22.69 60.49
CA LEU A 919 1.04 -22.36 61.81
C LEU A 919 0.80 -23.46 62.86
N ASN A 920 1.82 -23.74 63.67
CA ASN A 920 1.63 -24.57 64.86
C ASN A 920 2.84 -24.47 65.81
N PHE A 921 2.60 -24.80 67.07
CA PHE A 921 3.47 -24.38 68.17
C PHE A 921 4.89 -24.98 68.17
N SER A 922 5.09 -26.10 67.46
CA SER A 922 6.38 -26.78 67.49
C SER A 922 7.45 -25.96 66.76
N GLU A 923 8.17 -25.15 67.52
CA GLU A 923 9.22 -24.30 66.97
C GLU A 923 10.44 -24.32 67.87
N SER A 924 11.20 -25.40 67.81
CA SER A 924 12.38 -25.53 68.64
C SER A 924 13.58 -24.93 67.93
N GLU A 925 13.80 -25.33 66.69
CA GLU A 925 14.95 -24.87 65.93
C GLU A 925 14.52 -24.13 64.67
N GLU A 926 15.52 -23.68 63.92
CA GLU A 926 15.29 -22.96 62.68
C GLU A 926 15.58 -23.87 61.50
N LYS A 927 14.56 -24.62 61.10
CA LYS A 927 14.68 -25.60 60.03
C LYS A 927 14.38 -24.94 58.69
N GLU A 928 14.02 -25.74 57.69
CA GLU A 928 13.86 -25.22 56.34
C GLU A 928 12.54 -25.60 55.68
N SER A 929 12.32 -26.88 55.48
CA SER A 929 11.43 -27.35 54.43
C SER A 929 10.04 -27.79 54.90
N HIS A 930 9.15 -26.83 55.12
CA HIS A 930 7.73 -27.13 55.17
C HIS A 930 7.07 -26.40 54.02
N VAL A 931 7.71 -26.47 52.86
CA VAL A 931 7.27 -25.80 51.64
C VAL A 931 5.76 -25.49 51.63
N ALA A 932 5.43 -24.22 51.39
CA ALA A 932 4.04 -23.81 51.27
C ALA A 932 3.63 -23.77 49.81
N MET A 933 2.32 -23.78 49.56
CA MET A 933 1.80 -23.98 48.22
C MET A 933 0.68 -22.98 47.93
N HIS A 934 0.99 -21.98 47.13
CA HIS A 934 0.00 -20.99 46.73
C HIS A 934 -0.51 -21.30 45.32
N ARG A 935 -1.68 -21.92 45.23
CA ARG A 935 -2.27 -22.21 43.92
C ARG A 935 -3.17 -21.07 43.48
N TYR A 936 -2.97 -20.62 42.25
CA TYR A 936 -3.82 -19.58 41.67
C TYR A 936 -4.49 -20.10 40.39
N GLN A 937 -5.80 -19.90 40.30
CA GLN A 937 -6.55 -20.30 39.11
C GLN A 937 -7.06 -19.05 38.41
N VAL A 938 -7.01 -19.06 37.08
CA VAL A 938 -7.43 -17.90 36.32
C VAL A 938 -8.23 -18.35 35.10
N ASN A 939 -9.16 -17.51 34.67
CA ASN A 939 -10.01 -17.82 33.52
C ASN A 939 -10.69 -16.57 33.00
N ASN A 940 -10.95 -16.53 31.69
CA ASN A 940 -11.60 -15.36 31.10
C ASN A 940 -12.95 -15.69 30.50
N LEU A 941 -13.98 -14.98 30.96
CA LEU A 941 -15.32 -15.14 30.43
C LEU A 941 -15.58 -14.14 29.32
N GLY A 942 -14.50 -13.58 28.77
CA GLY A 942 -14.59 -12.68 27.65
C GLY A 942 -15.21 -13.39 26.47
N GLN A 943 -14.96 -12.88 25.27
CA GLN A 943 -15.48 -13.50 24.07
C GLN A 943 -14.48 -13.38 22.93
N ARG A 944 -13.20 -13.19 23.28
CA ARG A 944 -12.13 -13.13 22.29
C ARG A 944 -10.82 -13.69 22.85
N ASP A 945 -10.14 -14.50 22.04
CA ASP A 945 -8.82 -15.01 22.36
C ASP A 945 -7.83 -13.85 22.39
N LEU A 946 -7.08 -13.73 23.47
CA LEU A 946 -6.21 -12.57 23.66
C LEU A 946 -4.97 -12.91 24.49
N PRO A 947 -3.79 -12.60 23.97
CA PRO A 947 -2.58 -12.85 24.75
C PRO A 947 -2.65 -12.18 26.12
N VAL A 948 -1.99 -12.78 27.11
CA VAL A 948 -1.91 -12.19 28.44
C VAL A 948 -0.59 -12.56 29.13
N SER A 949 -0.30 -11.86 30.22
CA SER A 949 0.92 -12.10 30.97
C SER A 949 0.60 -12.01 32.44
N ILE A 950 0.67 -13.14 33.13
CA ILE A 950 0.33 -13.20 34.55
C ILE A 950 1.54 -12.92 35.42
N ASN A 951 1.49 -11.81 36.15
CA ASN A 951 2.57 -11.39 37.04
C ASN A 951 2.35 -11.93 38.45
N PHE A 952 3.45 -12.05 39.21
CA PHE A 952 3.39 -12.52 40.59
C PHE A 952 4.30 -11.69 41.49
N TRP A 953 4.21 -11.94 42.80
CA TRP A 953 5.03 -11.24 43.77
C TRP A 953 5.22 -12.11 45.02
N VAL A 954 6.40 -12.68 45.16
CA VAL A 954 6.70 -13.60 46.25
C VAL A 954 7.89 -13.13 47.08
N PRO A 955 7.66 -12.81 48.36
CA PRO A 955 8.74 -12.34 49.24
C PRO A 955 9.85 -13.36 49.39
N VAL A 956 11.08 -12.89 49.55
CA VAL A 956 12.22 -13.76 49.79
C VAL A 956 13.20 -13.03 50.71
N GLU A 957 14.24 -12.45 50.12
CA GLU A 957 15.23 -11.72 50.90
C GLU A 957 14.56 -10.79 51.91
N LEU A 958 15.11 -10.74 53.11
CA LEU A 958 14.62 -9.85 54.15
C LEU A 958 15.78 -9.45 55.04
N ASN A 959 16.53 -8.44 54.60
CA ASN A 959 17.73 -8.01 55.30
C ASN A 959 18.77 -9.14 55.28
N GLN A 960 19.02 -9.67 54.09
CA GLN A 960 19.95 -10.79 53.90
C GLN A 960 19.35 -12.11 54.40
N GLU A 961 18.34 -12.02 55.27
CA GLU A 961 17.71 -13.20 55.84
C GLU A 961 16.59 -13.70 54.93
N ALA A 962 16.86 -14.77 54.20
CA ALA A 962 15.87 -15.32 53.27
C ALA A 962 14.57 -15.68 53.97
N VAL A 963 13.45 -15.42 53.31
CA VAL A 963 12.13 -15.78 53.84
C VAL A 963 11.79 -17.21 53.44
N TRP A 964 11.69 -17.45 52.13
CA TRP A 964 11.61 -18.82 51.63
C TRP A 964 12.32 -18.95 50.28
N MET A 965 13.12 -20.01 50.18
CA MET A 965 14.14 -20.14 49.14
C MET A 965 13.68 -21.01 47.99
N ASP A 966 14.47 -21.00 46.92
CA ASP A 966 14.26 -21.88 45.77
C ASP A 966 12.79 -21.97 45.39
N VAL A 967 12.15 -20.81 45.26
CA VAL A 967 10.74 -20.77 44.89
C VAL A 967 10.59 -20.73 43.38
N GLU A 968 9.83 -21.68 42.85
CA GLU A 968 9.54 -21.72 41.42
C GLU A 968 8.04 -21.91 41.21
N VAL A 969 7.60 -21.89 39.96
CA VAL A 969 6.18 -22.01 39.66
C VAL A 969 5.90 -23.15 38.68
N SER A 970 5.13 -24.13 39.14
CA SER A 970 4.72 -25.25 38.30
C SER A 970 3.53 -24.85 37.46
N HIS A 971 3.46 -25.38 36.24
CA HIS A 971 2.35 -25.09 35.34
C HIS A 971 1.70 -26.37 34.82
N PRO A 972 1.03 -27.11 35.71
CA PRO A 972 0.45 -28.41 35.34
C PRO A 972 -0.72 -28.30 34.37
N GLN A 973 -1.15 -29.45 33.85
CA GLN A 973 -2.29 -29.52 32.94
C GLN A 973 -2.12 -28.59 31.75
N ASN A 974 -0.89 -28.16 31.50
CA ASN A 974 -0.59 -27.23 30.42
C ASN A 974 0.88 -27.28 30.04
N PRO A 975 1.20 -26.96 28.76
CA PRO A 975 2.56 -27.01 28.22
C PRO A 975 3.57 -26.31 29.11
N SER A 976 4.86 -26.60 28.91
CA SER A 976 5.90 -25.92 29.65
C SER A 976 6.07 -24.50 29.13
N LEU A 977 5.48 -23.55 29.83
CA LEU A 977 5.54 -22.15 29.43
C LEU A 977 6.76 -21.47 30.04
N ARG A 978 7.11 -20.33 29.47
CA ARG A 978 8.30 -19.60 29.90
C ARG A 978 7.92 -18.51 30.90
N CYS A 979 8.65 -18.45 32.02
CA CYS A 979 8.39 -17.44 33.03
C CYS A 979 9.67 -16.67 33.39
N SER A 980 9.50 -15.39 33.75
CA SER A 980 10.64 -14.54 34.04
C SER A 980 10.78 -14.33 35.55
N SER A 981 11.95 -13.88 35.96
CA SER A 981 12.25 -13.70 37.38
C SER A 981 13.12 -12.46 37.61
N GLU A 982 12.72 -11.63 38.56
CA GLU A 982 13.44 -10.39 38.87
C GLU A 982 13.28 -10.01 40.34
N LYS A 983 14.39 -9.73 41.00
CA LYS A 983 14.36 -9.30 42.40
C LYS A 983 14.23 -7.79 42.50
N ILE A 984 13.57 -7.32 43.54
CA ILE A 984 13.41 -5.88 43.75
C ILE A 984 13.36 -5.52 45.24
N ALA A 985 13.94 -4.37 45.58
CA ALA A 985 14.00 -3.92 46.96
C ALA A 985 13.00 -2.80 47.25
N PRO A 986 12.11 -3.02 48.22
CA PRO A 986 11.06 -2.08 48.64
C PRO A 986 11.61 -0.75 49.18
N PRO A 987 10.73 0.15 49.66
CA PRO A 987 11.11 1.52 50.02
C PRO A 987 12.06 1.63 51.22
N ALA A 988 12.14 0.56 52.01
CA ALA A 988 13.09 0.51 53.12
C ALA A 988 12.68 1.38 54.30
N SER A 989 11.38 1.57 54.48
CA SER A 989 10.89 2.29 55.64
C SER A 989 11.20 1.50 56.91
N ASP A 990 10.87 2.06 58.07
CA ASP A 990 11.08 1.36 59.33
C ASP A 990 10.13 0.17 59.43
N PHE A 991 10.64 -1.01 59.09
CA PHE A 991 9.81 -2.22 59.06
C PHE A 991 9.46 -2.71 60.46
N LEU A 992 10.27 -2.32 61.44
CA LEU A 992 10.00 -2.63 62.83
C LEU A 992 8.55 -2.30 63.17
N ALA A 993 8.23 -1.00 63.14
CA ALA A 993 6.89 -0.53 63.47
C ALA A 993 5.87 -0.85 62.38
N HIS A 994 6.36 -0.99 61.14
CA HIS A 994 5.47 -1.20 60.01
C HIS A 994 4.57 -2.42 60.22
N ILE A 995 5.18 -3.60 60.35
CA ILE A 995 4.40 -4.82 60.50
C ILE A 995 3.86 -4.98 61.92
N GLN A 996 4.29 -4.11 62.82
CA GLN A 996 3.74 -4.09 64.17
C GLN A 996 2.29 -3.64 64.10
N LYS A 997 2.00 -2.71 63.18
CA LYS A 997 0.63 -2.35 62.87
C LYS A 997 -0.13 -3.60 62.47
N ASN A 998 0.35 -4.24 61.42
CA ASN A 998 -0.30 -5.41 60.85
C ASN A 998 0.73 -6.52 60.61
N PRO A 999 0.53 -7.68 61.24
CA PRO A 999 1.47 -8.82 61.13
C PRO A 999 1.79 -9.20 59.69
N VAL A 1000 1.01 -8.69 58.74
CA VAL A 1000 1.19 -9.00 57.33
C VAL A 1000 2.64 -8.76 56.88
N LEU A 1001 3.07 -9.49 55.87
CA LEU A 1001 4.38 -9.28 55.26
C LEU A 1001 4.21 -9.17 53.76
N ASP A 1002 3.68 -8.04 53.30
CA ASP A 1002 3.58 -7.78 51.88
C ASP A 1002 4.98 -7.52 51.33
N CYS A 1003 5.07 -7.35 50.02
CA CYS A 1003 6.37 -7.20 49.37
C CYS A 1003 7.01 -5.85 49.68
N SER A 1004 6.26 -4.96 50.33
CA SER A 1004 6.75 -3.61 50.60
C SER A 1004 7.79 -3.59 51.72
N ILE A 1005 7.95 -4.72 52.39
CA ILE A 1005 8.91 -4.81 53.49
C ILE A 1005 10.09 -5.68 53.10
N ALA A 1006 9.81 -6.90 52.63
CA ALA A 1006 10.85 -7.84 52.28
C ALA A 1006 11.09 -7.83 50.76
N GLY A 1007 12.36 -7.85 50.38
CA GLY A 1007 12.73 -7.92 48.97
C GLY A 1007 11.92 -8.97 48.26
N CYS A 1008 11.02 -8.54 47.39
CA CYS A 1008 10.08 -9.45 46.74
C CYS A 1008 10.68 -10.04 45.46
N LEU A 1009 9.90 -10.86 44.76
CA LEU A 1009 10.35 -11.54 43.55
C LEU A 1009 9.22 -11.64 42.51
N ARG A 1010 9.34 -10.86 41.43
CA ARG A 1010 8.30 -10.79 40.40
C ARG A 1010 8.46 -11.89 39.34
N PHE A 1011 7.38 -12.63 39.11
CA PHE A 1011 7.36 -13.64 38.07
C PHE A 1011 6.48 -13.21 36.92
N ARG A 1012 7.08 -13.04 35.76
CA ARG A 1012 6.34 -12.64 34.58
C ARG A 1012 6.13 -13.83 33.67
N CYS A 1013 5.03 -14.54 33.89
CA CYS A 1013 4.69 -15.70 33.08
C CYS A 1013 3.82 -15.30 31.90
N ASP A 1014 4.46 -15.18 30.74
CA ASP A 1014 3.78 -14.79 29.52
C ASP A 1014 2.84 -15.89 29.03
N VAL A 1015 1.93 -15.54 28.14
CA VAL A 1015 0.96 -16.49 27.60
C VAL A 1015 0.72 -16.22 26.12
N PRO A 1016 0.84 -17.27 25.30
CA PRO A 1016 0.67 -17.08 23.85
C PRO A 1016 -0.71 -16.54 23.53
N SER A 1017 -1.73 -17.35 23.79
CA SER A 1017 -3.10 -17.00 23.47
C SER A 1017 -4.03 -17.62 24.50
N PHE A 1018 -4.51 -16.78 25.41
CA PHE A 1018 -5.39 -17.22 26.49
C PHE A 1018 -6.83 -17.41 26.00
N SER A 1019 -7.03 -18.38 25.12
CA SER A 1019 -8.35 -18.65 24.55
C SER A 1019 -9.45 -18.46 25.58
N VAL A 1020 -10.59 -17.97 25.13
CA VAL A 1020 -11.70 -17.74 26.05
C VAL A 1020 -12.18 -19.06 26.62
N GLN A 1021 -12.65 -19.03 27.86
CA GLN A 1021 -13.16 -20.21 28.54
C GLN A 1021 -12.04 -21.04 29.16
N GLU A 1022 -10.82 -20.89 28.63
CA GLU A 1022 -9.67 -21.61 29.14
C GLU A 1022 -9.43 -21.22 30.59
N GLU A 1023 -9.50 -22.19 31.49
CA GLU A 1023 -9.28 -21.93 32.91
C GLU A 1023 -7.82 -22.17 33.27
N LEU A 1024 -6.94 -21.89 32.32
CA LEU A 1024 -5.50 -22.10 32.51
C LEU A 1024 -5.09 -21.72 33.93
N ASP A 1025 -4.73 -22.72 34.73
CA ASP A 1025 -4.31 -22.48 36.11
C ASP A 1025 -2.95 -23.10 36.41
N PHE A 1026 -2.29 -22.59 37.45
CA PHE A 1026 -1.00 -23.11 37.88
C PHE A 1026 -0.68 -22.66 39.31
N THR A 1027 0.33 -23.29 39.91
CA THR A 1027 0.67 -23.02 41.31
C THR A 1027 2.17 -22.80 41.52
N LEU A 1028 2.52 -22.23 42.67
CA LEU A 1028 3.92 -21.96 43.02
C LEU A 1028 4.24 -22.46 44.42
N LYS A 1029 5.41 -23.06 44.58
CA LYS A 1029 5.84 -23.60 45.87
C LYS A 1029 7.32 -23.35 46.12
N GLY A 1030 7.71 -23.39 47.39
CA GLY A 1030 9.11 -23.29 47.77
C GLY A 1030 9.33 -23.60 49.24
N ASN A 1031 10.38 -24.34 49.56
CA ASN A 1031 10.72 -24.61 50.95
C ASN A 1031 10.75 -23.31 51.76
N LEU A 1032 9.93 -23.23 52.80
CA LEU A 1032 9.78 -21.99 53.56
C LEU A 1032 10.64 -21.99 54.83
N SER A 1033 11.64 -21.12 54.86
CA SER A 1033 12.57 -21.06 55.97
C SER A 1033 11.93 -20.46 57.21
N PHE A 1034 12.36 -20.94 58.37
CA PHE A 1034 11.84 -20.47 59.66
C PHE A 1034 12.80 -19.47 60.30
N GLY A 1035 13.95 -19.27 59.68
CA GLY A 1035 15.00 -18.44 60.25
C GLY A 1035 14.61 -16.99 60.43
N TRP A 1036 14.05 -16.39 59.39
CA TRP A 1036 13.73 -14.96 59.40
C TRP A 1036 12.65 -14.61 60.43
N VAL A 1037 12.00 -15.62 60.98
CA VAL A 1037 10.88 -15.40 61.91
C VAL A 1037 11.30 -14.61 63.14
N ARG A 1038 12.54 -14.79 63.57
CA ARG A 1038 13.06 -14.10 64.75
C ARG A 1038 13.50 -12.70 64.40
N GLN A 1039 13.87 -12.49 63.14
CA GLN A 1039 14.38 -11.20 62.68
C GLN A 1039 13.49 -10.03 63.08
N ILE A 1040 12.20 -10.29 63.25
CA ILE A 1040 11.24 -9.20 63.50
C ILE A 1040 10.72 -9.16 64.94
N LEU A 1041 11.03 -10.19 65.71
CA LEU A 1041 10.73 -10.20 67.15
C LEU A 1041 9.24 -10.13 67.42
N GLN A 1042 8.48 -11.03 66.81
CA GLN A 1042 7.07 -11.20 67.11
C GLN A 1042 6.62 -12.61 66.71
N LYS A 1043 5.36 -12.93 67.00
CA LYS A 1043 4.81 -14.23 66.65
C LYS A 1043 3.47 -14.09 65.93
N LYS A 1044 3.04 -15.16 65.28
CA LYS A 1044 1.79 -15.17 64.53
C LYS A 1044 1.87 -14.24 63.31
N VAL A 1045 3.08 -14.09 62.78
CA VAL A 1045 3.28 -13.29 61.57
C VAL A 1045 2.63 -14.02 60.40
N SER A 1046 2.41 -13.32 59.30
CA SER A 1046 1.82 -13.94 58.11
C SER A 1046 2.40 -13.34 56.83
N VAL A 1047 2.95 -14.20 55.97
CA VAL A 1047 3.52 -13.74 54.71
C VAL A 1047 2.49 -13.86 53.58
N VAL A 1048 2.45 -12.86 52.70
CA VAL A 1048 1.48 -12.81 51.63
C VAL A 1048 2.13 -12.80 50.26
N SER A 1049 1.46 -13.43 49.30
CA SER A 1049 1.87 -13.35 47.89
C SER A 1049 0.76 -12.71 47.08
N VAL A 1050 1.12 -11.74 46.23
CA VAL A 1050 0.15 -11.06 45.38
C VAL A 1050 0.27 -11.56 43.94
N ALA A 1051 -0.87 -11.80 43.31
CA ALA A 1051 -0.90 -12.28 41.94
C ALA A 1051 -1.84 -11.43 41.10
N GLU A 1052 -1.29 -10.78 40.09
CA GLU A 1052 -2.06 -9.90 39.23
C GLU A 1052 -1.82 -10.23 37.77
N ILE A 1053 -2.90 -10.43 37.02
CA ILE A 1053 -2.81 -10.69 35.60
C ILE A 1053 -2.84 -9.39 34.82
N THR A 1054 -2.13 -9.36 33.71
CA THR A 1054 -2.08 -8.15 32.88
C THR A 1054 -2.21 -8.47 31.40
N PHE A 1055 -2.48 -7.43 30.61
CA PHE A 1055 -2.57 -7.55 29.16
C PHE A 1055 -2.40 -6.16 28.54
N ASP A 1056 -2.10 -6.12 27.24
CA ASP A 1056 -1.83 -4.84 26.58
C ASP A 1056 -2.97 -3.86 26.83
N THR A 1057 -2.73 -2.87 27.69
CA THR A 1057 -3.74 -1.87 28.02
C THR A 1057 -4.43 -1.33 26.77
N SER A 1058 -3.68 -1.27 25.68
CA SER A 1058 -4.22 -0.83 24.40
C SER A 1058 -4.82 -2.01 23.66
N VAL A 1059 -5.85 -1.73 22.85
CA VAL A 1059 -6.52 -2.76 22.06
C VAL A 1059 -7.53 -3.53 22.91
N TYR A 1060 -7.09 -3.94 24.10
CA TYR A 1060 -7.94 -4.69 25.02
C TYR A 1060 -8.12 -3.93 26.33
N SER A 1061 -9.05 -4.40 27.15
CA SER A 1061 -9.35 -3.79 28.45
C SER A 1061 -10.56 -4.47 29.09
N GLN A 1062 -10.68 -4.35 30.41
CA GLN A 1062 -11.77 -5.00 31.15
C GLN A 1062 -13.02 -4.11 31.18
N LEU A 1063 -14.20 -4.74 31.26
CA LEU A 1063 -15.44 -4.11 30.80
C LEU A 1063 -16.24 -3.21 31.77
N PRO A 1064 -16.55 -3.72 32.96
CA PRO A 1064 -17.71 -3.29 33.76
C PRO A 1064 -17.55 -1.94 34.41
N GLY A 1065 -16.50 -1.23 34.05
CA GLY A 1065 -16.05 -0.11 34.84
C GLY A 1065 -14.65 -0.49 35.26
N GLN A 1066 -14.54 -1.18 36.38
CA GLN A 1066 -13.24 -1.60 36.88
C GLN A 1066 -13.36 -2.76 37.84
N GLU A 1067 -12.92 -3.93 37.40
CA GLU A 1067 -12.91 -5.11 38.24
C GLU A 1067 -11.49 -5.49 38.62
N ALA A 1068 -11.22 -5.47 39.92
CA ALA A 1068 -9.93 -5.87 40.45
C ALA A 1068 -9.86 -7.39 40.60
N PHE A 1069 -10.76 -8.09 39.92
CA PHE A 1069 -10.77 -9.55 39.96
C PHE A 1069 -9.50 -10.11 39.32
N MET A 1070 -8.70 -9.23 38.73
CA MET A 1070 -7.45 -9.64 38.11
C MET A 1070 -6.27 -9.36 39.04
N ARG A 1071 -6.50 -9.57 40.34
CA ARG A 1071 -5.46 -9.35 41.33
C ARG A 1071 -5.81 -10.07 42.63
N ALA A 1072 -5.55 -11.37 42.66
CA ALA A 1072 -5.85 -12.20 43.83
C ALA A 1072 -4.73 -12.10 44.87
N GLN A 1073 -4.89 -12.84 45.96
CA GLN A 1073 -3.96 -12.76 47.08
C GLN A 1073 -4.05 -14.02 47.95
N THR A 1074 -2.94 -14.41 48.56
CA THR A 1074 -2.92 -15.59 49.44
C THR A 1074 -2.04 -15.32 50.67
N THR A 1075 -2.63 -15.41 51.85
CA THR A 1075 -1.92 -15.09 53.09
C THR A 1075 -1.67 -16.32 53.96
N THR A 1076 -0.42 -16.77 54.00
CA THR A 1076 -0.02 -17.91 54.83
C THR A 1076 0.44 -17.42 56.20
N VAL A 1077 0.36 -18.29 57.21
CA VAL A 1077 0.72 -17.91 58.57
C VAL A 1077 1.85 -18.77 59.14
N LEU A 1078 2.75 -18.12 59.87
CA LEU A 1078 3.89 -18.79 60.50
C LEU A 1078 3.88 -18.64 62.02
N GLU A 1079 2.71 -18.82 62.64
CA GLU A 1079 2.65 -18.79 64.10
C GLU A 1079 3.33 -20.03 64.68
N LYS A 1080 4.50 -19.82 65.27
CA LYS A 1080 5.24 -20.90 65.88
C LYS A 1080 5.91 -20.43 67.17
N TYR A 1081 5.40 -20.90 68.29
CA TYR A 1081 5.81 -20.39 69.61
C TYR A 1081 6.80 -21.33 70.28
N GLN B 1 -54.67 17.09 29.34
CA GLN B 1 -54.04 15.86 29.90
C GLN B 1 -53.10 15.22 28.89
N GLU B 2 -53.69 14.64 27.84
CA GLU B 2 -52.92 13.93 26.83
C GLU B 2 -53.80 13.65 25.62
N CYS B 3 -53.30 14.01 24.44
CA CYS B 3 -54.04 13.76 23.21
C CYS B 3 -53.20 14.06 21.98
N THR B 4 -52.69 13.01 21.36
CA THR B 4 -51.98 13.15 20.09
C THR B 4 -52.96 12.90 18.95
N LYS B 5 -52.91 13.76 17.95
CA LYS B 5 -53.89 13.71 16.87
C LYS B 5 -53.61 12.62 15.86
N PHE B 6 -54.55 11.69 15.72
CA PHE B 6 -54.54 10.76 14.60
C PHE B 6 -55.34 11.43 13.49
N LYS B 7 -55.46 10.77 12.34
CA LYS B 7 -56.29 11.32 11.27
C LYS B 7 -57.66 11.72 11.80
N VAL B 8 -57.89 13.03 11.89
CA VAL B 8 -59.15 13.55 12.43
C VAL B 8 -60.05 14.05 11.31
N SER B 9 -61.05 13.25 10.94
CA SER B 9 -61.99 13.63 9.90
C SER B 9 -63.33 14.02 10.50
N SER B 10 -63.66 13.41 11.64
CA SER B 10 -64.91 13.68 12.32
C SER B 10 -64.67 13.72 13.82
N CYS B 11 -65.75 13.81 14.59
CA CYS B 11 -65.65 13.81 16.04
C CYS B 11 -65.24 12.42 16.54
N ARG B 12 -65.62 11.39 15.77
CA ARG B 12 -65.31 10.02 16.15
C ARG B 12 -63.82 9.71 15.96
N GLU B 13 -63.25 10.20 14.86
CA GLU B 13 -61.84 9.98 14.60
C GLU B 13 -60.95 10.74 15.58
N CYS B 14 -61.55 11.66 16.33
CA CYS B 14 -60.86 12.37 17.40
C CYS B 14 -60.93 11.53 18.66
N ILE B 15 -62.04 10.81 18.81
CA ILE B 15 -62.24 9.91 19.93
C ILE B 15 -61.30 8.71 19.83
N GLU B 16 -61.05 8.25 18.60
CA GLU B 16 -60.18 7.11 18.36
C GLU B 16 -58.71 7.49 18.49
N SER B 17 -58.45 8.67 19.07
CA SER B 17 -57.09 9.16 19.22
C SER B 17 -56.53 8.80 20.60
N GLY B 18 -57.38 8.82 21.61
CA GLY B 18 -56.96 8.48 22.96
C GLY B 18 -57.97 8.85 24.03
N PRO B 19 -57.72 8.42 25.27
CA PRO B 19 -58.59 8.72 26.41
C PRO B 19 -58.72 10.22 26.64
N GLY B 20 -57.59 10.92 26.68
CA GLY B 20 -57.59 12.35 26.95
C GLY B 20 -57.91 13.22 25.75
N CYS B 21 -58.63 12.64 24.78
CA CYS B 21 -59.02 13.38 23.58
C CYS B 21 -60.47 13.82 23.64
N THR B 22 -60.68 15.12 23.50
CA THR B 22 -62.02 15.70 23.48
C THR B 22 -62.28 16.38 22.15
N TRP B 23 -63.55 16.65 21.87
CA TRP B 23 -63.95 17.25 20.61
C TRP B 23 -64.88 18.44 20.85
N CYS B 24 -64.76 19.47 20.03
CA CYS B 24 -65.60 20.66 20.15
C CYS B 24 -66.57 20.74 18.98
N GLN B 25 -67.85 20.97 19.29
CA GLN B 25 -68.90 21.01 18.26
C GLN B 25 -69.23 22.44 17.86
N LYS B 26 -68.87 23.39 18.72
CA LYS B 26 -69.21 24.79 18.50
C LYS B 26 -68.76 25.29 17.12
N LEU B 27 -69.72 25.70 16.30
CA LEU B 27 -69.44 26.21 14.97
C LEU B 27 -68.66 27.53 15.03
N ASN B 28 -68.25 28.02 13.87
CA ASN B 28 -67.50 29.26 13.79
C ASN B 28 -66.26 29.23 14.68
N PHE B 29 -65.82 28.03 15.02
CA PHE B 29 -64.65 27.86 15.87
C PHE B 29 -63.40 27.82 14.99
N THR B 30 -63.58 27.47 13.73
CA THR B 30 -62.49 27.45 12.77
C THR B 30 -62.20 28.86 12.27
N GLY B 31 -60.96 29.31 12.46
CA GLY B 31 -60.55 30.63 12.02
C GLY B 31 -60.60 30.77 10.51
N PRO B 32 -60.27 31.96 10.00
CA PRO B 32 -60.30 32.25 8.56
C PRO B 32 -59.76 31.10 7.71
N GLY B 33 -58.63 30.54 8.12
CA GLY B 33 -58.03 29.43 7.42
C GLY B 33 -57.36 28.48 8.39
N ASP B 34 -58.12 27.99 9.36
CA ASP B 34 -57.59 27.08 10.36
C ASP B 34 -58.01 25.65 10.05
N PRO B 35 -57.18 24.67 10.47
CA PRO B 35 -57.48 23.25 10.30
C PRO B 35 -58.74 22.86 11.06
N ASP B 36 -59.39 21.78 10.61
CA ASP B 36 -60.55 21.26 11.32
C ASP B 36 -60.08 20.36 12.46
N SER B 37 -58.83 19.92 12.39
CA SER B 37 -58.27 19.03 13.41
C SER B 37 -57.99 19.77 14.71
N ILE B 38 -58.13 21.10 14.69
CA ILE B 38 -57.90 21.90 15.88
C ILE B 38 -59.03 21.73 16.89
N ARG B 39 -60.19 21.28 16.39
CA ARG B 39 -61.35 21.04 17.24
C ARG B 39 -61.10 19.89 18.20
N CYS B 40 -60.08 19.08 17.90
CA CYS B 40 -59.75 17.91 18.70
C CYS B 40 -58.49 18.13 19.54
N ASP B 41 -58.67 18.63 20.75
CA ASP B 41 -57.56 18.85 21.66
C ASP B 41 -57.90 18.22 23.00
N THR B 42 -57.30 18.73 24.07
CA THR B 42 -57.65 18.30 25.41
C THR B 42 -58.69 19.26 25.97
N ARG B 43 -59.53 18.78 26.89
CA ARG B 43 -60.59 19.60 27.46
C ARG B 43 -60.07 20.95 27.96
N PRO B 44 -58.93 20.94 28.68
CA PRO B 44 -58.35 22.19 29.19
C PRO B 44 -58.00 23.16 28.06
N GLN B 45 -57.36 22.65 27.02
CA GLN B 45 -56.97 23.47 25.89
C GLN B 45 -58.19 24.08 25.21
N LEU B 46 -59.26 23.31 25.13
CA LEU B 46 -60.49 23.74 24.48
C LEU B 46 -61.06 24.97 25.18
N LEU B 47 -61.04 24.96 26.51
CA LEU B 47 -61.56 26.07 27.29
C LEU B 47 -60.65 27.29 27.17
N MET B 48 -59.35 27.03 27.08
CA MET B 48 -58.37 28.09 26.93
C MET B 48 -58.49 28.74 25.56
N ARG B 49 -59.03 27.99 24.60
CA ARG B 49 -59.20 28.49 23.25
C ARG B 49 -60.53 29.23 23.09
N GLY B 50 -61.49 28.88 23.93
CA GLY B 50 -62.80 29.51 23.90
C GLY B 50 -63.93 28.51 23.77
N CYS B 51 -63.61 27.32 23.28
CA CYS B 51 -64.61 26.27 23.12
C CYS B 51 -65.41 26.09 24.40
N ALA B 52 -66.72 26.32 24.32
CA ALA B 52 -67.60 26.23 25.48
C ALA B 52 -67.45 24.87 26.16
N ALA B 53 -67.87 24.80 27.43
CA ALA B 53 -67.78 23.57 28.19
C ALA B 53 -68.84 22.56 27.76
N ASP B 54 -70.06 23.04 27.52
CA ASP B 54 -71.15 22.17 27.11
C ASP B 54 -71.07 21.79 25.64
N ASP B 55 -70.03 22.28 24.96
CA ASP B 55 -69.79 21.94 23.56
C ASP B 55 -68.72 20.86 23.41
N ILE B 56 -68.20 20.38 24.54
CA ILE B 56 -67.11 19.41 24.53
C ILE B 56 -67.66 17.99 24.60
N MET B 57 -67.86 17.39 23.43
CA MET B 57 -68.35 16.02 23.35
C MET B 57 -67.34 15.06 23.97
N ASP B 58 -67.76 14.37 25.02
CA ASP B 58 -66.86 13.49 25.78
C ASP B 58 -67.55 12.19 26.20
N PRO B 59 -67.67 11.22 25.27
CA PRO B 59 -68.28 9.91 25.50
C PRO B 59 -67.55 9.09 26.56
N THR B 60 -68.11 9.00 27.75
CA THR B 60 -67.43 8.37 28.88
C THR B 60 -68.02 7.00 29.23
N SER B 61 -67.18 6.14 29.82
CA SER B 61 -67.60 4.78 30.17
C SER B 61 -68.34 4.74 31.51
N LEU B 62 -69.41 3.96 31.57
CA LEU B 62 -70.14 3.79 32.82
C LEU B 62 -70.75 2.38 32.90
N ALA B 63 -71.45 2.09 33.99
CA ALA B 63 -71.95 0.74 34.26
C ALA B 63 -73.45 0.71 34.51
N GLU B 64 -74.11 -0.33 34.00
CA GLU B 64 -75.53 -0.51 34.21
C GLU B 64 -75.78 -1.71 35.11
N THR B 65 -76.27 -1.45 36.32
CA THR B 65 -76.47 -2.49 37.31
C THR B 65 -77.94 -2.91 37.41
N GLN B 66 -78.38 -3.73 36.48
CA GLN B 66 -79.73 -4.28 36.51
C GLN B 66 -79.83 -5.39 37.53
N GLU B 67 -80.12 -5.03 38.78
CA GLU B 67 -80.24 -5.99 39.86
C GLU B 67 -81.52 -6.81 39.74
N ASP B 68 -81.47 -8.07 40.15
CA ASP B 68 -82.62 -8.97 40.06
C ASP B 68 -83.59 -8.77 41.21
N HIS B 69 -84.66 -9.56 41.23
CA HIS B 69 -85.62 -9.53 42.33
C HIS B 69 -84.97 -10.13 43.58
N ASN B 70 -84.99 -11.46 43.66
CA ASN B 70 -84.24 -12.21 44.67
C ASN B 70 -84.38 -13.70 44.44
N GLY B 71 -83.36 -14.46 44.82
CA GLY B 71 -83.32 -15.87 44.54
C GLY B 71 -82.84 -16.11 43.11
N GLY B 72 -82.82 -15.06 42.31
CA GLY B 72 -82.24 -15.12 41.00
C GLY B 72 -80.84 -15.68 41.17
N GLN B 73 -80.04 -14.96 41.94
CA GLN B 73 -78.79 -15.50 42.46
C GLN B 73 -78.58 -15.03 43.89
N LYS B 74 -77.67 -15.71 44.59
CA LYS B 74 -77.66 -15.68 46.04
C LYS B 74 -76.75 -14.62 46.63
N GLN B 75 -75.46 -14.72 46.36
CA GLN B 75 -74.50 -13.80 46.97
C GLN B 75 -73.50 -13.26 45.94
N LEU B 76 -73.86 -13.32 44.66
CA LEU B 76 -73.08 -12.67 43.63
C LEU B 76 -73.91 -11.62 42.90
N SER B 77 -73.82 -10.38 43.38
CA SER B 77 -74.52 -9.26 42.77
C SER B 77 -73.55 -8.13 42.47
N PRO B 78 -73.87 -7.29 41.47
CA PRO B 78 -75.08 -7.41 40.64
C PRO B 78 -75.06 -8.67 39.80
N GLN B 79 -76.19 -8.98 39.17
CA GLN B 79 -76.32 -10.22 38.40
C GLN B 79 -76.18 -9.96 36.90
N LYS B 80 -76.36 -8.70 36.51
CA LYS B 80 -76.25 -8.33 35.10
C LYS B 80 -75.64 -6.94 34.97
N VAL B 81 -74.41 -6.88 34.47
CA VAL B 81 -73.72 -5.62 34.27
C VAL B 81 -73.59 -5.29 32.79
N THR B 82 -74.46 -4.40 32.31
CA THR B 82 -74.41 -3.95 30.93
C THR B 82 -73.55 -2.70 30.85
N LEU B 83 -72.25 -2.90 30.65
CA LEU B 83 -71.30 -1.78 30.57
C LEU B 83 -71.29 -1.16 29.18
N TYR B 84 -71.10 0.15 29.14
CA TYR B 84 -70.88 0.85 27.88
C TYR B 84 -69.43 1.32 27.88
N LEU B 85 -68.59 0.59 27.17
CA LEU B 85 -67.14 0.78 27.25
C LEU B 85 -66.56 1.50 26.05
N ARG B 86 -66.01 2.69 26.29
CA ARG B 86 -65.25 3.40 25.27
C ARG B 86 -63.79 2.94 25.32
N PRO B 87 -63.21 2.67 24.15
CA PRO B 87 -61.82 2.21 24.09
C PRO B 87 -60.85 3.14 24.83
N GLY B 88 -59.93 2.57 25.60
CA GLY B 88 -58.94 3.36 26.30
C GLY B 88 -59.39 3.83 27.67
N GLN B 89 -60.71 3.96 27.83
CA GLN B 89 -61.28 4.44 29.08
C GLN B 89 -61.87 3.26 29.86
N ALA B 90 -61.57 3.19 31.15
CA ALA B 90 -61.98 2.06 31.98
C ALA B 90 -63.36 2.25 32.59
N ALA B 91 -64.17 1.21 32.53
CA ALA B 91 -65.48 1.19 33.18
C ALA B 91 -65.40 0.38 34.46
N ALA B 92 -65.88 0.96 35.56
CA ALA B 92 -65.79 0.31 36.86
C ALA B 92 -67.16 -0.03 37.44
N PHE B 93 -67.33 -1.30 37.83
CA PHE B 93 -68.55 -1.75 38.48
C PHE B 93 -68.20 -2.68 39.64
N ASN B 94 -68.79 -2.42 40.80
CA ASN B 94 -68.47 -3.17 42.01
C ASN B 94 -69.19 -4.51 42.09
N VAL B 95 -68.71 -5.39 42.96
CA VAL B 95 -69.28 -6.72 43.13
C VAL B 95 -69.42 -7.08 44.60
N THR B 96 -70.63 -6.99 45.11
CA THR B 96 -70.92 -7.37 46.49
C THR B 96 -71.03 -8.89 46.59
N PHE B 97 -70.31 -9.47 47.54
CA PHE B 97 -70.40 -10.90 47.80
C PHE B 97 -70.39 -11.19 49.30
N ARG B 98 -71.56 -11.61 49.80
CA ARG B 98 -71.72 -11.92 51.22
C ARG B 98 -72.19 -13.36 51.37
N ARG B 99 -71.24 -14.29 51.35
CA ARG B 99 -71.57 -15.71 51.50
C ARG B 99 -72.48 -15.86 52.73
N ALA B 100 -73.20 -16.97 52.79
CA ALA B 100 -74.30 -17.08 53.75
C ALA B 100 -74.08 -18.18 54.77
N LYS B 101 -73.71 -19.35 54.28
CA LYS B 101 -74.04 -20.58 54.97
C LYS B 101 -73.35 -21.76 54.29
N GLY B 102 -73.78 -22.97 54.67
CA GLY B 102 -73.39 -24.18 53.98
C GLY B 102 -74.58 -24.79 53.27
N TYR B 103 -74.38 -25.14 52.00
CA TYR B 103 -75.44 -25.77 51.20
C TYR B 103 -75.33 -27.29 51.29
N PRO B 104 -76.26 -28.01 50.66
CA PRO B 104 -76.22 -29.48 50.67
C PRO B 104 -74.87 -30.02 50.19
N ILE B 105 -74.15 -30.69 51.08
CA ILE B 105 -72.81 -31.19 50.77
C ILE B 105 -72.88 -32.49 49.99
N ASP B 106 -71.75 -32.87 49.38
CA ASP B 106 -71.67 -34.10 48.60
C ASP B 106 -70.23 -34.58 48.51
N LEU B 107 -69.79 -35.35 49.50
CA LEU B 107 -68.41 -35.80 49.57
C LEU B 107 -68.14 -37.05 48.72
N TYR B 108 -66.86 -37.32 48.49
CA TYR B 108 -66.42 -38.53 47.77
C TYR B 108 -64.99 -38.87 48.17
N TYR B 109 -64.80 -40.08 48.70
CA TYR B 109 -63.51 -40.47 49.28
C TYR B 109 -62.64 -41.23 48.28
N LEU B 110 -61.67 -40.55 47.70
CA LEU B 110 -60.71 -41.16 46.79
C LEU B 110 -59.54 -41.73 47.58
N MET B 111 -59.60 -43.01 47.90
CA MET B 111 -58.53 -43.65 48.66
C MET B 111 -57.69 -44.59 47.79
N ASP B 112 -56.38 -44.49 47.96
CA ASP B 112 -55.44 -45.36 47.26
C ASP B 112 -55.36 -46.69 47.99
N LEU B 113 -55.74 -47.78 47.31
CA LEU B 113 -55.72 -49.10 47.92
C LEU B 113 -54.43 -49.85 47.59
N SER B 114 -53.42 -49.64 48.42
CA SER B 114 -52.14 -50.31 48.24
C SER B 114 -51.86 -51.17 49.46
N TYR B 115 -50.68 -51.80 49.48
CA TYR B 115 -50.27 -52.57 50.64
C TYR B 115 -49.72 -51.63 51.70
N SER B 116 -49.44 -50.39 51.31
CA SER B 116 -49.00 -49.36 52.24
C SER B 116 -50.23 -48.69 52.87
N MET B 117 -51.40 -48.93 52.29
CA MET B 117 -52.64 -48.39 52.81
C MET B 117 -53.45 -49.50 53.48
N LEU B 118 -52.76 -50.33 54.28
CA LEU B 118 -53.41 -51.41 54.99
C LEU B 118 -53.99 -50.92 56.31
N ASP B 119 -53.13 -50.41 57.19
CA ASP B 119 -53.59 -49.89 58.48
C ASP B 119 -54.43 -48.63 58.29
N ASP B 120 -54.46 -48.12 57.07
CA ASP B 120 -55.34 -47.00 56.74
C ASP B 120 -56.74 -47.53 56.46
N LEU B 121 -56.81 -48.68 55.80
CA LEU B 121 -58.09 -49.32 55.51
C LEU B 121 -58.71 -49.86 56.79
N ARG B 122 -57.88 -50.19 57.77
CA ARG B 122 -58.37 -50.75 59.04
C ARG B 122 -58.89 -49.64 59.96
N ASN B 123 -58.14 -48.56 60.09
CA ASN B 123 -58.52 -47.44 60.95
C ASN B 123 -59.51 -46.50 60.26
N VAL B 124 -60.11 -46.97 59.17
CA VAL B 124 -61.00 -46.12 58.38
C VAL B 124 -62.13 -46.91 57.72
N LYS B 125 -61.96 -48.23 57.60
CA LYS B 125 -62.91 -49.07 56.87
C LYS B 125 -64.36 -48.74 57.20
N LYS B 126 -64.62 -48.28 58.42
CA LYS B 126 -65.98 -47.95 58.84
C LYS B 126 -66.04 -46.90 59.94
N LEU B 127 -65.56 -45.69 59.64
CA LEU B 127 -65.73 -44.57 60.55
C LEU B 127 -66.50 -43.46 59.84
N GLY B 128 -67.76 -43.75 59.51
CA GLY B 128 -68.59 -42.82 58.77
C GLY B 128 -69.78 -42.32 59.56
N GLY B 129 -69.94 -42.81 60.78
CA GLY B 129 -71.00 -42.34 61.66
C GLY B 129 -70.60 -41.04 62.31
N ASP B 130 -69.30 -40.75 62.34
CA ASP B 130 -68.79 -39.50 62.87
C ASP B 130 -68.55 -38.49 61.75
N LEU B 131 -68.84 -38.89 60.52
CA LEU B 131 -68.73 -38.00 59.37
C LEU B 131 -70.02 -37.21 59.19
N LEU B 132 -71.14 -37.91 59.22
CA LEU B 132 -72.44 -37.25 59.23
C LEU B 132 -72.58 -36.47 60.53
N ARG B 133 -71.87 -36.92 61.56
CA ARG B 133 -71.85 -36.22 62.84
C ARG B 133 -71.07 -34.92 62.72
N ALA B 134 -69.98 -34.96 61.95
CA ALA B 134 -69.20 -33.77 61.67
C ALA B 134 -69.86 -32.95 60.57
N LEU B 135 -70.87 -33.54 59.94
CA LEU B 135 -71.63 -32.90 58.89
C LEU B 135 -72.90 -32.26 59.46
N ASN B 136 -73.28 -32.69 60.67
CA ASN B 136 -74.52 -32.26 61.29
C ASN B 136 -74.57 -30.77 61.61
N GLU B 137 -73.47 -30.23 62.13
CA GLU B 137 -73.43 -28.85 62.60
C GLU B 137 -73.84 -27.86 61.51
N ILE B 138 -73.00 -27.75 60.49
CA ILE B 138 -73.20 -26.73 59.46
C ILE B 138 -74.28 -27.14 58.46
N THR B 139 -74.00 -28.17 57.68
CA THR B 139 -74.92 -28.63 56.66
C THR B 139 -75.87 -29.69 57.22
N GLU B 140 -76.97 -29.93 56.52
CA GLU B 140 -77.95 -30.92 56.95
C GLU B 140 -77.79 -32.20 56.13
N SER B 141 -78.88 -32.71 55.59
CA SER B 141 -78.86 -33.95 54.83
C SER B 141 -77.95 -33.82 53.60
N GLY B 142 -76.69 -34.22 53.78
CA GLY B 142 -75.73 -34.21 52.69
C GLY B 142 -75.73 -35.54 51.97
N ARG B 143 -74.62 -35.85 51.32
CA ARG B 143 -74.47 -37.12 50.62
C ARG B 143 -73.08 -37.69 50.87
N ILE B 144 -72.94 -39.00 50.73
CA ILE B 144 -71.66 -39.66 50.94
C ILE B 144 -71.40 -40.75 49.89
N GLY B 145 -70.25 -40.65 49.23
CA GLY B 145 -69.88 -41.60 48.19
C GLY B 145 -68.42 -42.03 48.32
N PHE B 146 -68.08 -43.16 47.69
CA PHE B 146 -66.71 -43.69 47.77
C PHE B 146 -66.21 -44.17 46.41
N GLY B 147 -64.90 -44.01 46.18
CA GLY B 147 -64.26 -44.44 44.95
C GLY B 147 -62.81 -44.83 45.18
N SER B 148 -62.49 -46.08 44.88
CA SER B 148 -61.15 -46.61 45.10
C SER B 148 -60.26 -46.39 43.89
N PHE B 149 -58.95 -46.53 44.06
CA PHE B 149 -58.00 -46.38 42.96
C PHE B 149 -56.61 -46.85 43.32
N VAL B 150 -55.86 -47.34 42.32
CA VAL B 150 -54.50 -47.81 42.54
C VAL B 150 -53.54 -47.28 41.48
N ASP B 151 -53.55 -47.89 40.30
CA ASP B 151 -52.66 -47.52 39.20
C ASP B 151 -53.01 -48.31 37.95
N LYS B 152 -52.58 -47.83 36.79
CA LYS B 152 -52.91 -48.49 35.52
C LYS B 152 -52.70 -49.99 35.61
N THR B 153 -53.54 -50.74 34.90
CA THR B 153 -53.46 -52.20 34.90
C THR B 153 -52.15 -52.68 34.29
N VAL B 154 -51.86 -52.21 33.08
CA VAL B 154 -50.71 -52.69 32.34
C VAL B 154 -49.41 -52.05 32.86
N LEU B 155 -48.30 -52.73 32.61
CA LEU B 155 -46.98 -52.28 33.03
C LEU B 155 -46.61 -51.03 32.27
N PRO B 156 -45.46 -50.42 32.61
CA PRO B 156 -44.54 -50.76 33.70
C PRO B 156 -45.02 -50.31 35.08
N PHE B 157 -46.31 -50.05 35.22
CA PHE B 157 -46.86 -49.60 36.49
C PHE B 157 -47.10 -50.76 37.44
N VAL B 158 -47.37 -51.94 36.89
CA VAL B 158 -47.52 -53.16 37.68
C VAL B 158 -47.44 -54.39 36.78
N ASN B 159 -46.76 -55.43 37.25
CA ASN B 159 -46.54 -56.63 36.45
C ASN B 159 -47.85 -57.17 35.88
N THR B 160 -47.92 -57.24 34.56
CA THR B 160 -49.15 -57.61 33.86
C THR B 160 -49.35 -59.11 33.82
N HIS B 161 -48.25 -59.85 33.83
CA HIS B 161 -48.31 -61.29 33.94
C HIS B 161 -47.26 -61.80 34.92
N PRO B 162 -47.48 -62.98 35.49
CA PRO B 162 -48.69 -63.79 35.31
C PRO B 162 -49.64 -63.78 36.50
N ASP B 163 -49.68 -64.85 37.29
CA ASP B 163 -50.73 -65.02 38.30
C ASP B 163 -50.39 -64.36 39.63
N LYS B 164 -49.24 -63.68 39.68
CA LYS B 164 -49.01 -62.70 40.72
C LYS B 164 -49.97 -61.54 40.47
N LEU B 165 -50.49 -61.51 39.24
CA LEU B 165 -51.59 -60.62 38.88
C LEU B 165 -52.86 -61.08 39.61
N ARG B 166 -53.07 -62.40 39.63
CA ARG B 166 -54.18 -62.98 40.37
C ARG B 166 -53.94 -62.83 41.87
N ASN B 167 -52.69 -62.63 42.25
CA ASN B 167 -52.30 -62.57 43.66
C ASN B 167 -51.12 -61.62 43.89
N PRO B 168 -51.36 -60.31 43.78
CA PRO B 168 -50.32 -59.30 43.98
C PRO B 168 -49.84 -59.20 45.42
N CYS B 169 -50.72 -59.49 46.38
CA CYS B 169 -50.39 -59.32 47.79
C CYS B 169 -49.02 -59.89 48.13
N PRO B 170 -48.10 -59.03 48.61
CA PRO B 170 -46.72 -59.39 48.96
C PRO B 170 -46.60 -60.18 50.25
N ASN B 171 -46.27 -61.47 50.13
CA ASN B 171 -45.92 -62.30 51.28
C ASN B 171 -47.11 -62.83 52.08
N LYS B 172 -48.08 -61.97 52.40
CA LYS B 172 -49.21 -62.36 53.21
C LYS B 172 -50.30 -63.01 52.37
N GLU B 173 -50.58 -62.43 51.21
CA GLU B 173 -51.57 -62.98 50.31
C GLU B 173 -52.85 -63.30 51.08
N LYS B 174 -53.42 -62.28 51.72
CA LYS B 174 -54.64 -62.46 52.48
C LYS B 174 -55.85 -62.24 51.58
N GLU B 175 -55.80 -62.80 50.38
CA GLU B 175 -56.89 -62.72 49.43
C GLU B 175 -57.21 -61.28 49.07
N CYS B 176 -56.19 -60.51 48.70
CA CYS B 176 -56.39 -59.13 48.28
C CYS B 176 -56.95 -59.11 46.86
N GLN B 177 -57.75 -58.09 46.57
CA GLN B 177 -58.45 -58.01 45.29
C GLN B 177 -57.49 -57.83 44.13
N PRO B 178 -57.91 -58.22 42.92
CA PRO B 178 -57.06 -58.10 41.73
C PRO B 178 -56.61 -56.66 41.52
N PRO B 179 -55.43 -56.47 40.93
CA PRO B 179 -54.93 -55.13 40.59
C PRO B 179 -55.92 -54.34 39.74
N PHE B 180 -56.29 -53.15 40.20
CA PHE B 180 -57.25 -52.32 39.49
C PHE B 180 -56.75 -50.88 39.40
N ALA B 181 -57.68 -49.94 39.24
CA ALA B 181 -57.32 -48.53 39.10
C ALA B 181 -58.45 -47.62 39.55
N PHE B 182 -59.69 -48.01 39.26
CA PHE B 182 -60.84 -47.24 39.69
C PHE B 182 -62.08 -48.13 39.78
N ARG B 183 -62.57 -48.32 41.00
CA ARG B 183 -63.77 -49.10 41.22
C ARG B 183 -64.76 -48.29 42.04
N HIS B 184 -65.78 -47.76 41.37
CA HIS B 184 -66.82 -46.99 42.04
C HIS B 184 -67.63 -47.92 42.93
N VAL B 185 -67.19 -48.05 44.18
CA VAL B 185 -67.80 -48.99 45.11
C VAL B 185 -69.17 -48.51 45.59
N LEU B 186 -69.24 -47.24 45.98
CA LEU B 186 -70.46 -46.70 46.56
C LEU B 186 -70.92 -45.42 45.88
N LYS B 187 -72.21 -45.35 45.58
CA LYS B 187 -72.80 -44.17 44.98
C LYS B 187 -73.23 -43.20 46.08
N LEU B 188 -73.49 -41.95 45.69
CA LEU B 188 -73.91 -40.93 46.63
C LEU B 188 -75.26 -41.31 47.24
N THR B 189 -75.27 -41.59 48.54
CA THR B 189 -76.49 -42.04 49.22
C THR B 189 -76.71 -41.31 50.54
N ASN B 190 -77.91 -41.43 51.07
CA ASN B 190 -78.26 -40.81 52.35
C ASN B 190 -77.73 -41.62 53.53
N ASN B 191 -77.95 -42.92 53.51
CA ASN B 191 -77.52 -43.80 54.59
C ASN B 191 -76.04 -43.65 54.90
N SER B 192 -75.64 -44.03 56.12
CA SER B 192 -74.26 -43.91 56.55
C SER B 192 -73.68 -45.28 56.92
N ASN B 193 -74.47 -46.09 57.60
CA ASN B 193 -74.02 -47.41 58.03
C ASN B 193 -73.89 -48.37 56.85
N GLN B 194 -74.79 -48.23 55.88
CA GLN B 194 -74.74 -49.05 54.67
C GLN B 194 -73.49 -48.71 53.89
N PHE B 195 -73.03 -47.47 54.04
CA PHE B 195 -71.86 -46.99 53.35
C PHE B 195 -70.58 -47.59 53.94
N GLN B 196 -70.52 -47.61 55.27
CA GLN B 196 -69.36 -48.14 55.97
C GLN B 196 -69.14 -49.61 55.66
N THR B 197 -70.21 -50.38 55.73
CA THR B 197 -70.13 -51.83 55.58
C THR B 197 -69.75 -52.24 54.15
N GLU B 198 -70.15 -51.44 53.18
CA GLU B 198 -69.84 -51.72 51.78
C GLU B 198 -68.38 -51.44 51.47
N VAL B 199 -67.70 -50.78 52.40
CA VAL B 199 -66.30 -50.42 52.22
C VAL B 199 -65.37 -51.51 52.73
N GLY B 200 -65.45 -51.81 54.01
CA GLY B 200 -64.64 -52.85 54.61
C GLY B 200 -64.58 -54.08 53.73
N LYS B 201 -65.68 -54.32 53.01
CA LYS B 201 -65.76 -55.46 52.09
C LYS B 201 -64.45 -55.65 51.34
N GLN B 202 -64.17 -54.74 50.40
CA GLN B 202 -63.01 -54.85 49.54
C GLN B 202 -61.71 -54.70 50.33
N LEU B 203 -60.70 -55.48 49.95
CA LEU B 203 -59.38 -55.38 50.55
C LEU B 203 -58.42 -54.71 49.58
N ILE B 204 -57.18 -54.48 50.02
CA ILE B 204 -56.20 -53.76 49.22
C ILE B 204 -55.81 -54.53 47.95
N SER B 205 -54.82 -53.99 47.24
CA SER B 205 -54.25 -54.65 46.08
C SER B 205 -52.75 -54.40 46.06
N GLY B 206 -52.22 -53.90 44.94
CA GLY B 206 -50.81 -53.61 44.85
C GLY B 206 -50.33 -53.35 43.43
N ASN B 207 -49.16 -52.71 43.32
CA ASN B 207 -48.56 -52.43 42.02
C ASN B 207 -47.04 -52.34 42.12
N LEU B 208 -46.40 -52.12 40.97
CA LEU B 208 -44.94 -52.01 40.93
C LEU B 208 -44.45 -50.59 41.21
N ASP B 209 -44.50 -49.72 40.19
CA ASP B 209 -43.99 -48.36 40.32
C ASP B 209 -44.46 -47.71 41.63
N ALA B 210 -43.58 -46.93 42.24
CA ALA B 210 -43.87 -46.36 43.55
C ALA B 210 -45.03 -45.36 43.52
N PRO B 211 -44.90 -44.29 42.72
CA PRO B 211 -46.03 -43.35 42.64
C PRO B 211 -47.29 -44.02 42.09
N GLU B 212 -48.45 -43.45 42.40
CA GLU B 212 -49.72 -44.01 41.96
C GLU B 212 -50.17 -43.37 40.66
N GLY B 213 -51.24 -43.91 40.08
CA GLY B 213 -51.86 -43.33 38.90
C GLY B 213 -53.22 -42.75 39.24
N GLY B 214 -53.31 -42.12 40.40
CA GLY B 214 -54.57 -41.60 40.91
C GLY B 214 -55.25 -40.60 39.99
N LEU B 215 -54.45 -39.90 39.18
CA LEU B 215 -54.96 -38.84 38.32
C LEU B 215 -56.01 -39.35 37.32
N ASP B 216 -55.77 -40.54 36.78
CA ASP B 216 -56.70 -41.12 35.82
C ASP B 216 -58.06 -41.31 36.47
N ALA B 217 -58.05 -41.70 37.75
CA ALA B 217 -59.28 -41.93 38.49
C ALA B 217 -60.06 -40.63 38.62
N MET B 218 -59.34 -39.53 38.84
CA MET B 218 -59.96 -38.23 39.02
C MET B 218 -60.97 -37.95 37.91
N MET B 219 -60.49 -37.87 36.67
CA MET B 219 -61.34 -37.57 35.54
C MET B 219 -62.53 -38.53 35.47
N GLN B 220 -62.22 -39.83 35.42
CA GLN B 220 -63.25 -40.85 35.29
C GLN B 220 -64.40 -40.65 36.26
N VAL B 221 -64.08 -40.15 37.46
CA VAL B 221 -65.09 -39.85 38.47
C VAL B 221 -66.06 -38.78 37.96
N ALA B 222 -65.54 -37.56 37.87
CA ALA B 222 -66.33 -36.42 37.42
C ALA B 222 -66.34 -36.32 35.90
N ALA B 223 -66.76 -37.39 35.24
CA ALA B 223 -66.75 -37.45 33.78
C ALA B 223 -68.14 -37.74 33.26
N CYS B 224 -68.80 -38.73 33.86
CA CYS B 224 -70.13 -39.13 33.42
C CYS B 224 -70.98 -39.58 34.60
N PRO B 225 -71.51 -38.62 35.37
CA PRO B 225 -72.50 -38.90 36.41
C PRO B 225 -73.82 -39.44 35.86
N GLU B 226 -73.85 -39.73 34.56
CA GLU B 226 -74.99 -40.42 33.97
C GLU B 226 -74.99 -41.88 34.43
N GLU B 227 -73.91 -42.27 35.11
CA GLU B 227 -73.78 -43.62 35.64
C GLU B 227 -73.29 -43.62 37.08
N ILE B 228 -72.81 -42.46 37.55
CA ILE B 228 -72.29 -42.33 38.91
C ILE B 228 -73.22 -41.46 39.77
N GLY B 229 -73.83 -40.47 39.14
CA GLY B 229 -74.78 -39.60 39.81
C GLY B 229 -74.11 -38.58 40.69
N TRP B 230 -74.64 -37.36 40.68
CA TRP B 230 -74.07 -36.26 41.45
C TRP B 230 -75.13 -35.21 41.79
N ARG B 231 -75.04 -34.67 43.00
CA ARG B 231 -75.98 -33.65 43.47
C ARG B 231 -75.81 -32.37 42.66
N ASN B 232 -76.87 -31.57 42.54
CA ASN B 232 -76.84 -30.34 41.77
C ASN B 232 -76.44 -29.14 42.62
N VAL B 233 -75.82 -29.39 43.78
CA VAL B 233 -75.42 -28.33 44.67
C VAL B 233 -73.90 -28.31 44.90
N THR B 234 -73.44 -29.06 45.90
CA THR B 234 -72.02 -29.07 46.26
C THR B 234 -71.38 -30.39 45.87
N ARG B 235 -70.07 -30.36 45.64
CA ARG B 235 -69.33 -31.58 45.30
C ARG B 235 -67.88 -31.45 45.77
N LEU B 236 -67.58 -32.00 46.94
CA LEU B 236 -66.22 -32.00 47.46
C LEU B 236 -65.60 -33.39 47.34
N LEU B 237 -64.36 -33.46 46.87
CA LEU B 237 -63.60 -34.70 46.85
C LEU B 237 -62.42 -34.60 47.81
N VAL B 238 -61.75 -35.73 48.04
CA VAL B 238 -60.60 -35.77 48.94
C VAL B 238 -59.59 -36.82 48.48
N PHE B 239 -58.38 -36.39 48.18
CA PHE B 239 -57.35 -37.30 47.73
C PHE B 239 -56.60 -37.85 48.94
N ALA B 240 -56.36 -39.15 48.93
CA ALA B 240 -55.69 -39.82 50.04
C ALA B 240 -54.76 -40.88 49.49
N THR B 241 -53.47 -40.73 49.76
CA THR B 241 -52.48 -41.68 49.28
C THR B 241 -51.13 -41.38 49.90
N ASP B 242 -50.43 -42.43 50.28
CA ASP B 242 -49.07 -42.30 50.78
C ASP B 242 -48.10 -42.57 49.63
N ASP B 243 -48.41 -42.01 48.47
CA ASP B 243 -47.64 -42.25 47.26
C ASP B 243 -47.76 -41.08 46.28
N GLY B 244 -46.99 -41.16 45.20
CA GLY B 244 -46.97 -40.10 44.20
C GLY B 244 -48.21 -40.05 43.32
N PHE B 245 -48.04 -39.55 42.10
CA PHE B 245 -49.16 -39.34 41.19
C PHE B 245 -48.67 -39.15 39.75
N HIS B 246 -49.12 -40.03 38.85
CA HIS B 246 -48.68 -40.02 37.46
C HIS B 246 -49.58 -39.16 36.59
N PHE B 247 -48.96 -38.34 35.74
CA PHE B 247 -49.70 -37.50 34.81
C PHE B 247 -49.43 -37.89 33.35
N ALA B 248 -50.05 -37.16 32.43
CA ALA B 248 -49.89 -37.42 31.00
C ALA B 248 -48.41 -37.54 30.64
N GLY B 249 -48.15 -38.26 29.56
CA GLY B 249 -46.78 -38.44 29.10
C GLY B 249 -46.20 -39.75 29.59
N ASP B 250 -46.56 -40.13 30.81
CA ASP B 250 -46.05 -41.36 31.41
C ASP B 250 -46.67 -42.57 30.72
N GLY B 251 -47.78 -42.34 30.02
CA GLY B 251 -48.45 -43.40 29.30
C GLY B 251 -47.65 -43.97 28.14
N LYS B 252 -46.75 -43.16 27.59
CA LYS B 252 -45.92 -43.61 26.48
C LYS B 252 -45.11 -44.83 26.88
N LEU B 253 -44.88 -44.99 28.18
CA LEU B 253 -44.14 -46.13 28.70
C LEU B 253 -44.91 -47.42 28.45
N GLY B 254 -46.23 -47.35 28.60
CA GLY B 254 -47.09 -48.50 28.38
C GLY B 254 -47.58 -48.63 26.95
N ALA B 255 -46.81 -48.09 26.00
CA ALA B 255 -47.14 -48.22 24.59
C ALA B 255 -48.51 -47.64 24.27
N ILE B 256 -48.87 -46.56 24.95
CA ILE B 256 -50.14 -45.88 24.69
C ILE B 256 -49.95 -44.38 24.44
N LEU B 257 -50.22 -43.95 23.22
CA LEU B 257 -50.06 -42.54 22.85
C LEU B 257 -51.40 -41.92 22.48
N THR B 258 -52.47 -42.48 23.01
CA THR B 258 -53.80 -41.89 22.85
C THR B 258 -54.12 -41.03 24.07
N PRO B 259 -54.18 -39.70 23.88
CA PRO B 259 -54.35 -38.76 24.99
C PRO B 259 -55.69 -38.87 25.72
N ASN B 260 -55.86 -38.09 26.79
CA ASN B 260 -57.08 -38.14 27.58
C ASN B 260 -58.24 -37.43 26.89
N ASP B 261 -59.34 -38.14 26.71
CA ASP B 261 -60.53 -37.56 26.08
C ASP B 261 -61.34 -36.71 27.06
N GLY B 262 -61.53 -37.20 28.28
CA GLY B 262 -62.19 -36.44 29.32
C GLY B 262 -63.43 -37.10 29.88
N ARG B 263 -63.99 -38.05 29.13
CA ARG B 263 -65.21 -38.74 29.54
C ARG B 263 -64.93 -40.18 29.93
N CYS B 264 -65.56 -40.62 31.01
CA CYS B 264 -65.35 -41.98 31.50
C CYS B 264 -66.32 -42.93 30.81
N HIS B 265 -65.84 -44.14 30.51
CA HIS B 265 -66.64 -45.13 29.81
C HIS B 265 -66.55 -46.49 30.50
N LEU B 266 -67.35 -46.66 31.56
CA LEU B 266 -67.37 -47.89 32.33
C LEU B 266 -68.63 -48.69 32.04
N GLU B 267 -68.58 -49.99 32.28
CA GLU B 267 -69.73 -50.86 32.04
C GLU B 267 -70.18 -51.58 33.30
N ASP B 268 -69.30 -51.61 34.31
CA ASP B 268 -69.60 -52.29 35.56
C ASP B 268 -69.00 -51.52 36.74
N ASN B 269 -69.30 -50.23 36.82
CA ASN B 269 -68.75 -49.37 37.86
C ASN B 269 -67.25 -49.59 38.01
N LEU B 270 -66.61 -49.97 36.91
CA LEU B 270 -65.18 -50.28 36.93
C LEU B 270 -64.55 -50.00 35.58
N TYR B 271 -63.46 -49.22 35.61
CA TYR B 271 -62.75 -48.84 34.41
C TYR B 271 -62.27 -50.04 33.61
N LYS B 272 -62.41 -49.97 32.29
CA LYS B 272 -61.75 -50.91 31.40
C LYS B 272 -61.30 -50.15 30.17
N ARG B 273 -60.95 -48.89 30.37
CA ARG B 273 -60.50 -48.01 29.30
C ARG B 273 -59.12 -47.44 29.60
N SER B 274 -58.77 -47.33 30.88
CA SER B 274 -57.52 -46.72 31.30
C SER B 274 -56.29 -47.37 30.64
N ASN B 275 -56.47 -48.60 30.15
CA ASN B 275 -55.39 -49.30 29.48
C ASN B 275 -55.19 -48.81 28.04
N GLU B 276 -56.30 -48.60 27.35
CA GLU B 276 -56.26 -48.05 25.98
C GLU B 276 -56.46 -46.53 26.02
N PHE B 277 -55.71 -45.87 26.91
CA PHE B 277 -55.96 -44.46 27.20
C PHE B 277 -54.85 -43.88 28.06
N ASP B 278 -54.46 -42.65 27.78
CA ASP B 278 -53.31 -42.02 28.44
C ASP B 278 -53.73 -41.21 29.66
N TYR B 279 -52.76 -40.89 30.50
CA TYR B 279 -53.02 -40.14 31.73
C TYR B 279 -53.54 -38.74 31.46
N PRO B 280 -54.47 -38.27 32.32
CA PRO B 280 -54.93 -36.88 32.28
C PRO B 280 -53.78 -35.91 32.53
N SER B 281 -53.60 -34.94 31.65
CA SER B 281 -52.55 -33.95 31.85
C SER B 281 -52.76 -33.25 33.19
N VAL B 282 -51.70 -32.67 33.73
CA VAL B 282 -51.78 -31.95 34.99
C VAL B 282 -52.85 -30.85 34.94
N GLY B 283 -52.89 -30.11 33.84
CA GLY B 283 -53.80 -29.00 33.71
C GLY B 283 -55.19 -29.38 33.24
N GLN B 284 -55.42 -30.67 33.00
CA GLN B 284 -56.69 -31.12 32.45
C GLN B 284 -57.75 -31.26 33.53
N LEU B 285 -57.39 -30.92 34.77
CA LEU B 285 -58.32 -31.03 35.88
C LEU B 285 -58.81 -29.66 36.33
N ALA B 286 -57.90 -28.76 36.62
CA ALA B 286 -58.27 -27.40 37.02
C ALA B 286 -59.34 -26.85 36.09
N HIS B 287 -59.46 -27.45 34.90
CA HIS B 287 -60.49 -27.08 33.94
C HIS B 287 -61.73 -27.95 34.09
N LYS B 288 -61.64 -29.19 33.63
CA LYS B 288 -62.77 -30.12 33.65
C LYS B 288 -63.33 -30.25 35.07
N LEU B 289 -62.45 -30.48 36.03
CA LEU B 289 -62.81 -30.55 37.44
C LEU B 289 -63.56 -29.31 37.91
N ALA B 290 -62.94 -28.14 37.76
CA ALA B 290 -63.53 -26.89 38.22
C ALA B 290 -64.77 -26.52 37.41
N GLU B 291 -65.02 -27.24 36.32
CA GLU B 291 -66.19 -27.01 35.48
C GLU B 291 -67.42 -27.69 36.07
N ASN B 292 -67.20 -28.85 36.68
CA ASN B 292 -68.28 -29.59 37.32
C ASN B 292 -68.40 -29.24 38.80
N ASN B 293 -67.77 -28.12 39.18
CA ASN B 293 -67.83 -27.62 40.55
C ASN B 293 -67.36 -28.64 41.59
N ILE B 294 -66.28 -29.34 41.26
CA ILE B 294 -65.69 -30.32 42.18
C ILE B 294 -64.31 -29.84 42.64
N GLN B 295 -64.00 -30.06 43.92
CA GLN B 295 -62.74 -29.59 44.48
C GLN B 295 -62.15 -30.56 45.50
N PRO B 296 -61.10 -31.29 45.09
CA PRO B 296 -60.39 -32.23 45.96
C PRO B 296 -59.76 -31.56 47.18
N ILE B 297 -59.46 -32.36 48.20
CA ILE B 297 -58.85 -31.87 49.42
C ILE B 297 -57.62 -32.71 49.75
N PHE B 298 -56.45 -32.21 49.38
CA PHE B 298 -55.22 -32.96 49.56
C PHE B 298 -55.02 -33.37 51.01
N ALA B 299 -54.82 -34.67 51.22
CA ALA B 299 -54.56 -35.22 52.54
C ALA B 299 -53.72 -36.48 52.39
N VAL B 300 -52.42 -36.34 52.61
CA VAL B 300 -51.51 -37.46 52.47
C VAL B 300 -50.44 -37.38 53.55
N THR B 301 -49.38 -38.16 53.39
CA THR B 301 -48.29 -38.21 54.35
C THR B 301 -47.52 -36.88 54.35
N SER B 302 -46.73 -36.65 55.40
CA SER B 302 -45.89 -35.46 55.46
C SER B 302 -44.75 -35.57 54.45
N ARG B 303 -44.55 -36.78 53.93
CA ARG B 303 -43.54 -37.03 52.91
C ARG B 303 -44.04 -36.49 51.57
N MET B 304 -45.36 -36.41 51.42
CA MET B 304 -45.99 -35.93 50.20
C MET B 304 -46.76 -34.64 50.46
N VAL B 305 -46.38 -33.89 51.49
CA VAL B 305 -47.13 -32.70 51.88
C VAL B 305 -46.74 -31.48 51.05
N LYS B 306 -45.44 -31.29 50.84
CA LYS B 306 -44.94 -30.12 50.12
C LYS B 306 -44.85 -30.35 48.62
N THR B 307 -45.29 -31.52 48.16
CA THR B 307 -45.40 -31.79 46.73
C THR B 307 -46.81 -31.48 46.26
N TYR B 308 -47.79 -31.71 47.12
CA TYR B 308 -49.15 -31.31 46.85
C TYR B 308 -49.34 -29.83 47.21
N GLU B 309 -48.35 -29.28 47.92
CA GLU B 309 -48.35 -27.87 48.27
C GLU B 309 -48.15 -27.02 47.02
N LYS B 310 -47.19 -27.41 46.18
CA LYS B 310 -46.95 -26.73 44.92
C LYS B 310 -48.13 -26.93 43.97
N LEU B 311 -48.90 -28.00 44.22
CA LEU B 311 -50.08 -28.29 43.43
C LEU B 311 -51.27 -27.43 43.85
N THR B 312 -51.21 -26.93 45.08
CA THR B 312 -52.25 -26.04 45.60
C THR B 312 -52.18 -24.69 44.88
N GLU B 313 -50.96 -24.24 44.59
CA GLU B 313 -50.73 -22.98 43.91
C GLU B 313 -51.49 -22.94 42.59
N ILE B 314 -51.30 -23.96 41.77
CA ILE B 314 -51.93 -24.05 40.46
C ILE B 314 -53.45 -24.15 40.59
N ILE B 315 -53.95 -25.37 40.80
CA ILE B 315 -55.38 -25.60 40.82
C ILE B 315 -56.07 -24.85 41.97
N PRO B 316 -57.27 -24.30 41.70
CA PRO B 316 -58.00 -23.51 42.69
C PRO B 316 -58.68 -24.37 43.75
N LYS B 317 -59.12 -23.73 44.84
CA LYS B 317 -59.87 -24.40 45.90
C LYS B 317 -59.32 -25.79 46.23
N SER B 318 -58.18 -25.81 46.94
CA SER B 318 -57.56 -27.06 47.33
C SER B 318 -56.66 -26.82 48.54
N ALA B 319 -56.81 -27.67 49.55
CA ALA B 319 -56.05 -27.51 50.80
C ALA B 319 -55.06 -28.66 50.98
N VAL B 320 -54.05 -28.41 51.80
CA VAL B 320 -53.03 -29.41 52.10
C VAL B 320 -53.20 -29.90 53.53
N GLY B 321 -53.17 -31.22 53.72
CA GLY B 321 -53.38 -31.80 55.03
C GLY B 321 -52.38 -32.88 55.38
N GLU B 322 -51.35 -32.51 56.15
CA GLU B 322 -50.36 -33.47 56.61
C GLU B 322 -50.93 -34.30 57.75
N LEU B 323 -50.87 -35.62 57.61
CA LEU B 323 -51.44 -36.52 58.61
C LEU B 323 -50.55 -37.75 58.82
N SER B 324 -50.83 -38.51 59.88
CA SER B 324 -50.08 -39.71 60.18
C SER B 324 -50.40 -40.82 59.19
N GLU B 325 -49.56 -41.85 59.15
CA GLU B 325 -49.69 -42.93 58.18
C GLU B 325 -50.83 -43.88 58.53
N ASP B 326 -51.63 -43.53 59.54
CA ASP B 326 -52.72 -44.40 59.99
C ASP B 326 -54.09 -43.88 59.59
N SER B 327 -54.15 -42.67 59.01
CA SER B 327 -55.40 -42.06 58.59
C SER B 327 -56.41 -42.01 59.74
N SER B 328 -55.92 -41.73 60.94
CA SER B 328 -56.76 -41.63 62.12
C SER B 328 -57.33 -40.22 62.26
N ASN B 329 -56.48 -39.22 62.00
CA ASN B 329 -56.90 -37.83 62.05
C ASN B 329 -57.40 -37.34 60.69
N VAL B 330 -58.19 -38.19 60.02
CA VAL B 330 -58.68 -37.88 58.68
C VAL B 330 -59.92 -37.00 58.72
N VAL B 331 -60.67 -37.08 59.82
CA VAL B 331 -61.91 -36.29 59.94
C VAL B 331 -61.59 -34.85 60.32
N GLN B 332 -60.42 -34.61 60.89
CA GLN B 332 -60.00 -33.25 61.23
C GLN B 332 -59.55 -32.52 59.97
N LEU B 333 -59.43 -33.24 58.87
CA LEU B 333 -59.07 -32.65 57.58
C LEU B 333 -60.13 -31.65 57.16
N ILE B 334 -61.39 -32.01 57.38
CA ILE B 334 -62.51 -31.20 56.90
C ILE B 334 -62.83 -30.04 57.86
N LYS B 335 -62.35 -30.14 59.10
CA LYS B 335 -62.39 -29.01 60.00
C LYS B 335 -61.38 -27.97 59.51
N ASN B 336 -60.44 -28.44 58.70
CA ASN B 336 -59.47 -27.55 58.06
C ASN B 336 -59.84 -27.32 56.60
N ALA B 337 -60.85 -28.02 56.12
CA ALA B 337 -61.35 -27.86 54.75
C ALA B 337 -62.16 -26.58 54.65
N TYR B 338 -63.35 -26.58 55.23
CA TYR B 338 -64.19 -25.39 55.27
C TYR B 338 -63.41 -24.21 55.86
N ASN B 339 -62.36 -24.51 56.62
CA ASN B 339 -61.51 -23.48 57.21
C ASN B 339 -61.00 -22.50 56.17
N LYS B 340 -60.45 -23.01 55.08
CA LYS B 340 -59.90 -22.16 54.03
C LYS B 340 -60.39 -22.59 52.64
N LEU B 341 -61.51 -23.30 52.59
CA LEU B 341 -62.13 -23.69 51.33
C LEU B 341 -63.37 -22.83 51.13
N SER B 342 -64.01 -22.45 52.23
CA SER B 342 -65.08 -21.47 52.21
C SER B 342 -64.48 -20.08 52.45
N SER B 343 -63.14 -20.00 52.49
CA SER B 343 -62.45 -18.73 52.70
C SER B 343 -61.90 -18.18 51.38
N ARG B 344 -61.55 -19.07 50.47
CA ARG B 344 -61.00 -18.65 49.18
C ARG B 344 -62.09 -18.20 48.23
N VAL B 345 -62.46 -16.92 48.33
CA VAL B 345 -63.42 -16.34 47.41
C VAL B 345 -62.74 -16.04 46.08
N PHE B 346 -63.20 -16.68 45.01
CA PHE B 346 -62.59 -16.50 43.70
C PHE B 346 -63.51 -15.70 42.78
N LEU B 347 -62.91 -14.99 41.83
CA LEU B 347 -63.66 -14.09 40.96
C LEU B 347 -62.98 -13.92 39.60
N ASP B 348 -62.78 -15.04 38.90
CA ASP B 348 -62.20 -15.03 37.56
C ASP B 348 -63.30 -14.95 36.51
N HIS B 349 -62.95 -15.20 35.24
CA HIS B 349 -63.92 -15.08 34.15
C HIS B 349 -63.58 -16.00 32.99
N ASN B 350 -64.56 -16.22 32.11
CA ASN B 350 -64.33 -16.99 30.90
C ASN B 350 -63.24 -16.35 30.07
N ALA B 351 -62.44 -17.18 29.40
CA ALA B 351 -61.35 -16.69 28.58
C ALA B 351 -61.85 -15.64 27.58
N LEU B 352 -61.60 -14.37 27.91
CA LEU B 352 -62.03 -13.27 27.06
C LEU B 352 -61.16 -13.15 25.81
N PRO B 353 -61.72 -12.57 24.73
CA PRO B 353 -60.96 -12.32 23.50
C PRO B 353 -59.77 -11.39 23.75
N ASP B 354 -58.73 -11.51 22.94
CA ASP B 354 -57.52 -10.69 23.12
C ASP B 354 -57.82 -9.20 23.03
N THR B 355 -58.94 -8.83 22.42
CA THR B 355 -59.31 -7.43 22.24
C THR B 355 -59.79 -6.78 23.54
N LEU B 356 -59.65 -7.49 24.65
CA LEU B 356 -60.08 -6.99 25.94
C LEU B 356 -59.09 -7.35 27.04
N LYS B 357 -59.12 -6.57 28.13
CA LYS B 357 -58.25 -6.81 29.27
C LYS B 357 -59.02 -6.50 30.54
N VAL B 358 -59.02 -7.44 31.48
CA VAL B 358 -59.79 -7.30 32.70
C VAL B 358 -58.92 -7.36 33.94
N THR B 359 -59.29 -6.56 34.94
CA THR B 359 -58.59 -6.58 36.22
C THR B 359 -59.61 -6.53 37.35
N TYR B 360 -59.11 -6.53 38.59
CA TYR B 360 -59.99 -6.49 39.76
C TYR B 360 -59.32 -5.72 40.90
N ASP B 361 -60.07 -5.50 41.98
CA ASP B 361 -59.52 -4.96 43.22
C ASP B 361 -59.93 -5.85 44.38
N SER B 362 -59.39 -5.61 45.56
CA SER B 362 -59.69 -6.44 46.71
C SER B 362 -59.70 -5.67 48.04
N PHE B 363 -60.83 -5.77 48.74
CA PHE B 363 -60.98 -5.17 50.06
C PHE B 363 -61.42 -6.23 51.06
N CYS B 364 -60.49 -7.10 51.45
CA CYS B 364 -60.81 -8.17 52.38
C CYS B 364 -61.33 -7.59 53.69
N SER B 365 -62.01 -8.42 54.48
CA SER B 365 -62.65 -7.96 55.71
C SER B 365 -61.64 -7.60 56.80
N ASN B 366 -60.59 -8.41 56.93
CA ASN B 366 -59.59 -8.20 57.98
C ASN B 366 -58.38 -7.38 57.56
N GLY B 367 -58.59 -6.07 57.41
CA GLY B 367 -57.50 -5.12 57.28
C GLY B 367 -57.00 -4.87 55.86
N VAL B 368 -57.02 -5.91 55.03
CA VAL B 368 -56.38 -5.83 53.72
C VAL B 368 -57.00 -4.76 52.82
N THR B 369 -56.14 -3.90 52.27
CA THR B 369 -56.56 -2.88 51.32
C THR B 369 -55.81 -3.08 50.00
N HIS B 370 -56.13 -4.16 49.30
CA HIS B 370 -55.47 -4.48 48.03
C HIS B 370 -56.01 -3.61 46.89
N ARG B 371 -55.26 -3.54 45.80
CA ARG B 371 -55.66 -2.76 44.63
C ARG B 371 -55.02 -3.29 43.35
N ASN B 372 -55.84 -3.48 42.32
CA ASN B 372 -55.36 -3.81 40.98
C ASN B 372 -54.65 -5.17 40.89
N GLN B 373 -55.43 -6.19 40.54
CA GLN B 373 -54.91 -7.54 40.29
C GLN B 373 -56.08 -8.49 40.00
N PRO B 374 -55.87 -9.48 39.12
CA PRO B 374 -56.88 -10.49 38.79
C PRO B 374 -57.32 -11.30 40.01
N ARG B 375 -58.19 -12.29 39.82
CA ARG B 375 -58.65 -13.14 40.91
C ARG B 375 -59.42 -12.34 41.96
N GLY B 376 -59.65 -12.95 43.12
CA GLY B 376 -60.27 -12.28 44.24
C GLY B 376 -59.81 -12.91 45.55
N ASP B 377 -58.55 -13.32 45.57
CA ASP B 377 -57.99 -14.07 46.70
C ASP B 377 -58.11 -13.29 48.01
N CYS B 378 -59.11 -13.66 48.81
CA CYS B 378 -59.26 -13.11 50.15
C CYS B 378 -59.46 -14.25 51.14
N ASP B 379 -58.35 -14.74 51.69
CA ASP B 379 -58.39 -15.87 52.61
C ASP B 379 -58.65 -15.40 54.04
N GLY B 380 -59.58 -14.46 54.19
CA GLY B 380 -59.92 -13.91 55.48
C GLY B 380 -61.39 -13.55 55.58
N VAL B 381 -62.23 -14.34 54.94
CA VAL B 381 -63.68 -14.16 55.00
C VAL B 381 -64.36 -15.52 54.96
N GLN B 382 -65.46 -15.66 55.70
CA GLN B 382 -66.03 -16.98 55.95
C GLN B 382 -67.55 -17.05 55.76
N ILE B 383 -68.28 -16.68 56.81
CA ILE B 383 -69.71 -16.92 56.86
C ILE B 383 -70.53 -15.75 56.34
N ASN B 384 -70.78 -14.77 57.19
CA ASN B 384 -71.66 -13.66 56.84
C ASN B 384 -70.99 -12.30 56.96
N VAL B 385 -69.94 -12.09 56.17
CA VAL B 385 -69.26 -10.80 56.12
C VAL B 385 -68.92 -10.45 54.68
N PRO B 386 -69.69 -9.53 54.08
CA PRO B 386 -69.52 -9.15 52.67
C PRO B 386 -68.08 -8.76 52.32
N ILE B 387 -67.81 -8.67 51.02
CA ILE B 387 -66.49 -8.29 50.52
C ILE B 387 -66.66 -7.32 49.35
N THR B 388 -65.54 -6.85 48.78
CA THR B 388 -65.60 -5.86 47.73
C THR B 388 -64.57 -6.09 46.61
N PHE B 389 -65.06 -6.35 45.41
CA PHE B 389 -64.20 -6.45 44.24
C PHE B 389 -64.58 -5.37 43.23
N GLN B 390 -63.62 -4.53 42.86
CA GLN B 390 -63.86 -3.50 41.86
C GLN B 390 -63.37 -3.96 40.50
N VAL B 391 -64.30 -4.42 39.67
CA VAL B 391 -63.97 -4.93 38.34
C VAL B 391 -63.81 -3.78 37.35
N LYS B 392 -62.62 -3.67 36.76
CA LYS B 392 -62.34 -2.63 35.79
C LYS B 392 -62.07 -3.22 34.41
N VAL B 393 -63.02 -3.07 33.51
CA VAL B 393 -62.90 -3.60 32.16
C VAL B 393 -62.51 -2.51 31.17
N THR B 394 -61.42 -2.73 30.45
CA THR B 394 -60.95 -1.79 29.45
C THR B 394 -60.80 -2.48 28.10
N ALA B 395 -60.94 -1.71 27.02
CA ALA B 395 -60.77 -2.23 25.68
C ALA B 395 -59.63 -1.50 24.98
N THR B 396 -59.16 -2.06 23.87
CA THR B 396 -58.07 -1.44 23.13
C THR B 396 -58.60 -0.73 21.87
N GLU B 397 -59.62 -1.33 21.27
CA GLU B 397 -60.26 -0.75 20.09
C GLU B 397 -61.78 -0.76 20.25
N CYS B 398 -62.48 -0.31 19.21
CA CYS B 398 -63.94 -0.36 19.22
C CYS B 398 -64.40 -1.78 18.96
N ILE B 399 -64.53 -2.54 20.05
CA ILE B 399 -64.97 -3.92 20.00
C ILE B 399 -66.31 -4.10 19.29
N GLN B 400 -66.63 -5.34 18.95
CA GLN B 400 -67.96 -5.64 18.44
C GLN B 400 -68.81 -6.13 19.59
N GLU B 401 -70.10 -5.83 19.56
CA GLU B 401 -70.98 -6.18 20.67
C GLU B 401 -70.90 -7.67 20.98
N GLN B 402 -70.54 -7.98 22.22
CA GLN B 402 -70.42 -9.35 22.66
C GLN B 402 -70.77 -9.47 24.14
N SER B 403 -70.54 -10.64 24.73
CA SER B 403 -70.88 -10.87 26.12
C SER B 403 -70.04 -11.99 26.73
N PHE B 404 -69.58 -11.78 27.96
CA PHE B 404 -68.83 -12.79 28.69
C PHE B 404 -69.43 -13.00 30.07
N VAL B 405 -68.74 -13.75 30.93
CA VAL B 405 -69.23 -14.02 32.27
C VAL B 405 -68.12 -13.98 33.31
N ILE B 406 -68.46 -13.50 34.50
CA ILE B 406 -67.53 -13.48 35.62
C ILE B 406 -68.06 -14.38 36.74
N ARG B 407 -67.53 -15.60 36.79
CA ARG B 407 -67.97 -16.57 37.79
C ARG B 407 -67.04 -16.59 38.99
N ALA B 408 -67.52 -17.18 40.09
CA ALA B 408 -66.66 -17.48 41.23
C ALA B 408 -66.26 -18.94 41.14
N LEU B 409 -64.97 -19.20 40.99
CA LEU B 409 -64.49 -20.56 40.84
C LEU B 409 -65.08 -21.45 41.94
N GLY B 410 -65.76 -22.52 41.53
CA GLY B 410 -66.36 -23.44 42.48
C GLY B 410 -67.77 -23.04 42.86
N PHE B 411 -68.45 -22.32 41.96
CA PHE B 411 -69.80 -21.85 42.21
C PHE B 411 -70.59 -21.83 40.92
N THR B 412 -71.89 -22.14 41.01
CA THR B 412 -72.73 -22.24 39.82
C THR B 412 -73.31 -20.89 39.42
N ASP B 413 -73.06 -19.86 40.23
CA ASP B 413 -73.63 -18.53 39.97
C ASP B 413 -72.97 -17.84 38.78
N ILE B 414 -73.63 -17.90 37.63
CA ILE B 414 -73.16 -17.22 36.43
C ILE B 414 -73.62 -15.77 36.40
N VAL B 415 -72.68 -14.84 36.23
CA VAL B 415 -73.03 -13.43 36.07
C VAL B 415 -72.83 -13.01 34.62
N THR B 416 -73.92 -12.92 33.87
CA THR B 416 -73.86 -12.55 32.46
C THR B 416 -73.57 -11.06 32.30
N VAL B 417 -72.29 -10.74 32.13
CA VAL B 417 -71.87 -9.35 31.94
C VAL B 417 -71.89 -8.99 30.46
N GLN B 418 -72.85 -8.18 30.07
CA GLN B 418 -72.99 -7.74 28.68
C GLN B 418 -71.98 -6.64 28.38
N VAL B 419 -71.54 -6.58 27.12
CA VAL B 419 -70.55 -5.57 26.71
C VAL B 419 -70.99 -4.87 25.44
N LEU B 420 -71.04 -3.54 25.49
CA LEU B 420 -71.49 -2.74 24.37
C LEU B 420 -70.40 -1.77 23.92
N PRO B 421 -69.93 -1.93 22.67
CA PRO B 421 -68.95 -1.02 22.05
C PRO B 421 -69.46 0.41 22.01
N GLN B 422 -69.03 1.25 22.95
CA GLN B 422 -69.47 2.64 22.99
C GLN B 422 -68.49 3.57 22.29
N CYS B 423 -68.80 3.91 21.04
CA CYS B 423 -68.03 4.92 20.33
C CYS B 423 -68.75 5.48 19.10
N GLU B 424 -69.89 6.12 19.31
CA GLU B 424 -70.43 7.10 18.37
C GLU B 424 -70.80 8.30 19.21
N CYS B 425 -70.91 9.45 18.56
CA CYS B 425 -71.25 10.66 19.29
C CYS B 425 -72.24 11.48 18.46
N ARG B 426 -73.08 12.26 19.14
CA ARG B 426 -74.46 12.40 18.72
C ARG B 426 -75.03 13.81 18.91
N CYS B 427 -75.03 14.60 17.84
CA CYS B 427 -75.53 15.98 17.92
C CYS B 427 -76.77 16.23 17.06
N ARG B 428 -76.61 16.13 15.76
CA ARG B 428 -77.60 16.66 14.83
C ARG B 428 -77.71 15.88 13.53
N ASP B 429 -78.41 16.45 12.55
CA ASP B 429 -78.68 15.78 11.29
C ASP B 429 -78.66 16.73 10.09
N GLN B 430 -78.98 16.20 8.91
CA GLN B 430 -78.87 16.96 7.67
C GLN B 430 -80.18 17.68 7.30
N SER B 431 -81.05 17.85 8.28
CA SER B 431 -82.25 18.67 8.06
C SER B 431 -81.91 20.10 8.47
N ARG B 432 -80.95 20.22 9.38
CA ARG B 432 -80.48 21.52 9.83
C ARG B 432 -79.23 21.93 9.06
N ASP B 433 -79.38 22.97 8.23
CA ASP B 433 -78.29 23.51 7.43
C ASP B 433 -77.91 22.63 6.24
N ARG B 434 -78.79 22.55 5.25
CA ARG B 434 -78.42 22.00 3.96
C ARG B 434 -77.80 23.14 3.13
N SER B 435 -77.68 24.31 3.75
CA SER B 435 -77.09 25.48 3.11
C SER B 435 -75.57 25.42 3.15
N LEU B 436 -74.99 25.61 4.33
CA LEU B 436 -73.55 25.48 4.49
C LEU B 436 -73.12 24.12 3.96
N CYS B 437 -71.83 23.96 3.67
CA CYS B 437 -71.36 22.79 2.94
C CYS B 437 -71.94 22.83 1.54
N HIS B 438 -72.35 24.03 1.13
CA HIS B 438 -72.91 24.28 -0.20
C HIS B 438 -73.74 23.12 -0.75
N GLY B 439 -74.59 22.55 0.10
CA GLY B 439 -75.56 21.57 -0.32
C GLY B 439 -75.02 20.16 -0.55
N LYS B 440 -73.72 20.06 -0.84
CA LYS B 440 -73.12 18.76 -1.14
C LYS B 440 -72.39 18.19 0.06
N GLY B 441 -73.13 18.04 1.16
CA GLY B 441 -72.57 17.50 2.39
C GLY B 441 -73.49 17.77 3.56
N PHE B 442 -73.30 17.03 4.64
CA PHE B 442 -74.12 17.17 5.84
C PHE B 442 -73.30 17.79 6.96
N LEU B 443 -73.97 18.10 8.07
CA LEU B 443 -73.31 18.73 9.21
C LEU B 443 -73.41 17.85 10.44
N GLU B 444 -72.33 17.80 11.21
CA GLU B 444 -72.28 17.02 12.43
C GLU B 444 -71.43 17.72 13.47
N CYS B 445 -72.07 18.33 14.45
CA CYS B 445 -71.35 19.02 15.52
C CYS B 445 -70.40 20.03 14.92
N GLY B 446 -70.93 20.99 14.19
CA GLY B 446 -70.13 22.04 13.58
C GLY B 446 -69.65 21.70 12.19
N ILE B 447 -68.46 21.12 12.10
CA ILE B 447 -67.85 20.79 10.82
C ILE B 447 -68.82 20.06 9.91
N CYS B 448 -68.48 20.03 8.62
CA CYS B 448 -69.32 19.38 7.62
C CYS B 448 -68.57 18.24 6.96
N ARG B 449 -69.16 17.05 6.99
CA ARG B 449 -68.58 15.89 6.32
C ARG B 449 -69.13 15.80 4.91
N CYS B 450 -68.28 16.14 3.94
CA CYS B 450 -68.69 16.22 2.54
C CYS B 450 -68.86 14.83 1.94
N ASP B 451 -69.23 14.79 0.66
CA ASP B 451 -69.45 13.52 -0.04
C ASP B 451 -68.13 12.90 -0.50
N THR B 452 -68.21 11.90 -1.37
CA THR B 452 -67.02 11.25 -1.87
C THR B 452 -66.19 12.19 -2.75
N GLY B 453 -66.87 13.05 -3.51
CA GLY B 453 -66.20 13.90 -4.47
C GLY B 453 -65.94 15.33 -4.00
N TYR B 454 -66.61 15.73 -2.94
CA TYR B 454 -66.42 17.07 -2.40
C TYR B 454 -65.58 17.03 -1.12
N ILE B 455 -64.74 18.04 -0.96
CA ILE B 455 -63.88 18.15 0.21
C ILE B 455 -63.77 19.60 0.60
N GLY B 456 -63.39 19.84 1.85
CA GLY B 456 -63.22 21.19 2.35
C GLY B 456 -64.02 21.38 3.62
N LYS B 457 -63.67 22.41 4.38
CA LYS B 457 -64.34 22.67 5.66
C LYS B 457 -65.75 23.20 5.45
N ASN B 458 -66.14 23.36 4.19
CA ASN B 458 -67.50 23.73 3.85
C ASN B 458 -67.91 23.12 2.51
N CYS B 459 -67.38 21.93 2.23
CA CYS B 459 -67.70 21.19 1.02
C CYS B 459 -67.69 22.09 -0.22
N GLU B 460 -66.81 23.09 -0.20
CA GLU B 460 -66.74 24.06 -1.28
C GLU B 460 -65.82 23.56 -2.40
N CYS B 461 -64.87 22.71 -2.03
CA CYS B 461 -63.80 22.29 -2.93
C CYS B 461 -64.04 20.88 -3.49
N GLN B 462 -63.41 20.53 -4.61
CA GLN B 462 -63.53 19.16 -5.16
C GLN B 462 -62.15 18.53 -5.34
N THR B 463 -62.09 17.20 -5.43
CA THR B 463 -60.81 16.51 -5.56
C THR B 463 -60.23 16.54 -6.97
N GLN B 464 -60.83 17.30 -7.87
CA GLN B 464 -60.23 17.55 -9.17
C GLN B 464 -60.15 19.03 -9.59
N GLY B 465 -59.25 19.77 -8.94
CA GLY B 465 -58.69 20.96 -9.53
C GLY B 465 -58.79 22.22 -8.70
N ARG B 466 -57.76 22.45 -7.87
CA ARG B 466 -57.78 23.57 -6.96
C ARG B 466 -56.39 24.03 -6.52
N SER B 467 -56.25 25.32 -6.29
CA SER B 467 -55.09 25.89 -5.60
C SER B 467 -55.13 27.41 -5.69
N SER B 468 -54.80 28.07 -4.58
CA SER B 468 -54.80 29.52 -4.52
C SER B 468 -53.44 30.03 -4.02
N GLN B 469 -53.31 31.34 -3.92
CA GLN B 469 -52.05 31.95 -3.49
C GLN B 469 -51.81 31.75 -2.00
N GLU B 470 -52.47 32.56 -1.17
CA GLU B 470 -52.23 32.53 0.27
C GLU B 470 -53.14 31.55 1.01
N LEU B 471 -53.86 30.71 0.27
CA LEU B 471 -54.54 29.57 0.88
C LEU B 471 -53.45 28.66 1.42
N GLU B 472 -52.26 28.79 0.85
CA GLU B 472 -51.09 28.05 1.30
C GLU B 472 -50.53 28.63 2.59
N GLY B 473 -51.34 29.43 3.29
CA GLY B 473 -50.91 30.09 4.51
C GLY B 473 -50.77 29.12 5.67
N SER B 474 -51.89 28.57 6.12
CA SER B 474 -51.86 27.55 7.17
C SER B 474 -51.53 26.20 6.53
N CYS B 475 -51.10 26.22 5.28
CA CYS B 475 -50.76 24.99 4.55
C CYS B 475 -49.30 24.60 4.75
N ARG B 476 -48.52 25.51 5.34
CA ARG B 476 -47.14 25.21 5.71
C ARG B 476 -46.91 25.64 7.16
N LYS B 477 -46.28 24.78 7.95
CA LYS B 477 -46.13 25.04 9.38
C LYS B 477 -45.52 26.40 9.66
N ASP B 478 -44.47 26.74 8.92
CA ASP B 478 -43.78 28.03 9.11
C ASP B 478 -43.36 28.62 7.77
N ASN B 479 -42.84 29.84 7.81
CA ASN B 479 -42.44 30.55 6.61
C ASN B 479 -41.30 29.85 5.86
N ASN B 480 -40.46 29.13 6.59
CA ASN B 480 -39.34 28.42 5.99
C ASN B 480 -39.57 26.91 5.90
N SER B 481 -40.83 26.53 5.67
CA SER B 481 -41.20 25.13 5.51
C SER B 481 -41.82 24.89 4.16
N ILE B 482 -41.48 23.77 3.53
CA ILE B 482 -42.08 23.41 2.25
C ILE B 482 -43.56 23.13 2.44
N ILE B 483 -44.35 23.38 1.41
CA ILE B 483 -45.80 23.23 1.47
C ILE B 483 -46.20 21.78 1.76
N CYS B 484 -47.11 21.60 2.71
CA CYS B 484 -47.57 20.28 3.09
C CYS B 484 -46.43 19.34 3.46
N SER B 485 -45.31 19.93 3.88
CA SER B 485 -44.15 19.13 4.25
C SER B 485 -43.89 18.03 3.22
N GLY B 486 -44.14 18.35 1.96
CA GLY B 486 -44.08 17.36 0.89
C GLY B 486 -44.97 16.17 1.23
N LEU B 487 -45.11 15.23 0.30
CA LEU B 487 -45.93 14.07 0.58
C LEU B 487 -47.35 14.51 0.91
N GLY B 488 -47.78 15.61 0.30
CA GLY B 488 -49.11 16.12 0.51
C GLY B 488 -49.37 17.32 -0.39
N ASP B 489 -50.48 17.27 -1.12
CA ASP B 489 -50.85 18.39 -1.99
C ASP B 489 -51.96 19.25 -1.37
N CYS B 490 -51.67 20.54 -1.20
CA CYS B 490 -52.55 21.46 -0.51
C CYS B 490 -53.77 21.81 -1.34
N VAL B 491 -54.93 21.79 -0.71
CA VAL B 491 -56.17 22.19 -1.35
C VAL B 491 -57.08 22.91 -0.35
N CYS B 492 -57.45 24.14 -0.69
CA CYS B 492 -58.31 24.94 0.16
C CYS B 492 -57.75 25.15 1.56
N GLY B 493 -56.52 25.64 1.60
CA GLY B 493 -55.88 26.00 2.85
C GLY B 493 -55.18 24.83 3.52
N GLN B 494 -55.88 23.71 3.58
CA GLN B 494 -55.39 22.52 4.26
C GLN B 494 -54.59 21.63 3.31
N CYS B 495 -54.07 20.52 3.83
CA CYS B 495 -53.32 19.57 3.03
C CYS B 495 -54.03 18.23 2.96
N LEU B 496 -53.87 17.53 1.84
CA LEU B 496 -54.31 16.15 1.72
C LEU B 496 -53.10 15.25 1.55
N CYS B 497 -52.62 14.72 2.67
CA CYS B 497 -51.46 13.84 2.65
C CYS B 497 -51.65 12.75 1.63
N HIS B 498 -50.60 12.48 0.84
CA HIS B 498 -50.65 11.44 -0.16
C HIS B 498 -50.76 10.06 0.50
N THR B 499 -51.06 9.05 -0.30
CA THR B 499 -51.25 7.71 0.20
C THR B 499 -50.17 6.76 -0.34
N SER B 500 -49.72 5.84 0.51
CA SER B 500 -48.75 4.84 0.08
C SER B 500 -49.33 3.45 0.30
N ASP B 501 -49.33 2.65 -0.76
CA ASP B 501 -49.79 1.27 -0.66
C ASP B 501 -48.66 0.37 -0.18
N VAL B 502 -48.03 0.77 0.92
CA VAL B 502 -46.98 0.00 1.55
C VAL B 502 -47.42 -0.34 2.96
N PRO B 503 -47.34 -1.63 3.33
CA PRO B 503 -47.78 -2.08 4.65
C PRO B 503 -47.34 -1.13 5.76
N GLY B 504 -48.30 -0.59 6.50
CA GLY B 504 -47.99 0.26 7.64
C GLY B 504 -47.88 1.73 7.30
N LYS B 505 -47.16 2.02 6.21
CA LYS B 505 -46.96 3.39 5.76
C LYS B 505 -48.28 4.16 5.76
N LEU B 506 -48.26 5.35 6.36
CA LEU B 506 -49.42 6.23 6.37
C LEU B 506 -49.02 7.62 6.83
N ILE B 507 -49.24 8.61 5.97
CA ILE B 507 -48.95 10.00 6.30
C ILE B 507 -50.19 10.63 6.91
N TYR B 508 -50.01 11.70 7.67
CA TYR B 508 -51.13 12.40 8.28
C TYR B 508 -50.65 13.67 8.99
N GLY B 509 -51.60 14.55 9.28
CA GLY B 509 -51.29 15.81 9.95
C GLY B 509 -51.74 16.98 9.11
N GLN B 510 -51.80 18.16 9.72
CA GLN B 510 -52.19 19.38 9.01
C GLN B 510 -51.28 19.59 7.82
N TYR B 511 -49.96 19.47 8.05
CA TYR B 511 -48.96 19.70 7.02
C TYR B 511 -48.32 18.38 6.59
N CYS B 512 -49.01 17.27 6.86
CA CYS B 512 -48.53 15.93 6.47
C CYS B 512 -47.10 15.69 6.93
N GLU B 513 -46.88 15.88 8.24
CA GLU B 513 -45.54 15.74 8.79
C GLU B 513 -45.34 14.39 9.46
N CYS B 514 -46.43 13.77 9.91
CA CYS B 514 -46.34 12.55 10.70
C CYS B 514 -46.69 11.30 9.91
N ASP B 515 -46.03 10.20 10.25
CA ASP B 515 -46.31 8.90 9.65
C ASP B 515 -46.38 7.84 10.74
N THR B 516 -46.81 6.64 10.37
CA THR B 516 -46.88 5.55 11.32
C THR B 516 -45.92 4.43 10.94
N ILE B 517 -44.67 4.80 10.67
CA ILE B 517 -43.65 3.84 10.25
C ILE B 517 -42.25 4.25 10.67
N ASN B 518 -42.02 5.56 10.78
CA ASN B 518 -40.70 6.06 11.08
C ASN B 518 -40.51 6.39 12.56
N CYS B 519 -40.38 5.34 13.37
CA CYS B 519 -40.16 5.50 14.79
C CYS B 519 -38.93 4.69 15.21
N GLU B 520 -38.83 4.38 16.49
CA GLU B 520 -37.72 3.56 16.98
C GLU B 520 -38.09 2.08 16.92
N ARG B 521 -37.16 1.26 16.41
CA ARG B 521 -37.42 -0.17 16.22
C ARG B 521 -37.15 -0.98 17.49
N TYR B 522 -37.30 -2.30 17.36
CA TYR B 522 -37.05 -3.23 18.44
C TYR B 522 -37.25 -4.65 17.92
N ASN B 523 -36.21 -5.48 18.06
CA ASN B 523 -36.27 -6.85 17.57
C ASN B 523 -36.72 -6.89 16.11
N GLY B 524 -36.13 -6.03 15.30
CA GLY B 524 -36.44 -5.97 13.89
C GLY B 524 -37.93 -5.77 13.63
N GLN B 525 -38.56 -4.97 14.48
CA GLN B 525 -39.97 -4.65 14.32
C GLN B 525 -40.26 -3.21 14.73
N VAL B 526 -41.23 -2.60 14.04
CA VAL B 526 -41.57 -1.20 14.28
C VAL B 526 -42.20 -1.01 15.65
N CYS B 527 -41.52 -0.24 16.50
CA CYS B 527 -42.00 0.05 17.86
C CYS B 527 -42.23 -1.23 18.66
N GLY B 528 -41.74 -2.35 18.14
CA GLY B 528 -41.94 -3.63 18.80
C GLY B 528 -43.06 -4.45 18.18
N GLY B 529 -43.18 -4.39 16.86
CA GLY B 529 -44.21 -5.11 16.15
C GLY B 529 -45.60 -4.75 16.63
N PRO B 530 -46.64 -5.30 15.98
CA PRO B 530 -48.02 -4.96 16.34
C PRO B 530 -48.38 -5.43 17.75
N GLY B 531 -47.63 -6.41 18.25
CA GLY B 531 -47.89 -6.96 19.56
C GLY B 531 -47.60 -5.97 20.67
N ARG B 532 -46.33 -5.63 20.83
CA ARG B 532 -45.89 -4.80 21.96
C ARG B 532 -46.51 -3.40 21.93
N GLY B 533 -46.14 -2.60 20.93
CA GLY B 533 -46.63 -1.23 20.84
C GLY B 533 -46.99 -0.80 19.44
N LEU B 534 -47.10 0.51 19.24
CA LEU B 534 -47.41 1.06 17.92
C LEU B 534 -46.65 2.35 17.64
N CYS B 535 -46.70 2.80 16.40
CA CYS B 535 -45.93 3.97 15.95
C CYS B 535 -46.83 5.16 15.63
N PHE B 536 -46.44 6.33 16.11
CA PHE B 536 -47.18 7.56 15.86
C PHE B 536 -46.27 8.78 15.88
N CYS B 537 -45.82 9.21 14.71
CA CYS B 537 -45.01 10.40 14.58
C CYS B 537 -43.74 10.32 15.44
N GLY B 538 -42.94 9.29 15.21
CA GLY B 538 -41.66 9.15 15.88
C GLY B 538 -41.73 8.40 17.19
N LYS B 539 -42.59 8.86 18.10
CA LYS B 539 -42.73 8.23 19.41
C LYS B 539 -43.61 6.98 19.33
N CYS B 540 -43.27 5.99 20.15
CA CYS B 540 -44.02 4.74 20.20
C CYS B 540 -44.99 4.75 21.38
N ARG B 541 -46.26 4.51 21.08
CA ARG B 541 -47.26 4.36 22.13
C ARG B 541 -47.44 2.88 22.45
N CYS B 542 -46.64 2.39 23.39
CA CYS B 542 -46.65 0.99 23.75
C CYS B 542 -47.97 0.57 24.37
N HIS B 543 -48.44 -0.63 24.02
CA HIS B 543 -49.64 -1.18 24.62
C HIS B 543 -49.49 -1.21 26.14
N PRO B 544 -50.60 -1.45 26.85
CA PRO B 544 -50.58 -1.56 28.30
C PRO B 544 -49.62 -2.63 28.77
N GLY B 545 -48.87 -2.35 29.83
CA GLY B 545 -47.92 -3.31 30.37
C GLY B 545 -46.57 -3.26 29.68
N PHE B 546 -46.41 -2.28 28.79
CA PHE B 546 -45.16 -2.11 28.05
C PHE B 546 -44.76 -0.65 28.06
N GLU B 547 -43.53 -0.39 28.46
CA GLU B 547 -43.00 0.97 28.47
C GLU B 547 -41.67 1.00 27.72
N GLY B 548 -41.08 2.19 27.60
CA GLY B 548 -39.80 2.35 26.96
C GLY B 548 -39.86 3.17 25.69
N SER B 549 -38.69 3.51 25.17
CA SER B 549 -38.59 4.34 23.96
C SER B 549 -39.32 3.67 22.80
N ALA B 550 -39.11 2.37 22.64
CA ALA B 550 -39.76 1.59 21.60
C ALA B 550 -40.30 0.29 22.18
N CYS B 551 -40.78 0.34 23.41
CA CYS B 551 -41.23 -0.85 24.11
C CYS B 551 -40.02 -1.72 24.38
N GLN B 552 -38.87 -1.08 24.55
CA GLN B 552 -37.60 -1.76 24.76
C GLN B 552 -37.58 -2.46 26.11
N CYS B 553 -37.90 -1.73 27.17
CA CYS B 553 -38.16 -2.34 28.45
C CYS B 553 -39.58 -2.91 28.40
N GLU B 554 -39.71 -4.01 27.66
CA GLU B 554 -41.00 -4.50 27.21
C GLU B 554 -42.05 -4.66 28.31
N ARG B 555 -41.66 -5.23 29.45
CA ARG B 555 -42.65 -5.56 30.48
C ARG B 555 -42.47 -4.76 31.76
N THR B 556 -43.59 -4.34 32.34
CA THR B 556 -43.59 -3.67 33.63
C THR B 556 -43.62 -4.70 34.75
N THR B 557 -43.69 -5.98 34.37
CA THR B 557 -43.70 -7.07 35.32
C THR B 557 -42.33 -7.20 35.99
N GLU B 558 -42.12 -8.31 36.69
CA GLU B 558 -40.83 -8.59 37.31
C GLU B 558 -40.53 -10.08 37.29
N GLY B 559 -39.92 -10.52 36.19
CA GLY B 559 -39.40 -11.87 36.11
C GLY B 559 -38.07 -11.95 36.83
N CYS B 560 -37.63 -10.79 37.34
CA CYS B 560 -36.41 -10.70 38.13
C CYS B 560 -36.59 -11.35 39.49
N LEU B 561 -37.83 -11.71 39.81
CA LEU B 561 -38.14 -12.34 41.09
C LEU B 561 -37.87 -13.83 41.03
N ASN B 562 -37.27 -14.35 42.09
CA ASN B 562 -37.02 -15.78 42.22
C ASN B 562 -38.17 -16.42 43.01
N PRO B 563 -38.03 -17.71 43.37
CA PRO B 563 -39.02 -18.28 44.28
C PRO B 563 -39.04 -17.55 45.62
N ARG B 564 -37.90 -17.00 46.04
CA ARG B 564 -37.84 -16.22 47.27
C ARG B 564 -38.74 -14.99 47.15
N ARG B 565 -39.07 -14.63 45.93
CA ARG B 565 -39.90 -13.46 45.64
C ARG B 565 -39.24 -12.19 46.17
N VAL B 566 -37.92 -12.16 46.07
CA VAL B 566 -37.16 -10.94 46.30
C VAL B 566 -36.34 -10.66 45.03
N GLU B 567 -36.45 -9.44 44.52
CA GLU B 567 -35.86 -9.11 43.23
C GLU B 567 -34.35 -9.30 43.22
N CYS B 568 -33.87 -10.08 42.27
CA CYS B 568 -32.45 -10.19 41.98
C CYS B 568 -31.63 -10.54 43.22
N SER B 569 -32.22 -11.32 44.13
CA SER B 569 -31.53 -11.77 45.33
C SER B 569 -30.71 -10.66 45.99
N GLY B 570 -29.40 -10.77 45.92
CA GLY B 570 -28.53 -9.89 46.68
C GLY B 570 -28.56 -8.45 46.23
N ARG B 571 -27.99 -8.18 45.07
CA ARG B 571 -27.92 -6.83 44.52
C ARG B 571 -28.29 -6.85 43.05
N GLY B 572 -28.85 -5.74 42.57
CA GLY B 572 -29.19 -5.61 41.16
C GLY B 572 -30.60 -5.11 40.95
N ARG B 573 -30.72 -3.89 40.44
CA ARG B 573 -32.02 -3.33 40.11
C ARG B 573 -32.71 -4.21 39.07
N CYS B 574 -34.04 -4.20 39.07
CA CYS B 574 -34.82 -5.04 38.16
C CYS B 574 -35.33 -4.22 36.98
N ARG B 575 -34.49 -4.08 35.96
CA ARG B 575 -34.84 -3.31 34.77
C ARG B 575 -35.20 -4.22 33.60
N CYS B 576 -36.47 -4.20 33.20
CA CYS B 576 -36.90 -4.94 32.02
C CYS B 576 -36.69 -6.44 32.18
N ASN B 577 -37.11 -6.98 33.32
CA ASN B 577 -36.98 -8.42 33.57
C ASN B 577 -35.55 -8.90 33.53
N VAL B 578 -34.63 -8.04 33.97
CA VAL B 578 -33.22 -8.40 34.07
C VAL B 578 -32.67 -7.82 35.37
N CYS B 579 -31.58 -8.41 35.85
CA CYS B 579 -30.96 -7.94 37.09
C CYS B 579 -29.58 -7.36 36.80
N GLU B 580 -29.24 -6.28 37.49
CA GLU B 580 -27.92 -5.67 37.36
C GLU B 580 -27.06 -6.07 38.56
N CYS B 581 -26.71 -7.34 38.64
CA CYS B 581 -25.99 -7.87 39.79
C CYS B 581 -24.76 -7.04 40.10
N HIS B 582 -24.66 -6.58 41.34
CA HIS B 582 -23.47 -5.87 41.78
C HIS B 582 -22.29 -6.86 41.80
N SER B 583 -21.08 -6.32 41.87
CA SER B 583 -19.87 -7.15 41.86
C SER B 583 -19.93 -8.19 40.75
N GLY B 584 -19.35 -9.36 41.01
CA GLY B 584 -19.27 -10.41 40.00
C GLY B 584 -20.48 -11.31 39.96
N TYR B 585 -21.48 -11.05 40.80
CA TYR B 585 -22.66 -11.90 40.84
C TYR B 585 -23.25 -12.00 39.45
N GLN B 586 -23.72 -13.19 39.09
CA GLN B 586 -24.08 -13.48 37.71
C GLN B 586 -25.56 -13.78 37.54
N LEU B 587 -25.96 -13.95 36.29
CA LEU B 587 -27.36 -14.02 35.92
C LEU B 587 -27.92 -15.42 36.17
N PRO B 588 -29.26 -15.55 36.21
CA PRO B 588 -30.21 -14.45 35.98
C PRO B 588 -30.56 -13.65 37.23
N LEU B 589 -30.62 -14.31 38.38
CA LEU B 589 -31.19 -13.68 39.56
C LEU B 589 -30.14 -13.26 40.60
N CYS B 590 -28.87 -13.32 40.23
CA CYS B 590 -27.79 -12.78 41.04
C CYS B 590 -27.62 -13.51 42.37
N GLN B 591 -27.10 -14.72 42.31
CA GLN B 591 -26.81 -15.49 43.52
C GLN B 591 -25.36 -15.94 43.52
N GLU B 592 -24.94 -16.57 42.43
CA GLU B 592 -23.59 -17.13 42.34
C GLU B 592 -22.61 -16.10 41.77
N CYS B 593 -21.66 -15.69 42.60
CA CYS B 593 -20.52 -14.89 42.14
C CYS B 593 -19.32 -15.81 41.96
N PRO B 594 -19.19 -16.42 40.76
CA PRO B 594 -18.19 -17.47 40.52
C PRO B 594 -16.76 -17.07 40.81
N GLY B 595 -16.51 -15.78 40.99
CA GLY B 595 -15.15 -15.29 41.14
C GLY B 595 -14.77 -14.91 42.56
N CYS B 596 -15.76 -14.61 43.39
CA CYS B 596 -15.49 -14.21 44.77
C CYS B 596 -14.54 -15.20 45.42
N PRO B 597 -13.64 -14.69 46.28
CA PRO B 597 -12.54 -15.50 46.83
C PRO B 597 -13.03 -16.64 47.74
N SER B 598 -13.80 -16.31 48.77
CA SER B 598 -14.49 -17.29 49.63
C SER B 598 -14.06 -17.04 51.07
N PRO B 599 -14.21 -15.79 51.51
CA PRO B 599 -13.65 -15.33 52.78
C PRO B 599 -14.11 -16.16 53.97
N CYS B 600 -13.22 -17.01 54.48
CA CYS B 600 -13.47 -17.67 55.75
C CYS B 600 -12.69 -16.93 56.84
N GLY B 601 -11.62 -16.26 56.44
CA GLY B 601 -10.89 -15.38 57.34
C GLY B 601 -11.84 -14.32 57.85
N LYS B 602 -11.54 -13.75 59.02
CA LYS B 602 -12.39 -12.74 59.63
C LYS B 602 -13.74 -13.31 60.08
N TYR B 603 -14.01 -14.58 59.74
CA TYR B 603 -15.27 -15.22 60.11
C TYR B 603 -15.04 -16.26 61.22
N ILE B 604 -13.79 -16.62 61.43
CA ILE B 604 -13.42 -17.56 62.48
C ILE B 604 -13.71 -16.96 63.85
N SER B 605 -13.37 -15.69 64.01
CA SER B 605 -13.57 -15.01 65.29
C SER B 605 -15.03 -15.04 65.73
N CYS B 606 -15.94 -15.01 64.76
CA CYS B 606 -17.38 -14.99 65.06
C CYS B 606 -17.97 -16.40 65.06
N ALA B 607 -17.27 -17.34 64.44
CA ALA B 607 -17.73 -18.72 64.38
C ALA B 607 -17.61 -19.36 65.76
N GLU B 608 -16.56 -18.99 66.49
CA GLU B 608 -16.35 -19.49 67.84
C GLU B 608 -17.03 -18.59 68.86
N CYS B 609 -17.76 -17.59 68.38
CA CYS B 609 -18.51 -16.69 69.25
C CYS B 609 -20.00 -17.04 69.25
N LEU B 610 -20.39 -17.95 68.38
CA LEU B 610 -21.79 -18.34 68.27
C LEU B 610 -22.01 -19.79 68.69
N LYS B 611 -21.48 -20.74 67.92
CA LYS B 611 -21.58 -22.14 68.28
C LYS B 611 -20.81 -22.39 69.56
N PHE B 612 -19.49 -22.30 69.48
CA PHE B 612 -18.64 -22.36 70.66
C PHE B 612 -18.69 -21.01 71.35
N GLU B 613 -18.31 -20.96 72.62
CA GLU B 613 -18.27 -19.71 73.36
C GLU B 613 -16.84 -19.39 73.78
N LYS B 614 -16.00 -19.10 72.80
CA LYS B 614 -14.59 -18.84 73.04
C LYS B 614 -14.28 -17.36 72.93
N GLY B 615 -15.17 -16.53 73.47
CA GLY B 615 -14.92 -15.11 73.59
C GLY B 615 -15.09 -14.31 72.31
N PRO B 616 -16.20 -13.58 72.20
CA PRO B 616 -16.32 -12.54 71.18
C PRO B 616 -15.16 -11.56 71.31
N PHE B 617 -14.23 -11.58 70.36
CA PHE B 617 -12.95 -10.89 70.54
C PHE B 617 -13.03 -9.37 70.45
N GLY B 618 -13.02 -8.84 69.23
CA GLY B 618 -12.99 -7.40 69.03
C GLY B 618 -13.83 -6.63 70.02
N LYS B 619 -15.05 -7.10 70.23
CA LYS B 619 -15.96 -6.51 71.22
C LYS B 619 -16.80 -7.64 71.82
N ASN B 620 -18.09 -7.64 71.51
CA ASN B 620 -18.93 -8.80 71.77
C ASN B 620 -19.29 -9.43 70.44
N CYS B 621 -20.38 -10.18 70.39
CA CYS B 621 -20.88 -10.71 69.12
C CYS B 621 -22.36 -10.41 69.00
N SER B 622 -22.97 -10.87 67.90
CA SER B 622 -24.31 -10.44 67.56
C SER B 622 -24.28 -8.95 67.24
N ALA B 623 -23.07 -8.41 67.14
CA ALA B 623 -22.86 -7.00 66.82
C ALA B 623 -21.72 -6.90 65.80
N ALA B 624 -20.63 -7.61 66.06
CA ALA B 624 -19.54 -7.72 65.11
C ALA B 624 -19.68 -9.01 64.31
N CYS B 625 -20.88 -9.59 64.32
CA CYS B 625 -21.15 -10.84 63.61
C CYS B 625 -22.60 -10.92 63.12
N PRO B 626 -22.98 -10.01 62.22
CA PRO B 626 -24.34 -9.99 61.63
C PRO B 626 -24.69 -11.19 60.75
N GLY B 627 -23.90 -12.25 60.79
CA GLY B 627 -24.30 -13.53 60.23
C GLY B 627 -25.25 -14.18 61.23
N LEU B 628 -26.36 -13.48 61.48
CA LEU B 628 -27.18 -13.71 62.66
C LEU B 628 -27.64 -15.15 62.86
N GLN B 629 -27.85 -15.88 61.78
CA GLN B 629 -28.42 -17.22 61.88
C GLN B 629 -27.37 -18.31 62.04
N LEU B 630 -27.69 -19.31 62.83
CA LEU B 630 -26.80 -20.45 63.06
C LEU B 630 -27.61 -21.73 63.16
N SER B 631 -28.38 -22.03 62.11
CA SER B 631 -29.30 -23.17 62.11
C SER B 631 -28.68 -24.43 62.73
N ASN B 632 -29.51 -25.16 63.47
CA ASN B 632 -29.12 -26.46 64.00
C ASN B 632 -29.43 -27.54 62.98
N ASN B 633 -28.97 -27.33 61.74
CA ASN B 633 -29.24 -28.27 60.65
C ASN B 633 -28.07 -28.36 59.67
N PRO B 634 -28.01 -29.47 58.91
CA PRO B 634 -26.99 -29.72 57.90
C PRO B 634 -27.11 -28.86 56.64
N VAL B 635 -27.01 -27.54 56.80
CA VAL B 635 -26.92 -26.65 55.66
C VAL B 635 -25.58 -26.86 54.97
N LYS B 636 -25.46 -26.44 53.72
CA LYS B 636 -24.24 -26.67 52.95
C LYS B 636 -24.08 -25.67 51.81
N GLY B 637 -23.05 -25.87 51.00
CA GLY B 637 -22.81 -25.05 49.83
C GLY B 637 -21.39 -24.53 49.80
N ARG B 638 -21.04 -23.71 50.79
CA ARG B 638 -19.71 -23.14 50.88
C ARG B 638 -18.91 -23.88 51.94
N THR B 639 -18.68 -25.16 51.71
CA THR B 639 -17.96 -25.99 52.65
C THR B 639 -16.64 -25.35 53.08
N CYS B 640 -16.64 -24.71 54.24
CA CYS B 640 -15.45 -24.09 54.79
C CYS B 640 -14.87 -24.94 55.91
N LYS B 641 -13.57 -24.77 56.17
CA LYS B 641 -12.90 -25.52 57.22
C LYS B 641 -11.55 -24.90 57.56
N GLU B 642 -11.56 -23.92 58.47
CA GLU B 642 -10.33 -23.26 58.91
C GLU B 642 -10.11 -23.50 60.41
N ARG B 643 -9.17 -22.77 61.00
CA ARG B 643 -8.83 -22.96 62.41
C ARG B 643 -9.55 -21.97 63.33
N ASP B 644 -9.32 -22.15 64.63
CA ASP B 644 -9.95 -21.32 65.65
C ASP B 644 -8.99 -20.27 66.18
N SER B 645 -9.27 -19.77 67.38
CA SER B 645 -8.43 -18.74 68.00
C SER B 645 -7.13 -19.33 68.53
N GLU B 646 -7.14 -20.62 68.86
CA GLU B 646 -5.95 -21.25 69.42
C GLU B 646 -5.79 -22.71 69.01
N GLY B 647 -5.32 -22.93 67.78
CA GLY B 647 -4.93 -24.25 67.32
C GLY B 647 -5.97 -25.04 66.57
N CYS B 648 -7.02 -25.45 67.27
CA CYS B 648 -7.99 -26.42 66.74
C CYS B 648 -8.65 -26.04 65.43
N TRP B 649 -8.72 -27.01 64.52
CA TRP B 649 -9.39 -26.82 63.23
C TRP B 649 -10.89 -26.90 63.37
N VAL B 650 -11.55 -25.75 63.34
CA VAL B 650 -13.01 -25.71 63.43
C VAL B 650 -13.65 -25.82 62.04
N ALA B 651 -14.43 -26.87 61.84
CA ALA B 651 -15.14 -27.09 60.59
C ALA B 651 -16.51 -26.42 60.62
N TYR B 652 -16.99 -26.02 59.46
CA TYR B 652 -18.31 -25.41 59.33
C TYR B 652 -18.61 -25.03 57.89
N THR B 653 -19.81 -25.37 57.43
CA THR B 653 -20.28 -24.92 56.13
C THR B 653 -20.73 -23.48 56.25
N LEU B 654 -21.20 -22.90 55.15
CA LEU B 654 -21.56 -21.49 55.14
C LEU B 654 -22.51 -21.15 53.99
N GLU B 655 -23.81 -21.28 54.23
CA GLU B 655 -24.80 -21.00 53.20
C GLU B 655 -25.27 -19.55 53.26
N GLN B 656 -24.72 -18.73 52.37
CA GLN B 656 -25.10 -17.33 52.26
C GLN B 656 -26.56 -17.23 51.81
N GLN B 657 -27.18 -16.07 52.04
CA GLN B 657 -28.56 -15.86 51.61
C GLN B 657 -28.88 -14.39 51.33
N ASP B 658 -29.28 -14.13 50.09
CA ASP B 658 -29.80 -12.83 49.68
C ASP B 658 -28.78 -11.68 49.77
N GLY B 659 -29.03 -10.72 50.67
CA GLY B 659 -28.38 -9.43 50.58
C GLY B 659 -27.09 -9.25 51.36
N MET B 660 -26.10 -8.66 50.71
CA MET B 660 -24.86 -8.26 51.36
C MET B 660 -24.25 -9.38 52.20
N ASP B 661 -23.81 -9.03 53.41
CA ASP B 661 -23.11 -9.97 54.27
C ASP B 661 -24.07 -10.69 55.22
N ARG B 662 -25.10 -11.30 54.65
CA ARG B 662 -26.06 -12.09 55.41
C ARG B 662 -25.75 -13.56 55.20
N TYR B 663 -25.69 -14.33 56.29
CA TYR B 663 -25.25 -15.71 56.20
C TYR B 663 -26.04 -16.65 57.11
N LEU B 664 -25.71 -17.93 57.02
CA LEU B 664 -26.40 -18.99 57.74
C LEU B 664 -25.44 -20.16 57.94
N ILE B 665 -25.04 -20.40 59.19
CA ILE B 665 -23.95 -21.34 59.47
C ILE B 665 -24.37 -22.51 60.34
N TYR B 666 -23.62 -23.61 60.20
CA TYR B 666 -23.68 -24.72 61.13
C TYR B 666 -22.26 -25.12 61.50
N VAL B 667 -21.80 -24.68 62.67
CA VAL B 667 -20.44 -24.97 63.11
C VAL B 667 -20.37 -26.39 63.69
N ASP B 668 -19.65 -27.26 63.00
CA ASP B 668 -19.52 -28.64 63.45
C ASP B 668 -19.24 -28.70 64.94
N GLU B 669 -19.89 -29.65 65.61
CA GLU B 669 -19.64 -29.89 67.02
C GLU B 669 -18.38 -30.74 67.16
N SER B 670 -17.23 -30.13 66.92
CA SER B 670 -15.96 -30.84 66.92
C SER B 670 -14.78 -29.88 66.84
N ARG B 671 -13.59 -30.36 67.20
CA ARG B 671 -12.36 -29.58 67.09
C ARG B 671 -11.16 -30.52 66.87
N GLU B 672 -9.97 -29.96 66.70
CA GLU B 672 -8.79 -30.78 66.43
C GLU B 672 -7.50 -30.09 66.86
N CYS B 673 -7.10 -30.30 68.11
CA CYS B 673 -5.89 -29.70 68.64
C CYS B 673 -4.72 -30.67 68.56
N PHE C 1 24.24 40.57 10.24
CA PHE C 1 25.06 40.41 11.48
C PHE C 1 26.37 39.69 11.16
N ASN C 2 26.71 39.63 9.87
CA ASN C 2 27.92 38.95 9.42
C ASN C 2 28.71 39.84 8.47
N LEU C 3 28.99 41.06 8.93
CA LEU C 3 29.78 42.01 8.16
C LEU C 3 31.16 42.16 8.77
N ASP C 4 32.18 41.72 8.03
CA ASP C 4 33.54 41.68 8.54
C ASP C 4 34.00 43.03 9.10
N THR C 5 34.59 43.00 10.29
CA THR C 5 35.12 44.19 10.92
C THR C 5 36.56 43.95 11.37
N GLU C 6 37.34 43.27 10.54
CA GLU C 6 38.72 42.94 10.89
C GLU C 6 39.59 42.82 9.63
N GLU C 7 39.36 41.77 8.85
CA GLU C 7 40.15 41.51 7.67
C GLU C 7 39.45 42.01 6.41
N LEU C 8 39.53 43.31 6.16
CA LEU C 8 38.92 43.90 4.98
C LEU C 8 39.95 44.67 4.17
N THR C 9 39.53 45.16 3.01
CA THR C 9 40.42 45.93 2.13
C THR C 9 40.09 47.42 2.22
N ALA C 10 41.10 48.26 2.03
CA ALA C 10 40.92 49.72 2.11
C ALA C 10 41.71 50.44 1.02
N PHE C 11 40.99 51.23 0.21
CA PHE C 11 41.62 52.04 -0.84
C PHE C 11 41.61 53.51 -0.45
N ARG C 12 42.76 54.03 -0.02
CA ARG C 12 42.86 55.43 0.39
C ARG C 12 43.60 56.27 -0.65
N VAL C 13 42.93 56.51 -1.78
CA VAL C 13 43.48 57.36 -2.83
C VAL C 13 43.06 58.81 -2.59
N ASP C 14 44.02 59.65 -2.20
CA ASP C 14 43.74 61.05 -1.91
C ASP C 14 43.65 61.87 -3.19
N SER C 15 42.43 62.03 -3.71
CA SER C 15 42.19 62.83 -4.91
C SER C 15 41.01 63.77 -4.73
N ALA C 16 41.09 64.63 -3.71
CA ALA C 16 40.06 65.64 -3.45
C ALA C 16 38.73 65.01 -3.01
N GLY C 17 37.72 65.06 -3.88
CA GLY C 17 36.42 64.52 -3.55
C GLY C 17 36.31 63.04 -3.82
N PHE C 18 37.44 62.34 -3.72
CA PHE C 18 37.49 60.90 -3.95
C PHE C 18 36.64 60.16 -2.93
N GLY C 19 36.18 58.97 -3.31
CA GLY C 19 35.34 58.17 -2.44
C GLY C 19 34.14 58.97 -1.98
N ASP C 20 33.52 59.68 -2.90
CA ASP C 20 32.35 60.48 -2.60
C ASP C 20 31.10 59.85 -3.24
N SER C 21 31.32 58.99 -4.22
CA SER C 21 30.25 58.20 -4.82
C SER C 21 30.82 56.94 -5.47
N VAL C 22 30.24 55.79 -5.14
CA VAL C 22 30.79 54.50 -5.56
C VAL C 22 29.71 53.53 -6.01
N VAL C 23 30.09 52.57 -6.86
CA VAL C 23 29.15 51.58 -7.38
C VAL C 23 29.85 50.26 -7.70
N GLN C 24 29.08 49.18 -7.69
CA GLN C 24 29.61 47.87 -8.03
C GLN C 24 29.65 47.69 -9.54
N TYR C 25 30.85 47.77 -10.11
CA TYR C 25 31.03 47.51 -11.53
C TYR C 25 30.82 46.02 -11.80
N ALA C 26 31.06 45.59 -13.04
CA ALA C 26 31.22 44.17 -13.32
C ALA C 26 31.92 43.56 -12.11
N ASN C 27 31.50 42.37 -11.72
CA ASN C 27 31.92 41.79 -10.45
C ASN C 27 33.41 41.96 -10.12
N SER C 28 34.25 42.02 -11.14
CA SER C 28 35.70 42.00 -10.96
C SER C 28 36.26 43.29 -10.34
N TRP C 29 35.53 44.40 -10.46
CA TRP C 29 36.06 45.71 -10.10
C TRP C 29 35.04 46.57 -9.35
N VAL C 30 35.54 47.62 -8.71
CA VAL C 30 34.67 48.62 -8.08
C VAL C 30 35.10 50.00 -8.53
N VAL C 31 34.11 50.82 -8.91
CA VAL C 31 34.38 52.15 -9.42
C VAL C 31 34.01 53.21 -8.39
N VAL C 32 34.96 54.10 -8.12
CA VAL C 32 34.74 55.21 -7.20
C VAL C 32 34.68 56.52 -7.97
N GLY C 33 34.20 57.57 -7.31
CA GLY C 33 34.03 58.85 -7.96
C GLY C 33 34.78 59.96 -7.25
N ALA C 34 35.40 60.84 -8.05
CA ALA C 34 36.08 62.01 -7.52
C ALA C 34 35.72 63.23 -8.35
N PRO C 35 34.50 63.76 -8.13
CA PRO C 35 34.02 64.92 -8.89
C PRO C 35 34.97 66.11 -8.82
N GLN C 36 35.56 66.33 -7.64
CA GLN C 36 36.39 67.50 -7.42
C GLN C 36 37.88 67.18 -7.60
N LYS C 37 38.19 66.26 -8.52
CA LYS C 37 39.57 65.98 -8.86
C LYS C 37 40.00 66.88 -10.01
N ILE C 38 40.34 68.12 -9.67
CA ILE C 38 40.64 69.16 -10.65
C ILE C 38 41.49 68.67 -11.82
N THR C 39 41.05 68.95 -13.04
CA THR C 39 41.82 68.64 -14.24
C THR C 39 41.64 69.76 -15.26
N ALA C 40 42.76 70.28 -15.77
CA ALA C 40 42.75 71.36 -16.75
C ALA C 40 42.12 72.63 -16.16
N ALA C 41 41.37 73.37 -16.99
CA ALA C 41 40.78 74.63 -16.56
C ALA C 41 39.40 74.43 -15.97
N ASN C 42 39.31 74.48 -14.64
CA ASN C 42 38.03 74.31 -13.96
C ASN C 42 37.15 73.33 -14.71
N GLN C 43 37.65 72.11 -14.90
CA GLN C 43 36.97 71.12 -15.73
C GLN C 43 36.45 69.93 -14.91
N THR C 44 36.71 68.72 -15.39
CA THR C 44 36.13 67.52 -14.81
C THR C 44 36.84 67.09 -13.52
N GLY C 45 36.55 65.88 -13.08
CA GLY C 45 37.19 65.31 -11.91
C GLY C 45 38.02 64.09 -12.29
N GLY C 46 37.36 62.94 -12.41
CA GLY C 46 38.03 61.71 -12.83
C GLY C 46 37.54 60.49 -12.08
N LEU C 47 37.74 59.32 -12.69
CA LEU C 47 37.30 58.06 -12.10
C LEU C 47 38.46 57.12 -11.80
N TYR C 48 38.22 56.16 -10.93
CA TYR C 48 39.24 55.19 -10.53
C TYR C 48 38.66 53.79 -10.42
N GLN C 49 39.27 52.84 -11.14
CA GLN C 49 38.90 51.44 -11.02
C GLN C 49 39.87 50.75 -10.07
N CYS C 50 39.34 49.92 -9.18
CA CYS C 50 40.16 49.26 -8.17
C CYS C 50 39.87 47.77 -8.13
N GLY C 51 40.93 46.97 -8.11
CA GLY C 51 40.80 45.52 -8.06
C GLY C 51 41.19 44.97 -6.70
N TYR C 52 40.66 43.80 -6.35
CA TYR C 52 40.94 43.20 -5.06
C TYR C 52 42.34 42.58 -5.03
N SER C 53 42.69 41.87 -6.10
CA SER C 53 43.99 41.20 -6.18
C SER C 53 45.09 42.02 -5.53
N THR C 54 45.30 43.23 -6.05
CA THR C 54 46.26 44.16 -5.48
C THR C 54 45.53 45.39 -4.93
N GLY C 55 45.84 45.74 -3.69
CA GLY C 55 45.19 46.88 -3.04
C GLY C 55 45.69 48.20 -3.58
N ALA C 56 45.19 48.58 -4.75
CA ALA C 56 45.62 49.80 -5.42
C ALA C 56 44.59 50.22 -6.47
N CYS C 57 44.47 51.54 -6.69
CA CYS C 57 43.53 52.07 -7.66
C CYS C 57 44.25 52.62 -8.89
N GLU C 58 43.88 52.11 -10.06
CA GLU C 58 44.44 52.60 -11.32
C GLU C 58 43.51 53.61 -11.96
N PRO C 59 44.05 54.76 -12.40
CA PRO C 59 43.24 55.74 -13.12
C PRO C 59 42.54 55.11 -14.31
N ILE C 60 41.45 55.70 -14.77
CA ILE C 60 40.74 55.17 -15.93
C ILE C 60 40.79 56.14 -17.10
N GLY C 61 41.17 55.62 -18.27
CA GLY C 61 41.31 56.44 -19.47
C GLY C 61 40.00 57.01 -19.96
N LEU C 62 40.00 58.31 -20.28
CA LEU C 62 38.80 59.00 -20.70
C LEU C 62 39.08 60.09 -21.72
N GLN C 63 38.22 60.18 -22.73
CA GLN C 63 38.33 61.21 -23.75
C GLN C 63 37.41 62.38 -23.40
N VAL C 64 37.79 63.14 -22.38
CA VAL C 64 36.97 64.27 -21.91
C VAL C 64 36.93 65.36 -22.98
N PRO C 65 35.77 65.53 -23.62
CA PRO C 65 35.65 66.55 -24.68
C PRO C 65 35.88 67.96 -24.13
N PRO C 66 36.57 68.81 -24.90
CA PRO C 66 36.74 70.20 -24.46
C PRO C 66 35.40 70.86 -24.16
N GLU C 67 34.37 70.40 -24.87
CA GLU C 67 33.02 70.94 -24.70
C GLU C 67 32.57 70.89 -23.25
N ALA C 68 32.69 69.73 -22.64
CA ALA C 68 32.27 69.55 -21.26
C ALA C 68 33.25 70.21 -20.30
N VAL C 69 32.78 71.20 -19.57
CA VAL C 69 33.62 71.94 -18.63
C VAL C 69 33.04 71.89 -17.23
N ASN C 70 33.92 72.05 -16.25
CA ASN C 70 33.55 71.99 -14.84
C ASN C 70 32.42 71.01 -14.56
N MET C 71 32.43 69.87 -15.26
CA MET C 71 31.36 68.90 -15.12
C MET C 71 31.60 67.98 -13.92
N SER C 72 32.82 68.03 -13.39
CA SER C 72 33.16 67.26 -12.20
C SER C 72 32.51 65.88 -12.24
N LEU C 73 32.94 65.04 -13.16
CA LEU C 73 32.32 63.74 -13.36
C LEU C 73 32.54 62.81 -12.16
N GLY C 74 31.80 61.72 -12.12
CA GLY C 74 31.87 60.78 -11.02
C GLY C 74 30.83 61.02 -9.95
N LEU C 75 30.29 62.24 -9.91
CA LEU C 75 29.32 62.62 -8.89
C LEU C 75 28.12 61.67 -8.88
N SER C 76 27.68 61.28 -10.06
CA SER C 76 26.58 60.32 -10.20
C SER C 76 27.09 59.05 -10.88
N LEU C 77 26.77 57.90 -10.31
CA LEU C 77 27.21 56.62 -10.86
C LEU C 77 26.06 55.60 -10.91
N ALA C 78 26.24 54.56 -11.71
CA ALA C 78 25.22 53.51 -11.85
C ALA C 78 25.78 52.34 -12.66
N SER C 79 25.50 51.11 -12.22
CA SER C 79 26.01 49.93 -12.90
C SER C 79 24.94 48.88 -13.12
N THR C 80 24.96 48.23 -14.27
CA THR C 80 24.05 47.12 -14.56
C THR C 80 24.81 45.80 -14.66
N THR C 81 24.06 44.71 -14.59
CA THR C 81 24.63 43.37 -14.66
C THR C 81 24.22 42.68 -15.93
N SER C 82 23.15 43.18 -16.55
CA SER C 82 22.45 42.47 -17.62
C SER C 82 23.50 41.93 -18.60
N PRO C 83 23.89 42.74 -19.59
CA PRO C 83 25.34 42.65 -19.83
C PRO C 83 26.05 43.66 -18.95
N SER C 84 27.20 43.28 -18.42
CA SER C 84 27.97 44.15 -17.53
C SER C 84 28.35 45.47 -18.20
N GLN C 85 27.75 46.57 -17.74
CA GLN C 85 28.13 47.91 -18.18
C GLN C 85 28.24 48.84 -16.99
N LEU C 86 28.75 50.04 -17.23
CA LEU C 86 28.84 51.05 -16.18
C LEU C 86 28.50 52.44 -16.73
N LEU C 87 28.08 53.32 -15.83
CA LEU C 87 27.66 54.66 -16.21
C LEU C 87 28.23 55.69 -15.23
N ALA C 88 29.18 56.49 -15.72
CA ALA C 88 29.72 57.60 -14.94
C ALA C 88 29.18 58.91 -15.51
N CYS C 89 29.23 59.98 -14.72
CA CYS C 89 28.55 61.21 -15.11
C CYS C 89 29.19 62.49 -14.58
N GLY C 90 29.25 63.49 -15.45
CA GLY C 90 29.48 64.88 -15.05
C GLY C 90 28.19 65.68 -15.12
N PRO C 91 27.42 65.69 -14.03
CA PRO C 91 26.14 66.40 -13.93
C PRO C 91 26.25 67.92 -13.84
N THR C 92 27.40 68.49 -14.20
CA THR C 92 27.60 69.93 -14.04
C THR C 92 28.33 70.56 -15.22
N VAL C 93 27.97 70.15 -16.44
CA VAL C 93 28.60 70.70 -17.63
C VAL C 93 28.30 72.19 -17.73
N HIS C 94 29.27 72.97 -18.22
CA HIS C 94 29.08 74.39 -18.41
C HIS C 94 29.31 74.77 -19.86
N HIS C 95 28.26 75.25 -20.53
CA HIS C 95 28.37 75.70 -21.91
C HIS C 95 28.01 77.18 -22.00
N GLU C 96 28.97 77.98 -22.47
CA GLU C 96 28.80 79.42 -22.51
C GLU C 96 27.93 79.87 -23.68
N CYS C 97 26.75 80.37 -23.37
CA CYS C 97 25.83 80.91 -24.38
C CYS C 97 25.92 82.43 -24.42
N GLY C 98 27.06 82.97 -23.98
CA GLY C 98 27.27 84.40 -23.98
C GLY C 98 26.81 85.05 -22.69
N ARG C 99 25.63 85.68 -22.74
CA ARG C 99 25.09 86.41 -21.61
C ARG C 99 25.17 85.61 -20.31
N ASN C 100 24.82 84.33 -20.38
CA ASN C 100 24.85 83.46 -19.21
C ASN C 100 24.93 81.99 -19.60
N MET C 101 25.82 81.26 -18.95
CA MET C 101 25.99 79.84 -19.21
C MET C 101 24.98 79.03 -18.41
N TYR C 102 24.91 77.73 -18.68
CA TYR C 102 23.97 76.86 -17.99
C TYR C 102 24.61 75.51 -17.69
N LEU C 103 23.78 74.53 -17.31
CA LEU C 103 24.28 73.21 -16.96
C LEU C 103 23.48 72.12 -17.65
N THR C 104 24.17 71.23 -18.36
CA THR C 104 23.50 70.25 -19.19
C THR C 104 23.73 68.81 -18.70
N GLY C 105 24.97 68.47 -18.37
CA GLY C 105 25.31 67.12 -17.95
C GLY C 105 25.76 66.23 -19.10
N LEU C 106 26.77 65.40 -18.84
CA LEU C 106 27.35 64.54 -19.87
C LEU C 106 27.79 63.22 -19.27
N CYS C 107 27.30 62.10 -19.81
CA CYS C 107 27.64 60.79 -19.26
C CYS C 107 28.44 59.92 -20.22
N PHE C 108 29.08 58.88 -19.67
CA PHE C 108 29.92 57.96 -20.44
C PHE C 108 29.58 56.50 -20.10
N LEU C 109 29.27 55.71 -21.11
CA LEU C 109 29.05 54.28 -20.92
C LEU C 109 30.29 53.49 -21.30
N LEU C 110 30.80 52.68 -20.36
CA LEU C 110 31.98 51.87 -20.60
C LEU C 110 31.62 50.39 -20.60
N GLY C 111 32.65 49.54 -20.49
CA GLY C 111 32.44 48.10 -20.47
C GLY C 111 33.36 47.38 -21.43
N PRO C 112 33.19 46.06 -21.55
CA PRO C 112 33.87 45.20 -22.52
C PRO C 112 33.31 45.36 -23.93
N THR C 113 33.01 46.60 -24.32
CA THR C 113 32.43 46.88 -25.62
C THR C 113 33.00 48.19 -26.18
N GLN C 114 32.14 49.01 -26.77
CA GLN C 114 32.55 50.29 -27.32
C GLN C 114 32.36 51.38 -26.27
N LEU C 115 33.31 52.30 -26.15
CA LEU C 115 33.21 53.38 -25.18
C LEU C 115 32.22 54.44 -25.67
N THR C 116 30.93 54.21 -25.42
CA THR C 116 29.89 55.14 -25.85
C THR C 116 29.87 56.36 -24.95
N GLN C 117 29.31 57.46 -25.47
CA GLN C 117 29.08 58.66 -24.69
C GLN C 117 27.66 59.12 -24.99
N ARG C 118 26.79 59.05 -23.99
CA ARG C 118 25.37 59.25 -24.24
C ARG C 118 24.64 60.29 -23.40
N LEU C 119 24.53 61.50 -23.94
CA LEU C 119 23.34 62.31 -23.78
C LEU C 119 22.41 62.13 -24.98
N PRO C 120 22.94 61.72 -26.15
CA PRO C 120 24.31 61.36 -26.52
C PRO C 120 25.13 62.42 -27.27
N VAL C 121 25.89 63.21 -26.50
CA VAL C 121 27.04 63.94 -27.03
C VAL C 121 26.69 64.86 -28.19
N SER C 122 25.39 65.11 -28.38
CA SER C 122 24.95 66.25 -29.15
C SER C 122 25.12 67.47 -28.24
N ARG C 123 26.33 68.03 -28.24
CA ARG C 123 26.65 69.13 -27.32
C ARG C 123 25.48 70.12 -27.30
N GLN C 124 24.79 70.16 -26.17
CA GLN C 124 23.54 70.91 -26.07
C GLN C 124 23.74 72.41 -26.36
N GLU C 125 23.51 72.79 -27.61
CA GLU C 125 23.69 74.18 -28.04
C GLU C 125 22.76 75.12 -27.29
N CYS C 126 23.14 76.40 -27.27
CA CYS C 126 22.40 77.42 -26.52
C CYS C 126 21.03 77.70 -27.13
N PRO C 127 20.20 78.47 -26.42
CA PRO C 127 18.95 78.98 -26.96
C PRO C 127 19.20 80.31 -27.69
N SER C 326 10.98 81.76 -14.16
CA SER C 326 10.48 82.57 -15.26
C SER C 326 9.81 81.73 -16.33
N SER C 327 10.58 80.81 -16.89
CA SER C 327 10.26 80.21 -18.18
C SER C 327 10.72 78.77 -18.31
N PHE C 328 11.87 78.51 -17.72
CA PHE C 328 12.86 77.57 -18.26
C PHE C 328 12.35 76.34 -19.01
N GLU C 329 13.28 75.71 -19.73
CA GLU C 329 13.01 74.50 -20.48
C GLU C 329 13.99 73.42 -20.09
N LEU C 330 15.20 73.48 -20.65
CA LEU C 330 16.20 72.48 -20.39
C LEU C 330 17.61 73.04 -20.51
N GLU C 331 17.88 74.09 -19.73
CA GLU C 331 19.18 74.74 -19.75
C GLU C 331 20.02 74.30 -18.57
N MET C 332 19.38 74.24 -17.40
CA MET C 332 20.06 73.85 -16.17
C MET C 332 19.41 72.63 -15.56
N ALA C 333 19.31 71.56 -16.35
CA ALA C 333 18.67 70.34 -15.90
C ALA C 333 19.69 69.32 -15.40
N GLN C 334 20.97 69.59 -15.66
CA GLN C 334 22.05 68.74 -15.17
C GLN C 334 21.71 67.26 -15.29
N GLU C 335 21.15 66.88 -16.43
CA GLU C 335 20.77 65.49 -16.65
C GLU C 335 21.92 64.56 -16.27
N GLY C 336 21.56 63.38 -15.76
CA GLY C 336 22.56 62.44 -15.29
C GLY C 336 22.89 62.62 -13.83
N PHE C 337 22.17 63.52 -13.17
CA PHE C 337 22.35 63.76 -11.74
C PHE C 337 22.17 62.46 -10.96
N SER C 338 21.33 61.58 -11.48
CA SER C 338 21.11 60.27 -10.88
C SER C 338 20.61 59.30 -11.94
N ALA C 339 21.30 58.17 -12.10
CA ALA C 339 20.98 57.24 -13.17
C ALA C 339 20.81 55.80 -12.69
N VAL C 340 20.05 55.02 -13.45
CA VAL C 340 19.83 53.62 -13.15
C VAL C 340 19.41 52.90 -14.44
N PHE C 341 19.89 51.67 -14.62
CA PHE C 341 19.63 50.94 -15.85
C PHE C 341 18.25 50.29 -15.85
N THR C 342 17.96 49.53 -16.91
CA THR C 342 16.72 48.79 -17.05
C THR C 342 16.74 48.09 -18.40
N PRO C 343 16.14 46.88 -18.47
CA PRO C 343 16.18 46.03 -19.67
C PRO C 343 16.05 46.78 -21.00
N ASP C 344 15.30 47.89 -20.99
CA ASP C 344 15.10 48.66 -22.21
C ASP C 344 15.89 49.97 -22.18
N GLY C 345 17.20 49.87 -22.01
CA GLY C 345 18.08 51.02 -22.08
C GLY C 345 18.22 51.77 -20.77
N PRO C 346 19.33 52.53 -20.61
CA PRO C 346 19.59 53.34 -19.42
C PRO C 346 18.57 54.46 -19.20
N VAL C 347 18.69 55.16 -18.07
CA VAL C 347 17.75 56.21 -17.72
C VAL C 347 18.41 57.26 -16.82
N LEU C 348 18.65 58.45 -17.38
CA LEU C 348 19.23 59.56 -16.61
C LEU C 348 18.16 60.56 -16.22
N GLY C 349 18.42 61.31 -15.14
CA GLY C 349 17.41 62.17 -14.56
C GLY C 349 17.72 63.66 -14.66
N ALA C 350 16.75 64.43 -15.13
CA ALA C 350 16.86 65.87 -15.20
C ALA C 350 16.16 66.51 -14.01
N VAL C 351 16.63 67.67 -13.57
CA VAL C 351 16.07 68.34 -12.40
C VAL C 351 15.44 69.67 -12.76
N GLY C 352 16.15 70.45 -13.58
CA GLY C 352 15.73 71.79 -13.94
C GLY C 352 14.83 71.84 -15.16
N SER C 353 14.00 70.82 -15.32
CA SER C 353 13.08 70.76 -16.46
C SER C 353 11.94 71.76 -16.28
N PHE C 354 12.01 72.85 -17.02
CA PHE C 354 10.94 73.85 -17.03
C PHE C 354 10.97 74.68 -15.75
N THR C 355 9.95 74.53 -14.92
CA THR C 355 9.91 75.22 -13.64
C THR C 355 10.69 74.40 -12.61
N TRP C 356 11.84 73.88 -13.02
CA TRP C 356 12.60 72.96 -12.19
C TRP C 356 11.68 71.85 -11.68
N SER C 357 10.72 71.48 -12.51
CA SER C 357 9.81 70.39 -12.20
C SER C 357 10.60 69.09 -12.11
N GLY C 358 11.19 68.69 -13.24
CA GLY C 358 12.04 67.51 -13.28
C GLY C 358 11.53 66.44 -14.24
N GLY C 359 12.27 65.33 -14.33
CA GLY C 359 11.91 64.23 -15.20
C GLY C 359 13.05 63.25 -15.38
N ALA C 360 13.01 62.49 -16.46
CA ALA C 360 14.07 61.52 -16.75
C ALA C 360 14.06 61.09 -18.21
N PHE C 361 15.22 61.20 -18.86
CA PHE C 361 15.37 60.86 -20.27
C PHE C 361 15.73 59.38 -20.47
N LEU C 362 14.78 58.61 -20.99
CA LEU C 362 15.03 57.21 -21.31
C LEU C 362 15.72 57.08 -22.68
N TYR C 363 16.75 56.25 -22.75
CA TYR C 363 17.37 55.91 -24.03
C TYR C 363 17.17 54.45 -24.40
N PRO C 364 16.46 54.21 -25.51
CA PRO C 364 16.31 52.86 -26.07
C PRO C 364 17.57 52.35 -26.78
N PRO C 365 17.45 51.28 -27.58
CA PRO C 365 18.56 50.68 -28.33
C PRO C 365 18.90 51.41 -29.62
N ASN C 366 19.63 52.51 -29.53
CA ASN C 366 20.03 53.29 -30.69
C ASN C 366 18.84 54.03 -31.31
N MET C 367 17.64 53.68 -30.90
CA MET C 367 16.45 54.44 -31.23
C MET C 367 16.49 55.78 -30.49
N SER C 368 15.87 56.81 -31.07
CA SER C 368 15.84 58.12 -30.45
C SER C 368 15.16 58.04 -29.08
N PRO C 369 15.74 58.72 -28.08
CA PRO C 369 15.28 58.61 -26.69
C PRO C 369 13.92 59.26 -26.43
N THR C 370 13.29 58.88 -25.32
CA THR C 370 12.06 59.52 -24.86
C THR C 370 12.32 60.28 -23.57
N PHE C 371 11.27 60.80 -22.94
CA PHE C 371 11.39 61.60 -21.72
C PHE C 371 10.05 61.66 -20.98
N ILE C 372 10.12 61.73 -19.66
CA ILE C 372 8.91 61.77 -18.84
C ILE C 372 8.97 62.87 -17.77
N ASN C 373 8.25 63.96 -18.00
CA ASN C 373 7.99 64.94 -16.96
C ASN C 373 6.61 64.67 -16.37
N MET C 374 5.97 65.69 -15.79
CA MET C 374 4.66 65.50 -15.19
C MET C 374 3.60 66.32 -15.93
N SER C 375 3.78 66.49 -17.23
CA SER C 375 2.97 67.42 -18.02
C SER C 375 3.02 68.82 -17.42
N GLN C 376 2.26 69.74 -17.99
CA GLN C 376 2.15 71.09 -17.44
C GLN C 376 0.82 71.22 -16.70
N GLU C 377 -0.18 70.47 -17.15
CA GLU C 377 -1.47 70.43 -16.49
C GLU C 377 -1.31 70.15 -14.99
N ASN C 378 -0.15 69.62 -14.63
CA ASN C 378 0.22 69.46 -13.23
C ASN C 378 0.78 70.77 -12.69
N VAL C 379 -0.11 71.63 -12.19
CA VAL C 379 0.25 72.98 -11.78
C VAL C 379 1.39 73.02 -10.77
N ASP C 380 1.36 72.11 -9.80
CA ASP C 380 2.33 72.10 -8.70
C ASP C 380 3.68 71.56 -9.16
N MET C 381 4.46 71.05 -8.21
CA MET C 381 5.72 70.40 -8.50
C MET C 381 6.78 71.40 -8.98
N ARG C 382 6.58 72.66 -8.62
CA ARG C 382 7.57 73.69 -8.93
C ARG C 382 8.72 73.59 -7.95
N ASP C 383 9.93 73.43 -8.48
CA ASP C 383 11.12 73.34 -7.65
C ASP C 383 11.02 72.18 -6.68
N SER C 384 11.13 70.96 -7.22
CA SER C 384 11.12 69.77 -6.40
C SER C 384 12.25 68.82 -6.75
N TYR C 385 13.00 69.16 -7.80
CA TYR C 385 14.11 68.34 -8.29
C TYR C 385 13.64 66.92 -8.61
N LEU C 386 12.46 66.79 -9.18
CA LEU C 386 11.95 65.48 -9.56
C LEU C 386 12.99 64.74 -10.40
N GLY C 387 13.57 63.70 -9.83
CA GLY C 387 14.62 62.96 -10.50
C GLY C 387 15.95 63.13 -9.79
N TYR C 388 15.92 63.72 -8.61
CA TYR C 388 17.12 63.89 -7.80
C TYR C 388 17.73 62.52 -7.59
N SER C 389 16.87 61.54 -7.36
CA SER C 389 17.27 60.14 -7.26
C SER C 389 16.38 59.30 -8.17
N THR C 390 16.93 58.25 -8.74
CA THR C 390 16.19 57.39 -9.66
C THR C 390 16.48 55.92 -9.41
N GLU C 391 15.46 55.09 -9.55
CA GLU C 391 15.61 53.64 -9.32
C GLU C 391 14.60 52.85 -10.14
N LEU C 392 14.96 51.60 -10.43
CA LEU C 392 14.10 50.71 -11.21
C LEU C 392 13.10 50.02 -10.28
N ALA C 393 12.14 49.30 -10.88
CA ALA C 393 11.15 48.55 -10.11
C ALA C 393 10.59 47.39 -10.94
N LEU C 394 11.49 46.63 -11.55
CA LEU C 394 11.10 45.51 -12.40
C LEU C 394 9.98 44.70 -11.75
N TRP C 395 9.13 44.12 -12.59
CA TRP C 395 8.05 43.26 -12.11
C TRP C 395 7.73 42.19 -13.16
N LYS C 396 7.04 41.13 -12.74
CA LYS C 396 6.68 40.05 -13.64
C LYS C 396 6.14 40.58 -14.96
N GLY C 397 5.57 41.79 -14.90
CA GLY C 397 5.08 42.46 -16.10
C GLY C 397 6.09 43.45 -16.62
N VAL C 398 5.64 44.69 -16.81
CA VAL C 398 6.52 45.74 -17.35
C VAL C 398 7.31 46.41 -16.24
N GLN C 399 8.37 47.12 -16.64
CA GLN C 399 9.22 47.84 -15.69
C GLN C 399 8.47 49.03 -15.10
N SER C 400 9.07 49.65 -14.10
CA SER C 400 8.51 50.85 -13.49
C SER C 400 9.63 51.73 -12.95
N LEU C 401 9.59 53.02 -13.29
CA LEU C 401 10.60 53.94 -12.80
C LEU C 401 10.13 54.68 -11.56
N VAL C 402 11.07 55.31 -10.88
CA VAL C 402 10.75 56.10 -9.69
C VAL C 402 11.71 57.27 -9.57
N LEU C 403 11.15 58.43 -9.23
CA LEU C 403 11.95 59.64 -9.06
C LEU C 403 11.72 60.22 -7.67
N GLY C 404 12.76 60.85 -7.13
CA GLY C 404 12.68 61.47 -5.82
C GLY C 404 12.57 62.97 -5.93
N ALA C 405 11.57 63.53 -5.27
CA ALA C 405 11.34 64.97 -5.30
C ALA C 405 11.43 65.55 -3.89
N PRO C 406 12.66 65.83 -3.44
CA PRO C 406 12.93 66.33 -2.09
C PRO C 406 12.12 67.56 -1.69
N ARG C 407 11.70 68.37 -2.66
CA ARG C 407 11.12 69.68 -2.34
C ARG C 407 9.80 69.93 -3.05
N TYR C 408 8.91 68.94 -3.05
CA TYR C 408 7.56 69.14 -3.52
C TYR C 408 6.78 69.87 -2.43
N GLN C 409 6.42 71.13 -2.70
CA GLN C 409 5.83 71.98 -1.68
C GLN C 409 6.79 72.14 -0.52
N HIS C 410 8.08 72.01 -0.81
CA HIS C 410 9.15 72.24 0.16
C HIS C 410 9.26 71.15 1.23
N THR C 411 8.46 70.10 1.10
CA THR C 411 8.49 69.01 2.06
C THR C 411 9.22 67.78 1.49
N GLY C 412 8.69 67.24 0.40
CA GLY C 412 9.31 66.09 -0.25
C GLY C 412 8.31 64.99 -0.56
N LYS C 413 8.11 64.74 -1.86
CA LYS C 413 7.23 63.66 -2.31
C LYS C 413 7.99 62.71 -3.22
N ALA C 414 7.50 61.48 -3.32
CA ALA C 414 8.09 60.51 -4.23
C ALA C 414 7.01 60.01 -5.19
N VAL C 415 7.33 60.02 -6.48
CA VAL C 415 6.36 59.63 -7.50
C VAL C 415 6.86 58.45 -8.32
N ILE C 416 5.96 57.52 -8.60
CA ILE C 416 6.29 56.33 -9.37
C ILE C 416 5.61 56.38 -10.73
N PHE C 417 6.36 56.02 -11.77
CA PHE C 417 5.84 56.07 -13.14
C PHE C 417 5.82 54.70 -13.81
N THR C 418 4.79 54.49 -14.63
CA THR C 418 4.69 53.30 -15.47
C THR C 418 4.79 53.71 -16.93
N GLN C 419 5.17 52.77 -17.79
CA GLN C 419 5.29 53.04 -19.21
C GLN C 419 4.45 52.07 -20.02
N VAL C 420 3.13 52.24 -19.91
CA VAL C 420 2.19 51.43 -20.65
C VAL C 420 2.29 51.73 -22.14
N SER C 421 1.93 50.76 -22.97
CA SER C 421 1.96 50.94 -24.41
C SER C 421 1.26 52.22 -24.82
N ARG C 422 2.02 53.17 -25.36
CA ARG C 422 1.47 54.44 -25.80
C ARG C 422 0.75 55.16 -24.66
N GLN C 423 1.42 55.28 -23.52
CA GLN C 423 0.86 55.98 -22.37
C GLN C 423 1.95 56.71 -21.57
N TRP C 424 2.76 55.95 -20.84
CA TRP C 424 3.81 56.52 -20.01
C TRP C 424 3.24 57.50 -18.99
N ARG C 425 2.19 57.08 -18.30
CA ARG C 425 1.54 57.93 -17.31
C ARG C 425 2.06 57.66 -15.90
N MET C 426 1.44 58.28 -14.90
CA MET C 426 1.84 58.11 -13.51
C MET C 426 1.08 56.96 -12.85
N LYS C 427 1.80 56.13 -12.10
CA LYS C 427 1.18 55.07 -11.33
C LYS C 427 0.57 55.63 -10.06
N ALA C 428 1.41 56.15 -9.18
CA ALA C 428 0.93 56.78 -7.94
C ALA C 428 2.04 57.58 -7.25
N GLU C 429 1.78 58.03 -6.04
CA GLU C 429 2.70 58.91 -5.34
C GLU C 429 2.32 59.08 -3.87
N VAL C 430 3.23 59.66 -3.10
CA VAL C 430 2.97 59.94 -1.69
C VAL C 430 3.70 61.19 -1.24
N THR C 431 2.96 62.12 -0.65
CA THR C 431 3.54 63.34 -0.14
C THR C 431 4.54 63.03 0.97
N GLY C 432 5.24 64.05 1.44
CA GLY C 432 6.19 63.89 2.53
C GLY C 432 5.48 63.89 3.87
N THR C 433 6.23 63.68 4.93
CA THR C 433 5.65 63.67 6.28
C THR C 433 5.84 65.00 6.96
N GLN C 434 6.97 65.65 6.68
CA GLN C 434 7.30 66.92 7.32
C GLN C 434 8.00 67.88 6.38
N ILE C 435 7.87 69.18 6.67
CA ILE C 435 8.52 70.21 5.89
C ILE C 435 10.02 70.19 6.11
N GLY C 436 10.78 70.13 5.02
CA GLY C 436 12.23 70.11 5.10
C GLY C 436 12.77 68.71 5.35
N SER C 437 11.90 67.80 5.76
CA SER C 437 12.29 66.42 6.02
C SER C 437 13.14 65.90 4.87
N TYR C 438 12.83 66.39 3.67
CA TYR C 438 13.55 66.01 2.47
C TYR C 438 13.17 64.59 2.07
N PHE C 439 11.87 64.32 2.09
CA PHE C 439 11.35 63.01 1.72
C PHE C 439 11.42 62.80 0.22
N GLY C 440 12.42 62.05 -0.22
CA GLY C 440 12.65 61.80 -1.63
C GLY C 440 14.12 61.68 -1.97
N ALA C 441 14.97 61.96 -0.98
CA ALA C 441 16.42 61.90 -1.14
C ALA C 441 16.88 60.60 -1.79
N SER C 442 16.80 59.50 -1.03
CA SER C 442 17.31 58.21 -1.50
C SER C 442 16.16 57.24 -1.80
N LEU C 443 16.36 56.38 -2.80
CA LEU C 443 15.37 55.35 -3.09
C LEU C 443 16.01 54.04 -3.52
N CYS C 444 15.48 52.94 -3.00
CA CYS C 444 16.00 51.61 -3.31
C CYS C 444 14.89 50.57 -3.38
N SER C 445 14.65 50.06 -4.59
CA SER C 445 13.71 48.98 -4.79
C SER C 445 14.39 47.68 -4.37
N VAL C 446 13.85 47.01 -3.36
CA VAL C 446 14.49 45.83 -2.81
C VAL C 446 13.55 44.62 -2.84
N ASP C 447 14.14 43.44 -2.74
CA ASP C 447 13.43 42.19 -2.98
C ASP C 447 13.37 41.32 -1.72
N VAL C 448 12.35 41.52 -0.89
CA VAL C 448 12.23 40.83 0.39
C VAL C 448 12.56 39.35 0.26
N ASP C 449 12.12 38.74 -0.83
CA ASP C 449 12.40 37.33 -1.10
C ASP C 449 13.43 37.19 -2.21
N SER C 450 13.14 36.35 -3.20
CA SER C 450 14.04 36.18 -4.33
C SER C 450 13.26 35.82 -5.59
N ASP C 451 11.97 36.16 -5.60
CA ASP C 451 11.10 35.82 -6.73
C ASP C 451 11.41 36.70 -7.94
N GLY C 452 12.30 37.67 -7.76
CA GLY C 452 12.77 38.48 -8.87
C GLY C 452 11.89 39.69 -9.16
N SER C 453 10.68 39.68 -8.64
CA SER C 453 9.75 40.78 -8.83
C SER C 453 9.81 41.75 -7.67
N THR C 454 10.33 42.95 -7.92
CA THR C 454 10.49 43.96 -6.86
C THR C 454 9.24 44.02 -6.00
N ASP C 455 9.41 43.89 -4.69
CA ASP C 455 8.29 43.81 -3.77
C ASP C 455 8.01 45.14 -3.09
N LEU C 456 9.07 45.84 -2.69
CA LEU C 456 8.91 47.08 -1.97
C LEU C 456 10.01 48.08 -2.33
N VAL C 457 9.95 49.26 -1.71
CA VAL C 457 10.82 50.37 -2.09
C VAL C 457 11.10 51.27 -0.90
N LEU C 458 12.37 51.62 -0.72
CA LEU C 458 12.80 52.45 0.39
C LEU C 458 12.90 53.91 -0.04
N ILE C 459 12.87 54.81 0.94
CA ILE C 459 12.96 56.24 0.68
C ILE C 459 13.83 56.90 1.76
N GLY C 460 14.48 58.00 1.42
CA GLY C 460 15.38 58.67 2.34
C GLY C 460 14.89 60.05 2.75
N ALA C 461 15.31 60.50 3.93
CA ALA C 461 14.94 61.82 4.44
C ALA C 461 15.83 62.19 5.62
N PRO C 462 17.14 62.23 5.39
CA PRO C 462 18.19 62.43 6.40
C PRO C 462 17.92 63.58 7.35
N HIS C 463 17.15 64.57 6.91
CA HIS C 463 16.92 65.77 7.70
C HIS C 463 15.48 65.83 8.19
N TYR C 464 15.11 64.86 9.02
CA TYR C 464 13.75 64.75 9.52
C TYR C 464 13.79 64.48 11.02
N TYR C 465 12.70 64.74 11.72
CA TYR C 465 12.63 64.50 13.15
C TYR C 465 11.30 64.90 13.77
N GLU C 466 11.24 64.75 15.10
CA GLU C 466 10.12 65.23 15.89
C GLU C 466 10.65 65.59 17.28
N GLN C 467 11.56 64.75 17.78
CA GLN C 467 12.25 65.01 19.03
C GLN C 467 13.75 64.70 18.90
N THR C 468 14.07 63.70 18.08
CA THR C 468 15.45 63.34 17.79
C THR C 468 15.71 63.32 16.29
N ARG C 469 16.70 64.09 15.85
CA ARG C 469 16.99 64.26 14.42
C ARG C 469 17.96 63.20 13.89
N GLY C 470 17.72 61.94 14.25
CA GLY C 470 18.55 60.86 13.74
C GLY C 470 18.54 60.82 12.23
N GLY C 471 17.34 60.92 11.66
CA GLY C 471 17.15 60.77 10.23
C GLY C 471 15.86 60.01 9.98
N GLN C 472 15.67 59.55 8.75
CA GLN C 472 14.44 58.81 8.43
C GLN C 472 14.49 58.09 7.07
N VAL C 473 14.28 56.79 7.10
CA VAL C 473 14.10 55.99 5.89
C VAL C 473 12.68 55.39 5.92
N SER C 474 12.00 55.40 4.78
CA SER C 474 10.61 54.97 4.73
C SER C 474 10.42 53.75 3.83
N VAL C 475 9.86 52.68 4.40
CA VAL C 475 9.54 51.49 3.62
C VAL C 475 8.16 51.64 2.98
N CYS C 476 8.07 51.30 1.70
CA CYS C 476 6.88 51.57 0.93
C CYS C 476 6.71 50.52 -0.17
N PRO C 477 5.94 49.46 0.12
CA PRO C 477 5.70 48.38 -0.83
C PRO C 477 5.15 48.88 -2.17
N LEU C 478 5.07 48.00 -3.16
CA LEU C 478 4.59 48.38 -4.50
C LEU C 478 3.27 47.71 -4.85
N PRO C 479 2.19 48.09 -4.16
CA PRO C 479 0.84 47.64 -4.51
C PRO C 479 0.55 47.82 -5.99
N ARG C 480 -0.18 46.87 -6.60
CA ARG C 480 -0.59 47.01 -8.00
C ARG C 480 -2.07 47.39 -8.09
N GLY C 481 -2.36 48.37 -8.93
CA GLY C 481 -3.68 48.96 -9.03
C GLY C 481 -3.56 50.45 -8.77
N TRP C 482 -3.35 51.21 -9.84
CA TRP C 482 -2.97 52.61 -9.72
C TRP C 482 -3.95 53.43 -8.87
N ARG C 483 -3.55 54.67 -8.58
CA ARG C 483 -4.36 55.60 -7.80
C ARG C 483 -4.49 55.21 -6.33
N ARG C 484 -3.77 54.16 -5.93
CA ARG C 484 -3.69 53.78 -4.53
C ARG C 484 -2.33 53.19 -4.21
N TRP C 485 -1.63 53.81 -3.27
CA TRP C 485 -0.28 53.42 -2.93
C TRP C 485 0.17 54.12 -1.66
N TRP C 486 0.65 53.34 -0.71
CA TRP C 486 1.00 53.86 0.61
C TRP C 486 2.44 53.53 0.97
N CYS C 487 3.20 54.55 1.37
CA CYS C 487 4.51 54.31 1.94
C CYS C 487 4.35 53.85 3.38
N ASP C 488 3.10 53.69 3.79
CA ASP C 488 2.79 53.27 5.15
C ASP C 488 2.33 51.83 5.19
N ALA C 489 3.19 50.91 4.77
CA ALA C 489 3.08 49.53 5.18
C ALA C 489 3.75 49.48 6.54
N VAL C 490 3.23 50.30 7.44
CA VAL C 490 3.77 50.48 8.78
C VAL C 490 5.05 51.31 8.85
N LEU C 491 6.17 50.61 8.93
CA LEU C 491 7.34 51.09 9.67
C LEU C 491 8.23 52.09 8.94
N TYR C 492 9.33 52.42 9.58
CA TYR C 492 10.33 53.34 9.06
C TYR C 492 11.54 53.37 10.01
N GLY C 493 12.67 52.86 9.55
CA GLY C 493 13.86 52.74 10.38
C GLY C 493 14.48 54.08 10.74
N GLU C 494 15.16 54.12 11.90
CA GLU C 494 15.78 55.36 12.36
C GLU C 494 17.05 55.11 13.17
N GLN C 495 17.17 55.82 14.30
CA GLN C 495 18.22 55.60 15.30
C GLN C 495 18.11 56.69 16.37
N GLY C 496 18.63 56.39 17.56
CA GLY C 496 18.59 57.34 18.66
C GLY C 496 19.83 58.20 18.73
N HIS C 497 19.97 59.11 17.77
CA HIS C 497 21.11 60.03 17.71
C HIS C 497 20.86 61.16 16.72
N PRO C 498 20.48 62.34 17.23
CA PRO C 498 20.17 63.54 16.43
C PRO C 498 21.26 63.89 15.40
N TRP C 499 20.93 64.76 14.45
CA TRP C 499 21.88 65.22 13.43
C TRP C 499 22.73 64.09 12.87
N GLY C 500 22.09 63.00 12.48
CA GLY C 500 22.80 61.82 12.01
C GLY C 500 22.79 61.64 10.51
N ARG C 501 21.83 62.27 9.84
CA ARG C 501 21.67 62.08 8.40
C ARG C 501 21.52 60.61 8.06
N PHE C 502 20.54 59.95 8.68
CA PHE C 502 20.28 58.55 8.43
C PHE C 502 19.31 58.37 7.26
N GLY C 503 19.81 57.77 6.19
CA GLY C 503 19.04 57.63 4.97
C GLY C 503 19.72 58.35 3.82
N ALA C 504 20.95 58.78 4.06
CA ALA C 504 21.74 59.48 3.05
C ALA C 504 21.92 58.62 1.80
N ALA C 505 22.13 57.33 2.01
CA ALA C 505 22.28 56.39 0.90
C ALA C 505 21.86 55.00 1.33
N LEU C 506 21.81 54.07 0.37
CA LEU C 506 21.41 52.69 0.67
C LEU C 506 21.33 51.85 -0.60
N THR C 507 21.59 50.56 -0.46
CA THR C 507 21.57 49.63 -1.58
C THR C 507 21.10 48.26 -1.15
N VAL C 508 20.50 47.53 -2.09
CA VAL C 508 20.17 46.13 -1.88
C VAL C 508 21.45 45.34 -1.70
N LEU C 509 21.51 44.51 -0.66
CA LEU C 509 22.67 43.66 -0.41
C LEU C 509 22.36 42.21 -0.81
N GLY C 510 21.12 41.79 -0.58
CA GLY C 510 20.69 40.46 -0.97
C GLY C 510 20.73 39.47 0.18
N ASP C 511 20.81 38.18 -0.17
CA ASP C 511 20.84 37.12 0.82
C ASP C 511 22.25 36.95 1.38
N VAL C 512 22.43 37.33 2.64
CA VAL C 512 23.74 37.25 3.29
C VAL C 512 23.74 36.20 4.38
N ASN C 513 22.67 36.15 5.17
CA ASN C 513 22.59 35.17 6.26
C ASN C 513 21.88 33.88 5.84
N GLY C 514 21.43 33.82 4.59
CA GLY C 514 20.96 32.58 3.99
C GLY C 514 19.53 32.19 4.29
N ASP C 515 18.79 33.04 4.98
CA ASP C 515 17.44 32.69 5.40
C ASP C 515 16.40 33.07 4.36
N LYS C 516 16.83 33.14 3.10
CA LYS C 516 15.92 33.45 2.00
C LYS C 516 15.35 34.87 2.09
N LEU C 517 15.78 35.62 3.10
CA LEU C 517 15.25 36.96 3.34
C LEU C 517 16.31 38.03 3.10
N THR C 518 16.26 38.64 1.92
CA THR C 518 17.22 39.67 1.55
C THR C 518 17.46 40.67 2.68
N ASP C 519 18.66 41.24 2.71
CA ASP C 519 19.04 42.23 3.72
C ASP C 519 19.56 43.47 3.02
N VAL C 520 19.35 44.63 3.64
CA VAL C 520 19.76 45.90 3.02
C VAL C 520 20.73 46.67 3.89
N VAL C 521 21.41 47.64 3.28
CA VAL C 521 22.37 48.49 3.98
C VAL C 521 21.97 49.96 3.86
N ILE C 522 22.21 50.73 4.91
CA ILE C 522 21.82 52.14 4.95
C ILE C 522 22.90 53.03 5.58
N GLY C 523 23.28 54.09 4.88
CA GLY C 523 24.33 54.99 5.33
C GLY C 523 23.85 56.16 6.16
N ALA C 524 24.76 56.69 6.98
CA ALA C 524 24.44 57.77 7.90
C ALA C 524 25.73 58.42 8.40
N PRO C 525 26.38 59.20 7.53
CA PRO C 525 27.69 59.83 7.76
C PRO C 525 27.66 60.92 8.82
N GLY C 526 26.51 61.13 9.45
CA GLY C 526 26.36 62.20 10.42
C GLY C 526 26.28 61.70 11.86
N GLU C 527 26.27 60.39 12.03
CA GLU C 527 26.21 59.78 13.36
C GLU C 527 27.38 60.24 14.23
N GLU C 528 27.28 59.97 15.53
CA GLU C 528 28.33 60.34 16.47
C GLU C 528 28.74 61.80 16.25
N GLU C 529 30.00 62.13 16.55
CA GLU C 529 30.50 63.49 16.34
C GLU C 529 30.90 63.69 14.88
N ASN C 530 29.91 63.77 14.02
CA ASN C 530 30.11 63.90 12.57
C ASN C 530 30.68 62.63 11.94
N ARG C 531 31.10 61.69 12.80
CA ARG C 531 31.65 60.43 12.33
C ARG C 531 30.65 59.74 11.42
N GLY C 532 31.11 58.72 10.70
CA GLY C 532 30.24 57.98 9.81
C GLY C 532 29.51 56.86 10.52
N ALA C 533 28.62 56.18 9.79
CA ALA C 533 27.87 55.06 10.36
C ALA C 533 27.11 54.31 9.27
N VAL C 534 26.78 53.05 9.53
CA VAL C 534 26.00 52.24 8.60
C VAL C 534 25.11 51.25 9.37
N TYR C 535 24.02 50.81 8.76
CA TYR C 535 23.06 49.94 9.44
C TYR C 535 22.65 48.76 8.57
N LEU C 536 22.28 47.66 9.22
CA LEU C 536 21.87 46.45 8.52
C LEU C 536 20.52 45.96 9.02
N PHE C 537 19.57 45.81 8.10
CA PHE C 537 18.24 45.32 8.44
C PHE C 537 17.93 44.06 7.65
N HIS C 538 16.84 43.39 8.03
CA HIS C 538 16.42 42.17 7.34
C HIS C 538 14.94 42.25 6.97
N GLY C 539 14.55 41.52 5.93
CA GLY C 539 13.15 41.43 5.53
C GLY C 539 12.40 40.52 6.48
N VAL C 540 11.11 40.31 6.23
CA VAL C 540 10.33 39.41 7.05
C VAL C 540 9.49 38.48 6.18
N LEU C 541 8.32 38.96 5.77
CA LEU C 541 7.46 38.19 4.87
C LEU C 541 6.67 39.16 4.01
N GLY C 542 7.08 39.29 2.75
CA GLY C 542 6.44 40.19 1.82
C GLY C 542 6.85 41.63 2.09
N PRO C 543 5.87 42.54 2.12
CA PRO C 543 6.14 43.96 2.37
C PRO C 543 6.41 44.25 3.84
N SER C 544 7.68 44.33 4.23
CA SER C 544 8.03 44.60 5.62
C SER C 544 9.55 44.52 5.81
N ILE C 545 10.03 45.17 6.87
CA ILE C 545 11.41 45.03 7.30
C ILE C 545 11.47 45.02 8.83
N SER C 546 12.65 44.74 9.38
CA SER C 546 12.80 44.63 10.82
C SER C 546 13.41 45.89 11.41
N PRO C 547 12.58 46.72 12.05
CA PRO C 547 13.03 47.98 12.67
C PRO C 547 14.32 47.79 13.47
N SER C 548 14.35 46.77 14.31
CA SER C 548 15.55 46.46 15.06
C SER C 548 16.63 45.90 14.12
N HIS C 549 17.67 46.68 13.89
CA HIS C 549 18.78 46.25 13.06
C HIS C 549 19.63 45.26 13.84
N SER C 550 20.41 44.45 13.13
CA SER C 550 21.24 43.44 13.76
C SER C 550 22.65 43.97 14.00
N GLN C 551 23.08 44.87 13.13
CA GLN C 551 24.44 45.39 13.20
C GLN C 551 24.44 46.91 13.02
N ARG C 552 25.48 47.55 13.54
CA ARG C 552 25.63 49.00 13.42
C ARG C 552 27.10 49.37 13.35
N ILE C 553 27.79 48.90 12.31
CA ILE C 553 29.19 49.23 12.10
C ILE C 553 29.33 50.73 11.83
N ALA C 554 29.90 51.45 12.79
CA ALA C 554 30.07 52.90 12.67
C ALA C 554 31.54 53.26 12.44
N GLY C 555 31.84 54.55 12.49
CA GLY C 555 33.19 55.02 12.23
C GLY C 555 34.13 54.80 13.39
N SER C 556 33.64 54.16 14.44
CA SER C 556 34.43 53.90 15.64
C SER C 556 35.15 52.57 15.53
N GLN C 557 35.10 51.96 14.35
CA GLN C 557 35.60 50.61 14.15
C GLN C 557 37.04 50.66 13.67
N LEU C 558 37.92 51.13 14.56
CA LEU C 558 39.31 51.41 14.22
C LEU C 558 39.45 51.99 12.82
N SER C 559 38.45 52.76 12.41
CA SER C 559 38.65 53.75 11.37
C SER C 559 39.47 54.82 12.04
N SER C 560 40.79 54.80 11.81
CA SER C 560 41.68 55.69 12.53
C SER C 560 41.08 57.09 12.56
N ARG C 561 40.85 57.67 11.40
CA ARG C 561 40.39 59.05 11.30
C ARG C 561 39.70 59.35 9.98
N LEU C 562 38.44 58.94 9.85
CA LEU C 562 37.62 59.43 8.75
C LEU C 562 36.36 60.09 9.30
N GLN C 563 36.09 61.29 8.80
CA GLN C 563 35.03 62.12 9.32
C GLN C 563 33.68 61.46 9.04
N TYR C 564 33.13 61.70 7.85
CA TYR C 564 31.84 61.14 7.49
C TYR C 564 32.00 60.04 6.45
N PHE C 565 31.51 58.86 6.79
CA PHE C 565 31.61 57.69 5.92
C PHE C 565 30.23 57.09 5.78
N GLY C 566 29.95 56.50 4.63
CA GLY C 566 28.65 55.95 4.35
C GLY C 566 27.83 56.88 3.49
N GLN C 567 28.45 57.98 3.07
CA GLN C 567 27.82 58.93 2.17
C GLN C 567 27.01 58.16 1.12
N ALA C 568 27.70 57.29 0.39
CA ALA C 568 27.05 56.43 -0.59
C ALA C 568 27.49 54.99 -0.38
N LEU C 569 26.82 54.07 -1.06
CA LEU C 569 27.18 52.65 -0.95
C LEU C 569 26.33 51.78 -1.88
N SER C 570 26.98 50.81 -2.51
CA SER C 570 26.31 49.86 -3.38
C SER C 570 26.93 48.48 -3.21
N GLY C 571 26.10 47.45 -3.06
CA GLY C 571 26.58 46.11 -2.85
C GLY C 571 25.71 45.07 -3.53
N GLY C 572 26.13 43.81 -3.43
CA GLY C 572 25.40 42.69 -4.02
C GLY C 572 26.26 41.83 -4.92
N GLN C 573 27.45 42.33 -5.26
CA GLN C 573 28.32 41.64 -6.22
C GLN C 573 29.53 40.99 -5.56
N ASP C 574 29.80 39.76 -5.96
CA ASP C 574 30.96 39.01 -5.47
C ASP C 574 32.20 39.41 -6.25
N LEU C 575 33.07 40.19 -5.61
CA LEU C 575 34.22 40.77 -6.31
C LEU C 575 35.55 40.23 -5.82
N THR C 576 35.63 39.86 -4.54
CA THR C 576 36.87 39.32 -3.99
C THR C 576 36.97 37.85 -4.37
N GLN C 577 35.86 37.32 -4.89
CA GLN C 577 35.79 35.97 -5.43
C GLN C 577 35.86 34.88 -4.36
N ASP C 578 36.03 35.27 -3.10
CA ASP C 578 35.52 34.43 -2.03
C ASP C 578 34.01 34.50 -2.25
N GLY C 579 33.33 33.39 -2.03
CA GLY C 579 31.99 33.20 -2.59
C GLY C 579 30.97 34.31 -2.42
N LEU C 580 30.52 34.54 -1.18
CA LEU C 580 29.33 35.34 -0.93
C LEU C 580 29.50 36.82 -1.29
N VAL C 581 28.37 37.51 -1.42
CA VAL C 581 28.36 38.90 -1.89
C VAL C 581 29.31 39.80 -1.10
N ASP C 582 29.55 40.99 -1.63
CA ASP C 582 30.37 41.98 -0.95
C ASP C 582 29.68 43.34 -0.94
N LEU C 583 30.15 44.21 -0.06
CA LEU C 583 29.58 45.53 0.07
C LEU C 583 30.67 46.57 -0.11
N ALA C 584 30.32 47.68 -0.77
CA ALA C 584 31.26 48.78 -0.95
C ALA C 584 30.66 50.07 -0.38
N VAL C 585 31.34 50.66 0.59
CA VAL C 585 30.89 51.90 1.22
C VAL C 585 31.93 53.02 1.05
N GLY C 586 31.56 54.09 0.36
CA GLY C 586 32.46 55.20 0.14
C GLY C 586 32.55 56.15 1.32
N ALA C 587 33.73 56.71 1.53
CA ALA C 587 33.98 57.65 2.62
C ALA C 587 34.92 58.75 2.15
N ARG C 588 34.97 59.85 2.89
CA ARG C 588 35.82 60.97 2.51
C ARG C 588 37.29 60.55 2.49
N GLY C 589 37.85 60.47 1.28
CA GLY C 589 39.27 60.15 1.13
C GLY C 589 39.50 58.72 0.68
N GLN C 590 38.83 57.78 1.33
CA GLN C 590 39.02 56.36 1.04
C GLN C 590 37.69 55.62 0.95
N VAL C 591 37.71 54.42 0.40
CA VAL C 591 36.51 53.60 0.27
C VAL C 591 36.81 52.17 0.72
N LEU C 592 35.93 51.60 1.54
CA LEU C 592 36.16 50.29 2.13
C LEU C 592 35.30 49.19 1.52
N LEU C 593 35.76 47.95 1.65
CA LEU C 593 34.99 46.79 1.24
C LEU C 593 34.79 45.84 2.42
N LEU C 594 33.53 45.59 2.76
CA LEU C 594 33.20 44.66 3.83
C LEU C 594 32.58 43.40 3.27
N ARG C 595 33.24 42.26 3.51
CA ARG C 595 32.75 40.98 3.04
C ARG C 595 31.75 40.38 4.02
N THR C 596 30.92 39.45 3.54
CA THR C 596 29.90 38.82 4.38
C THR C 596 30.37 37.45 4.87
N ARG C 597 30.64 37.35 6.17
CA ARG C 597 31.12 36.10 6.78
C ARG C 597 30.02 35.04 6.78
N PRO C 598 30.35 33.81 6.35
CA PRO C 598 29.39 32.71 6.20
C PRO C 598 28.59 32.39 7.46
N VAL C 599 27.27 32.44 7.37
CA VAL C 599 26.43 32.00 8.47
C VAL C 599 25.80 30.66 8.16
N LEU C 600 26.34 29.62 8.76
CA LEU C 600 25.70 28.31 8.74
C LEU C 600 25.06 28.12 10.09
N TRP C 601 23.98 27.37 10.13
CA TRP C 601 23.45 26.90 11.40
C TRP C 601 23.21 25.41 11.31
N VAL C 602 23.08 24.78 12.47
CA VAL C 602 23.14 23.33 12.56
C VAL C 602 21.93 22.79 13.33
N GLY C 603 21.54 21.56 13.02
CA GLY C 603 20.48 20.88 13.73
C GLY C 603 21.06 19.76 14.57
N VAL C 604 20.41 19.46 15.69
CA VAL C 604 20.93 18.50 16.65
C VAL C 604 19.84 17.52 17.11
N SER C 605 20.28 16.32 17.48
CA SER C 605 19.37 15.29 18.00
C SER C 605 19.93 14.74 19.30
N MET C 606 19.06 14.49 20.26
CA MET C 606 19.48 13.96 21.55
C MET C 606 18.65 12.75 21.96
N GLN C 607 19.32 11.75 22.53
CA GLN C 607 18.66 10.52 22.94
C GLN C 607 19.41 9.82 24.07
N PHE C 608 18.69 9.07 24.88
CA PHE C 608 19.29 8.27 25.94
C PHE C 608 19.10 6.79 25.66
N ILE C 609 20.16 6.12 25.21
CA ILE C 609 20.06 4.71 24.81
C ILE C 609 19.15 3.95 25.77
N PRO C 610 19.50 3.92 27.08
CA PRO C 610 18.49 3.47 28.05
C PRO C 610 17.35 4.47 28.15
N ALA C 611 16.22 4.18 27.49
CA ALA C 611 15.09 5.09 27.43
C ALA C 611 14.85 5.78 28.78
N GLU C 612 14.46 4.99 29.76
CA GLU C 612 14.26 5.48 31.13
C GLU C 612 15.17 4.69 32.07
N ILE C 613 14.87 4.74 33.37
CA ILE C 613 15.67 4.01 34.34
C ILE C 613 14.88 2.83 34.90
N PRO C 614 15.51 1.64 34.95
CA PRO C 614 14.79 0.40 35.22
C PRO C 614 14.42 0.22 36.68
N ARG C 615 14.67 1.24 37.50
CA ARG C 615 14.40 1.15 38.94
C ARG C 615 15.44 0.27 39.62
N SER C 616 16.41 -0.21 38.83
CA SER C 616 17.46 -1.08 39.37
C SER C 616 18.33 -0.31 40.36
N ALA C 617 18.97 0.76 39.88
CA ALA C 617 19.78 1.61 40.73
C ALA C 617 18.94 2.78 41.23
N PHE C 618 17.75 2.48 41.73
CA PHE C 618 16.78 3.51 42.09
C PHE C 618 16.83 3.81 43.60
N GLU C 619 16.08 3.04 44.39
CA GLU C 619 16.00 3.29 45.82
C GLU C 619 17.17 2.68 46.58
N CYS C 620 17.83 1.71 45.95
CA CYS C 620 19.12 1.21 46.42
C CYS C 620 19.06 0.67 47.85
N ARG C 621 20.24 0.36 48.40
CA ARG C 621 20.30 -0.31 49.70
C ARG C 621 21.72 -0.23 50.27
N GLU C 622 21.88 -0.60 51.54
CA GLU C 622 23.14 -0.35 52.23
C GLU C 622 23.76 -1.56 52.94
N GLN C 623 23.65 -2.73 52.31
CA GLN C 623 24.65 -3.76 52.50
C GLN C 623 25.33 -3.88 51.15
N VAL C 624 26.66 -3.92 51.16
CA VAL C 624 27.48 -3.84 49.94
C VAL C 624 27.33 -2.55 49.14
N VAL C 625 27.36 -2.67 47.81
CA VAL C 625 27.88 -1.62 46.94
C VAL C 625 26.95 -0.51 46.47
N SER C 626 27.60 0.54 45.99
CA SER C 626 27.09 1.31 44.87
C SER C 626 27.40 0.50 43.63
N GLU C 627 26.40 -0.13 43.04
CA GLU C 627 26.53 -0.54 41.65
C GLU C 627 25.97 0.61 40.85
N GLN C 628 26.86 1.52 40.44
CA GLN C 628 26.43 2.70 39.73
C GLN C 628 26.00 2.31 38.33
N THR C 629 24.70 2.38 38.09
CA THR C 629 24.13 2.04 36.80
C THR C 629 24.83 2.81 35.69
N LEU C 630 24.84 2.24 34.49
CA LEU C 630 25.52 2.87 33.36
C LEU C 630 24.55 3.26 32.24
N VAL C 631 24.16 4.53 32.23
CA VAL C 631 23.31 5.06 31.17
C VAL C 631 24.16 5.62 30.03
N GLN C 632 23.67 5.48 28.82
CA GLN C 632 24.34 6.04 27.66
C GLN C 632 23.51 7.17 27.07
N SER C 633 24.18 8.27 26.71
CA SER C 633 23.52 9.40 26.07
C SER C 633 24.17 9.74 24.73
N ASN C 634 23.42 9.57 23.65
CA ASN C 634 23.94 9.78 22.30
C ASN C 634 23.42 11.06 21.66
N ILE C 635 24.35 11.96 21.32
CA ILE C 635 24.02 13.22 20.66
C ILE C 635 24.66 13.24 19.29
N CYS C 636 24.02 13.91 18.34
CA CYS C 636 24.51 14.00 16.98
C CYS C 636 24.44 15.44 16.47
N LEU C 637 25.34 15.81 15.55
CA LEU C 637 25.34 17.17 15.00
C LEU C 637 25.60 17.21 13.49
N TYR C 638 24.70 17.90 12.79
CA TYR C 638 24.69 17.94 11.33
C TYR C 638 24.17 19.28 10.84
N ILE C 639 24.74 19.77 9.75
CA ILE C 639 24.36 21.07 9.19
C ILE C 639 23.64 20.91 7.85
N ASP C 640 22.58 21.68 7.64
CA ASP C 640 21.63 21.39 6.57
C ASP C 640 21.34 22.56 5.62
N LYS C 641 21.39 23.78 6.13
CA LYS C 641 21.04 24.95 5.33
C LYS C 641 22.31 25.58 4.76
N ARG C 642 22.45 25.44 3.45
CA ARG C 642 23.75 25.44 2.81
C ARG C 642 23.73 26.19 1.48
N SER C 643 22.54 26.50 0.98
CA SER C 643 22.34 26.87 -0.41
C SER C 643 23.37 27.86 -0.94
N LYS C 644 23.69 28.87 -0.14
CA LYS C 644 24.61 29.93 -0.57
C LYS C 644 26.05 29.44 -0.65
N ASN C 645 26.54 28.84 0.43
CA ASN C 645 27.95 28.46 0.53
C ASN C 645 28.35 27.30 -0.37
N LEU C 646 27.36 26.55 -0.83
CA LEU C 646 27.58 25.47 -1.78
C LEU C 646 28.53 24.39 -1.22
N LEU C 647 28.66 23.29 -1.96
CA LEU C 647 29.50 22.18 -1.54
C LEU C 647 30.96 22.61 -1.42
N GLY C 648 31.81 21.69 -0.95
CA GLY C 648 33.24 21.92 -0.94
C GLY C 648 33.77 22.55 0.33
N SER C 649 35.07 22.78 0.36
CA SER C 649 35.76 23.38 1.50
C SER C 649 34.90 24.43 2.21
N ARG C 650 35.08 24.53 3.52
CA ARG C 650 34.36 25.51 4.34
C ARG C 650 32.95 25.02 4.66
N ASP C 651 32.10 24.91 3.64
CA ASP C 651 30.74 24.44 3.85
C ASP C 651 30.75 23.12 4.60
N LEU C 652 31.87 22.41 4.49
CA LEU C 652 32.08 21.19 5.26
C LEU C 652 32.87 21.48 6.53
N GLN C 653 34.17 21.20 6.49
CA GLN C 653 35.01 21.21 7.68
C GLN C 653 34.78 22.42 8.59
N SER C 654 34.59 22.14 9.87
CA SER C 654 34.65 23.14 10.94
C SER C 654 34.82 22.41 12.26
N SER C 655 35.54 23.03 13.19
CA SER C 655 35.70 22.46 14.51
C SER C 655 34.70 23.10 15.47
N VAL C 656 34.37 22.38 16.55
CA VAL C 656 33.36 22.84 17.50
C VAL C 656 33.71 22.48 18.95
N THR C 657 33.34 23.37 19.86
CA THR C 657 33.44 23.08 21.29
C THR C 657 32.09 22.68 21.86
N LEU C 658 32.04 21.50 22.47
CA LEU C 658 30.81 20.99 23.09
C LEU C 658 30.92 21.02 24.60
N ASP C 659 29.84 21.38 25.27
CA ASP C 659 29.85 21.48 26.73
C ASP C 659 28.56 20.92 27.33
N LEU C 660 28.56 19.61 27.57
CA LEU C 660 27.43 18.91 28.16
C LEU C 660 27.43 19.09 29.67
N ALA C 661 26.24 19.25 30.25
CA ALA C 661 26.12 19.43 31.69
C ALA C 661 24.77 18.92 32.17
N LEU C 662 24.78 18.10 33.22
CA LEU C 662 23.57 17.46 33.71
C LEU C 662 23.01 18.17 34.95
N ASP C 663 21.69 18.19 35.06
CA ASP C 663 21.01 18.87 36.15
C ASP C 663 21.76 20.13 36.57
N PRO C 664 21.88 21.08 35.64
CA PRO C 664 22.67 22.31 35.83
C PRO C 664 22.13 23.23 36.92
N GLY C 665 20.84 23.51 36.88
CA GLY C 665 20.24 24.53 37.74
C GLY C 665 20.27 24.20 39.22
N ARG C 666 20.50 22.94 39.56
CA ARG C 666 20.49 22.51 40.95
C ARG C 666 21.91 22.21 41.42
N LEU C 667 22.18 22.45 42.69
CA LEU C 667 23.49 22.18 43.26
C LEU C 667 23.55 20.74 43.77
N SER C 668 22.85 19.86 43.07
CA SER C 668 22.83 18.45 43.42
C SER C 668 22.90 17.61 42.14
N PRO C 669 24.11 17.54 41.54
CA PRO C 669 24.36 16.77 40.32
C PRO C 669 23.81 15.36 40.43
N ARG C 670 22.82 15.04 39.62
CA ARG C 670 22.19 13.73 39.65
C ARG C 670 23.01 12.67 38.92
N ALA C 671 24.22 13.02 38.51
CA ALA C 671 25.10 12.06 37.80
C ALA C 671 26.43 12.69 37.42
N THR C 672 27.19 11.98 36.58
CA THR C 672 28.48 12.43 36.09
C THR C 672 28.90 11.62 34.87
N PHE C 673 29.65 12.25 33.97
CA PHE C 673 30.25 11.54 32.85
C PHE C 673 31.47 10.76 33.33
N GLN C 674 31.77 9.66 32.66
CA GLN C 674 32.86 8.81 33.07
C GLN C 674 34.20 9.35 32.59
N GLU C 675 34.22 9.80 31.34
CA GLU C 675 35.45 10.26 30.71
C GLU C 675 36.18 11.28 31.57
N THR C 676 35.42 12.11 32.29
CA THR C 676 36.02 13.16 33.12
C THR C 676 35.67 13.01 34.60
N LYS C 677 34.58 12.31 34.88
CA LYS C 677 34.15 12.05 36.24
C LYS C 677 33.39 13.23 36.83
N ASN C 678 33.42 14.36 36.16
CA ASN C 678 32.69 15.54 36.60
C ASN C 678 31.22 15.46 36.24
N ARG C 679 30.45 16.45 36.70
CA ARG C 679 29.03 16.53 36.39
C ARG C 679 28.84 17.14 35.00
N SER C 680 29.96 17.40 34.34
CA SER C 680 29.96 17.97 32.99
C SER C 680 31.27 17.63 32.28
N LEU C 681 31.30 17.83 30.97
CA LEU C 681 32.51 17.56 30.19
C LEU C 681 32.53 18.38 28.91
N SER C 682 33.71 18.50 28.32
CA SER C 682 33.87 19.21 27.05
C SER C 682 34.87 18.50 26.15
N ARG C 683 34.58 18.50 24.85
CA ARG C 683 35.47 17.90 23.87
C ARG C 683 35.29 18.57 22.50
N VAL C 684 36.41 18.93 21.87
CA VAL C 684 36.38 19.57 20.56
C VAL C 684 36.42 18.52 19.45
N ARG C 685 35.38 18.49 18.62
CA ARG C 685 35.27 17.50 17.56
C ARG C 685 34.88 18.11 16.21
N VAL C 686 35.09 17.35 15.14
CA VAL C 686 34.92 17.85 13.79
C VAL C 686 33.54 17.58 13.23
N LEU C 687 32.89 18.65 12.75
CA LEU C 687 31.57 18.55 12.15
C LEU C 687 31.65 18.33 10.65
N GLY C 688 30.48 18.15 10.03
CA GLY C 688 30.36 18.12 8.59
C GLY C 688 28.92 18.36 8.21
N LEU C 689 28.62 18.34 6.91
CA LEU C 689 27.23 18.37 6.46
C LEU C 689 26.63 17.00 6.66
N LYS C 690 27.51 16.02 6.89
CA LYS C 690 27.09 14.69 7.31
C LYS C 690 27.18 14.61 8.84
N ALA C 691 26.12 14.09 9.45
CA ALA C 691 25.99 14.04 10.90
C ALA C 691 27.30 13.66 11.61
N HIS C 692 27.37 13.94 12.91
CA HIS C 692 28.45 13.41 13.74
C HIS C 692 27.91 12.97 15.09
N CYS C 693 27.71 11.66 15.25
CA CYS C 693 27.12 11.11 16.47
C CYS C 693 28.13 10.43 17.38
N GLU C 694 28.19 10.90 18.62
CA GLU C 694 29.03 10.26 19.64
C GLU C 694 28.27 10.11 20.96
N ASN C 695 28.20 8.88 21.47
CA ASN C 695 27.52 8.61 22.74
C ASN C 695 28.49 8.59 23.92
N PHE C 696 28.06 9.16 25.04
CA PHE C 696 28.92 9.26 26.22
C PHE C 696 28.41 8.42 27.39
N ASN C 697 29.33 8.10 28.29
CA ASN C 697 29.03 7.25 29.43
C ASN C 697 28.65 8.05 30.66
N LEU C 698 27.52 7.67 31.25
CA LEU C 698 26.98 8.35 32.42
C LEU C 698 26.88 7.38 33.59
N LEU C 699 27.08 7.90 34.79
CA LEU C 699 27.08 7.07 35.99
C LEU C 699 26.04 7.58 36.96
N LEU C 700 25.02 6.75 37.21
CA LEU C 700 24.00 7.08 38.19
C LEU C 700 24.29 6.36 39.51
N PRO C 701 24.45 7.14 40.60
CA PRO C 701 24.65 6.53 41.92
C PRO C 701 23.46 5.65 42.30
N SER C 702 23.72 4.47 42.83
CA SER C 702 22.66 3.54 43.19
C SER C 702 21.53 4.23 43.95
N CYS C 703 21.89 5.08 44.91
CA CYS C 703 20.90 5.74 45.77
C CYS C 703 20.72 7.21 45.40
N VAL C 704 19.47 7.65 45.31
CA VAL C 704 19.16 9.03 44.96
C VAL C 704 17.83 9.49 45.55
N GLU C 705 17.75 10.78 45.87
CA GLU C 705 16.53 11.34 46.43
C GLU C 705 15.47 11.55 45.35
N ASP C 706 15.62 12.62 44.59
CA ASP C 706 14.64 12.99 43.57
C ASP C 706 14.72 12.07 42.36
N SER C 707 13.59 11.44 42.04
CA SER C 707 13.51 10.57 40.87
C SER C 707 12.40 11.03 39.94
N VAL C 708 11.41 11.74 40.49
CA VAL C 708 10.27 12.20 39.70
C VAL C 708 10.70 13.12 38.56
N THR C 709 11.60 14.04 38.86
CA THR C 709 12.08 15.00 37.86
C THR C 709 13.17 14.37 37.01
N PRO C 710 12.87 14.07 35.74
CA PRO C 710 13.92 13.51 34.88
C PRO C 710 15.21 14.30 35.01
N ILE C 711 16.34 13.65 34.73
CA ILE C 711 17.62 14.34 34.73
C ILE C 711 17.86 14.98 33.37
N THR C 712 18.20 16.27 33.39
CA THR C 712 18.41 17.04 32.17
C THR C 712 19.84 16.91 31.68
N LEU C 713 20.01 17.02 30.36
CA LEU C 713 21.33 17.10 29.76
C LEU C 713 21.31 18.10 28.61
N ARG C 714 21.96 19.24 28.80
CA ARG C 714 21.97 20.30 27.80
C ARG C 714 23.39 20.48 27.26
N LEU C 715 23.50 20.99 26.03
CA LEU C 715 24.81 21.30 25.47
C LEU C 715 24.96 22.78 25.10
N ASN C 716 26.14 23.32 25.38
CA ASN C 716 26.55 24.62 24.86
C ASN C 716 27.57 24.34 23.77
N PHE C 717 27.26 24.75 22.54
CA PHE C 717 28.17 24.50 21.42
C PHE C 717 28.38 25.76 20.62
N THR C 718 29.57 25.90 20.06
CA THR C 718 29.92 27.07 19.26
C THR C 718 30.85 26.68 18.12
N LEU C 719 31.65 27.62 17.64
CA LEU C 719 32.55 27.35 16.53
C LEU C 719 33.97 27.75 16.89
N VAL C 720 34.71 26.84 17.50
CA VAL C 720 36.04 27.15 18.00
C VAL C 720 37.07 27.13 16.89
N GLY C 721 38.17 27.84 17.12
CA GLY C 721 39.29 27.85 16.20
C GLY C 721 39.06 28.75 15.00
N LYS C 722 38.27 28.26 14.05
CA LYS C 722 38.02 28.96 12.80
C LYS C 722 39.23 28.96 11.86
N PRO C 723 40.14 27.97 12.01
CA PRO C 723 41.08 27.74 10.90
C PRO C 723 40.60 26.64 9.96
N LEU C 724 40.48 26.96 8.68
CA LEU C 724 39.99 25.99 7.70
C LEU C 724 40.73 26.10 6.37
N LEU C 725 41.72 25.23 6.18
CA LEU C 725 42.50 25.19 4.95
C LEU C 725 43.14 26.56 4.67
N ALA C 726 42.59 27.31 3.73
CA ALA C 726 43.09 28.65 3.43
C ALA C 726 42.31 29.66 4.26
N PHE C 727 42.75 30.91 4.24
CA PHE C 727 42.06 31.97 4.97
C PHE C 727 40.98 32.58 4.09
N ARG C 728 40.37 31.74 3.26
CA ARG C 728 39.34 32.19 2.34
C ARG C 728 37.96 32.07 2.96
N ASN C 729 37.93 31.65 4.22
CA ASN C 729 36.72 31.68 5.02
C ASN C 729 36.88 32.65 6.18
N LEU C 730 38.07 32.65 6.77
CA LEU C 730 38.35 33.45 7.96
C LEU C 730 37.39 33.13 9.10
N ARG C 731 36.33 33.92 9.27
CA ARG C 731 35.39 33.68 10.37
C ARG C 731 33.98 33.30 9.89
N PRO C 732 33.58 32.04 10.13
CA PRO C 732 32.16 31.68 10.06
C PRO C 732 31.44 32.02 11.36
N MET C 733 30.12 31.89 11.40
CA MET C 733 29.35 32.19 12.60
C MET C 733 27.94 31.59 12.54
N LEU C 734 27.18 31.78 13.61
CA LEU C 734 25.83 31.25 13.72
C LEU C 734 24.80 32.32 13.45
N ALA C 735 23.54 31.90 13.32
CA ALA C 735 22.46 32.83 13.01
C ALA C 735 21.87 33.46 14.26
N ALA C 736 20.83 34.28 14.08
CA ALA C 736 20.19 34.98 15.17
C ALA C 736 19.45 34.01 16.08
N ASP C 737 18.60 33.18 15.47
CA ASP C 737 17.87 32.14 16.19
C ASP C 737 18.77 30.94 16.40
N ALA C 738 19.76 31.10 17.27
CA ALA C 738 20.68 30.02 17.60
C ALA C 738 20.31 29.48 18.97
N GLN C 739 19.59 28.37 18.98
CA GLN C 739 19.20 27.72 20.23
C GLN C 739 20.35 26.87 20.71
N ARG C 740 21.53 27.50 20.84
CA ARG C 740 22.75 26.79 21.20
C ARG C 740 22.57 25.94 22.46
N TYR C 741 21.53 26.24 23.22
CA TYR C 741 21.21 25.45 24.40
C TYR C 741 20.09 24.46 24.09
N PHE C 742 20.49 23.22 23.77
CA PHE C 742 19.54 22.16 23.49
C PHE C 742 19.57 21.11 24.60
N THR C 743 18.40 20.79 25.15
CA THR C 743 18.32 19.88 26.27
C THR C 743 17.41 18.68 25.99
N ALA C 744 17.81 17.52 26.50
CA ALA C 744 17.02 16.30 26.40
C ALA C 744 16.89 15.67 27.78
N SER C 745 15.73 15.07 28.05
CA SER C 745 15.43 14.57 29.39
C SER C 745 15.54 13.06 29.47
N LEU C 746 15.84 12.57 30.68
CA LEU C 746 15.86 11.13 30.94
C LEU C 746 14.93 10.81 32.11
N PRO C 747 13.81 10.12 31.82
CA PRO C 747 12.83 9.79 32.86
C PRO C 747 13.25 8.63 33.76
N PHE C 748 12.45 8.35 34.79
CA PHE C 748 12.68 7.23 35.68
C PHE C 748 11.46 6.33 35.68
N GLU C 749 11.64 5.09 36.12
CA GLU C 749 10.51 4.19 36.32
C GLU C 749 9.87 4.50 37.67
N LYS C 750 8.89 5.39 37.67
CA LYS C 750 8.27 5.83 38.92
C LYS C 750 7.68 4.65 39.67
N ASN C 751 7.97 4.54 40.96
CA ASN C 751 7.42 3.45 41.76
C ASN C 751 5.89 3.54 41.85
N CYS C 752 5.20 2.69 41.09
CA CYS C 752 3.74 2.65 41.15
C CYS C 752 3.28 1.63 42.19
N GLY C 753 4.03 1.52 43.27
CA GLY C 753 3.70 0.62 44.35
C GLY C 753 4.66 -0.55 44.46
N ALA C 754 4.48 -1.38 45.48
CA ALA C 754 5.28 -2.59 45.66
C ALA C 754 4.92 -3.64 44.62
N ASP C 755 3.94 -3.32 43.78
CA ASP C 755 3.47 -4.22 42.73
C ASP C 755 2.56 -3.43 41.79
N HIS C 756 1.61 -4.12 41.16
CA HIS C 756 0.57 -3.46 40.36
C HIS C 756 1.05 -3.09 38.96
N ILE C 757 2.35 -3.21 38.73
CA ILE C 757 2.92 -3.28 37.37
C ILE C 757 2.90 -1.96 36.58
N CYS C 758 2.18 -0.96 37.06
CA CYS C 758 2.26 0.38 36.48
C CYS C 758 1.77 0.39 35.03
N GLN C 759 0.45 0.34 34.82
CA GLN C 759 -0.10 0.38 33.46
C GLN C 759 -0.27 1.81 32.97
N ASP C 760 0.33 2.12 31.81
CA ASP C 760 0.18 3.42 31.20
C ASP C 760 -1.03 3.46 30.30
N ASN C 761 -2.13 4.02 30.79
CA ASN C 761 -3.33 4.14 29.96
C ASN C 761 -3.85 5.57 29.86
N LEU C 762 -3.69 6.18 28.69
CA LEU C 762 -4.21 7.51 28.42
C LEU C 762 -4.85 7.57 27.05
N GLY C 763 -6.00 8.22 26.95
CA GLY C 763 -6.65 8.44 25.68
C GLY C 763 -6.67 9.92 25.37
N ILE C 764 -7.21 10.29 24.22
CA ILE C 764 -7.27 11.70 23.85
C ILE C 764 -8.29 11.97 22.75
N SER C 765 -8.87 13.17 22.78
CA SER C 765 -9.85 13.57 21.78
C SER C 765 -10.02 15.08 21.80
N PHE C 766 -9.97 15.70 20.62
CA PHE C 766 -10.12 17.16 20.51
C PHE C 766 -11.10 17.53 19.39
N SER C 767 -11.56 18.78 19.43
CA SER C 767 -12.52 19.28 18.45
C SER C 767 -12.27 20.75 18.14
N PHE C 768 -13.15 21.32 17.33
CA PHE C 768 -13.06 22.72 16.95
C PHE C 768 -14.42 23.37 17.14
N PRO C 769 -14.57 24.14 18.22
CA PRO C 769 -15.82 24.80 18.57
C PRO C 769 -16.22 25.91 17.60
N GLY C 770 -17.30 25.70 16.83
CA GLY C 770 -17.86 26.75 16.01
C GLY C 770 -17.17 26.94 14.67
N LEU C 771 -16.03 26.30 14.49
CA LEU C 771 -15.24 26.42 13.26
C LEU C 771 -16.07 26.11 12.01
N LYS C 772 -16.31 27.13 11.18
CA LYS C 772 -17.15 26.97 10.01
C LYS C 772 -16.39 27.20 8.71
N SER C 773 -16.01 26.10 8.07
CA SER C 773 -15.49 26.13 6.70
C SER C 773 -13.98 26.37 6.60
N LEU C 774 -13.47 27.34 7.36
CA LEU C 774 -12.01 27.55 7.45
C LEU C 774 -11.35 27.88 6.11
N LEU C 775 -11.37 29.15 5.74
CA LEU C 775 -10.69 29.60 4.53
C LEU C 775 -9.45 30.41 4.88
N VAL C 776 -8.43 30.35 4.03
CA VAL C 776 -7.14 30.95 4.35
C VAL C 776 -7.15 32.45 4.10
N GLY C 777 -7.17 33.23 5.18
CA GLY C 777 -7.33 34.66 5.10
C GLY C 777 -8.13 35.09 6.30
N SER C 778 -9.40 34.68 6.34
CA SER C 778 -10.18 34.76 7.55
C SER C 778 -9.76 33.57 8.38
N ASN C 779 -10.28 33.50 9.60
CA ASN C 779 -9.93 32.39 10.46
C ASN C 779 -8.41 32.22 10.43
N LEU C 780 -7.70 33.22 10.94
CA LEU C 780 -6.26 33.15 11.05
C LEU C 780 -5.87 32.30 12.27
N GLU C 781 -6.35 32.70 13.44
CA GLU C 781 -6.14 31.89 14.64
C GLU C 781 -7.10 30.70 14.59
N LEU C 782 -6.64 29.56 15.08
CA LEU C 782 -7.45 28.34 15.04
C LEU C 782 -7.61 27.74 16.43
N ASN C 783 -8.83 27.85 16.97
CA ASN C 783 -9.09 27.42 18.35
C ASN C 783 -9.39 25.93 18.46
N ALA C 784 -8.51 25.22 19.16
CA ALA C 784 -8.64 23.78 19.35
C ALA C 784 -8.92 23.43 20.81
N GLU C 785 -10.05 22.76 21.04
CA GLU C 785 -10.46 22.33 22.38
C GLU C 785 -10.16 20.85 22.57
N VAL C 786 -9.03 20.55 23.20
CA VAL C 786 -8.61 19.16 23.39
C VAL C 786 -8.93 18.67 24.79
N MET C 787 -9.63 17.54 24.85
CA MET C 787 -9.86 16.81 26.09
C MET C 787 -8.93 15.61 26.14
N VAL C 788 -8.73 15.05 27.33
CA VAL C 788 -7.78 13.93 27.49
C VAL C 788 -8.10 13.10 28.75
N TRP C 789 -7.85 11.78 28.67
CA TRP C 789 -8.22 10.86 29.74
C TRP C 789 -6.99 10.33 30.48
N ASN C 790 -7.25 9.62 31.57
CA ASN C 790 -6.20 8.88 32.29
C ASN C 790 -6.78 7.66 33.00
N ASP C 791 -7.13 6.64 32.22
CA ASP C 791 -7.78 5.45 32.76
C ASP C 791 -6.77 4.43 33.28
N GLY C 792 -5.52 4.88 33.45
CA GLY C 792 -4.48 4.01 33.93
C GLY C 792 -3.59 4.69 34.94
N GLU C 793 -2.47 4.05 35.27
CA GLU C 793 -1.51 4.58 36.21
C GLU C 793 -1.22 6.05 35.96
N ASP C 794 -0.86 6.77 37.02
CA ASP C 794 -0.59 8.20 36.95
C ASP C 794 0.49 8.51 35.94
N SER C 795 0.18 9.38 34.99
CA SER C 795 1.19 9.92 34.10
C SER C 795 1.69 11.21 34.74
N TYR C 796 3.01 11.35 34.85
CA TYR C 796 3.58 12.51 35.50
C TYR C 796 3.92 13.60 34.50
N GLY C 797 5.04 13.42 33.79
CA GLY C 797 5.44 14.38 32.77
C GLY C 797 4.73 14.14 31.45
N THR C 798 3.43 13.86 31.54
CA THR C 798 2.62 13.57 30.36
C THR C 798 2.79 14.63 29.28
N THR C 799 3.11 14.19 28.08
CA THR C 799 3.31 15.07 26.93
C THR C 799 2.24 14.86 25.88
N ILE C 800 1.88 15.93 25.18
CA ILE C 800 0.86 15.88 24.14
C ILE C 800 1.35 16.56 22.86
N THR C 801 1.56 15.77 21.81
CA THR C 801 2.17 16.25 20.58
C THR C 801 1.21 16.20 19.39
N PHE C 802 1.22 17.24 18.57
CA PHE C 802 0.35 17.31 17.39
C PHE C 802 1.12 17.17 16.06
N SER C 803 0.43 16.68 15.03
CA SER C 803 0.99 16.66 13.68
C SER C 803 0.18 17.60 12.77
N HIS C 804 0.86 18.51 12.10
CA HIS C 804 0.18 19.50 11.26
C HIS C 804 0.99 19.87 10.01
N PRO C 805 0.30 20.36 8.97
CA PRO C 805 0.94 20.89 7.76
C PRO C 805 1.74 22.17 8.06
N ALA C 806 2.77 22.43 7.27
CA ALA C 806 3.69 23.53 7.54
C ALA C 806 2.99 24.86 7.81
N GLY C 807 1.76 25.00 7.32
CA GLY C 807 1.07 26.28 7.33
C GLY C 807 0.51 26.75 8.66
N LEU C 808 1.12 26.33 9.78
CA LEU C 808 0.69 26.82 11.08
C LEU C 808 1.60 26.34 12.21
N SER C 809 1.60 27.07 13.32
CA SER C 809 2.35 26.70 14.53
C SER C 809 1.62 27.21 15.76
N TYR C 810 2.02 26.74 16.94
CA TYR C 810 1.31 27.06 18.19
C TYR C 810 1.74 28.39 18.79
N ARG C 811 0.77 29.14 19.31
CA ARG C 811 1.06 30.35 20.07
C ARG C 811 0.34 30.30 21.42
N TYR C 812 1.06 30.63 22.47
CA TYR C 812 0.51 30.59 23.82
C TYR C 812 -0.76 31.42 23.90
N VAL C 813 -1.78 30.90 24.59
CA VAL C 813 -3.06 31.59 24.72
C VAL C 813 -3.02 32.66 25.83
N ALA C 814 -2.53 32.29 27.01
CA ALA C 814 -2.37 33.25 28.11
C ALA C 814 -3.68 33.97 28.43
N GLU C 815 -4.75 33.23 28.63
CA GLU C 815 -6.05 33.85 28.87
C GLU C 815 -6.38 33.84 30.36
N GLY C 816 -7.29 34.72 30.77
CA GLY C 816 -7.43 35.03 32.18
C GLY C 816 -8.75 35.59 32.66
N GLN C 817 -9.54 36.14 31.73
CA GLN C 817 -10.31 37.34 32.04
C GLN C 817 -11.77 37.39 31.56
N LYS C 818 -12.56 36.34 31.76
CA LYS C 818 -12.14 35.14 32.45
C LYS C 818 -12.87 33.93 31.86
N GLN C 819 -12.46 32.74 32.30
CA GLN C 819 -12.91 31.51 31.70
C GLN C 819 -12.14 30.36 32.32
N GLY C 820 -12.77 29.19 32.43
CA GLY C 820 -14.17 28.99 32.09
C GLY C 820 -14.68 27.94 33.05
N GLN C 821 -14.71 26.70 32.57
CA GLN C 821 -14.62 25.53 33.42
C GLN C 821 -13.36 24.87 32.89
N LEU C 822 -12.34 25.71 32.71
CA LEU C 822 -11.47 25.60 31.55
C LEU C 822 -9.98 25.78 31.85
N ARG C 823 -9.19 25.87 30.78
CA ARG C 823 -7.73 25.95 30.86
C ARG C 823 -7.20 26.86 31.96
N SER C 824 -6.17 26.35 32.64
CA SER C 824 -5.63 26.91 33.87
C SER C 824 -4.12 26.76 33.84
N LEU C 825 -3.62 26.42 32.66
CA LEU C 825 -2.57 25.43 32.56
C LEU C 825 -1.25 25.92 31.98
N HIS C 826 -0.20 25.89 32.78
CA HIS C 826 1.13 26.27 32.31
C HIS C 826 1.76 25.08 31.62
N LEU C 827 1.96 25.20 30.31
CA LEU C 827 2.48 24.09 29.54
C LEU C 827 3.57 24.56 28.58
N THR C 828 4.55 23.69 28.36
CA THR C 828 5.70 24.03 27.52
C THR C 828 5.60 23.33 26.17
N CYS C 829 5.67 24.11 25.10
CA CYS C 829 5.52 23.58 23.75
C CYS C 829 6.72 23.93 22.88
N ASP C 830 7.17 22.95 22.10
CA ASP C 830 8.30 23.15 21.18
C ASP C 830 7.97 22.63 19.78
N SER C 831 7.90 23.55 18.81
CA SER C 831 7.68 23.17 17.41
C SER C 831 8.96 22.64 16.79
N ALA C 832 8.83 21.89 15.70
CA ALA C 832 9.98 21.29 15.04
C ALA C 832 9.57 20.51 13.80
N PRO C 833 10.40 20.55 12.76
CA PRO C 833 10.15 19.83 11.50
C PRO C 833 10.41 18.33 11.61
N VAL C 834 9.51 17.52 11.05
CA VAL C 834 9.59 16.07 11.21
C VAL C 834 9.58 15.33 9.89
N GLY C 835 8.39 15.24 9.29
CA GLY C 835 8.16 14.38 8.14
C GLY C 835 9.12 14.60 6.98
N SER C 836 9.10 13.66 6.04
CA SER C 836 9.97 13.72 4.86
C SER C 836 9.87 15.09 4.21
N GLN C 837 8.65 15.50 3.87
CA GLN C 837 8.45 16.78 3.22
C GLN C 837 7.02 17.30 3.39
N GLY C 838 6.85 18.22 4.34
CA GLY C 838 5.62 19.01 4.41
C GLY C 838 5.09 19.18 5.82
N THR C 839 4.91 18.07 6.51
CA THR C 839 4.33 18.08 7.85
C THR C 839 5.41 18.18 8.93
N TRP C 840 4.97 18.39 10.17
CA TRP C 840 5.89 18.53 11.29
C TRP C 840 5.15 18.67 12.62
N SER C 841 5.84 18.34 13.72
CA SER C 841 5.19 18.18 15.01
C SER C 841 5.48 19.32 15.99
N THR C 842 4.44 19.73 16.72
CA THR C 842 4.58 20.65 17.84
C THR C 842 4.19 19.97 19.14
N SER C 843 5.18 19.49 19.89
CA SER C 843 4.94 18.81 21.16
C SER C 843 4.63 19.81 22.25
N CYS C 844 3.93 19.37 23.29
CA CYS C 844 3.54 20.24 24.41
C CYS C 844 3.38 19.45 25.71
N ARG C 845 4.42 19.39 26.51
CA ARG C 845 4.38 18.64 27.76
C ARG C 845 3.80 19.49 28.88
N ILE C 846 2.73 19.01 29.52
CA ILE C 846 2.19 19.70 30.68
C ILE C 846 3.28 19.83 31.73
N ASN C 847 3.93 20.98 31.71
CA ASN C 847 5.19 21.17 32.42
C ASN C 847 5.18 20.65 33.86
N HIS C 848 4.57 21.41 34.76
CA HIS C 848 4.82 21.23 36.18
C HIS C 848 3.62 20.81 37.01
N LEU C 849 3.13 19.60 36.79
CA LEU C 849 2.26 18.94 37.76
C LEU C 849 1.66 17.65 37.23
N ILE C 850 1.01 16.91 38.13
CA ILE C 850 0.62 15.52 37.85
C ILE C 850 -0.78 15.37 37.27
N PHE C 851 -0.94 14.28 36.52
CA PHE C 851 -2.23 13.90 35.96
C PHE C 851 -2.58 12.54 36.54
N ARG C 852 -3.43 12.55 37.56
CA ARG C 852 -3.68 11.35 38.35
C ARG C 852 -5.02 10.68 38.06
N GLY C 853 -5.11 9.40 38.40
CA GLY C 853 -6.35 8.65 38.33
C GLY C 853 -7.12 8.81 37.03
N GLY C 854 -8.39 8.43 37.06
CA GLY C 854 -9.26 8.51 35.91
C GLY C 854 -9.74 9.93 35.65
N ALA C 855 -9.00 10.90 36.17
CA ALA C 855 -9.35 12.30 36.01
C ALA C 855 -9.12 12.73 34.56
N GLN C 856 -10.06 13.49 34.03
CA GLN C 856 -9.93 14.04 32.69
C GLN C 856 -9.63 15.51 32.82
N ILE C 857 -9.03 16.09 31.79
CA ILE C 857 -8.73 17.52 31.78
C ILE C 857 -8.85 18.08 30.37
N THR C 858 -9.19 19.37 30.28
CA THR C 858 -9.36 20.03 28.99
C THR C 858 -8.61 21.36 28.96
N PHE C 859 -7.79 21.56 27.94
CA PHE C 859 -7.11 22.83 27.78
C PHE C 859 -7.33 23.36 26.37
N LEU C 860 -6.87 24.57 26.11
CA LEU C 860 -7.04 25.20 24.81
C LEU C 860 -5.70 25.56 24.19
N ALA C 861 -5.47 25.04 22.98
CA ALA C 861 -4.23 25.29 22.24
C ALA C 861 -4.56 25.90 20.88
N THR C 862 -4.05 27.10 20.63
CA THR C 862 -4.37 27.84 19.42
C THR C 862 -3.22 27.85 18.41
N PHE C 863 -3.55 27.57 17.13
CA PHE C 863 -2.56 27.60 16.05
C PHE C 863 -2.82 28.72 15.03
N ASP C 864 -1.88 29.65 14.93
CA ASP C 864 -1.94 30.69 13.90
C ASP C 864 -1.72 30.07 12.53
N VAL C 865 -2.50 30.51 11.55
CA VAL C 865 -2.36 30.02 10.19
C VAL C 865 -2.02 31.15 9.24
N SER C 866 -1.02 30.92 8.38
CA SER C 866 -0.57 31.95 7.45
C SER C 866 -1.60 32.15 6.33
N PRO C 867 -1.85 33.41 5.95
CA PRO C 867 -2.77 33.76 4.86
C PRO C 867 -2.39 33.11 3.54
N LYS C 868 -1.11 32.76 3.40
CA LYS C 868 -0.63 32.02 2.25
C LYS C 868 -0.22 30.63 2.73
N ALA C 869 -1.19 29.90 3.28
CA ALA C 869 -0.95 28.58 3.83
C ALA C 869 -0.98 27.52 2.73
N VAL C 870 0.19 27.04 2.34
CA VAL C 870 0.30 25.97 1.36
C VAL C 870 -0.13 24.65 1.98
N LEU C 871 -1.24 24.10 1.50
CA LEU C 871 -1.79 22.87 2.03
C LEU C 871 -2.83 22.31 1.08
N GLY C 872 -2.97 21.00 1.04
CA GLY C 872 -3.92 20.35 0.14
C GLY C 872 -5.32 20.93 0.26
N ASP C 873 -6.23 20.43 -0.57
CA ASP C 873 -7.63 20.83 -0.49
C ASP C 873 -8.26 20.34 0.81
N ARG C 874 -7.49 19.57 1.59
CA ARG C 874 -7.88 19.14 2.93
C ARG C 874 -6.67 19.12 3.85
N LEU C 875 -6.88 19.45 5.12
CA LEU C 875 -5.80 19.44 6.08
C LEU C 875 -6.19 18.60 7.31
N LEU C 876 -5.36 17.59 7.59
CA LEU C 876 -5.59 16.71 8.74
C LEU C 876 -4.61 17.04 9.84
N LEU C 877 -4.89 16.57 11.04
CA LEU C 877 -3.96 16.73 12.14
C LEU C 877 -4.25 15.72 13.25
N THR C 878 -3.20 15.33 13.95
CA THR C 878 -3.29 14.26 14.93
C THR C 878 -2.85 14.72 16.32
N ALA C 879 -2.98 13.82 17.28
CA ALA C 879 -2.60 14.10 18.66
C ALA C 879 -2.08 12.84 19.34
N ASN C 880 -0.75 12.67 19.34
CA ASN C 880 -0.12 11.61 20.10
C ASN C 880 -0.10 11.96 21.59
N VAL C 881 -0.57 11.05 22.43
CA VAL C 881 -0.59 11.30 23.86
C VAL C 881 0.04 10.13 24.62
N SER C 882 0.89 10.44 25.59
CA SER C 882 1.55 9.42 26.40
C SER C 882 2.06 10.02 27.72
N SER C 883 2.63 9.17 28.57
CA SER C 883 3.14 9.60 29.87
C SER C 883 4.63 9.94 29.77
N GLU C 884 5.17 10.56 30.81
CA GLU C 884 6.59 10.88 30.85
C GLU C 884 7.43 9.62 30.66
N ASN C 885 6.89 8.48 31.08
CA ASN C 885 7.58 7.21 30.94
C ASN C 885 7.49 6.64 29.54
N ASN C 886 7.38 7.53 28.55
CA ASN C 886 7.39 7.12 27.16
C ASN C 886 6.25 6.17 26.84
N THR C 887 6.31 5.56 25.66
CA THR C 887 5.28 4.62 25.22
C THR C 887 5.86 3.21 25.17
N PRO C 888 5.77 2.48 26.29
CA PRO C 888 6.39 1.17 26.44
C PRO C 888 5.83 0.09 25.53
N ARG C 889 4.68 0.32 24.90
CA ARG C 889 4.03 -0.77 24.16
C ARG C 889 3.51 -0.42 22.76
N THR C 890 2.51 -1.19 22.33
CA THR C 890 2.34 -1.54 20.93
C THR C 890 1.54 -0.55 20.10
N SER C 891 0.24 -0.49 20.34
CA SER C 891 -0.64 0.31 19.49
C SER C 891 -0.79 1.73 20.03
N LYS C 892 -0.34 2.71 19.25
CA LYS C 892 -0.41 4.12 19.65
C LYS C 892 -1.86 4.57 19.82
N THR C 893 -2.06 5.55 20.69
CA THR C 893 -3.39 6.13 20.89
C THR C 893 -3.44 7.52 20.28
N THR C 894 -3.36 7.57 18.96
CA THR C 894 -3.39 8.84 18.23
C THR C 894 -4.83 9.18 17.87
N PHE C 895 -5.17 10.47 17.89
CA PHE C 895 -6.49 10.93 17.46
C PHE C 895 -6.37 11.98 16.35
N GLN C 896 -7.00 11.71 15.21
CA GLN C 896 -6.91 12.60 14.07
C GLN C 896 -8.28 12.97 13.51
N LEU C 897 -8.32 14.07 12.75
CA LEU C 897 -9.49 14.44 11.96
C LEU C 897 -9.07 15.26 10.75
N GLU C 898 -9.88 15.20 9.69
CA GLU C 898 -9.57 15.88 8.43
C GLU C 898 -10.65 16.88 8.07
N LEU C 899 -10.24 18.06 7.61
CA LEU C 899 -11.16 19.16 7.33
C LEU C 899 -11.05 19.64 5.89
N PRO C 900 -12.20 19.99 5.26
CA PRO C 900 -12.19 20.70 3.98
C PRO C 900 -11.60 22.10 4.11
N VAL C 901 -10.70 22.48 3.22
CA VAL C 901 -10.06 23.79 3.28
C VAL C 901 -10.40 24.62 2.04
N LYS C 902 -10.71 25.89 2.26
CA LYS C 902 -10.91 26.84 1.16
C LYS C 902 -9.88 27.96 1.22
N TYR C 903 -10.09 28.98 0.39
CA TYR C 903 -9.12 30.07 0.28
C TYR C 903 -9.81 31.39 -0.06
N ALA C 904 -9.33 32.46 0.57
CA ALA C 904 -9.93 33.78 0.40
C ALA C 904 -9.67 34.34 -0.99
N VAL C 905 -10.59 35.17 -1.46
CA VAL C 905 -10.44 35.85 -2.75
C VAL C 905 -11.27 37.12 -2.75
N TYR C 906 -10.78 38.15 -3.41
CA TYR C 906 -11.50 39.41 -3.56
C TYR C 906 -11.88 39.60 -5.02
N THR C 907 -13.16 39.48 -5.33
CA THR C 907 -13.63 39.59 -6.70
C THR C 907 -14.75 40.62 -6.82
N VAL C 908 -14.47 41.72 -7.50
CA VAL C 908 -15.39 42.85 -7.57
C VAL C 908 -15.71 43.18 -9.03
N VAL C 909 -16.87 43.79 -9.24
CA VAL C 909 -17.31 44.16 -10.58
C VAL C 909 -18.18 45.40 -10.56
N SER C 910 -17.84 46.36 -11.41
CA SER C 910 -18.57 47.62 -11.46
C SER C 910 -19.19 47.84 -12.84
N SER C 911 -20.11 48.79 -12.92
CA SER C 911 -20.75 49.15 -14.17
C SER C 911 -20.13 50.44 -14.71
N HIS C 912 -19.21 50.28 -15.67
CA HIS C 912 -18.47 51.42 -16.22
C HIS C 912 -19.43 52.53 -16.66
N GLU C 913 -19.02 53.77 -16.44
CA GLU C 913 -19.89 54.92 -16.67
C GLU C 913 -20.05 55.27 -18.14
N GLN C 914 -19.56 54.41 -19.03
CA GLN C 914 -19.82 54.55 -20.46
C GLN C 914 -21.11 53.81 -20.82
N PHE C 915 -22.17 54.11 -20.09
CA PHE C 915 -23.43 53.40 -20.21
C PHE C 915 -24.54 54.25 -20.83
N THR C 916 -25.33 53.65 -21.70
CA THR C 916 -26.27 54.37 -22.55
C THR C 916 -27.64 54.63 -21.91
N LYS C 917 -27.79 55.79 -21.29
CA LYS C 917 -29.09 56.25 -20.83
C LYS C 917 -29.54 57.38 -21.76
N TYR C 918 -30.36 57.04 -22.75
CA TYR C 918 -30.51 57.88 -23.94
C TYR C 918 -31.89 58.48 -24.19
N LEU C 919 -32.88 58.15 -23.36
CA LEU C 919 -34.25 58.60 -23.58
C LEU C 919 -34.34 59.99 -24.21
N ASN C 920 -35.25 60.16 -25.17
CA ASN C 920 -35.61 61.49 -25.67
C ASN C 920 -36.88 61.45 -26.50
N PHE C 921 -37.54 62.60 -26.62
CA PHE C 921 -38.94 62.67 -27.01
C PHE C 921 -39.27 62.23 -28.44
N SER C 922 -38.27 62.21 -29.32
CA SER C 922 -38.52 61.87 -30.73
C SER C 922 -38.89 60.40 -30.91
N GLU C 923 -40.19 60.12 -30.90
CA GLU C 923 -40.70 58.76 -31.04
C GLU C 923 -41.89 58.74 -31.97
N SER C 924 -41.63 58.86 -33.26
CA SER C 924 -42.70 58.86 -34.25
C SER C 924 -43.04 57.44 -34.67
N GLU C 925 -42.02 56.68 -35.05
CA GLU C 925 -42.21 55.33 -35.52
C GLU C 925 -41.49 54.32 -34.64
N GLU C 926 -41.62 53.05 -35.01
CA GLU C 926 -40.98 51.97 -34.29
C GLU C 926 -39.78 51.46 -35.07
N LYS C 927 -38.64 52.12 -34.84
CA LYS C 927 -37.42 51.82 -35.56
C LYS C 927 -36.64 50.73 -34.82
N GLU C 928 -35.33 50.64 -35.08
CA GLU C 928 -34.55 49.55 -34.55
C GLU C 928 -33.27 49.98 -33.83
N SER C 929 -32.37 50.62 -34.56
CA SER C 929 -30.95 50.61 -34.19
C SER C 929 -30.45 51.88 -33.52
N HIS C 930 -30.70 52.02 -32.22
CA HIS C 930 -29.95 52.96 -31.40
C HIS C 930 -29.19 52.15 -30.36
N VAL C 931 -28.59 51.06 -30.82
CA VAL C 931 -27.85 50.12 -29.98
C VAL C 931 -27.34 50.75 -28.69
N ALA C 932 -27.65 50.12 -27.57
CA ALA C 932 -27.16 50.57 -26.27
C ALA C 932 -25.91 49.76 -25.88
N MET C 933 -25.14 50.29 -24.94
CA MET C 933 -23.83 49.75 -24.64
C MET C 933 -23.62 49.65 -23.15
N HIS C 934 -23.70 48.43 -22.63
CA HIS C 934 -23.46 48.18 -21.20
C HIS C 934 -22.05 47.64 -21.00
N ARG C 935 -21.14 48.51 -20.58
CA ARG C 935 -19.77 48.08 -20.31
C ARG C 935 -19.62 47.68 -18.84
N TYR C 936 -19.05 46.51 -18.61
CA TYR C 936 -18.78 46.03 -17.27
C TYR C 936 -17.28 45.78 -17.08
N GLN C 937 -16.72 46.31 -15.99
CA GLN C 937 -15.31 46.10 -15.67
C GLN C 937 -15.22 45.26 -14.42
N VAL C 938 -14.26 44.33 -14.40
CA VAL C 938 -14.11 43.44 -13.26
C VAL C 938 -12.63 43.26 -12.94
N ASN C 939 -12.33 43.03 -11.68
CA ASN C 939 -10.95 42.86 -11.23
C ASN C 939 -10.90 42.23 -9.84
N ASN C 940 -9.86 41.46 -9.58
CA ASN C 940 -9.73 40.80 -8.28
C ASN C 940 -8.51 41.28 -7.49
N LEU C 941 -8.76 41.77 -6.28
CA LEU C 941 -7.68 42.21 -5.40
C LEU C 941 -7.27 41.06 -4.48
N GLY C 942 -7.63 39.85 -4.86
CA GLY C 942 -7.24 38.67 -4.11
C GLY C 942 -5.73 38.55 -4.11
N GLN C 943 -5.24 37.34 -3.88
CA GLN C 943 -3.81 37.13 -3.89
C GLN C 943 -3.48 35.76 -4.48
N ARG C 944 -4.41 35.23 -5.28
CA ARG C 944 -4.20 33.96 -5.96
C ARG C 944 -4.92 33.94 -7.30
N ASP C 945 -4.21 33.44 -8.33
CA ASP C 945 -4.79 33.21 -9.65
C ASP C 945 -5.84 32.12 -9.56
N LEU C 946 -7.04 32.40 -10.07
CA LEU C 946 -8.15 31.47 -9.90
C LEU C 946 -9.14 31.56 -11.05
N PRO C 947 -9.46 30.42 -11.68
CA PRO C 947 -10.43 30.44 -12.76
C PRO C 947 -11.75 31.06 -12.31
N VAL C 948 -12.45 31.71 -13.24
CA VAL C 948 -13.77 32.28 -12.96
C VAL C 948 -14.67 32.23 -14.18
N SER C 949 -15.95 32.46 -13.96
CA SER C 949 -16.93 32.44 -15.03
C SER C 949 -17.92 33.58 -14.80
N ILE C 950 -17.87 34.58 -15.67
CA ILE C 950 -18.71 35.76 -15.52
C ILE C 950 -20.05 35.57 -16.24
N ASN C 951 -21.12 35.52 -15.45
CA ASN C 951 -22.47 35.36 -15.99
C ASN C 951 -23.14 36.70 -16.28
N PHE C 952 -24.11 36.70 -17.18
CA PHE C 952 -24.86 37.91 -17.52
C PHE C 952 -26.35 37.63 -17.64
N TRP C 953 -27.13 38.69 -17.81
CA TRP C 953 -28.58 38.56 -17.96
C TRP C 953 -29.13 39.75 -18.75
N VAL C 954 -29.47 39.51 -20.02
CA VAL C 954 -29.92 40.58 -20.91
C VAL C 954 -31.31 40.26 -21.47
N PRO C 955 -32.31 41.10 -21.14
CA PRO C 955 -33.67 40.90 -21.63
C PRO C 955 -33.75 40.92 -23.16
N VAL C 956 -34.67 40.14 -23.71
CA VAL C 956 -34.91 40.14 -25.15
C VAL C 956 -36.39 39.87 -25.40
N GLU C 957 -36.74 38.63 -25.71
CA GLU C 957 -38.12 38.28 -25.97
C GLU C 957 -39.03 38.83 -24.87
N LEU C 958 -40.18 39.35 -25.29
CA LEU C 958 -41.18 39.87 -24.37
C LEU C 958 -42.56 39.66 -24.96
N ASN C 959 -43.10 38.45 -24.79
CA ASN C 959 -44.36 38.08 -25.39
C ASN C 959 -44.24 38.08 -26.91
N GLN C 960 -43.21 37.40 -27.40
CA GLN C 960 -42.90 37.36 -28.84
C GLN C 960 -42.33 38.68 -29.35
N GLU C 961 -42.55 39.75 -28.60
CA GLU C 961 -42.09 41.09 -28.99
C GLU C 961 -40.66 41.32 -28.48
N ALA C 962 -39.70 41.22 -29.38
CA ALA C 962 -38.29 41.38 -29.02
C ALA C 962 -38.04 42.73 -28.36
N VAL C 963 -37.18 42.74 -27.34
CA VAL C 963 -36.79 43.97 -26.66
C VAL C 963 -35.61 44.61 -27.39
N TRP C 964 -34.48 43.90 -27.42
CA TRP C 964 -33.37 44.28 -28.29
C TRP C 964 -32.64 43.07 -28.84
N MET C 965 -32.37 43.10 -30.14
CA MET C 965 -32.02 41.92 -30.91
C MET C 965 -30.51 41.81 -31.15
N ASP C 966 -30.10 40.66 -31.66
CA ASP C 966 -28.71 40.44 -32.06
C ASP C 966 -27.73 41.00 -31.04
N VAL C 967 -27.95 40.66 -29.78
CA VAL C 967 -27.06 41.13 -28.72
C VAL C 967 -25.91 40.17 -28.53
N GLU C 968 -24.69 40.69 -28.61
CA GLU C 968 -23.50 39.89 -28.36
C GLU C 968 -22.57 40.65 -27.40
N VAL C 969 -21.47 40.01 -27.02
CA VAL C 969 -20.55 40.61 -26.06
C VAL C 969 -19.12 40.67 -26.60
N SER C 970 -18.62 41.90 -26.75
CA SER C 970 -17.25 42.10 -27.19
C SER C 970 -16.29 41.95 -26.02
N HIS C 971 -15.10 41.43 -26.28
CA HIS C 971 -14.09 41.25 -25.24
C HIS C 971 -12.76 41.89 -25.63
N PRO C 972 -12.72 43.22 -25.72
CA PRO C 972 -11.53 43.94 -26.17
C PRO C 972 -10.35 43.83 -25.22
N GLN C 973 -9.18 44.30 -25.68
CA GLN C 973 -7.98 44.31 -24.86
C GLN C 973 -7.66 42.93 -24.29
N ASN C 974 -8.25 41.90 -24.88
CA ASN C 974 -8.07 40.54 -24.39
C ASN C 974 -8.43 39.52 -25.46
N PRO C 975 -7.81 38.34 -25.41
CA PRO C 975 -7.99 37.28 -26.41
C PRO C 975 -9.47 36.98 -26.70
N SER C 976 -9.74 36.31 -27.81
CA SER C 976 -11.11 35.93 -28.13
C SER C 976 -11.53 34.76 -27.24
N LEU C 977 -12.26 35.07 -26.18
CA LEU C 977 -12.71 34.05 -25.24
C LEU C 977 -14.06 33.47 -25.68
N ARG C 978 -14.40 32.32 -25.12
CA ARG C 978 -15.62 31.63 -25.49
C ARG C 978 -16.74 31.96 -24.51
N CYS C 979 -17.91 32.30 -25.04
CA CYS C 979 -19.06 32.62 -24.20
C CYS C 979 -20.29 31.80 -24.60
N SER C 980 -21.12 31.48 -23.62
CA SER C 980 -22.29 30.64 -23.85
C SER C 980 -23.55 31.50 -23.88
N SER C 981 -24.62 30.93 -24.43
CA SER C 981 -25.89 31.65 -24.58
C SER C 981 -27.08 30.71 -24.36
N GLU C 982 -28.02 31.16 -23.54
CA GLU C 982 -29.20 30.35 -23.22
C GLU C 982 -30.41 31.25 -22.90
N LYS C 983 -31.54 30.97 -23.54
CA LYS C 983 -32.76 31.72 -23.28
C LYS C 983 -33.55 31.08 -22.15
N ILE C 984 -34.25 31.90 -21.38
CA ILE C 984 -35.08 31.40 -20.28
C ILE C 984 -36.33 32.26 -20.06
N ALA C 985 -37.44 31.61 -19.70
CA ALA C 985 -38.70 32.30 -19.50
C ALA C 985 -39.04 32.45 -18.02
N PRO C 986 -39.24 33.69 -17.56
CA PRO C 986 -39.56 34.05 -16.18
C PRO C 986 -40.89 33.46 -15.68
N PRO C 987 -41.31 33.80 -14.46
CA PRO C 987 -42.46 33.15 -13.81
C PRO C 987 -43.81 33.42 -14.47
N ALA C 988 -43.87 34.45 -15.32
CA ALA C 988 -45.07 34.75 -16.10
C ALA C 988 -46.20 35.35 -15.27
N SER C 989 -45.85 36.07 -14.22
CA SER C 989 -46.85 36.76 -13.40
C SER C 989 -47.52 37.84 -14.24
N ASP C 990 -48.51 38.52 -13.64
CA ASP C 990 -49.17 39.63 -14.32
C ASP C 990 -48.19 40.79 -14.46
N PHE C 991 -47.56 40.88 -15.62
CA PHE C 991 -46.54 41.90 -15.86
C PHE C 991 -47.17 43.28 -16.01
N LEU C 992 -48.46 43.32 -16.35
CA LEU C 992 -49.19 44.58 -16.42
C LEU C 992 -48.97 45.40 -15.15
N ALA C 993 -49.43 44.86 -14.02
CA ALA C 993 -49.32 45.54 -12.74
C ALA C 993 -47.90 45.50 -12.20
N HIS C 994 -47.14 44.49 -12.59
CA HIS C 994 -45.80 44.30 -12.07
C HIS C 994 -44.94 45.55 -12.26
N ILE C 995 -44.69 45.91 -13.51
CA ILE C 995 -43.82 47.04 -13.80
C ILE C 995 -44.54 48.37 -13.59
N GLN C 996 -45.83 48.32 -13.33
CA GLN C 996 -46.57 49.52 -12.98
C GLN C 996 -46.10 50.01 -11.61
N LYS C 997 -45.79 49.07 -10.73
CA LYS C 997 -45.13 49.40 -9.48
C LYS C 997 -43.85 50.16 -9.78
N ASN C 998 -42.96 49.52 -10.53
CA ASN C 998 -41.65 50.07 -10.84
C ASN C 998 -41.37 49.92 -12.34
N PRO C 999 -41.15 51.05 -13.02
CA PRO C 999 -40.91 51.05 -14.47
C PRO C 999 -39.79 50.10 -14.91
N VAL C 1000 -39.02 49.60 -13.95
CA VAL C 1000 -37.91 48.69 -14.25
C VAL C 1000 -38.36 47.50 -15.09
N LEU C 1001 -37.43 46.95 -15.88
CA LEU C 1001 -37.69 45.74 -16.64
C LEU C 1001 -36.57 44.75 -16.37
N ASP C 1002 -36.58 44.15 -15.19
CA ASP C 1002 -35.62 43.10 -14.87
C ASP C 1002 -35.98 41.86 -15.68
N CYS C 1003 -35.16 40.82 -15.57
CA CYS C 1003 -35.34 39.63 -16.37
C CYS C 1003 -36.55 38.82 -15.91
N SER C 1004 -37.14 39.19 -14.78
CA SER C 1004 -38.27 38.44 -14.21
C SER C 1004 -39.55 38.64 -15.01
N ILE C 1005 -39.55 39.59 -15.93
CA ILE C 1005 -40.73 39.88 -16.74
C ILE C 1005 -40.52 39.43 -18.17
N ALA C 1006 -39.43 39.89 -18.78
CA ALA C 1006 -39.15 39.57 -20.17
C ALA C 1006 -38.16 38.40 -20.26
N GLY C 1007 -38.44 37.47 -21.17
CA GLY C 1007 -37.55 36.36 -21.42
C GLY C 1007 -36.11 36.84 -21.55
N CYS C 1008 -35.29 36.49 -20.56
CA CYS C 1008 -33.93 36.99 -20.48
C CYS C 1008 -32.95 36.12 -21.26
N LEU C 1009 -31.68 36.48 -21.24
CA LEU C 1009 -30.65 35.75 -21.99
C LEU C 1009 -29.34 35.69 -21.19
N ARG C 1010 -29.00 34.50 -20.70
CA ARG C 1010 -27.81 34.30 -19.86
C ARG C 1010 -26.55 34.07 -20.69
N PHE C 1011 -25.52 34.85 -20.41
CA PHE C 1011 -24.23 34.67 -21.06
C PHE C 1011 -23.20 34.14 -20.08
N ARG C 1012 -22.71 32.93 -20.34
CA ARG C 1012 -21.73 32.31 -19.47
C ARG C 1012 -20.35 32.41 -20.09
N CYS C 1013 -19.67 33.51 -19.81
CA CYS C 1013 -18.33 33.72 -20.33
C CYS C 1013 -17.28 33.16 -19.37
N ASP C 1014 -16.78 31.97 -19.70
CA ASP C 1014 -15.78 31.30 -18.88
C ASP C 1014 -14.43 32.03 -18.95
N VAL C 1015 -13.56 31.73 -18.00
CA VAL C 1015 -12.24 32.35 -17.95
C VAL C 1015 -11.19 31.34 -17.53
N PRO C 1016 -10.10 31.23 -18.30
CA PRO C 1016 -9.07 30.25 -17.97
C PRO C 1016 -8.49 30.49 -16.60
N SER C 1017 -7.81 31.62 -16.44
CA SER C 1017 -7.14 31.94 -15.19
C SER C 1017 -7.15 33.45 -14.99
N PHE C 1018 -8.03 33.90 -14.11
CA PHE C 1018 -8.20 35.32 -13.82
C PHE C 1018 -7.09 35.83 -12.90
N SER C 1019 -5.86 35.84 -13.39
CA SER C 1019 -4.71 36.29 -12.61
C SER C 1019 -5.07 37.48 -11.73
N VAL C 1020 -4.48 37.53 -10.54
CA VAL C 1020 -4.77 38.61 -9.61
C VAL C 1020 -4.30 39.93 -10.23
N GLN C 1021 -5.01 41.01 -9.91
CA GLN C 1021 -4.67 42.35 -10.39
C GLN C 1021 -5.19 42.59 -11.80
N GLU C 1022 -5.42 41.52 -12.55
CA GLU C 1022 -5.95 41.62 -13.90
C GLU C 1022 -7.32 42.27 -13.87
N GLU C 1023 -7.45 43.43 -14.53
CA GLU C 1023 -8.71 44.14 -14.57
C GLU C 1023 -9.51 43.73 -15.81
N LEU C 1024 -9.37 42.48 -16.21
CA LEU C 1024 -10.04 41.96 -17.39
C LEU C 1024 -11.46 42.51 -17.49
N ASP C 1025 -11.69 43.38 -18.47
CA ASP C 1025 -13.01 43.97 -18.67
C ASP C 1025 -13.52 43.77 -20.10
N PHE C 1026 -14.84 43.89 -20.26
CA PHE C 1026 -15.47 43.75 -21.57
C PHE C 1026 -16.87 44.34 -21.56
N THR C 1027 -17.45 44.52 -22.75
CA THR C 1027 -18.76 45.16 -22.86
C THR C 1027 -19.70 44.40 -23.80
N LEU C 1028 -20.99 44.71 -23.71
CA LEU C 1028 -22.00 44.06 -24.54
C LEU C 1028 -22.92 45.12 -25.19
N LYS C 1029 -23.26 44.89 -26.46
CA LYS C 1029 -24.12 45.83 -27.18
C LYS C 1029 -25.10 45.09 -28.09
N GLY C 1030 -26.18 45.77 -28.47
CA GLY C 1030 -27.14 45.24 -29.42
C GLY C 1030 -28.16 46.27 -29.85
N ASN C 1031 -28.49 46.32 -31.13
CA ASN C 1031 -29.51 47.23 -31.62
C ASN C 1031 -30.79 47.10 -30.79
N LEU C 1032 -31.21 48.19 -30.18
CA LEU C 1032 -32.34 48.18 -29.25
C LEU C 1032 -33.65 48.59 -29.93
N SER C 1033 -34.56 47.63 -30.05
CA SER C 1033 -35.83 47.86 -30.73
C SER C 1033 -36.76 48.75 -29.90
N PHE C 1034 -37.55 49.56 -30.60
CA PHE C 1034 -38.50 50.46 -29.95
C PHE C 1034 -39.91 49.89 -29.98
N GLY C 1035 -40.08 48.76 -30.65
CA GLY C 1035 -41.39 48.17 -30.84
C GLY C 1035 -42.10 47.77 -29.57
N TRP C 1036 -41.40 47.04 -28.71
CA TRP C 1036 -41.99 46.50 -27.49
C TRP C 1036 -42.43 47.59 -26.52
N VAL C 1037 -42.03 48.83 -26.77
CA VAL C 1037 -42.31 49.94 -25.85
C VAL C 1037 -43.81 50.16 -25.66
N ARG C 1038 -44.59 49.89 -26.71
CA ARG C 1038 -46.04 50.07 -26.65
C ARG C 1038 -46.71 48.88 -25.98
N GLN C 1039 -46.06 47.72 -26.05
CA GLN C 1039 -46.61 46.49 -25.50
C GLN C 1039 -47.10 46.64 -24.07
N ILE C 1040 -46.52 47.57 -23.32
CA ILE C 1040 -46.83 47.70 -21.90
C ILE C 1040 -47.68 48.92 -21.56
N LEU C 1041 -47.84 49.82 -22.53
CA LEU C 1041 -48.75 50.95 -22.38
C LEU C 1041 -48.31 51.90 -21.26
N GLN C 1042 -47.07 52.33 -21.32
CA GLN C 1042 -46.57 53.38 -20.43
C GLN C 1042 -45.35 54.05 -21.07
N LYS C 1043 -44.83 55.07 -20.39
CA LYS C 1043 -43.66 55.78 -20.88
C LYS C 1043 -42.61 55.93 -19.79
N LYS C 1044 -41.39 56.26 -20.18
CA LYS C 1044 -40.27 56.41 -19.26
C LYS C 1044 -39.90 55.07 -18.63
N VAL C 1045 -40.13 53.98 -19.36
CA VAL C 1045 -39.73 52.65 -18.91
C VAL C 1045 -38.21 52.58 -18.89
N SER C 1046 -37.67 51.59 -18.19
CA SER C 1046 -36.22 51.40 -18.15
C SER C 1046 -35.85 49.92 -18.09
N VAL C 1047 -35.04 49.48 -19.04
CA VAL C 1047 -34.60 48.09 -19.10
C VAL C 1047 -33.26 47.92 -18.37
N VAL C 1048 -33.12 46.83 -17.63
CA VAL C 1048 -31.91 46.60 -16.83
C VAL C 1048 -31.20 45.30 -17.24
N SER C 1049 -29.88 45.31 -17.15
CA SER C 1049 -29.08 44.11 -17.33
C SER C 1049 -28.31 43.81 -16.03
N VAL C 1050 -28.35 42.56 -15.59
CA VAL C 1050 -27.65 42.15 -14.38
C VAL C 1050 -26.40 41.36 -14.76
N ALA C 1051 -25.30 41.66 -14.07
CA ALA C 1051 -24.03 40.98 -14.33
C ALA C 1051 -23.45 40.48 -13.03
N GLU C 1052 -23.29 39.16 -12.93
CA GLU C 1052 -22.76 38.54 -11.73
C GLU C 1052 -21.63 37.58 -12.08
N ILE C 1053 -20.50 37.74 -11.40
CA ILE C 1053 -19.36 36.85 -11.58
C ILE C 1053 -19.44 35.69 -10.62
N THR C 1054 -18.97 34.53 -11.05
CA THR C 1054 -19.02 33.34 -10.22
C THR C 1054 -17.70 32.56 -10.28
N PHE C 1055 -17.54 31.64 -9.33
CA PHE C 1055 -16.39 30.75 -9.28
C PHE C 1055 -16.72 29.54 -8.43
N ASP C 1056 -15.93 28.47 -8.54
CA ASP C 1056 -16.23 27.24 -7.83
C ASP C 1056 -16.40 27.51 -6.35
N THR C 1057 -17.65 27.47 -5.87
CA THR C 1057 -17.94 27.72 -4.46
C THR C 1057 -17.00 26.96 -3.54
N SER C 1058 -16.57 25.79 -3.98
CA SER C 1058 -15.62 24.98 -3.23
C SER C 1058 -14.20 25.38 -3.57
N VAL C 1059 -13.29 25.23 -2.62
CA VAL C 1059 -11.89 25.58 -2.80
C VAL C 1059 -11.67 27.07 -2.65
N TYR C 1060 -12.52 27.86 -3.30
CA TYR C 1060 -12.43 29.31 -3.25
C TYR C 1060 -13.70 29.92 -2.66
N SER C 1061 -13.64 31.22 -2.36
CA SER C 1061 -14.76 31.94 -1.76
C SER C 1061 -14.34 33.37 -1.40
N GLN C 1062 -15.30 34.28 -1.28
CA GLN C 1062 -15.00 35.67 -0.98
C GLN C 1062 -14.93 35.92 0.54
N LEU C 1063 -14.13 36.91 0.94
CA LEU C 1063 -13.56 36.93 2.30
C LEU C 1063 -14.37 37.55 3.45
N PRO C 1064 -14.85 38.79 3.27
CA PRO C 1064 -15.13 39.72 4.37
C PRO C 1064 -16.38 39.42 5.17
N GLY C 1065 -16.96 38.25 4.91
CA GLY C 1065 -18.31 37.98 5.32
C GLY C 1065 -19.04 37.72 4.04
N GLN C 1066 -19.56 38.77 3.43
CA GLN C 1066 -20.30 38.64 2.19
C GLN C 1066 -20.34 39.95 1.42
N GLU C 1067 -19.62 40.00 0.31
CA GLU C 1067 -19.62 41.17 -0.55
C GLU C 1067 -20.35 40.87 -1.85
N ALA C 1068 -21.43 41.61 -2.08
CA ALA C 1068 -22.19 41.49 -3.32
C ALA C 1068 -21.55 42.32 -4.43
N PHE C 1069 -20.29 42.70 -4.24
CA PHE C 1069 -19.55 43.45 -5.24
C PHE C 1069 -19.39 42.63 -6.51
N MET C 1070 -19.77 41.36 -6.45
CA MET C 1070 -19.66 40.48 -7.61
C MET C 1070 -21.01 40.36 -8.30
N ARG C 1071 -21.74 41.47 -8.35
CA ARG C 1071 -23.06 41.49 -8.98
C ARG C 1071 -23.48 42.93 -9.28
N ALA C 1072 -22.94 43.47 -10.38
CA ALA C 1072 -23.24 44.84 -10.79
C ALA C 1072 -24.56 44.91 -11.57
N GLN C 1073 -24.90 46.11 -12.02
CA GLN C 1073 -26.18 46.34 -12.68
C GLN C 1073 -26.12 47.62 -13.52
N THR C 1074 -26.86 47.65 -14.63
CA THR C 1074 -26.92 48.82 -15.49
C THR C 1074 -28.34 49.06 -15.99
N THR C 1075 -28.89 50.23 -15.68
CA THR C 1075 -30.28 50.54 -16.03
C THR C 1075 -30.39 51.62 -17.10
N THR C 1076 -30.75 51.21 -18.31
CA THR C 1076 -30.96 52.13 -19.43
C THR C 1076 -32.41 52.60 -19.47
N VAL C 1077 -32.66 53.76 -20.07
CA VAL C 1077 -34.02 54.30 -20.13
C VAL C 1077 -34.51 54.53 -21.56
N LEU C 1078 -35.79 54.23 -21.79
CA LEU C 1078 -36.41 54.39 -23.11
C LEU C 1078 -37.59 55.36 -23.06
N GLU C 1079 -37.42 56.49 -22.38
CA GLU C 1079 -38.47 57.51 -22.36
C GLU C 1079 -38.57 58.16 -23.74
N LYS C 1080 -39.63 57.84 -24.46
CA LYS C 1080 -39.86 58.42 -25.78
C LYS C 1080 -41.34 58.69 -25.99
N TYR C 1081 -41.70 59.97 -26.00
CA TYR C 1081 -43.10 60.39 -25.99
C TYR C 1081 -43.57 60.79 -27.40
N LYS C 1082 -44.77 61.33 -27.48
CA LYS C 1082 -45.40 61.64 -28.76
C LYS C 1082 -45.58 60.38 -29.59
N GLN D 1 -4.74 46.76 45.58
CA GLN D 1 -4.81 47.41 44.24
C GLN D 1 -4.26 46.50 43.15
N GLU D 2 -2.95 46.30 43.18
CA GLU D 2 -2.28 45.51 42.16
C GLU D 2 -0.85 45.20 42.60
N CYS D 3 -0.48 43.93 42.55
CA CYS D 3 0.87 43.52 42.92
C CYS D 3 1.11 42.06 42.58
N THR D 4 1.84 41.83 41.49
CA THR D 4 2.26 40.48 41.12
C THR D 4 3.66 40.27 41.66
N LYS D 5 3.89 39.10 42.26
CA LYS D 5 5.15 38.84 42.96
C LYS D 5 6.27 38.46 41.99
N PHE D 6 7.32 39.27 41.98
CA PHE D 6 8.57 38.88 41.35
C PHE D 6 9.39 38.16 42.41
N LYS D 7 10.57 37.69 42.07
CA LYS D 7 11.45 37.08 43.06
C LYS D 7 11.58 37.98 44.28
N VAL D 8 10.95 37.56 45.39
CA VAL D 8 10.96 38.34 46.62
C VAL D 8 11.92 37.75 47.64
N SER D 9 13.10 38.37 47.76
CA SER D 9 14.09 37.90 48.72
C SER D 9 14.17 38.83 49.91
N SER D 10 13.86 40.11 49.68
CA SER D 10 13.89 41.11 50.72
C SER D 10 12.72 42.06 50.54
N CYS D 11 12.70 43.13 51.33
CA CYS D 11 11.66 44.14 51.22
C CYS D 11 11.84 44.93 49.93
N ARG D 12 13.08 45.05 49.48
CA ARG D 12 13.40 45.80 48.26
C ARG D 12 12.91 45.05 47.02
N GLU D 13 13.12 43.74 47.00
CA GLU D 13 12.71 42.93 45.86
C GLU D 13 11.18 42.85 45.76
N CYS D 14 10.50 43.27 46.83
CA CYS D 14 9.04 43.38 46.83
C CYS D 14 8.64 44.72 46.24
N ILE D 15 9.50 45.71 46.48
CA ILE D 15 9.31 47.05 45.95
C ILE D 15 9.51 47.05 44.44
N GLU D 16 10.46 46.24 43.98
CA GLU D 16 10.78 46.16 42.55
C GLU D 16 9.74 45.32 41.81
N SER D 17 8.60 45.09 42.45
CA SER D 17 7.54 44.28 41.84
C SER D 17 6.51 45.16 41.16
N GLY D 18 6.23 46.32 41.74
CA GLY D 18 5.28 47.26 41.16
C GLY D 18 4.86 48.36 42.11
N PRO D 19 4.12 49.34 41.58
CA PRO D 19 3.63 50.47 42.38
C PRO D 19 2.75 50.01 43.55
N GLY D 20 1.78 49.15 43.27
CA GLY D 20 0.85 48.68 44.27
C GLY D 20 1.39 47.57 45.15
N CYS D 21 2.71 47.49 45.26
CA CYS D 21 3.34 46.47 46.09
C CYS D 21 3.81 47.06 47.42
N THR D 22 3.35 46.45 48.51
CA THR D 22 3.74 46.85 49.85
C THR D 22 4.43 45.70 50.56
N TRP D 23 5.13 46.02 51.64
CA TRP D 23 5.88 45.01 52.39
C TRP D 23 5.58 45.12 53.88
N CYS D 24 5.54 43.97 54.56
CA CYS D 24 5.27 43.95 55.99
C CYS D 24 6.52 43.54 56.77
N GLN D 25 6.84 44.31 57.81
CA GLN D 25 8.04 44.07 58.59
C GLN D 25 7.74 43.30 59.87
N LYS D 26 6.48 43.29 60.28
CA LYS D 26 6.07 42.65 61.52
C LYS D 26 6.54 41.19 61.59
N LEU D 27 7.37 40.89 62.58
CA LEU D 27 7.87 39.54 62.80
C LEU D 27 6.74 38.59 63.19
N ASN D 28 7.08 37.30 63.30
CA ASN D 28 6.10 36.29 63.67
C ASN D 28 4.87 36.33 62.77
N PHE D 29 5.03 36.92 61.58
CA PHE D 29 3.95 37.01 60.61
C PHE D 29 3.92 35.75 59.75
N THR D 30 5.07 35.09 59.67
CA THR D 30 5.18 33.85 58.91
C THR D 30 4.63 32.68 59.73
N GLY D 31 3.64 31.99 59.19
CA GLY D 31 3.04 30.85 59.87
C GLY D 31 4.03 29.72 60.04
N PRO D 32 3.60 28.62 60.69
CA PRO D 32 4.45 27.46 60.96
C PRO D 32 5.36 27.11 59.78
N GLY D 33 4.78 27.09 58.58
CA GLY D 33 5.54 26.78 57.38
C GLY D 33 5.02 27.59 56.20
N ASP D 34 5.00 28.91 56.35
CA ASP D 34 4.53 29.79 55.29
C ASP D 34 5.70 30.45 54.58
N PRO D 35 5.49 30.77 53.29
CA PRO D 35 6.51 31.46 52.49
C PRO D 35 6.84 32.83 53.06
N ASP D 36 8.02 33.33 52.76
CA ASP D 36 8.41 34.68 53.16
C ASP D 36 7.86 35.69 52.16
N SER D 37 7.50 35.22 50.97
CA SER D 37 6.98 36.08 49.91
C SER D 37 5.55 36.54 50.20
N ILE D 38 4.95 35.99 51.26
CA ILE D 38 3.60 36.36 51.65
C ILE D 38 3.58 37.75 52.28
N ARG D 39 4.74 38.18 52.77
CA ARG D 39 4.87 39.50 53.39
C ARG D 39 4.70 40.60 52.36
N CYS D 40 4.81 40.24 51.09
CA CYS D 40 4.71 41.21 50.00
C CYS D 40 3.38 41.07 49.25
N ASP D 41 2.37 41.81 49.71
CA ASP D 41 1.06 41.81 49.06
C ASP D 41 0.65 43.25 48.81
N THR D 42 -0.66 43.49 48.72
CA THR D 42 -1.18 44.85 48.63
C THR D 42 -1.52 45.34 50.03
N ARG D 43 -1.47 46.65 50.24
CA ARG D 43 -1.74 47.23 51.55
C ARG D 43 -3.06 46.69 52.13
N PRO D 44 -4.13 46.66 51.32
CA PRO D 44 -5.41 46.16 51.80
C PRO D 44 -5.33 44.72 52.29
N GLN D 45 -4.68 43.86 51.50
CA GLN D 45 -4.54 42.46 51.86
C GLN D 45 -3.77 42.31 53.16
N LEU D 46 -2.76 43.14 53.35
CA LEU D 46 -1.92 43.09 54.54
C LEU D 46 -2.74 43.32 55.80
N LEU D 47 -3.65 44.29 55.73
CA LEU D 47 -4.50 44.61 56.87
C LEU D 47 -5.52 43.50 57.11
N MET D 48 -5.99 42.89 56.03
CA MET D 48 -6.95 41.79 56.11
C MET D 48 -6.28 40.55 56.69
N ARG D 49 -4.96 40.47 56.56
CA ARG D 49 -4.21 39.34 57.08
C ARG D 49 -3.80 39.57 58.53
N GLY D 50 -3.70 40.83 58.93
CA GLY D 50 -3.35 41.18 60.29
C GLY D 50 -2.16 42.11 60.37
N CYS D 51 -1.36 42.14 59.30
CA CYS D 51 -0.20 43.02 59.24
C CYS D 51 -0.57 44.43 59.65
N ALA D 52 0.03 44.92 60.72
CA ALA D 52 -0.27 46.26 61.22
C ALA D 52 -0.11 47.31 60.14
N ALA D 53 -0.72 48.47 60.34
CA ALA D 53 -0.65 49.56 59.38
C ALA D 53 0.71 50.24 59.41
N ASP D 54 1.25 50.45 60.61
CA ASP D 54 2.54 51.12 60.76
C ASP D 54 3.70 50.17 60.46
N ASP D 55 3.39 48.94 60.10
CA ASP D 55 4.40 47.95 59.74
C ASP D 55 4.51 47.79 58.23
N ILE D 56 3.73 48.59 57.49
CA ILE D 56 3.69 48.48 56.03
C ILE D 56 4.66 49.47 55.38
N MET D 57 5.87 48.99 55.11
CA MET D 57 6.89 49.82 54.47
C MET D 57 6.44 50.21 53.06
N ASP D 58 6.38 51.50 52.79
CA ASP D 58 5.87 52.01 51.52
C ASP D 58 6.64 53.25 51.04
N PRO D 59 7.72 53.04 50.28
CA PRO D 59 8.58 54.06 49.67
C PRO D 59 7.89 54.82 48.53
N THR D 60 7.46 56.05 48.80
CA THR D 60 6.67 56.81 47.82
C THR D 60 7.43 58.01 47.27
N SER D 61 7.09 58.43 46.06
CA SER D 61 7.77 59.54 45.39
C SER D 61 7.20 60.89 45.83
N LEU D 62 8.09 61.85 46.05
CA LEU D 62 7.67 63.22 46.41
C LEU D 62 8.65 64.25 45.86
N ALA D 63 8.38 65.53 46.12
CA ALA D 63 9.14 66.61 45.51
C ALA D 63 9.71 67.57 46.56
N GLU D 64 10.93 68.04 46.31
CA GLU D 64 11.58 69.00 47.21
C GLU D 64 11.71 70.35 46.52
N THR D 65 10.95 71.33 47.00
CA THR D 65 10.92 72.65 46.38
C THR D 65 11.78 73.66 47.13
N GLN D 66 13.09 73.62 46.90
CA GLN D 66 14.00 74.58 47.50
C GLN D 66 13.93 75.90 46.74
N GLU D 67 13.00 76.76 47.16
CA GLU D 67 12.82 78.06 46.53
C GLU D 67 13.95 79.01 46.89
N ASP D 68 14.30 79.89 45.96
CA ASP D 68 15.38 80.85 46.18
C ASP D 68 14.87 82.08 46.93
N HIS D 69 15.74 83.06 47.17
CA HIS D 69 15.31 84.29 47.80
C HIS D 69 14.50 85.09 46.79
N ASN D 70 15.21 85.81 45.93
CA ASN D 70 14.59 86.58 44.86
C ASN D 70 15.66 87.22 43.97
N GLY D 71 15.33 87.33 42.68
CA GLY D 71 16.30 87.78 41.70
C GLY D 71 17.16 86.63 41.21
N GLY D 72 17.15 85.53 41.97
CA GLY D 72 17.82 84.31 41.54
C GLY D 72 17.33 83.97 40.15
N GLN D 73 16.02 83.76 40.05
CA GLN D 73 15.34 83.76 38.76
C GLN D 73 13.99 84.45 38.88
N LYS D 74 13.43 84.81 37.74
CA LYS D 74 12.39 85.84 37.70
C LYS D 74 10.98 85.28 37.77
N GLN D 75 10.60 84.49 36.78
CA GLN D 75 9.23 83.99 36.72
C GLN D 75 9.17 82.49 36.42
N LEU D 76 10.26 81.79 36.68
CA LEU D 76 10.26 80.33 36.61
C LEU D 76 10.62 79.72 37.96
N SER D 77 9.59 79.45 38.76
CA SER D 77 9.76 78.82 40.07
C SER D 77 8.90 77.57 40.17
N PRO D 78 9.30 76.61 41.03
CA PRO D 78 10.52 76.69 41.83
C PRO D 78 11.78 76.69 40.96
N GLN D 79 12.93 76.95 41.58
CA GLN D 79 14.18 77.07 40.84
C GLN D 79 15.02 75.80 40.97
N LYS D 80 14.72 75.00 41.99
CA LYS D 80 15.44 73.76 42.23
C LYS D 80 14.50 72.69 42.77
N VAL D 81 14.23 71.68 41.94
CA VAL D 81 13.36 70.58 42.34
C VAL D 81 14.16 69.30 42.53
N THR D 82 14.44 68.97 43.79
CA THR D 82 15.14 67.74 44.12
C THR D 82 14.12 66.64 44.38
N LEU D 83 13.74 65.93 43.32
CA LEU D 83 12.74 64.86 43.43
C LEU D 83 13.38 63.57 43.90
N TYR D 84 12.63 62.80 44.68
CA TYR D 84 13.02 61.45 45.06
C TYR D 84 12.07 60.49 44.36
N LEU D 85 12.55 59.91 43.27
CA LEU D 85 11.69 59.15 42.36
C LEU D 85 11.86 57.64 42.50
N ARG D 86 10.79 56.97 42.92
CA ARG D 86 10.77 55.51 42.93
C ARG D 86 10.28 55.03 41.56
N PRO D 87 10.95 54.03 40.99
CA PRO D 87 10.56 53.49 39.68
C PRO D 87 9.10 53.08 39.62
N GLY D 88 8.42 53.45 38.53
CA GLY D 88 7.03 53.07 38.34
C GLY D 88 6.04 54.05 38.95
N GLN D 89 6.49 54.77 39.97
CA GLN D 89 5.65 55.74 40.67
C GLN D 89 6.01 57.15 40.24
N ALA D 90 5.01 57.95 39.94
CA ALA D 90 5.23 59.30 39.40
C ALA D 90 5.37 60.35 40.50
N ALA D 91 6.35 61.22 40.35
CA ALA D 91 6.54 62.34 41.26
C ALA D 91 6.04 63.62 40.59
N ALA D 92 5.19 64.37 41.29
CA ALA D 92 4.59 65.57 40.72
C ALA D 92 5.03 66.84 41.45
N PHE D 93 5.51 67.81 40.67
CA PHE D 93 5.89 69.12 41.20
C PHE D 93 5.40 70.21 40.26
N ASN D 94 4.74 71.22 40.82
CA ASN D 94 4.14 72.28 40.02
C ASN D 94 5.14 73.36 39.60
N VAL D 95 4.76 74.15 38.61
CA VAL D 95 5.63 75.20 38.08
C VAL D 95 4.87 76.50 37.87
N THR D 96 5.05 77.43 38.78
CA THR D 96 4.43 78.74 38.67
C THR D 96 5.21 79.60 37.68
N PHE D 97 4.50 80.20 36.73
CA PHE D 97 5.13 81.11 35.78
C PHE D 97 4.24 82.33 35.52
N ARG D 98 4.67 83.48 36.04
CA ARG D 98 3.93 84.73 35.89
C ARG D 98 4.80 85.77 35.22
N ARG D 99 4.85 85.73 33.88
CA ARG D 99 5.67 86.68 33.13
C ARG D 99 5.37 88.12 33.58
N ALA D 100 6.26 89.04 33.21
CA ALA D 100 6.27 90.39 33.77
C ALA D 100 6.20 91.59 32.78
N LYS D 101 6.99 91.57 31.72
CA LYS D 101 7.37 92.83 31.05
C LYS D 101 8.14 92.61 29.74
N GLY D 102 8.44 93.68 29.00
CA GLY D 102 9.31 93.59 27.83
C GLY D 102 10.72 94.00 28.20
N TYR D 103 11.70 93.17 27.87
CA TYR D 103 13.10 93.48 28.16
C TYR D 103 13.75 94.19 26.97
N PRO D 104 15.03 94.57 27.12
CA PRO D 104 15.75 95.23 26.01
C PRO D 104 15.68 94.43 24.71
N ILE D 105 15.03 94.99 23.69
CA ILE D 105 14.84 94.29 22.43
C ILE D 105 16.09 94.37 21.56
N ASP D 106 16.16 93.51 20.55
CA ASP D 106 17.28 93.49 19.63
C ASP D 106 16.89 92.86 18.29
N LEU D 107 16.35 93.69 17.39
CA LEU D 107 15.84 93.21 16.11
C LEU D 107 16.94 93.05 15.05
N TYR D 108 16.61 92.32 13.99
CA TYR D 108 17.51 92.15 12.85
C TYR D 108 16.69 91.82 11.59
N TYR D 109 16.83 92.64 10.56
CA TYR D 109 15.99 92.55 9.38
C TYR D 109 16.65 91.74 8.26
N LEU D 110 16.23 90.48 8.13
CA LEU D 110 16.71 89.62 7.06
C LEU D 110 15.86 89.80 5.80
N MET D 111 16.31 90.67 4.90
CA MET D 111 15.56 90.92 3.67
C MET D 111 16.24 90.28 2.45
N ASP D 112 15.42 89.66 1.62
CA ASP D 112 15.88 89.06 0.38
C ASP D 112 16.01 90.16 -0.69
N LEU D 113 17.21 90.38 -1.19
CA LEU D 113 17.44 91.41 -2.19
C LEU D 113 17.42 90.85 -3.59
N SER D 114 16.22 90.78 -4.18
CA SER D 114 16.06 90.28 -5.53
C SER D 114 15.50 91.39 -6.40
N TYR D 115 15.21 91.06 -7.66
CA TYR D 115 14.57 92.02 -8.55
C TYR D 115 13.08 92.04 -8.29
N SER D 116 12.59 91.05 -7.57
CA SER D 116 11.20 91.00 -7.15
C SER D 116 11.01 91.77 -5.85
N MET D 117 12.13 92.10 -5.19
CA MET D 117 12.10 92.90 -3.98
C MET D 117 12.59 94.32 -4.26
N LEU D 118 12.11 94.89 -5.36
CA LEU D 118 12.47 96.25 -5.74
C LEU D 118 11.58 97.26 -5.03
N ASP D 119 10.27 97.19 -5.28
CA ASP D 119 9.32 98.09 -4.65
C ASP D 119 9.23 97.84 -3.15
N ASP D 120 9.86 96.75 -2.71
CA ASP D 120 9.96 96.47 -1.28
C ASP D 120 11.12 97.26 -0.70
N LEU D 121 12.20 97.38 -1.46
CA LEU D 121 13.36 98.15 -1.04
C LEU D 121 13.04 99.64 -1.06
N ARG D 122 12.10 100.04 -1.91
CA ARG D 122 11.73 101.45 -2.03
C ARG D 122 10.79 101.88 -0.90
N ASN D 123 9.77 101.05 -0.64
CA ASN D 123 8.79 101.35 0.40
C ASN D 123 9.28 100.96 1.79
N VAL D 124 10.59 100.72 1.91
CA VAL D 124 11.16 100.25 3.16
C VAL D 124 12.59 100.76 3.39
N LYS D 125 13.26 101.19 2.32
CA LYS D 125 14.66 101.57 2.40
C LYS D 125 14.99 102.44 3.61
N LYS D 126 14.01 103.22 4.07
CA LYS D 126 14.23 104.08 5.23
C LYS D 126 12.95 104.41 5.99
N LEU D 127 12.31 103.39 6.55
CA LEU D 127 11.18 103.60 7.45
C LEU D 127 11.52 103.00 8.81
N GLY D 128 12.52 103.57 9.47
CA GLY D 128 12.98 103.06 10.75
C GLY D 128 12.77 104.02 11.90
N GLY D 129 12.22 105.19 11.59
CA GLY D 129 11.88 106.16 12.62
C GLY D 129 10.57 105.81 13.29
N ASP D 130 9.77 105.00 12.59
CA ASP D 130 8.50 104.53 13.14
C ASP D 130 8.67 103.14 13.75
N LEU D 131 9.88 102.60 13.71
CA LEU D 131 10.19 101.32 14.32
C LEU D 131 10.55 101.52 15.79
N LEU D 132 11.45 102.46 16.05
CA LEU D 132 11.75 102.86 17.42
C LEU D 132 10.51 103.50 18.03
N ARG D 133 9.66 104.05 17.18
CA ARG D 133 8.39 104.62 17.62
C ARG D 133 7.42 103.51 18.03
N ALA D 134 7.46 102.41 17.29
CA ALA D 134 6.66 101.23 17.64
C ALA D 134 7.35 100.44 18.74
N LEU D 135 8.60 100.81 19.02
CA LEU D 135 9.38 100.17 20.05
C LEU D 135 9.28 100.96 21.35
N ASN D 136 8.84 102.21 21.24
CA ASN D 136 8.80 103.13 22.38
C ASN D 136 7.84 102.67 23.49
N GLU D 137 6.66 102.21 23.10
CA GLU D 137 5.62 101.88 24.07
C GLU D 137 6.09 100.87 25.12
N ILE D 138 6.33 99.64 24.67
CA ILE D 138 6.64 98.55 25.59
C ILE D 138 8.09 98.61 26.07
N THR D 139 9.02 98.38 25.14
CA THR D 139 10.44 98.36 25.48
C THR D 139 11.04 99.76 25.36
N GLU D 140 12.20 99.97 25.97
CA GLU D 140 12.88 101.26 25.89
C GLU D 140 14.03 101.19 24.88
N SER D 141 15.21 101.64 25.29
CA SER D 141 16.37 101.65 24.39
C SER D 141 16.71 100.25 23.92
N GLY D 142 16.17 99.88 22.76
CA GLY D 142 16.45 98.59 22.15
C GLY D 142 17.63 98.70 21.21
N ARG D 143 17.71 97.80 20.25
CA ARG D 143 18.77 97.81 19.25
C ARG D 143 18.19 97.50 17.87
N ILE D 144 18.88 97.95 16.83
CA ILE D 144 18.42 97.71 15.48
C ILE D 144 19.59 97.33 14.55
N GLY D 145 19.45 96.20 13.85
CA GLY D 145 20.47 95.72 12.95
C GLY D 145 19.89 95.23 11.63
N PHE D 146 20.73 95.12 10.60
CA PHE D 146 20.27 94.68 9.29
C PHE D 146 21.21 93.67 8.64
N GLY D 147 20.65 92.74 7.87
CA GLY D 147 21.41 91.73 7.17
C GLY D 147 20.74 91.30 5.89
N SER D 148 21.42 91.49 4.77
CA SER D 148 20.87 91.18 3.46
C SER D 148 21.17 89.74 3.06
N PHE D 149 20.47 89.23 2.05
CA PHE D 149 20.71 87.87 1.57
C PHE D 149 20.00 87.60 0.24
N VAL D 150 20.58 86.72 -0.57
CA VAL D 150 20.00 86.37 -1.86
C VAL D 150 20.01 84.86 -2.10
N ASP D 151 21.16 84.32 -2.48
CA ASP D 151 21.29 82.90 -2.76
C ASP D 151 22.76 82.56 -3.06
N LYS D 152 23.12 81.28 -2.96
CA LYS D 152 24.51 80.87 -3.16
C LYS D 152 25.10 81.51 -4.40
N THR D 153 26.41 81.82 -4.34
CA THR D 153 27.10 82.45 -5.45
C THR D 153 27.12 81.54 -6.68
N VAL D 154 27.59 80.32 -6.49
CA VAL D 154 27.78 79.39 -7.59
C VAL D 154 26.46 78.77 -8.03
N LEU D 155 26.43 78.32 -9.28
CA LEU D 155 25.26 77.70 -9.86
C LEU D 155 24.96 76.38 -9.18
N PRO D 156 23.85 75.72 -9.53
CA PRO D 156 22.80 76.17 -10.47
C PRO D 156 21.84 77.19 -9.86
N PHE D 157 22.25 77.86 -8.79
CA PHE D 157 21.40 78.84 -8.14
C PHE D 157 21.44 80.18 -8.87
N VAL D 158 22.55 80.47 -9.52
CA VAL D 158 22.67 81.67 -10.34
C VAL D 158 23.90 81.58 -11.24
N ASN D 159 23.75 82.01 -12.49
CA ASN D 159 24.81 81.90 -13.48
C ASN D 159 26.14 82.44 -12.96
N THR D 160 27.14 81.58 -12.91
CA THR D 160 28.43 81.92 -12.30
C THR D 160 29.32 82.69 -13.26
N HIS D 161 29.14 82.44 -14.55
CA HIS D 161 29.83 83.23 -15.57
C HIS D 161 28.86 83.58 -16.68
N PRO D 162 29.17 84.66 -17.43
CA PRO D 162 30.30 85.55 -17.17
C PRO D 162 29.92 86.90 -16.57
N ASP D 163 29.92 87.98 -17.35
CA ASP D 163 29.81 89.33 -16.80
C ASP D 163 28.37 89.79 -16.61
N LYS D 164 27.43 88.90 -16.91
CA LYS D 164 26.08 89.05 -16.39
C LYS D 164 26.15 88.85 -14.88
N LEU D 165 27.26 88.25 -14.45
CA LEU D 165 27.61 88.17 -13.03
C LEU D 165 27.96 89.57 -12.53
N ARG D 166 28.71 90.31 -13.34
CA ARG D 166 29.02 91.70 -13.03
C ARG D 166 27.77 92.55 -13.16
N ASN D 167 26.78 92.06 -13.88
CA ASN D 167 25.57 92.82 -14.16
C ASN D 167 24.34 91.93 -14.29
N PRO D 168 23.88 91.36 -13.16
CA PRO D 168 22.71 90.47 -13.14
C PRO D 168 21.40 91.19 -13.46
N CYS D 169 21.30 92.47 -13.12
CA CYS D 169 20.06 93.21 -13.27
C CYS D 169 19.44 92.98 -14.64
N PRO D 170 18.20 92.43 -14.65
CA PRO D 170 17.45 92.10 -15.87
C PRO D 170 16.87 93.31 -16.59
N ASN D 171 17.45 93.65 -17.75
CA ASN D 171 16.88 94.66 -18.63
C ASN D 171 17.18 96.10 -18.25
N LYS D 172 16.99 96.44 -16.97
CA LYS D 172 17.19 97.82 -16.51
C LYS D 172 18.65 98.10 -16.20
N GLU D 173 19.30 97.16 -15.55
CA GLU D 173 20.72 97.32 -15.23
C GLU D 173 20.97 98.69 -14.62
N LYS D 174 20.28 98.98 -13.53
CA LYS D 174 20.44 100.24 -12.84
C LYS D 174 21.57 100.17 -11.81
N GLU D 175 22.67 99.54 -12.21
CA GLU D 175 23.85 99.43 -11.37
C GLU D 175 23.53 98.67 -10.08
N CYS D 176 22.89 97.51 -10.21
CA CYS D 176 22.59 96.67 -9.05
C CYS D 176 23.86 95.97 -8.59
N GLN D 177 23.95 95.72 -7.28
CA GLN D 177 25.16 95.16 -6.70
C GLN D 177 25.41 93.73 -7.18
N PRO D 178 26.67 93.28 -7.12
CA PRO D 178 27.04 91.94 -7.57
C PRO D 178 26.23 90.88 -6.82
N PRO D 179 25.96 89.74 -7.47
CA PRO D 179 25.27 88.62 -6.82
C PRO D 179 25.97 88.18 -5.54
N PHE D 180 25.23 88.15 -4.44
CA PHE D 180 25.80 87.77 -3.14
C PHE D 180 24.88 86.78 -2.43
N ALA D 181 24.97 86.73 -1.10
CA ALA D 181 24.18 85.78 -0.32
C ALA D 181 23.96 86.28 1.11
N PHE D 182 24.98 86.92 1.67
CA PHE D 182 24.86 87.48 3.02
C PHE D 182 25.86 88.62 3.21
N ARG D 183 25.33 89.83 3.36
CA ARG D 183 26.17 91.00 3.59
C ARG D 183 25.67 91.73 4.83
N HIS D 184 26.38 91.55 5.94
CA HIS D 184 26.04 92.23 7.19
C HIS D 184 26.27 93.73 7.03
N VAL D 185 25.24 94.43 6.58
CA VAL D 185 25.36 95.86 6.28
C VAL D 185 25.45 96.70 7.55
N LEU D 186 24.57 96.42 8.50
CA LEU D 186 24.49 97.25 9.70
C LEU D 186 24.55 96.41 10.98
N LYS D 187 25.37 96.86 11.92
CA LYS D 187 25.49 96.21 13.22
C LYS D 187 24.44 96.76 14.17
N LEU D 188 24.21 96.04 15.26
CA LEU D 188 23.24 96.46 16.27
C LEU D 188 23.67 97.79 16.90
N THR D 189 22.90 98.84 16.63
CA THR D 189 23.24 100.18 17.10
C THR D 189 22.05 100.88 17.75
N ASN D 190 22.33 101.97 18.46
CA ASN D 190 21.29 102.78 19.09
C ASN D 190 20.59 103.70 18.10
N ASN D 191 21.38 104.40 17.30
CA ASN D 191 20.84 105.34 16.33
C ASN D 191 19.81 104.69 15.40
N SER D 192 18.95 105.52 14.81
CA SER D 192 17.90 105.03 13.92
C SER D 192 18.04 105.61 12.52
N ASN D 193 18.37 106.89 12.44
CA ASN D 193 18.51 107.57 11.15
C ASN D 193 19.76 107.11 10.41
N GLN D 194 20.83 106.84 11.17
CA GLN D 194 22.07 106.34 10.59
C GLN D 194 21.83 104.96 10.00
N PHE D 195 20.87 104.26 10.59
CA PHE D 195 20.54 102.91 10.17
C PHE D 195 19.79 102.92 8.84
N GLN D 196 18.83 103.84 8.72
CA GLN D 196 18.01 103.96 7.52
C GLN D 196 18.87 104.30 6.30
N THR D 197 19.74 105.28 6.48
CA THR D 197 20.54 105.80 5.37
C THR D 197 21.58 104.79 4.87
N GLU D 198 22.05 103.94 5.77
CA GLU D 198 23.03 102.92 5.41
C GLU D 198 22.39 101.78 4.63
N VAL D 199 21.06 101.77 4.62
CA VAL D 199 20.31 100.72 3.93
C VAL D 199 20.05 101.09 2.46
N GLY D 200 19.32 102.19 2.26
CA GLY D 200 19.02 102.65 0.92
C GLY D 200 20.23 102.57 0.02
N LYS D 201 21.41 102.75 0.62
CA LYS D 201 22.68 102.68 -0.11
C LYS D 201 22.66 101.53 -1.12
N GLN D 202 22.73 100.31 -0.61
CA GLN D 202 22.81 99.13 -1.45
C GLN D 202 21.54 98.92 -2.27
N LEU D 203 21.70 98.46 -3.50
CA LEU D 203 20.58 98.14 -4.36
C LEU D 203 20.45 96.63 -4.49
N ILE D 204 19.41 96.18 -5.18
CA ILE D 204 19.13 94.75 -5.30
C ILE D 204 20.21 94.00 -6.08
N SER D 205 19.96 92.73 -6.33
CA SER D 205 20.82 91.90 -7.16
C SER D 205 19.97 90.96 -8.00
N GLY D 206 20.25 89.67 -7.96
CA GLY D 206 19.46 88.71 -8.71
C GLY D 206 20.09 87.33 -8.79
N ASN D 207 19.28 86.33 -9.12
CA ASN D 207 19.75 84.96 -9.26
C ASN D 207 18.89 84.18 -10.25
N LEU D 208 19.26 82.92 -10.48
CA LEU D 208 18.53 82.06 -11.40
C LEU D 208 17.37 81.33 -10.71
N ASP D 209 17.67 80.25 -10.00
CA ASP D 209 16.63 79.44 -9.37
C ASP D 209 15.62 80.30 -8.63
N ALA D 210 14.35 79.91 -8.68
CA ALA D 210 13.28 80.72 -8.12
C ALA D 210 13.38 80.85 -6.60
N PRO D 211 13.33 79.72 -5.87
CA PRO D 211 13.48 79.85 -4.41
C PRO D 211 14.84 80.44 -4.02
N GLU D 212 14.90 81.01 -2.82
CA GLU D 212 16.12 81.64 -2.34
C GLU D 212 16.94 80.68 -1.51
N GLY D 213 18.15 81.08 -1.14
CA GLY D 213 18.99 80.31 -0.26
C GLY D 213 19.14 81.01 1.08
N GLY D 214 18.04 81.58 1.55
CA GLY D 214 18.05 82.37 2.77
C GLY D 214 18.53 81.62 3.99
N LEU D 215 18.35 80.30 3.99
CA LEU D 215 18.68 79.48 5.15
C LEU D 215 20.15 79.58 5.54
N ASP D 216 21.02 79.60 4.54
CA ASP D 216 22.45 79.70 4.78
C ASP D 216 22.75 80.98 5.56
N ALA D 217 22.05 82.05 5.20
CA ALA D 217 22.24 83.34 5.86
C ALA D 217 21.89 83.24 7.34
N MET D 218 20.83 82.50 7.63
CA MET D 218 20.35 82.36 8.99
C MET D 218 21.49 81.99 9.94
N MET D 219 22.09 80.82 9.70
CA MET D 219 23.16 80.34 10.57
C MET D 219 24.27 81.38 10.67
N GLN D 220 24.81 81.78 9.52
CA GLN D 220 25.94 82.70 9.49
C GLN D 220 25.71 83.92 10.38
N VAL D 221 24.45 84.36 10.48
CA VAL D 221 24.10 85.47 11.35
C VAL D 221 24.39 85.14 12.81
N ALA D 222 23.58 84.23 13.35
CA ALA D 222 23.72 83.80 14.74
C ALA D 222 24.74 82.68 14.87
N ALA D 223 25.96 82.94 14.41
CA ALA D 223 27.01 81.94 14.42
C ALA D 223 28.22 82.44 15.19
N CYS D 224 28.63 83.68 14.89
CA CYS D 224 29.80 84.27 15.53
C CYS D 224 29.61 85.77 15.73
N PRO D 225 28.85 86.15 16.77
CA PRO D 225 28.74 87.55 17.18
C PRO D 225 30.05 88.11 17.74
N GLU D 226 31.13 87.35 17.59
CA GLU D 226 32.46 87.86 17.89
C GLU D 226 32.87 88.85 16.82
N GLU D 227 32.06 88.94 15.76
CA GLU D 227 32.30 89.87 14.66
C GLU D 227 31.03 90.62 14.27
N ILE D 228 29.89 90.17 14.77
CA ILE D 228 28.61 90.79 14.46
C ILE D 228 28.02 91.48 15.68
N GLY D 229 28.26 90.91 16.86
CA GLY D 229 27.82 91.50 18.11
C GLY D 229 26.34 91.27 18.36
N TRP D 230 26.01 90.98 19.61
CA TRP D 230 24.62 90.72 20.00
C TRP D 230 24.37 91.04 21.47
N ARG D 231 23.19 91.59 21.75
CA ARG D 231 22.82 91.95 23.11
C ARG D 231 22.66 90.69 23.96
N ASN D 232 22.87 90.82 25.27
CA ASN D 232 22.78 89.68 26.17
C ASN D 232 21.37 89.51 26.74
N VAL D 233 20.39 90.12 26.08
CA VAL D 233 19.00 90.04 26.54
C VAL D 233 18.09 89.38 25.51
N THR D 234 17.52 90.18 24.62
CA THR D 234 16.57 89.69 23.63
C THR D 234 17.20 89.68 22.24
N ARG D 235 16.70 88.81 21.37
CA ARG D 235 17.18 88.73 20.00
C ARG D 235 16.08 88.22 19.08
N LEU D 236 15.37 89.15 18.42
CA LEU D 236 14.33 88.79 17.47
C LEU D 236 14.81 89.02 16.03
N LEU D 237 14.56 88.05 15.16
CA LEU D 237 14.83 88.20 13.73
C LEU D 237 13.52 88.20 12.95
N VAL D 238 13.59 88.53 11.67
CA VAL D 238 12.41 88.56 10.82
C VAL D 238 12.77 88.20 9.38
N PHE D 239 12.16 87.14 8.88
CA PHE D 239 12.42 86.68 7.52
C PHE D 239 11.48 87.40 6.56
N ALA D 240 12.02 87.86 5.45
CA ALA D 240 11.25 88.59 4.46
C ALA D 240 11.71 88.21 3.07
N THR D 241 10.81 87.64 2.29
CA THR D 241 11.13 87.21 0.94
C THR D 241 9.88 86.78 0.21
N ASP D 242 9.79 87.16 -1.06
CA ASP D 242 8.70 86.72 -1.92
C ASP D 242 9.17 85.53 -2.72
N ASP D 243 9.85 84.61 -2.05
CA ASP D 243 10.45 83.45 -2.70
C ASP D 243 10.62 82.28 -1.73
N GLY D 244 11.03 81.14 -2.26
CA GLY D 244 11.19 79.93 -1.46
C GLY D 244 12.40 79.95 -0.54
N PHE D 245 12.92 78.76 -0.25
CA PHE D 245 14.02 78.62 0.70
C PHE D 245 14.70 77.26 0.57
N HIS D 246 16.00 77.27 0.28
CA HIS D 246 16.76 76.06 0.03
C HIS D 246 17.39 75.52 1.31
N PHE D 247 17.27 74.21 1.53
CA PHE D 247 17.88 73.56 2.68
C PHE D 247 18.96 72.57 2.26
N ALA D 248 19.54 71.91 3.26
CA ALA D 248 20.61 70.94 3.02
C ALA D 248 20.20 69.95 1.94
N GLY D 249 21.20 69.37 1.27
CA GLY D 249 20.94 68.40 0.23
C GLY D 249 20.97 69.04 -1.14
N ASP D 250 20.47 70.27 -1.22
CA ASP D 250 20.42 71.00 -2.48
C ASP D 250 21.82 71.40 -2.91
N GLY D 251 22.76 71.40 -1.96
CA GLY D 251 24.13 71.74 -2.24
C GLY D 251 24.84 70.75 -3.16
N LYS D 252 24.37 69.51 -3.17
CA LYS D 252 24.97 68.49 -4.01
C LYS D 252 24.91 68.89 -5.49
N LEU D 253 23.95 69.77 -5.80
CA LEU D 253 23.80 70.27 -7.16
C LEU D 253 25.01 71.10 -7.56
N GLY D 254 25.52 71.89 -6.61
CA GLY D 254 26.68 72.72 -6.86
C GLY D 254 28.01 72.04 -6.57
N ALA D 255 28.02 70.71 -6.65
CA ALA D 255 29.24 69.94 -6.46
C ALA D 255 29.85 70.18 -5.09
N ILE D 256 29.01 70.35 -4.07
CA ILE D 256 29.48 70.54 -2.70
C ILE D 256 28.80 69.57 -1.73
N LEU D 257 29.58 68.64 -1.18
CA LEU D 257 29.05 67.64 -0.26
C LEU D 257 29.66 67.81 1.13
N THR D 258 30.09 69.02 1.44
CA THR D 258 30.58 69.35 2.78
C THR D 258 29.43 69.97 3.57
N PRO D 259 28.92 69.26 4.59
CA PRO D 259 27.75 69.70 5.34
C PRO D 259 27.96 70.98 6.15
N ASN D 260 26.89 71.46 6.79
CA ASN D 260 26.96 72.70 7.55
C ASN D 260 27.66 72.50 8.90
N ASP D 261 28.69 73.30 9.15
CA ASP D 261 29.44 73.22 10.40
C ASP D 261 28.70 73.94 11.54
N GLY D 262 28.19 75.13 11.25
CA GLY D 262 27.40 75.87 12.22
C GLY D 262 27.95 77.23 12.58
N ARG D 263 29.24 77.45 12.29
CA ARG D 263 29.90 78.71 12.61
C ARG D 263 30.21 79.51 11.34
N CYS D 264 29.98 80.81 11.40
CA CYS D 264 30.23 81.68 10.26
C CYS D 264 31.67 82.15 10.25
N HIS D 265 32.25 82.24 9.06
CA HIS D 265 33.65 82.63 8.92
C HIS D 265 33.81 83.71 7.84
N LEU D 266 33.53 84.95 8.22
CA LEU D 266 33.62 86.08 7.30
C LEU D 266 34.86 86.92 7.61
N GLU D 267 35.32 87.67 6.61
CA GLU D 267 36.50 88.51 6.77
C GLU D 267 36.18 89.99 6.50
N ASP D 268 35.05 90.24 5.84
CA ASP D 268 34.66 91.59 5.50
C ASP D 268 33.15 91.76 5.59
N ASN D 269 32.59 91.37 6.73
CA ASN D 269 31.15 91.41 6.94
C ASN D 269 30.41 90.81 5.75
N LEU D 270 31.06 89.87 5.08
CA LEU D 270 30.49 89.28 3.89
C LEU D 270 30.99 87.84 3.70
N TYR D 271 30.05 86.93 3.52
CA TYR D 271 30.34 85.51 3.36
C TYR D 271 31.28 85.26 2.20
N LYS D 272 32.24 84.37 2.40
CA LYS D 272 33.02 83.82 1.30
C LYS D 272 33.29 82.35 1.59
N ARG D 273 32.33 81.72 2.26
CA ARG D 273 32.43 80.32 2.63
C ARG D 273 31.24 79.53 2.10
N SER D 274 30.10 80.20 1.89
CA SER D 274 28.87 79.54 1.45
C SER D 274 29.07 78.73 0.17
N ASN D 275 30.13 79.03 -0.57
CA ASN D 275 30.41 78.31 -1.80
C ASN D 275 31.09 76.97 -1.53
N GLU D 276 32.02 76.96 -0.58
CA GLU D 276 32.68 75.73 -0.15
C GLU D 276 31.99 75.16 1.08
N PHE D 277 30.66 75.08 1.03
CA PHE D 277 29.87 74.77 2.21
C PHE D 277 28.40 74.51 1.82
N ASP D 278 27.79 73.53 2.48
CA ASP D 278 26.44 73.09 2.11
C ASP D 278 25.38 73.80 2.95
N TYR D 279 24.14 73.74 2.48
CA TYR D 279 23.02 74.39 3.15
C TYR D 279 22.77 73.83 4.55
N PRO D 280 22.38 74.72 5.47
CA PRO D 280 21.94 74.29 6.80
C PRO D 280 20.71 73.40 6.71
N SER D 281 20.74 72.24 7.34
CA SER D 281 19.58 71.35 7.33
C SER D 281 18.39 72.08 7.93
N VAL D 282 17.19 71.62 7.60
CA VAL D 282 15.97 72.23 8.13
C VAL D 282 15.99 72.26 9.67
N GLY D 283 16.40 71.16 10.27
CA GLY D 283 16.40 71.04 11.72
C GLY D 283 17.61 71.62 12.41
N GLN D 284 18.54 72.18 11.64
CA GLN D 284 19.78 72.68 12.19
C GLN D 284 19.61 74.07 12.78
N LEU D 285 18.38 74.60 12.73
CA LEU D 285 18.12 75.93 13.24
C LEU D 285 17.36 75.88 14.56
N ALA D 286 16.23 75.17 14.57
CA ALA D 286 15.46 75.03 15.80
C ALA D 286 16.37 74.68 16.98
N HIS D 287 17.56 74.19 16.67
CA HIS D 287 18.57 73.89 17.68
C HIS D 287 19.52 75.08 17.90
N LYS D 288 20.42 75.27 16.94
CA LYS D 288 21.43 76.32 17.04
C LYS D 288 20.78 77.68 17.28
N LEU D 289 19.77 77.99 16.47
CA LEU D 289 19.00 79.22 16.60
C LEU D 289 18.41 79.36 17.99
N ALA D 290 17.62 78.39 18.42
CA ALA D 290 16.95 78.45 19.72
C ALA D 290 17.95 78.38 20.88
N GLU D 291 19.20 78.06 20.56
CA GLU D 291 20.26 77.99 21.57
C GLU D 291 20.79 79.39 21.89
N ASN D 292 20.84 80.24 20.88
CA ASN D 292 21.30 81.61 21.05
C ASN D 292 20.14 82.55 21.32
N ASN D 293 18.99 81.97 21.69
CA ASN D 293 17.81 82.73 22.05
C ASN D 293 17.35 83.69 20.94
N ILE D 294 17.39 83.21 19.70
CA ILE D 294 16.95 83.99 18.56
C ILE D 294 15.70 83.37 17.94
N GLN D 295 14.75 84.20 17.51
CA GLN D 295 13.50 83.70 16.97
C GLN D 295 12.97 84.54 15.81
N PRO D 296 13.11 84.04 14.58
CA PRO D 296 12.61 84.72 13.37
C PRO D 296 11.11 84.92 13.38
N ILE D 297 10.64 85.85 12.56
CA ILE D 297 9.22 86.16 12.44
C ILE D 297 8.81 86.13 10.97
N PHE D 298 8.24 85.01 10.55
CA PHE D 298 7.88 84.83 9.15
C PHE D 298 6.97 85.94 8.66
N ALA D 299 7.38 86.57 7.56
CA ALA D 299 6.59 87.62 6.93
C ALA D 299 6.93 87.65 5.46
N VAL D 300 6.06 87.05 4.66
CA VAL D 300 6.26 86.97 3.22
C VAL D 300 4.92 87.13 2.50
N THR D 301 4.92 86.83 1.21
CA THR D 301 3.71 86.92 0.40
C THR D 301 2.67 85.91 0.84
N SER D 302 1.42 86.11 0.41
CA SER D 302 0.36 85.16 0.69
C SER D 302 0.57 83.89 -0.12
N ARG D 303 1.44 83.97 -1.11
CA ARG D 303 1.79 82.82 -1.93
C ARG D 303 2.72 81.90 -1.15
N MET D 304 3.43 82.46 -0.19
CA MET D 304 4.36 81.71 0.64
C MET D 304 3.91 81.72 2.10
N VAL D 305 2.62 81.90 2.34
CA VAL D 305 2.11 82.02 3.71
C VAL D 305 1.89 80.65 4.36
N LYS D 306 1.30 79.72 3.62
CA LYS D 306 0.96 78.40 4.17
C LYS D 306 2.10 77.40 3.99
N THR D 307 3.22 77.86 3.46
CA THR D 307 4.43 77.03 3.40
C THR D 307 5.30 77.30 4.61
N TYR D 308 5.29 78.55 5.08
CA TYR D 308 5.96 78.89 6.31
C TYR D 308 5.05 78.57 7.50
N GLU D 309 3.79 78.29 7.19
CA GLU D 309 2.82 77.88 8.21
C GLU D 309 3.16 76.49 8.74
N LYS D 310 3.50 75.58 7.84
CA LYS D 310 3.92 74.23 8.22
C LYS D 310 5.27 74.30 8.92
N LEU D 311 6.02 75.38 8.66
CA LEU D 311 7.32 75.59 9.29
C LEU D 311 7.16 76.12 10.70
N THR D 312 6.02 76.72 10.99
CA THR D 312 5.73 77.22 12.32
C THR D 312 5.51 76.06 13.29
N GLU D 313 4.88 75.01 12.78
CA GLU D 313 4.63 73.81 13.58
C GLU D 313 5.91 73.26 14.19
N ILE D 314 6.91 73.06 13.34
CA ILE D 314 8.19 72.51 13.77
C ILE D 314 8.89 73.46 14.73
N ILE D 315 9.61 74.44 14.17
CA ILE D 315 10.43 75.34 14.99
C ILE D 315 9.58 76.16 15.96
N PRO D 316 10.08 76.36 17.19
CA PRO D 316 9.35 77.08 18.22
C PRO D 316 9.37 78.60 18.02
N LYS D 317 8.50 79.31 18.74
CA LYS D 317 8.46 80.77 18.72
C LYS D 317 8.64 81.35 17.31
N SER D 318 7.60 81.25 16.50
CA SER D 318 7.63 81.77 15.14
C SER D 318 6.22 82.03 14.65
N ALA D 319 6.00 83.22 14.10
CA ALA D 319 4.67 83.62 13.64
C ALA D 319 4.63 83.74 12.12
N VAL D 320 3.42 83.67 11.57
CA VAL D 320 3.22 83.80 10.13
C VAL D 320 2.53 85.13 9.83
N GLY D 321 3.04 85.86 8.85
CA GLY D 321 2.52 87.17 8.51
C GLY D 321 2.32 87.39 7.02
N GLU D 322 1.08 87.21 6.57
CA GLU D 322 0.74 87.44 5.17
C GLU D 322 0.65 88.94 4.91
N LEU D 323 1.38 89.42 3.91
CA LEU D 323 1.41 90.84 3.60
C LEU D 323 1.45 91.09 2.09
N SER D 324 1.22 92.34 1.70
CA SER D 324 1.25 92.70 0.29
C SER D 324 2.67 92.69 -0.25
N GLU D 325 2.79 92.70 -1.58
CA GLU D 325 4.08 92.57 -2.23
C GLU D 325 4.89 93.88 -2.17
N ASP D 326 4.40 94.85 -1.41
CA ASP D 326 5.05 96.15 -1.30
C ASP D 326 5.76 96.36 0.03
N SER D 327 5.57 95.43 0.96
CA SER D 327 6.20 95.52 2.28
C SER D 327 5.85 96.84 2.96
N SER D 328 4.61 97.30 2.77
CA SER D 328 4.15 98.54 3.39
C SER D 328 3.62 98.29 4.79
N ASN D 329 2.88 97.19 4.95
CA ASN D 329 2.35 96.81 6.25
C ASN D 329 3.31 95.89 7.00
N VAL D 330 4.60 96.23 6.94
CA VAL D 330 5.63 95.41 7.56
C VAL D 330 5.77 95.69 9.05
N VAL D 331 5.42 96.90 9.46
CA VAL D 331 5.53 97.28 10.87
C VAL D 331 4.39 96.71 11.70
N GLN D 332 3.27 96.39 11.04
CA GLN D 332 2.15 95.76 11.73
C GLN D 332 2.44 94.29 12.01
N LEU D 333 3.53 93.78 11.44
CA LEU D 333 3.95 92.41 11.69
C LEU D 333 4.28 92.21 13.16
N ILE D 334 4.94 93.21 13.76
CA ILE D 334 5.41 93.10 15.13
C ILE D 334 4.31 93.40 16.14
N LYS D 335 3.26 94.08 15.70
CA LYS D 335 2.06 94.21 16.51
C LYS D 335 1.38 92.84 16.60
N ASN D 336 1.71 91.98 15.65
CA ASN D 336 1.26 90.60 15.65
C ASN D 336 2.34 89.65 16.14
N ALA D 337 3.55 90.20 16.33
CA ALA D 337 4.67 89.41 16.84
C ALA D 337 4.50 89.18 18.34
N TYR D 338 4.68 90.23 19.13
CA TYR D 338 4.47 90.15 20.57
C TYR D 338 3.07 89.60 20.87
N ASN D 339 2.16 89.72 19.90
CA ASN D 339 0.81 89.21 20.05
C ASN D 339 0.78 87.74 20.46
N LYS D 340 1.55 86.92 19.75
CA LYS D 340 1.59 85.48 20.04
C LYS D 340 3.03 84.96 20.11
N LEU D 341 3.97 85.86 20.36
CA LEU D 341 5.37 85.48 20.57
C LEU D 341 5.70 85.62 22.06
N SER D 342 5.05 86.58 22.71
CA SER D 342 5.09 86.69 24.16
C SER D 342 3.96 85.86 24.76
N SER D 343 3.23 85.15 23.92
CA SER D 343 2.09 84.38 24.41
C SER D 343 2.41 82.89 24.49
N ARG D 344 3.36 82.44 23.68
CA ARG D 344 3.73 81.03 23.63
C ARG D 344 4.69 80.66 24.77
N VAL D 345 4.14 80.34 25.93
CA VAL D 345 4.94 79.90 27.06
C VAL D 345 5.39 78.46 26.86
N PHE D 346 6.70 78.26 26.71
CA PHE D 346 7.23 76.91 26.48
C PHE D 346 7.87 76.34 27.74
N LEU D 347 7.91 75.02 27.82
CA LEU D 347 8.39 74.34 29.03
C LEU D 347 8.93 72.95 28.72
N ASP D 348 9.85 72.88 27.77
CA ASP D 348 10.50 71.62 27.42
C ASP D 348 11.71 71.38 28.29
N HIS D 349 12.56 70.44 27.92
CA HIS D 349 13.72 70.07 28.73
C HIS D 349 14.87 69.52 27.89
N ASN D 350 16.06 69.48 28.47
CA ASN D 350 17.21 68.87 27.81
C ASN D 350 16.92 67.41 27.50
N ALA D 351 17.44 66.94 26.38
CA ALA D 351 17.23 65.55 25.97
C ALA D 351 17.61 64.59 27.10
N LEU D 352 16.59 64.09 27.79
CA LEU D 352 16.80 63.17 28.90
C LEU D 352 17.20 61.78 28.41
N PRO D 353 17.90 61.01 29.26
CA PRO D 353 18.26 59.62 28.93
C PRO D 353 17.02 58.76 28.72
N ASP D 354 17.14 57.70 27.93
CA ASP D 354 16.01 56.83 27.64
C ASP D 354 15.41 56.20 28.89
N THR D 355 16.19 56.15 29.96
CA THR D 355 15.75 55.54 31.21
C THR D 355 14.72 56.39 31.95
N LEU D 356 14.27 57.46 31.32
CA LEU D 356 13.31 58.37 31.94
C LEU D 356 12.25 58.82 30.94
N LYS D 357 11.11 59.24 31.47
CA LYS D 357 10.01 59.73 30.64
C LYS D 357 9.33 60.88 31.36
N VAL D 358 9.18 62.01 30.67
CA VAL D 358 8.63 63.21 31.28
C VAL D 358 7.37 63.68 30.57
N THR D 359 6.43 64.20 31.35
CA THR D 359 5.20 64.77 30.80
C THR D 359 4.89 66.08 31.51
N TYR D 360 3.79 66.71 31.11
CA TYR D 360 3.36 67.97 31.72
C TYR D 360 1.85 68.08 31.74
N ASP D 361 1.35 69.13 32.39
CA ASP D 361 -0.07 69.48 32.33
C ASP D 361 -0.19 70.95 31.95
N SER D 362 -1.41 71.41 31.67
CA SER D 362 -1.61 72.79 31.26
C SER D 362 -2.93 73.36 31.79
N PHE D 363 -2.85 74.48 32.51
CA PHE D 363 -4.02 75.20 32.97
C PHE D 363 -3.95 76.66 32.52
N CYS D 364 -4.21 76.89 31.24
CA CYS D 364 -4.14 78.24 30.68
C CYS D 364 -5.11 79.16 31.41
N SER D 365 -4.90 80.47 31.27
CA SER D 365 -5.68 81.45 32.01
C SER D 365 -7.11 81.53 31.51
N ASN D 366 -7.28 81.49 30.19
CA ASN D 366 -8.61 81.64 29.58
C ASN D 366 -9.35 80.33 29.32
N GLY D 367 -9.84 79.71 30.38
CA GLY D 367 -10.77 78.60 30.26
C GLY D 367 -10.15 77.22 30.14
N VAL D 368 -9.02 77.13 29.46
CA VAL D 368 -8.45 75.82 29.10
C VAL D 368 -8.10 74.97 30.33
N THR D 369 -8.58 73.74 30.33
CA THR D 369 -8.26 72.78 31.38
C THR D 369 -7.60 71.55 30.75
N HIS D 370 -6.38 71.73 30.25
CA HIS D 370 -5.65 70.64 29.61
C HIS D 370 -5.05 69.68 30.63
N ARG D 371 -4.68 68.48 30.18
CA ARG D 371 -4.09 67.48 31.06
C ARG D 371 -3.23 66.48 30.27
N ASN D 372 -2.02 66.25 30.77
CA ASN D 372 -1.14 65.22 30.23
C ASN D 372 -0.69 65.44 28.79
N GLN D 373 0.47 66.07 28.64
CA GLN D 373 1.12 66.28 27.35
C GLN D 373 2.37 67.13 27.53
N PRO D 374 3.41 66.86 26.73
CA PRO D 374 4.67 67.62 26.75
C PRO D 374 4.46 69.11 26.44
N ARG D 375 5.54 69.88 26.38
CA ARG D 375 5.44 71.31 26.07
C ARG D 375 4.66 72.06 27.16
N GLY D 376 4.30 73.31 26.85
CA GLY D 376 3.45 74.11 27.72
C GLY D 376 2.65 75.11 26.90
N ASP D 377 2.25 74.69 25.71
CA ASP D 377 1.58 75.57 24.75
C ASP D 377 0.31 76.20 25.33
N CYS D 378 0.43 77.45 25.76
CA CYS D 378 -0.71 78.23 26.20
C CYS D 378 -0.71 79.58 25.51
N ASP D 379 -1.37 79.65 24.35
CA ASP D 379 -1.39 80.86 23.56
C ASP D 379 -2.52 81.79 24.02
N GLY D 380 -2.67 81.93 25.34
CA GLY D 380 -3.70 82.76 25.91
C GLY D 380 -3.25 83.40 27.22
N VAL D 381 -1.97 83.75 27.29
CA VAL D 381 -1.41 84.43 28.45
C VAL D 381 -0.33 85.41 27.99
N GLN D 382 -0.24 86.56 28.64
CA GLN D 382 0.56 87.66 28.12
C GLN D 382 1.46 88.33 29.16
N ILE D 383 0.89 89.27 29.91
CA ILE D 383 1.67 90.16 30.75
C ILE D 383 1.82 89.64 32.17
N ASN D 384 0.81 89.88 33.01
CA ASN D 384 0.90 89.56 34.43
C ASN D 384 -0.23 88.65 34.89
N VAL D 385 -0.30 87.46 34.32
CA VAL D 385 -1.27 86.45 34.74
C VAL D 385 -0.62 85.08 34.79
N PRO D 386 -0.33 84.60 36.01
CA PRO D 386 0.37 83.32 36.20
C PRO D 386 -0.28 82.15 35.45
N ILE D 387 0.45 81.03 35.37
CA ILE D 387 -0.04 79.83 34.71
C ILE D 387 0.34 78.61 35.56
N THR D 388 -0.05 77.43 35.11
CA THR D 388 0.19 76.21 35.88
C THR D 388 0.58 75.01 35.03
N PHE D 389 1.81 74.52 35.24
CA PHE D 389 2.26 73.29 34.59
C PHE D 389 2.58 72.25 35.66
N GLN D 390 1.93 71.09 35.57
CA GLN D 390 2.19 69.99 36.50
C GLN D 390 3.15 69.00 35.87
N VAL D 391 4.42 69.10 36.25
CA VAL D 391 5.45 68.22 35.70
C VAL D 391 5.46 66.88 36.43
N LYS D 392 5.24 65.80 35.68
CA LYS D 392 5.22 64.46 36.25
C LYS D 392 6.36 63.63 35.68
N VAL D 393 7.38 63.39 36.51
CA VAL D 393 8.55 62.62 36.10
C VAL D 393 8.47 61.19 36.62
N THR D 394 8.56 60.23 35.71
CA THR D 394 8.52 58.82 36.08
C THR D 394 9.77 58.11 35.53
N ALA D 395 10.17 57.04 36.21
CA ALA D 395 11.32 56.24 35.77
C ALA D 395 10.86 54.81 35.50
N THR D 396 11.70 54.04 34.80
CA THR D 396 11.36 52.66 34.49
C THR D 396 12.11 51.70 35.40
N GLU D 397 13.35 52.07 35.75
CA GLU D 397 14.18 51.26 36.65
C GLU D 397 14.80 52.15 37.70
N CYS D 398 15.62 51.56 38.56
CA CYS D 398 16.34 52.32 39.58
C CYS D 398 17.51 53.05 38.92
N ILE D 399 17.21 54.25 38.44
CA ILE D 399 18.18 55.12 37.79
C ILE D 399 19.42 55.36 38.64
N GLN D 400 20.47 55.88 38.03
CA GLN D 400 21.64 56.33 38.77
C GLN D 400 21.50 57.83 39.00
N GLU D 401 21.98 58.31 40.14
CA GLU D 401 21.82 59.72 40.48
C GLU D 401 22.35 60.61 39.37
N GLN D 402 21.48 61.47 38.86
CA GLN D 402 21.84 62.39 37.78
C GLN D 402 21.05 63.69 37.92
N SER D 403 21.14 64.54 36.90
CA SER D 403 20.46 65.83 36.94
C SER D 403 20.22 66.38 35.54
N PHE D 404 19.02 66.92 35.32
CA PHE D 404 18.70 67.55 34.03
C PHE D 404 18.12 68.94 34.27
N VAL D 405 17.60 69.57 33.22
CA VAL D 405 17.05 70.91 33.32
C VAL D 405 15.76 71.07 32.53
N ILE D 406 14.84 71.86 33.06
CA ILE D 406 13.60 72.19 32.38
C ILE D 406 13.55 73.68 32.09
N ARG D 407 13.90 74.05 30.86
CA ARG D 407 13.94 75.44 30.45
C ARG D 407 12.67 75.84 29.73
N ALA D 408 12.45 77.15 29.61
CA ALA D 408 11.40 77.67 28.76
C ALA D 408 12.03 78.12 27.45
N LEU D 409 11.65 77.48 26.34
CA LEU D 409 12.24 77.79 25.06
C LEU D 409 12.24 79.30 24.81
N GLY D 410 13.41 79.86 24.58
CA GLY D 410 13.54 81.29 24.34
C GLY D 410 13.74 82.08 25.60
N PHE D 411 14.31 81.44 26.62
CA PHE D 411 14.53 82.08 27.90
C PHE D 411 15.81 81.54 28.54
N THR D 412 16.54 82.41 29.24
CA THR D 412 17.82 82.03 29.81
C THR D 412 17.67 81.40 31.19
N ASP D 413 16.45 81.34 31.69
CA ASP D 413 16.19 80.82 33.03
C ASP D 413 16.32 79.30 33.09
N ILE D 414 17.49 78.84 33.57
CA ILE D 414 17.74 77.41 33.75
C ILE D 414 17.22 76.93 35.11
N VAL D 415 16.39 75.89 35.09
CA VAL D 415 15.91 75.27 36.32
C VAL D 415 16.60 73.92 36.52
N THR D 416 17.61 73.90 37.40
CA THR D 416 18.37 72.69 37.66
C THR D 416 17.55 71.71 38.49
N VAL D 417 16.88 70.78 37.81
CA VAL D 417 16.07 69.76 38.48
C VAL D 417 16.93 68.54 38.81
N GLN D 418 17.23 68.36 40.08
CA GLN D 418 18.04 67.23 40.54
C GLN D 418 17.18 65.97 40.59
N VAL D 419 17.80 64.81 40.38
CA VAL D 419 17.09 63.54 40.39
C VAL D 419 17.81 62.51 41.24
N LEU D 420 17.09 61.94 42.21
CA LEU D 420 17.67 60.98 43.13
C LEU D 420 16.94 59.63 43.03
N PRO D 421 17.68 58.58 42.64
CA PRO D 421 17.15 57.21 42.59
C PRO D 421 16.67 56.74 43.96
N GLN D 422 15.36 56.80 44.20
CA GLN D 422 14.80 56.39 45.49
C GLN D 422 14.33 54.94 45.46
N CYS D 423 15.17 54.04 45.97
CA CYS D 423 14.75 52.65 46.14
C CYS D 423 15.62 51.86 47.12
N GLU D 424 15.60 52.29 48.38
CA GLU D 424 15.98 51.45 49.51
C GLU D 424 14.93 51.69 50.58
N CYS D 425 14.78 50.75 51.51
CA CYS D 425 13.77 50.88 52.55
C CYS D 425 14.34 50.52 53.90
N ARG D 426 13.68 51.03 54.94
CA ARG D 426 14.42 51.61 56.05
C ARG D 426 13.79 51.41 57.41
N CYS D 427 14.15 50.32 58.07
CA CYS D 427 13.66 50.05 59.42
C CYS D 427 14.78 49.96 60.43
N ARG D 428 15.65 48.98 60.25
CA ARG D 428 16.58 48.61 61.30
C ARG D 428 17.92 48.11 60.78
N ASP D 429 18.72 47.58 61.70
CA ASP D 429 20.08 47.14 61.38
C ASP D 429 20.45 45.86 62.14
N GLN D 430 21.69 45.43 61.99
CA GLN D 430 22.14 44.15 62.52
C GLN D 430 22.74 44.25 63.92
N SER D 431 22.38 45.32 64.64
CA SER D 431 22.75 45.44 66.04
C SER D 431 21.59 44.90 66.89
N ARG D 432 20.39 44.95 66.34
CA ARG D 432 19.21 44.39 66.97
C ARG D 432 18.95 42.97 66.47
N ASP D 433 19.20 41.98 67.33
CA ASP D 433 18.92 40.57 67.03
C ASP D 433 19.97 39.90 66.15
N ARG D 434 21.17 39.68 66.69
CA ARG D 434 22.13 38.78 66.07
C ARG D 434 21.81 37.36 66.50
N SER D 435 20.79 37.25 67.34
CA SER D 435 20.37 35.96 67.85
C SER D 435 19.58 35.24 66.79
N LEU D 436 18.37 35.73 66.50
CA LEU D 436 17.57 35.15 65.44
C LEU D 436 18.39 35.15 64.15
N CYS D 437 17.99 34.32 63.20
CA CYS D 437 18.82 34.06 62.02
C CYS D 437 20.09 33.36 62.47
N HIS D 438 20.01 32.76 63.65
CA HIS D 438 21.11 32.00 64.24
C HIS D 438 22.49 32.57 63.93
N GLY D 439 22.62 33.90 64.04
CA GLY D 439 23.90 34.56 63.95
C GLY D 439 24.46 34.73 62.54
N LYS D 440 24.03 33.88 61.61
CA LYS D 440 24.55 33.91 60.25
C LYS D 440 23.60 34.63 59.31
N GLY D 441 23.29 35.88 59.64
CA GLY D 441 22.40 36.69 58.85
C GLY D 441 21.92 37.91 59.63
N PHE D 442 21.42 38.90 58.91
CA PHE D 442 20.94 40.13 59.53
C PHE D 442 19.43 40.21 59.43
N LEU D 443 18.85 41.22 60.06
CA LEU D 443 17.40 41.39 60.07
C LEU D 443 17.02 42.73 59.45
N GLU D 444 15.93 42.71 58.69
CA GLU D 444 15.44 43.91 58.03
C GLU D 444 13.92 43.87 57.98
N CYS D 445 13.27 44.64 58.83
CA CYS D 445 11.82 44.70 58.84
C CYS D 445 11.25 43.30 59.00
N GLY D 446 11.58 42.65 60.10
CA GLY D 446 11.07 41.32 60.37
C GLY D 446 11.96 40.22 59.83
N ILE D 447 11.67 39.77 58.61
CA ILE D 447 12.42 38.67 58.00
C ILE D 447 13.92 38.88 58.10
N CYS D 448 14.66 37.79 57.91
CA CYS D 448 16.11 37.82 58.00
C CYS D 448 16.72 37.45 56.65
N ARG D 449 17.59 38.32 56.14
CA ARG D 449 18.31 38.05 54.91
C ARG D 449 19.65 37.39 55.23
N CYS D 450 19.72 36.09 54.95
CA CYS D 450 20.89 35.30 55.31
C CYS D 450 22.09 35.61 54.42
N ASP D 451 23.19 34.89 54.64
CA ASP D 451 24.40 35.08 53.86
C ASP D 451 24.31 34.31 52.54
N THR D 452 25.43 34.26 51.83
CA THR D 452 25.50 33.56 50.55
C THR D 452 25.24 32.06 50.70
N GLY D 453 25.69 31.49 51.81
CA GLY D 453 25.59 30.06 52.02
C GLY D 453 24.42 29.65 52.89
N TYR D 454 23.87 30.61 53.63
CA TYR D 454 22.74 30.32 54.52
C TYR D 454 21.43 30.75 53.90
N ILE D 455 20.40 29.96 54.16
CA ILE D 455 19.06 30.23 53.64
C ILE D 455 18.03 29.75 54.65
N GLY D 456 16.83 30.31 54.57
CA GLY D 456 15.75 29.96 55.47
C GLY D 456 15.17 31.20 56.12
N LYS D 457 13.96 31.09 56.66
CA LYS D 457 13.30 32.25 57.24
C LYS D 457 13.93 32.64 58.58
N ASN D 458 14.93 31.88 58.99
CA ASN D 458 15.71 32.21 60.18
C ASN D 458 17.15 31.75 60.02
N CYS D 459 17.64 31.80 58.78
CA CYS D 459 19.02 31.44 58.47
C CYS D 459 19.45 30.14 59.16
N GLU D 460 18.50 29.24 59.34
CA GLU D 460 18.75 28.00 60.06
C GLU D 460 19.27 26.92 59.11
N CYS D 461 18.90 27.04 57.85
CA CYS D 461 19.15 26.00 56.88
C CYS D 461 20.38 26.34 56.03
N GLN D 462 21.09 25.30 55.58
CA GLN D 462 22.23 25.53 54.69
C GLN D 462 21.94 24.97 53.32
N THR D 463 22.64 25.52 52.34
CA THR D 463 22.46 25.12 50.95
C THR D 463 23.18 23.80 50.64
N GLN D 464 23.69 23.11 51.66
CA GLN D 464 24.21 21.75 51.46
C GLN D 464 23.67 20.71 52.44
N GLY D 465 22.40 20.35 52.28
CA GLY D 465 21.92 19.05 52.73
C GLY D 465 20.70 19.08 53.61
N ARG D 466 19.52 19.01 52.99
CA ARG D 466 18.27 19.12 53.73
C ARG D 466 17.08 18.50 53.01
N SER D 467 16.16 17.95 53.80
CA SER D 467 14.83 17.57 53.31
C SER D 467 14.09 16.77 54.38
N SER D 468 12.81 17.07 54.55
CA SER D 468 11.99 16.40 55.54
C SER D 468 10.74 15.83 54.88
N GLN D 469 9.90 15.18 55.68
CA GLN D 469 8.69 14.55 55.18
C GLN D 469 7.63 15.56 54.78
N GLU D 470 6.92 16.09 55.77
CA GLU D 470 5.81 17.00 55.50
C GLU D 470 6.23 18.46 55.44
N LEU D 471 7.53 18.72 55.44
CA LEU D 471 8.02 20.05 55.10
C LEU D 471 7.63 20.31 53.65
N GLU D 472 7.42 19.23 52.91
CA GLU D 472 6.96 19.31 51.54
C GLU D 472 5.48 19.65 51.47
N GLY D 473 4.93 20.17 52.55
CA GLY D 473 3.51 20.49 52.64
C GLY D 473 3.15 21.70 51.79
N SER D 474 3.66 22.87 52.19
CA SER D 474 3.49 24.08 51.42
C SER D 474 4.52 24.12 50.29
N CYS D 475 5.21 23.01 50.07
CA CYS D 475 6.24 22.93 49.05
C CYS D 475 5.64 22.51 47.70
N ARG D 476 4.39 22.08 47.72
CA ARG D 476 3.65 21.78 46.49
C ARG D 476 2.28 22.47 46.54
N LYS D 477 1.91 23.12 45.44
CA LYS D 477 0.69 23.93 45.43
C LYS D 477 -0.52 23.13 45.90
N ASP D 478 -0.66 21.91 45.41
CA ASP D 478 -1.79 21.07 45.77
C ASP D 478 -1.37 19.61 45.93
N ASN D 479 -2.28 18.78 46.40
CA ASN D 479 -2.00 17.37 46.64
C ASN D 479 -1.61 16.61 45.39
N ASN D 480 -2.11 17.05 44.24
CA ASN D 480 -1.82 16.39 42.97
C ASN D 480 -0.83 17.19 42.13
N SER D 481 0.11 17.85 42.80
CA SER D 481 1.15 18.63 42.11
C SER D 481 2.52 18.10 42.49
N ILE D 482 3.41 18.05 41.50
CA ILE D 482 4.79 17.64 41.76
C ILE D 482 5.48 18.67 42.65
N ILE D 483 6.44 18.21 43.45
CA ILE D 483 7.12 19.08 44.40
C ILE D 483 7.89 20.20 43.68
N CYS D 484 7.72 21.42 44.18
CA CYS D 484 8.38 22.59 43.58
C CYS D 484 8.11 22.70 42.09
N SER D 485 7.00 22.14 41.64
CA SER D 485 6.63 22.20 40.24
C SER D 485 7.84 21.87 39.36
N GLY D 486 8.68 20.97 39.83
CA GLY D 486 9.94 20.67 39.17
C GLY D 486 10.74 21.94 38.98
N LEU D 487 11.97 21.84 38.49
CA LEU D 487 12.78 23.02 38.29
C LEU D 487 12.95 23.77 39.60
N GLY D 488 12.98 23.02 40.70
CA GLY D 488 13.16 23.60 42.02
C GLY D 488 13.26 22.52 43.07
N ASP D 489 14.30 22.59 43.90
CA ASP D 489 14.49 21.62 44.97
C ASP D 489 14.07 22.20 46.34
N CYS D 490 13.13 21.53 46.99
CA CYS D 490 12.54 22.03 48.22
C CYS D 490 13.49 21.89 49.40
N VAL D 491 13.58 22.95 50.19
CA VAL D 491 14.37 22.92 51.41
C VAL D 491 13.68 23.74 52.50
N CYS D 492 13.45 23.09 53.63
CA CYS D 492 12.80 23.74 54.77
C CYS D 492 11.44 24.33 54.42
N GLY D 493 10.58 23.49 53.85
CA GLY D 493 9.22 23.87 53.56
C GLY D 493 9.05 24.55 52.22
N GLN D 494 9.94 25.51 51.96
CA GLN D 494 9.88 26.31 50.75
C GLN D 494 10.68 25.67 49.61
N CYS D 495 10.65 26.32 48.45
CA CYS D 495 11.40 25.83 47.29
C CYS D 495 12.50 26.81 46.91
N LEU D 496 13.60 26.26 46.37
CA LEU D 496 14.64 27.09 45.76
C LEU D 496 14.70 26.80 44.26
N CYS D 497 13.97 27.59 43.50
CA CYS D 497 13.93 27.42 42.06
C CYS D 497 15.34 27.33 41.51
N HIS D 498 15.56 26.38 40.61
CA HIS D 498 16.86 26.20 39.97
C HIS D 498 17.19 27.40 39.09
N THR D 499 18.44 27.49 38.66
CA THR D 499 18.90 28.60 37.84
C THR D 499 19.30 28.13 36.44
N SER D 500 19.00 28.94 35.45
CA SER D 500 19.41 28.64 34.07
C SER D 500 20.27 29.78 33.54
N ASP D 501 21.46 29.43 33.05
CA ASP D 501 22.34 30.41 32.43
C ASP D 501 21.97 30.60 30.97
N VAL D 502 20.70 30.86 30.74
CA VAL D 502 20.19 31.14 29.40
C VAL D 502 19.58 32.53 29.41
N PRO D 503 19.98 33.38 28.45
CA PRO D 503 19.49 34.76 28.40
C PRO D 503 17.98 34.84 28.66
N GLY D 504 17.59 35.59 29.68
CA GLY D 504 16.19 35.82 29.97
C GLY D 504 15.59 34.80 30.92
N LYS D 505 15.87 33.52 30.65
CA LYS D 505 15.37 32.43 31.47
C LYS D 505 15.54 32.73 32.95
N LEU D 506 14.46 32.55 33.71
CA LEU D 506 14.50 32.73 35.16
C LEU D 506 13.24 32.16 35.79
N ILE D 507 13.42 31.19 36.67
CA ILE D 507 12.30 30.59 37.39
C ILE D 507 12.10 31.35 38.70
N TYR D 508 10.88 31.26 39.26
CA TYR D 508 10.58 31.93 40.52
C TYR D 508 9.18 31.55 40.99
N GLY D 509 8.91 31.82 42.27
CA GLY D 509 7.63 31.51 42.87
C GLY D 509 7.79 30.57 44.04
N GLN D 510 6.75 30.45 44.84
CA GLN D 510 6.77 29.56 46.00
C GLN D 510 7.07 28.14 45.55
N TYR D 511 6.38 27.69 44.50
CA TYR D 511 6.54 26.34 43.99
C TYR D 511 7.27 26.35 42.64
N CYS D 512 7.99 27.44 42.36
CA CYS D 512 8.78 27.57 41.13
C CYS D 512 7.93 27.31 39.90
N GLU D 513 6.81 28.01 39.78
CA GLU D 513 5.87 27.77 38.70
C GLU D 513 6.01 28.82 37.60
N CYS D 514 6.28 30.05 38.01
CA CYS D 514 6.36 31.17 37.07
C CYS D 514 7.76 31.35 36.52
N ASP D 515 7.84 31.80 35.28
CA ASP D 515 9.11 32.11 34.64
C ASP D 515 8.95 33.39 33.84
N THR D 516 10.07 33.98 33.42
CA THR D 516 10.04 35.22 32.65
C THR D 516 10.49 34.97 31.22
N ILE D 517 9.92 33.94 30.60
CA ILE D 517 10.29 33.58 29.24
C ILE D 517 9.14 32.92 28.49
N ASN D 518 8.24 32.26 29.21
CA ASN D 518 7.16 31.52 28.57
C ASN D 518 5.85 32.31 28.55
N CYS D 519 5.79 33.31 27.68
CA CYS D 519 4.59 34.11 27.53
C CYS D 519 4.18 34.14 26.06
N GLU D 520 3.40 35.13 25.66
CA GLU D 520 3.00 35.27 24.27
C GLU D 520 4.01 36.14 23.51
N ARG D 521 4.41 35.68 22.33
CA ARG D 521 5.43 36.36 21.53
C ARG D 521 4.86 37.50 20.69
N TYR D 522 5.73 38.12 19.91
CA TYR D 522 5.37 39.19 18.99
C TYR D 522 6.59 39.60 18.19
N ASN D 523 6.48 39.54 16.87
CA ASN D 523 7.59 39.89 16.00
C ASN D 523 8.85 39.12 16.41
N GLY D 524 8.70 37.81 16.63
CA GLY D 524 9.81 36.97 17.01
C GLY D 524 10.54 37.48 18.23
N GLN D 525 9.79 38.03 19.18
CA GLN D 525 10.37 38.52 20.42
C GLN D 525 9.42 38.27 21.60
N VAL D 526 10.00 38.01 22.75
CA VAL D 526 9.23 37.69 23.95
C VAL D 526 8.43 38.90 24.43
N CYS D 527 7.11 38.76 24.42
CA CYS D 527 6.22 39.83 24.87
C CYS D 527 6.45 41.13 24.09
N GLY D 528 7.20 41.04 23.00
CA GLY D 528 7.52 42.22 22.20
C GLY D 528 8.90 42.76 22.49
N GLY D 529 9.86 41.87 22.71
CA GLY D 529 11.22 42.27 23.02
C GLY D 529 11.30 43.17 24.24
N PRO D 530 12.53 43.54 24.64
CA PRO D 530 12.70 44.36 25.85
C PRO D 530 12.12 45.76 25.68
N GLY D 531 11.96 46.18 24.43
CA GLY D 531 11.45 47.50 24.14
C GLY D 531 9.99 47.66 24.53
N ARG D 532 9.12 46.94 23.83
CA ARG D 532 7.68 47.09 24.01
C ARG D 532 7.21 46.73 25.41
N GLY D 533 7.31 45.45 25.78
CA GLY D 533 6.85 45.00 27.08
C GLY D 533 7.78 43.99 27.74
N LEU D 534 7.27 43.29 28.75
CA LEU D 534 8.03 42.27 29.45
C LEU D 534 7.18 41.05 29.81
N CYS D 535 7.85 39.98 30.25
CA CYS D 535 7.20 38.71 30.55
C CYS D 535 7.17 38.40 32.04
N PHE D 536 6.02 37.97 32.53
CA PHE D 536 5.86 37.60 33.93
C PHE D 536 4.77 36.55 34.11
N CYS D 537 5.17 35.29 34.18
CA CYS D 537 4.24 34.18 34.41
C CYS D 537 3.12 34.16 33.39
N GLY D 538 3.48 34.07 32.11
CA GLY D 538 2.51 33.93 31.04
C GLY D 538 2.01 35.24 30.47
N LYS D 539 1.51 36.11 31.34
CA LYS D 539 0.98 37.41 30.92
C LYS D 539 2.10 38.41 30.69
N CYS D 540 1.91 39.28 29.70
CA CYS D 540 2.90 40.31 29.38
C CYS D 540 2.49 41.64 29.99
N ARG D 541 3.40 42.23 30.77
CA ARG D 541 3.19 43.56 31.31
C ARG D 541 3.85 44.59 30.39
N CYS D 542 3.09 45.05 29.40
CA CYS D 542 3.60 45.98 28.41
C CYS D 542 3.98 47.32 29.03
N HIS D 543 5.08 47.89 28.56
CA HIS D 543 5.50 49.21 28.99
C HIS D 543 4.37 50.20 28.76
N PRO D 544 4.50 51.41 29.34
CA PRO D 544 3.51 52.47 29.15
C PRO D 544 3.34 52.80 27.67
N GLY D 545 2.09 53.02 27.24
CA GLY D 545 1.81 53.35 25.86
C GLY D 545 1.68 52.12 24.99
N PHE D 546 1.70 50.95 25.60
CA PHE D 546 1.57 49.69 24.89
C PHE D 546 0.59 48.77 25.61
N GLU D 547 -0.39 48.27 24.86
CA GLU D 547 -1.38 47.36 25.42
C GLU D 547 -1.46 46.12 24.54
N GLY D 548 -2.28 45.16 24.95
CA GLY D 548 -2.49 43.94 24.17
C GLY D 548 -2.01 42.70 24.89
N SER D 549 -2.35 41.54 24.32
CA SER D 549 -1.98 40.26 24.91
C SER D 549 -0.47 40.14 25.06
N ALA D 550 0.25 40.56 24.03
CA ALA D 550 1.72 40.54 24.04
C ALA D 550 2.27 41.84 23.46
N CYS D 551 1.69 42.96 23.88
CA CYS D 551 1.99 44.24 23.25
C CYS D 551 1.76 44.10 21.75
N GLN D 552 0.74 43.33 21.39
CA GLN D 552 0.41 43.11 19.98
C GLN D 552 -0.14 44.40 19.36
N CYS D 553 -1.05 45.06 20.09
CA CYS D 553 -1.47 46.40 19.70
C CYS D 553 -0.44 47.38 20.25
N GLU D 554 0.73 47.39 19.62
CA GLU D 554 1.91 48.00 20.20
C GLU D 554 1.67 49.38 20.82
N ARG D 555 0.96 50.26 20.12
CA ARG D 555 0.83 51.64 20.57
C ARG D 555 -0.59 52.01 20.97
N THR D 556 -0.71 52.78 22.05
CA THR D 556 -1.99 53.30 22.49
C THR D 556 -2.27 54.62 21.76
N THR D 557 -1.33 55.05 20.93
CA THR D 557 -1.49 56.26 20.15
C THR D 557 -2.54 56.06 19.05
N GLU D 558 -2.61 57.00 18.11
CA GLU D 558 -3.52 56.88 16.99
C GLU D 558 -2.91 57.46 15.71
N GLY D 559 -2.17 56.62 15.00
CA GLY D 559 -1.69 56.98 13.68
C GLY D 559 -2.79 56.81 12.67
N CYS D 560 -3.94 56.34 13.15
CA CYS D 560 -5.13 56.18 12.32
C CYS D 560 -5.71 57.53 11.96
N LEU D 561 -5.20 58.58 12.59
CA LEU D 561 -5.68 59.93 12.35
C LEU D 561 -5.02 60.53 11.10
N ASN D 562 -5.83 61.19 10.28
CA ASN D 562 -5.33 61.89 9.11
C ASN D 562 -5.05 63.35 9.45
N PRO D 563 -4.74 64.17 8.44
CA PRO D 563 -4.66 65.60 8.72
C PRO D 563 -6.00 66.16 9.21
N ARG D 564 -7.11 65.56 8.78
CA ARG D 564 -8.43 65.95 9.25
C ARG D 564 -8.54 65.73 10.76
N ARG D 565 -7.66 64.88 11.28
CA ARG D 565 -7.65 64.52 12.70
C ARG D 565 -8.97 63.89 13.11
N VAL D 566 -9.53 63.11 12.19
CA VAL D 566 -10.65 62.24 12.49
C VAL D 566 -10.24 60.81 12.14
N GLU D 567 -10.41 59.90 13.09
CA GLU D 567 -9.92 58.54 12.93
C GLU D 567 -10.52 57.84 11.72
N CYS D 568 -9.64 57.34 10.86
CA CYS D 568 -10.04 56.45 9.77
C CYS D 568 -11.15 57.04 8.90
N SER D 569 -11.16 58.36 8.77
CA SER D 569 -12.13 59.04 7.93
C SER D 569 -13.55 58.50 8.12
N GLY D 570 -14.06 57.81 7.10
CA GLY D 570 -15.45 57.42 7.07
C GLY D 570 -15.84 56.39 8.12
N ARG D 571 -15.37 55.17 7.94
CA ARG D 571 -15.67 54.07 8.85
C ARG D 571 -14.42 53.27 9.14
N GLY D 572 -14.36 52.67 10.32
CA GLY D 572 -13.23 51.84 10.69
C GLY D 572 -12.66 52.18 12.05
N ARG D 573 -12.84 51.27 13.01
CA ARG D 573 -12.27 51.45 14.33
C ARG D 573 -10.75 51.56 14.23
N CYS D 574 -10.14 52.25 15.18
CA CYS D 574 -8.70 52.46 15.17
C CYS D 574 -8.01 51.51 16.14
N ARG D 575 -7.71 50.31 15.66
CA ARG D 575 -7.06 49.30 16.49
C ARG D 575 -5.58 49.15 16.13
N CYS D 576 -4.71 49.55 17.06
CA CYS D 576 -3.27 49.35 16.87
C CYS D 576 -2.75 50.11 15.66
N ASN D 577 -3.11 51.38 15.55
CA ASN D 577 -2.65 52.22 14.45
C ASN D 577 -3.05 51.68 13.08
N VAL D 578 -4.22 51.05 13.03
CA VAL D 578 -4.76 50.57 11.77
C VAL D 578 -6.26 50.86 11.75
N CYS D 579 -6.84 50.93 10.55
CA CYS D 579 -8.26 51.20 10.41
C CYS D 579 -8.98 49.98 9.85
N GLU D 580 -10.19 49.72 10.34
CA GLU D 580 -11.00 48.62 9.84
C GLU D 580 -12.08 49.19 8.92
N CYS D 581 -11.67 49.71 7.77
CA CYS D 581 -12.58 50.39 6.86
C CYS D 581 -13.79 49.52 6.55
N HIS D 582 -14.98 50.07 6.77
CA HIS D 582 -16.21 49.38 6.42
C HIS D 582 -16.28 49.28 4.90
N SER D 583 -17.17 48.41 4.40
CA SER D 583 -17.31 48.19 2.97
C SER D 583 -15.95 48.00 2.30
N GLY D 584 -15.83 48.45 1.05
CA GLY D 584 -14.61 48.27 0.29
C GLY D 584 -13.57 49.35 0.51
N TYR D 585 -13.85 50.30 1.40
CA TYR D 585 -12.90 51.39 1.65
C TYR D 585 -11.55 50.81 2.03
N GLN D 586 -10.49 51.42 1.54
CA GLN D 586 -9.17 50.82 1.62
C GLN D 586 -8.20 51.64 2.47
N LEU D 587 -7.02 51.08 2.66
CA LEU D 587 -6.07 51.61 3.62
C LEU D 587 -5.30 52.79 3.03
N PRO D 588 -4.64 53.58 3.89
CA PRO D 588 -4.56 53.37 5.34
C PRO D 588 -5.73 53.99 6.12
N LEU D 589 -6.22 55.14 5.67
CA LEU D 589 -7.13 55.93 6.49
C LEU D 589 -8.59 55.86 6.02
N CYS D 590 -8.86 54.97 5.07
CA CYS D 590 -10.24 54.67 4.68
C CYS D 590 -10.93 55.86 4.01
N GLN D 591 -10.52 56.17 2.78
CA GLN D 591 -11.17 57.24 2.02
C GLN D 591 -11.62 56.70 0.66
N GLU D 592 -10.70 56.06 -0.06
CA GLU D 592 -10.98 55.57 -1.41
C GLU D 592 -11.55 54.16 -1.39
N CYS D 593 -12.80 54.03 -1.82
CA CYS D 593 -13.40 52.73 -2.09
C CYS D 593 -13.38 52.48 -3.59
N PRO D 594 -12.27 51.92 -4.11
CA PRO D 594 -12.05 51.79 -5.55
C PRO D 594 -13.15 51.03 -6.30
N GLY D 595 -14.02 50.34 -5.57
CA GLY D 595 -15.00 49.48 -6.20
C GLY D 595 -16.42 50.04 -6.22
N CYS D 596 -16.71 50.96 -5.30
CA CYS D 596 -18.03 51.55 -5.21
C CYS D 596 -18.49 52.01 -6.60
N PRO D 597 -19.79 51.88 -6.88
CA PRO D 597 -20.32 52.10 -8.24
C PRO D 597 -20.22 53.56 -8.68
N SER D 598 -20.80 54.45 -7.89
CA SER D 598 -20.74 55.90 -8.09
C SER D 598 -22.16 56.45 -8.22
N PRO D 599 -22.90 56.43 -7.09
CA PRO D 599 -24.31 56.81 -7.05
C PRO D 599 -24.54 58.29 -7.30
N CYS D 600 -25.03 58.61 -8.50
CA CYS D 600 -25.50 59.94 -8.80
C CYS D 600 -27.03 59.95 -8.73
N GLY D 601 -27.62 58.78 -8.93
CA GLY D 601 -29.05 58.61 -8.73
C GLY D 601 -29.38 58.97 -7.29
N LYS D 602 -30.63 59.36 -7.04
CA LYS D 602 -31.06 59.77 -5.71
C LYS D 602 -30.39 61.08 -5.25
N TYR D 603 -29.43 61.57 -6.03
CA TYR D 603 -28.73 62.81 -5.70
C TYR D 603 -29.18 63.96 -6.60
N ILE D 604 -29.84 63.61 -7.70
CA ILE D 604 -30.37 64.61 -8.62
C ILE D 604 -31.45 65.43 -7.96
N SER D 605 -32.32 64.77 -7.22
CA SER D 605 -33.43 65.45 -6.55
C SER D 605 -32.94 66.54 -5.61
N CYS D 606 -31.76 66.34 -5.02
CA CYS D 606 -31.22 67.30 -4.06
C CYS D 606 -30.27 68.28 -4.74
N ALA D 607 -29.78 67.92 -5.91
CA ALA D 607 -28.86 68.78 -6.66
C ALA D 607 -29.62 69.98 -7.19
N GLU D 608 -30.87 69.76 -7.59
CA GLU D 608 -31.73 70.83 -8.09
C GLU D 608 -32.48 71.48 -6.94
N CYS D 609 -32.20 71.05 -5.72
CA CYS D 609 -32.83 71.64 -4.53
C CYS D 609 -31.87 72.59 -3.83
N LEU D 610 -30.63 72.62 -4.28
CA LEU D 610 -29.61 73.48 -3.65
C LEU D 610 -29.14 74.57 -4.60
N LYS D 611 -28.46 74.20 -5.67
CA LYS D 611 -28.02 75.18 -6.66
C LYS D 611 -29.24 75.80 -7.33
N PHE D 612 -29.93 74.98 -8.13
CA PHE D 612 -31.21 75.40 -8.71
C PHE D 612 -32.28 75.26 -7.65
N GLU D 613 -33.41 75.93 -7.84
CA GLU D 613 -34.53 75.82 -6.90
C GLU D 613 -35.74 75.22 -7.58
N LYS D 614 -35.63 73.95 -7.94
CA LYS D 614 -36.68 73.26 -8.65
C LYS D 614 -37.43 72.30 -7.74
N GLY D 615 -37.71 72.76 -6.53
CA GLY D 615 -38.56 72.04 -5.61
C GLY D 615 -37.91 70.86 -4.92
N PRO D 616 -37.57 71.02 -3.64
CA PRO D 616 -37.25 69.86 -2.79
C PRO D 616 -38.41 68.88 -2.80
N PHE D 617 -38.23 67.74 -3.45
CA PHE D 617 -39.35 66.85 -3.76
C PHE D 617 -39.93 66.11 -2.55
N GLY D 618 -39.30 65.00 -2.17
CA GLY D 618 -39.83 64.15 -1.11
C GLY D 618 -40.43 64.94 0.03
N LYS D 619 -39.71 65.96 0.48
CA LYS D 619 -40.18 66.85 1.53
C LYS D 619 -39.66 68.25 1.24
N ASN D 620 -38.73 68.72 2.08
CA ASN D 620 -37.95 69.90 1.75
C ASN D 620 -36.52 69.44 1.48
N CYS D 621 -35.55 70.35 1.63
CA CYS D 621 -34.15 69.98 1.54
C CYS D 621 -33.40 70.54 2.73
N SER D 622 -32.09 70.31 2.77
CA SER D 622 -31.30 70.57 3.96
C SER D 622 -31.77 69.63 5.07
N ALA D 623 -32.58 68.66 4.68
CA ALA D 623 -33.11 67.65 5.60
C ALA D 623 -33.04 66.28 4.92
N ALA D 624 -33.50 66.23 3.68
CA ALA D 624 -33.37 65.02 2.86
C ALA D 624 -32.13 65.14 1.96
N CYS D 625 -31.24 66.07 2.32
CA CYS D 625 -30.03 66.30 1.52
C CYS D 625 -28.87 66.77 2.40
N PRO D 626 -28.41 65.91 3.33
CA PRO D 626 -27.28 66.22 4.22
C PRO D 626 -25.92 66.35 3.53
N GLY D 627 -25.90 66.46 2.20
CA GLY D 627 -24.70 66.89 1.49
C GLY D 627 -24.61 68.40 1.64
N LEU D 628 -24.50 68.83 2.89
CA LEU D 628 -24.80 70.21 3.28
C LEU D 628 -24.05 71.28 2.50
N GLN D 629 -22.84 70.98 2.06
CA GLN D 629 -22.00 71.99 1.42
C GLN D 629 -22.19 72.05 -0.09
N LEU D 630 -22.13 73.26 -0.63
CA LEU D 630 -22.26 73.48 -2.06
C LEU D 630 -21.31 74.60 -2.50
N SER D 631 -20.03 74.40 -2.24
CA SER D 631 -19.01 75.43 -2.51
C SER D 631 -19.22 76.13 -3.84
N ASN D 632 -18.97 77.43 -3.85
CA ASN D 632 -18.98 78.22 -5.07
C ASN D 632 -17.59 78.18 -5.71
N ASN D 633 -17.05 76.97 -5.87
CA ASN D 633 -15.72 76.79 -6.42
C ASN D 633 -15.61 75.53 -7.28
N PRO D 634 -14.60 75.49 -8.17
CA PRO D 634 -14.31 74.35 -9.05
C PRO D 634 -13.74 73.12 -8.34
N VAL D 635 -14.50 72.55 -7.40
CA VAL D 635 -14.13 71.29 -6.80
C VAL D 635 -14.28 70.19 -7.85
N LYS D 636 -13.64 69.05 -7.63
CA LYS D 636 -13.65 67.97 -8.62
C LYS D 636 -13.37 66.62 -7.98
N GLY D 637 -13.26 65.59 -8.82
CA GLY D 637 -12.92 64.26 -8.38
C GLY D 637 -13.91 63.23 -8.90
N ARG D 638 -15.16 63.35 -8.50
CA ARG D 638 -16.20 62.44 -8.93
C ARG D 638 -17.06 63.11 -9.99
N THR D 639 -16.44 63.44 -11.12
CA THR D 639 -17.13 64.11 -12.22
C THR D 639 -18.44 63.40 -12.58
N CYS D 640 -19.55 63.92 -12.07
CA CYS D 640 -20.85 63.37 -12.37
C CYS D 640 -21.59 64.25 -13.38
N LYS D 641 -22.54 63.67 -14.10
CA LYS D 641 -23.32 64.41 -15.09
C LYS D 641 -24.57 63.64 -15.48
N GLU D 642 -25.65 63.82 -14.73
CA GLU D 642 -26.92 63.16 -15.02
C GLU D 642 -27.99 64.20 -15.32
N ARG D 643 -29.25 63.77 -15.38
CA ARG D 643 -30.36 64.67 -15.71
C ARG D 643 -31.07 65.23 -14.49
N ASP D 644 -32.05 66.11 -14.74
CA ASP D 644 -32.80 66.77 -13.69
C ASP D 644 -34.17 66.13 -13.51
N SER D 645 -35.10 66.88 -12.94
CA SER D 645 -36.46 66.40 -12.69
C SER D 645 -37.27 66.36 -13.98
N GLU D 646 -36.93 67.20 -14.95
CA GLU D 646 -37.67 67.27 -16.19
C GLU D 646 -36.79 67.58 -17.41
N GLY D 647 -36.09 66.57 -17.90
CA GLY D 647 -35.39 66.67 -19.16
C GLY D 647 -33.93 67.06 -19.09
N CYS D 648 -33.67 68.31 -18.70
CA CYS D 648 -32.35 68.92 -18.81
C CYS D 648 -31.22 68.16 -18.11
N TRP D 649 -30.10 68.01 -18.81
CA TRP D 649 -28.90 67.38 -18.27
C TRP D 649 -28.15 68.31 -17.33
N VAL D 650 -28.30 68.10 -16.03
CA VAL D 650 -27.59 68.91 -15.05
C VAL D 650 -26.21 68.33 -14.74
N ALA D 651 -25.18 69.11 -15.03
CA ALA D 651 -23.80 68.70 -14.76
C ALA D 651 -23.39 69.13 -13.35
N TYR D 652 -22.49 68.37 -12.73
CA TYR D 652 -21.97 68.71 -11.41
C TYR D 652 -20.94 67.67 -10.96
N THR D 653 -19.82 68.14 -10.44
CA THR D 653 -18.83 67.27 -9.83
C THR D 653 -19.33 66.92 -8.43
N LEU D 654 -18.55 66.12 -7.71
CA LEU D 654 -18.99 65.63 -6.41
C LEU D 654 -17.81 65.16 -5.56
N GLU D 655 -17.22 66.08 -4.80
CA GLU D 655 -16.07 65.77 -3.96
C GLU D 655 -16.52 65.36 -2.55
N GLN D 656 -16.55 64.05 -2.30
CA GLN D 656 -16.89 63.51 -0.98
C GLN D 656 -15.84 63.92 0.04
N GLN D 657 -16.18 63.86 1.32
CA GLN D 657 -15.23 64.20 2.36
C GLN D 657 -15.51 63.48 3.68
N ASP D 658 -14.54 62.70 4.12
CA ASP D 658 -14.55 62.07 5.44
C ASP D 658 -15.68 61.05 5.65
N GLY D 659 -16.60 61.35 6.55
CA GLY D 659 -17.49 60.34 7.11
C GLY D 659 -18.81 60.12 6.41
N MET D 660 -19.15 58.85 6.20
CA MET D 660 -20.46 58.46 5.69
C MET D 660 -20.89 59.26 4.46
N ASP D 661 -22.14 59.71 4.45
CA ASP D 661 -22.72 60.39 3.30
C ASP D 661 -22.55 61.90 3.41
N ARG D 662 -21.31 62.34 3.62
CA ARG D 662 -20.98 63.75 3.65
C ARG D 662 -20.33 64.14 2.32
N TYR D 663 -20.79 65.23 1.73
CA TYR D 663 -20.34 65.60 0.39
C TYR D 663 -20.14 67.10 0.21
N LEU D 664 -19.68 67.47 -0.98
CA LEU D 664 -19.35 68.84 -1.31
C LEU D 664 -19.48 69.03 -2.82
N ILE D 665 -20.48 69.80 -3.25
CA ILE D 665 -20.84 69.86 -4.65
C ILE D 665 -20.71 71.25 -5.26
N TYR D 666 -20.52 71.28 -6.58
CA TYR D 666 -20.65 72.49 -7.36
C TYR D 666 -21.50 72.20 -8.59
N VAL D 667 -22.78 72.55 -8.54
CA VAL D 667 -23.69 72.29 -9.65
C VAL D 667 -23.51 73.33 -10.74
N ASP D 668 -23.00 72.88 -11.88
CA ASP D 668 -22.77 73.77 -13.02
C ASP D 668 -23.96 74.71 -13.22
N GLU D 669 -23.66 75.96 -13.50
CA GLU D 669 -24.69 76.95 -13.82
C GLU D 669 -25.08 76.78 -15.28
N SER D 670 -25.81 75.71 -15.57
CA SER D 670 -26.17 75.37 -16.95
C SER D 670 -27.19 74.23 -17.00
N ARG D 671 -27.86 74.08 -18.13
CA ARG D 671 -28.82 72.98 -18.34
C ARG D 671 -28.87 72.64 -19.84
N GLU D 672 -29.66 71.62 -20.21
CA GLU D 672 -29.72 71.18 -21.59
C GLU D 672 -31.04 70.48 -21.91
N CYS D 673 -32.04 71.25 -22.32
CA CYS D 673 -33.35 70.68 -22.64
C CYS D 673 -33.48 70.47 -24.15
N PHE E 1 -19.35 11.24 -43.39
CA PHE E 1 -20.29 10.18 -43.85
C PHE E 1 -21.68 10.41 -43.24
N ASN E 2 -21.91 11.60 -42.73
CA ASN E 2 -23.18 11.93 -42.08
C ASN E 2 -23.72 13.24 -42.62
N LEU E 3 -23.81 13.33 -43.93
CA LEU E 3 -24.35 14.52 -44.60
C LEU E 3 -25.73 14.23 -45.16
N ASP E 4 -26.75 14.89 -44.60
CA ASP E 4 -28.13 14.60 -44.96
C ASP E 4 -28.37 14.69 -46.45
N THR E 5 -29.05 13.68 -46.99
CA THR E 5 -29.42 13.64 -48.39
C THR E 5 -30.90 13.35 -48.55
N GLU E 6 -31.72 13.95 -47.71
CA GLU E 6 -33.16 13.72 -47.73
C GLU E 6 -33.94 14.94 -47.23
N GLU E 7 -33.83 15.21 -45.93
CA GLU E 7 -34.57 16.32 -45.33
C GLU E 7 -33.67 17.55 -45.17
N LEU E 8 -33.50 18.29 -46.27
CA LEU E 8 -32.68 19.50 -46.24
C LEU E 8 -33.50 20.69 -46.75
N THR E 9 -32.90 21.87 -46.68
CA THR E 9 -33.55 23.09 -47.13
C THR E 9 -32.98 23.54 -48.47
N ALA E 10 -33.81 24.18 -49.30
CA ALA E 10 -33.37 24.65 -50.62
C ALA E 10 -33.91 26.04 -50.94
N PHE E 11 -33.01 26.97 -51.24
CA PHE E 11 -33.38 28.32 -51.63
C PHE E 11 -33.14 28.53 -53.12
N ARG E 12 -34.21 28.51 -53.91
CA ARG E 12 -34.09 28.70 -55.35
C ARG E 12 -34.57 30.07 -55.80
N VAL E 13 -33.78 31.10 -55.48
CA VAL E 13 -34.08 32.46 -55.90
C VAL E 13 -33.42 32.74 -57.25
N ASP E 14 -34.24 32.84 -58.28
CA ASP E 14 -33.75 33.07 -59.64
C ASP E 14 -33.40 34.55 -59.84
N SER E 15 -32.13 34.89 -59.63
CA SER E 15 -31.65 36.26 -59.83
C SER E 15 -30.33 36.27 -60.60
N ALA E 16 -30.34 35.70 -61.80
CA ALA E 16 -29.17 35.69 -62.68
C ALA E 16 -28.03 34.86 -62.12
N GLY E 17 -26.96 35.52 -61.68
CA GLY E 17 -25.80 34.83 -61.14
C GLY E 17 -25.94 34.49 -59.67
N PHE E 18 -27.18 34.28 -59.24
CA PHE E 18 -27.47 33.95 -57.84
C PHE E 18 -26.85 32.61 -57.46
N GLY E 19 -26.60 32.43 -56.17
CA GLY E 19 -25.98 31.21 -55.69
C GLY E 19 -24.70 30.91 -56.44
N ASP E 20 -23.88 31.94 -56.62
CA ASP E 20 -22.61 31.80 -57.32
C ASP E 20 -21.46 31.96 -56.33
N SER E 21 -21.75 32.56 -55.18
CA SER E 21 -20.80 32.64 -54.08
C SER E 21 -21.53 32.82 -52.76
N VAL E 22 -21.20 32.00 -51.77
CA VAL E 22 -21.93 31.97 -50.51
C VAL E 22 -21.02 31.85 -49.30
N VAL E 23 -21.49 32.32 -48.14
CA VAL E 23 -20.71 32.26 -46.92
C VAL E 23 -21.60 32.16 -45.69
N GLN E 24 -21.04 31.61 -44.60
CA GLN E 24 -21.77 31.50 -43.35
C GLN E 24 -21.72 32.81 -42.58
N TYR E 25 -22.84 33.54 -42.58
CA TYR E 25 -22.95 34.76 -41.81
C TYR E 25 -22.98 34.40 -40.32
N ALA E 26 -23.20 35.40 -39.47
CA ALA E 26 -23.59 35.15 -38.09
C ALA E 26 -24.48 33.91 -38.11
N ASN E 27 -24.32 33.04 -37.13
CA ASN E 27 -24.95 31.71 -37.17
C ASN E 27 -26.40 31.70 -37.66
N SER E 28 -27.12 32.78 -37.42
CA SER E 28 -28.57 32.82 -37.67
C SER E 28 -28.93 32.84 -39.16
N TRP E 29 -28.01 33.27 -40.02
CA TRP E 29 -28.32 33.51 -41.43
C TRP E 29 -27.24 33.01 -42.36
N VAL E 30 -27.58 32.89 -43.64
CA VAL E 30 -26.60 32.59 -44.68
C VAL E 30 -26.72 33.58 -45.82
N VAL E 31 -25.58 34.10 -46.27
CA VAL E 31 -25.56 35.12 -47.31
C VAL E 31 -25.10 34.54 -48.64
N VAL E 32 -25.89 34.77 -49.68
CA VAL E 32 -25.54 34.32 -51.02
C VAL E 32 -25.18 35.51 -51.88
N GLY E 33 -24.57 35.25 -53.03
CA GLY E 33 -24.12 36.31 -53.91
C GLY E 33 -24.72 36.21 -55.30
N ALA E 34 -25.10 37.36 -55.86
CA ALA E 34 -25.60 37.42 -57.22
C ALA E 34 -24.94 38.59 -57.94
N PRO E 35 -23.68 38.41 -58.35
CA PRO E 35 -22.94 39.48 -59.03
C PRO E 35 -23.66 40.01 -60.26
N GLN E 36 -24.29 39.11 -61.02
CA GLN E 36 -24.92 39.49 -62.28
C GLN E 36 -26.41 39.75 -62.12
N LYS E 37 -26.81 40.28 -60.96
CA LYS E 37 -28.19 40.69 -60.74
C LYS E 37 -28.36 42.15 -61.16
N ILE E 38 -28.48 42.36 -62.46
CA ILE E 38 -28.50 43.70 -63.04
C ILE E 38 -29.35 44.69 -62.24
N THR E 39 -28.75 45.84 -61.95
CA THR E 39 -29.46 46.94 -61.29
C THR E 39 -29.00 48.28 -61.87
N ALA E 40 -29.96 49.10 -62.28
CA ALA E 40 -29.66 50.40 -62.86
C ALA E 40 -28.87 50.27 -64.17
N ALA E 41 -27.93 51.19 -64.40
CA ALA E 41 -27.17 51.20 -65.64
C ALA E 41 -25.89 50.39 -65.51
N ASN E 42 -25.91 49.18 -66.08
CA ASN E 42 -24.75 48.30 -66.02
C ASN E 42 -24.00 48.48 -64.71
N GLN E 43 -24.69 48.26 -63.60
CA GLN E 43 -24.13 48.54 -62.28
C GLN E 43 -23.91 47.26 -61.46
N THR E 44 -24.34 47.27 -60.21
CA THR E 44 -24.04 46.19 -59.28
C THR E 44 -24.91 44.96 -59.51
N GLY E 45 -24.88 44.04 -58.54
CA GLY E 45 -25.72 42.85 -58.58
C GLY E 45 -26.72 42.86 -57.44
N GLY E 46 -26.27 42.44 -56.26
CA GLY E 46 -27.12 42.44 -55.08
C GLY E 46 -26.92 41.22 -54.20
N LEU E 47 -27.28 41.35 -52.93
CA LEU E 47 -27.12 40.26 -51.96
C LEU E 47 -28.45 39.81 -51.40
N TYR E 48 -28.47 38.59 -50.84
CA TYR E 48 -29.68 38.02 -50.25
C TYR E 48 -29.37 37.29 -48.95
N GLN E 49 -30.08 37.67 -47.89
CA GLN E 49 -29.99 36.96 -46.62
C GLN E 49 -31.15 35.98 -46.50
N CYS E 50 -30.85 34.77 -46.04
CA CYS E 50 -31.85 33.72 -45.97
C CYS E 50 -31.84 33.07 -44.58
N GLY E 51 -33.03 32.90 -44.02
CA GLY E 51 -33.17 32.28 -42.71
C GLY E 51 -33.75 30.89 -42.82
N TYR E 52 -33.49 30.05 -41.82
CA TYR E 52 -33.97 28.67 -41.85
C TYR E 52 -35.46 28.62 -41.47
N SER E 53 -35.84 29.37 -40.45
CA SER E 53 -37.23 29.38 -39.97
C SER E 53 -38.21 29.27 -41.13
N THR E 54 -38.15 30.24 -42.05
CA THR E 54 -38.98 30.21 -43.24
C THR E 54 -38.09 30.08 -44.48
N GLY E 55 -38.42 29.14 -45.34
CA GLY E 55 -37.64 28.88 -46.55
C GLY E 55 -37.83 29.96 -47.59
N ALA E 56 -37.19 31.09 -47.39
CA ALA E 56 -37.33 32.24 -48.29
C ALA E 56 -36.16 33.20 -48.11
N CYS E 57 -35.79 33.88 -49.19
CA CYS E 57 -34.68 34.83 -49.16
C CYS E 57 -35.19 36.27 -49.26
N GLU E 58 -34.83 37.09 -48.27
CA GLU E 58 -35.19 38.51 -48.29
C GLU E 58 -34.03 39.35 -48.82
N PRO E 59 -34.32 40.27 -49.75
CA PRO E 59 -33.28 41.19 -50.25
C PRO E 59 -32.62 41.93 -49.09
N ILE E 60 -31.40 42.41 -49.30
CA ILE E 60 -30.71 43.15 -48.25
C ILE E 60 -30.48 44.60 -48.68
N GLY E 61 -30.85 45.53 -47.78
CA GLY E 61 -30.75 46.95 -48.06
C GLY E 61 -29.32 47.42 -48.21
N LEU E 62 -29.06 48.20 -49.25
CA LEU E 62 -27.71 48.68 -49.55
C LEU E 62 -27.71 50.08 -50.16
N GLN E 63 -26.77 50.90 -49.72
CA GLN E 63 -26.60 52.25 -50.25
C GLN E 63 -25.52 52.24 -51.33
N VAL E 64 -25.83 51.64 -52.48
CA VAL E 64 -24.88 51.54 -53.58
C VAL E 64 -24.54 52.91 -54.14
N PRO E 65 -23.32 53.41 -53.88
CA PRO E 65 -22.93 54.74 -54.36
C PRO E 65 -22.94 54.82 -55.89
N PRO E 66 -23.41 55.94 -56.44
CA PRO E 66 -23.36 56.11 -57.91
C PRO E 66 -21.95 55.89 -58.43
N GLU E 67 -20.96 56.20 -57.60
CA GLU E 67 -19.55 56.07 -57.98
C GLU E 67 -19.25 54.66 -58.45
N ALA E 68 -19.62 53.66 -57.66
CA ALA E 68 -19.35 52.28 -58.00
C ALA E 68 -20.29 51.81 -59.11
N VAL E 69 -19.70 51.44 -60.25
CA VAL E 69 -20.46 51.00 -61.40
C VAL E 69 -20.02 49.61 -61.85
N ASN E 70 -20.93 48.91 -62.50
CA ASN E 70 -20.71 47.54 -62.97
C ASN E 70 -19.79 46.75 -62.03
N MET E 71 -19.95 46.96 -60.73
CA MET E 71 -19.09 46.30 -59.76
C MET E 71 -19.60 44.89 -59.46
N SER E 72 -20.82 44.59 -59.88
CA SER E 72 -21.40 43.27 -59.70
C SER E 72 -20.99 42.69 -58.35
N LEU E 73 -21.50 43.27 -57.27
CA LEU E 73 -21.11 42.86 -55.93
C LEU E 73 -21.59 41.44 -55.60
N GLY E 74 -21.06 40.88 -54.53
CA GLY E 74 -21.41 39.52 -54.13
C GLY E 74 -20.42 38.48 -54.65
N LEU E 75 -19.68 38.83 -55.70
CA LEU E 75 -18.74 37.91 -56.31
C LEU E 75 -17.75 37.35 -55.29
N SER E 76 -17.28 38.22 -54.40
CA SER E 76 -16.38 37.80 -53.34
C SER E 76 -17.05 38.02 -52.00
N LEU E 77 -16.99 37.01 -51.12
CA LEU E 77 -17.60 37.10 -49.80
C LEU E 77 -16.66 36.57 -48.72
N ALA E 78 -16.95 36.93 -47.47
CA ALA E 78 -16.14 36.50 -46.33
C ALA E 78 -16.83 36.87 -45.03
N SER E 79 -16.81 35.95 -44.05
CA SER E 79 -17.47 36.21 -42.77
C SER E 79 -16.60 35.83 -41.59
N THR E 80 -16.65 36.64 -40.54
CA THR E 80 -15.93 36.35 -39.30
C THR E 80 -16.90 36.04 -38.17
N THR E 81 -16.37 35.45 -37.11
CA THR E 81 -17.17 35.08 -35.94
C THR E 81 -16.78 35.92 -34.75
N SER E 82 -15.59 36.51 -34.81
CA SER E 82 -14.96 37.11 -33.64
C SER E 82 -15.99 37.95 -32.90
N PRO E 83 -16.15 39.22 -33.28
CA PRO E 83 -17.56 39.62 -33.29
C PRO E 83 -18.16 39.31 -34.66
N SER E 84 -19.40 38.85 -34.69
CA SER E 84 -20.05 38.49 -35.95
C SER E 84 -20.14 39.66 -36.92
N GLN E 85 -19.39 39.57 -38.01
CA GLN E 85 -19.48 40.55 -39.08
C GLN E 85 -19.52 39.84 -40.43
N LEU E 86 -19.79 40.59 -41.49
CA LEU E 86 -19.76 40.05 -42.85
C LEU E 86 -19.14 41.02 -43.82
N LEU E 87 -18.64 40.48 -44.94
CA LEU E 87 -17.96 41.28 -45.95
C LEU E 87 -18.42 40.87 -47.33
N ALA E 88 -19.16 41.76 -48.00
CA ALA E 88 -19.55 41.56 -49.39
C ALA E 88 -18.74 42.49 -50.27
N CYS E 89 -18.66 42.19 -51.56
CA CYS E 89 -17.74 42.91 -52.43
C CYS E 89 -18.18 43.03 -53.89
N GLY E 90 -17.97 44.21 -54.46
CA GLY E 90 -17.99 44.40 -55.90
C GLY E 90 -16.58 44.59 -56.43
N PRO E 91 -15.90 43.48 -56.78
CA PRO E 91 -14.53 43.48 -57.28
C PRO E 91 -14.37 43.99 -58.72
N THR E 92 -15.35 44.71 -59.23
CA THR E 92 -15.31 45.15 -60.63
C THR E 92 -15.82 46.57 -60.82
N VAL E 93 -15.44 47.48 -59.92
CA VAL E 93 -15.85 48.86 -60.01
C VAL E 93 -15.28 49.49 -61.29
N HIS E 94 -16.05 50.37 -61.92
CA HIS E 94 -15.59 51.07 -63.11
C HIS E 94 -15.63 52.58 -62.89
N HIS E 95 -14.46 53.20 -62.92
CA HIS E 95 -14.37 54.64 -62.79
C HIS E 95 -13.74 55.25 -64.04
N GLU E 96 -14.50 56.13 -64.70
CA GLU E 96 -14.07 56.70 -65.97
C GLU E 96 -13.04 57.81 -65.79
N CYS E 97 -11.80 57.54 -66.21
CA CYS E 97 -10.73 58.53 -66.17
C CYS E 97 -10.54 59.16 -67.54
N GLY E 98 -11.59 59.14 -68.35
CA GLY E 98 -11.54 59.72 -69.68
C GLY E 98 -11.07 58.73 -70.73
N ARG E 99 -9.81 58.83 -71.11
CA ARG E 99 -9.23 58.01 -72.17
C ARG E 99 -9.56 56.53 -71.98
N ASN E 100 -9.44 56.05 -70.74
CA ASN E 100 -9.73 54.65 -70.44
C ASN E 100 -10.04 54.45 -68.95
N MET E 101 -11.10 53.71 -68.68
CA MET E 101 -11.50 53.44 -67.30
C MET E 101 -10.72 52.24 -66.76
N TYR E 102 -10.88 51.98 -65.47
CA TYR E 102 -10.17 50.88 -64.83
C TYR E 102 -11.06 50.17 -63.81
N LEU E 103 -10.46 49.34 -62.97
CA LEU E 103 -11.22 48.58 -61.97
C LEU E 103 -10.58 48.66 -60.61
N THR E 104 -11.36 49.08 -59.61
CA THR E 104 -10.82 49.36 -58.29
C THR E 104 -11.34 48.40 -57.22
N GLY E 105 -12.65 48.15 -57.22
CA GLY E 105 -13.25 47.30 -56.22
C GLY E 105 -13.76 48.07 -55.01
N LEU E 106 -14.92 47.67 -54.49
CA LEU E 106 -15.55 48.35 -53.37
C LEU E 106 -16.28 47.36 -52.47
N CYS E 107 -15.96 47.35 -51.18
CA CYS E 107 -16.57 46.40 -50.26
C CYS E 107 -17.45 47.07 -49.18
N PHE E 108 -18.30 46.27 -48.56
CA PHE E 108 -19.22 46.73 -47.52
C PHE E 108 -19.19 45.81 -46.30
N LEU E 109 -18.94 46.39 -45.13
CA LEU E 109 -19.01 45.63 -43.88
C LEU E 109 -20.34 45.85 -43.17
N LEU E 110 -21.04 44.77 -42.90
CA LEU E 110 -22.34 44.84 -42.23
C LEU E 110 -22.25 44.22 -40.84
N GLY E 111 -23.41 43.95 -40.25
CA GLY E 111 -23.48 43.35 -38.93
C GLY E 111 -24.44 44.09 -38.01
N PRO E 112 -24.49 43.66 -36.74
CA PRO E 112 -25.24 44.33 -35.66
C PRO E 112 -24.55 45.58 -35.17
N THR E 113 -23.99 46.36 -36.09
CA THR E 113 -23.26 47.58 -35.74
C THR E 113 -23.54 48.67 -36.77
N GLN E 114 -22.50 49.40 -37.17
CA GLN E 114 -22.64 50.45 -38.16
C GLN E 114 -22.32 49.88 -39.55
N LEU E 115 -23.11 50.26 -40.55
CA LEU E 115 -22.89 49.79 -41.91
C LEU E 115 -21.69 50.49 -42.54
N THR E 116 -20.49 49.98 -42.25
CA THR E 116 -19.26 50.58 -42.78
C THR E 116 -19.09 50.22 -44.25
N GLN E 117 -18.31 51.04 -44.95
CA GLN E 117 -17.93 50.75 -46.32
C GLN E 117 -16.43 50.98 -46.44
N ARG E 118 -15.66 49.92 -46.66
CA ARG E 118 -14.22 50.01 -46.55
C ARG E 118 -13.38 49.54 -47.74
N LEU E 119 -13.02 50.48 -48.60
CA LEU E 119 -11.72 50.47 -49.24
C LEU E 119 -10.73 51.36 -48.47
N PRO E 120 -11.23 52.34 -47.70
CA PRO E 120 -12.61 52.76 -47.41
C PRO E 120 -13.16 53.96 -48.17
N VAL E 121 -13.82 53.68 -49.29
CA VAL E 121 -14.77 54.61 -49.90
C VAL E 121 -14.16 55.97 -50.22
N SER E 122 -12.84 56.04 -50.19
CA SER E 122 -12.13 57.12 -50.86
C SER E 122 -12.16 56.79 -52.35
N ARG E 123 -13.24 57.17 -53.01
CA ARG E 123 -13.43 56.81 -54.42
C ARG E 123 -12.11 56.99 -55.17
N GLN E 124 -11.51 55.88 -55.58
CA GLN E 124 -10.16 55.89 -56.13
C GLN E 124 -10.06 56.76 -57.39
N GLU E 125 -9.66 58.01 -57.20
CA GLU E 125 -9.55 58.96 -58.31
C GLU E 125 -8.53 58.52 -59.35
N CYS E 126 -8.67 59.03 -60.57
CA CYS E 126 -7.81 58.64 -61.69
C CYS E 126 -6.38 59.08 -61.51
N PRO E 127 -5.49 58.62 -62.40
CA PRO E 127 -4.12 59.12 -62.47
C PRO E 127 -4.07 60.32 -63.40
N PHE E 328 2.17 49.27 -64.66
CA PHE E 328 1.00 49.79 -63.96
C PHE E 328 1.29 50.02 -62.49
N GLU E 329 0.26 50.46 -61.76
CA GLU E 329 0.34 50.63 -60.31
C GLU E 329 -0.86 49.99 -59.61
N LEU E 330 -1.96 50.71 -59.54
CA LEU E 330 -3.16 50.23 -58.87
C LEU E 330 -4.42 50.77 -59.51
N GLU E 331 -4.56 50.50 -60.81
CA GLU E 331 -5.72 50.97 -61.56
C GLU E 331 -6.71 49.83 -61.74
N MET E 332 -6.20 48.65 -62.08
CA MET E 332 -7.04 47.48 -62.32
C MET E 332 -6.67 46.36 -61.36
N ALA E 333 -6.71 46.66 -60.07
CA ALA E 333 -6.34 45.69 -59.05
C ALA E 333 -7.56 44.99 -58.47
N GLN E 334 -8.74 45.51 -58.79
CA GLN E 334 -10.00 44.90 -58.36
C GLN E 334 -9.92 44.39 -56.93
N GLU E 335 -9.34 45.20 -56.04
CA GLU E 335 -9.21 44.82 -54.65
C GLU E 335 -10.52 44.27 -54.12
N GLY E 336 -10.45 43.30 -53.21
CA GLY E 336 -11.63 42.68 -52.66
C GLY E 336 -12.04 41.46 -53.47
N PHE E 337 -11.22 41.09 -54.45
CA PHE E 337 -11.47 39.92 -55.27
C PHE E 337 -11.60 38.68 -54.39
N SER E 338 -10.89 38.68 -53.26
CA SER E 338 -10.97 37.60 -52.30
C SER E 338 -10.56 38.13 -50.93
N ALA E 339 -11.42 37.93 -49.93
CA ALA E 339 -11.19 38.51 -48.60
C ALA E 339 -11.34 37.49 -47.48
N VAL E 340 -10.66 37.77 -46.37
CA VAL E 340 -10.73 36.93 -45.18
C VAL E 340 -10.33 37.76 -43.96
N PHE E 341 -11.01 37.53 -42.84
CA PHE E 341 -10.78 38.33 -41.64
C PHE E 341 -9.55 37.87 -40.87
N THR E 342 -9.33 38.51 -39.73
CA THR E 342 -8.23 38.18 -38.83
C THR E 342 -8.27 39.13 -37.64
N PRO E 343 -7.90 38.65 -36.45
CA PRO E 343 -8.00 39.42 -35.20
C PRO E 343 -7.62 40.89 -35.33
N ASP E 344 -6.68 41.20 -36.22
CA ASP E 344 -6.25 42.59 -36.41
C ASP E 344 -6.77 43.18 -37.71
N GLY E 345 -8.10 43.17 -37.86
CA GLY E 345 -8.75 43.81 -39.00
C GLY E 345 -8.87 42.92 -40.23
N PRO E 346 -9.82 43.24 -41.12
CA PRO E 346 -10.03 42.49 -42.38
C PRO E 346 -8.85 42.58 -43.34
N VAL E 347 -8.93 41.84 -44.44
CA VAL E 347 -7.85 41.77 -45.41
C VAL E 347 -8.37 41.46 -46.81
N LEU E 348 -8.34 42.46 -47.70
CA LEU E 348 -8.78 42.28 -49.08
C LEU E 348 -7.58 42.14 -50.01
N GLY E 349 -7.79 41.49 -51.16
CA GLY E 349 -6.68 41.14 -52.04
C GLY E 349 -6.72 41.85 -53.38
N ALA E 350 -5.58 42.43 -53.75
CA ALA E 350 -5.43 43.06 -55.06
C ALA E 350 -4.71 42.10 -56.01
N VAL E 351 -5.01 42.23 -57.31
CA VAL E 351 -4.43 41.34 -58.30
C VAL E 351 -3.55 42.10 -59.28
N GLY E 352 -4.04 43.24 -59.76
CA GLY E 352 -3.34 44.02 -60.77
C GLY E 352 -2.37 45.02 -60.20
N SER E 353 -1.72 44.65 -59.10
CA SER E 353 -0.73 45.52 -58.48
C SER E 353 0.55 45.58 -59.29
N PHE E 354 0.75 46.68 -59.99
CA PHE E 354 1.98 46.92 -60.75
C PHE E 354 1.99 46.08 -62.02
N THR E 355 2.89 45.11 -62.09
CA THR E 355 2.95 44.19 -63.22
C THR E 355 1.96 43.07 -63.00
N TRP E 356 0.77 43.41 -62.50
CA TRP E 356 -0.22 42.41 -62.11
C TRP E 356 0.44 41.39 -61.19
N SER E 357 1.39 41.86 -60.39
CA SER E 357 2.06 41.02 -59.41
C SER E 357 1.04 40.56 -58.38
N GLY E 358 0.48 41.52 -57.63
CA GLY E 358 -0.55 41.22 -56.66
C GLY E 358 -0.18 41.61 -55.24
N GLY E 359 -1.09 41.38 -54.31
CA GLY E 359 -0.88 41.70 -52.90
C GLY E 359 -2.16 41.66 -52.11
N ALA E 360 -2.17 42.35 -50.96
CA ALA E 360 -3.35 42.39 -50.12
C ALA E 360 -3.30 43.56 -49.13
N PHE E 361 -4.36 44.36 -49.13
CA PHE E 361 -4.46 45.54 -48.27
C PHE E 361 -5.06 45.21 -46.91
N LEU E 362 -4.23 45.24 -45.87
CA LEU E 362 -4.70 45.04 -44.51
C LEU E 362 -5.28 46.33 -43.92
N TYR E 363 -6.43 46.24 -43.28
CA TYR E 363 -7.00 47.36 -42.55
C TYR E 363 -7.03 47.11 -41.05
N PRO E 364 -6.29 47.93 -40.28
CA PRO E 364 -6.34 47.89 -38.82
C PRO E 364 -7.61 48.53 -38.25
N PRO E 365 -7.62 48.83 -36.93
CA PRO E 365 -8.76 49.45 -36.24
C PRO E 365 -8.85 50.96 -36.43
N ASN E 366 -9.38 51.40 -37.56
CA ASN E 366 -9.53 52.82 -37.84
C ASN E 366 -8.18 53.49 -38.12
N MET E 367 -7.10 52.80 -37.80
CA MET E 367 -5.76 53.23 -38.20
C MET E 367 -5.63 53.07 -39.70
N SER E 368 -4.79 53.90 -40.31
CA SER E 368 -4.57 53.84 -41.75
C SER E 368 -4.04 52.45 -42.14
N PRO E 369 -4.56 51.88 -43.23
CA PRO E 369 -4.24 50.51 -43.63
C PRO E 369 -2.81 50.32 -44.15
N THR E 370 -2.36 49.07 -44.16
CA THR E 370 -1.07 48.71 -44.76
C THR E 370 -1.30 47.87 -46.02
N PHE E 371 -0.22 47.34 -46.59
CA PHE E 371 -0.30 46.56 -47.82
C PHE E 371 0.95 45.71 -48.00
N ILE E 372 0.79 44.54 -48.61
CA ILE E 372 1.91 43.63 -48.82
C ILE E 372 1.97 43.08 -50.24
N ASN E 373 2.90 43.60 -51.03
CA ASN E 373 3.23 42.99 -52.31
C ASN E 373 4.49 42.13 -52.13
N MET E 374 5.26 41.91 -53.20
CA MET E 374 6.47 41.11 -53.09
C MET E 374 7.72 41.93 -53.40
N SER E 375 7.67 43.22 -53.06
CA SER E 375 8.69 44.17 -53.46
C SER E 375 8.85 44.16 -54.99
N GLN E 376 9.80 44.92 -55.48
CA GLN E 376 10.12 44.92 -56.90
C GLN E 376 11.38 44.11 -57.15
N GLU E 377 12.26 44.08 -56.15
CA GLU E 377 13.47 43.28 -56.21
C GLU E 377 13.14 41.83 -56.59
N ASN E 378 11.87 41.46 -56.40
CA ASN E 378 11.37 40.18 -56.88
C ASN E 378 11.01 40.27 -58.36
N VAL E 379 12.00 40.01 -59.21
CA VAL E 379 11.86 40.21 -60.65
C VAL E 379 10.66 39.48 -61.25
N ASP E 380 10.46 38.24 -60.81
CA ASP E 380 9.41 37.39 -61.36
C ASP E 380 8.02 37.79 -60.87
N MET E 381 7.10 36.84 -60.90
CA MET E 381 5.75 37.04 -60.37
C MET E 381 4.95 38.02 -61.21
N ARG E 382 5.34 38.16 -62.48
CA ARG E 382 4.59 38.98 -63.41
C ARG E 382 3.35 38.22 -63.88
N ASP E 383 2.17 38.81 -63.68
CA ASP E 383 0.93 38.20 -64.10
C ASP E 383 0.72 36.86 -63.42
N SER E 384 0.45 36.89 -62.12
CA SER E 384 0.18 35.68 -61.36
C SER E 384 -1.08 35.82 -60.52
N TYR E 385 -1.65 37.02 -60.50
CA TYR E 385 -2.85 37.30 -59.71
C TYR E 385 -2.64 36.98 -58.23
N LEU E 386 -1.44 37.27 -57.72
CA LEU E 386 -1.15 37.05 -56.31
C LEU E 386 -2.23 37.69 -55.45
N GLY E 387 -3.05 36.85 -54.82
CA GLY E 387 -4.16 37.32 -54.01
C GLY E 387 -5.49 36.95 -54.63
N TYR E 388 -5.43 36.08 -55.64
CA TYR E 388 -6.65 35.59 -56.27
C TYR E 388 -7.52 34.96 -55.20
N SER E 389 -6.87 34.25 -54.29
CA SER E 389 -7.52 33.69 -53.13
C SER E 389 -6.72 34.05 -51.88
N THR E 390 -7.41 34.26 -50.76
CA THR E 390 -6.76 34.66 -49.53
C THR E 390 -7.34 33.90 -48.33
N GLU E 391 -6.47 33.56 -47.38
CA GLU E 391 -6.91 32.82 -46.19
C GLU E 391 -6.00 33.11 -45.00
N LEU E 392 -6.54 32.94 -43.80
CA LEU E 392 -5.80 33.19 -42.57
C LEU E 392 -5.02 31.94 -42.18
N ALA E 393 -4.16 32.06 -41.16
CA ALA E 393 -3.40 30.93 -40.67
C ALA E 393 -2.98 31.16 -39.21
N LEU E 394 -3.95 31.55 -38.39
CA LEU E 394 -3.70 31.84 -36.98
C LEU E 394 -2.81 30.77 -36.36
N TRP E 395 -2.01 31.19 -35.37
CA TRP E 395 -1.14 30.27 -34.65
C TRP E 395 -0.94 30.77 -33.22
N LYS E 396 -0.49 29.88 -32.34
CA LYS E 396 -0.27 30.22 -30.94
C LYS E 396 0.48 31.55 -30.83
N GLY E 397 1.25 31.88 -31.86
CA GLY E 397 1.95 33.15 -31.91
C GLY E 397 1.18 34.16 -32.74
N VAL E 398 1.85 34.74 -33.73
CA VAL E 398 1.24 35.77 -34.57
C VAL E 398 0.49 35.13 -35.75
N GLN E 399 -0.39 35.91 -36.36
CA GLN E 399 -1.18 35.46 -37.51
C GLN E 399 -0.28 35.27 -38.72
N SER E 400 -0.84 34.68 -39.78
CA SER E 400 -0.11 34.50 -41.03
C SER E 400 -1.09 34.51 -42.20
N LEU E 401 -0.80 35.31 -43.21
CA LEU E 401 -1.66 35.36 -44.39
C LEU E 401 -1.16 34.45 -45.49
N VAL E 402 -2.02 34.20 -46.46
CA VAL E 402 -1.66 33.38 -47.61
C VAL E 402 -2.40 33.86 -48.85
N LEU E 403 -1.68 33.92 -49.96
CA LEU E 403 -2.25 34.35 -51.22
C LEU E 403 -2.04 33.28 -52.29
N GLY E 404 -2.99 33.18 -53.21
CA GLY E 404 -2.91 32.21 -54.29
C GLY E 404 -2.51 32.86 -55.59
N ALA E 405 -1.48 32.33 -56.23
CA ALA E 405 -1.00 32.87 -57.49
C ALA E 405 -1.11 31.83 -58.59
N PRO E 406 -2.30 31.71 -59.20
CA PRO E 406 -2.58 30.71 -60.23
C PRO E 406 -1.59 30.69 -61.40
N ARG E 407 -0.95 31.82 -61.68
CA ARG E 407 -0.17 31.95 -62.90
C ARG E 407 1.23 32.51 -62.68
N TYR E 408 1.92 31.99 -61.67
CA TYR E 408 3.32 32.29 -61.48
C TYR E 408 4.12 31.47 -62.48
N GLN E 409 4.73 32.14 -63.45
CA GLN E 409 5.38 31.44 -64.56
C GLN E 409 4.37 30.59 -65.31
N HIS E 410 3.10 31.00 -65.23
CA HIS E 410 2.02 30.36 -65.99
C HIS E 410 1.63 28.99 -65.44
N THR E 411 2.22 28.59 -64.33
CA THR E 411 1.91 27.29 -63.73
C THR E 411 1.03 27.45 -62.49
N GLY E 412 1.54 28.16 -61.48
CA GLY E 412 0.78 28.40 -60.27
C GLY E 412 1.58 28.12 -59.01
N LYS E 413 1.84 29.16 -58.24
CA LYS E 413 2.55 29.03 -56.97
C LYS E 413 1.70 29.61 -55.84
N ALA E 414 1.96 29.15 -54.62
CA ALA E 414 1.30 29.70 -53.45
C ALA E 414 2.34 30.22 -52.47
N VAL E 415 2.14 31.45 -52.00
CA VAL E 415 3.10 32.10 -51.11
C VAL E 415 2.46 32.46 -49.78
N ILE E 416 3.20 32.22 -48.70
CA ILE E 416 2.71 32.52 -47.35
C ILE E 416 3.50 33.68 -46.76
N PHE E 417 2.79 34.60 -46.11
CA PHE E 417 3.43 35.78 -45.53
C PHE E 417 3.26 35.87 -44.02
N THR E 418 4.29 36.39 -43.36
CA THR E 418 4.24 36.68 -41.94
C THR E 418 4.35 38.19 -41.74
N GLN E 419 3.86 38.66 -40.59
CA GLN E 419 3.92 40.09 -40.28
C GLN E 419 4.64 40.32 -38.96
N VAL E 420 5.94 40.09 -38.98
CA VAL E 420 6.78 40.31 -37.82
C VAL E 420 6.87 41.80 -37.51
N SER E 421 7.11 42.13 -36.24
CA SER E 421 7.23 43.52 -35.83
C SER E 421 8.18 44.28 -36.73
N ARG E 422 7.65 45.25 -37.47
CA ARG E 422 8.46 46.06 -38.37
C ARG E 422 9.19 45.19 -39.39
N GLN E 423 8.47 44.29 -40.05
CA GLN E 423 9.05 43.43 -41.07
C GLN E 423 8.05 43.14 -42.20
N TRP E 424 7.06 42.31 -41.90
CA TRP E 424 6.06 41.93 -42.90
C TRP E 424 6.70 41.29 -44.12
N ARG E 425 7.61 40.34 -43.89
CA ARG E 425 8.32 39.66 -44.97
C ARG E 425 7.64 38.35 -45.36
N MET E 426 8.28 37.60 -46.24
CA MET E 426 7.74 36.31 -46.70
C MET E 426 8.22 35.17 -45.82
N LYS E 427 7.30 34.27 -45.47
CA LYS E 427 7.65 33.06 -44.73
C LYS E 427 8.26 32.03 -45.68
N ALA E 428 7.45 31.55 -46.62
CA ALA E 428 7.93 30.59 -47.61
C ALA E 428 6.93 30.44 -48.77
N GLU E 429 7.18 29.46 -49.63
CA GLU E 429 6.37 29.31 -50.83
C GLU E 429 6.65 27.99 -51.53
N VAL E 430 5.81 27.64 -52.49
CA VAL E 430 6.00 26.42 -53.27
C VAL E 430 5.46 26.59 -54.69
N THR E 431 6.31 26.31 -55.66
CA THR E 431 5.92 26.39 -57.06
C THR E 431 4.79 25.40 -57.36
N GLY E 432 4.25 25.48 -58.56
CA GLY E 432 3.21 24.56 -58.99
C GLY E 432 3.79 23.24 -59.45
N THR E 433 2.93 22.30 -59.77
CA THR E 433 3.38 20.98 -60.22
C THR E 433 3.37 20.90 -61.73
N GLN E 434 2.41 21.58 -62.36
CA GLN E 434 2.28 21.52 -63.81
C GLN E 434 1.85 22.85 -64.39
N ILE E 435 2.18 23.06 -65.66
CA ILE E 435 1.79 24.27 -66.37
C ILE E 435 0.30 24.28 -66.64
N GLY E 436 -0.37 25.36 -66.25
CA GLY E 436 -1.79 25.50 -66.45
C GLY E 436 -2.61 24.82 -65.36
N SER E 437 -1.95 23.97 -64.58
CA SER E 437 -2.60 23.26 -63.49
C SER E 437 -3.43 24.23 -62.67
N TYR E 438 -2.94 25.46 -62.59
CA TYR E 438 -3.63 26.52 -61.86
C TYR E 438 -3.47 26.28 -60.37
N PHE E 439 -2.25 25.98 -59.95
CA PHE E 439 -1.95 25.73 -58.55
C PHE E 439 -1.93 27.02 -57.76
N GLY E 440 -3.01 27.28 -57.03
CA GLY E 440 -3.16 28.50 -56.27
C GLY E 440 -4.60 28.97 -56.22
N ALA E 441 -5.45 28.31 -57.00
CA ALA E 441 -6.88 28.64 -57.07
C ALA E 441 -7.52 28.81 -55.69
N SER E 442 -7.69 27.69 -54.98
CA SER E 442 -8.38 27.70 -53.69
C SER E 442 -7.42 27.44 -52.55
N LEU E 443 -7.68 28.04 -51.39
CA LEU E 443 -6.87 27.76 -50.21
C LEU E 443 -7.71 27.75 -48.94
N CYS E 444 -7.44 26.77 -48.08
CA CYS E 444 -8.15 26.61 -46.83
C CYS E 444 -7.25 26.12 -45.69
N SER E 445 -7.00 27.00 -44.72
CA SER E 445 -6.26 26.62 -43.53
C SER E 445 -7.20 25.85 -42.62
N VAL E 446 -6.87 24.58 -42.35
CA VAL E 446 -7.76 23.72 -41.58
C VAL E 446 -7.06 23.15 -40.35
N ASP E 447 -7.86 22.69 -39.39
CA ASP E 447 -7.36 22.33 -38.08
C ASP E 447 -7.57 20.84 -37.79
N VAL E 448 -6.59 20.02 -38.17
CA VAL E 448 -6.72 18.56 -38.04
C VAL E 448 -7.29 18.15 -36.69
N ASP E 449 -6.90 18.85 -35.64
CA ASP E 449 -7.40 18.58 -34.30
C ASP E 449 -8.34 19.71 -33.87
N SER E 450 -8.13 20.24 -32.66
CA SER E 450 -8.95 21.34 -32.17
C SER E 450 -8.14 22.23 -31.23
N ASP E 451 -6.82 22.19 -31.37
CA ASP E 451 -5.93 22.96 -30.49
C ASP E 451 -5.97 24.43 -30.83
N GLY E 452 -6.69 24.78 -31.90
CA GLY E 452 -6.91 26.17 -32.27
C GLY E 452 -5.81 26.77 -33.12
N SER E 453 -4.66 26.11 -33.16
CA SER E 453 -3.54 26.57 -33.96
C SER E 453 -3.52 25.89 -35.32
N THR E 454 -3.79 26.66 -36.37
CA THR E 454 -3.85 26.10 -37.73
C THR E 454 -2.69 25.16 -37.96
N ASP E 455 -2.99 23.94 -38.40
CA ASP E 455 -1.97 22.90 -38.55
C ASP E 455 -1.51 22.76 -39.99
N LEU E 456 -2.47 22.82 -40.91
CA LEU E 456 -2.14 22.61 -42.32
C LEU E 456 -3.01 23.48 -43.23
N VAL E 457 -2.78 23.37 -44.53
CA VAL E 457 -3.41 24.26 -45.49
C VAL E 457 -3.61 23.57 -46.83
N LEU E 458 -4.81 23.73 -47.38
CA LEU E 458 -5.16 23.10 -48.65
C LEU E 458 -4.97 24.07 -49.80
N ILE E 459 -4.86 23.52 -51.01
CA ILE E 459 -4.67 24.31 -52.21
C ILE E 459 -5.48 23.71 -53.36
N GLY E 460 -5.89 24.54 -54.31
CA GLY E 460 -6.73 24.10 -55.40
C GLY E 460 -6.03 24.18 -56.75
N ALA E 461 -6.47 23.34 -57.69
CA ALA E 461 -5.90 23.33 -59.03
C ALA E 461 -6.80 22.52 -59.97
N PRO E 462 -8.06 22.95 -60.10
CA PRO E 462 -9.14 22.25 -60.81
C PRO E 462 -8.74 21.78 -62.22
N HIS E 463 -7.77 22.45 -62.82
CA HIS E 463 -7.40 22.15 -64.19
C HIS E 463 -6.02 21.52 -64.26
N TYR E 464 -5.90 20.34 -63.66
CA TYR E 464 -4.63 19.63 -63.59
C TYR E 464 -4.85 18.17 -63.94
N TYR E 465 -3.78 17.48 -64.33
CA TYR E 465 -3.89 16.07 -64.67
C TYR E 465 -2.55 15.46 -65.10
N GLU E 466 -2.63 14.19 -65.49
CA GLU E 466 -1.51 13.48 -66.10
C GLU E 466 -2.08 12.43 -67.06
N GLN E 467 -3.16 11.79 -66.62
CA GLN E 467 -3.90 10.84 -67.47
C GLN E 467 -5.40 11.07 -67.33
N THR E 468 -5.84 11.49 -66.12
CA THR E 468 -7.24 11.82 -65.87
C THR E 468 -7.37 13.22 -65.28
N ARG E 469 -8.16 14.06 -65.94
CA ARG E 469 -8.30 15.46 -65.54
C ARG E 469 -9.38 15.68 -64.51
N GLY E 470 -9.42 14.84 -63.49
CA GLY E 470 -10.38 15.00 -62.41
C GLY E 470 -10.25 16.36 -61.76
N GLY E 471 -9.02 16.74 -61.46
CA GLY E 471 -8.74 17.97 -60.73
C GLY E 471 -7.59 17.73 -59.77
N GLN E 472 -7.38 18.64 -58.82
CA GLN E 472 -6.29 18.47 -57.87
C GLN E 472 -6.35 19.43 -56.68
N VAL E 473 -6.38 18.87 -55.48
CA VAL E 473 -6.25 19.65 -54.25
C VAL E 473 -4.99 19.17 -53.52
N SER E 474 -4.21 20.10 -52.98
CA SER E 474 -2.93 19.79 -52.39
C SER E 474 -2.89 20.11 -50.89
N VAL E 475 -2.59 19.10 -50.07
CA VAL E 475 -2.42 19.31 -48.64
C VAL E 475 -1.00 19.74 -48.33
N CYS E 476 -0.87 20.77 -47.50
CA CYS E 476 0.43 21.40 -47.27
C CYS E 476 0.49 21.96 -45.86
N PRO E 477 1.03 21.18 -44.91
CA PRO E 477 1.15 21.60 -43.51
C PRO E 477 1.89 22.93 -43.36
N LEU E 478 1.90 23.49 -42.15
CA LEU E 478 2.53 24.78 -41.89
C LEU E 478 3.74 24.65 -40.96
N PRO E 479 4.81 24.00 -41.45
CA PRO E 479 6.09 23.95 -40.71
C PRO E 479 6.53 25.33 -40.24
N ARG E 480 7.12 25.41 -39.04
CA ARG E 480 7.66 26.68 -38.55
C ARG E 480 9.18 26.68 -38.66
N GLY E 481 9.71 27.79 -39.17
CA GLY E 481 11.13 27.90 -39.49
C GLY E 481 11.27 28.26 -40.95
N TRP E 482 11.28 29.56 -41.24
CA TRP E 482 11.16 30.05 -42.62
C TRP E 482 12.19 29.45 -43.56
N ARG E 483 12.00 29.70 -44.85
CA ARG E 483 12.89 29.24 -45.90
C ARG E 483 12.82 27.74 -46.12
N ARG E 484 11.90 27.08 -45.43
CA ARG E 484 11.64 25.66 -45.67
C ARG E 484 10.17 25.34 -45.44
N TRP E 485 9.52 24.83 -46.47
CA TRP E 485 8.09 24.56 -46.43
C TRP E 485 7.68 23.74 -47.64
N TRP E 486 6.99 22.64 -47.39
CA TRP E 486 6.64 21.70 -48.43
C TRP E 486 5.13 21.46 -48.47
N CYS E 487 4.55 21.59 -49.65
CA CYS E 487 3.16 21.17 -49.85
C CYS E 487 3.13 19.66 -49.99
N ASP E 488 4.28 19.04 -49.84
CA ASP E 488 4.39 17.61 -49.97
C ASP E 488 4.59 16.95 -48.60
N ALA E 489 3.60 17.11 -47.72
CA ALA E 489 3.42 16.18 -46.63
C ALA E 489 2.64 15.02 -47.21
N VAL E 490 3.23 14.43 -48.25
CA VAL E 490 2.63 13.35 -49.04
C VAL E 490 1.51 13.80 -49.99
N LEU E 491 0.28 13.63 -49.53
CA LEU E 491 -0.83 13.31 -50.42
C LEU E 491 -1.46 14.50 -51.15
N TYR E 492 -2.55 14.19 -51.86
CA TYR E 492 -3.30 15.17 -52.61
C TYR E 492 -4.56 14.50 -53.19
N GLY E 493 -5.73 14.89 -52.69
CA GLY E 493 -6.99 14.28 -53.07
C GLY E 493 -7.38 14.54 -54.52
N GLU E 494 -8.12 13.61 -55.12
CA GLU E 494 -8.55 13.75 -56.51
C GLU E 494 -9.92 13.10 -56.77
N GLN E 495 -9.99 12.36 -57.88
CA GLN E 495 -11.15 11.53 -58.24
C GLN E 495 -10.93 10.94 -59.64
N GLY E 496 -11.58 9.83 -59.91
CA GLY E 496 -11.47 9.18 -61.20
C GLY E 496 -12.53 9.64 -62.18
N HIS E 497 -12.42 10.89 -62.64
CA HIS E 497 -13.37 11.45 -63.60
C HIS E 497 -12.84 12.76 -64.19
N PRO E 498 -12.29 12.69 -65.41
CA PRO E 498 -11.70 13.83 -66.13
C PRO E 498 -12.63 15.06 -66.17
N TRP E 499 -12.06 16.21 -66.54
CA TRP E 499 -12.83 17.46 -66.67
C TRP E 499 -13.82 17.67 -65.53
N GLY E 500 -13.36 17.51 -64.30
CA GLY E 500 -14.23 17.59 -63.15
C GLY E 500 -14.13 18.89 -62.37
N ARG E 501 -13.02 19.59 -62.54
CA ARG E 501 -12.78 20.81 -61.79
C ARG E 501 -12.86 20.53 -60.29
N PHE E 502 -12.07 19.58 -59.81
CA PHE E 502 -12.06 19.22 -58.40
C PHE E 502 -11.05 20.07 -57.65
N GLY E 503 -11.55 20.90 -56.74
CA GLY E 503 -10.73 21.84 -56.02
C GLY E 503 -11.15 23.26 -56.29
N ALA E 504 -12.32 23.40 -56.94
CA ALA E 504 -12.88 24.69 -57.27
C ALA E 504 -13.10 25.52 -56.02
N ALA E 505 -13.56 24.87 -54.96
CA ALA E 505 -13.79 25.55 -53.69
C ALA E 505 -13.66 24.56 -52.54
N LEU E 506 -13.70 25.07 -51.31
CA LEU E 506 -13.59 24.23 -50.13
C LEU E 506 -13.56 25.05 -48.85
N THR E 507 -14.05 24.45 -47.76
CA THR E 507 -14.11 25.11 -46.46
C THR E 507 -13.94 24.13 -45.33
N VAL E 508 -13.40 24.61 -44.22
CA VAL E 508 -13.34 23.83 -42.99
C VAL E 508 -14.76 23.56 -42.52
N LEU E 509 -15.05 22.30 -42.20
CA LEU E 509 -16.36 21.92 -41.67
C LEU E 509 -16.29 21.67 -40.17
N GLY E 510 -15.17 21.12 -39.71
CA GLY E 510 -14.96 20.90 -38.29
C GLY E 510 -15.28 19.49 -37.86
N ASP E 511 -15.56 19.33 -36.57
CA ASP E 511 -15.86 18.01 -36.02
C ASP E 511 -17.32 17.65 -36.28
N VAL E 512 -17.53 16.67 -37.15
CA VAL E 512 -18.89 16.24 -37.50
C VAL E 512 -19.17 14.84 -37.00
N ASN E 513 -18.20 13.94 -37.13
CA ASN E 513 -18.38 12.57 -36.67
C ASN E 513 -17.88 12.34 -35.24
N GLY E 514 -17.36 13.40 -34.62
CA GLY E 514 -17.07 13.40 -33.20
C GLY E 514 -15.77 12.75 -32.76
N ASP E 515 -14.95 12.34 -33.73
CA ASP E 515 -13.71 11.63 -33.39
C ASP E 515 -12.54 12.58 -33.18
N LYS E 516 -12.85 13.82 -32.80
CA LYS E 516 -11.82 14.81 -32.50
C LYS E 516 -10.99 15.17 -33.75
N LEU E 517 -11.36 14.60 -34.90
CA LEU E 517 -10.63 14.82 -36.14
C LEU E 517 -11.46 15.61 -37.15
N THR E 518 -11.20 16.91 -37.23
CA THR E 518 -11.92 17.80 -38.13
C THR E 518 -12.07 17.18 -39.52
N ASP E 519 -13.15 17.55 -40.21
CA ASP E 519 -13.42 17.07 -41.56
C ASP E 519 -13.65 18.26 -42.48
N VAL E 520 -13.27 18.12 -43.75
CA VAL E 520 -13.40 19.22 -44.70
C VAL E 520 -14.28 18.86 -45.88
N VAL E 521 -14.72 19.90 -46.61
CA VAL E 521 -15.56 19.72 -47.78
C VAL E 521 -14.90 20.33 -49.01
N ILE E 522 -15.09 19.71 -50.17
CA ILE E 522 -14.45 20.17 -51.41
C ILE E 522 -15.39 20.08 -52.61
N GLY E 523 -15.51 21.19 -53.34
CA GLY E 523 -16.43 21.28 -54.47
C GLY E 523 -15.81 20.90 -55.81
N ALA E 524 -16.67 20.49 -56.74
CA ALA E 524 -16.23 20.02 -58.04
C ALA E 524 -17.42 20.01 -59.00
N PRO E 525 -17.85 21.20 -59.44
CA PRO E 525 -19.03 21.41 -60.28
C PRO E 525 -18.89 20.86 -61.69
N GLY E 526 -17.78 20.21 -62.00
CA GLY E 526 -17.52 19.70 -63.32
C GLY E 526 -17.65 18.19 -63.45
N GLU E 527 -17.89 17.52 -62.32
CA GLU E 527 -18.05 16.08 -62.30
C GLU E 527 -19.19 15.63 -63.23
N GLU E 528 -19.25 14.33 -63.49
CA GLU E 528 -20.29 13.77 -64.35
C GLU E 528 -20.42 14.60 -65.63
N GLU E 529 -21.60 14.63 -66.22
CA GLU E 529 -21.84 15.42 -67.42
C GLU E 529 -22.08 16.88 -67.08
N ASN E 530 -21.00 17.55 -66.67
CA ASN E 530 -21.07 18.95 -66.24
C ASN E 530 -21.79 19.11 -64.91
N ARG E 531 -22.45 18.05 -64.46
CA ARG E 531 -23.18 18.07 -63.20
C ARG E 531 -22.25 18.49 -62.08
N GLY E 532 -22.82 18.81 -60.93
CA GLY E 532 -22.03 19.21 -59.77
C GLY E 532 -21.58 18.03 -58.95
N ALA E 533 -20.78 18.30 -57.92
CA ALA E 533 -20.29 17.24 -57.03
C ALA E 533 -19.58 17.83 -55.82
N VAL E 534 -19.52 17.07 -54.74
CA VAL E 534 -18.83 17.49 -53.52
C VAL E 534 -18.21 16.27 -52.83
N TYR E 535 -17.16 16.51 -52.04
CA TYR E 535 -16.43 15.41 -51.39
C TYR E 535 -16.17 15.69 -49.91
N LEU E 536 -16.06 14.62 -49.14
CA LEU E 536 -15.82 14.73 -47.70
C LEU E 536 -14.62 13.89 -47.28
N PHE E 537 -13.64 14.52 -46.64
CA PHE E 537 -12.45 13.83 -46.16
C PHE E 537 -12.31 14.02 -44.65
N HIS E 538 -11.39 13.26 -44.06
CA HIS E 538 -11.16 13.35 -42.62
C HIS E 538 -9.66 13.50 -42.35
N GLY E 539 -9.32 14.10 -41.21
CA GLY E 539 -7.94 14.22 -40.79
C GLY E 539 -7.44 12.90 -40.25
N VAL E 540 -6.20 12.87 -39.79
CA VAL E 540 -5.66 11.65 -39.19
C VAL E 540 -4.94 11.97 -37.89
N LEU E 541 -3.67 12.35 -37.99
CA LEU E 541 -2.91 12.76 -36.83
C LEU E 541 -1.87 13.80 -37.25
N GLY E 542 -2.15 15.05 -36.91
CA GLY E 542 -1.28 16.15 -37.28
C GLY E 542 -1.44 16.52 -38.73
N PRO E 543 -0.32 16.70 -39.44
CA PRO E 543 -0.35 17.06 -40.87
C PRO E 543 -0.68 15.86 -41.75
N SER E 544 -1.93 15.73 -42.15
CA SER E 544 -2.36 14.62 -43.00
C SER E 544 -3.87 14.62 -43.21
N ILE E 545 -4.31 13.99 -44.30
CA ILE E 545 -5.73 13.74 -44.53
C ILE E 545 -5.91 12.36 -45.14
N SER E 546 -7.17 11.92 -45.26
CA SER E 546 -7.45 10.59 -45.77
C SER E 546 -7.88 10.62 -47.23
N PRO E 547 -6.95 10.24 -48.13
CA PRO E 547 -7.22 10.23 -49.58
C PRO E 547 -8.59 9.61 -49.90
N SER E 548 -8.88 8.46 -49.31
CA SER E 548 -10.18 7.83 -49.50
C SER E 548 -11.24 8.63 -48.76
N HIS E 549 -12.10 9.29 -49.52
CA HIS E 549 -13.21 10.06 -48.94
C HIS E 549 -14.28 9.09 -48.46
N SER E 550 -15.13 9.54 -47.56
CA SER E 550 -16.18 8.70 -47.00
C SER E 550 -17.49 8.90 -47.76
N GLN E 551 -17.67 10.09 -48.30
CA GLN E 551 -18.91 10.44 -48.97
C GLN E 551 -18.63 11.18 -50.27
N ARG E 552 -19.58 11.11 -51.21
CA ARG E 552 -19.45 11.80 -52.49
C ARG E 552 -20.82 12.23 -53.00
N ILE E 553 -21.48 13.09 -52.24
CA ILE E 553 -22.78 13.62 -52.64
C ILE E 553 -22.62 14.45 -53.91
N ALA E 554 -23.14 13.95 -55.03
CA ALA E 554 -23.03 14.63 -56.31
C ALA E 554 -24.38 15.20 -56.73
N GLY E 555 -24.45 15.69 -57.97
CA GLY E 555 -25.66 16.31 -58.46
C GLY E 555 -26.72 15.31 -58.86
N SER E 556 -26.44 14.03 -58.64
CA SER E 556 -27.36 12.96 -59.00
C SER E 556 -28.31 12.65 -57.84
N GLN E 557 -28.26 13.49 -56.81
CA GLN E 557 -28.98 13.23 -55.56
C GLN E 557 -30.35 13.89 -55.61
N LEU E 558 -31.19 13.40 -56.52
CA LEU E 558 -32.48 14.01 -56.82
C LEU E 558 -32.39 15.54 -56.80
N SER E 559 -31.25 16.06 -57.20
CA SER E 559 -31.17 17.42 -57.70
C SER E 559 -31.85 17.35 -59.05
N SER E 560 -33.11 17.74 -59.11
CA SER E 560 -33.88 17.56 -60.33
C SER E 560 -33.05 17.97 -61.53
N ARG E 561 -32.63 19.23 -61.56
CA ARG E 561 -31.91 19.76 -62.70
C ARG E 561 -31.07 20.99 -62.36
N LEU E 562 -29.90 20.76 -61.77
CA LEU E 562 -28.90 21.83 -61.64
C LEU E 562 -27.60 21.41 -62.30
N GLN E 563 -27.09 22.29 -63.15
CA GLN E 563 -25.93 21.96 -63.97
C GLN E 563 -24.71 21.76 -63.08
N TYR E 564 -24.03 22.86 -62.75
CA TYR E 564 -22.84 22.77 -61.91
C TYR E 564 -23.11 23.33 -60.52
N PHE E 565 -22.87 22.49 -59.53
CA PHE E 565 -23.11 22.85 -58.14
C PHE E 565 -21.85 22.54 -57.35
N GLY E 566 -21.60 23.33 -56.31
CA GLY E 566 -20.38 23.17 -55.52
C GLY E 566 -19.35 24.19 -55.92
N GLN E 567 -19.73 25.10 -56.83
CA GLN E 567 -18.86 26.19 -57.24
C GLN E 567 -18.12 26.73 -56.02
N ALA E 568 -18.89 27.16 -55.02
CA ALA E 568 -18.33 27.63 -53.76
C ALA E 568 -19.05 26.95 -52.60
N LEU E 569 -18.50 27.11 -51.39
CA LEU E 569 -19.11 26.52 -50.21
C LEU E 569 -18.36 26.92 -48.93
N SER E 570 -19.13 27.21 -47.89
CA SER E 570 -18.58 27.54 -46.59
C SER E 570 -19.45 26.94 -45.49
N GLY E 571 -18.81 26.29 -44.51
CA GLY E 571 -19.55 25.67 -43.43
C GLY E 571 -18.83 25.76 -42.11
N GLY E 572 -19.48 25.24 -41.06
CA GLY E 572 -18.91 25.24 -39.72
C GLY E 572 -19.84 25.86 -38.70
N GLN E 573 -20.89 26.53 -39.16
CA GLN E 573 -21.79 27.27 -38.27
C GLN E 573 -23.15 26.60 -38.11
N ASP E 574 -23.62 26.53 -36.87
CA ASP E 574 -24.92 25.97 -36.55
C ASP E 574 -26.00 27.01 -36.75
N LEU E 575 -26.76 26.86 -37.83
CA LEU E 575 -27.72 27.89 -38.24
C LEU E 575 -29.18 27.43 -38.11
N THR E 576 -29.43 26.14 -38.31
CA THR E 576 -30.77 25.61 -38.20
C THR E 576 -31.11 25.41 -36.74
N GLN E 577 -30.08 25.52 -35.91
CA GLN E 577 -30.21 25.48 -34.45
C GLN E 577 -30.56 24.10 -33.91
N ASP E 578 -30.76 23.13 -34.79
CA ASP E 578 -30.50 21.76 -34.39
C ASP E 578 -28.99 21.76 -34.16
N GLY E 579 -28.54 21.02 -33.15
CA GLY E 579 -27.22 21.26 -32.57
C GLY E 579 -26.03 21.39 -33.52
N LEU E 580 -25.66 20.28 -34.17
CA LEU E 580 -24.36 20.19 -34.83
C LEU E 580 -24.24 21.11 -36.04
N VAL E 581 -23.00 21.33 -36.47
CA VAL E 581 -22.69 22.28 -37.54
C VAL E 581 -23.53 22.05 -38.79
N ASP E 582 -23.49 23.02 -39.70
CA ASP E 582 -24.18 22.92 -40.98
C ASP E 582 -23.25 23.32 -42.11
N LEU E 583 -23.63 22.92 -43.32
CA LEU E 583 -22.83 23.22 -44.49
C LEU E 583 -23.70 23.95 -45.51
N ALA E 584 -23.11 24.92 -46.20
CA ALA E 584 -23.81 25.64 -47.25
C ALA E 584 -23.05 25.54 -48.57
N VAL E 585 -23.68 24.97 -49.59
CA VAL E 585 -23.06 24.82 -50.90
C VAL E 585 -23.87 25.54 -51.98
N GLY E 586 -23.25 26.53 -52.62
CA GLY E 586 -23.92 27.29 -53.65
C GLY E 586 -23.92 26.59 -55.00
N ALA E 587 -25.00 26.80 -55.75
CA ALA E 587 -25.17 26.20 -57.08
C ALA E 587 -25.84 27.19 -58.01
N ARG E 588 -25.75 26.95 -59.31
CA ARG E 588 -26.37 27.84 -60.29
C ARG E 588 -27.87 27.91 -60.09
N GLY E 589 -28.35 29.06 -59.60
CA GLY E 589 -29.77 29.30 -59.44
C GLY E 589 -30.23 29.19 -58.01
N GLN E 590 -29.79 28.13 -57.32
CA GLN E 590 -30.21 27.89 -55.95
C GLN E 590 -29.03 27.49 -55.08
N VAL E 591 -29.22 27.54 -53.75
CA VAL E 591 -28.19 27.16 -52.81
C VAL E 591 -28.78 26.25 -51.74
N LEU E 592 -28.08 25.15 -51.43
CA LEU E 592 -28.60 24.14 -50.50
C LEU E 592 -27.90 24.15 -49.16
N LEU E 593 -28.59 23.63 -48.14
CA LEU E 593 -28.01 23.43 -46.82
C LEU E 593 -28.08 21.96 -46.41
N LEU E 594 -26.93 21.38 -46.15
CA LEU E 594 -26.86 19.98 -45.71
C LEU E 594 -26.43 19.92 -44.25
N ARG E 595 -27.31 19.38 -43.42
CA ARG E 595 -27.03 19.25 -41.99
C ARG E 595 -26.23 17.97 -41.72
N THR E 596 -25.57 17.94 -40.58
CA THR E 596 -24.76 16.79 -40.21
C THR E 596 -25.52 15.88 -39.24
N ARG E 597 -25.89 14.70 -39.72
CA ARG E 597 -26.62 13.72 -38.92
C ARG E 597 -25.71 13.14 -37.83
N PRO E 598 -26.19 13.14 -36.58
CA PRO E 598 -25.45 12.67 -35.39
C PRO E 598 -24.89 11.25 -35.50
N VAL E 599 -23.59 11.12 -35.32
CA VAL E 599 -22.97 9.79 -35.29
C VAL E 599 -22.56 9.45 -33.88
N LEU E 600 -23.38 8.64 -33.22
CA LEU E 600 -22.98 8.06 -31.96
C LEU E 600 -22.54 6.64 -32.27
N TRP E 601 -21.61 6.14 -31.47
CA TRP E 601 -21.32 4.72 -31.49
C TRP E 601 -21.34 4.20 -30.07
N VAL E 602 -21.45 2.88 -29.95
CA VAL E 602 -21.78 2.24 -28.69
C VAL E 602 -20.78 1.14 -28.38
N GLY E 603 -20.57 0.89 -27.08
CA GLY E 603 -19.74 -0.20 -26.62
C GLY E 603 -20.59 -1.30 -26.01
N VAL E 604 -20.13 -2.53 -26.12
CA VAL E 604 -20.91 -3.69 -25.70
C VAL E 604 -20.08 -4.67 -24.87
N SER E 605 -20.74 -5.39 -23.98
CA SER E 605 -20.10 -6.41 -23.15
C SER E 605 -20.88 -7.70 -23.23
N MET E 606 -20.17 -8.82 -23.31
CA MET E 606 -20.83 -10.12 -23.39
C MET E 606 -20.28 -11.09 -22.37
N GLN E 607 -21.17 -11.87 -21.76
CA GLN E 607 -20.79 -12.83 -20.74
C GLN E 607 -21.77 -14.00 -20.65
N PHE E 608 -21.30 -15.16 -20.20
CA PHE E 608 -22.14 -16.32 -19.99
C PHE E 608 -22.18 -16.67 -18.51
N ILE E 609 -23.27 -16.32 -17.84
CA ILE E 609 -23.39 -16.52 -16.40
C ILE E 609 -22.74 -17.85 -15.99
N PRO E 610 -23.22 -18.97 -16.53
CA PRO E 610 -22.43 -20.21 -16.39
C PRO E 610 -21.15 -20.10 -17.21
N ALA E 611 -20.03 -19.82 -16.54
CA ALA E 611 -18.75 -19.61 -17.21
C ALA E 611 -18.54 -20.61 -18.35
N GLU E 612 -18.41 -21.88 -18.00
CA GLU E 612 -18.28 -22.96 -18.96
C GLU E 612 -19.40 -23.96 -18.73
N ILE E 613 -19.25 -25.16 -19.26
CA ILE E 613 -20.27 -26.19 -19.09
C ILE E 613 -19.77 -27.29 -18.16
N PRO E 614 -20.60 -27.67 -17.18
CA PRO E 614 -20.14 -28.52 -16.07
C PRO E 614 -19.98 -29.98 -16.46
N ARG E 615 -20.12 -30.30 -17.74
CA ARG E 615 -20.04 -31.67 -18.21
C ARG E 615 -21.29 -32.45 -17.81
N SER E 616 -22.24 -31.76 -17.18
CA SER E 616 -23.47 -32.40 -16.73
C SER E 616 -24.30 -32.85 -17.92
N ALA E 617 -24.68 -31.89 -18.76
CA ALA E 617 -25.42 -32.21 -19.98
C ALA E 617 -24.44 -32.35 -21.13
N PHE E 618 -23.37 -33.10 -20.89
CA PHE E 618 -22.29 -33.23 -21.85
C PHE E 618 -22.45 -34.47 -22.72
N GLU E 619 -21.95 -35.60 -22.25
CA GLU E 619 -22.00 -36.83 -23.04
C GLU E 619 -23.34 -37.54 -22.88
N CYS E 620 -24.08 -37.14 -21.85
CA CYS E 620 -25.48 -37.51 -21.71
C CYS E 620 -25.66 -39.02 -21.67
N ARG E 621 -26.91 -39.45 -21.79
CA ARG E 621 -27.24 -40.86 -21.68
C ARG E 621 -28.71 -41.04 -21.99
N GLU E 622 -29.19 -42.27 -21.92
CA GLU E 622 -30.39 -42.61 -22.63
C GLU E 622 -31.27 -43.68 -22.06
N GLN E 623 -31.34 -43.74 -20.75
CA GLN E 623 -32.55 -44.19 -20.16
C GLN E 623 -33.08 -42.87 -19.62
N VAL E 624 -34.35 -42.60 -19.86
CA VAL E 624 -34.96 -41.30 -19.57
C VAL E 624 -34.47 -40.13 -20.44
N VAL E 625 -34.39 -38.95 -19.83
CA VAL E 625 -34.62 -37.69 -20.51
C VAL E 625 -33.48 -37.00 -21.22
N SER E 626 -33.86 -36.05 -22.07
CA SER E 626 -33.13 -34.82 -22.23
C SER E 626 -33.43 -33.98 -21.01
N GLU E 627 -32.47 -33.85 -20.11
CA GLU E 627 -32.50 -32.72 -19.20
C GLU E 627 -31.67 -31.64 -19.86
N GLN E 628 -32.33 -30.78 -20.62
CA GLN E 628 -31.62 -29.75 -21.35
C GLN E 628 -31.11 -28.69 -20.38
N THR E 629 -29.80 -28.67 -20.19
CA THR E 629 -29.16 -27.72 -19.29
C THR E 629 -29.60 -26.31 -19.63
N LEU E 630 -29.57 -25.44 -18.63
CA LEU E 630 -29.99 -24.05 -18.82
C LEU E 630 -28.86 -23.06 -18.61
N VAL E 631 -28.24 -22.63 -19.71
CA VAL E 631 -27.20 -21.60 -19.67
C VAL E 631 -27.81 -20.22 -19.81
N GLN E 632 -27.21 -19.24 -19.14
CA GLN E 632 -27.65 -17.87 -19.25
C GLN E 632 -26.58 -17.04 -19.94
N SER E 633 -27.00 -16.19 -20.87
CA SER E 633 -26.08 -15.28 -21.56
C SER E 633 -26.51 -13.81 -21.41
N ASN E 634 -25.68 -13.03 -20.73
CA ASN E 634 -26.00 -11.63 -20.44
C ASN E 634 -25.20 -10.65 -21.27
N ILE E 635 -25.92 -9.85 -22.07
CA ILE E 635 -25.31 -8.83 -22.90
C ILE E 635 -25.79 -7.45 -22.43
N CYS E 636 -24.93 -6.44 -22.59
CA CYS E 636 -25.26 -5.08 -22.17
C CYS E 636 -24.87 -4.08 -23.26
N LEU E 637 -25.58 -2.96 -23.34
CA LEU E 637 -25.29 -1.93 -24.34
C LEU E 637 -25.36 -0.50 -23.82
N TYR E 638 -24.29 0.24 -24.04
CA TYR E 638 -24.10 1.58 -23.48
C TYR E 638 -23.31 2.44 -24.43
N ILE E 639 -23.66 3.73 -24.51
CA ILE E 639 -23.00 4.65 -25.43
C ILE E 639 -22.17 5.67 -24.63
N ASP E 640 -20.97 5.98 -25.13
CA ASP E 640 -19.97 6.69 -24.32
C ASP E 640 -19.38 7.95 -24.96
N LYS E 641 -19.28 7.96 -26.29
CA LYS E 641 -18.63 9.08 -26.98
C LYS E 641 -19.70 10.05 -27.48
N ARG E 642 -19.73 11.21 -26.83
CA ARG E 642 -20.92 12.02 -26.73
C ARG E 642 -20.63 13.51 -26.87
N SER E 643 -19.36 13.87 -26.81
CA SER E 643 -18.94 15.24 -26.54
C SER E 643 -19.71 16.28 -27.35
N LYS E 644 -19.93 16.00 -28.64
CA LYS E 644 -20.59 16.95 -29.54
C LYS E 644 -22.08 17.08 -29.22
N ASN E 645 -22.78 15.96 -29.17
CA ASN E 645 -24.24 15.96 -29.05
C ASN E 645 -24.74 16.40 -27.67
N LEU E 646 -23.85 16.37 -26.69
CA LEU E 646 -24.16 16.84 -25.34
C LEU E 646 -25.33 16.09 -24.70
N LEU E 647 -25.58 16.36 -23.42
CA LEU E 647 -26.64 15.70 -22.68
C LEU E 647 -28.02 16.00 -23.29
N GLY E 648 -29.05 15.36 -22.75
CA GLY E 648 -30.41 15.69 -23.13
C GLY E 648 -30.96 14.87 -24.28
N SER E 649 -32.20 15.16 -24.66
CA SER E 649 -32.89 14.46 -25.74
C SER E 649 -31.95 14.08 -26.87
N ARG E 650 -32.25 12.95 -27.52
CA ARG E 650 -31.46 12.47 -28.64
C ARG E 650 -30.20 11.75 -28.18
N ASP E 651 -29.29 12.48 -27.56
CA ASP E 651 -28.05 11.88 -27.06
C ASP E 651 -28.38 10.70 -26.17
N LEU E 652 -29.59 10.72 -25.61
CA LEU E 652 -30.09 9.59 -24.84
C LEU E 652 -30.95 8.68 -25.70
N GLN E 653 -32.27 8.83 -25.59
CA GLN E 653 -33.21 7.90 -26.19
C GLN E 653 -32.88 7.51 -27.62
N SER E 654 -32.89 6.19 -27.85
CA SER E 654 -32.88 5.62 -29.19
C SER E 654 -33.33 4.17 -29.09
N SER E 655 -34.02 3.69 -30.12
CA SER E 655 -34.42 2.29 -30.16
C SER E 655 -33.44 1.50 -31.00
N VAL E 656 -33.37 0.19 -30.76
CA VAL E 656 -32.40 -0.67 -31.43
C VAL E 656 -32.95 -2.06 -31.74
N THR E 657 -32.54 -2.62 -32.88
CA THR E 657 -32.85 -4.00 -33.21
C THR E 657 -31.66 -4.91 -32.91
N LEU E 658 -31.89 -5.92 -32.08
CA LEU E 658 -30.85 -6.89 -31.72
C LEU E 658 -31.12 -8.24 -32.37
N ASP E 659 -30.07 -8.89 -32.85
CA ASP E 659 -30.22 -10.17 -33.52
C ASP E 659 -29.13 -11.15 -33.11
N LEU E 660 -29.38 -11.87 -32.01
CA LEU E 660 -28.46 -12.86 -31.50
C LEU E 660 -28.60 -14.17 -32.26
N ALA E 661 -27.48 -14.85 -32.50
CA ALA E 661 -27.48 -16.10 -33.24
C ALA E 661 -26.30 -16.97 -32.81
N LEU E 662 -26.59 -18.23 -32.49
CA LEU E 662 -25.57 -19.13 -31.96
C LEU E 662 -25.04 -20.08 -33.04
N ASP E 663 -23.75 -20.39 -32.95
CA ASP E 663 -23.07 -21.24 -33.93
C ASP E 663 -23.62 -21.00 -35.33
N PRO E 664 -23.47 -19.78 -35.84
CA PRO E 664 -24.06 -19.35 -37.11
C PRO E 664 -23.49 -20.09 -38.33
N GLY E 665 -22.16 -20.16 -38.42
CA GLY E 665 -21.51 -20.65 -39.61
C GLY E 665 -21.75 -22.12 -39.91
N ARG E 666 -22.23 -22.87 -38.93
CA ARG E 666 -22.46 -24.29 -39.11
C ARG E 666 -23.95 -24.59 -39.19
N LEU E 667 -24.31 -25.61 -39.97
CA LEU E 667 -25.70 -26.01 -40.11
C LEU E 667 -26.07 -27.01 -39.02
N SER E 668 -25.48 -26.82 -37.85
CA SER E 668 -25.74 -27.69 -36.70
C SER E 668 -25.81 -26.83 -35.43
N PRO E 669 -26.94 -26.10 -35.27
CA PRO E 669 -27.18 -25.26 -34.11
C PRO E 669 -26.91 -25.98 -32.80
N ARG E 670 -25.90 -25.53 -32.07
CA ARG E 670 -25.52 -26.16 -30.82
C ARG E 670 -26.42 -25.76 -29.67
N ALA E 671 -27.52 -25.06 -29.95
CA ALA E 671 -28.46 -24.65 -28.90
C ALA E 671 -29.62 -23.84 -29.48
N THR E 672 -30.38 -23.22 -28.57
CA THR E 672 -31.52 -22.38 -28.94
C THR E 672 -31.93 -21.51 -27.76
N PHE E 673 -32.46 -20.32 -28.06
CA PHE E 673 -33.05 -19.47 -27.04
C PHE E 673 -34.43 -19.99 -26.67
N GLN E 674 -34.84 -19.75 -25.44
CA GLN E 674 -36.11 -20.27 -24.96
C GLN E 674 -37.27 -19.39 -25.40
N GLU E 675 -37.07 -18.08 -25.30
CA GLU E 675 -38.12 -17.12 -25.62
C GLU E 675 -38.75 -17.39 -26.98
N THR E 676 -37.95 -17.86 -27.93
CA THR E 676 -38.44 -18.10 -29.29
C THR E 676 -38.28 -19.56 -29.71
N LYS E 677 -37.37 -20.27 -29.05
CA LYS E 677 -37.15 -21.69 -29.32
C LYS E 677 -36.25 -21.90 -30.54
N ASN E 678 -36.01 -20.84 -31.30
CA ASN E 678 -35.14 -20.92 -32.46
C ASN E 678 -33.67 -20.88 -32.08
N ARG E 679 -32.81 -21.05 -33.06
CA ARG E 679 -31.36 -20.98 -32.84
C ARG E 679 -30.92 -19.52 -32.81
N SER E 680 -31.90 -18.62 -32.91
CA SER E 680 -31.64 -17.19 -32.88
C SER E 680 -32.90 -16.44 -32.44
N LEU E 681 -32.76 -15.17 -32.09
CA LEU E 681 -33.89 -14.35 -31.68
C LEU E 681 -33.62 -12.88 -31.91
N SER E 682 -34.70 -12.09 -31.92
CA SER E 682 -34.60 -10.64 -32.08
C SER E 682 -35.61 -9.91 -31.18
N ARG E 683 -35.18 -8.79 -30.61
CA ARG E 683 -36.05 -7.98 -29.78
C ARG E 683 -35.61 -6.52 -29.81
N VAL E 684 -36.55 -5.62 -30.01
CA VAL E 684 -36.26 -4.18 -30.06
C VAL E 684 -36.37 -3.56 -28.68
N ARG E 685 -35.27 -3.00 -28.19
CA ARG E 685 -35.22 -2.45 -26.84
C ARG E 685 -34.59 -1.06 -26.82
N VAL E 686 -34.80 -0.34 -25.72
CA VAL E 686 -34.40 1.06 -25.60
C VAL E 686 -33.01 1.22 -24.97
N LEU E 687 -32.16 1.96 -25.68
CA LEU E 687 -30.81 2.25 -25.19
C LEU E 687 -30.76 3.54 -24.38
N GLY E 688 -29.58 3.82 -23.83
CA GLY E 688 -29.31 5.09 -23.20
C GLY E 688 -27.82 5.29 -23.09
N LEU E 689 -27.39 6.41 -22.53
CA LEU E 689 -25.97 6.60 -22.22
C LEU E 689 -25.65 5.78 -20.97
N LYS E 690 -26.70 5.35 -20.28
CA LYS E 690 -26.58 4.38 -19.19
C LYS E 690 -26.84 2.99 -19.75
N ALA E 691 -25.96 2.05 -19.41
CA ALA E 691 -26.02 0.68 -19.92
C ALA E 691 -27.44 0.13 -20.01
N HIS E 692 -27.60 -0.92 -20.79
CA HIS E 692 -28.84 -1.70 -20.78
C HIS E 692 -28.54 -3.20 -20.87
N CYS E 693 -28.58 -3.87 -19.72
CA CYS E 693 -28.24 -5.29 -19.65
C CYS E 693 -29.46 -6.22 -19.53
N GLU E 694 -29.58 -7.15 -20.46
CA GLU E 694 -30.62 -8.19 -20.39
C GLU E 694 -30.05 -9.56 -20.71
N ASN E 695 -30.26 -10.50 -19.79
CA ASN E 695 -29.77 -11.87 -19.97
C ASN E 695 -30.85 -12.78 -20.55
N PHE E 696 -30.45 -13.66 -21.46
CA PHE E 696 -31.41 -14.55 -22.14
C PHE E 696 -31.19 -16.02 -21.77
N ASN E 697 -32.25 -16.80 -21.96
CA ASN E 697 -32.23 -18.21 -21.61
C ASN E 697 -31.85 -19.09 -22.79
N LEU E 698 -30.88 -19.96 -22.56
CA LEU E 698 -30.36 -20.85 -23.59
C LEU E 698 -30.56 -22.30 -23.17
N LEU E 699 -30.80 -23.16 -24.15
CA LEU E 699 -31.07 -24.56 -23.89
C LEU E 699 -30.07 -25.44 -24.61
N LEU E 700 -29.24 -26.14 -23.85
CA LEU E 700 -28.29 -27.09 -24.41
C LEU E 700 -28.85 -28.51 -24.33
N PRO E 701 -28.99 -29.17 -25.49
CA PRO E 701 -29.44 -30.57 -25.49
C PRO E 701 -28.48 -31.45 -24.72
N SER E 702 -29.00 -32.35 -23.89
CA SER E 702 -28.16 -33.21 -23.07
C SER E 702 -27.02 -33.83 -23.87
N CYS E 703 -27.33 -34.32 -25.07
CA CYS E 703 -26.34 -35.02 -25.89
C CYS E 703 -25.87 -34.15 -27.05
N VAL E 704 -24.55 -34.11 -27.27
CA VAL E 704 -23.98 -33.31 -28.34
C VAL E 704 -22.66 -33.91 -28.84
N GLU E 705 -22.38 -33.72 -30.13
CA GLU E 705 -21.15 -34.22 -30.74
C GLU E 705 -19.96 -33.34 -30.36
N ASP E 706 -19.83 -32.21 -31.04
CA ASP E 706 -18.70 -31.31 -30.85
C ASP E 706 -18.81 -30.56 -29.53
N SER E 707 -17.79 -30.69 -28.69
CA SER E 707 -17.72 -29.98 -27.43
C SER E 707 -16.45 -29.15 -27.33
N VAL E 708 -15.42 -29.54 -28.09
CA VAL E 708 -14.14 -28.86 -28.05
C VAL E 708 -14.27 -27.40 -28.47
N THR E 709 -15.03 -27.16 -29.53
CA THR E 709 -15.21 -25.81 -30.05
C THR E 709 -16.30 -25.08 -29.27
N PRO E 710 -15.92 -24.08 -28.45
CA PRO E 710 -16.94 -23.33 -27.72
C PRO E 710 -18.09 -22.93 -28.63
N ILE E 711 -19.28 -22.75 -28.07
CA ILE E 711 -20.41 -22.26 -28.84
C ILE E 711 -20.38 -20.74 -28.91
N THR E 712 -20.48 -20.21 -30.13
CA THR E 712 -20.41 -18.77 -30.35
C THR E 712 -21.78 -18.13 -30.21
N LEU E 713 -21.79 -16.86 -29.81
CA LEU E 713 -23.01 -16.05 -29.79
C LEU E 713 -22.68 -14.63 -30.22
N ARG E 714 -23.12 -14.26 -31.41
CA ARG E 714 -22.85 -12.95 -31.97
C ARG E 714 -24.14 -12.14 -32.08
N LEU E 715 -24.03 -10.82 -32.06
CA LEU E 715 -25.20 -9.96 -32.26
C LEU E 715 -25.03 -9.03 -33.47
N ASN E 716 -26.12 -8.88 -34.22
CA ASN E 716 -26.24 -7.83 -35.22
C ASN E 716 -27.17 -6.78 -34.66
N PHE E 717 -26.65 -5.56 -34.50
CA PHE E 717 -27.45 -4.49 -33.92
C PHE E 717 -27.35 -3.22 -34.77
N THR E 718 -28.44 -2.46 -34.80
CA THR E 718 -28.49 -1.24 -35.59
C THR E 718 -29.33 -0.20 -34.88
N LEU E 719 -29.90 0.74 -35.63
CA LEU E 719 -30.72 1.79 -35.03
C LEU E 719 -32.06 1.86 -35.72
N VAL E 720 -33.01 1.08 -35.23
CA VAL E 720 -34.32 0.98 -35.87
C VAL E 720 -35.22 2.16 -35.52
N GLY E 721 -36.19 2.41 -36.39
CA GLY E 721 -37.18 3.44 -36.16
C GLY E 721 -36.66 4.84 -36.46
N LYS E 722 -35.86 5.37 -35.54
CA LYS E 722 -35.36 6.74 -35.63
C LYS E 722 -36.44 7.79 -35.39
N PRO E 723 -37.52 7.44 -34.66
CA PRO E 723 -38.36 8.51 -34.13
C PRO E 723 -37.97 8.87 -32.69
N LEU E 724 -37.65 10.14 -32.45
CA LEU E 724 -37.22 10.58 -31.12
C LEU E 724 -37.78 11.95 -30.74
N LEU E 725 -38.89 11.96 -30.01
CA LEU E 725 -39.53 13.20 -29.56
C LEU E 725 -39.91 14.09 -30.75
N ALA E 726 -39.13 15.13 -31.01
CA ALA E 726 -39.37 15.99 -32.17
C ALA E 726 -38.55 15.49 -33.35
N PHE E 727 -38.72 16.13 -34.51
CA PHE E 727 -37.93 15.76 -35.69
C PHE E 727 -36.67 16.62 -35.78
N ARG E 728 -36.08 16.90 -34.62
CA ARG E 728 -34.88 17.71 -34.55
C ARG E 728 -33.63 16.84 -34.53
N ASN E 729 -33.82 15.52 -34.64
CA ASN E 729 -32.72 14.59 -34.81
C ASN E 729 -32.83 13.90 -36.15
N LEU E 730 -34.06 13.67 -36.59
CA LEU E 730 -34.34 12.93 -37.82
C LEU E 730 -33.58 11.59 -37.85
N ARG E 731 -32.44 11.55 -38.52
CA ARG E 731 -31.69 10.29 -38.63
C ARG E 731 -30.34 10.34 -37.92
N PRO E 732 -30.18 9.58 -36.83
CA PRO E 732 -28.85 9.25 -36.31
C PRO E 732 -28.24 8.07 -37.06
N MET E 733 -26.97 7.77 -36.80
CA MET E 733 -26.29 6.66 -37.47
C MET E 733 -25.01 6.25 -36.73
N LEU E 734 -24.35 5.22 -37.25
CA LEU E 734 -23.15 4.69 -36.65
C LEU E 734 -21.91 5.16 -37.39
N ALA E 735 -20.74 4.91 -36.81
CA ALA E 735 -19.48 5.36 -37.39
C ALA E 735 -18.94 4.36 -38.42
N ALA E 736 -17.76 4.67 -38.96
CA ALA E 736 -17.12 3.83 -39.96
C ALA E 736 -16.66 2.51 -39.35
N ASP E 737 -15.92 2.61 -38.26
CA ASP E 737 -15.47 1.43 -37.53
C ASP E 737 -16.58 0.92 -36.62
N ALA E 738 -17.62 0.37 -37.24
CA ALA E 738 -18.74 -0.19 -36.50
C ALA E 738 -18.63 -1.71 -36.51
N GLN E 739 -18.12 -2.26 -35.43
CA GLN E 739 -17.99 -3.70 -35.30
C GLN E 739 -19.33 -4.27 -34.87
N ARG E 740 -20.38 -3.94 -35.61
CA ARG E 740 -21.74 -4.33 -35.26
C ARG E 740 -21.85 -5.83 -34.99
N TYR E 741 -20.87 -6.59 -35.44
CA TYR E 741 -20.82 -8.01 -35.17
C TYR E 741 -19.86 -8.30 -34.01
N PHE E 742 -20.43 -8.43 -32.81
CA PHE E 742 -19.66 -8.74 -31.61
C PHE E 742 -19.99 -10.15 -31.11
N THR E 743 -18.97 -10.96 -30.92
CA THR E 743 -19.17 -12.35 -30.53
C THR E 743 -18.47 -12.70 -29.23
N ALA E 744 -19.12 -13.54 -28.43
CA ALA E 744 -18.55 -14.05 -27.19
C ALA E 744 -18.69 -15.57 -27.16
N SER E 745 -17.70 -16.24 -26.59
CA SER E 745 -17.63 -17.70 -26.65
C SER E 745 -18.02 -18.34 -25.32
N LEU E 746 -18.53 -19.57 -25.40
CA LEU E 746 -18.83 -20.36 -24.20
C LEU E 746 -18.10 -21.68 -24.27
N PRO E 747 -17.10 -21.89 -23.39
CA PRO E 747 -16.31 -23.13 -23.40
C PRO E 747 -17.03 -24.31 -22.77
N PHE E 748 -16.41 -25.48 -22.85
CA PHE E 748 -16.93 -26.69 -22.20
C PHE E 748 -15.89 -27.24 -21.24
N GLU E 749 -16.32 -28.08 -20.31
CA GLU E 749 -15.41 -28.81 -19.44
C GLU E 749 -14.87 -30.03 -20.19
N LYS E 750 -13.76 -29.85 -20.90
CA LYS E 750 -13.22 -30.92 -21.73
C LYS E 750 -12.94 -32.16 -20.91
N ASN E 751 -13.41 -33.30 -21.42
CA ASN E 751 -13.15 -34.59 -20.81
C ASN E 751 -11.66 -34.90 -20.80
N CYS E 752 -11.03 -34.79 -19.65
CA CYS E 752 -9.61 -35.06 -19.53
C CYS E 752 -9.39 -36.48 -19.04
N GLY E 753 -10.36 -37.34 -19.31
CA GLY E 753 -10.27 -38.75 -18.95
C GLY E 753 -11.41 -39.19 -18.05
N ALA E 754 -11.47 -40.49 -17.76
CA ALA E 754 -12.47 -41.03 -16.84
C ALA E 754 -12.11 -40.64 -15.41
N ASP E 755 -11.17 -39.70 -15.27
CA ASP E 755 -10.72 -39.25 -13.97
C ASP E 755 -9.60 -38.24 -14.17
N HIS E 756 -8.72 -38.12 -13.18
CA HIS E 756 -7.51 -37.31 -13.32
C HIS E 756 -7.77 -35.81 -13.13
N ILE E 757 -9.04 -35.43 -13.07
CA ILE E 757 -9.46 -34.15 -12.48
C ILE E 757 -9.13 -32.89 -13.31
N CYS E 758 -8.31 -33.03 -14.34
CA CYS E 758 -8.05 -31.94 -15.29
C CYS E 758 -7.40 -30.72 -14.62
N GLN E 759 -6.10 -30.79 -14.36
CA GLN E 759 -5.39 -29.66 -13.74
C GLN E 759 -4.89 -28.66 -14.79
N ASP E 760 -5.32 -27.41 -14.65
CA ASP E 760 -4.87 -26.33 -15.54
C ASP E 760 -3.56 -25.73 -15.04
N ASN E 761 -2.45 -26.13 -15.63
CA ASN E 761 -1.15 -25.57 -15.26
C ASN E 761 -0.38 -25.02 -16.45
N LEU E 762 -0.35 -23.69 -16.57
CA LEU E 762 0.42 -23.03 -17.62
C LEU E 762 1.20 -21.87 -17.03
N GLY E 763 2.45 -21.73 -17.45
CA GLY E 763 3.27 -20.61 -17.05
C GLY E 763 3.58 -19.75 -18.26
N ILE E 764 4.31 -18.66 -18.06
CA ILE E 764 4.67 -17.79 -19.16
C ILE E 764 5.84 -16.86 -18.84
N SER E 765 6.60 -16.52 -19.87
CA SER E 765 7.75 -15.63 -19.71
C SER E 765 8.17 -15.08 -21.06
N PHE E 766 8.38 -13.77 -21.14
CA PHE E 766 8.78 -13.12 -22.38
C PHE E 766 9.93 -12.15 -22.16
N SER E 767 10.58 -11.77 -23.24
CA SER E 767 11.72 -10.86 -23.18
C SER E 767 11.76 -9.94 -24.40
N PHE E 768 12.81 -9.14 -24.49
CA PHE E 768 13.01 -8.23 -25.60
C PHE E 768 14.44 -8.39 -26.11
N PRO E 769 14.60 -9.08 -27.24
CA PRO E 769 15.90 -9.36 -27.85
C PRO E 769 16.59 -8.11 -28.41
N GLY E 770 17.69 -7.70 -27.78
CA GLY E 770 18.53 -6.64 -28.32
C GLY E 770 18.04 -5.22 -28.01
N LEU E 771 16.82 -5.12 -27.49
CA LEU E 771 16.21 -3.82 -27.18
C LEU E 771 17.11 -2.97 -26.28
N LYS E 772 17.61 -1.87 -26.82
CA LYS E 772 18.56 -1.01 -26.11
C LYS E 772 18.00 0.39 -25.85
N SER E 773 17.51 0.59 -24.64
CA SER E 773 17.16 1.93 -24.15
C SER E 773 15.73 2.38 -24.50
N LEU E 774 15.31 2.17 -25.75
CA LEU E 774 13.92 2.41 -26.15
C LEU E 774 13.48 3.87 -25.96
N LEU E 775 13.76 4.71 -26.96
CA LEU E 775 13.31 6.11 -26.94
C LEU E 775 12.19 6.30 -27.95
N VAL E 776 11.28 7.23 -27.66
CA VAL E 776 10.08 7.41 -28.47
C VAL E 776 10.38 8.22 -29.73
N GLY E 777 10.41 7.54 -30.87
CA GLY E 777 10.83 8.15 -32.11
C GLY E 777 11.56 7.11 -32.91
N SER E 778 12.71 6.70 -32.40
CA SER E 778 13.36 5.49 -32.90
C SER E 778 12.65 4.35 -32.22
N ASN E 779 12.99 3.13 -32.60
CA ASN E 779 12.37 1.97 -31.99
C ASN E 779 10.87 2.20 -32.00
N LEU E 780 10.29 2.24 -33.19
CA LEU E 780 8.84 2.38 -33.33
C LEU E 780 8.19 1.02 -33.11
N GLU E 781 8.58 0.03 -33.91
CA GLU E 781 8.10 -1.33 -33.69
C GLU E 781 8.84 -1.92 -32.51
N LEU E 782 8.14 -2.73 -31.72
CA LEU E 782 8.72 -3.31 -30.52
C LEU E 782 8.63 -4.83 -30.54
N ASN E 783 9.76 -5.49 -30.72
CA ASN E 783 9.80 -6.95 -30.88
C ASN E 783 9.82 -7.69 -29.55
N ALA E 784 8.76 -8.45 -29.28
CA ALA E 784 8.61 -9.22 -28.05
C ALA E 784 8.66 -10.72 -28.32
N GLU E 785 9.63 -11.39 -27.67
CA GLU E 785 9.80 -12.83 -27.80
C GLU E 785 9.22 -13.53 -26.57
N VAL E 786 7.99 -14.02 -26.68
CA VAL E 786 7.31 -14.66 -25.56
C VAL E 786 7.39 -16.18 -25.66
N MET E 787 7.86 -16.80 -24.59
CA MET E 787 7.83 -18.25 -24.43
C MET E 787 6.70 -18.61 -23.46
N VAL E 788 6.27 -19.87 -23.47
CA VAL E 788 5.14 -20.28 -22.64
C VAL E 788 5.15 -21.80 -22.37
N TRP E 789 4.70 -22.20 -21.18
CA TRP E 789 4.76 -23.60 -20.76
C TRP E 789 3.39 -24.27 -20.71
N ASN E 790 3.40 -25.57 -20.49
CA ASN E 790 2.17 -26.33 -20.24
C ASN E 790 2.45 -27.56 -19.37
N ASP E 791 2.69 -27.31 -18.09
CA ASP E 791 3.06 -28.38 -17.17
C ASP E 791 1.84 -29.06 -16.57
N GLY E 792 0.68 -28.82 -17.18
CA GLY E 792 -0.56 -29.42 -16.71
C GLY E 792 -1.43 -29.91 -17.85
N GLU E 793 -2.66 -30.27 -17.52
CA GLU E 793 -3.62 -30.75 -18.50
C GLU E 793 -3.62 -29.88 -19.77
N ASP E 794 -3.96 -30.50 -20.89
CA ASP E 794 -3.96 -29.82 -22.18
C ASP E 794 -4.86 -28.60 -22.16
N SER E 795 -4.29 -27.45 -22.53
CA SER E 795 -5.08 -26.25 -22.77
C SER E 795 -5.41 -26.22 -24.25
N TYR E 796 -6.70 -26.06 -24.56
CA TYR E 796 -7.14 -26.09 -25.95
C TYR E 796 -7.17 -24.69 -26.55
N GLY E 797 -8.21 -23.93 -26.21
CA GLY E 797 -8.33 -22.57 -26.70
C GLY E 797 -7.53 -21.59 -25.86
N THR E 798 -6.31 -22.01 -25.49
CA THR E 798 -5.43 -21.19 -24.67
C THR E 798 -5.31 -19.77 -25.19
N THR E 799 -5.55 -18.81 -24.32
CA THR E 799 -5.46 -17.39 -24.67
C THR E 799 -4.33 -16.71 -23.91
N ILE E 800 -3.71 -15.73 -24.55
CA ILE E 800 -2.60 -14.98 -23.95
C ILE E 800 -2.82 -13.47 -24.11
N THR E 801 -3.04 -12.80 -22.98
CA THR E 801 -3.43 -11.38 -22.98
C THR E 801 -2.35 -10.50 -22.33
N PHE E 802 -2.09 -9.34 -22.92
CA PHE E 802 -1.09 -8.41 -22.40
C PHE E 802 -1.72 -7.15 -21.80
N SER E 803 -1.01 -6.54 -20.85
CA SER E 803 -1.40 -5.21 -20.34
C SER E 803 -0.34 -4.17 -20.71
N HIS E 804 -0.77 -3.08 -21.35
CA HIS E 804 0.15 -2.05 -21.81
C HIS E 804 -0.43 -0.64 -21.72
N PRO E 805 0.45 0.38 -21.66
CA PRO E 805 0.06 1.78 -21.71
C PRO E 805 -0.53 2.17 -23.06
N ALA E 806 -1.40 3.16 -23.08
CA ALA E 806 -2.16 3.51 -24.30
C ALA E 806 -1.27 3.66 -25.53
N GLY E 807 0.02 3.93 -25.32
CA GLY E 807 0.92 4.32 -26.40
C GLY E 807 1.39 3.21 -27.32
N LEU E 808 0.60 2.15 -27.47
CA LEU E 808 0.95 1.08 -28.41
C LEU E 808 -0.16 0.03 -28.55
N SER E 809 -0.15 -0.68 -29.66
CA SER E 809 -1.09 -1.79 -29.91
C SER E 809 -0.43 -2.83 -30.81
N TYR E 810 -1.04 -4.01 -30.92
CA TYR E 810 -0.44 -5.14 -31.65
C TYR E 810 -0.69 -5.07 -33.14
N ARG E 811 0.32 -5.42 -33.93
CA ARG E 811 0.16 -5.58 -35.37
C ARG E 811 0.72 -6.93 -35.79
N TYR E 812 -0.06 -7.64 -36.61
CA TYR E 812 0.32 -8.96 -37.08
C TYR E 812 1.70 -8.94 -37.72
N VAL E 813 2.52 -9.93 -37.42
CA VAL E 813 3.87 -10.00 -37.96
C VAL E 813 3.88 -10.54 -39.40
N ALA E 814 3.25 -11.70 -39.62
CA ALA E 814 3.15 -12.28 -40.96
C ALA E 814 4.51 -12.46 -41.60
N GLU E 815 5.41 -13.14 -40.89
CA GLU E 815 6.76 -13.34 -41.41
C GLU E 815 6.92 -14.74 -41.97
N GLY E 816 7.87 -14.90 -42.89
CA GLY E 816 7.89 -16.09 -43.72
C GLY E 816 9.23 -16.55 -44.29
N GLN E 817 10.22 -15.67 -44.28
CA GLN E 817 11.13 -15.60 -45.40
C GLN E 817 12.64 -15.42 -45.10
N LYS E 818 13.19 -16.15 -44.13
CA LYS E 818 12.48 -17.16 -43.37
C LYS E 818 13.03 -17.20 -41.94
N GLN E 819 12.36 -17.98 -41.09
CA GLN E 819 12.66 -18.00 -39.67
C GLN E 819 11.66 -18.89 -38.95
N GLY E 820 12.08 -19.55 -37.87
CA GLY E 820 13.45 -19.55 -37.40
C GLY E 820 13.72 -20.91 -36.79
N GLN E 821 13.59 -20.98 -35.47
CA GLN E 821 13.21 -22.21 -34.79
C GLN E 821 11.92 -21.77 -34.12
N LEU E 822 11.06 -21.15 -34.93
CA LEU E 822 10.30 -19.99 -34.47
C LEU E 822 8.85 -19.93 -34.94
N ARG E 823 8.21 -18.81 -34.63
CA ARG E 823 6.79 -18.59 -34.91
C ARG E 823 6.30 -19.15 -36.23
N SER E 824 5.14 -19.81 -36.15
CA SER E 824 4.59 -20.62 -37.23
C SER E 824 3.09 -20.37 -37.25
N LEU E 825 2.69 -19.31 -36.57
CA LEU E 825 1.49 -19.36 -35.74
C LEU E 825 0.37 -18.40 -36.14
N HIS E 826 -0.75 -18.96 -36.58
CA HIS E 826 -1.95 -18.16 -36.81
C HIS E 826 -2.66 -17.94 -35.49
N LEU E 827 -2.76 -16.68 -35.08
CA LEU E 827 -3.37 -16.34 -33.81
C LEU E 827 -4.26 -15.10 -33.95
N THR E 828 -5.34 -15.07 -33.19
CA THR E 828 -6.30 -13.99 -33.27
C THR E 828 -6.17 -13.05 -32.07
N CYS E 829 -5.99 -11.76 -32.34
CA CYS E 829 -5.78 -10.79 -31.28
C CYS E 829 -6.80 -9.66 -31.36
N ASP E 830 -7.32 -9.24 -30.21
CA ASP E 830 -8.28 -8.15 -30.13
C ASP E 830 -7.89 -7.14 -29.04
N SER E 831 -7.55 -5.93 -29.46
CA SER E 831 -7.25 -4.85 -28.52
C SER E 831 -8.52 -4.27 -27.93
N ALA E 832 -8.39 -3.61 -26.78
CA ALA E 832 -9.56 -3.05 -26.10
C ALA E 832 -9.14 -2.30 -24.84
N PRO E 833 -9.84 -1.20 -24.52
CA PRO E 833 -9.57 -0.40 -23.32
C PRO E 833 -10.10 -1.04 -22.04
N VAL E 834 -9.31 -1.02 -20.98
CA VAL E 834 -9.64 -1.71 -19.75
C VAL E 834 -9.60 -0.80 -18.53
N GLY E 835 -8.40 -0.51 -18.07
CA GLY E 835 -8.18 0.15 -16.79
C GLY E 835 -8.94 1.45 -16.61
N SER E 836 -8.99 1.93 -15.38
CA SER E 836 -9.69 3.16 -15.04
C SER E 836 -9.28 4.28 -15.99
N GLN E 837 -7.98 4.53 -16.08
CA GLN E 837 -7.48 5.58 -16.94
C GLN E 837 -6.02 5.38 -17.32
N GLY E 838 -5.79 4.86 -18.52
CA GLY E 838 -4.48 4.89 -19.13
C GLY E 838 -4.09 3.60 -19.82
N THR E 839 -4.18 2.50 -19.07
CA THR E 839 -3.75 1.19 -19.57
C THR E 839 -4.90 0.44 -20.24
N TRP E 840 -4.59 -0.67 -20.89
CA TRP E 840 -5.60 -1.46 -21.59
C TRP E 840 -5.00 -2.73 -22.19
N SER E 841 -5.86 -3.73 -22.42
CA SER E 841 -5.41 -5.07 -22.74
C SER E 841 -5.60 -5.46 -24.21
N THR E 842 -4.60 -6.14 -24.76
CA THR E 842 -4.70 -6.76 -26.07
C THR E 842 -4.59 -8.29 -25.95
N SER E 843 -5.73 -8.97 -25.95
CA SER E 843 -5.75 -10.42 -25.82
C SER E 843 -5.38 -11.07 -27.16
N CYS E 844 -4.90 -12.31 -27.11
CA CYS E 844 -4.51 -13.03 -28.31
C CYS E 844 -4.62 -14.54 -28.13
N ARG E 845 -5.76 -15.11 -28.52
CA ARG E 845 -5.98 -16.55 -28.37
C ARG E 845 -5.40 -17.34 -29.52
N ILE E 846 -4.52 -18.28 -29.24
CA ILE E 846 -3.98 -19.15 -30.29
C ILE E 846 -5.14 -19.86 -30.96
N ASN E 847 -5.58 -19.28 -32.07
CA ASN E 847 -6.86 -19.61 -32.66
C ASN E 847 -7.11 -21.12 -32.79
N HIS E 848 -6.48 -21.74 -33.78
CA HIS E 848 -6.92 -23.05 -34.23
C HIS E 848 -5.91 -24.18 -34.07
N LEU E 849 -5.61 -24.54 -32.83
CA LEU E 849 -4.99 -25.83 -32.54
C LEU E 849 -4.55 -25.96 -31.08
N ILE E 850 -4.16 -27.17 -30.72
CA ILE E 850 -4.00 -27.53 -29.31
C ILE E 850 -2.59 -27.33 -28.78
N PHE E 851 -2.53 -27.10 -27.47
CA PHE E 851 -1.28 -26.97 -26.75
C PHE E 851 -1.23 -28.09 -25.72
N ARG E 852 -0.52 -29.16 -26.04
CA ARG E 852 -0.57 -30.39 -25.25
C ARG E 852 0.66 -30.62 -24.40
N GLY E 853 0.49 -31.44 -23.36
CA GLY E 853 1.58 -31.89 -22.53
C GLY E 853 2.51 -30.80 -22.05
N GLY E 854 3.68 -31.21 -21.57
CA GLY E 854 4.68 -30.27 -21.07
C GLY E 854 5.42 -29.57 -22.19
N ALA E 855 4.81 -29.53 -23.36
CA ALA E 855 5.42 -28.89 -24.52
C ALA E 855 5.42 -27.38 -24.34
N GLN E 856 6.54 -26.76 -24.69
CA GLN E 856 6.65 -25.31 -24.65
C GLN E 856 6.61 -24.79 -26.08
N ILE E 857 6.23 -23.53 -26.24
CA ILE E 857 6.20 -22.91 -27.56
C ILE E 857 6.56 -21.43 -27.46
N THR E 858 7.14 -20.91 -28.55
CA THR E 858 7.57 -19.52 -28.59
C THR E 858 7.06 -18.84 -29.86
N PHE E 859 6.41 -17.70 -29.70
CA PHE E 859 5.98 -16.92 -30.86
C PHE E 859 6.45 -15.48 -30.72
N LEU E 860 6.23 -14.68 -31.77
CA LEU E 860 6.66 -13.30 -31.78
C LEU E 860 5.48 -12.36 -31.99
N ALA E 861 5.31 -11.43 -31.06
CA ALA E 861 4.23 -10.46 -31.10
C ALA E 861 4.80 -9.05 -31.05
N THR E 862 4.54 -8.27 -32.10
CA THR E 862 5.13 -6.93 -32.22
C THR E 862 4.12 -5.81 -31.94
N PHE E 863 4.53 -4.84 -31.12
CA PHE E 863 3.71 -3.66 -30.81
C PHE E 863 4.27 -2.36 -31.37
N ASP E 864 3.52 -1.73 -32.27
CA ASP E 864 3.88 -0.40 -32.78
C ASP E 864 3.71 0.63 -31.67
N VAL E 865 4.66 1.55 -31.58
CA VAL E 865 4.60 2.61 -30.57
C VAL E 865 4.56 3.97 -31.25
N SER E 866 3.64 4.83 -30.80
CA SER E 866 3.49 6.16 -31.39
C SER E 866 4.66 7.06 -30.98
N PRO E 867 5.15 7.86 -31.95
CA PRO E 867 6.24 8.82 -31.70
C PRO E 867 5.90 9.82 -30.61
N LYS E 868 4.60 10.03 -30.39
CA LYS E 868 4.15 10.86 -29.28
C LYS E 868 3.45 9.96 -28.27
N ALA E 869 4.22 9.01 -27.73
CA ALA E 869 3.68 8.03 -26.80
C ALA E 869 3.66 8.60 -25.39
N VAL E 870 2.47 8.96 -24.93
CA VAL E 870 2.29 9.44 -23.57
C VAL E 870 2.41 8.28 -22.59
N LEU E 871 3.45 8.32 -21.77
CA LEU E 871 3.70 7.25 -20.81
C LEU E 871 4.75 7.72 -19.79
N GLY E 872 4.65 7.21 -18.57
CA GLY E 872 5.58 7.59 -17.51
C GLY E 872 7.03 7.48 -17.93
N ASP E 873 7.93 7.87 -17.03
CA ASP E 873 9.37 7.71 -17.27
C ASP E 873 9.74 6.23 -17.29
N ARG E 874 8.77 5.37 -17.00
CA ARG E 874 8.93 3.93 -17.13
C ARG E 874 7.64 3.30 -17.62
N LEU E 875 7.76 2.23 -18.43
CA LEU E 875 6.58 1.54 -18.94
C LEU E 875 6.68 0.05 -18.65
N LEU E 876 5.67 -0.47 -17.95
CA LEU E 876 5.62 -1.88 -17.60
C LEU E 876 4.57 -2.58 -18.46
N LEU E 877 4.63 -3.90 -18.50
CA LEU E 877 3.62 -4.66 -19.21
C LEU E 877 3.61 -6.10 -18.73
N THR E 878 2.43 -6.72 -18.78
CA THR E 878 2.22 -8.03 -18.21
C THR E 878 1.70 -9.02 -19.25
N ALA E 879 1.57 -10.27 -18.82
CA ALA E 879 1.10 -11.34 -19.70
C ALA E 879 0.31 -12.35 -18.90
N ASN E 880 -1.02 -12.20 -18.89
CA ASN E 880 -1.93 -13.19 -18.32
C ASN E 880 -2.05 -14.38 -19.26
N VAL E 881 -1.85 -15.58 -18.73
CA VAL E 881 -1.95 -16.78 -19.55
C VAL E 881 -2.85 -17.82 -18.88
N SER E 882 -3.74 -18.43 -19.66
CA SER E 882 -4.66 -19.44 -19.15
C SER E 882 -5.21 -20.30 -20.29
N SER E 883 -5.99 -21.30 -19.94
CA SER E 883 -6.58 -22.22 -20.93
C SER E 883 -7.96 -21.74 -21.36
N GLU E 884 -8.49 -22.35 -22.43
CA GLU E 884 -9.84 -22.01 -22.88
C GLU E 884 -10.86 -22.18 -21.75
N ASN E 885 -10.57 -23.10 -20.85
CA ASN E 885 -11.46 -23.36 -19.72
C ASN E 885 -11.31 -22.33 -18.60
N ASN E 886 -10.94 -21.10 -18.99
CA ASN E 886 -10.86 -20.00 -18.05
C ASN E 886 -9.87 -20.29 -16.92
N THR E 887 -9.90 -19.44 -15.89
CA THR E 887 -9.01 -19.61 -14.75
C THR E 887 -9.81 -20.02 -13.51
N PRO E 888 -9.98 -21.33 -13.31
CA PRO E 888 -10.84 -21.87 -12.26
C PRO E 888 -10.37 -21.57 -10.84
N ARG E 889 -9.12 -21.12 -10.65
CA ARG E 889 -8.59 -20.99 -9.30
C ARG E 889 -7.85 -19.69 -8.98
N THR E 890 -6.97 -19.77 -7.98
CA THR E 890 -6.70 -18.68 -7.07
C THR E 890 -5.65 -17.68 -7.53
N SER E 891 -4.39 -18.10 -7.54
CA SER E 891 -3.30 -17.17 -7.82
C SER E 891 -2.98 -17.13 -9.30
N LYS E 892 -3.14 -15.96 -9.92
CA LYS E 892 -2.89 -15.78 -11.34
C LYS E 892 -1.41 -16.01 -11.66
N THR E 893 -1.13 -16.45 -12.88
CA THR E 893 0.23 -16.63 -13.34
C THR E 893 0.61 -15.55 -14.34
N THR E 894 0.69 -14.31 -13.84
CA THR E 894 1.01 -13.17 -14.68
C THR E 894 2.53 -12.94 -14.67
N PHE E 895 3.08 -12.51 -15.81
CA PHE E 895 4.50 -12.17 -15.89
C PHE E 895 4.70 -10.75 -16.40
N GLN E 896 5.40 -9.94 -15.61
CA GLN E 896 5.58 -8.54 -15.95
C GLN E 896 7.05 -8.13 -15.91
N LEU E 897 7.36 -7.03 -16.59
CA LEU E 897 8.66 -6.37 -16.46
C LEU E 897 8.52 -4.88 -16.73
N GLU E 898 9.43 -4.08 -16.16
CA GLU E 898 9.39 -2.63 -16.28
C GLU E 898 10.67 -2.09 -16.91
N LEU E 899 10.52 -1.15 -17.84
CA LEU E 899 11.64 -0.63 -18.61
C LEU E 899 11.79 0.89 -18.46
N PRO E 900 13.04 1.38 -18.39
CA PRO E 900 13.29 2.83 -18.49
C PRO E 900 12.94 3.36 -19.89
N VAL E 901 12.22 4.48 -19.95
CA VAL E 901 11.83 5.06 -21.23
C VAL E 901 12.44 6.44 -21.43
N LYS E 902 12.94 6.69 -22.64
CA LYS E 902 13.42 8.01 -23.01
C LYS E 902 12.58 8.57 -24.17
N TYR E 903 13.03 9.67 -24.75
CA TYR E 903 12.27 10.34 -25.80
C TYR E 903 13.20 11.03 -26.78
N ALA E 904 12.85 10.96 -28.07
CA ALA E 904 13.69 11.50 -29.13
C ALA E 904 13.68 13.02 -29.10
N VAL E 905 14.79 13.61 -29.56
CA VAL E 905 14.91 15.06 -29.66
C VAL E 905 15.95 15.40 -30.72
N TYR E 906 15.72 16.49 -31.44
CA TYR E 906 16.69 16.98 -32.44
C TYR E 906 17.24 18.31 -31.97
N THR E 907 18.51 18.32 -31.58
CA THR E 907 19.15 19.52 -31.08
C THR E 907 20.45 19.81 -31.83
N VAL E 908 20.45 20.91 -32.59
CA VAL E 908 21.56 21.24 -33.47
C VAL E 908 22.10 22.62 -33.15
N VAL E 909 23.37 22.86 -33.48
CA VAL E 909 24.01 24.13 -33.21
C VAL E 909 25.08 24.44 -34.25
N SER E 910 25.02 25.65 -34.82
CA SER E 910 25.96 26.04 -35.85
C SER E 910 26.75 27.27 -35.42
N SER E 911 27.83 27.54 -36.14
CA SER E 911 28.67 28.70 -35.88
C SER E 911 28.35 29.80 -36.89
N HIS E 912 27.54 30.76 -36.48
CA HIS E 912 27.08 31.83 -37.36
C HIS E 912 28.25 32.48 -38.08
N GLU E 913 28.05 32.84 -39.34
CA GLU E 913 29.12 33.33 -40.19
C GLU E 913 29.53 34.78 -39.89
N GLN E 914 28.99 35.34 -38.81
CA GLN E 914 29.44 36.64 -38.32
C GLN E 914 30.60 36.46 -37.35
N PHE E 915 31.61 35.72 -37.80
CA PHE E 915 32.73 35.33 -36.96
C PHE E 915 34.04 36.02 -37.35
N THR E 916 34.81 36.44 -36.35
CA THR E 916 35.95 37.32 -36.55
C THR E 916 37.27 36.62 -36.90
N LYS E 917 37.54 36.46 -38.19
CA LYS E 917 38.84 35.99 -38.65
C LYS E 917 39.59 37.19 -39.23
N TYR E 918 40.45 37.81 -38.42
CA TYR E 918 40.88 39.19 -38.68
C TYR E 918 42.37 39.41 -38.96
N LEU E 919 43.16 38.35 -38.90
CA LEU E 919 44.62 38.48 -39.05
C LEU E 919 45.03 39.57 -40.05
N ASN E 920 46.05 40.34 -39.69
CA ASN E 920 46.69 41.24 -40.66
C ASN E 920 48.04 41.75 -40.14
N PHE E 921 48.89 42.20 -41.05
CA PHE E 921 50.32 42.32 -40.80
C PHE E 921 50.73 43.39 -39.78
N SER E 922 49.86 44.35 -39.52
CA SER E 922 50.20 45.46 -38.62
C SER E 922 50.32 44.99 -37.17
N GLU E 923 51.54 44.65 -36.77
CA GLU E 923 51.81 44.17 -35.42
C GLU E 923 53.09 44.79 -34.89
N SER E 924 53.00 46.05 -34.50
CA SER E 924 54.16 46.75 -33.97
C SER E 924 54.28 46.53 -32.47
N GLU E 925 53.19 46.77 -31.75
CA GLU E 925 53.20 46.64 -30.31
C GLU E 925 52.21 45.58 -29.83
N GLU E 926 52.15 45.40 -28.52
CA GLU E 926 51.26 44.45 -27.90
C GLU E 926 50.08 45.17 -27.27
N LYS E 927 49.06 45.42 -28.09
CA LYS E 927 47.89 46.17 -27.67
C LYS E 927 46.86 45.22 -27.07
N GLU E 928 45.60 45.65 -27.04
CA GLU E 928 44.57 44.88 -26.36
C GLU E 928 43.32 44.63 -27.19
N SER E 929 42.63 45.70 -27.57
CA SER E 929 41.20 45.60 -27.88
C SER E 929 40.86 45.58 -29.37
N HIS E 930 40.98 44.41 -29.98
CA HIS E 930 40.31 44.16 -31.26
C HIS E 930 39.31 43.04 -31.03
N VAL E 931 38.59 43.16 -29.93
CA VAL E 931 37.60 42.16 -29.50
C VAL E 931 37.05 41.32 -30.66
N ALA E 932 37.13 40.00 -30.51
CA ALA E 932 36.58 39.08 -31.50
C ALA E 932 35.17 38.64 -31.06
N MET E 933 34.40 38.13 -32.02
CA MET E 933 32.99 37.88 -31.81
C MET E 933 32.59 36.52 -32.34
N HIS E 934 32.40 35.56 -31.45
CA HIS E 934 31.95 34.23 -31.82
C HIS E 934 30.45 34.08 -31.58
N ARG E 935 29.66 34.19 -32.64
CA ARG E 935 28.21 34.02 -32.53
C ARG E 935 27.83 32.57 -32.78
N TYR E 936 27.04 32.02 -31.87
CA TYR E 936 26.54 30.66 -32.02
C TYR E 936 25.02 30.67 -32.05
N GLN E 937 24.44 29.99 -33.02
CA GLN E 937 22.99 29.86 -33.13
C GLN E 937 22.60 28.41 -32.90
N VAL E 938 21.51 28.21 -32.17
CA VAL E 938 21.06 26.87 -31.84
C VAL E 938 19.54 26.77 -31.98
N ASN E 939 19.06 25.59 -32.32
CA ASN E 939 17.63 25.36 -32.52
C ASN E 939 17.32 23.87 -32.52
N ASN E 940 16.12 23.51 -32.04
CA ASN E 940 15.74 22.10 -31.99
C ASN E 940 14.54 21.79 -32.88
N LEU E 941 14.72 20.83 -33.79
CA LEU E 941 13.65 20.40 -34.67
C LEU E 941 12.94 19.20 -34.06
N GLY E 942 13.13 19.00 -32.76
CA GLY E 942 12.45 17.94 -32.04
C GLY E 942 10.95 18.16 -32.10
N GLN E 943 10.23 17.57 -31.16
CA GLN E 943 8.79 17.75 -31.12
C GLN E 943 8.30 17.81 -29.68
N ARG E 944 9.20 18.18 -28.77
CA ARG E 944 8.86 18.34 -27.36
C ARG E 944 9.71 19.44 -26.72
N ASP E 945 9.04 20.29 -25.93
CA ASP E 945 9.72 21.30 -25.12
C ASP E 945 10.54 20.61 -24.05
N LEU E 946 11.82 20.97 -23.94
CA LEU E 946 12.73 20.27 -23.05
C LEU E 946 13.83 21.17 -22.54
N PRO E 947 14.03 21.23 -21.22
CA PRO E 947 15.12 22.05 -20.68
C PRO E 947 16.46 21.65 -21.28
N VAL E 948 17.37 22.62 -21.41
CA VAL E 948 18.72 22.36 -21.88
C VAL E 948 19.74 23.30 -21.24
N SER E 949 21.01 22.96 -21.39
CA SER E 949 22.08 23.74 -20.82
C SER E 949 23.21 23.80 -21.83
N ILE E 950 23.44 24.98 -22.40
CA ILE E 950 24.46 25.15 -23.42
C ILE E 950 25.81 25.48 -22.80
N ASN E 951 26.77 24.56 -22.97
CA ASN E 951 28.12 24.75 -22.44
C ASN E 951 29.04 25.41 -23.47
N PHE E 952 30.10 26.05 -22.98
CA PHE E 952 31.08 26.69 -23.85
C PHE E 952 32.51 26.44 -23.38
N TRP E 953 33.48 26.85 -24.18
CA TRP E 953 34.88 26.69 -23.84
C TRP E 953 35.73 27.76 -24.53
N VAL E 954 36.16 28.75 -23.76
CA VAL E 954 36.90 29.89 -24.31
C VAL E 954 38.26 30.05 -23.64
N PRO E 955 39.34 29.88 -24.41
CA PRO E 955 40.70 30.01 -23.87
C PRO E 955 40.96 31.38 -23.26
N VAL E 956 41.77 31.43 -22.21
CA VAL E 956 42.18 32.69 -21.60
C VAL E 956 43.61 32.55 -21.09
N GLU E 957 43.76 32.30 -19.80
CA GLU E 957 45.09 32.14 -19.21
C GLU E 957 45.95 31.21 -20.06
N LEU E 958 47.21 31.59 -20.22
CA LEU E 958 48.18 30.78 -20.95
C LEU E 958 49.56 30.99 -20.35
N ASN E 959 49.84 30.26 -19.27
CA ASN E 959 51.09 30.45 -18.55
C ASN E 959 51.14 31.85 -17.94
N GLN E 960 50.07 32.23 -17.24
CA GLN E 960 49.93 33.56 -16.66
C GLN E 960 49.66 34.62 -17.72
N GLU E 961 49.98 34.31 -18.97
CA GLU E 961 49.81 35.26 -20.07
C GLU E 961 48.39 35.14 -20.65
N ALA E 962 47.53 36.09 -20.30
CA ALA E 962 46.15 36.08 -20.76
C ALA E 962 46.06 36.05 -22.29
N VAL E 963 45.11 35.29 -22.81
CA VAL E 963 44.87 35.21 -24.25
C VAL E 963 43.92 36.32 -24.66
N TRP E 964 42.70 36.27 -24.14
CA TRP E 964 41.78 37.41 -24.26
C TRP E 964 40.91 37.56 -23.03
N MET E 965 40.81 38.81 -22.57
CA MET E 965 40.33 39.11 -21.22
C MET E 965 38.87 39.55 -21.20
N ASP E 966 38.31 39.64 -20.00
CA ASP E 966 36.97 40.16 -19.79
C ASP E 966 35.99 39.64 -20.82
N VAL E 967 35.99 38.32 -21.01
CA VAL E 967 35.10 37.70 -21.97
C VAL E 967 33.78 37.35 -21.30
N GLU E 968 32.69 37.84 -21.88
CA GLU E 968 31.36 37.51 -21.39
C GLU E 968 30.48 37.09 -22.58
N VAL E 969 29.25 36.70 -22.29
CA VAL E 969 28.34 36.24 -23.33
C VAL E 969 27.01 37.00 -23.33
N SER E 970 26.75 37.69 -24.43
CA SER E 970 25.50 38.41 -24.60
C SER E 970 24.40 37.46 -25.05
N HIS E 971 23.18 37.71 -24.61
CA HIS E 971 22.04 36.87 -25.00
C HIS E 971 20.90 37.71 -25.57
N PRO E 972 21.11 38.31 -26.75
CA PRO E 972 20.12 39.21 -27.35
C PRO E 972 18.83 38.51 -27.78
N GLN E 973 17.83 39.30 -28.14
CA GLN E 973 16.56 38.78 -28.63
C GLN E 973 15.94 37.79 -27.65
N ASN E 974 16.40 37.82 -26.41
CA ASN E 974 15.93 36.89 -25.39
C ASN E 974 16.23 37.40 -23.98
N PRO E 975 15.39 37.02 -23.00
CA PRO E 975 15.51 37.48 -21.62
C PRO E 975 16.92 37.38 -21.06
N SER E 976 17.21 38.07 -19.97
CA SER E 976 18.51 37.97 -19.33
C SER E 976 18.61 36.65 -18.59
N LEU E 977 19.27 35.68 -19.21
CA LEU E 977 19.42 34.36 -18.63
C LEU E 977 20.67 34.29 -17.76
N ARG E 978 20.75 33.27 -16.92
CA ARG E 978 21.86 33.13 -15.99
C ARG E 978 22.90 32.17 -16.55
N CYS E 979 24.16 32.58 -16.52
CA CYS E 979 25.24 31.74 -17.01
C CYS E 979 26.34 31.58 -15.97
N SER E 980 26.99 30.41 -15.98
CA SER E 980 28.02 30.09 -15.00
C SER E 980 29.41 30.23 -15.60
N SER E 981 30.42 30.32 -14.74
CA SER E 981 31.80 30.52 -15.19
C SER E 981 32.77 29.76 -14.30
N GLU E 982 33.68 29.00 -14.92
CA GLU E 982 34.65 28.20 -14.19
C GLU E 982 35.94 28.03 -14.99
N LYS E 983 37.08 28.31 -14.35
CA LYS E 983 38.38 28.15 -14.99
C LYS E 983 38.90 26.73 -14.78
N ILE E 984 39.66 26.22 -15.76
CA ILE E 984 40.25 24.89 -15.65
C ILE E 984 41.59 24.80 -16.38
N ALA E 985 42.52 24.03 -15.80
CA ALA E 985 43.85 23.90 -16.35
C ALA E 985 44.03 22.55 -17.06
N PRO E 986 44.40 22.59 -18.35
CA PRO E 986 44.61 21.41 -19.20
C PRO E 986 45.74 20.50 -18.70
N PRO E 987 46.06 19.43 -19.46
CA PRO E 987 46.99 18.39 -19.00
C PRO E 987 48.44 18.87 -18.82
N ALA E 988 48.78 20.01 -19.42
CA ALA E 988 50.09 20.63 -19.24
C ALA E 988 51.20 19.90 -19.99
N SER E 989 50.85 19.26 -21.09
CA SER E 989 51.84 18.61 -21.94
C SER E 989 52.78 19.66 -22.51
N ASP E 990 53.80 19.22 -23.22
CA ASP E 990 54.72 20.14 -23.88
C ASP E 990 53.99 20.89 -24.98
N PHE E 991 53.53 22.10 -24.68
CA PHE E 991 52.76 22.89 -25.63
C PHE E 991 53.65 23.47 -26.74
N LEU E 992 54.94 23.55 -26.48
CA LEU E 992 55.89 23.97 -27.50
C LEU E 992 55.65 23.19 -28.79
N ALA E 993 55.91 21.88 -28.73
CA ALA E 993 55.76 21.02 -29.91
C ALA E 993 54.30 20.78 -30.26
N HIS E 994 53.44 20.82 -29.26
CA HIS E 994 52.03 20.50 -29.45
C HIS E 994 51.44 21.31 -30.60
N ILE E 995 51.41 22.63 -30.44
CA ILE E 995 50.79 23.49 -31.44
C ILE E 995 51.70 23.68 -32.65
N GLN E 996 52.94 23.19 -32.56
CA GLN E 996 53.83 23.21 -33.71
C GLN E 996 53.30 22.24 -34.76
N LYS E 997 52.73 21.14 -34.29
CA LYS E 997 52.00 20.24 -35.18
C LYS E 997 50.92 21.04 -35.90
N ASN E 998 50.03 21.63 -35.11
CA ASN E 998 48.87 22.35 -35.64
C ASN E 998 48.75 23.70 -34.93
N PRO E 999 48.81 24.79 -35.69
CA PRO E 999 48.74 26.15 -35.14
C PRO E 999 47.53 26.37 -34.22
N VAL E 1000 46.57 25.45 -34.26
CA VAL E 1000 45.36 25.56 -33.44
C VAL E 1000 45.69 25.80 -31.97
N LEU E 1001 44.78 26.46 -31.26
CA LEU E 1001 44.91 26.64 -29.82
C LEU E 1001 43.59 26.22 -29.17
N ASP E 1002 43.37 24.91 -29.09
CA ASP E 1002 42.21 24.39 -28.39
C ASP E 1002 42.44 24.59 -26.89
N CYS E 1003 41.44 24.23 -26.09
CA CYS E 1003 41.50 24.46 -24.65
C CYS E 1003 42.48 23.53 -23.97
N SER E 1004 43.00 22.54 -24.70
CA SER E 1004 43.90 21.54 -24.12
C SER E 1004 45.28 22.11 -23.83
N ILE E 1005 45.55 23.31 -24.32
CA ILE E 1005 46.84 23.94 -24.12
C ILE E 1005 46.74 25.11 -23.15
N ALA E 1006 45.82 26.02 -23.44
CA ALA E 1006 45.65 27.21 -22.62
C ALA E 1006 44.49 27.02 -21.64
N GLY E 1007 44.71 27.44 -20.40
CA GLY E 1007 43.66 27.40 -19.39
C GLY E 1007 42.36 27.94 -19.94
N CYS E 1008 41.39 27.06 -20.12
CA CYS E 1008 40.14 27.42 -20.77
C CYS E 1008 39.12 27.98 -19.76
N LEU E 1009 37.92 28.32 -20.26
CA LEU E 1009 36.88 28.89 -19.41
C LEU E 1009 35.49 28.38 -19.83
N ARG E 1010 34.89 27.54 -18.99
CA ARG E 1010 33.60 26.91 -19.29
C ARG E 1010 32.43 27.79 -18.89
N PHE E 1011 31.52 28.02 -19.83
CA PHE E 1011 30.30 28.77 -19.56
C PHE E 1011 29.09 27.85 -19.58
N ARG E 1012 28.42 27.71 -18.45
CA ARG E 1012 27.25 26.86 -18.35
C ARG E 1012 26.00 27.71 -18.34
N CYS E 1013 25.48 28.00 -19.53
CA CYS E 1013 24.28 28.79 -19.67
C CYS E 1013 23.04 27.90 -19.68
N ASP E 1014 22.39 27.82 -18.53
CA ASP E 1014 21.19 27.01 -18.37
C ASP E 1014 20.03 27.57 -19.16
N VAL E 1015 18.99 26.76 -19.36
CA VAL E 1015 17.81 27.18 -20.10
C VAL E 1015 16.56 26.59 -19.49
N PRO E 1016 15.56 27.45 -19.20
CA PRO E 1016 14.34 26.96 -18.56
C PRO E 1016 13.67 25.91 -19.41
N SER E 1017 13.17 26.32 -20.58
CA SER E 1017 12.44 25.43 -21.45
C SER E 1017 12.70 25.82 -22.90
N PHE E 1018 13.53 25.03 -23.56
CA PHE E 1018 13.91 25.29 -24.94
C PHE E 1018 12.82 24.85 -25.91
N SER E 1019 11.67 25.51 -25.86
CA SER E 1019 10.53 25.17 -26.71
C SER E 1019 11.00 24.77 -28.10
N VAL E 1020 10.30 23.82 -28.71
CA VAL E 1020 10.66 23.34 -30.04
C VAL E 1020 10.50 24.49 -31.03
N GLN E 1021 11.35 24.50 -32.07
CA GLN E 1021 11.30 25.50 -33.12
C GLN E 1021 12.03 26.78 -32.70
N GLU E 1022 12.14 27.01 -31.39
CA GLU E 1022 12.84 28.19 -30.88
C GLU E 1022 14.29 28.17 -31.33
N GLU E 1023 14.68 29.18 -32.09
CA GLU E 1023 16.06 29.27 -32.57
C GLU E 1023 16.91 30.08 -31.61
N LEU E 1024 16.59 30.00 -30.32
CA LEU E 1024 17.29 30.75 -29.29
C LEU E 1024 18.79 30.80 -29.58
N ASP E 1025 19.28 31.98 -29.95
CA ASP E 1025 20.71 32.15 -30.26
C ASP E 1025 21.34 33.28 -29.43
N PHE E 1026 22.66 33.24 -29.31
CA PHE E 1026 23.39 34.26 -28.59
C PHE E 1026 24.88 34.24 -28.96
N THR E 1027 25.62 35.27 -28.58
CA THR E 1027 27.01 35.40 -28.96
C THR E 1027 27.90 35.78 -27.78
N LEU E 1028 29.22 35.59 -27.95
CA LEU E 1028 30.19 35.93 -26.92
C LEU E 1028 31.34 36.75 -27.50
N LYS E 1029 31.79 37.76 -26.74
CA LYS E 1029 32.88 38.63 -27.19
C LYS E 1029 33.81 38.98 -26.04
N GLY E 1030 35.02 39.40 -26.38
CA GLY E 1030 35.98 39.89 -25.39
C GLY E 1030 37.21 40.49 -26.04
N ASN E 1031 37.68 41.62 -25.51
CA ASN E 1031 38.90 42.24 -26.02
C ASN E 1031 40.02 41.21 -26.09
N LEU E 1032 40.56 41.00 -27.29
CA LEU E 1032 41.55 39.95 -27.51
C LEU E 1032 42.99 40.48 -27.46
N SER E 1033 43.73 40.07 -26.44
CA SER E 1033 45.09 40.56 -26.23
C SER E 1033 46.06 39.98 -27.25
N PHE E 1034 47.05 40.78 -27.62
CA PHE E 1034 48.06 40.37 -28.59
C PHE E 1034 49.35 39.93 -27.91
N GLY E 1035 49.39 40.07 -26.58
CA GLY E 1035 50.60 39.80 -25.81
C GLY E 1035 51.07 38.36 -25.87
N TRP E 1036 50.16 37.43 -25.65
CA TRP E 1036 50.49 36.01 -25.60
C TRP E 1036 51.01 35.46 -26.94
N VAL E 1037 50.86 36.24 -28.00
CA VAL E 1037 51.23 35.78 -29.34
C VAL E 1037 52.71 35.43 -29.45
N ARG E 1038 53.54 36.14 -28.70
CA ARG E 1038 54.99 35.90 -28.70
C ARG E 1038 55.36 34.72 -27.83
N GLN E 1039 54.53 34.45 -26.83
CA GLN E 1039 54.78 33.39 -25.86
C GLN E 1039 55.12 32.06 -26.52
N ILE E 1040 54.63 31.84 -27.74
CA ILE E 1040 54.79 30.55 -28.39
C ILE E 1040 55.79 30.56 -29.55
N LEU E 1041 56.22 31.75 -29.95
CA LEU E 1041 57.30 31.89 -30.93
C LEU E 1041 56.91 31.32 -32.28
N GLN E 1042 55.77 31.76 -32.80
CA GLN E 1042 55.36 31.45 -34.17
C GLN E 1042 54.37 32.49 -34.66
N LYS E 1043 53.96 32.36 -35.92
CA LYS E 1043 53.00 33.29 -36.51
C LYS E 1043 51.88 32.54 -37.21
N LYS E 1044 50.78 33.24 -37.48
CA LYS E 1044 49.62 32.65 -38.13
C LYS E 1044 48.94 31.64 -37.21
N VAL E 1045 49.06 31.84 -35.90
CA VAL E 1045 48.39 31.00 -34.93
C VAL E 1045 46.89 31.21 -35.03
N SER E 1046 46.10 30.29 -34.49
CA SER E 1046 44.65 30.44 -34.50
C SER E 1046 44.01 29.88 -33.23
N VAL E 1047 43.24 30.72 -32.54
CA VAL E 1047 42.58 30.31 -31.31
C VAL E 1047 41.15 29.83 -31.61
N VAL E 1048 40.74 28.75 -30.94
CA VAL E 1048 39.43 28.16 -31.18
C VAL E 1048 38.56 28.16 -29.94
N SER E 1049 37.26 28.32 -30.14
CA SER E 1049 36.28 28.16 -29.06
C SER E 1049 35.33 27.02 -29.41
N VAL E 1050 35.09 26.13 -28.46
CA VAL E 1050 34.20 25.00 -28.65
C VAL E 1050 32.87 25.24 -27.93
N ALA E 1051 31.78 24.93 -28.60
CA ALA E 1051 30.45 25.13 -28.03
C ALA E 1051 29.64 23.86 -28.17
N GLU E 1052 29.25 23.30 -27.04
CA GLU E 1052 28.48 22.06 -27.03
C GLU E 1052 27.24 22.20 -26.15
N ILE E 1053 26.09 21.85 -26.70
CA ILE E 1053 24.84 21.88 -25.96
C ILE E 1053 24.60 20.54 -25.28
N THR E 1054 23.98 20.57 -24.11
CA THR E 1054 23.72 19.35 -23.35
C THR E 1054 22.30 19.33 -22.79
N PHE E 1055 21.88 18.15 -22.36
CA PHE E 1055 20.59 17.97 -21.70
C PHE E 1055 20.60 16.67 -20.90
N ASP E 1056 19.65 16.50 -19.99
CA ASP E 1056 19.64 15.33 -19.12
C ASP E 1056 19.68 14.06 -19.95
N THR E 1057 20.83 13.40 -19.96
CA THR E 1057 21.01 12.17 -20.73
C THR E 1057 19.85 11.21 -20.52
N SER E 1058 19.28 11.24 -19.33
CA SER E 1058 18.12 10.41 -19.03
C SER E 1058 16.84 11.13 -19.41
N VAL E 1059 15.82 10.36 -19.77
CA VAL E 1059 14.52 10.91 -20.17
C VAL E 1059 14.55 11.39 -21.61
N TYR E 1060 15.60 12.13 -21.96
CA TYR E 1060 15.76 12.65 -23.31
C TYR E 1060 17.04 12.13 -23.95
N SER E 1061 17.17 12.36 -25.26
CA SER E 1061 18.33 11.90 -26.02
C SER E 1061 18.13 12.19 -27.51
N GLN E 1062 19.22 12.26 -28.27
CA GLN E 1062 19.15 12.59 -29.70
C GLN E 1062 18.94 11.32 -30.54
N LEU E 1063 18.30 11.47 -31.69
CA LEU E 1063 17.58 10.35 -32.33
C LEU E 1063 18.36 9.41 -33.28
N PRO E 1064 19.06 9.96 -34.27
CA PRO E 1064 19.37 9.27 -35.54
C PRO E 1064 20.45 8.21 -35.42
N GLY E 1065 20.83 7.89 -34.20
CA GLY E 1065 22.05 7.17 -33.96
C GLY E 1065 22.88 8.11 -33.11
N GLN E 1066 23.64 8.98 -33.77
CA GLN E 1066 24.49 9.92 -33.05
C GLN E 1066 24.85 11.12 -33.93
N GLU E 1067 24.27 12.27 -33.61
CA GLU E 1067 24.58 13.49 -34.32
C GLU E 1067 25.39 14.42 -33.43
N ALA E 1068 26.60 14.73 -33.88
CA ALA E 1068 27.46 15.67 -33.18
C ALA E 1068 27.11 17.11 -33.56
N PHE E 1069 25.93 17.30 -34.12
CA PHE E 1069 25.46 18.63 -34.49
C PHE E 1069 25.30 19.50 -33.25
N MET E 1070 25.44 18.89 -32.07
CA MET E 1070 25.31 19.63 -30.82
C MET E 1070 26.69 19.96 -30.27
N ARG E 1071 27.61 20.30 -31.17
CA ARG E 1071 28.97 20.65 -30.78
C ARG E 1071 29.67 21.41 -31.90
N ALA E 1072 29.37 22.70 -32.01
CA ALA E 1072 29.95 23.54 -33.05
C ALA E 1072 31.33 24.05 -32.64
N GLN E 1073 31.94 24.86 -33.51
CA GLN E 1073 33.31 25.32 -33.31
C GLN E 1073 33.57 26.57 -34.14
N THR E 1074 34.43 27.45 -33.62
CA THR E 1074 34.79 28.68 -34.33
C THR E 1074 36.29 28.98 -34.18
N THR E 1075 37.00 29.04 -35.29
CA THR E 1075 38.44 29.24 -35.27
C THR E 1075 38.87 30.60 -35.81
N THR E 1076 39.29 31.48 -34.90
CA THR E 1076 39.79 32.81 -35.26
C THR E 1076 41.30 32.77 -35.48
N VAL E 1077 41.81 33.71 -36.27
CA VAL E 1077 43.24 33.74 -36.58
C VAL E 1077 43.92 35.04 -36.15
N LEU E 1078 45.14 34.91 -35.63
CA LEU E 1078 45.93 36.05 -35.17
C LEU E 1078 47.25 36.17 -35.94
N GLU E 1079 47.21 36.02 -37.26
CA GLU E 1079 48.41 36.21 -38.06
C GLU E 1079 48.77 37.69 -38.09
N LYS E 1080 49.84 38.03 -37.38
CA LYS E 1080 50.32 39.40 -37.34
C LYS E 1080 51.84 39.44 -37.34
N TYR E 1081 52.42 39.87 -38.45
CA TYR E 1081 53.86 39.79 -38.67
C TYR E 1081 54.56 41.13 -38.40
N LYS E 1082 55.83 41.21 -38.73
CA LYS E 1082 56.65 42.37 -38.40
C LYS E 1082 56.67 42.60 -36.89
N GLN F 1 7.34 -21.89 -58.51
CA GLN F 1 7.57 -20.42 -58.55
C GLN F 1 6.83 -19.70 -57.44
N GLU F 2 5.51 -19.67 -57.56
CA GLU F 2 4.67 -18.96 -56.60
C GLU F 2 3.21 -19.33 -56.81
N CYS F 3 2.53 -19.72 -55.74
CA CYS F 3 1.13 -20.09 -55.82
C CYS F 3 0.54 -20.30 -54.43
N THR F 4 -0.22 -19.31 -53.96
CA THR F 4 -0.94 -19.45 -52.71
C THR F 4 -2.36 -19.88 -53.03
N LYS F 5 -2.88 -20.84 -52.28
CA LYS F 5 -4.17 -21.45 -52.59
C LYS F 5 -5.34 -20.60 -52.12
N PHE F 6 -6.16 -20.16 -53.07
CA PHE F 6 -7.47 -19.60 -52.75
C PHE F 6 -8.43 -20.77 -52.70
N LYS F 7 -9.70 -20.50 -52.42
CA LYS F 7 -10.71 -21.56 -52.45
C LYS F 7 -10.62 -22.33 -53.76
N VAL F 8 -10.13 -23.57 -53.68
CA VAL F 8 -9.95 -24.41 -54.85
C VAL F 8 -11.03 -25.47 -54.94
N SER F 9 -12.03 -25.24 -55.80
CA SER F 9 -13.12 -26.18 -55.98
C SER F 9 -12.97 -26.92 -57.30
N SER F 10 -12.36 -26.25 -58.28
CA SER F 10 -12.15 -26.83 -59.59
C SER F 10 -10.78 -26.44 -60.11
N CYS F 11 -10.52 -26.76 -61.38
CA CYS F 11 -9.25 -26.39 -62.00
C CYS F 11 -9.23 -24.88 -62.24
N ARG F 12 -10.41 -24.29 -62.45
CA ARG F 12 -10.51 -22.85 -62.70
C ARG F 12 -10.22 -22.04 -61.44
N GLU F 13 -10.74 -22.50 -60.31
CA GLU F 13 -10.52 -21.80 -59.05
C GLU F 13 -9.06 -21.90 -58.61
N CYS F 14 -8.31 -22.80 -59.24
CA CYS F 14 -6.87 -22.89 -59.01
C CYS F 14 -6.15 -21.89 -59.89
N ILE F 15 -6.73 -21.65 -61.06
CA ILE F 15 -6.22 -20.67 -62.01
C ILE F 15 -6.40 -19.26 -61.47
N GLU F 16 -7.52 -19.04 -60.78
CA GLU F 16 -7.84 -17.74 -60.22
C GLU F 16 -7.02 -17.46 -58.95
N SER F 17 -5.99 -18.26 -58.73
CA SER F 17 -5.14 -18.13 -57.55
C SER F 17 -3.92 -17.27 -57.84
N GLY F 18 -3.38 -17.39 -59.05
CA GLY F 18 -2.22 -16.60 -59.44
C GLY F 18 -1.55 -17.10 -60.70
N PRO F 19 -0.59 -16.32 -61.21
CA PRO F 19 0.16 -16.68 -62.42
C PRO F 19 0.88 -18.02 -62.28
N GLY F 20 1.61 -18.18 -61.17
CA GLY F 20 2.40 -19.38 -60.96
C GLY F 20 1.59 -20.55 -60.42
N CYS F 21 0.29 -20.55 -60.69
CA CYS F 21 -0.58 -21.63 -60.24
C CYS F 21 -0.90 -22.59 -61.37
N THR F 22 -0.60 -23.87 -61.16
CA THR F 22 -0.90 -24.91 -62.13
C THR F 22 -1.86 -25.93 -61.53
N TRP F 23 -2.47 -26.73 -62.39
CA TRP F 23 -3.45 -27.72 -61.95
C TRP F 23 -3.14 -29.09 -62.56
N CYS F 24 -3.39 -30.14 -61.80
CA CYS F 24 -3.15 -31.50 -62.28
C CYS F 24 -4.47 -32.23 -62.49
N GLN F 25 -4.60 -32.88 -63.65
CA GLN F 25 -5.84 -33.56 -64.02
C GLN F 25 -5.75 -35.07 -63.76
N LYS F 26 -4.53 -35.57 -63.63
CA LYS F 26 -4.29 -37.00 -63.46
C LYS F 26 -5.09 -37.56 -62.29
N LEU F 27 -5.99 -38.51 -62.59
CA LEU F 27 -6.80 -39.16 -61.57
C LEU F 27 -5.94 -39.99 -60.63
N ASN F 28 -6.58 -40.55 -59.60
CA ASN F 28 -5.88 -41.37 -58.62
C ASN F 28 -4.68 -40.65 -58.02
N PHE F 29 -4.68 -39.32 -58.13
CA PHE F 29 -3.59 -38.51 -57.60
C PHE F 29 -3.87 -38.19 -56.13
N THR F 30 -5.14 -38.24 -55.75
CA THR F 30 -5.54 -38.01 -54.37
C THR F 30 -5.30 -39.26 -53.54
N GLY F 31 -4.50 -39.12 -52.48
CA GLY F 31 -4.21 -40.24 -51.60
C GLY F 31 -5.45 -40.73 -50.87
N PRO F 32 -5.31 -41.78 -50.06
CA PRO F 32 -6.41 -42.37 -49.31
C PRO F 32 -7.36 -41.33 -48.73
N GLY F 33 -6.81 -40.29 -48.12
CA GLY F 33 -7.60 -39.23 -47.54
C GLY F 33 -6.90 -37.89 -47.69
N ASP F 34 -6.55 -37.54 -48.92
CA ASP F 34 -5.87 -36.28 -49.20
C ASP F 34 -6.84 -35.25 -49.77
N PRO F 35 -6.56 -33.97 -49.50
CA PRO F 35 -7.36 -32.86 -50.03
C PRO F 35 -7.36 -32.83 -51.54
N ASP F 36 -8.38 -32.24 -52.14
CA ASP F 36 -8.42 -32.06 -53.58
C ASP F 36 -7.65 -30.81 -53.98
N SER F 37 -7.40 -29.94 -53.00
CA SER F 37 -6.68 -28.70 -53.25
C SER F 37 -5.18 -28.93 -53.46
N ILE F 38 -4.74 -30.17 -53.25
CA ILE F 38 -3.35 -30.54 -53.44
C ILE F 38 -3.00 -30.60 -54.92
N ARG F 39 -4.01 -30.77 -55.75
CA ARG F 39 -3.83 -30.83 -57.19
C ARG F 39 -3.38 -29.49 -57.74
N CYS F 40 -3.56 -28.43 -56.95
CA CYS F 40 -3.22 -27.08 -57.36
C CYS F 40 -1.95 -26.59 -56.66
N ASP F 41 -0.80 -26.82 -57.27
CA ASP F 41 0.46 -26.35 -56.73
C ASP F 41 1.23 -25.63 -57.83
N THR F 42 2.56 -25.59 -57.73
CA THR F 42 3.39 -25.04 -58.78
C THR F 42 3.83 -26.18 -59.69
N ARG F 43 4.09 -25.87 -60.95
CA ARG F 43 4.49 -26.89 -61.93
C ARG F 43 5.63 -27.77 -61.39
N PRO F 44 6.66 -27.14 -60.79
CA PRO F 44 7.79 -27.91 -60.25
C PRO F 44 7.36 -28.89 -59.17
N GLN F 45 6.52 -28.42 -58.24
CA GLN F 45 6.04 -29.27 -57.17
C GLN F 45 5.24 -30.44 -57.70
N LEU F 46 4.47 -30.20 -58.75
CA LEU F 46 3.63 -31.22 -59.35
C LEU F 46 4.47 -32.38 -59.87
N LEU F 47 5.60 -32.05 -60.51
CA LEU F 47 6.49 -33.07 -61.05
C LEU F 47 7.20 -33.81 -59.93
N MET F 48 7.51 -33.09 -58.86
CA MET F 48 8.17 -33.67 -57.70
C MET F 48 7.23 -34.61 -56.97
N ARG F 49 5.92 -34.39 -57.14
CA ARG F 49 4.92 -35.22 -56.49
C ARG F 49 4.57 -36.43 -57.35
N GLY F 50 4.78 -36.31 -58.65
CA GLY F 50 4.50 -37.39 -59.57
C GLY F 50 3.58 -36.99 -60.70
N CYS F 51 2.82 -35.91 -60.49
CA CYS F 51 1.90 -35.41 -61.51
C CYS F 51 2.62 -35.28 -62.85
N ALA F 52 2.13 -36.02 -63.84
CA ALA F 52 2.75 -36.01 -65.17
C ALA F 52 2.85 -34.60 -65.72
N ALA F 53 3.73 -34.41 -66.70
CA ALA F 53 3.94 -33.10 -67.31
C ALA F 53 2.78 -32.73 -68.23
N ASP F 54 2.31 -33.70 -69.00
CA ASP F 54 1.21 -33.46 -69.95
C ASP F 54 -0.15 -33.42 -69.24
N ASP F 55 -0.14 -33.58 -67.92
CA ASP F 55 -1.36 -33.52 -67.13
C ASP F 55 -1.50 -32.17 -66.43
N ILE F 56 -0.55 -31.27 -66.66
CA ILE F 56 -0.51 -29.97 -65.99
C ILE F 56 -1.20 -28.89 -66.83
N MET F 57 -2.45 -28.57 -66.50
CA MET F 57 -3.23 -27.59 -67.25
C MET F 57 -2.73 -26.16 -67.02
N ASP F 58 -2.81 -25.32 -68.05
CA ASP F 58 -2.23 -24.00 -68.00
C ASP F 58 -2.68 -23.16 -69.18
N PRO F 59 -3.99 -23.16 -69.47
CA PRO F 59 -4.48 -22.44 -70.65
C PRO F 59 -3.93 -21.02 -70.76
N THR F 60 -3.46 -20.65 -71.95
CA THR F 60 -2.48 -19.58 -72.08
C THR F 60 -2.93 -18.43 -73.00
N SER F 61 -2.39 -17.24 -72.74
CA SER F 61 -2.74 -16.04 -73.51
C SER F 61 -1.95 -15.97 -74.82
N LEU F 62 -2.63 -15.57 -75.90
CA LEU F 62 -1.98 -15.38 -77.19
C LEU F 62 -2.65 -14.27 -77.99
N ALA F 63 -2.15 -14.00 -79.19
CA ALA F 63 -2.61 -12.85 -79.97
C ALA F 63 -3.06 -13.26 -81.37
N GLU F 64 -4.12 -12.62 -81.84
CA GLU F 64 -4.63 -12.86 -83.19
C GLU F 64 -4.41 -11.64 -84.08
N THR F 65 -3.52 -11.80 -85.06
CA THR F 65 -3.14 -10.69 -85.92
C THR F 65 -3.84 -10.75 -87.28
N GLN F 66 -5.10 -10.32 -87.31
CA GLN F 66 -5.84 -10.26 -88.56
C GLN F 66 -5.43 -9.05 -89.37
N GLU F 67 -4.39 -9.22 -90.18
CA GLU F 67 -3.87 -8.13 -91.01
C GLU F 67 -4.82 -7.83 -92.16
N ASP F 68 -4.92 -6.56 -92.54
CA ASP F 68 -5.82 -6.14 -93.61
C ASP F 68 -5.23 -6.42 -94.98
N HIS F 69 -5.92 -5.97 -96.03
CA HIS F 69 -5.41 -6.09 -97.39
C HIS F 69 -4.31 -5.06 -97.62
N ASN F 70 -4.70 -3.83 -97.93
CA ASN F 70 -3.78 -2.69 -97.96
C ASN F 70 -4.54 -1.39 -98.23
N GLY F 71 -4.03 -0.30 -97.68
CA GLY F 71 -4.74 0.97 -97.75
C GLY F 71 -5.79 1.05 -96.65
N GLY F 72 -6.08 -0.09 -96.02
CA GLY F 72 -6.94 -0.12 -94.86
C GLY F 72 -6.38 0.88 -93.87
N GLN F 73 -5.13 0.65 -93.47
CA GLN F 73 -4.34 1.66 -92.80
C GLN F 73 -2.90 1.60 -93.27
N LYS F 74 -2.15 2.67 -92.99
CA LYS F 74 -0.93 2.95 -93.71
C LYS F 74 0.33 2.39 -93.07
N GLN F 75 0.64 2.85 -91.86
CA GLN F 75 1.86 2.43 -91.20
C GLN F 75 1.63 2.04 -89.74
N LEU F 76 0.39 1.71 -89.40
CA LEU F 76 0.09 1.14 -88.09
C LEU F 76 -0.52 -0.25 -88.23
N SER F 77 0.34 -1.27 -88.20
CA SER F 77 -0.08 -2.66 -88.27
C SER F 77 0.48 -3.45 -87.10
N PRO F 78 -0.20 -4.55 -86.71
CA PRO F 78 -1.45 -4.99 -87.32
C PRO F 78 -2.59 -4.00 -87.11
N GLN F 79 -3.72 -4.21 -87.78
CA GLN F 79 -4.83 -3.27 -87.72
C GLN F 79 -5.93 -3.78 -86.78
N LYS F 80 -5.91 -5.09 -86.51
CA LYS F 80 -6.90 -5.69 -85.64
C LYS F 80 -6.25 -6.80 -84.81
N VAL F 81 -6.12 -6.56 -83.51
CA VAL F 81 -5.55 -7.55 -82.60
C VAL F 81 -6.62 -8.13 -81.67
N THR F 82 -7.08 -9.33 -82.00
CA THR F 82 -8.06 -10.03 -81.17
C THR F 82 -7.32 -10.92 -80.18
N LEU F 83 -6.99 -10.36 -79.03
CA LEU F 83 -6.26 -11.09 -78.00
C LEU F 83 -7.20 -11.95 -77.16
N TYR F 84 -6.70 -13.11 -76.74
CA TYR F 84 -7.42 -13.96 -75.79
C TYR F 84 -6.63 -13.94 -74.50
N LEU F 85 -7.10 -13.13 -73.55
CA LEU F 85 -6.33 -12.82 -72.35
C LEU F 85 -6.83 -13.55 -71.11
N ARG F 86 -5.98 -14.42 -70.55
CA ARG F 86 -6.25 -15.05 -69.28
C ARG F 86 -5.74 -14.14 -68.17
N PRO F 87 -6.55 -13.95 -67.11
CA PRO F 87 -6.15 -13.09 -65.99
C PRO F 87 -4.80 -13.49 -65.39
N GLY F 88 -3.95 -12.49 -65.11
CA GLY F 88 -2.67 -12.74 -64.50
C GLY F 88 -1.56 -13.04 -65.50
N GLN F 89 -1.95 -13.56 -66.67
CA GLN F 89 -1.00 -13.91 -67.71
C GLN F 89 -1.01 -12.86 -68.81
N ALA F 90 0.17 -12.43 -69.24
CA ALA F 90 0.28 -11.34 -70.20
C ALA F 90 0.27 -11.83 -71.64
N ALA F 91 -0.50 -11.13 -72.48
CA ALA F 91 -0.54 -11.42 -73.91
C ALA F 91 0.28 -10.37 -74.65
N ALA F 92 1.20 -10.83 -75.51
CA ALA F 92 2.10 -9.91 -76.21
C ALA F 92 1.86 -9.91 -77.72
N PHE F 93 1.68 -8.72 -78.28
CA PHE F 93 1.53 -8.56 -79.73
C PHE F 93 2.32 -7.35 -80.19
N ASN F 94 3.12 -7.53 -81.24
CA ASN F 94 4.01 -6.48 -81.72
C ASN F 94 3.30 -5.46 -82.60
N VAL F 95 3.94 -4.31 -82.80
CA VAL F 95 3.37 -3.23 -83.59
C VAL F 95 4.41 -2.62 -84.53
N THR F 96 4.34 -3.00 -85.79
CA THR F 96 5.23 -2.44 -86.81
C THR F 96 4.75 -1.05 -87.23
N PHE F 97 5.65 -0.09 -87.21
CA PHE F 97 5.34 1.26 -87.67
C PHE F 97 6.49 1.84 -88.49
N ARG F 98 6.26 1.96 -89.79
CA ARG F 98 7.25 2.49 -90.72
C ARG F 98 6.69 3.70 -91.44
N ARG F 99 6.76 4.87 -90.80
CA ARG F 99 6.26 6.10 -91.41
C ARG F 99 6.82 6.17 -92.83
N ALA F 100 6.12 6.88 -93.71
CA ALA F 100 6.40 6.74 -95.12
C ALA F 100 7.09 7.94 -95.69
N LYS F 101 6.57 9.10 -95.34
CA LYS F 101 6.61 10.22 -96.23
C LYS F 101 5.92 11.38 -95.56
N GLY F 102 5.49 12.32 -96.39
CA GLY F 102 4.62 13.38 -95.97
C GLY F 102 3.30 13.33 -96.72
N TYR F 103 2.21 13.43 -95.99
CA TYR F 103 0.88 13.45 -96.59
C TYR F 103 0.44 14.90 -96.85
N PRO F 104 -0.74 15.09 -97.46
CA PRO F 104 -1.25 16.43 -97.73
C PRO F 104 -1.26 17.31 -96.48
N ILE F 105 -0.47 18.37 -96.48
CA ILE F 105 -0.33 19.24 -95.32
C ILE F 105 -1.48 20.23 -95.25
N ASP F 106 -1.65 20.85 -94.07
CA ASP F 106 -2.71 21.84 -93.87
C ASP F 106 -2.35 22.77 -92.72
N LEU F 107 -1.62 23.84 -93.03
CA LEU F 107 -1.13 24.76 -92.01
C LEU F 107 -2.17 25.82 -91.61
N TYR F 108 -1.93 26.48 -90.47
CA TYR F 108 -2.77 27.58 -90.00
C TYR F 108 -1.95 28.49 -89.08
N TYR F 109 -1.87 29.76 -89.45
CA TYR F 109 -0.99 30.71 -88.77
C TYR F 109 -1.72 31.51 -87.70
N LEU F 110 -1.54 31.10 -86.44
CA LEU F 110 -2.11 31.83 -85.31
C LEU F 110 -1.17 32.92 -84.86
N MET F 111 -1.39 34.14 -85.35
CA MET F 111 -0.54 35.27 -84.98
C MET F 111 -1.24 36.23 -84.03
N ASP F 112 -0.52 36.66 -83.00
CA ASP F 112 -1.01 37.63 -82.05
C ASP F 112 -0.86 39.03 -82.64
N LEU F 113 -1.97 39.73 -82.83
CA LEU F 113 -1.93 41.08 -83.41
C LEU F 113 -1.94 42.15 -82.33
N SER F 114 -0.75 42.50 -81.86
CA SER F 114 -0.59 43.53 -80.85
C SER F 114 0.23 44.67 -81.43
N TYR F 115 0.52 45.66 -80.59
CA TYR F 115 1.38 46.76 -81.01
C TYR F 115 2.84 46.34 -80.91
N SER F 116 3.07 45.24 -80.22
CA SER F 116 4.40 44.65 -80.12
C SER F 116 4.65 43.73 -81.31
N MET F 117 3.59 43.40 -82.03
CA MET F 117 3.69 42.57 -83.22
C MET F 117 3.50 43.44 -84.48
N LEU F 118 4.14 44.60 -84.49
CA LEU F 118 4.09 45.50 -85.63
C LEU F 118 5.11 45.12 -86.69
N ASP F 119 6.38 45.15 -86.32
CA ASP F 119 7.45 44.79 -87.25
C ASP F 119 7.40 43.31 -87.59
N ASP F 120 6.55 42.57 -86.88
CA ASP F 120 6.31 41.17 -87.20
C ASP F 120 5.29 41.08 -88.32
N LEU F 121 4.30 41.96 -88.29
CA LEU F 121 3.29 42.02 -89.34
C LEU F 121 3.89 42.57 -90.63
N ARG F 122 4.94 43.37 -90.51
CA ARG F 122 5.57 43.96 -91.69
C ARG F 122 6.51 42.96 -92.37
N ASN F 123 7.34 42.29 -91.57
CA ASN F 123 8.29 41.32 -92.11
C ASN F 123 7.65 39.96 -92.38
N VAL F 124 6.32 39.94 -92.41
CA VAL F 124 5.59 38.68 -92.57
C VAL F 124 4.28 38.84 -93.33
N LYS F 125 3.77 40.08 -93.40
CA LYS F 125 2.46 40.34 -93.99
C LYS F 125 2.23 39.60 -95.31
N LYS F 126 3.30 39.34 -96.04
CA LYS F 126 3.19 38.63 -97.33
C LYS F 126 4.47 37.89 -97.72
N LEU F 127 4.87 36.91 -96.91
CA LEU F 127 5.95 36.01 -97.29
C LEU F 127 5.44 34.58 -97.33
N GLY F 128 4.52 34.32 -98.27
CA GLY F 128 3.89 33.01 -98.38
C GLY F 128 4.22 32.30 -99.67
N GLY F 129 4.99 32.95 -100.53
CA GLY F 129 5.44 32.33 -101.76
C GLY F 129 6.62 31.42 -101.50
N ASP F 130 7.29 31.64 -100.37
CA ASP F 130 8.41 30.80 -99.96
C ASP F 130 7.94 29.73 -98.97
N LEU F 131 6.65 29.74 -98.66
CA LEU F 131 6.07 28.73 -97.79
C LEU F 131 5.67 27.51 -98.60
N LEU F 132 4.95 27.74 -99.69
CA LEU F 132 4.65 26.67 -100.63
C LEU F 132 5.96 26.19 -101.27
N ARG F 133 6.94 27.07 -101.31
CA ARG F 133 8.27 26.71 -101.81
C ARG F 133 8.98 25.79 -100.81
N ALA F 134 8.78 26.05 -99.52
CA ALA F 134 9.31 25.20 -98.47
C ALA F 134 8.42 23.98 -98.29
N LEU F 135 7.25 24.03 -98.93
CA LEU F 135 6.29 22.93 -98.89
C LEU F 135 6.46 22.01 -100.10
N ASN F 136 7.14 22.53 -101.12
CA ASN F 136 7.29 21.83 -102.39
C ASN F 136 8.07 20.52 -102.27
N GLU F 137 9.17 20.54 -101.52
CA GLU F 137 10.07 19.39 -101.44
C GLU F 137 9.35 18.12 -101.01
N ILE F 138 8.90 18.10 -99.76
CA ILE F 138 8.33 16.88 -99.18
C ILE F 138 6.89 16.65 -99.65
N THR F 139 5.99 17.52 -99.23
CA THR F 139 4.58 17.40 -99.57
C THR F 139 4.27 18.13 -100.87
N GLU F 140 3.14 17.81 -101.48
CA GLU F 140 2.72 18.44 -102.71
C GLU F 140 1.65 19.49 -102.43
N SER F 141 0.54 19.45 -103.16
CA SER F 141 -0.53 20.42 -103.00
C SER F 141 -1.10 20.37 -101.59
N GLY F 142 -0.58 21.22 -100.72
CA GLY F 142 -1.07 21.33 -99.37
C GLY F 142 -2.14 22.39 -99.27
N ARG F 143 -2.33 22.94 -98.07
CA ARG F 143 -3.31 23.99 -97.86
C ARG F 143 -2.72 25.07 -96.95
N ILE F 144 -3.25 26.28 -97.05
CA ILE F 144 -2.76 27.38 -96.23
C ILE F 144 -3.93 28.23 -95.70
N GLY F 145 -3.95 28.43 -94.38
CA GLY F 145 -5.00 29.21 -93.74
C GLY F 145 -4.44 30.16 -92.69
N PHE F 146 -5.22 31.17 -92.31
CA PHE F 146 -4.77 32.16 -91.33
C PHE F 146 -5.86 32.48 -90.31
N GLY F 147 -5.43 32.77 -89.07
CA GLY F 147 -6.34 33.13 -88.00
C GLY F 147 -5.67 34.05 -86.99
N SER F 148 -6.24 35.24 -86.83
CA SER F 148 -5.68 36.25 -85.95
C SER F 148 -6.23 36.11 -84.53
N PHE F 149 -5.57 36.75 -83.57
CA PHE F 149 -6.04 36.72 -82.19
C PHE F 149 -5.31 37.74 -81.30
N VAL F 150 -6.00 38.24 -80.28
CA VAL F 150 -5.42 39.22 -79.35
C VAL F 150 -5.70 38.86 -77.90
N ASP F 151 -6.92 39.15 -77.42
CA ASP F 151 -7.31 38.89 -76.04
C ASP F 151 -8.78 39.23 -75.86
N LYS F 152 -9.39 38.70 -74.79
CA LYS F 152 -10.82 38.90 -74.55
C LYS F 152 -11.22 40.37 -74.73
N THR F 153 -12.42 40.60 -75.23
CA THR F 153 -12.91 41.95 -75.47
C THR F 153 -13.03 42.73 -74.18
N VAL F 154 -13.75 42.15 -73.20
CA VAL F 154 -14.05 42.84 -71.96
C VAL F 154 -12.84 42.85 -71.03
N LEU F 155 -12.83 43.81 -70.12
CA LEU F 155 -11.76 43.97 -69.15
C LEU F 155 -11.76 42.80 -68.17
N PRO F 156 -10.77 42.73 -67.26
CA PRO F 156 -9.60 43.61 -67.14
C PRO F 156 -8.50 43.32 -68.16
N PHE F 157 -8.84 42.64 -69.25
CA PHE F 157 -7.86 42.30 -70.27
C PHE F 157 -7.59 43.48 -71.20
N VAL F 158 -8.60 44.33 -71.38
CA VAL F 158 -8.43 45.56 -72.17
C VAL F 158 -9.60 46.51 -71.91
N ASN F 159 -9.29 47.79 -71.79
CA ASN F 159 -10.29 48.80 -71.45
C ASN F 159 -11.52 48.70 -72.36
N THR F 160 -12.67 48.46 -71.75
CA THR F 160 -13.90 48.20 -72.50
C THR F 160 -14.57 49.48 -72.95
N HIS F 161 -14.36 50.55 -72.20
CA HIS F 161 -14.82 51.87 -72.61
C HIS F 161 -13.74 52.90 -72.34
N PRO F 162 -13.79 54.03 -73.06
CA PRO F 162 -14.75 54.29 -74.15
C PRO F 162 -14.15 54.18 -75.57
N ASP F 163 -13.90 55.31 -76.23
CA ASP F 163 -13.57 55.30 -77.64
C ASP F 163 -12.08 55.10 -77.92
N LYS F 164 -11.30 54.92 -76.85
CA LYS F 164 -9.98 54.33 -76.98
C LYS F 164 -10.19 52.88 -77.41
N LEU F 165 -11.41 52.39 -77.20
CA LEU F 165 -11.86 51.12 -77.75
C LEU F 165 -11.96 51.23 -79.27
N ARG F 166 -12.51 52.35 -79.73
CA ARG F 166 -12.57 52.64 -81.16
C ARG F 166 -11.17 52.91 -81.70
N ASN F 167 -10.24 53.26 -80.81
CA ASN F 167 -8.90 53.65 -81.20
C ASN F 167 -7.85 53.26 -80.15
N PRO F 168 -7.57 51.96 -80.02
CA PRO F 168 -6.60 51.46 -79.05
C PRO F 168 -5.17 51.84 -79.36
N CYS F 169 -4.86 51.99 -80.64
CA CYS F 169 -3.48 52.24 -81.07
C CYS F 169 -2.83 53.34 -80.21
N PRO F 170 -1.73 52.98 -79.53
CA PRO F 170 -0.98 53.88 -78.63
C PRO F 170 -0.15 54.93 -79.36
N ASN F 171 -0.57 56.19 -79.30
CA ASN F 171 0.23 57.31 -79.78
C ASN F 171 0.20 57.54 -81.29
N LYS F 172 0.36 56.46 -82.06
CA LYS F 172 0.42 56.59 -83.52
C LYS F 172 -0.98 56.61 -84.12
N GLU F 173 -1.85 55.73 -83.63
CA GLU F 173 -3.22 55.69 -84.11
C GLU F 173 -3.24 55.68 -85.63
N LYS F 174 -2.58 54.69 -86.22
CA LYS F 174 -2.52 54.56 -87.67
C LYS F 174 -3.71 53.73 -88.17
N GLU F 175 -4.89 54.01 -87.61
CA GLU F 175 -6.11 53.34 -88.03
C GLU F 175 -6.03 51.84 -87.79
N CYS F 176 -5.61 51.44 -86.60
CA CYS F 176 -5.55 50.01 -86.26
C CYS F 176 -6.96 49.50 -86.00
N GLN F 177 -7.18 48.22 -86.29
CA GLN F 177 -8.50 47.62 -86.20
C GLN F 177 -8.99 47.57 -84.76
N PRO F 178 -10.32 47.51 -84.57
CA PRO F 178 -10.90 47.45 -83.22
C PRO F 178 -10.37 46.26 -82.44
N PRO F 179 -10.29 46.40 -81.11
CA PRO F 179 -9.87 45.29 -80.24
C PRO F 179 -10.71 44.03 -80.46
N PHE F 180 -10.06 42.91 -80.75
CA PHE F 180 -10.75 41.67 -81.01
C PHE F 180 -10.09 40.52 -80.25
N ALA F 181 -10.27 39.30 -80.74
CA ALA F 181 -9.73 38.11 -80.07
C ALA F 181 -9.51 36.97 -81.05
N PHE F 182 -10.41 36.82 -82.01
CA PHE F 182 -10.27 35.80 -83.04
C PHE F 182 -11.04 36.17 -84.29
N ARG F 183 -10.29 36.42 -85.36
CA ARG F 183 -10.91 36.76 -86.65
C ARG F 183 -10.35 35.83 -87.72
N HIS F 184 -11.14 34.84 -88.10
CA HIS F 184 -10.77 33.91 -89.16
C HIS F 184 -10.70 34.64 -90.48
N VAL F 185 -9.52 35.19 -90.79
CA VAL F 185 -9.36 36.02 -91.97
C VAL F 185 -9.36 35.18 -93.25
N LEU F 186 -8.61 34.09 -93.25
CA LEU F 186 -8.44 33.28 -94.46
C LEU F 186 -8.74 31.81 -94.21
N LYS F 187 -9.51 31.22 -95.12
CA LYS F 187 -9.83 29.81 -95.05
C LYS F 187 -8.76 29.00 -95.76
N LEU F 188 -8.73 27.70 -95.51
CA LEU F 188 -7.76 26.80 -96.15
C LEU F 188 -7.97 26.78 -97.66
N THR F 189 -7.00 27.32 -98.40
CA THR F 189 -7.11 27.44 -99.85
C THR F 189 -5.85 26.97 -100.56
N ASN F 190 -5.95 26.76 -101.87
CA ASN F 190 -4.82 26.34 -102.68
C ASN F 190 -3.89 27.51 -103.01
N ASN F 191 -4.48 28.61 -103.46
CA ASN F 191 -3.72 29.80 -103.85
C ASN F 191 -2.78 30.27 -102.74
N SER F 192 -1.74 31.00 -103.12
CA SER F 192 -0.75 31.49 -102.16
C SER F 192 -0.68 33.02 -102.16
N ASN F 193 -0.76 33.62 -103.35
CA ASN F 193 -0.69 35.07 -103.47
C ASN F 193 -1.96 35.74 -102.96
N GLN F 194 -3.10 35.08 -103.17
CA GLN F 194 -4.38 35.59 -102.68
C GLN F 194 -4.38 35.57 -101.16
N PHE F 195 -3.60 34.65 -100.61
CA PHE F 195 -3.50 34.47 -99.16
C PHE F 195 -2.69 35.61 -98.55
N GLN F 196 -1.57 35.93 -99.17
CA GLN F 196 -0.68 36.97 -98.69
C GLN F 196 -1.38 38.33 -98.64
N THR F 197 -2.05 38.66 -99.74
CA THR F 197 -2.67 39.97 -99.89
C THR F 197 -3.84 40.18 -98.95
N GLU F 198 -4.53 39.09 -98.60
CA GLU F 198 -5.67 39.17 -97.69
C GLU F 198 -5.20 39.38 -96.25
N VAL F 199 -3.91 39.21 -96.03
CA VAL F 199 -3.32 39.35 -94.69
C VAL F 199 -2.91 40.80 -94.41
N GLY F 200 -1.98 41.30 -95.21
CA GLY F 200 -1.51 42.67 -95.06
C GLY F 200 -2.66 43.62 -94.82
N LYS F 201 -3.82 43.30 -95.40
CA LYS F 201 -5.02 44.10 -95.23
C LYS F 201 -5.17 44.60 -93.80
N GLN F 202 -5.49 43.67 -92.90
CA GLN F 202 -5.76 44.01 -91.51
C GLN F 202 -4.49 44.51 -90.80
N LEU F 203 -4.68 45.50 -89.93
CA LEU F 203 -3.58 46.02 -89.12
C LEU F 203 -3.74 45.55 -87.68
N ILE F 204 -2.77 45.87 -86.84
CA ILE F 204 -2.76 45.41 -85.46
C ILE F 204 -3.91 45.99 -84.64
N SER F 205 -3.89 45.69 -83.34
CA SER F 205 -4.86 46.25 -82.40
C SER F 205 -4.14 46.57 -81.09
N GLY F 206 -4.66 46.08 -79.98
CA GLY F 206 -4.03 46.30 -78.69
C GLY F 206 -4.90 45.93 -77.51
N ASN F 207 -4.28 45.75 -76.35
CA ASN F 207 -5.00 45.43 -75.12
C ASN F 207 -4.25 45.93 -73.89
N LEU F 208 -4.84 45.71 -72.72
CA LEU F 208 -4.23 46.13 -71.46
C LEU F 208 -3.28 45.08 -70.90
N ASP F 209 -3.83 44.05 -70.24
CA ASP F 209 -3.00 43.03 -69.60
C ASP F 209 -1.88 42.54 -70.52
N ALA F 210 -0.72 42.28 -69.95
CA ALA F 210 0.46 41.94 -70.74
C ALA F 210 0.29 40.60 -71.47
N PRO F 211 0.07 39.51 -70.73
CA PRO F 211 -0.14 38.24 -71.44
C PRO F 211 -1.37 38.27 -72.34
N GLU F 212 -1.40 37.40 -73.34
CA GLU F 212 -2.51 37.36 -74.30
C GLU F 212 -3.54 36.33 -73.86
N GLY F 213 -4.66 36.31 -74.57
CA GLY F 213 -5.69 35.31 -74.34
C GLY F 213 -5.78 34.37 -75.53
N GLY F 214 -4.63 34.01 -76.06
CA GLY F 214 -4.56 33.20 -77.27
C GLY F 214 -5.26 31.85 -77.13
N LEU F 215 -5.33 31.34 -75.92
CA LEU F 215 -5.88 30.00 -75.67
C LEU F 215 -7.33 29.88 -76.14
N ASP F 216 -8.12 30.92 -75.90
CA ASP F 216 -9.51 30.92 -76.31
C ASP F 216 -9.61 30.73 -77.81
N ALA F 217 -8.69 31.36 -78.54
CA ALA F 217 -8.67 31.28 -80.00
C ALA F 217 -8.44 29.85 -80.44
N MET F 218 -7.55 29.16 -79.72
CA MET F 218 -7.19 27.79 -80.06
C MET F 218 -8.44 26.93 -80.26
N MET F 219 -9.24 26.78 -79.21
CA MET F 219 -10.43 25.95 -79.27
C MET F 219 -11.33 26.39 -80.43
N GLN F 220 -11.71 27.67 -80.42
CA GLN F 220 -12.63 28.18 -81.41
C GLN F 220 -12.22 27.80 -82.84
N VAL F 221 -10.92 27.72 -83.08
CA VAL F 221 -10.41 27.29 -84.38
C VAL F 221 -10.85 25.86 -84.69
N ALA F 222 -10.27 24.91 -83.97
CA ALA F 222 -10.56 23.49 -84.15
C ALA F 222 -11.79 23.09 -83.35
N ALA F 223 -12.90 23.77 -83.58
CA ALA F 223 -14.13 23.52 -82.84
C ALA F 223 -15.27 23.16 -83.79
N CYS F 224 -15.40 23.95 -84.85
CA CYS F 224 -16.47 23.75 -85.81
C CYS F 224 -16.02 24.10 -87.22
N PRO F 225 -15.26 23.19 -87.86
CA PRO F 225 -14.91 23.32 -89.27
C PRO F 225 -16.12 23.21 -90.19
N GLU F 226 -17.32 23.19 -89.62
CA GLU F 226 -18.54 23.28 -90.40
C GLU F 226 -18.69 24.71 -90.94
N GLU F 227 -17.81 25.59 -90.48
CA GLU F 227 -17.80 26.98 -90.92
C GLU F 227 -16.39 27.46 -91.26
N ILE F 228 -15.38 26.68 -90.87
CA ILE F 228 -13.99 27.04 -91.11
C ILE F 228 -13.37 26.09 -92.13
N GLY F 229 -13.79 24.83 -92.11
CA GLY F 229 -13.32 23.85 -93.08
C GLY F 229 -11.93 23.34 -92.75
N TRP F 230 -11.73 22.04 -92.92
CA TRP F 230 -10.44 21.41 -92.63
C TRP F 230 -10.23 20.15 -93.46
N ARG F 231 -8.99 19.95 -93.89
CA ARG F 231 -8.63 18.77 -94.69
C ARG F 231 -8.76 17.51 -93.87
N ASN F 232 -9.03 16.38 -94.53
CA ASN F 232 -9.20 15.11 -93.84
C ASN F 232 -7.90 14.34 -93.70
N VAL F 233 -6.78 15.04 -93.84
CA VAL F 233 -5.47 14.41 -93.73
C VAL F 233 -4.64 14.99 -92.59
N THR F 234 -3.87 16.04 -92.88
CA THR F 234 -2.97 16.63 -91.89
C THR F 234 -3.51 17.98 -91.43
N ARG F 235 -3.13 18.40 -90.22
CA ARG F 235 -3.53 19.68 -89.68
C ARG F 235 -2.49 20.20 -88.70
N LEU F 236 -1.59 21.05 -89.16
CA LEU F 236 -0.58 21.65 -88.30
C LEU F 236 -0.91 23.11 -88.01
N LEU F 237 -0.80 23.52 -86.76
CA LEU F 237 -0.94 24.92 -86.39
C LEU F 237 0.39 25.47 -85.87
N VAL F 238 0.45 26.77 -85.68
CA VAL F 238 1.66 27.41 -85.19
C VAL F 238 1.33 28.64 -84.35
N PHE F 239 1.74 28.62 -83.09
CA PHE F 239 1.49 29.74 -82.19
C PHE F 239 2.61 30.76 -82.31
N ALA F 240 2.23 32.03 -82.37
CA ALA F 240 3.19 33.11 -82.52
C ALA F 240 2.75 34.29 -81.70
N THR F 241 3.58 34.68 -80.74
CA THR F 241 3.26 35.80 -79.87
C THR F 241 4.45 36.14 -79.00
N ASP F 242 4.68 37.43 -78.83
CA ASP F 242 5.72 37.90 -77.93
C ASP F 242 5.07 38.26 -76.60
N ASP F 243 4.19 37.38 -76.13
CA ASP F 243 3.42 37.63 -74.92
C ASP F 243 2.98 36.32 -74.27
N GLY F 244 2.38 36.43 -73.09
CA GLY F 244 1.94 35.27 -72.34
C GLY F 244 0.71 34.59 -72.90
N PHE F 245 -0.05 33.93 -72.03
CA PHE F 245 -1.21 33.15 -72.44
C PHE F 245 -2.13 32.85 -71.25
N HIS F 246 -3.38 33.30 -71.35
CA HIS F 246 -4.34 33.16 -70.26
C HIS F 246 -5.14 31.86 -70.38
N PHE F 247 -5.29 31.17 -69.26
CA PHE F 247 -6.07 29.94 -69.22
C PHE F 247 -7.30 30.08 -68.32
N ALA F 248 -8.07 29.00 -68.21
CA ALA F 248 -9.28 28.99 -67.39
C ALA F 248 -9.00 29.54 -66.01
N GLY F 249 -10.04 30.07 -65.37
CA GLY F 249 -9.92 30.63 -64.04
C GLY F 249 -9.74 32.14 -64.09
N ASP F 250 -9.00 32.61 -65.10
CA ASP F 250 -8.75 34.03 -65.25
C ASP F 250 -10.02 34.76 -65.65
N GLY F 251 -10.99 34.01 -66.18
CA GLY F 251 -12.26 34.58 -66.58
C GLY F 251 -13.08 35.12 -65.44
N LYS F 252 -12.86 34.61 -64.23
CA LYS F 252 -13.60 35.09 -63.06
C LYS F 252 -13.36 36.57 -62.84
N LEU F 253 -12.24 37.08 -63.36
CA LEU F 253 -11.92 38.50 -63.25
C LEU F 253 -12.91 39.34 -64.05
N GLY F 254 -13.32 38.83 -65.20
CA GLY F 254 -14.28 39.51 -66.05
C GLY F 254 -15.73 39.16 -65.73
N ALA F 255 -15.99 38.74 -64.50
CA ALA F 255 -17.35 38.44 -64.07
C ALA F 255 -17.99 37.34 -64.92
N ILE F 256 -17.19 36.37 -65.34
CA ILE F 256 -17.69 35.24 -66.12
C ILE F 256 -17.27 33.91 -65.53
N LEU F 257 -18.24 33.15 -65.03
CA LEU F 257 -17.97 31.86 -64.40
C LEU F 257 -18.63 30.73 -65.19
N THR F 258 -18.84 30.95 -66.48
CA THR F 258 -19.33 29.90 -67.37
C THR F 258 -18.14 29.28 -68.08
N PRO F 259 -17.84 28.00 -67.76
CA PRO F 259 -16.65 27.31 -68.28
C PRO F 259 -16.65 27.09 -69.79
N ASN F 260 -15.56 26.55 -70.32
CA ASN F 260 -15.43 26.33 -71.75
C ASN F 260 -16.24 25.11 -72.21
N ASP F 261 -17.12 25.32 -73.19
CA ASP F 261 -17.93 24.23 -73.72
C ASP F 261 -17.14 23.37 -74.71
N GLY F 262 -16.40 24.01 -75.61
CA GLY F 262 -15.54 23.30 -76.53
C GLY F 262 -15.84 23.57 -77.99
N ARG F 263 -17.05 24.07 -78.27
CA ARG F 263 -17.47 24.34 -79.64
C ARG F 263 -17.54 25.84 -79.91
N CYS F 264 -17.08 26.25 -81.08
CA CYS F 264 -17.08 27.66 -81.46
C CYS F 264 -18.40 28.03 -82.10
N HIS F 265 -18.87 29.23 -81.80
CA HIS F 265 -20.17 29.70 -82.31
C HIS F 265 -20.05 31.10 -82.88
N LEU F 266 -19.56 31.19 -84.12
CA LEU F 266 -19.38 32.47 -84.79
C LEU F 266 -20.44 32.67 -85.86
N GLU F 267 -20.70 33.93 -86.22
CA GLU F 267 -21.70 34.26 -87.23
C GLU F 267 -21.09 35.01 -88.41
N ASP F 268 -19.90 35.56 -88.21
CA ASP F 268 -19.23 36.34 -89.24
C ASP F 268 -17.72 36.12 -89.18
N ASN F 269 -17.32 34.85 -89.20
CA ASN F 269 -15.90 34.50 -89.11
C ASN F 269 -15.23 35.27 -87.98
N LEU F 270 -16.01 35.61 -86.96
CA LEU F 270 -15.50 36.41 -85.85
C LEU F 270 -16.25 36.09 -84.57
N TYR F 271 -15.48 35.79 -83.53
CA TYR F 271 -16.04 35.44 -82.22
C TYR F 271 -16.94 36.53 -81.68
N LYS F 272 -18.06 36.13 -81.09
CA LYS F 272 -18.86 37.04 -80.28
C LYS F 272 -19.43 36.26 -79.11
N ARG F 273 -18.65 35.28 -78.66
CA ARG F 273 -19.03 34.43 -77.55
C ARG F 273 -17.98 34.46 -76.43
N SER F 274 -16.74 34.76 -76.79
CA SER F 274 -15.63 34.75 -75.84
C SER F 274 -15.91 35.64 -74.62
N ASN F 275 -16.83 36.58 -74.76
CA ASN F 275 -17.18 37.47 -73.67
C ASN F 275 -18.11 36.80 -72.67
N GLU F 276 -19.08 36.04 -73.18
CA GLU F 276 -20.00 35.28 -72.33
C GLU F 276 -19.50 33.84 -72.19
N PHE F 277 -18.21 33.69 -71.90
CA PHE F 277 -17.56 32.38 -71.96
C PHE F 277 -16.16 32.45 -71.36
N ASP F 278 -15.78 31.40 -70.63
CA ASP F 278 -14.52 31.39 -69.88
C ASP F 278 -13.40 30.76 -70.68
N TYR F 279 -12.17 31.00 -70.25
CA TYR F 279 -10.99 30.49 -70.94
C TYR F 279 -10.93 28.96 -70.94
N PRO F 280 -10.44 28.39 -72.05
CA PRO F 280 -10.18 26.95 -72.12
C PRO F 280 -9.12 26.55 -71.10
N SER F 281 -9.42 25.54 -70.29
CA SER F 281 -8.45 25.06 -69.30
C SER F 281 -7.18 24.64 -70.02
N VAL F 282 -6.07 24.60 -69.30
CA VAL F 282 -4.80 24.18 -69.87
C VAL F 282 -4.90 22.79 -70.51
N GLY F 283 -5.55 21.87 -69.81
CA GLY F 283 -5.65 20.49 -70.27
C GLY F 283 -6.77 20.24 -71.26
N GLN F 284 -7.53 21.28 -71.59
CA GLN F 284 -8.69 21.12 -72.46
C GLN F 284 -8.29 21.09 -73.94
N LEU F 285 -6.99 21.18 -74.20
CA LEU F 285 -6.50 21.17 -75.57
C LEU F 285 -5.83 19.84 -75.92
N ALA F 286 -4.87 19.42 -75.12
CA ALA F 286 -4.22 18.14 -75.35
C ALA F 286 -5.25 17.05 -75.64
N HIS F 287 -6.50 17.30 -75.26
CA HIS F 287 -7.60 16.40 -75.54
C HIS F 287 -8.31 16.77 -76.85
N LYS F 288 -9.11 17.83 -76.78
CA LYS F 288 -9.90 18.27 -77.93
C LYS F 288 -9.01 18.48 -79.15
N LEU F 289 -7.92 19.21 -78.95
CA LEU F 289 -6.94 19.45 -80.00
C LEU F 289 -6.41 18.15 -80.60
N ALA F 290 -5.86 17.28 -79.76
CA ALA F 290 -5.26 16.03 -80.23
C ALA F 290 -6.33 15.07 -80.77
N GLU F 291 -7.60 15.41 -80.55
CA GLU F 291 -8.70 14.60 -81.05
C GLU F 291 -8.97 14.89 -82.51
N ASN F 292 -8.80 16.15 -82.90
CA ASN F 292 -9.00 16.58 -84.28
C ASN F 292 -7.70 16.52 -85.06
N ASN F 293 -6.71 15.82 -84.51
CA ASN F 293 -5.42 15.63 -85.16
C ASN F 293 -4.72 16.94 -85.52
N ILE F 294 -4.79 17.91 -84.60
CA ILE F 294 -4.13 19.19 -84.79
C ILE F 294 -2.98 19.36 -83.78
N GLN F 295 -1.88 19.94 -84.23
CA GLN F 295 -0.70 20.08 -83.37
C GLN F 295 0.04 21.40 -83.60
N PRO F 296 -0.12 22.36 -82.68
CA PRO F 296 0.57 23.65 -82.73
C PRO F 296 2.09 23.52 -82.70
N ILE F 297 2.77 24.57 -83.15
CA ILE F 297 4.22 24.61 -83.16
C ILE F 297 4.70 25.88 -82.49
N PHE F 298 5.09 25.78 -81.22
CA PHE F 298 5.48 26.95 -80.45
C PHE F 298 6.62 27.70 -81.13
N ALA F 299 6.41 28.99 -81.33
CA ALA F 299 7.42 29.86 -81.91
C ALA F 299 7.18 31.28 -81.41
N VAL F 300 7.97 31.67 -80.41
CA VAL F 300 7.84 32.99 -79.81
C VAL F 300 9.22 33.53 -79.46
N THR F 301 9.25 34.60 -78.68
CA THR F 301 10.50 35.22 -78.26
C THR F 301 11.30 34.30 -77.35
N SER F 302 12.58 34.59 -77.18
CA SER F 302 13.43 33.84 -76.27
C SER F 302 13.03 34.12 -74.83
N ARG F 303 12.25 35.19 -74.64
CA ARG F 303 11.73 35.56 -73.33
C ARG F 303 10.60 34.62 -72.94
N MET F 304 9.96 34.04 -73.95
CA MET F 304 8.85 33.11 -73.74
C MET F 304 9.20 31.71 -74.25
N VAL F 305 10.49 31.40 -74.30
CA VAL F 305 10.93 30.12 -74.87
C VAL F 305 10.84 28.97 -73.87
N LYS F 306 11.29 29.23 -72.63
CA LYS F 306 11.33 28.19 -71.61
C LYS F 306 10.04 28.12 -70.80
N THR F 307 9.05 28.93 -71.18
CA THR F 307 7.73 28.83 -70.57
C THR F 307 6.85 27.93 -71.43
N TYR F 308 7.06 27.97 -72.74
CA TYR F 308 6.39 27.05 -73.65
C TYR F 308 7.15 25.74 -73.69
N GLU F 309 8.35 25.74 -73.12
CA GLU F 309 9.16 24.53 -73.01
C GLU F 309 8.53 23.56 -72.01
N LYS F 310 8.08 24.10 -70.87
CA LYS F 310 7.39 23.30 -69.88
C LYS F 310 6.02 22.85 -70.41
N LEU F 311 5.52 23.58 -71.39
CA LEU F 311 4.26 23.27 -72.04
C LEU F 311 4.42 22.14 -73.06
N THR F 312 5.64 21.96 -73.55
CA THR F 312 5.95 20.89 -74.48
C THR F 312 5.87 19.54 -73.78
N GLU F 313 6.32 19.52 -72.52
CA GLU F 313 6.30 18.31 -71.71
C GLU F 313 4.90 17.72 -71.66
N ILE F 314 3.92 18.54 -71.29
CA ILE F 314 2.54 18.10 -71.16
C ILE F 314 1.96 17.68 -72.51
N ILE F 315 1.49 18.64 -73.28
CA ILE F 315 0.82 18.35 -74.55
C ILE F 315 1.75 17.66 -75.54
N PRO F 316 1.22 16.68 -76.29
CA PRO F 316 2.02 15.91 -77.24
C PRO F 316 2.29 16.66 -78.53
N LYS F 317 3.23 16.15 -79.32
CA LYS F 317 3.56 16.72 -80.63
C LYS F 317 3.58 18.24 -80.62
N SER F 318 4.63 18.81 -80.06
CA SER F 318 4.77 20.27 -80.00
C SER F 318 6.24 20.63 -79.83
N ALA F 319 6.72 21.56 -80.65
CA ALA F 319 8.12 21.95 -80.63
C ALA F 319 8.28 23.38 -80.13
N VAL F 320 9.49 23.70 -79.67
CA VAL F 320 9.79 25.05 -79.19
C VAL F 320 10.75 25.74 -80.17
N GLY F 321 10.44 26.98 -80.52
CA GLY F 321 11.22 27.72 -81.50
C GLY F 321 11.55 29.14 -81.08
N GLU F 322 12.75 29.33 -80.55
CA GLU F 322 13.22 30.66 -80.15
C GLU F 322 13.62 31.44 -81.39
N LEU F 323 13.05 32.63 -81.55
CA LEU F 323 13.30 33.46 -82.72
C LEU F 323 13.41 34.94 -82.35
N SER F 324 13.90 35.74 -83.30
CA SER F 324 14.03 37.18 -83.08
C SER F 324 12.66 37.85 -83.07
N GLU F 325 12.62 39.08 -82.56
CA GLU F 325 11.37 39.82 -82.40
C GLU F 325 10.83 40.34 -83.72
N ASP F 326 11.46 39.95 -84.83
CA ASP F 326 11.06 40.44 -86.15
C ASP F 326 10.33 39.38 -86.98
N SER F 327 10.27 38.15 -86.47
CA SER F 327 9.60 37.06 -87.17
C SER F 327 10.16 36.88 -88.58
N SER F 328 11.46 37.07 -88.73
CA SER F 328 12.11 36.92 -90.03
C SER F 328 12.51 35.46 -90.28
N ASN F 329 13.01 34.80 -89.23
CA ASN F 329 13.37 33.40 -89.31
C ASN F 329 12.21 32.49 -88.92
N VAL F 330 11.02 32.84 -89.41
CA VAL F 330 9.81 32.10 -89.06
C VAL F 330 9.63 30.85 -89.93
N VAL F 331 10.19 30.88 -91.13
CA VAL F 331 10.06 29.76 -92.06
C VAL F 331 11.02 28.63 -91.69
N GLN F 332 12.09 28.97 -90.97
CA GLN F 332 13.03 27.95 -90.50
C GLN F 332 12.46 27.18 -89.31
N LEU F 333 11.33 27.65 -88.80
CA LEU F 333 10.63 26.97 -87.73
C LEU F 333 10.18 25.59 -88.17
N ILE F 334 9.70 25.50 -89.40
CA ILE F 334 9.12 24.27 -89.93
C ILE F 334 10.20 23.31 -90.44
N LYS F 335 11.39 23.83 -90.71
CA LYS F 335 12.54 22.98 -90.96
C LYS F 335 12.93 22.29 -89.66
N ASN F 336 12.50 22.88 -88.55
CA ASN F 336 12.69 22.31 -87.22
C ASN F 336 11.41 21.64 -86.73
N ALA F 337 10.32 21.82 -87.48
CA ALA F 337 9.04 21.20 -87.15
C ALA F 337 9.07 19.71 -87.50
N TYR F 338 9.04 19.41 -88.79
CA TYR F 338 9.16 18.04 -89.25
C TYR F 338 10.41 17.37 -88.67
N ASN F 339 11.37 18.19 -88.25
CA ASN F 339 12.60 17.69 -87.63
C ASN F 339 12.31 16.74 -86.46
N LYS F 340 11.44 17.19 -85.56
CA LYS F 340 11.10 16.39 -84.38
C LYS F 340 9.60 16.32 -84.15
N LEU F 341 8.84 16.55 -85.21
CA LEU F 341 7.38 16.39 -85.17
C LEU F 341 6.99 15.12 -85.93
N SER F 342 7.77 14.80 -86.95
CA SER F 342 7.66 13.52 -87.63
C SER F 342 8.56 12.50 -86.91
N SER F 343 9.07 12.90 -85.76
CA SER F 343 10.02 12.07 -85.02
C SER F 343 9.39 11.44 -83.78
N ARG F 344 8.56 12.20 -83.08
CA ARG F 344 7.93 11.71 -81.85
C ARG F 344 6.81 10.73 -82.15
N VAL F 345 7.17 9.46 -82.28
CA VAL F 345 6.18 8.41 -82.52
C VAL F 345 5.47 8.05 -81.22
N PHE F 346 4.17 8.31 -81.17
CA PHE F 346 3.39 8.04 -79.97
C PHE F 346 2.53 6.79 -80.13
N LEU F 347 2.22 6.14 -79.01
CA LEU F 347 1.48 4.89 -79.06
C LEU F 347 0.67 4.67 -77.78
N ASP F 348 -0.17 5.65 -77.43
CA ASP F 348 -1.02 5.54 -76.26
C ASP F 348 -2.35 4.89 -76.64
N HIS F 349 -3.34 4.97 -75.75
CA HIS F 349 -4.62 4.31 -75.98
C HIS F 349 -5.76 5.03 -75.26
N ASN F 350 -6.99 4.73 -75.66
CA ASN F 350 -8.17 5.25 -74.99
C ASN F 350 -8.16 4.84 -73.52
N ALA F 351 -8.67 5.72 -72.66
CA ALA F 351 -8.70 5.45 -71.23
C ALA F 351 -9.38 4.12 -70.96
N LEU F 352 -8.57 3.10 -70.68
CA LEU F 352 -9.09 1.75 -70.42
C LEU F 352 -9.71 1.67 -69.03
N PRO F 353 -10.65 0.72 -68.85
CA PRO F 353 -11.25 0.47 -67.53
C PRO F 353 -10.21 0.06 -66.50
N ASP F 354 -10.47 0.33 -65.23
CA ASP F 354 -9.52 -0.01 -64.17
C ASP F 354 -9.19 -1.50 -64.11
N THR F 355 -10.08 -2.32 -64.67
CA THR F 355 -9.90 -3.77 -64.64
C THR F 355 -8.81 -4.25 -65.58
N LEU F 356 -8.07 -3.30 -66.16
CA LEU F 356 -7.02 -3.65 -67.11
C LEU F 356 -5.79 -2.77 -66.90
N LYS F 357 -4.64 -3.26 -67.34
CA LYS F 357 -3.39 -2.52 -67.24
C LYS F 357 -2.55 -2.78 -68.48
N VAL F 358 -2.10 -1.72 -69.13
CA VAL F 358 -1.37 -1.84 -70.39
C VAL F 358 0.03 -1.24 -70.30
N THR F 359 0.97 -1.87 -70.98
CA THR F 359 2.33 -1.38 -71.06
C THR F 359 2.84 -1.51 -72.48
N TYR F 360 4.09 -1.08 -72.70
CA TYR F 360 4.70 -1.15 -74.02
C TYR F 360 6.20 -1.41 -73.92
N ASP F 361 6.84 -1.63 -75.06
CA ASP F 361 8.30 -1.69 -75.13
C ASP F 361 8.77 -0.74 -76.23
N SER F 362 10.09 -0.55 -76.34
CA SER F 362 10.63 0.37 -77.34
C SER F 362 11.99 -0.06 -77.88
N PHE F 363 12.05 -0.19 -79.20
CA PHE F 363 13.29 -0.52 -79.91
C PHE F 363 13.56 0.52 -80.98
N CYS F 364 13.99 1.72 -80.55
CA CYS F 364 14.26 2.80 -81.49
C CYS F 364 15.32 2.37 -82.50
N SER F 365 15.40 3.09 -83.61
CA SER F 365 16.30 2.72 -84.70
C SER F 365 17.77 2.93 -84.34
N ASN F 366 18.06 4.05 -83.67
CA ASN F 366 19.44 4.41 -83.34
C ASN F 366 19.90 3.94 -81.96
N GLY F 367 20.14 2.64 -81.83
CA GLY F 367 20.83 2.10 -80.67
C GLY F 367 19.96 1.73 -79.49
N VAL F 368 18.90 2.50 -79.26
CA VAL F 368 18.11 2.35 -78.03
C VAL F 368 17.46 0.97 -77.90
N THR F 369 17.68 0.35 -76.75
CA THR F 369 17.04 -0.93 -76.43
C THR F 369 16.21 -0.78 -75.16
N HIS F 370 15.11 -0.04 -75.26
CA HIS F 370 14.24 0.19 -74.12
C HIS F 370 13.35 -1.02 -73.83
N ARG F 371 12.79 -1.06 -72.62
CA ARG F 371 11.92 -2.16 -72.23
C ARG F 371 10.94 -1.74 -71.12
N ASN F 372 9.67 -2.05 -71.32
CA ASN F 372 8.65 -1.87 -70.29
C ASN F 372 8.41 -0.40 -69.88
N GLN F 373 7.43 0.21 -70.54
CA GLN F 373 6.98 1.56 -70.22
C GLN F 373 5.91 2.00 -71.22
N PRO F 374 4.93 2.79 -70.76
CA PRO F 374 3.87 3.33 -71.62
C PRO F 374 4.41 4.20 -72.76
N ARG F 375 3.53 4.78 -73.57
CA ARG F 375 3.96 5.65 -74.66
C ARG F 375 4.77 4.89 -75.71
N GLY F 376 5.42 5.62 -76.60
CA GLY F 376 6.32 5.04 -77.58
C GLY F 376 7.39 6.04 -77.98
N ASP F 377 7.81 6.84 -77.00
CA ASP F 377 8.74 7.94 -77.25
C ASP F 377 10.04 7.47 -77.88
N CYS F 378 10.15 7.65 -79.19
CA CYS F 378 11.38 7.38 -79.92
C CYS F 378 11.74 8.58 -80.78
N ASP F 379 12.51 9.51 -80.22
CA ASP F 379 12.87 10.73 -80.92
C ASP F 379 14.11 10.51 -81.79
N GLY F 380 14.15 9.38 -82.48
CA GLY F 380 15.26 9.04 -83.33
C GLY F 380 14.83 8.25 -84.55
N VAL F 381 13.66 8.58 -85.08
CA VAL F 381 13.14 7.95 -86.28
C VAL F 381 12.34 8.98 -87.09
N GLN F 382 12.43 8.92 -88.41
CA GLN F 382 11.94 10.00 -89.25
C GLN F 382 11.10 9.54 -90.44
N ILE F 383 11.78 9.17 -91.53
CA ILE F 383 11.11 8.95 -92.81
C ILE F 383 10.71 7.50 -93.03
N ASN F 384 11.66 6.69 -93.48
CA ASN F 384 11.37 5.31 -93.86
C ASN F 384 12.23 4.29 -93.12
N VAL F 385 12.09 4.27 -91.80
CA VAL F 385 12.79 3.29 -90.97
C VAL F 385 11.86 2.77 -89.87
N PRO F 386 11.35 1.55 -90.05
CA PRO F 386 10.39 0.95 -89.12
C PRO F 386 10.84 0.99 -87.66
N ILE F 387 9.92 0.72 -86.75
CA ILE F 387 10.21 0.68 -85.31
C ILE F 387 9.48 -0.51 -84.69
N THR F 388 9.66 -0.70 -83.38
CA THR F 388 9.10 -1.87 -82.71
C THR F 388 8.54 -1.55 -81.32
N PHE F 389 7.24 -1.72 -81.15
CA PHE F 389 6.60 -1.60 -79.85
C PHE F 389 5.96 -2.93 -79.46
N GLN F 390 6.36 -3.48 -78.32
CA GLN F 390 5.80 -4.73 -77.83
C GLN F 390 4.71 -4.42 -76.79
N VAL F 391 3.46 -4.48 -77.23
CA VAL F 391 2.32 -4.18 -76.36
C VAL F 391 1.96 -5.40 -75.53
N LYS F 392 2.02 -5.24 -74.20
CA LYS F 392 1.70 -6.32 -73.29
C LYS F 392 0.47 -5.97 -72.46
N VAL F 393 -0.66 -6.61 -72.77
CA VAL F 393 -1.90 -6.37 -72.07
C VAL F 393 -2.18 -7.46 -71.04
N THR F 394 -2.38 -7.06 -69.79
CA THR F 394 -2.68 -7.99 -68.72
C THR F 394 -3.98 -7.59 -68.02
N ALA F 395 -4.67 -8.57 -67.45
CA ALA F 395 -5.91 -8.32 -66.72
C ALA F 395 -5.74 -8.78 -65.26
N THR F 396 -6.63 -8.35 -64.40
CA THR F 396 -6.58 -8.72 -62.98
C THR F 396 -7.60 -9.81 -62.68
N GLU F 397 -8.76 -9.72 -63.33
CA GLU F 397 -9.82 -10.70 -63.16
C GLU F 397 -10.35 -11.15 -64.51
N CYS F 398 -11.36 -12.01 -64.49
CA CYS F 398 -12.01 -12.43 -65.73
C CYS F 398 -12.92 -11.32 -66.24
N ILE F 399 -12.33 -10.43 -67.03
CA ILE F 399 -13.03 -9.30 -67.63
C ILE F 399 -14.26 -9.73 -68.41
N GLN F 400 -15.11 -8.77 -68.74
CA GLN F 400 -16.22 -9.01 -69.64
C GLN F 400 -15.79 -8.60 -71.04
N GLU F 401 -16.28 -9.31 -72.05
CA GLU F 401 -15.87 -9.03 -73.42
C GLU F 401 -16.08 -7.56 -73.77
N GLN F 402 -15.00 -6.89 -74.16
CA GLN F 402 -15.05 -5.48 -74.52
C GLN F 402 -14.02 -5.19 -75.60
N SER F 403 -13.83 -3.91 -75.92
CA SER F 403 -12.89 -3.52 -76.95
C SER F 403 -12.41 -2.08 -76.76
N PHE F 404 -11.11 -1.87 -76.96
CA PHE F 404 -10.53 -0.53 -76.89
C PHE F 404 -9.71 -0.25 -78.14
N VAL F 405 -8.95 0.85 -78.12
CA VAL F 405 -8.15 1.23 -79.28
C VAL F 405 -6.78 1.76 -78.87
N ILE F 406 -5.77 1.46 -79.69
CA ILE F 406 -4.43 1.98 -79.47
C ILE F 406 -4.04 2.88 -80.64
N ARG F 407 -4.18 4.18 -80.45
CA ARG F 407 -3.88 5.15 -81.50
C ARG F 407 -2.47 5.72 -81.35
N ALA F 408 -1.98 6.35 -82.40
CA ALA F 408 -0.76 7.14 -82.32
C ALA F 408 -1.16 8.60 -82.20
N LEU F 409 -0.80 9.22 -81.09
CA LEU F 409 -1.19 10.61 -80.84
C LEU F 409 -0.84 11.45 -82.06
N GLY F 410 -1.84 12.13 -82.61
CA GLY F 410 -1.64 12.98 -83.77
C GLY F 410 -1.81 12.25 -85.09
N PHE F 411 -2.59 11.18 -85.05
CA PHE F 411 -2.80 10.37 -86.24
C PHE F 411 -4.22 9.81 -86.23
N THR F 412 -4.81 9.70 -87.42
CA THR F 412 -6.21 9.28 -87.54
C THR F 412 -6.34 7.76 -87.60
N ASP F 413 -5.20 7.07 -87.60
CA ASP F 413 -5.20 5.61 -87.72
C ASP F 413 -5.66 4.92 -86.43
N ILE F 414 -6.93 4.52 -86.41
CA ILE F 414 -7.49 3.79 -85.28
C ILE F 414 -7.23 2.29 -85.40
N VAL F 415 -6.63 1.71 -84.36
CA VAL F 415 -6.43 0.26 -84.30
C VAL F 415 -7.41 -0.37 -83.33
N THR F 416 -8.47 -0.97 -83.85
CA THR F 416 -9.50 -1.58 -83.01
C THR F 416 -9.00 -2.89 -82.41
N VAL F 417 -8.47 -2.82 -81.19
CA VAL F 417 -7.96 -3.99 -80.49
C VAL F 417 -9.08 -4.65 -79.69
N GLN F 418 -9.55 -5.80 -80.17
CA GLN F 418 -10.61 -6.54 -79.48
C GLN F 418 -10.05 -7.29 -78.29
N VAL F 419 -10.88 -7.48 -77.27
CA VAL F 419 -10.45 -8.17 -76.05
C VAL F 419 -11.46 -9.24 -75.64
N LEU F 420 -10.97 -10.47 -75.48
CA LEU F 420 -11.83 -11.59 -75.14
C LEU F 420 -11.41 -12.22 -73.82
N PRO F 421 -12.29 -12.19 -72.80
CA PRO F 421 -12.07 -12.83 -71.51
C PRO F 421 -11.84 -14.34 -71.66
N GLN F 422 -10.58 -14.77 -71.64
CA GLN F 422 -10.26 -16.19 -71.80
C GLN F 422 -10.11 -16.87 -70.44
N CYS F 423 -11.16 -17.54 -69.99
CA CYS F 423 -11.02 -18.34 -68.77
C CYS F 423 -11.99 -19.46 -68.52
N GLU F 424 -11.44 -20.64 -68.74
CA GLU F 424 -12.13 -21.89 -68.62
C GLU F 424 -11.08 -22.88 -69.06
N CYS F 425 -11.11 -24.07 -68.48
CA CYS F 425 -10.05 -25.04 -68.71
C CYS F 425 -10.66 -26.41 -68.61
N ARG F 426 -9.98 -27.37 -69.22
CA ARG F 426 -10.71 -28.30 -70.04
C ARG F 426 -10.01 -29.64 -70.19
N CYS F 427 -10.46 -30.62 -69.42
CA CYS F 427 -9.88 -31.95 -69.46
C CYS F 427 -10.84 -32.96 -70.08
N ARG F 428 -11.94 -33.20 -69.39
CA ARG F 428 -12.74 -34.38 -69.66
C ARG F 428 -14.22 -34.20 -69.36
N ASP F 429 -14.96 -35.30 -69.47
CA ASP F 429 -16.42 -35.27 -69.42
C ASP F 429 -16.99 -36.50 -68.68
N GLN F 430 -18.31 -36.69 -68.81
CA GLN F 430 -19.01 -37.72 -68.05
C GLN F 430 -19.27 -38.99 -68.86
N SER F 431 -18.51 -39.20 -69.94
CA SER F 431 -18.50 -40.48 -70.63
C SER F 431 -17.39 -41.34 -70.03
N ARG F 432 -16.36 -40.68 -69.53
CA ARG F 432 -15.27 -41.35 -68.83
C ARG F 432 -15.56 -41.39 -67.33
N ASP F 433 -15.94 -42.57 -66.84
CA ASP F 433 -16.14 -42.82 -65.41
C ASP F 433 -17.51 -42.35 -64.90
N ARG F 434 -18.58 -42.98 -65.38
CA ARG F 434 -19.89 -42.84 -64.72
C ARG F 434 -19.93 -43.75 -63.50
N SER F 435 -18.80 -44.40 -63.25
CA SER F 435 -18.67 -45.32 -62.13
C SER F 435 -18.37 -44.52 -60.85
N LEU F 436 -17.15 -44.00 -60.74
CA LEU F 436 -16.77 -43.18 -59.59
C LEU F 436 -17.78 -42.04 -59.46
N CYS F 437 -17.82 -41.43 -58.28
CA CYS F 437 -18.89 -40.49 -57.95
C CYS F 437 -20.20 -41.26 -57.89
N HIS F 438 -20.08 -42.57 -57.70
CA HIS F 438 -21.22 -43.47 -57.58
C HIS F 438 -22.41 -43.08 -58.46
N GLY F 439 -22.13 -42.72 -59.70
CA GLY F 439 -23.17 -42.48 -60.69
C GLY F 439 -23.90 -41.16 -60.58
N LYS F 440 -23.92 -40.58 -59.38
CA LYS F 440 -24.66 -39.34 -59.15
C LYS F 440 -23.74 -38.13 -59.17
N GLY F 441 -23.02 -37.97 -60.28
CA GLY F 441 -22.11 -36.86 -60.46
C GLY F 441 -21.17 -37.11 -61.63
N PHE F 442 -20.56 -36.04 -62.11
CA PHE F 442 -19.64 -36.14 -63.24
C PHE F 442 -18.21 -35.89 -62.78
N LEU F 443 -17.26 -36.06 -63.70
CA LEU F 443 -15.85 -35.91 -63.36
C LEU F 443 -15.22 -34.82 -64.22
N GLU F 444 -14.36 -34.04 -63.60
CA GLU F 444 -13.67 -32.95 -64.29
C GLU F 444 -12.27 -32.80 -63.73
N CYS F 445 -11.28 -33.27 -64.49
CA CYS F 445 -9.90 -33.13 -64.05
C CYS F 445 -9.72 -33.75 -62.67
N GLY F 446 -10.02 -35.04 -62.55
CA GLY F 446 -9.86 -35.73 -61.29
C GLY F 446 -11.12 -35.70 -60.44
N ILE F 447 -11.19 -34.71 -59.56
CA ILE F 447 -12.32 -34.58 -58.63
C ILE F 447 -13.65 -34.74 -59.34
N CYS F 448 -14.69 -34.99 -58.56
CA CYS F 448 -16.03 -35.18 -59.10
C CYS F 448 -16.98 -34.11 -58.55
N ARG F 449 -17.64 -33.39 -59.44
CA ARG F 449 -18.63 -32.39 -59.04
C ARG F 449 -20.01 -33.04 -59.00
N CYS F 450 -20.53 -33.25 -57.80
CA CYS F 450 -21.78 -33.99 -57.61
C CYS F 450 -23.00 -33.15 -57.98
N ASP F 451 -24.18 -33.75 -57.87
CA ASP F 451 -25.43 -33.09 -58.20
C ASP F 451 -25.86 -32.13 -57.08
N THR F 452 -27.09 -31.63 -57.19
CA THR F 452 -27.63 -30.72 -56.19
C THR F 452 -27.76 -31.40 -54.82
N GLY F 453 -28.18 -32.67 -54.84
CA GLY F 453 -28.45 -33.39 -53.60
C GLY F 453 -27.35 -34.33 -53.14
N TYR F 454 -26.32 -34.52 -53.97
CA TYR F 454 -25.20 -35.39 -53.61
C TYR F 454 -23.94 -34.56 -53.38
N ILE F 455 -23.10 -34.99 -52.44
CA ILE F 455 -21.90 -34.25 -52.05
C ILE F 455 -20.80 -35.21 -51.55
N GLY F 456 -19.53 -34.79 -51.59
CA GLY F 456 -18.42 -35.64 -51.20
C GLY F 456 -17.40 -35.75 -52.31
N LYS F 457 -16.19 -36.19 -51.98
CA LYS F 457 -15.11 -36.28 -52.97
C LYS F 457 -15.35 -37.43 -53.96
N ASN F 458 -16.42 -38.17 -53.75
CA ASN F 458 -16.84 -39.22 -54.68
C ASN F 458 -18.36 -39.34 -54.70
N CYS F 459 -19.04 -38.20 -54.50
CA CYS F 459 -20.50 -38.15 -54.54
C CYS F 459 -21.13 -39.30 -53.75
N GLU F 460 -20.45 -39.71 -52.70
CA GLU F 460 -20.92 -40.84 -51.90
C GLU F 460 -21.90 -40.39 -50.83
N CYS F 461 -21.75 -39.13 -50.42
CA CYS F 461 -22.44 -38.60 -49.26
C CYS F 461 -23.51 -37.56 -49.61
N GLN F 462 -23.87 -36.81 -48.56
CA GLN F 462 -24.73 -35.62 -48.65
C GLN F 462 -24.43 -34.60 -47.53
N THR F 463 -24.88 -33.35 -47.69
CA THR F 463 -24.69 -32.29 -46.69
C THR F 463 -25.63 -32.40 -45.49
N GLN F 464 -26.34 -33.53 -45.37
CA GLN F 464 -27.12 -33.80 -44.16
C GLN F 464 -26.87 -35.19 -43.56
N GLY F 465 -25.69 -35.37 -42.96
CA GLY F 465 -25.52 -36.37 -41.92
C GLY F 465 -24.37 -37.34 -42.13
N ARG F 466 -23.21 -36.97 -41.62
CA ARG F 466 -22.00 -37.78 -41.82
C ARG F 466 -20.92 -37.55 -40.77
N SER F 467 -20.19 -38.61 -40.48
CA SER F 467 -18.94 -38.52 -39.71
C SER F 467 -18.46 -39.91 -39.34
N SER F 468 -17.15 -40.12 -39.48
CA SER F 468 -16.55 -41.41 -39.16
C SER F 468 -15.41 -41.24 -38.17
N GLN F 469 -14.77 -42.34 -37.81
CA GLN F 469 -13.70 -42.31 -36.82
C GLN F 469 -12.41 -41.69 -37.40
N GLU F 470 -11.67 -42.49 -38.18
CA GLU F 470 -10.39 -42.04 -38.69
C GLU F 470 -10.49 -41.34 -40.05
N LEU F 471 -11.72 -41.04 -40.48
CA LEU F 471 -11.90 -40.14 -41.61
C LEU F 471 -11.37 -38.77 -41.17
N GLU F 472 -11.33 -38.58 -39.85
CA GLU F 472 -10.78 -37.35 -39.27
C GLU F 472 -9.25 -37.37 -39.30
N GLY F 473 -8.68 -38.24 -40.15
CA GLY F 473 -7.24 -38.38 -40.24
C GLY F 473 -6.59 -37.18 -40.90
N SER F 474 -6.87 -36.99 -42.18
CA SER F 474 -6.36 -35.81 -42.89
C SER F 474 -7.26 -34.62 -42.62
N CYS F 475 -8.20 -34.81 -41.70
CA CYS F 475 -9.15 -33.76 -41.35
C CYS F 475 -8.55 -32.81 -40.31
N ARG F 476 -7.40 -33.18 -39.75
CA ARG F 476 -6.66 -32.32 -38.83
C ARG F 476 -5.19 -32.30 -39.27
N LYS F 477 -4.61 -31.10 -39.32
CA LYS F 477 -3.26 -30.95 -39.86
C LYS F 477 -2.26 -31.89 -39.16
N ASP F 478 -2.34 -31.97 -37.85
CA ASP F 478 -1.43 -32.82 -37.09
C ASP F 478 -2.16 -33.49 -35.93
N ASN F 479 -1.46 -34.39 -35.24
CA ASN F 479 -2.05 -35.15 -34.14
C ASN F 479 -2.49 -34.28 -32.97
N ASN F 480 -1.81 -33.14 -32.80
CA ASN F 480 -2.14 -32.22 -31.70
C ASN F 480 -2.87 -30.98 -32.21
N SER F 481 -3.71 -31.16 -33.23
CA SER F 481 -4.51 -30.07 -33.77
C SER F 481 -5.99 -30.40 -33.68
N ILE F 482 -6.80 -29.40 -33.34
CA ILE F 482 -8.24 -29.59 -33.28
C ILE F 482 -8.77 -29.85 -34.69
N ILE F 483 -9.86 -30.61 -34.78
CA ILE F 483 -10.44 -31.00 -36.07
C ILE F 483 -10.91 -29.80 -36.86
N CYS F 484 -10.53 -29.75 -38.14
CA CYS F 484 -10.89 -28.64 -39.01
C CYS F 484 -10.49 -27.30 -38.44
N SER F 485 -9.47 -27.30 -37.57
CA SER F 485 -8.99 -26.07 -36.97
C SER F 485 -10.16 -25.22 -36.48
N GLY F 486 -11.22 -25.88 -36.01
CA GLY F 486 -12.46 -25.22 -35.65
C GLY F 486 -12.96 -24.40 -36.83
N LEU F 487 -14.15 -23.82 -36.70
CA LEU F 487 -14.68 -23.02 -37.79
C LEU F 487 -14.79 -23.87 -39.04
N GLY F 488 -15.06 -25.15 -38.86
CA GLY F 488 -15.22 -26.07 -39.97
C GLY F 488 -15.62 -27.44 -39.47
N ASP F 489 -16.69 -27.99 -40.04
CA ASP F 489 -17.15 -29.33 -39.67
C ASP F 489 -16.74 -30.38 -40.71
N CYS F 490 -16.00 -31.39 -40.25
CA CYS F 490 -15.42 -32.39 -41.14
C CYS F 490 -16.46 -33.36 -41.67
N VAL F 491 -16.40 -33.63 -42.97
CA VAL F 491 -17.29 -34.60 -43.60
C VAL F 491 -16.53 -35.36 -44.69
N CYS F 492 -16.52 -36.69 -44.56
CA CYS F 492 -15.87 -37.54 -45.54
C CYS F 492 -14.38 -37.20 -45.70
N GLY F 493 -13.66 -37.16 -44.58
CA GLY F 493 -12.22 -36.95 -44.59
C GLY F 493 -11.81 -35.50 -44.59
N GLN F 494 -12.47 -34.73 -45.46
CA GLN F 494 -12.15 -33.31 -45.65
C GLN F 494 -12.97 -32.43 -44.71
N CYS F 495 -12.73 -31.13 -44.78
CA CYS F 495 -13.46 -30.18 -43.96
C CYS F 495 -14.32 -29.25 -44.83
N LEU F 496 -15.45 -28.82 -44.28
CA LEU F 496 -16.26 -27.78 -44.91
C LEU F 496 -16.26 -26.55 -44.01
N CYS F 497 -15.32 -25.63 -44.28
CA CYS F 497 -15.21 -24.42 -43.49
C CYS F 497 -16.56 -23.74 -43.39
N HIS F 498 -16.90 -23.29 -42.19
CA HIS F 498 -18.15 -22.58 -41.96
C HIS F 498 -18.16 -21.25 -42.69
N THR F 499 -19.33 -20.63 -42.77
CA THR F 499 -19.49 -19.38 -43.48
C THR F 499 -19.87 -18.25 -42.51
N SER F 500 -19.33 -17.06 -42.77
CA SER F 500 -19.67 -15.88 -41.97
C SER F 500 -20.26 -14.81 -42.88
N ASP F 501 -21.45 -14.33 -42.54
CA ASP F 501 -22.07 -13.23 -43.27
C ASP F 501 -21.56 -11.89 -42.75
N VAL F 502 -20.24 -11.78 -42.68
CA VAL F 502 -19.58 -10.55 -42.29
C VAL F 502 -18.70 -10.08 -43.43
N PRO F 503 -18.85 -8.81 -43.83
CA PRO F 503 -18.08 -8.27 -44.96
C PRO F 503 -16.62 -8.70 -44.93
N GLY F 504 -16.17 -9.38 -45.98
CA GLY F 504 -14.77 -9.77 -46.09
C GLY F 504 -14.47 -11.13 -45.50
N LYS F 505 -14.98 -11.37 -44.30
CA LYS F 505 -14.77 -12.63 -43.60
C LYS F 505 -15.00 -13.81 -44.54
N LEU F 506 -14.05 -14.74 -44.54
CA LEU F 506 -14.15 -15.95 -45.33
C LEU F 506 -13.08 -16.96 -44.91
N ILE F 507 -13.52 -18.12 -44.44
CA ILE F 507 -12.60 -19.18 -44.06
C ILE F 507 -12.36 -20.09 -45.27
N TYR F 508 -11.25 -20.81 -45.26
CA TYR F 508 -10.92 -21.72 -46.35
C TYR F 508 -9.66 -22.51 -46.02
N GLY F 509 -9.44 -23.60 -46.75
CA GLY F 509 -8.30 -24.46 -46.54
C GLY F 509 -8.74 -25.87 -46.23
N GLN F 510 -7.80 -26.81 -46.32
CA GLN F 510 -8.09 -28.20 -46.02
C GLN F 510 -8.64 -28.33 -44.61
N TYR F 511 -7.97 -27.69 -43.66
CA TYR F 511 -8.37 -27.75 -42.26
C TYR F 511 -8.96 -26.42 -41.80
N CYS F 512 -9.43 -25.62 -42.75
CA CYS F 512 -10.06 -24.34 -42.45
C CYS F 512 -9.21 -23.47 -41.55
N GLU F 513 -7.96 -23.26 -41.94
CA GLU F 513 -7.01 -22.55 -41.10
C GLU F 513 -6.88 -21.09 -41.55
N CYS F 514 -7.04 -20.86 -42.84
CA CYS F 514 -6.83 -19.55 -43.40
C CYS F 514 -8.12 -18.74 -43.46
N ASP F 515 -7.97 -17.42 -43.31
CA ASP F 515 -9.09 -16.50 -43.41
C ASP F 515 -8.64 -15.27 -44.19
N THR F 516 -9.61 -14.46 -44.61
CA THR F 516 -9.29 -13.28 -45.40
C THR F 516 -9.58 -12.01 -44.59
N ILE F 517 -9.09 -11.97 -43.37
CA ILE F 517 -9.33 -10.84 -42.48
C ILE F 517 -8.20 -10.64 -41.48
N ASN F 518 -7.50 -11.71 -41.13
CA ASN F 518 -6.46 -11.63 -40.11
C ASN F 518 -5.06 -11.51 -40.71
N CYS F 519 -4.75 -10.34 -41.25
CA CYS F 519 -3.44 -10.08 -41.82
C CYS F 519 -2.85 -8.83 -41.19
N GLU F 520 -1.89 -8.21 -41.87
CA GLU F 520 -1.30 -6.97 -41.37
C GLU F 520 -2.08 -5.76 -41.89
N ARG F 521 -2.38 -4.82 -41.01
CA ARG F 521 -3.18 -3.65 -41.36
C ARG F 521 -2.36 -2.52 -41.99
N TYR F 522 -3.03 -1.41 -42.28
CA TYR F 522 -2.40 -0.23 -42.84
C TYR F 522 -3.44 0.88 -42.96
N ASN F 523 -3.18 2.02 -42.34
CA ASN F 523 -4.12 3.13 -42.36
C ASN F 523 -5.51 2.67 -41.94
N GLY F 524 -5.56 1.91 -40.85
CA GLY F 524 -6.82 1.43 -40.32
C GLY F 524 -7.63 0.67 -41.36
N GLN F 525 -6.94 -0.09 -42.20
CA GLN F 525 -7.59 -0.91 -43.21
C GLN F 525 -6.85 -2.21 -43.42
N VAL F 526 -7.60 -3.27 -43.71
CA VAL F 526 -7.04 -4.60 -43.88
C VAL F 526 -6.15 -4.69 -45.11
N CYS F 527 -4.87 -4.97 -44.88
CA CYS F 527 -3.91 -5.08 -45.98
C CYS F 527 -3.85 -3.81 -46.83
N GLY F 528 -4.45 -2.74 -46.33
CA GLY F 528 -4.51 -1.49 -47.08
C GLY F 528 -5.83 -1.29 -47.81
N GLY F 529 -6.92 -1.68 -47.16
CA GLY F 529 -8.24 -1.56 -47.75
C GLY F 529 -8.35 -2.28 -49.09
N PRO F 530 -9.54 -2.27 -49.69
CA PRO F 530 -9.76 -2.99 -50.95
C PRO F 530 -8.98 -2.36 -52.10
N GLY F 531 -8.61 -1.11 -51.94
CA GLY F 531 -7.88 -0.40 -52.97
C GLY F 531 -6.48 -0.94 -53.17
N ARG F 532 -5.63 -0.76 -52.16
CA ARG F 532 -4.22 -1.11 -52.27
C ARG F 532 -3.99 -2.60 -52.51
N GLY F 533 -4.31 -3.42 -51.51
CA GLY F 533 -4.09 -4.85 -51.63
C GLY F 533 -5.23 -5.69 -51.06
N LEU F 534 -4.94 -6.96 -50.81
CA LEU F 534 -5.92 -7.89 -50.25
C LEU F 534 -5.31 -8.85 -49.24
N CYS F 535 -6.17 -9.56 -48.52
CA CYS F 535 -5.74 -10.45 -47.44
C CYS F 535 -5.95 -11.93 -47.80
N PHE F 536 -4.94 -12.75 -47.53
CA PHE F 536 -5.02 -14.18 -47.78
C PHE F 536 -4.12 -14.96 -46.83
N CYS F 537 -4.71 -15.46 -45.75
CA CYS F 537 -3.97 -16.28 -44.78
C CYS F 537 -2.74 -15.57 -44.24
N GLY F 538 -2.95 -14.40 -43.64
CA GLY F 538 -1.87 -13.67 -43.00
C GLY F 538 -1.12 -12.72 -43.90
N LYS F 539 -0.62 -13.23 -45.03
CA LYS F 539 0.13 -12.41 -45.97
C LYS F 539 -0.81 -11.60 -46.86
N CYS F 540 -0.37 -10.39 -47.22
CA CYS F 540 -1.15 -9.51 -48.08
C CYS F 540 -0.64 -9.59 -49.51
N ARG F 541 -1.55 -9.89 -50.44
CA ARG F 541 -1.23 -9.86 -51.85
C ARG F 541 -1.62 -8.50 -52.44
N CYS F 542 -0.68 -7.56 -52.39
CA CYS F 542 -0.93 -6.20 -52.83
C CYS F 542 -1.19 -6.15 -54.34
N HIS F 543 -2.13 -5.31 -54.73
CA HIS F 543 -2.41 -5.09 -56.15
C HIS F 543 -1.13 -4.67 -56.86
N PRO F 544 -1.17 -4.68 -58.20
CA PRO F 544 -0.03 -4.25 -59.01
C PRO F 544 0.38 -2.82 -58.66
N GLY F 545 1.68 -2.56 -58.58
CA GLY F 545 2.18 -1.24 -58.27
C GLY F 545 2.26 -0.98 -56.78
N PHE F 546 2.00 -2.00 -55.99
CA PHE F 546 2.04 -1.90 -54.54
C PHE F 546 2.78 -3.08 -53.95
N GLU F 547 3.77 -2.79 -53.11
CA GLU F 547 4.53 -3.84 -52.44
C GLU F 547 4.55 -3.57 -50.95
N GLY F 548 5.17 -4.47 -50.20
CA GLY F 548 5.31 -4.30 -48.77
C GLY F 548 4.58 -5.37 -47.98
N SER F 549 4.82 -5.40 -46.67
CA SER F 549 4.21 -6.38 -45.78
C SER F 549 2.69 -6.29 -45.85
N ALA F 550 2.17 -5.07 -45.83
CA ALA F 550 0.73 -4.83 -45.93
C ALA F 550 0.46 -3.68 -46.90
N CYS F 551 1.21 -3.64 -48.00
CA CYS F 551 1.14 -2.52 -48.93
C CYS F 551 1.61 -1.25 -48.24
N GLN F 552 2.58 -1.40 -47.34
CA GLN F 552 3.09 -0.27 -46.58
C GLN F 552 4.01 0.58 -47.44
N CYS F 553 4.83 -0.08 -48.23
CA CYS F 553 5.61 0.61 -49.24
C CYS F 553 4.79 0.62 -50.52
N GLU F 554 3.82 1.53 -50.55
CA GLU F 554 2.70 1.42 -51.47
C GLU F 554 3.02 1.40 -52.96
N ARG F 555 4.06 2.11 -53.38
CA ARG F 555 4.37 2.22 -54.81
C ARG F 555 5.78 1.78 -55.16
N THR F 556 5.91 1.10 -56.30
CA THR F 556 7.22 0.71 -56.83
C THR F 556 7.79 1.85 -57.67
N THR F 557 7.02 2.93 -57.80
CA THR F 557 7.45 4.11 -58.55
C THR F 557 8.56 4.82 -57.78
N GLU F 558 8.88 6.04 -58.22
CA GLU F 558 9.87 6.86 -57.55
C GLU F 558 9.49 8.34 -57.59
N GLY F 559 8.70 8.76 -56.60
CA GLY F 559 8.42 10.17 -56.42
C GLY F 559 9.59 10.83 -55.71
N CYS F 560 10.60 10.01 -55.37
CA CYS F 560 11.82 10.51 -54.75
C CYS F 560 12.65 11.28 -55.76
N LEU F 561 12.25 11.23 -57.02
CA LEU F 561 12.97 11.93 -58.08
C LEU F 561 12.55 13.39 -58.14
N ASN F 562 13.54 14.27 -58.31
CA ASN F 562 13.28 15.68 -58.48
C ASN F 562 13.22 16.02 -59.97
N PRO F 563 13.16 17.31 -60.31
CA PRO F 563 13.29 17.65 -61.74
C PRO F 563 14.64 17.22 -62.31
N ARG F 564 15.67 17.18 -61.46
CA ARG F 564 16.98 16.71 -61.88
C ARG F 564 16.90 15.25 -62.30
N ARG F 565 15.84 14.57 -61.86
CA ARG F 565 15.63 13.15 -62.15
C ARG F 565 16.77 12.31 -61.60
N VAL F 566 17.29 12.73 -60.46
CA VAL F 566 18.22 11.92 -59.68
C VAL F 566 17.62 11.72 -58.30
N GLU F 567 17.54 10.47 -57.86
CA GLU F 567 16.84 10.13 -56.63
C GLU F 567 17.43 10.84 -55.41
N CYS F 568 16.59 11.56 -54.69
CA CYS F 568 16.95 12.11 -53.39
C CYS F 568 18.22 12.94 -53.43
N SER F 569 18.46 13.60 -54.55
CA SER F 569 19.61 14.48 -54.71
C SER F 569 20.89 13.85 -54.15
N GLY F 570 21.38 14.40 -53.04
CA GLY F 570 22.69 14.05 -52.54
C GLY F 570 22.79 12.62 -52.02
N ARG F 571 22.16 12.37 -50.89
CA ARG F 571 22.18 11.05 -50.27
C ARG F 571 20.79 10.66 -49.79
N GLY F 572 20.50 9.37 -49.78
CA GLY F 572 19.22 8.88 -49.30
C GLY F 572 18.59 7.89 -50.25
N ARG F 573 18.50 6.64 -49.82
CA ARG F 573 17.83 5.60 -50.60
C ARG F 573 16.37 6.00 -50.81
N CYS F 574 15.79 5.52 -51.91
CA CYS F 574 14.42 5.85 -52.25
C CYS F 574 13.48 4.70 -51.88
N ARG F 575 13.04 4.69 -50.64
CA ARG F 575 12.15 3.64 -50.14
C ARG F 575 10.71 4.15 -50.01
N CYS F 576 9.82 3.61 -50.85
CA CYS F 576 8.40 3.93 -50.75
C CYS F 576 8.13 5.42 -50.97
N ASN F 577 8.71 5.98 -52.02
CA ASN F 577 8.51 7.39 -52.37
C ASN F 577 8.96 8.33 -51.25
N VAL F 578 10.01 7.93 -50.53
CA VAL F 578 10.60 8.78 -49.51
C VAL F 578 12.12 8.67 -49.60
N CYS F 579 12.81 9.67 -49.09
CA CYS F 579 14.26 9.68 -49.13
C CYS F 579 14.82 9.58 -47.71
N GLU F 580 15.91 8.84 -47.56
CA GLU F 580 16.59 8.71 -46.28
C GLU F 580 17.83 9.58 -46.28
N CYS F 581 17.64 10.89 -46.30
CA CYS F 581 18.75 11.84 -46.42
C CYS F 581 19.82 11.56 -45.39
N HIS F 582 21.05 11.40 -45.85
CA HIS F 582 22.18 11.23 -44.95
C HIS F 582 22.40 12.56 -44.20
N SER F 583 23.17 12.49 -43.12
CA SER F 583 23.42 13.67 -42.29
C SER F 583 22.12 14.41 -41.98
N GLY F 584 22.21 15.74 -41.87
CA GLY F 584 21.06 16.55 -41.51
C GLY F 584 20.19 16.96 -42.69
N TYR F 585 20.53 16.51 -43.89
CA TYR F 585 19.76 16.89 -45.07
C TYR F 585 18.30 16.52 -44.86
N GLN F 586 17.40 17.39 -45.30
CA GLN F 586 16.01 17.29 -44.94
C GLN F 586 15.10 17.02 -46.14
N LEU F 587 13.82 16.81 -45.85
CA LEU F 587 12.88 16.33 -46.84
C LEU F 587 12.39 17.46 -47.73
N PRO F 588 11.78 17.11 -48.88
CA PRO F 588 11.52 15.73 -49.31
C PRO F 588 12.69 15.10 -50.08
N LEU F 589 13.40 15.88 -50.87
CA LEU F 589 14.34 15.32 -51.83
C LEU F 589 15.80 15.48 -51.41
N CYS F 590 16.03 15.92 -50.18
CA CYS F 590 17.37 15.94 -49.59
C CYS F 590 18.31 16.90 -50.31
N GLN F 591 18.09 18.20 -50.11
CA GLN F 591 18.97 19.22 -50.66
C GLN F 591 19.46 20.14 -49.55
N GLU F 592 18.54 20.68 -48.77
CA GLU F 592 18.87 21.65 -47.73
C GLU F 592 19.20 20.96 -46.42
N CYS F 593 20.45 21.09 -46.00
CA CYS F 593 20.85 20.69 -44.65
C CYS F 593 20.98 21.96 -43.80
N PRO F 594 19.86 22.37 -43.19
CA PRO F 594 19.78 23.66 -42.48
C PRO F 594 20.81 23.84 -41.37
N GLY F 595 21.47 22.75 -40.97
CA GLY F 595 22.37 22.79 -39.82
C GLY F 595 23.85 22.80 -40.18
N CYS F 596 24.18 22.29 -41.36
CA CYS F 596 25.56 22.22 -41.80
C CYS F 596 26.25 23.56 -41.58
N PRO F 597 27.53 23.54 -41.21
CA PRO F 597 28.25 24.75 -40.79
C PRO F 597 28.46 25.75 -41.94
N SER F 598 29.16 25.28 -42.97
CA SER F 598 29.35 25.96 -44.25
C SER F 598 30.83 26.03 -44.57
N PRO F 599 31.42 24.88 -44.92
CA PRO F 599 32.86 24.75 -45.14
C PRO F 599 33.38 25.52 -46.35
N CYS F 600 34.07 26.62 -46.09
CA CYS F 600 34.80 27.34 -47.14
C CYS F 600 36.28 27.03 -47.02
N GLY F 601 36.71 26.66 -45.82
CA GLY F 601 38.07 26.18 -45.61
C GLY F 601 38.30 24.96 -46.48
N LYS F 602 39.56 24.69 -46.82
CA LYS F 602 39.90 23.57 -47.69
C LYS F 602 39.40 23.79 -49.13
N TYR F 603 38.62 24.84 -49.36
CA TYR F 603 38.09 25.14 -50.68
C TYR F 603 38.81 26.34 -51.31
N ILE F 604 39.52 27.08 -50.48
CA ILE F 604 40.29 28.23 -50.94
C ILE F 604 41.41 27.77 -51.86
N SER F 605 42.09 26.69 -51.47
CA SER F 605 43.20 26.18 -52.25
C SER F 605 42.79 25.85 -53.68
N CYS F 606 41.55 25.41 -53.86
CA CYS F 606 41.06 25.02 -55.18
C CYS F 606 40.35 26.17 -55.89
N ALA F 607 39.94 27.17 -55.12
CA ALA F 607 39.27 28.33 -55.69
C ALA F 607 40.25 29.17 -56.48
N GLU F 608 41.49 29.24 -55.99
CA GLU F 608 42.55 29.97 -56.68
C GLU F 608 43.27 29.07 -57.67
N CYS F 609 42.80 27.83 -57.81
CA CYS F 609 43.37 26.90 -58.76
C CYS F 609 42.51 26.78 -60.01
N LEU F 610 41.34 27.41 -59.98
CA LEU F 610 40.42 27.34 -61.10
C LEU F 610 40.23 28.71 -61.76
N LYS F 611 39.61 29.64 -61.04
CA LYS F 611 39.45 30.99 -61.57
C LYS F 611 40.81 31.64 -61.73
N PHE F 612 41.45 31.93 -60.60
CA PHE F 612 42.82 32.41 -60.59
C PHE F 612 43.74 31.22 -60.81
N GLU F 613 44.97 31.47 -61.22
CA GLU F 613 45.94 30.41 -61.41
C GLU F 613 47.12 30.59 -60.46
N LYS F 614 46.84 30.43 -59.16
CA LYS F 614 47.84 30.63 -58.13
C LYS F 614 48.33 29.30 -57.57
N GLY F 615 48.56 28.35 -58.47
CA GLY F 615 49.19 27.09 -58.11
C GLY F 615 48.29 26.11 -57.38
N PRO F 616 47.84 25.06 -58.09
CA PRO F 616 47.25 23.89 -57.43
C PRO F 616 48.24 23.34 -56.42
N PHE F 617 47.95 23.49 -55.13
CA PHE F 617 48.95 23.25 -54.09
C PHE F 617 49.27 21.78 -53.85
N GLY F 618 48.44 21.10 -53.06
CA GLY F 618 48.70 19.72 -52.68
C GLY F 618 49.30 18.89 -53.81
N LYS F 619 48.70 19.00 -54.98
CA LYS F 619 49.19 18.33 -56.18
C LYS F 619 48.93 19.22 -57.38
N ASN F 620 48.00 18.81 -58.24
CA ASN F 620 47.45 19.69 -59.26
C ASN F 620 46.00 19.98 -58.88
N CYS F 621 45.18 20.36 -59.85
CA CYS F 621 43.75 20.53 -59.62
C CYS F 621 42.97 19.79 -60.69
N SER F 622 41.65 19.88 -60.63
CA SER F 622 40.79 19.03 -61.44
C SER F 622 40.98 17.59 -60.99
N ALA F 623 41.68 17.42 -59.86
CA ALA F 623 41.94 16.11 -59.28
C ALA F 623 41.72 16.19 -57.78
N ALA F 624 42.31 17.22 -57.16
CA ALA F 624 42.07 17.51 -55.76
C ALA F 624 40.98 18.57 -55.62
N CYS F 625 40.20 18.76 -56.69
CA CYS F 625 39.14 19.77 -56.70
C CYS F 625 37.97 19.35 -57.59
N PRO F 626 37.30 18.25 -57.24
CA PRO F 626 36.14 17.74 -58.00
C PRO F 626 34.89 18.64 -57.97
N GLY F 627 35.04 19.88 -57.53
CA GLY F 627 34.01 20.89 -57.74
C GLY F 627 34.14 21.36 -59.17
N LEU F 628 33.97 20.42 -60.10
CA LEU F 628 34.43 20.55 -61.48
C LEU F 628 33.95 21.81 -62.20
N GLN F 629 32.76 22.29 -61.86
CA GLN F 629 32.16 23.39 -62.60
C GLN F 629 32.52 24.76 -62.01
N LEU F 630 32.70 25.73 -62.90
CA LEU F 630 33.03 27.09 -62.50
C LEU F 630 32.31 28.08 -63.42
N SER F 631 31.00 27.97 -63.49
CA SER F 631 30.20 28.79 -64.41
C SER F 631 30.65 30.23 -64.46
N ASN F 632 30.61 30.80 -65.67
CA ASN F 632 30.87 32.22 -65.88
C ASN F 632 29.56 32.99 -65.73
N ASN F 633 28.87 32.75 -64.61
CA ASN F 633 27.59 33.40 -64.36
C ASN F 633 27.37 33.69 -62.87
N PRO F 634 26.47 34.65 -62.58
CA PRO F 634 26.11 35.04 -61.21
C PRO F 634 25.28 34.01 -60.45
N VAL F 635 25.84 32.82 -60.24
CA VAL F 635 25.21 31.83 -59.37
C VAL F 635 25.30 32.34 -57.93
N LYS F 636 24.47 31.78 -57.05
CA LYS F 636 24.41 32.25 -55.67
C LYS F 636 23.85 31.18 -54.73
N GLY F 637 23.68 31.57 -53.47
CA GLY F 637 23.09 30.69 -52.47
C GLY F 637 23.95 30.60 -51.23
N ARG F 638 25.16 30.08 -51.38
CA ARG F 638 26.08 29.95 -50.26
C ARG F 638 27.15 31.03 -50.35
N THR F 639 26.71 32.28 -50.25
CA THR F 639 27.61 33.43 -50.34
C THR F 639 28.81 33.27 -49.42
N CYS F 640 29.93 32.84 -49.99
CA CYS F 640 31.16 32.67 -49.24
C CYS F 640 32.13 33.81 -49.55
N LYS F 641 33.06 34.08 -48.63
CA LYS F 641 34.04 35.14 -48.82
C LYS F 641 35.19 34.99 -47.83
N GLU F 642 36.20 34.21 -48.20
CA GLU F 642 37.38 34.00 -47.36
C GLU F 642 38.62 34.52 -48.07
N ARG F 643 39.80 34.19 -47.54
CA ARG F 643 41.05 34.68 -48.09
C ARG F 643 41.70 33.67 -49.03
N ASP F 644 42.83 34.09 -49.63
CA ASP F 644 43.56 33.26 -50.59
C ASP F 644 44.79 32.63 -49.94
N SER F 645 45.76 32.26 -50.77
CA SER F 645 46.99 31.63 -50.29
C SER F 645 47.93 32.64 -49.64
N GLU F 646 47.81 33.90 -50.03
CA GLU F 646 48.69 34.94 -49.52
C GLU F 646 48.00 36.30 -49.39
N GLY F 647 47.21 36.47 -48.34
CA GLY F 647 46.67 37.76 -47.97
C GLY F 647 45.30 38.09 -48.52
N CYS F 648 45.21 38.27 -49.83
CA CYS F 648 44.01 38.83 -50.46
C CYS F 648 42.71 38.07 -50.18
N TRP F 649 41.66 38.83 -49.87
CA TRP F 649 40.33 38.28 -49.64
C TRP F 649 39.63 37.92 -50.94
N VAL F 650 39.60 36.64 -51.27
CA VAL F 650 38.93 36.19 -52.48
C VAL F 650 37.46 35.90 -52.22
N ALA F 651 36.59 36.63 -52.91
CA ALA F 651 35.14 36.45 -52.79
C ALA F 651 34.66 35.41 -53.80
N TYR F 652 33.59 34.71 -53.46
CA TYR F 652 32.99 33.73 -54.36
C TYR F 652 31.77 33.07 -53.71
N THR F 653 30.69 32.97 -54.48
CA THR F 653 29.51 32.23 -54.04
C THR F 653 29.79 30.74 -54.24
N LEU F 654 28.83 29.90 -53.88
CA LEU F 654 29.05 28.47 -53.93
C LEU F 654 27.73 27.70 -53.97
N GLU F 655 27.21 27.48 -55.18
CA GLU F 655 25.94 26.77 -55.35
C GLU F 655 26.16 25.27 -55.51
N GLN F 656 25.96 24.52 -54.43
CA GLN F 656 26.08 23.06 -54.45
C GLN F 656 24.99 22.47 -55.34
N GLN F 657 25.18 21.24 -55.78
CA GLN F 657 24.19 20.57 -56.61
C GLN F 657 24.22 19.05 -56.46
N ASP F 658 23.08 18.51 -56.04
CA ASP F 658 22.86 17.06 -56.02
C ASP F 658 23.79 16.30 -55.06
N GLY F 659 24.65 15.45 -55.61
CA GLY F 659 25.30 14.40 -54.84
C GLY F 659 26.63 14.73 -54.22
N MET F 660 26.79 14.38 -52.95
CA MET F 660 28.07 14.46 -52.26
C MET F 660 28.74 15.82 -52.43
N ASP F 661 30.05 15.80 -52.71
CA ASP F 661 30.84 17.02 -52.80
C ASP F 661 30.89 17.54 -54.23
N ARG F 662 29.72 17.73 -54.82
CA ARG F 662 29.62 18.31 -56.16
C ARG F 662 29.19 19.76 -56.03
N TYR F 663 29.88 20.66 -56.73
CA TYR F 663 29.63 22.08 -56.56
C TYR F 663 29.70 22.87 -57.87
N LEU F 664 29.43 24.17 -57.75
CA LEU F 664 29.35 25.06 -58.89
C LEU F 664 29.67 26.48 -58.43
N ILE F 665 30.82 27.00 -58.86
CA ILE F 665 31.34 28.24 -58.30
C ILE F 665 31.49 29.37 -59.32
N TYR F 666 31.45 30.59 -58.82
CA TYR F 666 31.85 31.76 -59.59
C TYR F 666 32.77 32.61 -58.73
N VAL F 667 34.07 32.50 -58.94
CA VAL F 667 35.05 33.25 -58.15
C VAL F 667 35.16 34.68 -58.66
N ASP F 668 34.72 35.63 -57.83
CA ASP F 668 34.75 37.03 -58.21
C ASP F 668 36.08 37.39 -58.85
N GLU F 669 36.02 38.19 -59.91
CA GLU F 669 37.21 38.71 -60.55
C GLU F 669 37.74 39.90 -59.77
N SER F 670 38.31 39.62 -58.60
CA SER F 670 38.76 40.67 -57.69
C SER F 670 39.58 40.09 -56.53
N ARG F 671 40.35 40.96 -55.86
CA ARG F 671 41.12 40.57 -54.69
C ARG F 671 41.29 41.78 -53.75
N GLU F 672 41.93 41.58 -52.62
CA GLU F 672 42.09 42.66 -51.63
C GLU F 672 43.30 42.45 -50.73
N CYS F 673 44.45 42.95 -51.16
CA CYS F 673 45.68 42.82 -50.40
C CYS F 673 45.95 44.08 -49.56
N PHE G 1 33.75 -20.55 20.09
CA PHE G 1 35.07 -19.86 20.07
C PHE G 1 35.16 -18.83 21.17
N ASN G 2 34.26 -18.92 22.15
CA ASN G 2 34.21 -17.99 23.26
C ASN G 2 34.13 -18.73 24.58
N LEU G 3 35.06 -19.65 24.79
CA LEU G 3 35.13 -20.41 26.02
C LEU G 3 36.33 -19.95 26.85
N ASP G 4 36.04 -19.35 28.00
CA ASP G 4 37.08 -18.74 28.83
C ASP G 4 38.21 -19.70 29.15
N THR G 5 39.44 -19.23 28.97
CA THR G 5 40.62 -20.01 29.28
C THR G 5 41.57 -19.20 30.16
N GLU G 6 41.02 -18.48 31.12
CA GLU G 6 41.82 -17.64 32.01
C GLU G 6 41.16 -17.49 33.38
N GLU G 7 40.05 -16.77 33.42
CA GLU G 7 39.36 -16.51 34.68
C GLU G 7 38.19 -17.46 34.88
N LEU G 8 38.49 -18.69 35.32
CA LEU G 8 37.45 -19.69 35.57
C LEU G 8 37.54 -20.20 37.01
N THR G 9 36.58 -21.04 37.38
CA THR G 9 36.57 -21.61 38.72
C THR G 9 37.01 -23.07 38.68
N ALA G 10 37.64 -23.54 39.77
CA ALA G 10 38.13 -24.91 39.84
C ALA G 10 37.86 -25.54 41.20
N PHE G 11 37.16 -26.67 41.20
CA PHE G 11 36.89 -27.42 42.43
C PHE G 11 37.73 -28.69 42.49
N ARG G 12 38.79 -28.68 43.28
CA ARG G 12 39.66 -29.85 43.40
C ARG G 12 39.46 -30.59 44.72
N VAL G 13 38.32 -31.27 44.84
CA VAL G 13 38.03 -32.07 46.01
C VAL G 13 38.54 -33.49 45.81
N ASP G 14 39.61 -33.85 46.52
CA ASP G 14 40.21 -35.17 46.39
C ASP G 14 39.41 -36.22 47.17
N SER G 15 38.50 -36.90 46.49
CA SER G 15 37.69 -37.95 47.09
C SER G 15 37.63 -39.18 46.19
N ALA G 16 38.80 -39.73 45.86
CA ALA G 16 38.89 -40.95 45.06
C ALA G 16 38.41 -40.74 43.62
N GLY G 17 37.27 -41.31 43.29
CA GLY G 17 36.72 -41.20 41.94
C GLY G 17 35.93 -39.93 41.73
N PHE G 18 36.29 -38.88 42.46
CA PHE G 18 35.61 -37.59 42.37
C PHE G 18 35.77 -36.99 40.98
N GLY G 19 34.83 -36.14 40.60
CA GLY G 19 34.87 -35.52 39.30
C GLY G 19 34.97 -36.57 38.20
N ASP G 20 34.18 -37.62 38.33
CA ASP G 20 34.17 -38.70 37.35
C ASP G 20 32.85 -38.68 36.57
N SER G 21 31.84 -38.01 37.14
CA SER G 21 30.58 -37.78 36.43
C SER G 21 29.88 -36.57 37.02
N VAL G 22 29.47 -35.64 36.16
CA VAL G 22 28.92 -34.37 36.61
C VAL G 22 27.69 -33.93 35.80
N VAL G 23 26.85 -33.11 36.40
CA VAL G 23 25.66 -32.62 35.72
C VAL G 23 25.24 -31.24 36.23
N GLN G 24 24.50 -30.51 35.41
CA GLN G 24 24.00 -29.19 35.78
C GLN G 24 22.73 -29.32 36.62
N TYR G 25 22.85 -29.10 37.91
CA TYR G 25 21.69 -29.10 38.80
C TYR G 25 20.86 -27.87 38.49
N ALA G 26 19.81 -27.64 39.29
CA ALA G 26 19.15 -26.35 39.32
C ALA G 26 20.23 -25.30 39.12
N ASN G 27 19.93 -24.26 38.35
CA ASN G 27 20.95 -23.32 37.89
C ASN G 27 21.96 -22.92 38.96
N SER G 28 21.54 -22.89 40.22
CA SER G 28 22.36 -22.34 41.29
C SER G 28 23.57 -23.21 41.66
N TRP G 29 23.53 -24.49 41.33
CA TRP G 29 24.54 -25.43 41.80
C TRP G 29 24.99 -26.41 40.72
N VAL G 30 26.12 -27.07 40.96
CA VAL G 30 26.57 -28.16 40.10
C VAL G 30 26.91 -29.38 40.93
N VAL G 31 26.42 -30.54 40.48
CA VAL G 31 26.61 -31.77 41.22
C VAL G 31 27.66 -32.66 40.56
N VAL G 32 28.63 -33.10 41.35
CA VAL G 32 29.67 -34.00 40.86
C VAL G 32 29.49 -35.38 41.47
N GLY G 33 30.17 -36.37 40.90
CA GLY G 33 30.01 -37.74 41.36
C GLY G 33 31.33 -38.35 41.79
N ALA G 34 31.28 -39.11 42.89
CA ALA G 34 32.45 -39.84 43.37
C ALA G 34 32.05 -41.25 43.74
N PRO G 35 31.85 -42.11 42.73
CA PRO G 35 31.42 -43.49 42.96
C PRO G 35 32.35 -44.24 43.91
N GLN G 36 33.66 -44.00 43.79
CA GLN G 36 34.64 -44.74 44.57
C GLN G 36 35.06 -43.98 45.83
N LYS G 37 34.14 -43.22 46.41
CA LYS G 37 34.40 -42.55 47.68
C LYS G 37 33.99 -43.48 48.83
N ILE G 38 34.85 -44.43 49.13
CA ILE G 38 34.57 -45.47 50.11
C ILE G 38 33.84 -44.97 51.36
N THR G 39 32.75 -45.64 51.71
CA THR G 39 32.01 -45.35 52.93
C THR G 39 31.50 -46.65 53.56
N ALA G 40 31.80 -46.84 54.84
CA ALA G 40 31.38 -48.04 55.56
C ALA G 40 32.01 -49.30 54.95
N ALA G 41 31.26 -50.39 54.93
CA ALA G 41 31.80 -51.66 54.45
C ALA G 41 31.55 -51.83 52.96
N ASN G 42 32.61 -51.64 52.17
CA ASN G 42 32.51 -51.78 50.72
C ASN G 42 31.14 -51.33 50.23
N GLN G 43 30.78 -50.08 50.52
CA GLN G 43 29.45 -49.58 50.23
C GLN G 43 29.44 -48.49 49.15
N THR G 44 28.74 -47.40 49.40
CA THR G 44 28.51 -46.37 48.39
C THR G 44 29.73 -45.49 48.19
N GLY G 45 29.53 -44.37 47.48
CA GLY G 45 30.57 -43.38 47.28
C GLY G 45 30.21 -42.06 47.94
N GLY G 46 29.39 -41.27 47.26
CA GLY G 46 28.95 -40.00 47.81
C GLY G 46 28.88 -38.89 46.78
N LEU G 47 28.06 -37.87 47.05
CA LEU G 47 27.89 -36.75 46.14
C LEU G 47 28.34 -35.44 46.76
N TYR G 48 28.59 -34.45 45.91
CA TYR G 48 29.03 -33.13 46.36
C TYR G 48 28.36 -32.01 45.57
N GLN G 49 27.72 -31.09 46.29
CA GLN G 49 27.15 -29.91 45.67
C GLN G 49 28.13 -28.75 45.81
N CYS G 50 28.31 -27.98 44.75
CA CYS G 50 29.28 -26.88 44.74
C CYS G 50 28.63 -25.61 44.22
N GLY G 51 28.86 -24.51 44.93
CA GLY G 51 28.33 -23.22 44.53
C GLY G 51 29.42 -22.31 44.00
N TYR G 52 29.04 -21.34 43.17
CA TYR G 52 30.01 -20.42 42.58
C TYR G 52 30.45 -19.37 43.59
N SER G 53 29.50 -18.83 44.34
CA SER G 53 29.78 -17.78 45.32
C SER G 53 31.12 -18.03 46.01
N THR G 54 31.22 -19.16 46.69
CA THR G 54 32.47 -19.56 47.33
C THR G 54 33.01 -20.83 46.66
N GLY G 55 34.28 -20.79 46.30
CA GLY G 55 34.92 -21.91 45.63
C GLY G 55 35.18 -23.08 46.56
N ALA G 56 34.13 -23.83 46.87
CA ALA G 56 34.22 -24.95 47.80
C ALA G 56 33.05 -25.91 47.61
N CYS G 57 33.28 -27.19 47.88
CA CYS G 57 32.24 -28.21 47.73
C CYS G 57 31.78 -28.72 49.09
N GLU G 58 30.48 -28.61 49.35
CA GLU G 58 29.89 -29.14 50.58
C GLU G 58 29.30 -30.52 50.35
N PRO G 59 29.60 -31.47 51.24
CA PRO G 59 29.00 -32.80 51.15
C PRO G 59 27.48 -32.70 51.12
N ILE G 60 26.81 -33.72 50.58
CA ILE G 60 25.35 -33.71 50.53
C ILE G 60 24.76 -34.83 51.40
N GLY G 61 23.80 -34.47 52.24
CA GLY G 61 23.19 -35.41 53.16
C GLY G 61 22.39 -36.49 52.46
N LEU G 62 22.61 -37.74 52.87
CA LEU G 62 21.94 -38.87 52.24
C LEU G 62 21.63 -39.99 53.23
N GLN G 63 20.45 -40.57 53.09
CA GLN G 63 20.04 -41.69 53.93
C GLN G 63 20.31 -43.01 53.20
N VAL G 64 21.58 -43.36 53.08
CA VAL G 64 21.98 -44.58 52.37
C VAL G 64 21.49 -45.81 53.11
N PRO G 65 20.49 -46.51 52.55
CA PRO G 65 19.95 -47.70 53.21
C PRO G 65 21.00 -48.80 53.35
N PRO G 66 21.00 -49.50 54.49
CA PRO G 66 21.93 -50.63 54.65
C PRO G 66 21.78 -51.63 53.51
N GLU G 67 20.57 -51.71 52.97
CA GLU G 67 20.26 -52.63 51.88
C GLU G 67 21.22 -52.44 50.70
N ALA G 68 21.36 -51.20 50.26
CA ALA G 68 22.22 -50.89 49.13
C ALA G 68 23.68 -50.96 49.53
N VAL G 69 24.41 -51.88 48.92
CA VAL G 69 25.83 -52.08 49.23
C VAL G 69 26.68 -51.94 47.98
N ASN G 70 27.94 -51.57 48.19
CA ASN G 70 28.89 -51.36 47.11
C ASN G 70 28.24 -50.79 45.86
N MET G 71 27.28 -49.89 46.04
CA MET G 71 26.54 -49.33 44.91
C MET G 71 27.32 -48.17 44.30
N SER G 72 28.32 -47.69 45.01
CA SER G 72 29.17 -46.62 44.50
C SER G 72 28.35 -45.59 43.72
N LEU G 73 27.49 -44.85 44.44
CA LEU G 73 26.58 -43.91 43.80
C LEU G 73 27.33 -42.74 43.16
N GLY G 74 26.63 -41.98 42.32
CA GLY G 74 27.23 -40.87 41.61
C GLY G 74 27.70 -41.23 40.22
N LEU G 75 27.92 -42.52 39.98
CA LEU G 75 28.42 -43.00 38.69
C LEU G 75 27.54 -42.52 37.55
N SER G 76 26.24 -42.57 37.76
CA SER G 76 25.28 -42.08 36.76
C SER G 76 24.51 -40.90 37.32
N LEU G 77 24.41 -39.83 36.53
CA LEU G 77 23.71 -38.62 36.96
C LEU G 77 22.78 -38.10 35.86
N ALA G 78 21.84 -37.24 36.26
CA ALA G 78 20.88 -36.66 35.31
C ALA G 78 20.06 -35.56 36.00
N SER G 79 19.84 -34.45 35.31
CA SER G 79 19.12 -33.32 35.88
C SER G 79 18.07 -32.77 34.92
N THR G 80 16.91 -32.40 35.47
CA THR G 80 15.86 -31.76 34.67
C THR G 80 15.66 -30.32 35.11
N THR G 81 14.98 -29.55 34.26
CA THR G 81 14.72 -28.15 34.52
C THR G 81 13.24 -27.93 34.75
N SER G 82 12.42 -28.88 34.30
CA SER G 82 10.99 -28.68 34.18
C SER G 82 10.47 -28.03 35.48
N PRO G 83 10.15 -28.84 36.50
CA PRO G 83 10.59 -28.31 37.78
C PRO G 83 12.00 -28.79 38.08
N SER G 84 12.83 -27.95 38.68
CA SER G 84 14.21 -28.32 38.95
C SER G 84 14.32 -29.53 39.88
N GLN G 85 14.80 -30.64 39.33
CA GLN G 85 15.09 -31.84 40.12
C GLN G 85 16.45 -32.40 39.73
N LEU G 86 16.91 -33.38 40.50
CA LEU G 86 18.16 -34.07 40.19
C LEU G 86 18.05 -35.56 40.45
N LEU G 87 18.91 -36.33 39.80
CA LEU G 87 18.89 -37.77 39.90
C LEU G 87 20.30 -38.32 40.02
N ALA G 88 20.63 -38.83 41.20
CA ALA G 88 21.91 -39.50 41.42
C ALA G 88 21.67 -41.00 41.53
N CYS G 89 22.72 -41.81 41.33
CA CYS G 89 22.52 -43.25 41.21
C CYS G 89 23.71 -44.09 41.68
N GLY G 90 23.38 -45.18 42.39
CA GLY G 90 24.31 -46.28 42.60
C GLY G 90 23.94 -47.46 41.74
N PRO G 91 24.47 -47.51 40.50
CA PRO G 91 24.20 -48.59 39.54
C PRO G 91 24.87 -49.92 39.86
N THR G 92 25.32 -50.13 41.10
CA THR G 92 26.06 -51.35 41.44
C THR G 92 25.66 -51.91 42.80
N VAL G 93 24.37 -51.92 43.09
CA VAL G 93 23.88 -52.45 44.35
C VAL G 93 24.19 -53.94 44.44
N HIS G 94 24.52 -54.42 45.63
CA HIS G 94 24.78 -55.84 45.84
C HIS G 94 23.84 -56.40 46.90
N HIS G 95 22.99 -57.34 46.49
CA HIS G 95 22.08 -58.00 47.41
C HIS G 95 22.37 -59.50 47.44
N GLU G 96 22.71 -60.00 48.62
CA GLU G 96 23.11 -61.40 48.77
C GLU G 96 21.91 -62.34 48.78
N CYS G 97 21.81 -63.14 47.73
CA CYS G 97 20.76 -64.16 47.64
C CYS G 97 21.31 -65.53 48.00
N GLY G 98 22.38 -65.54 48.80
CA GLY G 98 22.99 -66.78 49.23
C GLY G 98 24.06 -67.27 48.27
N ARG G 99 23.69 -68.25 47.44
CA ARG G 99 24.61 -68.87 46.50
C ARG G 99 25.43 -67.85 45.71
N ASN G 100 24.75 -66.81 45.23
CA ASN G 100 25.40 -65.76 44.46
C ASN G 100 24.59 -64.47 44.48
N MET G 101 25.28 -63.35 44.71
CA MET G 101 24.63 -62.05 44.74
C MET G 101 24.52 -61.49 43.34
N TYR G 102 23.82 -60.38 43.20
CA TYR G 102 23.64 -59.76 41.88
C TYR G 102 23.69 -58.24 42.00
N LEU G 103 23.27 -57.55 40.94
CA LEU G 103 23.31 -56.10 40.91
C LEU G 103 22.00 -55.50 40.43
N THR G 104 21.43 -54.61 41.23
CA THR G 104 20.10 -54.10 40.96
C THR G 104 20.08 -52.61 40.62
N GLY G 105 20.81 -51.81 41.40
CA GLY G 105 20.82 -50.37 41.19
C GLY G 105 19.78 -49.64 42.03
N LEU G 106 20.16 -48.48 42.56
CA LEU G 106 19.29 -47.70 43.43
C LEU G 106 19.50 -46.20 43.23
N CYS G 107 18.45 -45.47 42.92
CA CYS G 107 18.57 -44.03 42.66
C CYS G 107 17.85 -43.16 43.69
N PHE G 108 18.23 -41.88 43.72
CA PHE G 108 17.67 -40.91 44.65
C PHE G 108 17.28 -39.62 43.92
N LEU G 109 16.03 -39.20 44.09
CA LEU G 109 15.57 -37.93 43.54
C LEU G 109 15.55 -36.86 44.62
N LEU G 110 16.27 -35.76 44.37
CA LEU G 110 16.34 -34.66 45.32
C LEU G 110 15.63 -33.42 44.76
N GLY G 111 15.89 -32.27 45.38
CA GLY G 111 15.30 -31.02 44.94
C GLY G 111 14.69 -30.24 46.09
N PRO G 112 14.03 -29.12 45.77
CA PRO G 112 13.27 -28.30 46.71
C PRO G 112 11.92 -28.93 47.06
N THR G 113 11.90 -30.24 47.24
CA THR G 113 10.68 -30.96 47.53
C THR G 113 10.96 -32.08 48.54
N GLN G 114 10.37 -33.26 48.30
CA GLN G 114 10.59 -34.40 49.17
C GLN G 114 11.72 -35.25 48.63
N LEU G 115 12.59 -35.74 49.52
CA LEU G 115 13.71 -36.58 49.10
C LEU G 115 13.24 -37.98 48.75
N THR G 116 12.76 -38.15 47.53
CA THR G 116 12.26 -39.45 47.08
C THR G 116 13.42 -40.40 46.79
N GLN G 117 13.12 -41.69 46.82
CA GLN G 117 14.08 -42.71 46.42
C GLN G 117 13.35 -43.69 45.50
N ARG G 118 13.74 -43.71 44.22
CA ARG G 118 12.94 -44.43 43.24
C ARG G 118 13.66 -45.47 42.37
N LEU G 119 13.61 -46.72 42.80
CA LEU G 119 13.46 -47.83 41.88
C LEU G 119 12.00 -48.24 41.75
N PRO G 120 11.15 -47.92 42.75
CA PRO G 120 11.35 -47.21 44.01
C PRO G 120 11.50 -48.05 45.28
N VAL G 121 12.75 -48.35 45.62
CA VAL G 121 13.12 -48.73 46.98
C VAL G 121 12.35 -49.95 47.50
N SER G 122 11.68 -50.65 46.58
CA SER G 122 11.26 -52.01 46.85
C SER G 122 12.51 -52.88 46.73
N ARG G 123 13.28 -52.98 47.81
CA ARG G 123 14.55 -53.69 47.77
C ARG G 123 14.38 -54.98 46.98
N GLN G 124 14.99 -55.04 45.81
CA GLN G 124 14.76 -56.13 44.87
C GLN G 124 15.15 -57.48 45.46
N GLU G 125 14.17 -58.18 46.02
CA GLU G 125 14.39 -59.47 46.66
C GLU G 125 14.91 -60.50 45.66
N CYS G 126 15.56 -61.54 46.18
CA CYS G 126 16.17 -62.58 45.36
C CYS G 126 15.15 -63.42 44.62
N PRO G 127 15.62 -64.28 43.70
CA PRO G 127 14.80 -65.32 43.08
C PRO G 127 14.90 -66.52 44.02
N ARG G 128 13.80 -66.96 44.65
CA ARG G 128 13.91 -67.44 46.03
C ARG G 128 13.45 -68.87 46.29
N GLN G 129 13.99 -69.47 47.35
CA GLN G 129 13.88 -70.90 47.62
C GLN G 129 12.69 -71.33 48.46
N GLU G 130 11.75 -72.01 47.81
CA GLU G 130 10.81 -72.89 48.49
C GLU G 130 11.28 -74.32 48.22
N GLN G 131 11.37 -75.13 49.27
CA GLN G 131 11.71 -76.53 49.12
C GLN G 131 10.65 -77.39 49.81
N ASP G 132 10.25 -78.48 49.16
CA ASP G 132 9.22 -79.37 49.71
C ASP G 132 9.77 -80.78 49.97
N ILE G 133 10.67 -80.89 50.94
CA ILE G 133 11.35 -82.16 51.24
C ILE G 133 10.41 -83.19 51.87
N VAL G 134 10.39 -84.40 51.30
CA VAL G 134 9.62 -85.52 51.85
C VAL G 134 10.54 -86.63 52.36
N PHE G 135 10.50 -86.92 53.66
CA PHE G 135 11.27 -88.04 54.21
C PHE G 135 10.49 -89.32 53.97
N LEU G 136 11.19 -90.35 53.50
CA LEU G 136 10.59 -91.66 53.26
C LEU G 136 11.44 -92.67 54.03
N ILE G 137 10.82 -93.39 54.96
CA ILE G 137 11.55 -94.25 55.89
C ILE G 137 11.04 -95.68 55.86
N ASP G 138 11.93 -96.62 55.53
CA ASP G 138 11.59 -98.02 55.59
C ASP G 138 11.29 -98.43 57.04
N GLY G 139 10.14 -99.06 57.23
CA GLY G 139 9.71 -99.46 58.55
C GLY G 139 9.49 -100.95 58.65
N SER G 140 10.10 -101.69 57.73
CA SER G 140 10.00 -103.15 57.72
C SER G 140 10.45 -103.73 59.05
N GLY G 141 10.19 -105.02 59.24
CA GLY G 141 10.47 -105.67 60.51
C GLY G 141 11.93 -105.98 60.75
N SER G 142 12.77 -105.76 59.74
CA SER G 142 14.19 -106.03 59.88
C SER G 142 14.87 -104.97 60.75
N ILE G 143 14.31 -103.77 60.76
CA ILE G 143 14.83 -102.70 61.61
C ILE G 143 14.39 -102.94 63.06
N SER G 144 15.35 -102.87 63.98
CA SER G 144 15.04 -103.07 65.40
C SER G 144 14.36 -101.84 65.98
N SER G 145 13.72 -102.01 67.13
CA SER G 145 13.02 -100.91 67.78
C SER G 145 14.01 -99.87 68.29
N ARG G 146 15.27 -100.28 68.41
CA ARG G 146 16.32 -99.37 68.86
C ARG G 146 16.85 -98.55 67.71
N ASN G 147 16.96 -99.18 66.55
CA ASN G 147 17.43 -98.48 65.36
C ASN G 147 16.34 -97.59 64.76
N PHE G 148 15.18 -97.57 65.39
CA PHE G 148 14.05 -96.83 64.86
C PHE G 148 13.95 -95.45 65.48
N ALA G 149 14.04 -95.36 66.80
CA ALA G 149 14.02 -94.06 67.47
C ALA G 149 15.32 -93.30 67.18
N THR G 150 16.34 -94.01 66.71
CA THR G 150 17.61 -93.38 66.32
C THR G 150 17.46 -92.68 64.98
N MET G 151 16.67 -93.29 64.10
CA MET G 151 16.58 -92.88 62.72
C MET G 151 15.55 -91.78 62.58
N MET G 152 14.48 -91.87 63.37
CA MET G 152 13.48 -90.83 63.42
C MET G 152 14.01 -89.68 64.25
N ASN G 153 15.12 -89.94 64.95
CA ASN G 153 15.81 -88.86 65.66
C ASN G 153 16.81 -88.16 64.73
N PHE G 154 17.16 -88.83 63.64
CA PHE G 154 17.98 -88.20 62.61
C PHE G 154 17.08 -87.44 61.62
N VAL G 155 15.85 -87.89 61.45
CA VAL G 155 14.91 -87.22 60.56
C VAL G 155 14.57 -85.82 61.11
N ARG G 156 14.07 -85.78 62.34
CA ARG G 156 13.84 -84.50 63.04
C ARG G 156 15.08 -83.63 63.03
N ALA G 157 16.25 -84.27 62.99
CA ALA G 157 17.51 -83.52 63.01
C ALA G 157 17.80 -82.86 61.67
N VAL G 158 17.35 -83.47 60.58
CA VAL G 158 17.55 -82.90 59.26
C VAL G 158 16.38 -81.96 58.94
N ILE G 159 15.44 -81.86 59.89
CA ILE G 159 14.30 -80.96 59.72
C ILE G 159 14.55 -79.62 60.42
N SER G 160 15.36 -79.64 61.47
CA SER G 160 15.59 -78.43 62.25
C SER G 160 16.65 -77.53 61.60
N GLN G 161 17.61 -78.14 60.91
CA GLN G 161 18.63 -77.38 60.20
C GLN G 161 17.98 -76.50 59.12
N PHE G 162 16.74 -76.80 58.79
CA PHE G 162 15.99 -76.02 57.80
C PHE G 162 14.95 -75.12 58.49
N GLN G 163 14.66 -73.97 57.89
CA GLN G 163 13.76 -72.99 58.50
C GLN G 163 12.58 -72.65 57.57
N ARG G 164 11.36 -72.72 58.10
CA ARG G 164 10.16 -72.46 57.29
C ARG G 164 9.66 -71.03 57.47
N PRO G 165 8.73 -70.58 56.60
CA PRO G 165 8.04 -71.31 55.52
C PRO G 165 8.83 -71.40 54.22
N SER G 166 10.12 -71.12 54.26
CA SER G 166 10.95 -71.29 53.08
C SER G 166 11.49 -72.72 52.96
N THR G 167 11.01 -73.62 53.81
CA THR G 167 11.28 -75.04 53.66
C THR G 167 10.08 -75.79 54.21
N GLN G 168 9.76 -76.94 53.64
CA GLN G 168 8.60 -77.69 54.08
C GLN G 168 8.95 -79.18 54.16
N PHE G 169 8.19 -79.93 54.96
CA PHE G 169 8.43 -81.36 55.09
C PHE G 169 7.12 -82.17 55.11
N SER G 170 7.22 -83.47 54.82
CA SER G 170 6.06 -84.37 54.80
C SER G 170 6.57 -85.81 54.97
N LEU G 171 6.13 -86.50 56.01
CA LEU G 171 6.67 -87.82 56.32
C LEU G 171 5.73 -88.98 55.96
N MET G 172 6.32 -90.08 55.47
CA MET G 172 5.57 -91.29 55.17
C MET G 172 6.44 -92.50 55.50
N GLN G 173 5.83 -93.55 56.05
CA GLN G 173 6.55 -94.76 56.38
C GLN G 173 5.98 -95.92 55.61
N PHE G 174 6.86 -96.77 55.07
CA PHE G 174 6.43 -97.79 54.13
C PHE G 174 7.03 -99.16 54.45
N SER G 175 6.17 -100.09 54.85
CA SER G 175 6.58 -101.47 55.02
C SER G 175 5.76 -102.35 54.08
N ASN G 176 4.71 -102.96 54.61
CA ASN G 176 3.75 -103.66 53.75
C ASN G 176 2.56 -102.77 53.41
N LYS G 177 2.37 -101.71 54.18
CA LYS G 177 1.34 -100.72 53.88
C LYS G 177 1.97 -99.34 53.77
N PHE G 178 1.14 -98.30 53.67
CA PHE G 178 1.66 -96.95 53.46
C PHE G 178 0.89 -95.89 54.26
N GLN G 179 1.50 -95.45 55.36
CA GLN G 179 0.87 -94.47 56.24
C GLN G 179 1.50 -93.09 56.12
N THR G 180 0.69 -92.10 55.76
CA THR G 180 1.15 -90.72 55.73
C THR G 180 0.93 -90.09 57.10
N HIS G 181 1.99 -90.06 57.90
CA HIS G 181 1.87 -89.64 59.29
C HIS G 181 1.46 -88.18 59.41
N PHE G 182 2.08 -87.32 58.62
CA PHE G 182 1.63 -85.93 58.49
C PHE G 182 1.85 -85.43 57.05
N THR G 183 1.16 -84.35 56.68
CA THR G 183 1.30 -83.84 55.31
C THR G 183 1.97 -82.48 55.31
N PHE G 184 2.05 -81.87 54.13
CA PHE G 184 2.71 -80.58 54.00
C PHE G 184 1.89 -79.47 54.62
N GLU G 185 0.59 -79.71 54.74
CA GLU G 185 -0.33 -78.72 55.28
C GLU G 185 -0.26 -78.72 56.79
N GLU G 186 -0.08 -79.91 57.35
CA GLU G 186 0.01 -80.07 58.80
C GLU G 186 1.41 -79.79 59.31
N PHE G 187 2.22 -79.10 58.51
CA PHE G 187 3.56 -78.75 58.95
C PHE G 187 3.68 -77.25 59.08
N ARG G 188 3.21 -76.54 58.05
CA ARG G 188 3.19 -75.09 58.09
C ARG G 188 2.07 -74.60 59.00
N ARG G 189 1.10 -75.46 59.30
CA ARG G 189 0.00 -75.07 60.18
C ARG G 189 0.31 -75.37 61.64
N SER G 190 0.84 -76.56 61.90
CA SER G 190 1.22 -76.95 63.25
C SER G 190 2.40 -76.11 63.73
N SER G 191 2.16 -75.27 64.73
CA SER G 191 3.22 -74.43 65.24
C SER G 191 4.32 -75.28 65.85
N ASN G 192 4.02 -76.56 66.02
CA ASN G 192 5.02 -77.55 66.34
C ASN G 192 4.82 -78.78 65.44
N PRO G 193 5.62 -78.90 64.36
CA PRO G 193 5.71 -80.06 63.45
C PRO G 193 6.35 -81.42 64.00
N LEU G 194 7.64 -81.49 64.34
CA LEU G 194 8.27 -82.55 65.20
C LEU G 194 7.41 -83.20 66.33
N SER G 195 6.48 -82.46 66.94
CA SER G 195 5.49 -83.02 67.86
C SER G 195 4.72 -84.15 67.20
N LEU G 196 4.80 -84.21 65.87
CA LEU G 196 4.19 -85.29 65.11
C LEU G 196 5.25 -86.28 64.63
N LEU G 197 6.51 -86.06 64.99
CA LEU G 197 7.59 -86.94 64.57
C LEU G 197 7.82 -88.04 65.59
N ALA G 198 7.81 -87.68 66.87
CA ALA G 198 7.95 -88.68 67.92
C ALA G 198 6.59 -89.28 68.26
N SER G 199 5.59 -88.95 67.45
CA SER G 199 4.26 -89.51 67.63
C SER G 199 4.05 -90.76 66.79
N VAL G 200 4.83 -90.90 65.73
CA VAL G 200 4.72 -92.04 64.82
C VAL G 200 5.38 -93.28 65.42
N HIS G 201 4.83 -94.46 65.12
CA HIS G 201 5.37 -95.73 65.61
C HIS G 201 5.78 -96.65 64.45
N GLN G 202 6.68 -97.58 64.73
CA GLN G 202 7.17 -98.53 63.72
C GLN G 202 6.04 -99.38 63.15
N LEU G 203 6.23 -99.86 61.92
CA LEU G 203 5.22 -100.65 61.24
C LEU G 203 5.62 -102.13 61.13
N GLN G 204 6.92 -102.40 61.17
CA GLN G 204 7.44 -103.74 60.87
C GLN G 204 6.83 -104.21 59.54
N GLY G 205 6.57 -105.51 59.39
CA GLY G 205 5.97 -106.02 58.17
C GLY G 205 6.95 -106.14 57.00
N PHE G 206 6.41 -106.25 55.78
CA PHE G 206 7.22 -106.53 54.59
C PHE G 206 7.98 -105.30 54.09
N THR G 207 8.40 -105.33 52.82
CA THR G 207 9.14 -104.21 52.24
C THR G 207 8.74 -103.96 50.78
N TYR G 208 8.12 -102.82 50.52
CA TYR G 208 7.80 -102.42 49.15
C TYR G 208 8.38 -101.04 48.84
N THR G 209 9.65 -101.02 48.46
CA THR G 209 10.38 -99.77 48.20
C THR G 209 9.77 -98.97 47.06
N ALA G 210 9.72 -99.55 45.87
CA ALA G 210 9.23 -98.78 44.72
C ALA G 210 7.71 -98.50 44.72
N THR G 211 6.96 -99.14 45.61
CA THR G 211 5.54 -98.88 45.72
C THR G 211 5.29 -97.65 46.59
N ALA G 212 6.08 -97.51 47.65
CA ALA G 212 5.96 -96.36 48.53
C ALA G 212 6.41 -95.06 47.84
N ILE G 213 7.37 -95.15 46.94
CA ILE G 213 7.86 -93.97 46.22
C ILE G 213 6.76 -93.33 45.38
N GLN G 214 5.93 -94.16 44.75
CA GLN G 214 4.83 -93.66 43.94
C GLN G 214 3.68 -93.18 44.81
N ASN G 215 3.49 -93.83 45.95
CA ASN G 215 2.49 -93.39 46.90
C ASN G 215 2.91 -92.12 47.64
N VAL G 216 4.16 -91.72 47.42
CA VAL G 216 4.69 -90.50 48.02
C VAL G 216 4.56 -89.29 47.09
N VAL G 217 4.90 -89.47 45.82
CA VAL G 217 4.91 -88.37 44.86
C VAL G 217 3.55 -88.14 44.21
N HIS G 218 2.67 -89.12 44.30
CA HIS G 218 1.34 -88.99 43.72
C HIS G 218 0.30 -88.64 44.78
N ARG G 219 0.78 -88.22 45.95
CA ARG G 219 -0.09 -87.82 47.04
C ARG G 219 0.47 -86.63 47.80
N LEU G 220 1.64 -86.83 48.44
CA LEU G 220 2.23 -85.79 49.28
C LEU G 220 2.74 -84.61 48.46
N PHE G 221 3.13 -84.84 47.22
CA PHE G 221 3.62 -83.75 46.37
C PHE G 221 2.51 -83.12 45.52
N HIS G 222 1.24 -83.33 45.89
CA HIS G 222 0.13 -82.67 45.22
C HIS G 222 -0.12 -81.31 45.87
N ALA G 223 -0.64 -80.37 45.11
CA ALA G 223 -0.96 -79.06 45.67
C ALA G 223 -2.15 -79.20 46.60
N SER G 224 -2.79 -80.36 46.56
CA SER G 224 -3.93 -80.62 47.44
C SER G 224 -3.49 -80.82 48.88
N TYR G 225 -2.46 -81.62 49.11
CA TYR G 225 -2.00 -81.88 50.48
C TYR G 225 -1.25 -80.69 51.08
N GLY G 226 -0.82 -79.75 50.25
CA GLY G 226 -0.15 -78.56 50.73
C GLY G 226 1.25 -78.36 50.15
N ALA G 227 1.75 -79.39 49.48
CA ALA G 227 3.05 -79.30 48.81
C ALA G 227 3.01 -78.21 47.77
N ARG G 228 3.64 -77.07 48.09
CA ARG G 228 3.60 -75.89 47.23
C ARG G 228 3.87 -76.17 45.76
N ARG G 229 3.13 -75.47 44.91
CA ARG G 229 3.13 -75.72 43.47
C ARG G 229 4.46 -75.33 42.82
N ASP G 230 4.83 -74.07 42.93
CA ASP G 230 6.10 -73.60 42.42
C ASP G 230 7.19 -73.81 43.47
N ALA G 231 7.73 -75.03 43.55
CA ALA G 231 8.67 -75.39 44.59
C ALA G 231 9.72 -76.36 44.08
N ALA G 232 10.78 -76.56 44.86
CA ALA G 232 11.78 -77.58 44.55
C ALA G 232 11.40 -78.88 45.23
N LYS G 233 11.25 -79.95 44.44
CA LYS G 233 10.85 -81.24 44.99
C LYS G 233 12.05 -82.15 45.32
N ILE G 234 12.26 -82.40 46.61
CA ILE G 234 13.29 -83.31 47.09
C ILE G 234 12.64 -84.54 47.75
N LEU G 235 13.27 -85.72 47.64
CA LEU G 235 12.77 -86.93 48.31
C LEU G 235 13.93 -87.79 48.82
N ILE G 236 13.99 -87.96 50.14
CA ILE G 236 15.08 -88.69 50.77
C ILE G 236 14.55 -90.03 51.29
N VAL G 237 15.24 -91.12 50.98
CA VAL G 237 14.85 -92.43 51.49
C VAL G 237 15.91 -92.99 52.46
N ILE G 238 15.46 -93.70 53.50
CA ILE G 238 16.37 -94.37 54.43
C ILE G 238 15.93 -95.84 54.62
N THR G 239 16.66 -96.78 54.04
CA THR G 239 16.26 -98.18 54.04
C THR G 239 17.44 -99.10 54.35
N ASP G 240 17.17 -100.31 54.85
CA ASP G 240 18.26 -101.23 55.19
C ASP G 240 18.19 -102.55 54.40
N GLY G 241 17.43 -102.55 53.30
CA GLY G 241 17.32 -103.72 52.45
C GLY G 241 16.66 -103.39 51.12
N LYS G 242 16.67 -104.35 50.19
CA LYS G 242 16.11 -104.16 48.86
C LYS G 242 14.59 -104.19 48.88
N LYS G 243 13.98 -104.32 47.69
CA LYS G 243 12.54 -104.46 47.60
C LYS G 243 12.15 -105.89 47.25
N GLU G 244 11.62 -106.62 48.23
CA GLU G 244 11.17 -107.99 47.99
C GLU G 244 9.69 -108.12 48.30
N GLY G 245 8.95 -108.76 47.40
CA GLY G 245 7.49 -108.76 47.46
C GLY G 245 6.95 -107.51 46.80
N ASP G 246 7.85 -106.55 46.57
CA ASP G 246 7.50 -105.33 45.86
C ASP G 246 6.84 -105.66 44.54
N SER G 247 5.51 -105.55 44.49
CA SER G 247 4.77 -105.92 43.30
C SER G 247 4.95 -104.89 42.18
N LEU G 248 5.70 -103.82 42.46
CA LEU G 248 6.07 -102.85 41.43
C LEU G 248 7.52 -103.03 41.00
N ASP G 249 7.98 -102.16 40.10
CA ASP G 249 9.37 -102.12 39.66
C ASP G 249 9.82 -100.68 39.45
N TYR G 250 11.13 -100.46 39.38
CA TYR G 250 11.64 -99.10 39.18
C TYR G 250 11.54 -98.66 37.73
N LYS G 251 11.14 -99.58 36.85
CA LYS G 251 11.02 -99.26 35.44
C LYS G 251 9.75 -98.45 35.18
N ASP G 252 8.86 -98.43 36.18
CA ASP G 252 7.64 -97.65 36.06
C ASP G 252 7.67 -96.40 36.94
N VAL G 253 8.23 -96.52 38.14
CA VAL G 253 8.17 -95.41 39.09
C VAL G 253 9.15 -94.25 38.81
N ILE G 254 10.37 -94.56 38.38
CA ILE G 254 11.42 -93.52 38.26
C ILE G 254 11.14 -92.43 37.20
N PRO G 255 10.53 -92.81 36.06
CA PRO G 255 10.30 -91.88 34.94
C PRO G 255 9.30 -90.75 35.22
N MET G 256 8.16 -91.07 35.81
CA MET G 256 7.13 -90.06 36.03
C MET G 256 7.45 -89.21 37.25
N ALA G 257 8.45 -89.63 38.02
CA ALA G 257 8.87 -88.84 39.17
C ALA G 257 9.82 -87.72 38.73
N ASP G 258 10.75 -88.04 37.84
CA ASP G 258 11.63 -87.01 37.29
C ASP G 258 10.87 -86.00 36.43
N ALA G 259 9.64 -86.34 36.08
CA ALA G 259 8.81 -85.45 35.28
C ALA G 259 8.49 -84.17 36.06
N ALA G 260 7.95 -84.30 37.26
CA ALA G 260 7.66 -83.15 38.11
C ALA G 260 8.95 -82.55 38.66
N GLY G 261 10.07 -83.19 38.36
CA GLY G 261 11.36 -82.75 38.87
C GLY G 261 11.56 -83.07 40.34
N ILE G 262 12.07 -84.26 40.63
CA ILE G 262 12.32 -84.65 42.01
C ILE G 262 13.74 -85.19 42.18
N ILE G 263 14.63 -84.40 42.79
CA ILE G 263 15.97 -84.86 43.09
C ILE G 263 15.87 -85.91 44.20
N ARG G 264 16.41 -87.09 43.95
CA ARG G 264 16.20 -88.22 44.86
C ARG G 264 17.51 -88.64 45.55
N TYR G 265 17.51 -88.62 46.88
CA TYR G 265 18.68 -89.04 47.66
C TYR G 265 18.46 -90.48 48.18
N ALA G 266 19.47 -91.03 48.86
CA ALA G 266 19.37 -92.40 49.39
C ALA G 266 20.40 -92.66 50.49
N ILE G 267 19.94 -93.17 51.64
CA ILE G 267 20.84 -93.43 52.76
C ILE G 267 20.63 -94.84 53.31
N GLY G 268 21.51 -95.76 52.93
CA GLY G 268 21.39 -97.16 53.32
C GLY G 268 22.05 -97.53 54.63
N VAL G 269 21.78 -98.75 55.10
CA VAL G 269 22.40 -99.27 56.32
C VAL G 269 22.46 -100.80 56.29
N GLY G 270 23.68 -101.34 56.37
CA GLY G 270 23.86 -102.79 56.37
C GLY G 270 25.17 -103.24 55.76
N LEU G 271 25.60 -102.54 54.71
CA LEU G 271 26.79 -102.91 53.93
C LEU G 271 26.53 -104.15 53.08
N ALA G 272 25.38 -104.80 53.29
CA ALA G 272 24.91 -105.80 52.34
C ALA G 272 24.64 -105.10 51.02
N PHE G 273 24.65 -103.77 51.08
CA PHE G 273 24.47 -102.92 49.90
C PHE G 273 25.73 -102.89 49.05
N GLN G 274 26.89 -103.06 49.68
CA GLN G 274 28.14 -103.05 48.94
C GLN G 274 28.34 -104.37 48.19
N ASN G 275 27.31 -105.21 48.19
CA ASN G 275 27.26 -106.35 47.28
C ASN G 275 26.73 -105.89 45.93
N ARG G 276 26.95 -106.67 44.89
CA ARG G 276 26.58 -106.26 43.54
C ARG G 276 25.13 -106.61 43.20
N ASN G 277 24.34 -106.98 44.21
CA ASN G 277 22.92 -107.24 44.00
C ASN G 277 22.05 -106.24 44.73
N SER G 278 22.65 -105.48 45.64
CA SER G 278 21.91 -104.50 46.43
C SER G 278 22.51 -103.11 46.30
N TRP G 279 23.36 -102.92 45.29
CA TRP G 279 23.98 -101.62 45.07
C TRP G 279 23.27 -100.84 43.98
N LYS G 280 22.55 -101.55 43.12
CA LYS G 280 21.88 -100.92 41.99
C LYS G 280 20.58 -100.25 42.40
N GLU G 281 20.13 -100.52 43.63
CA GLU G 281 18.89 -99.92 44.13
C GLU G 281 19.15 -98.63 44.88
N LEU G 282 20.41 -98.18 44.90
CA LEU G 282 20.72 -96.85 45.41
C LEU G 282 20.87 -95.90 44.21
N ASN G 283 21.31 -96.44 43.08
CA ASN G 283 21.43 -95.66 41.87
C ASN G 283 20.07 -95.42 41.22
N ASP G 284 19.28 -96.49 41.08
CA ASP G 284 17.96 -96.38 40.49
C ASP G 284 17.06 -95.45 41.30
N ILE G 285 17.07 -95.61 42.61
CA ILE G 285 16.26 -94.77 43.49
C ILE G 285 16.64 -93.29 43.34
N ALA G 286 17.91 -92.98 43.62
CA ALA G 286 18.40 -91.61 43.52
C ALA G 286 18.27 -91.06 42.10
N SER G 287 18.42 -89.74 41.97
CA SER G 287 18.43 -89.09 40.67
C SER G 287 19.86 -88.86 40.21
N LYS G 288 20.07 -88.77 38.89
CA LYS G 288 21.41 -88.66 38.33
C LYS G 288 22.06 -87.33 38.71
N PRO G 289 23.38 -87.35 38.96
CA PRO G 289 24.26 -88.53 38.99
C PRO G 289 24.14 -89.34 40.27
N SER G 290 24.54 -90.61 40.21
CA SER G 290 24.40 -91.53 41.32
C SER G 290 25.45 -91.33 42.41
N GLN G 291 26.55 -90.66 42.09
CA GLN G 291 27.65 -90.48 43.03
C GLN G 291 27.53 -89.18 43.82
N GLU G 292 26.41 -88.49 43.68
CA GLU G 292 26.18 -87.23 44.38
C GLU G 292 24.99 -87.33 45.33
N HIS G 293 23.99 -88.10 44.91
CA HIS G 293 22.76 -88.24 45.68
C HIS G 293 22.69 -89.55 46.45
N ILE G 294 23.77 -89.91 47.13
CA ILE G 294 23.81 -91.11 47.96
C ILE G 294 24.84 -90.96 49.08
N PHE G 295 24.53 -91.54 50.24
CA PHE G 295 25.43 -91.49 51.39
C PHE G 295 25.24 -92.71 52.29
N LYS G 296 25.71 -93.87 51.83
CA LYS G 296 25.50 -95.14 52.52
C LYS G 296 26.26 -95.22 53.84
N VAL G 297 25.76 -96.04 54.76
CA VAL G 297 26.35 -96.19 56.09
C VAL G 297 26.21 -97.63 56.58
N GLU G 298 26.96 -97.98 57.62
CA GLU G 298 26.83 -99.30 58.24
C GLU G 298 25.99 -99.22 59.50
N ASP G 299 26.22 -98.17 60.28
CA ASP G 299 25.58 -98.01 61.58
C ASP G 299 24.44 -96.97 61.51
N PHE G 300 23.41 -97.17 62.32
CA PHE G 300 22.34 -96.19 62.42
C PHE G 300 22.75 -95.09 63.38
N ASP G 301 23.74 -95.38 64.22
CA ASP G 301 24.19 -94.43 65.22
C ASP G 301 25.04 -93.34 64.57
N ALA G 302 26.04 -93.77 63.80
CA ALA G 302 26.87 -92.83 63.07
C ALA G 302 26.21 -92.42 61.76
N LEU G 303 24.88 -92.46 61.73
CA LEU G 303 24.12 -91.93 60.62
C LEU G 303 24.00 -90.42 60.78
N LYS G 304 24.30 -89.92 61.97
CA LYS G 304 24.25 -88.48 62.22
C LYS G 304 25.63 -87.86 62.05
N ASP G 305 26.59 -88.69 61.69
CA ASP G 305 27.88 -88.20 61.26
C ASP G 305 27.72 -87.62 59.86
N ILE G 306 26.80 -88.20 59.09
CA ILE G 306 26.46 -87.69 57.77
C ILE G 306 25.25 -86.75 57.85
N GLN G 307 24.79 -86.48 59.06
CA GLN G 307 23.83 -85.41 59.29
C GLN G 307 24.56 -84.09 59.05
N ASN G 308 25.85 -84.10 59.37
CA ASN G 308 26.72 -82.96 59.12
C ASN G 308 27.00 -82.76 57.63
N GLN G 309 26.89 -83.82 56.84
CA GLN G 309 27.20 -83.74 55.43
C GLN G 309 25.98 -83.40 54.57
N LEU G 310 24.82 -83.93 54.95
CA LEU G 310 23.59 -83.70 54.18
C LEU G 310 23.23 -82.22 54.21
N LYS G 311 23.76 -81.53 55.22
CA LYS G 311 23.61 -80.08 55.32
C LYS G 311 23.67 -79.44 53.95
N GLU G 312 24.66 -79.83 53.14
CA GLU G 312 25.02 -79.06 51.97
C GLU G 312 24.31 -79.50 50.69
N LYS G 313 24.35 -80.79 50.37
CA LYS G 313 23.82 -81.27 49.10
C LYS G 313 22.42 -80.72 48.84
N ILE G 314 21.67 -80.45 49.91
CA ILE G 314 20.28 -80.00 49.77
C ILE G 314 20.16 -78.48 49.61
N PHE G 315 21.07 -77.74 50.22
CA PHE G 315 21.03 -76.28 50.12
C PHE G 315 21.59 -75.80 48.80
N ALA G 316 22.46 -76.61 48.19
CA ALA G 316 23.09 -76.24 46.94
C ALA G 316 22.14 -76.41 45.77
N ILE G 317 20.91 -76.85 46.06
CA ILE G 317 19.91 -77.04 45.01
C ILE G 317 19.51 -75.71 44.38
N GLU G 318 19.71 -75.60 43.06
CA GLU G 318 19.43 -74.38 42.32
C GLU G 318 18.40 -74.65 41.23
N GLY G 319 18.85 -75.43 40.24
CA GLY G 319 18.02 -75.78 39.11
C GLY G 319 18.81 -76.73 38.23
N THR G 320 18.25 -77.91 37.98
CA THR G 320 18.95 -78.92 37.21
C THR G 320 18.13 -79.35 35.99
N GLU G 321 18.35 -78.64 34.89
CA GLU G 321 17.67 -78.95 33.63
C GLU G 321 18.49 -78.48 32.44
N THR G 322 18.89 -77.21 32.46
CA THR G 322 19.73 -76.66 31.41
C THR G 322 21.19 -76.57 31.89
N THR G 323 21.65 -77.66 32.51
CA THR G 323 22.99 -77.73 33.09
C THR G 323 23.33 -76.54 34.00
N SER G 324 22.48 -76.30 35.01
CA SER G 324 22.71 -75.21 35.97
C SER G 324 23.35 -74.03 35.24
N SER G 325 22.49 -73.11 34.83
CA SER G 325 22.61 -72.46 33.53
C SER G 325 22.45 -70.97 33.56
N SER G 326 21.99 -70.45 32.42
CA SER G 326 20.73 -69.71 32.43
C SER G 326 20.28 -68.87 31.21
N SER G 327 19.76 -67.71 31.57
CA SER G 327 18.37 -67.40 31.25
C SER G 327 18.06 -65.92 31.38
N PHE G 328 18.95 -65.22 32.08
CA PHE G 328 18.59 -64.20 33.05
C PHE G 328 17.29 -63.43 32.83
N GLU G 329 16.89 -62.68 33.86
CA GLU G 329 15.71 -61.85 33.81
C GLU G 329 16.06 -60.43 34.23
N LEU G 330 16.20 -60.22 35.53
CA LEU G 330 16.53 -58.90 36.05
C LEU G 330 17.29 -58.96 37.36
N GLU G 331 18.41 -59.66 37.35
CA GLU G 331 19.23 -59.81 38.54
C GLU G 331 20.42 -58.88 38.50
N MET G 332 21.05 -58.79 37.33
CA MET G 332 22.24 -57.96 37.16
C MET G 332 21.99 -56.93 36.06
N ALA G 333 20.92 -56.15 36.22
CA ALA G 333 20.55 -55.16 35.23
C ALA G 333 21.06 -53.77 35.61
N GLN G 334 21.55 -53.64 36.84
CA GLN G 334 22.15 -52.39 37.30
C GLN G 334 21.37 -51.18 36.81
N GLU G 335 20.05 -51.24 36.91
CA GLU G 335 19.19 -50.15 36.47
C GLU G 335 19.71 -48.83 37.02
N GLY G 336 19.54 -47.76 36.24
CA GLY G 336 20.03 -46.46 36.64
C GLY G 336 21.45 -46.21 36.15
N PHE G 337 21.96 -47.14 35.35
CA PHE G 337 23.29 -47.01 34.77
C PHE G 337 23.39 -45.72 33.96
N SER G 338 22.26 -45.30 33.38
CA SER G 338 22.18 -44.05 32.64
C SER G 338 20.74 -43.55 32.63
N ALA G 339 20.53 -42.32 33.08
CA ALA G 339 19.17 -41.80 33.24
C ALA G 339 18.97 -40.44 32.59
N VAL G 340 17.73 -40.14 32.22
CA VAL G 340 17.36 -38.86 31.63
C VAL G 340 15.88 -38.62 31.85
N PHE G 341 15.51 -37.38 32.12
CA PHE G 341 14.13 -37.05 32.44
C PHE G 341 13.26 -36.93 31.20
N THR G 342 12.00 -36.55 31.41
CA THR G 342 11.04 -36.32 30.34
C THR G 342 9.71 -35.94 30.96
N PRO G 343 8.94 -35.06 30.29
CA PRO G 343 7.69 -34.51 30.83
C PRO G 343 6.82 -35.52 31.58
N ASP G 344 6.86 -36.78 31.17
CA ASP G 344 6.06 -37.82 31.81
C ASP G 344 6.91 -38.75 32.67
N GLY G 345 7.62 -38.17 33.64
CA GLY G 345 8.38 -38.93 34.61
C GLY G 345 9.78 -39.31 34.15
N PRO G 346 10.69 -39.59 35.11
CA PRO G 346 12.07 -39.99 34.81
C PRO G 346 12.17 -41.32 34.06
N VAL G 347 13.40 -41.69 33.67
CA VAL G 347 13.62 -42.90 32.89
C VAL G 347 15.02 -43.46 33.14
N LEU G 348 15.10 -44.58 33.85
CA LEU G 348 16.39 -45.24 34.12
C LEU G 348 16.58 -46.43 33.20
N GLY G 349 17.83 -46.81 32.97
CA GLY G 349 18.14 -47.83 31.98
C GLY G 349 18.74 -49.10 32.56
N ALA G 350 18.18 -50.24 32.16
CA ALA G 350 18.70 -51.54 32.56
C ALA G 350 19.56 -52.11 31.43
N VAL G 351 20.54 -52.93 31.80
CA VAL G 351 21.47 -53.49 30.82
C VAL G 351 21.35 -55.00 30.75
N GLY G 352 21.31 -55.65 31.91
CA GLY G 352 21.31 -57.10 32.01
C GLY G 352 19.91 -57.69 31.96
N SER G 353 19.03 -57.08 31.17
CA SER G 353 17.67 -57.57 31.03
C SER G 353 17.64 -58.84 30.18
N PHE G 354 17.45 -59.98 30.84
CA PHE G 354 17.30 -61.25 30.15
C PHE G 354 18.65 -61.73 29.63
N THR G 355 18.81 -61.78 28.31
CA THR G 355 20.07 -62.15 27.71
C THR G 355 20.97 -60.93 27.63
N TRP G 356 20.99 -60.14 28.70
CA TRP G 356 21.69 -58.87 28.71
C TRP G 356 21.28 -58.07 27.48
N SER G 357 20.03 -58.23 27.08
CA SER G 357 19.47 -57.47 25.97
C SER G 357 19.45 -55.99 26.33
N GLY G 358 18.67 -55.65 27.35
CA GLY G 358 18.60 -54.29 27.85
C GLY G 358 17.21 -53.68 27.77
N GLY G 359 17.08 -52.44 28.22
CA GLY G 359 15.82 -51.73 28.20
C GLY G 359 15.86 -50.47 29.05
N ALA G 360 14.69 -50.01 29.47
CA ALA G 360 14.60 -48.82 30.32
C ALA G 360 13.25 -48.73 31.04
N PHE G 361 13.30 -48.59 32.36
CA PHE G 361 12.10 -48.50 33.19
C PHE G 361 11.58 -47.08 33.32
N LEU G 362 10.45 -46.79 32.69
CA LEU G 362 9.80 -45.49 32.82
C LEU G 362 8.97 -45.42 34.09
N TYR G 363 9.09 -44.32 34.83
CA TYR G 363 8.22 -44.07 35.98
C TYR G 363 7.30 -42.87 35.74
N PRO G 364 5.98 -43.11 35.73
CA PRO G 364 4.98 -42.05 35.66
C PRO G 364 4.81 -41.30 37.00
N PRO G 365 3.72 -40.53 37.14
CA PRO G 365 3.42 -39.75 38.35
C PRO G 365 2.78 -40.58 39.47
N ASN G 366 3.60 -41.32 40.21
CA ASN G 366 3.10 -42.13 41.32
C ASN G 366 2.32 -43.35 40.82
N MET G 367 1.98 -43.35 39.54
CA MET G 367 1.42 -44.53 38.89
C MET G 367 2.51 -45.58 38.77
N SER G 368 2.12 -46.86 38.77
CA SER G 368 3.09 -47.94 38.64
C SER G 368 3.85 -47.81 37.32
N PRO G 369 5.17 -48.03 37.37
CA PRO G 369 6.05 -47.80 36.22
C PRO G 369 5.87 -48.81 35.08
N THR G 370 6.34 -48.45 33.89
CA THR G 370 6.37 -49.35 32.74
C THR G 370 7.82 -49.70 32.39
N PHE G 371 8.00 -50.41 31.28
CA PHE G 371 9.34 -50.85 30.86
C PHE G 371 9.35 -51.21 29.38
N ILE G 372 10.48 -50.97 28.73
CA ILE G 372 10.61 -51.26 27.30
C ILE G 372 11.89 -52.01 26.95
N ASN G 373 11.75 -53.31 26.68
CA ASN G 373 12.83 -54.08 26.08
C ASN G 373 12.58 -54.18 24.58
N MET G 374 13.10 -55.21 23.93
CA MET G 374 12.91 -55.37 22.49
C MET G 374 12.12 -56.64 22.17
N SER G 375 11.21 -57.01 23.08
CA SER G 375 10.52 -58.29 23.02
C SER G 375 11.54 -59.43 22.98
N GLN G 376 11.04 -60.66 22.84
CA GLN G 376 11.92 -61.81 22.69
C GLN G 376 11.96 -62.22 21.22
N GLU G 377 10.86 -61.98 20.52
CA GLU G 377 10.78 -62.26 19.09
C GLU G 377 11.97 -61.63 18.36
N ASN G 378 12.62 -60.68 19.01
CA ASN G 378 13.87 -60.11 18.52
C ASN G 378 15.04 -61.01 18.91
N VAL G 379 15.34 -61.99 18.07
CA VAL G 379 16.32 -63.03 18.39
C VAL G 379 17.68 -62.46 18.78
N ASP G 380 18.12 -61.44 18.06
CA ASP G 380 19.45 -60.87 18.25
C ASP G 380 19.52 -60.01 19.51
N MET G 381 20.47 -59.07 19.53
CA MET G 381 20.59 -58.10 20.61
C MET G 381 21.04 -58.77 21.91
N ARG G 382 21.68 -59.92 21.79
CA ARG G 382 22.26 -60.59 22.94
C ARG G 382 23.55 -59.90 23.34
N ASP G 383 23.63 -59.45 24.59
CA ASP G 383 24.83 -58.80 25.09
C ASP G 383 25.15 -57.55 24.28
N SER G 384 24.33 -56.51 24.43
CA SER G 384 24.57 -55.25 23.75
C SER G 384 24.47 -54.06 24.71
N TYR G 385 24.09 -54.35 25.95
CA TYR G 385 23.91 -53.31 26.96
C TYR G 385 22.93 -52.24 26.51
N LEU G 386 21.87 -52.64 25.83
CA LEU G 386 20.85 -51.69 25.38
C LEU G 386 20.39 -50.84 26.55
N GLY G 387 20.76 -49.56 26.53
CA GLY G 387 20.43 -48.65 27.62
C GLY G 387 21.69 -48.21 28.36
N TYR G 388 22.85 -48.52 27.79
CA TYR G 388 24.12 -48.10 28.35
C TYR G 388 24.07 -46.59 28.50
N SER G 389 23.51 -45.94 27.49
CA SER G 389 23.29 -44.51 27.51
C SER G 389 21.84 -44.23 27.13
N THR G 390 21.25 -43.19 27.71
CA THR G 390 19.85 -42.85 27.43
C THR G 390 19.67 -41.35 27.27
N GLU G 391 18.78 -40.96 26.36
CA GLU G 391 18.53 -39.55 26.10
C GLU G 391 17.12 -39.33 25.57
N LEU G 392 16.60 -38.12 25.78
CA LEU G 392 15.26 -37.75 25.35
C LEU G 392 15.29 -37.28 23.91
N ALA G 393 14.11 -37.07 23.32
CA ALA G 393 14.02 -36.57 21.96
C ALA G 393 12.67 -35.87 21.73
N LEU G 394 12.32 -34.99 22.66
CA LEU G 394 11.06 -34.27 22.60
C LEU G 394 10.76 -33.77 21.20
N TRP G 395 9.48 -33.70 20.85
CA TRP G 395 9.06 -33.19 19.55
C TRP G 395 7.69 -32.54 19.66
N LYS G 396 7.33 -31.71 18.68
CA LYS G 396 6.05 -31.02 18.69
C LYS G 396 4.92 -31.97 19.06
N GLY G 397 5.12 -33.26 18.78
CA GLY G 397 4.17 -34.29 19.15
C GLY G 397 4.56 -34.96 20.45
N VAL G 398 4.65 -36.29 20.42
CA VAL G 398 4.99 -37.07 21.61
C VAL G 398 6.50 -37.19 21.78
N GLN G 399 6.92 -37.55 22.99
CA GLN G 399 8.33 -37.72 23.30
C GLN G 399 8.89 -38.94 22.58
N SER G 400 10.21 -39.11 22.63
CA SER G 400 10.87 -40.27 22.05
C SER G 400 12.13 -40.58 22.83
N LEU G 401 12.30 -41.84 23.22
CA LEU G 401 13.50 -42.25 23.96
C LEU G 401 14.55 -42.82 23.03
N VAL G 402 15.77 -42.94 23.52
CA VAL G 402 16.86 -43.53 22.76
C VAL G 402 17.83 -44.25 23.69
N LEU G 403 18.25 -45.44 23.27
CA LEU G 403 19.18 -46.23 24.05
C LEU G 403 20.41 -46.56 23.22
N GLY G 404 21.56 -46.67 23.88
CA GLY G 404 22.80 -46.98 23.20
C GLY G 404 23.20 -48.42 23.45
N ALA G 405 23.47 -49.15 22.38
CA ALA G 405 23.86 -50.56 22.47
C ALA G 405 25.24 -50.76 21.89
N PRO G 406 26.29 -50.51 22.69
CA PRO G 406 27.68 -50.59 22.26
C PRO G 406 28.08 -51.91 21.60
N ARG G 407 27.37 -52.99 21.93
CA ARG G 407 27.82 -54.32 21.52
C ARG G 407 26.72 -55.15 20.88
N TYR G 408 25.97 -54.54 19.97
CA TYR G 408 25.04 -55.30 19.16
C TYR G 408 25.82 -56.01 18.06
N GLN G 409 25.88 -57.33 18.14
CA GLN G 409 26.74 -58.10 17.24
C GLN G 409 28.19 -57.69 17.44
N HIS G 410 28.49 -57.18 18.62
CA HIS G 410 29.87 -56.83 19.01
C HIS G 410 30.39 -55.58 18.32
N THR G 411 29.54 -54.91 17.54
CA THR G 411 29.95 -53.70 16.85
C THR G 411 29.38 -52.44 17.52
N GLY G 412 28.06 -52.35 17.60
CA GLY G 412 27.41 -51.23 18.24
C GLY G 412 26.30 -50.62 17.41
N LYS G 413 25.08 -50.73 17.89
CA LYS G 413 23.92 -50.14 17.22
C LYS G 413 23.19 -49.21 18.18
N ALA G 414 22.44 -48.25 17.61
CA ALA G 414 21.62 -47.34 18.40
C ALA G 414 20.17 -47.46 17.95
N VAL G 415 19.27 -47.63 18.93
CA VAL G 415 17.86 -47.82 18.63
C VAL G 415 17.02 -46.74 19.27
N ILE G 416 16.03 -46.24 18.52
CA ILE G 416 15.13 -45.19 18.99
C ILE G 416 13.72 -45.74 19.18
N PHE G 417 13.10 -45.39 20.30
CA PHE G 417 11.77 -45.89 20.63
C PHE G 417 10.73 -44.79 20.73
N THR G 418 9.51 -45.12 20.30
CA THR G 418 8.36 -44.24 20.46
C THR G 418 7.37 -44.89 21.41
N GLN G 419 6.52 -44.07 22.03
CA GLN G 419 5.52 -44.57 22.95
C GLN G 419 4.12 -44.14 22.52
N VAL G 420 3.67 -44.72 21.41
CA VAL G 420 2.33 -44.45 20.89
C VAL G 420 1.28 -45.01 21.85
N SER G 421 0.09 -44.41 21.83
CA SER G 421 -1.00 -44.85 22.68
C SER G 421 -1.20 -46.36 22.56
N ARG G 422 -0.94 -47.07 23.65
CA ARG G 422 -1.11 -48.52 23.68
C ARG G 422 -0.26 -49.19 22.60
N GLN G 423 1.02 -48.83 22.54
CA GLN G 423 1.95 -49.43 21.59
C GLN G 423 3.36 -49.56 22.16
N TRP G 424 4.05 -48.43 22.30
CA TRP G 424 5.42 -48.43 22.81
C TRP G 424 6.34 -49.30 21.96
N ARG G 425 6.27 -49.14 20.65
CA ARG G 425 7.07 -49.94 19.73
C ARG G 425 8.36 -49.22 19.34
N MET G 426 9.10 -49.79 18.40
CA MET G 426 10.34 -49.21 17.93
C MET G 426 10.11 -48.28 16.75
N LYS G 427 10.77 -47.12 16.78
CA LYS G 427 10.73 -46.19 15.65
C LYS G 427 11.67 -46.65 14.55
N ALA G 428 12.97 -46.65 14.85
CA ALA G 428 13.97 -47.14 13.90
C ALA G 428 15.33 -47.36 14.59
N GLU G 429 16.35 -47.60 13.79
CA GLU G 429 17.66 -47.95 14.32
C GLU G 429 18.73 -47.94 13.23
N VAL G 430 19.99 -48.00 13.65
CA VAL G 430 21.11 -48.05 12.72
C VAL G 430 22.27 -48.84 13.30
N THR G 431 22.74 -49.83 12.56
CA THR G 431 23.86 -50.66 12.98
C THR G 431 25.11 -49.79 13.12
N GLY G 432 26.18 -50.39 13.64
CA GLY G 432 27.44 -49.69 13.78
C GLY G 432 28.21 -49.67 12.47
N THR G 433 29.34 -48.99 12.46
CA THR G 433 30.15 -48.90 11.26
C THR G 433 31.27 -49.92 11.28
N GLN G 434 31.79 -50.20 12.48
CA GLN G 434 32.92 -51.11 12.62
C GLN G 434 32.82 -51.95 13.88
N ILE G 435 33.46 -53.11 13.84
CA ILE G 435 33.49 -54.00 15.00
C ILE G 435 34.36 -53.42 16.10
N GLY G 436 33.81 -53.34 17.30
CA GLY G 436 34.53 -52.79 18.44
C GLY G 436 34.48 -51.28 18.48
N SER G 437 34.07 -50.66 17.37
CA SER G 437 33.99 -49.21 17.31
C SER G 437 33.25 -48.69 18.54
N TYR G 438 32.32 -49.49 19.04
CA TYR G 438 31.55 -49.13 20.23
C TYR G 438 30.55 -48.05 19.87
N PHE G 439 29.85 -48.24 18.75
CA PHE G 439 28.86 -47.29 18.28
C PHE G 439 27.59 -47.38 19.12
N GLY G 440 27.44 -46.43 20.04
CA GLY G 440 26.31 -46.43 20.95
C GLY G 440 26.68 -45.87 22.31
N ALA G 441 27.97 -45.64 22.52
CA ALA G 441 28.49 -45.13 23.78
C ALA G 441 27.72 -43.90 24.28
N SER G 442 27.89 -42.79 23.60
CA SER G 442 27.28 -41.52 24.03
C SER G 442 26.18 -41.10 23.09
N LEU G 443 25.15 -40.44 23.63
CA LEU G 443 24.08 -39.90 22.81
C LEU G 443 23.57 -38.56 23.32
N CYS G 444 23.36 -37.63 22.41
CA CYS G 444 22.88 -36.29 22.76
C CYS G 444 21.92 -35.73 21.71
N SER G 445 20.66 -35.61 22.08
CA SER G 445 19.68 -34.97 21.22
C SER G 445 19.86 -33.46 21.31
N VAL G 446 20.19 -32.83 20.19
CA VAL G 446 20.51 -31.41 20.20
C VAL G 446 19.62 -30.64 19.23
N ASP G 447 19.55 -29.32 19.44
CA ASP G 447 18.59 -28.48 18.76
C ASP G 447 19.28 -27.44 17.87
N VAL G 448 19.54 -27.80 16.62
CA VAL G 448 20.28 -26.94 15.69
C VAL G 448 19.80 -25.50 15.76
N ASP G 449 18.49 -25.31 15.90
CA ASP G 449 17.91 -23.99 16.01
C ASP G 449 17.44 -23.74 17.44
N SER G 450 16.20 -23.26 17.60
CA SER G 450 15.64 -23.04 18.91
C SER G 450 14.13 -23.24 18.89
N ASP G 451 13.63 -24.00 17.91
CA ASP G 451 12.20 -24.21 17.76
C ASP G 451 11.67 -25.16 18.82
N GLY G 452 12.57 -25.70 19.64
CA GLY G 452 12.19 -26.52 20.77
C GLY G 452 11.97 -27.98 20.43
N SER G 453 11.84 -28.28 19.14
CA SER G 453 11.64 -29.65 18.70
C SER G 453 12.96 -30.28 18.30
N THR G 454 13.43 -31.26 19.07
CA THR G 454 14.71 -31.90 18.80
C THR G 454 14.86 -32.22 17.32
N ASP G 455 15.95 -31.76 16.72
CA ASP G 455 16.15 -31.89 15.29
C ASP G 455 17.05 -33.06 14.93
N LEU G 456 18.11 -33.24 15.71
CA LEU G 456 19.07 -34.30 15.40
C LEU G 456 19.64 -34.90 16.68
N VAL G 457 20.52 -35.89 16.51
CA VAL G 457 21.01 -36.67 17.63
C VAL G 457 22.43 -37.18 17.37
N LEU G 458 23.29 -37.01 18.37
CA LEU G 458 24.69 -37.40 18.27
C LEU G 458 24.90 -38.79 18.85
N ILE G 459 26.01 -39.42 18.47
CA ILE G 459 26.35 -40.76 18.94
C ILE G 459 27.86 -40.83 19.18
N GLY G 460 28.27 -41.71 20.09
CA GLY G 460 29.67 -41.81 20.45
C GLY G 460 30.27 -43.15 20.08
N ALA G 461 31.59 -43.18 19.86
CA ALA G 461 32.30 -44.40 19.52
C ALA G 461 33.80 -44.20 19.66
N PRO G 462 34.24 -43.84 20.88
CA PRO G 462 35.61 -43.45 21.21
C PRO G 462 36.69 -44.40 20.68
N HIS G 463 36.31 -45.66 20.48
CA HIS G 463 37.28 -46.68 20.06
C HIS G 463 37.03 -47.12 18.63
N TYR G 464 37.18 -46.19 17.71
CA TYR G 464 36.93 -46.45 16.30
C TYR G 464 38.06 -45.87 15.47
N TYR G 465 38.22 -46.35 14.24
CA TYR G 465 39.26 -45.85 13.36
C TYR G 465 39.29 -46.54 12.00
N GLU G 466 40.29 -46.16 11.21
CA GLU G 466 40.58 -46.80 9.94
C GLU G 466 42.08 -46.66 9.68
N GLN G 467 42.61 -45.49 9.99
CA GLN G 467 44.04 -45.23 9.93
C GLN G 467 44.50 -44.46 11.17
N THR G 468 43.63 -43.61 11.70
CA THR G 468 43.92 -42.86 12.93
C THR G 468 42.81 -43.08 13.94
N ARG G 469 43.20 -43.53 15.13
CA ARG G 469 42.23 -43.88 16.17
C ARG G 469 41.86 -42.70 17.07
N GLY G 470 41.60 -41.54 16.46
CA GLY G 470 41.19 -40.38 17.21
C GLY G 470 39.93 -40.65 18.02
N GLY G 471 38.95 -41.27 17.37
CA GLY G 471 37.65 -41.50 17.97
C GLY G 471 36.57 -41.30 16.93
N GLN G 472 35.32 -41.19 17.35
CA GLN G 472 34.23 -41.00 16.39
C GLN G 472 32.91 -40.60 17.04
N VAL G 473 32.36 -39.47 16.60
CA VAL G 473 31.02 -39.06 16.98
C VAL G 473 30.17 -38.98 15.70
N SER G 474 28.93 -39.46 15.76
CA SER G 474 28.09 -39.56 14.57
C SER G 474 26.83 -38.69 14.68
N VAL G 475 26.66 -37.78 13.73
CA VAL G 475 25.46 -36.96 13.67
C VAL G 475 24.35 -37.70 12.92
N CYS G 476 23.16 -37.69 13.49
CA CYS G 476 22.06 -38.50 12.97
C CYS G 476 20.73 -37.83 13.25
N PRO G 477 20.22 -37.06 12.27
CA PRO G 477 18.95 -36.33 12.39
C PRO G 477 17.80 -37.26 12.77
N LEU G 478 16.63 -36.69 13.09
CA LEU G 478 15.47 -37.48 13.49
C LEU G 478 14.34 -37.40 12.49
N PRO G 479 14.53 -37.98 11.30
CA PRO G 479 13.46 -38.10 10.30
C PRO G 479 12.18 -38.66 10.90
N ARG G 480 11.02 -38.18 10.47
CA ARG G 480 9.74 -38.73 10.92
C ARG G 480 9.12 -39.60 9.83
N GLY G 481 8.65 -40.78 10.23
CA GLY G 481 8.17 -41.78 9.31
C GLY G 481 8.96 -43.07 9.53
N TRP G 482 8.47 -43.90 10.43
CA TRP G 482 9.24 -45.04 10.93
C TRP G 482 9.76 -45.95 9.82
N ARG G 483 10.63 -46.88 10.21
CA ARG G 483 11.21 -47.85 9.29
C ARG G 483 12.21 -47.23 8.32
N ARG G 484 12.49 -45.94 8.50
CA ARG G 484 13.53 -45.28 7.71
C ARG G 484 14.21 -44.20 8.54
N TRP G 485 15.52 -44.35 8.72
CA TRP G 485 16.28 -43.45 9.57
C TRP G 485 17.76 -43.68 9.36
N TRP G 486 18.49 -42.59 9.10
CA TRP G 486 19.91 -42.68 8.76
C TRP G 486 20.74 -41.80 9.67
N CYS G 487 21.78 -42.39 10.25
CA CYS G 487 22.77 -41.62 10.98
C CYS G 487 23.70 -40.96 9.99
N ASP G 488 23.39 -41.14 8.71
CA ASP G 488 24.19 -40.59 7.64
C ASP G 488 23.50 -39.41 6.97
N ALA G 489 23.24 -38.37 7.76
CA ALA G 489 23.03 -37.05 7.19
C ALA G 489 24.43 -36.48 6.99
N VAL G 490 25.21 -37.23 6.21
CA VAL G 490 26.62 -36.94 5.95
C VAL G 490 27.56 -37.25 7.11
N LEU G 491 27.89 -36.20 7.86
CA LEU G 491 29.20 -36.09 8.50
C LEU G 491 29.38 -36.86 9.80
N TYR G 492 30.54 -36.64 10.41
CA TYR G 492 30.90 -37.25 11.68
C TYR G 492 32.23 -36.67 12.15
N GLY G 493 32.20 -35.91 13.24
CA GLY G 493 33.38 -35.23 13.75
C GLY G 493 34.45 -36.17 14.29
N GLU G 494 35.71 -35.75 14.22
CA GLU G 494 36.82 -36.57 14.70
C GLU G 494 37.99 -35.72 15.26
N GLN G 495 39.20 -36.10 14.86
CA GLN G 495 40.42 -35.34 15.14
C GLN G 495 41.63 -36.15 14.66
N GLY G 496 42.73 -35.46 14.38
CA GLY G 496 43.94 -36.12 13.92
C GLY G 496 44.87 -36.47 15.06
N HIS G 497 44.48 -37.45 15.86
CA HIS G 497 45.29 -37.91 16.98
C HIS G 497 44.78 -39.24 17.54
N PRO G 498 45.43 -40.35 17.15
CA PRO G 498 45.06 -41.71 17.55
C PRO G 498 44.86 -41.87 19.07
N TRP G 499 44.25 -42.98 19.48
CA TRP G 499 44.02 -43.29 20.89
C TRP G 499 43.56 -42.08 21.70
N GLY G 500 42.55 -41.38 21.19
CA GLY G 500 42.09 -40.15 21.81
C GLY G 500 40.79 -40.30 22.58
N ARG G 501 40.03 -41.34 22.28
CA ARG G 501 38.73 -41.54 22.91
C ARG G 501 37.86 -40.30 22.70
N PHE G 502 37.66 -39.91 21.44
CA PHE G 502 36.85 -38.76 21.11
C PHE G 502 35.40 -39.17 20.93
N GLY G 503 34.54 -38.67 21.81
CA GLY G 503 33.13 -39.06 21.82
C GLY G 503 32.77 -39.73 23.13
N ALA G 504 33.69 -39.64 24.09
CA ALA G 504 33.50 -40.23 25.42
C ALA G 504 32.26 -39.65 26.08
N ALA G 505 32.05 -38.34 25.91
CA ALA G 505 30.89 -37.66 26.47
C ALA G 505 30.54 -36.44 25.63
N LEU G 506 29.43 -35.80 25.95
CA LEU G 506 28.99 -34.63 25.22
C LEU G 506 27.61 -34.14 25.69
N THR G 507 27.39 -32.84 25.58
CA THR G 507 26.13 -32.22 26.02
C THR G 507 25.77 -31.03 25.15
N VAL G 508 24.47 -30.76 25.04
CA VAL G 508 24.00 -29.56 24.39
C VAL G 508 24.45 -28.35 25.20
N LEU G 509 25.03 -27.36 24.53
CA LEU G 509 25.46 -26.13 25.19
C LEU G 509 24.50 -24.99 24.88
N GLY G 510 23.96 -24.98 23.67
CA GLY G 510 22.96 -23.99 23.29
C GLY G 510 23.56 -22.82 22.52
N ASP G 511 22.86 -21.70 22.53
CA ASP G 511 23.30 -20.52 21.83
C ASP G 511 24.35 -19.76 22.64
N VAL G 512 25.59 -19.78 22.17
CA VAL G 512 26.68 -19.12 22.87
C VAL G 512 27.20 -17.92 22.08
N ASN G 513 27.33 -18.09 20.77
CA ASN G 513 27.82 -17.00 19.94
C ASN G 513 26.70 -16.14 19.35
N GLY G 514 25.46 -16.50 19.66
CA GLY G 514 24.31 -15.65 19.38
C GLY G 514 23.75 -15.71 17.97
N ASP G 515 24.27 -16.62 17.15
CA ASP G 515 23.87 -16.67 15.75
C ASP G 515 22.67 -17.58 15.53
N LYS G 516 21.88 -17.77 16.57
CA LYS G 516 20.66 -18.58 16.50
C LYS G 516 20.99 -20.05 16.23
N LEU G 517 22.27 -20.39 16.17
CA LEU G 517 22.69 -21.75 15.85
C LEU G 517 23.36 -22.41 17.05
N THR G 518 22.60 -23.23 17.76
CA THR G 518 23.11 -23.93 18.94
C THR G 518 24.50 -24.52 18.71
N ASP G 519 25.29 -24.62 19.77
CA ASP G 519 26.63 -25.20 19.71
C ASP G 519 26.76 -26.32 20.75
N VAL G 520 27.56 -27.32 20.45
CA VAL G 520 27.71 -28.47 21.34
C VAL G 520 29.15 -28.66 21.79
N VAL G 521 29.31 -29.44 22.86
CA VAL G 521 30.63 -29.75 23.41
C VAL G 521 30.87 -31.26 23.42
N ILE G 522 32.11 -31.67 23.18
CA ILE G 522 32.46 -33.08 23.11
C ILE G 522 33.78 -33.39 23.80
N GLY G 523 33.76 -34.39 24.69
CA GLY G 523 34.94 -34.75 25.47
C GLY G 523 35.81 -35.83 24.84
N ALA G 524 37.08 -35.84 25.23
CA ALA G 524 38.07 -36.75 24.66
C ALA G 524 39.30 -36.79 25.56
N PRO G 525 39.17 -37.45 26.71
CA PRO G 525 40.18 -37.53 27.76
C PRO G 525 41.44 -38.33 27.37
N GLY G 526 41.48 -38.80 26.12
CA GLY G 526 42.59 -39.62 25.66
C GLY G 526 43.53 -38.89 24.72
N GLU G 527 43.20 -37.65 24.37
CA GLU G 527 44.04 -36.84 23.49
C GLU G 527 45.45 -36.68 24.05
N GLU G 528 46.36 -36.20 23.22
CA GLU G 528 47.75 -35.98 23.63
C GLU G 528 48.28 -37.22 24.35
N GLU G 529 49.21 -37.03 25.27
CA GLU G 529 49.76 -38.14 26.05
C GLU G 529 48.83 -38.51 27.20
N ASN G 530 47.69 -39.11 26.88
CA ASN G 530 46.67 -39.45 27.86
C ASN G 530 45.97 -38.22 28.42
N ARG G 531 46.52 -37.04 28.14
CA ARG G 531 45.95 -35.79 28.62
C ARG G 531 44.50 -35.69 28.16
N GLY G 532 43.77 -34.74 28.74
CA GLY G 532 42.38 -34.55 28.39
C GLY G 532 42.21 -33.62 27.20
N ALA G 533 40.97 -33.45 26.76
CA ALA G 533 40.68 -32.57 25.63
C ALA G 533 39.18 -32.37 25.47
N VAL G 534 38.80 -31.27 24.82
CA VAL G 534 37.39 -30.98 24.56
C VAL G 534 37.26 -30.22 23.23
N TYR G 535 36.10 -30.33 22.58
CA TYR G 535 35.89 -29.72 21.26
C TYR G 535 34.58 -28.96 21.20
N LEU G 536 34.53 -27.94 20.34
CA LEU G 536 33.34 -27.12 20.16
C LEU G 536 32.95 -27.03 18.69
N PHE G 537 31.71 -27.39 18.39
CA PHE G 537 31.20 -27.33 17.02
C PHE G 537 29.97 -26.44 16.97
N HIS G 538 29.52 -26.13 15.76
CA HIS G 538 28.34 -25.30 15.57
C HIS G 538 27.38 -25.95 14.58
N GLY G 539 26.10 -25.63 14.69
CA GLY G 539 25.11 -26.11 13.75
C GLY G 539 25.20 -25.35 12.45
N VAL G 540 24.32 -25.64 11.50
CA VAL G 540 24.31 -24.91 10.23
C VAL G 540 22.88 -24.53 9.87
N LEU G 541 22.17 -25.44 9.23
CA LEU G 541 20.78 -25.23 8.88
C LEU G 541 20.05 -26.57 8.87
N GLY G 542 19.26 -26.80 9.92
CA GLY G 542 18.54 -28.04 10.07
C GLY G 542 19.45 -29.16 10.52
N PRO G 543 19.35 -30.33 9.87
CA PRO G 543 20.18 -31.49 10.21
C PRO G 543 21.61 -31.36 9.67
N SER G 544 22.53 -30.92 10.51
CA SER G 544 23.93 -30.75 10.10
C SER G 544 24.76 -30.12 11.21
N ILE G 545 26.07 -30.34 11.15
CA ILE G 545 27.01 -29.64 12.02
C ILE G 545 28.27 -29.30 11.23
N SER G 546 29.17 -28.53 11.85
CA SER G 546 30.37 -28.06 11.16
C SER G 546 31.58 -28.90 11.57
N PRO G 547 32.01 -29.81 10.68
CA PRO G 547 33.17 -30.67 10.95
C PRO G 547 34.34 -29.90 11.54
N SER G 548 34.67 -28.77 10.92
CA SER G 548 35.74 -27.92 11.44
C SER G 548 35.27 -27.24 12.71
N HIS G 549 35.85 -27.65 13.84
CA HIS G 549 35.54 -27.04 15.12
C HIS G 549 36.20 -25.68 15.20
N SER G 550 35.70 -24.83 16.08
CA SER G 550 36.24 -23.49 16.23
C SER G 550 37.26 -23.43 17.36
N GLN G 551 37.09 -24.30 18.34
CA GLN G 551 37.95 -24.29 19.51
C GLN G 551 38.35 -25.72 19.90
N ARG G 552 39.48 -25.85 20.58
CA ARG G 552 39.97 -27.14 21.03
C ARG G 552 40.73 -27.01 22.34
N ILE G 553 40.04 -26.55 23.38
CA ILE G 553 40.63 -26.41 24.70
C ILE G 553 41.01 -27.80 25.24
N ALA G 554 42.31 -28.07 25.31
CA ALA G 554 42.80 -29.36 25.77
C ALA G 554 43.43 -29.24 27.16
N GLY G 555 44.07 -30.30 27.62
CA GLY G 555 44.64 -30.33 28.95
C GLY G 555 45.96 -29.56 29.04
N SER G 556 46.35 -28.92 27.95
CA SER G 556 47.59 -28.17 27.90
C SER G 556 47.37 -26.72 28.31
N GLN G 557 46.16 -26.43 28.80
CA GLN G 557 45.75 -25.07 29.07
C GLN G 557 46.06 -24.71 30.52
N LEU G 558 47.34 -24.67 30.83
CA LEU G 558 47.82 -24.52 32.21
C LEU G 558 46.95 -25.28 33.20
N SER G 559 46.43 -26.42 32.75
CA SER G 559 46.03 -27.47 33.65
C SER G 559 47.32 -28.04 34.16
N SER G 560 47.74 -27.62 35.35
CA SER G 560 49.06 -27.97 35.86
C SER G 560 49.31 -29.45 35.60
N ARG G 561 48.46 -30.30 36.16
CA ARG G 561 48.67 -31.75 36.07
C ARG G 561 47.39 -32.53 36.29
N LEU G 562 46.55 -32.62 35.26
CA LEU G 562 45.44 -33.57 35.26
C LEU G 562 45.54 -34.50 34.07
N GLN G 563 45.44 -35.80 34.34
CA GLN G 563 45.67 -36.81 33.32
C GLN G 563 44.58 -36.72 32.27
N TYR G 564 43.45 -37.38 32.51
CA TYR G 564 42.36 -37.37 31.55
C TYR G 564 41.20 -36.53 32.05
N PHE G 565 40.83 -35.54 31.25
CA PHE G 565 39.75 -34.63 31.59
C PHE G 565 38.79 -34.57 30.41
N GLY G 566 37.52 -34.36 30.72
CA GLY G 566 36.49 -34.36 29.70
C GLY G 566 35.75 -35.68 29.68
N GLN G 567 36.08 -36.57 30.61
CA GLN G 567 35.39 -37.83 30.76
C GLN G 567 33.90 -37.62 30.54
N ALA G 568 33.31 -36.74 31.33
CA ALA G 568 31.91 -36.37 31.18
C ALA G 568 31.77 -34.86 31.17
N LEU G 569 30.58 -34.37 30.82
CA LEU G 569 30.33 -32.94 30.80
C LEU G 569 28.87 -32.62 30.46
N SER G 570 28.32 -31.64 31.16
CA SER G 570 26.96 -31.18 30.91
C SER G 570 26.90 -29.66 31.07
N GLY G 571 26.26 -28.99 30.12
CA GLY G 571 26.17 -27.54 30.16
C GLY G 571 24.84 -27.03 29.63
N GLY G 572 24.67 -25.71 29.69
CA GLY G 572 23.46 -25.06 29.21
C GLY G 572 22.82 -24.17 30.25
N GLN G 573 23.28 -24.28 31.50
CA GLN G 573 22.65 -23.56 32.60
C GLN G 573 23.52 -22.42 33.13
N ASP G 574 22.88 -21.26 33.35
CA ASP G 574 23.56 -20.09 33.88
C ASP G 574 23.64 -20.19 35.40
N LEU G 575 24.83 -20.48 35.90
CA LEU G 575 25.02 -20.76 37.32
C LEU G 575 25.83 -19.69 38.05
N THR G 576 26.77 -19.07 37.35
CA THR G 576 27.60 -18.04 37.96
C THR G 576 26.81 -16.74 37.99
N GLN G 577 25.69 -16.74 37.27
CA GLN G 577 24.74 -15.63 37.26
C GLN G 577 25.25 -14.39 36.54
N ASP G 578 26.49 -14.44 36.06
CA ASP G 578 26.82 -13.62 34.91
C ASP G 578 25.97 -14.24 33.80
N GLY G 579 25.43 -13.41 32.92
CA GLY G 579 24.29 -13.80 32.10
C GLY G 579 24.36 -15.14 31.38
N LEU G 580 25.23 -15.25 30.38
CA LEU G 580 25.16 -16.34 29.41
C LEU G 580 25.48 -17.70 30.01
N VAL G 581 25.10 -18.76 29.30
CA VAL G 581 25.22 -20.12 29.79
C VAL G 581 26.62 -20.47 30.29
N ASP G 582 26.73 -21.59 30.99
CA ASP G 582 28.01 -22.07 31.48
C ASP G 582 28.17 -23.54 31.14
N LEU G 583 29.41 -24.00 31.20
CA LEU G 583 29.73 -25.39 30.91
C LEU G 583 30.46 -26.00 32.10
N ALA G 584 30.16 -27.27 32.38
CA ALA G 584 30.85 -27.99 33.44
C ALA G 584 31.49 -29.26 32.88
N VAL G 585 32.81 -29.37 33.01
CA VAL G 585 33.53 -30.54 32.52
C VAL G 585 34.28 -31.23 33.67
N GLY G 586 33.93 -32.48 33.93
CA GLY G 586 34.56 -33.24 34.99
C GLY G 586 35.90 -33.85 34.58
N ALA G 587 36.82 -33.90 35.54
CA ALA G 587 38.15 -34.45 35.33
C ALA G 587 38.60 -35.25 36.55
N ARG G 588 39.62 -36.07 36.38
CA ARG G 588 40.10 -36.88 37.49
C ARG G 588 40.62 -36.00 38.63
N GLY G 589 39.87 -35.98 39.74
CA GLY G 589 40.28 -35.24 40.92
C GLY G 589 39.52 -33.95 41.10
N GLN G 590 39.40 -33.17 40.02
CA GLN G 590 38.75 -31.87 40.08
C GLN G 590 37.79 -31.68 38.90
N VAL G 591 36.93 -30.68 39.01
CA VAL G 591 35.98 -30.36 37.95
C VAL G 591 35.98 -28.86 37.69
N LEU G 592 36.02 -28.47 36.41
CA LEU G 592 36.14 -27.06 36.04
C LEU G 592 34.85 -26.48 35.46
N LEU G 593 34.73 -25.17 35.55
CA LEU G 593 33.63 -24.44 34.93
C LEU G 593 34.16 -23.39 33.95
N LEU G 594 33.77 -23.52 32.68
CA LEU G 594 34.16 -22.57 31.66
C LEU G 594 32.96 -21.73 31.23
N ARG G 595 33.06 -20.43 31.44
CA ARG G 595 31.98 -19.51 31.06
C ARG G 595 32.11 -19.11 29.59
N THR G 596 31.02 -18.63 29.01
CA THR G 596 31.01 -18.21 27.62
C THR G 596 31.13 -16.69 27.50
N ARG G 597 32.25 -16.23 26.96
CA ARG G 597 32.50 -14.81 26.77
C ARG G 597 31.61 -14.22 25.66
N PRO G 598 30.90 -13.13 25.96
CA PRO G 598 29.91 -12.49 25.07
C PRO G 598 30.45 -12.17 23.68
N VAL G 599 29.76 -12.64 22.64
CA VAL G 599 30.14 -12.30 21.27
C VAL G 599 29.13 -11.34 20.66
N LEU G 600 29.49 -10.07 20.62
CA LEU G 600 28.72 -9.11 19.86
C LEU G 600 29.48 -8.88 18.57
N TRP G 601 28.76 -8.56 17.50
CA TRP G 601 29.40 -8.05 16.31
C TRP G 601 28.68 -6.80 15.86
N VAL G 602 29.35 -6.03 15.02
CA VAL G 602 28.93 -4.66 14.73
C VAL G 602 28.84 -4.44 13.23
N GLY G 603 27.96 -3.53 12.83
CA GLY G 603 27.84 -3.13 11.44
C GLY G 603 28.36 -1.73 11.25
N VAL G 604 28.89 -1.46 10.06
CA VAL G 604 29.56 -0.19 9.79
C VAL G 604 29.10 0.42 8.46
N SER G 605 29.16 1.75 8.38
CA SER G 605 28.82 2.47 7.16
C SER G 605 29.93 3.45 6.83
N MET G 606 30.25 3.56 5.55
CA MET G 606 31.31 4.47 5.10
C MET G 606 30.84 5.37 3.96
N GLN G 607 31.24 6.63 4.03
CA GLN G 607 30.85 7.61 3.02
C GLN G 607 31.85 8.76 2.91
N PHE G 608 31.92 9.37 1.72
CA PHE G 608 32.78 10.52 1.51
C PHE G 608 31.93 11.75 1.19
N ILE G 609 31.77 12.63 2.17
CA ILE G 609 30.90 13.79 2.03
C ILE G 609 31.02 14.37 0.62
N PRO G 610 32.22 14.79 0.22
CA PRO G 610 32.40 15.06 -1.22
C PRO G 610 32.34 13.76 -2.01
N ALA G 611 31.21 13.50 -2.65
CA ALA G 611 30.99 12.25 -3.38
C ALA G 611 32.24 11.83 -4.15
N GLU G 612 32.59 12.62 -5.16
CA GLU G 612 33.79 12.39 -5.95
C GLU G 612 34.68 13.62 -5.86
N ILE G 613 35.63 13.75 -6.78
CA ILE G 613 36.53 14.90 -6.77
C ILE G 613 36.21 15.81 -7.95
N PRO G 614 36.10 17.13 -7.69
CA PRO G 614 35.55 18.06 -8.68
C PRO G 614 36.53 18.41 -9.80
N ARG G 615 37.68 17.73 -9.83
CA ARG G 615 38.70 18.03 -10.83
C ARG G 615 39.40 19.33 -10.50
N SER G 616 39.02 19.95 -9.38
CA SER G 616 39.61 21.22 -8.97
C SER G 616 41.08 21.05 -8.62
N ALA G 617 41.35 20.20 -7.63
CA ALA G 617 42.71 19.89 -7.25
C ALA G 617 43.15 18.62 -7.98
N PHE G 618 42.86 18.58 -9.28
CA PHE G 618 43.13 17.40 -10.09
C PHE G 618 44.49 17.47 -10.79
N GLU G 619 44.53 18.13 -11.96
CA GLU G 619 45.76 18.18 -12.74
C GLU G 619 46.68 19.32 -12.31
N CYS G 620 46.11 20.30 -11.61
CA CYS G 620 46.89 21.31 -10.91
C CYS G 620 47.84 22.07 -11.84
N ARG G 621 48.77 22.81 -11.25
CA ARG G 621 49.63 23.71 -12.02
C ARG G 621 50.74 24.27 -11.12
N GLU G 622 51.73 24.93 -11.73
CA GLU G 622 52.93 25.31 -10.98
C GLU G 622 53.33 26.78 -11.07
N GLN G 623 52.36 27.67 -11.10
CA GLN G 623 52.56 29.01 -10.60
C GLN G 623 51.69 29.07 -9.35
N VAL G 624 52.27 29.56 -8.26
CA VAL G 624 51.67 29.49 -6.92
C VAL G 624 51.40 28.06 -6.41
N VAL G 625 50.31 27.92 -5.67
CA VAL G 625 50.23 26.96 -4.56
C VAL G 625 49.81 25.53 -4.85
N SER G 626 50.10 24.70 -3.86
CA SER G 626 49.23 23.58 -3.51
C SER G 626 48.07 24.17 -2.74
N GLU G 627 46.91 24.30 -3.36
CA GLU G 627 45.68 24.42 -2.59
C GLU G 627 45.20 23.01 -2.40
N GLN G 628 45.58 22.41 -1.29
CA GLN G 628 45.24 21.03 -1.02
C GLN G 628 43.75 20.94 -0.71
N THR G 629 43.00 20.37 -1.65
CA THR G 629 41.57 20.21 -1.50
C THR G 629 41.26 19.52 -0.17
N LEU G 630 40.06 19.79 0.36
CA LEU G 630 39.66 19.21 1.63
C LEU G 630 38.46 18.27 1.52
N VAL G 631 38.73 16.98 1.44
CA VAL G 631 37.69 15.97 1.41
C VAL G 631 37.32 15.53 2.82
N GLN G 632 36.05 15.22 3.04
CA GLN G 632 35.59 14.70 4.31
C GLN G 632 35.15 13.25 4.18
N SER G 633 35.55 12.42 5.12
CA SER G 633 35.15 11.02 5.13
C SER G 633 34.46 10.64 6.45
N ASN G 634 33.18 10.31 6.37
CA ASN G 634 32.38 10.01 7.56
C ASN G 634 32.10 8.53 7.71
N ILE G 635 32.55 7.98 8.84
CA ILE G 635 32.32 6.57 9.17
C ILE G 635 31.47 6.48 10.44
N CYS G 636 30.65 5.44 10.54
CA CYS G 636 29.79 5.24 11.70
C CYS G 636 29.86 3.80 12.18
N LEU G 637 29.64 3.59 13.48
CA LEU G 637 29.68 2.24 14.05
C LEU G 637 28.58 1.96 15.07
N TYR G 638 27.85 0.87 14.84
CA TYR G 638 26.65 0.54 15.61
C TYR G 638 26.51 -0.98 15.72
N ILE G 639 26.04 -1.46 16.86
CA ILE G 639 25.89 -2.89 17.09
C ILE G 639 24.41 -3.27 17.17
N ASP G 640 24.04 -4.39 16.55
CA ASP G 640 22.63 -4.70 16.28
C ASP G 640 22.15 -6.06 16.78
N LYS G 641 23.04 -7.05 16.80
CA LYS G 641 22.65 -8.41 17.16
C LYS G 641 22.96 -8.66 18.63
N ARG G 642 21.90 -8.75 19.42
CA ARG G 642 21.96 -8.44 20.84
C ARG G 642 21.14 -9.40 21.68
N SER G 643 20.32 -10.21 21.00
CA SER G 643 19.21 -10.91 21.65
C SER G 643 19.59 -11.56 22.98
N LYS G 644 20.75 -12.20 23.01
CA LYS G 644 21.18 -12.93 24.20
C LYS G 644 21.58 -12.00 25.34
N ASN G 645 22.46 -11.05 25.06
CA ASN G 645 23.04 -10.20 26.09
C ASN G 645 22.06 -9.17 26.67
N LEU G 646 20.96 -8.94 25.95
CA LEU G 646 19.90 -8.07 26.42
C LEU G 646 20.38 -6.65 26.69
N LEU G 647 19.44 -5.75 26.98
CA LEU G 647 19.76 -4.35 27.24
C LEU G 647 20.65 -4.20 28.47
N GLY G 648 21.08 -2.96 28.73
CA GLY G 648 21.80 -2.65 29.95
C GLY G 648 23.31 -2.79 29.83
N SER G 649 23.99 -2.53 30.95
CA SER G 649 25.45 -2.59 31.02
C SER G 649 26.03 -3.69 30.14
N ARG G 650 27.22 -3.45 29.61
CA ARG G 650 27.93 -4.42 28.78
C ARG G 650 27.39 -4.40 27.34
N ASP G 651 26.14 -4.82 27.17
CA ASP G 651 25.54 -4.84 25.84
C ASP G 651 25.68 -3.47 25.20
N LEU G 652 25.83 -2.44 26.03
CA LEU G 652 26.11 -1.10 25.56
C LEU G 652 27.62 -0.81 25.59
N GLN G 653 28.05 -0.11 26.63
CA GLN G 653 29.40 0.43 26.69
C GLN G 653 30.49 -0.56 26.26
N SER G 654 31.35 -0.10 25.37
CA SER G 654 32.61 -0.76 25.05
C SER G 654 33.51 0.24 24.34
N SER G 655 34.82 0.12 24.56
CA SER G 655 35.77 0.98 23.88
C SER G 655 36.34 0.25 22.68
N VAL G 656 36.83 1.02 21.70
CA VAL G 656 37.32 0.44 20.46
C VAL G 656 38.53 1.17 19.89
N THR G 657 39.44 0.43 19.27
CA THR G 657 40.55 1.03 18.55
C THR G 657 40.28 1.04 17.05
N LEU G 658 40.34 2.22 16.45
CA LEU G 658 40.12 2.38 15.02
C LEU G 658 41.42 2.72 14.31
N ASP G 659 41.62 2.16 13.13
CA ASP G 659 42.84 2.38 12.38
C ASP G 659 42.57 2.57 10.89
N LEU G 660 42.30 3.81 10.51
CA LEU G 660 42.03 4.16 9.12
C LEU G 660 43.33 4.33 8.35
N ALA G 661 43.35 3.88 7.10
CA ALA G 661 44.55 3.96 6.27
C ALA G 661 44.16 4.06 4.80
N LEU G 662 44.74 5.04 4.11
CA LEU G 662 44.38 5.30 2.72
C LEU G 662 45.39 4.72 1.75
N ASP G 663 44.90 4.26 0.60
CA ASP G 663 45.74 3.63 -0.41
C ASP G 663 46.87 2.83 0.23
N PRO G 664 46.51 1.81 1.01
CA PRO G 664 47.46 1.02 1.80
C PRO G 664 48.45 0.22 0.96
N GLY G 665 47.95 -0.51 -0.03
CA GLY G 665 48.76 -1.46 -0.77
C GLY G 665 49.86 -0.85 -1.61
N ARG G 666 49.79 0.45 -1.84
CA ARG G 666 50.77 1.15 -2.67
C ARG G 666 51.68 2.01 -1.81
N LEU G 667 52.94 2.15 -2.21
CA LEU G 667 53.88 2.98 -1.49
C LEU G 667 53.80 4.42 -2.00
N SER G 668 52.60 4.83 -2.36
CA SER G 668 52.36 6.18 -2.85
C SER G 668 51.04 6.70 -2.27
N PRO G 669 51.07 7.06 -0.97
CA PRO G 669 49.89 7.60 -0.27
C PRO G 669 49.22 8.71 -1.05
N ARG G 670 48.00 8.47 -1.51
CA ARG G 670 47.28 9.46 -2.30
C ARG G 670 46.67 10.56 -1.45
N ALA G 671 46.99 10.59 -0.15
CA ALA G 671 46.45 11.62 0.75
C ALA G 671 46.95 11.45 2.17
N THR G 672 46.34 12.19 3.09
CA THR G 672 46.68 12.13 4.50
C THR G 672 45.58 12.76 5.34
N PHE G 673 45.40 12.25 6.56
CA PHE G 673 44.48 12.87 7.52
C PHE G 673 45.13 14.11 8.12
N GLN G 674 44.30 15.08 8.51
CA GLN G 674 44.82 16.34 9.01
C GLN G 674 45.20 16.22 10.48
N GLU G 675 44.35 15.55 11.25
CA GLU G 675 44.54 15.43 12.69
C GLU G 675 45.95 14.93 13.04
N THR G 676 46.51 14.07 12.19
CA THR G 676 47.83 13.50 12.45
C THR G 676 48.83 13.82 11.35
N LYS G 677 48.32 14.13 10.16
CA LYS G 677 49.17 14.51 9.04
C LYS G 677 49.73 13.28 8.32
N ASN G 678 49.61 12.12 8.93
CA ASN G 678 50.07 10.88 8.33
C ASN G 678 49.09 10.36 7.29
N ARG G 679 49.48 9.30 6.60
CA ARG G 679 48.64 8.64 5.61
C ARG G 679 47.63 7.73 6.31
N SER G 680 47.68 7.74 7.64
CA SER G 680 46.77 6.94 8.46
C SER G 680 46.64 7.57 9.85
N LEU G 681 45.65 7.11 10.62
CA LEU G 681 45.44 7.62 11.97
C LEU G 681 44.70 6.61 12.83
N SER G 682 44.79 6.79 14.14
CA SER G 682 44.08 5.94 15.08
C SER G 682 43.52 6.75 16.25
N ARG G 683 42.32 6.37 16.69
CA ARG G 683 41.71 7.02 17.85
C ARG G 683 40.75 6.06 18.54
N VAL G 684 40.84 6.00 19.88
CA VAL G 684 39.98 5.12 20.67
C VAL G 684 38.72 5.85 21.09
N ARG G 685 37.57 5.34 20.66
CA ARG G 685 36.29 5.99 20.94
C ARG G 685 35.24 5.00 21.47
N VAL G 686 34.17 5.55 22.05
CA VAL G 686 33.16 4.74 22.73
C VAL G 686 31.99 4.37 21.82
N LEU G 687 31.71 3.07 21.75
CA LEU G 687 30.59 2.57 20.97
C LEU G 687 29.31 2.48 21.78
N GLY G 688 28.23 2.10 21.11
CA GLY G 688 26.98 1.79 21.77
C GLY G 688 26.10 0.99 20.83
N LEU G 689 24.91 0.62 21.27
CA LEU G 689 23.94 0.00 20.37
C LEU G 689 23.35 1.10 19.50
N LYS G 690 23.57 2.34 19.90
CA LYS G 690 23.24 3.49 19.08
C LYS G 690 24.50 3.91 18.32
N ALA G 691 24.35 4.14 17.02
CA ALA G 691 25.48 4.47 16.14
C ALA G 691 26.49 5.41 16.77
N HIS G 692 27.70 5.47 16.20
CA HIS G 692 28.66 6.50 16.54
C HIS G 692 29.38 6.99 15.28
N CYS G 693 28.95 8.15 14.78
CA CYS G 693 29.48 8.69 13.54
C CYS G 693 30.43 9.86 13.74
N GLU G 694 31.66 9.71 13.23
CA GLU G 694 32.62 10.81 13.24
C GLU G 694 33.31 10.96 11.90
N ASN G 695 33.26 12.16 11.33
CA ASN G 695 33.90 12.43 10.05
C ASN G 695 35.29 13.04 10.21
N PHE G 696 36.23 12.61 9.37
CA PHE G 696 37.61 13.07 9.47
C PHE G 696 38.04 13.92 8.29
N ASN G 697 39.07 14.71 8.49
CA ASN G 697 39.57 15.64 7.48
C ASN G 697 40.69 15.03 6.67
N LEU G 698 40.55 15.10 5.35
CA LEU G 698 41.52 14.53 4.43
C LEU G 698 42.08 15.63 3.53
N LEU G 699 43.35 15.48 3.15
CA LEU G 699 44.03 16.49 2.35
C LEU G 699 44.55 15.87 1.08
N LEU G 700 44.00 16.30 -0.05
CA LEU G 700 44.48 15.86 -1.36
C LEU G 700 45.43 16.89 -1.95
N PRO G 701 46.68 16.48 -2.24
CA PRO G 701 47.63 17.38 -2.89
C PRO G 701 47.10 17.83 -4.26
N SER G 702 47.23 19.12 -4.55
CA SER G 702 46.71 19.67 -5.80
C SER G 702 47.09 18.80 -7.00
N CYS G 703 48.35 18.36 -7.05
CA CYS G 703 48.85 17.59 -8.19
C CYS G 703 48.99 16.10 -7.85
N VAL G 704 48.53 15.24 -8.74
CA VAL G 704 48.60 13.80 -8.54
C VAL G 704 48.67 13.04 -9.86
N GLU G 705 49.35 11.90 -9.84
CA GLU G 705 49.48 11.07 -11.04
C GLU G 705 48.21 10.28 -11.31
N ASP G 706 48.03 9.19 -10.57
CA ASP G 706 46.89 8.30 -10.76
C ASP G 706 45.60 8.90 -10.23
N SER G 707 44.61 9.02 -11.11
CA SER G 707 43.30 9.53 -10.73
C SER G 707 42.20 8.52 -11.06
N VAL G 708 42.47 7.65 -12.02
CA VAL G 708 41.50 6.66 -12.46
C VAL G 708 41.08 5.73 -11.33
N THR G 709 42.06 5.27 -10.56
CA THR G 709 41.79 4.37 -9.45
C THR G 709 41.36 5.14 -8.22
N PRO G 710 40.07 5.02 -7.84
CA PRO G 710 39.62 5.72 -6.63
C PRO G 710 40.59 5.50 -5.48
N ILE G 711 40.64 6.43 -4.54
CA ILE G 711 41.44 6.26 -3.34
C ILE G 711 40.67 5.47 -2.29
N THR G 712 41.30 4.42 -1.78
CA THR G 712 40.67 3.53 -0.81
C THR G 712 40.85 4.06 0.61
N LEU G 713 39.89 3.73 1.47
CA LEU G 713 40.01 4.01 2.91
C LEU G 713 39.40 2.84 3.69
N ARG G 714 40.27 2.08 4.34
CA ARG G 714 39.84 0.91 5.10
C ARG G 714 40.09 1.12 6.58
N LEU G 715 39.31 0.45 7.43
CA LEU G 715 39.54 0.50 8.86
C LEU G 715 39.83 -0.87 9.48
N ASN G 716 40.77 -0.90 10.41
CA ASN G 716 40.99 -2.04 11.28
C ASN G 716 40.45 -1.66 12.65
N PHE G 717 39.45 -2.40 13.13
CA PHE G 717 38.84 -2.08 14.41
C PHE G 717 38.73 -3.34 15.27
N THR G 718 38.85 -3.15 16.58
CA THR G 718 38.78 -4.27 17.50
C THR G 718 38.10 -3.82 18.79
N LEU G 719 38.41 -4.50 19.90
CA LEU G 719 37.80 -4.16 21.18
C LEU G 719 38.87 -3.97 22.24
N VAL G 720 39.37 -2.74 22.34
CA VAL G 720 40.47 -2.44 23.23
C VAL G 720 40.01 -2.29 24.69
N GLY G 721 40.95 -2.51 25.60
CA GLY G 721 40.69 -2.32 27.02
C GLY G 721 39.93 -3.47 27.63
N LYS G 722 38.63 -3.50 27.39
CA LYS G 722 37.73 -4.49 27.98
C LYS G 722 37.51 -4.26 29.48
N PRO G 723 37.66 -3.01 29.96
CA PRO G 723 37.10 -2.70 31.28
C PRO G 723 35.72 -2.07 31.16
N LEU G 724 34.72 -2.68 31.80
CA LEU G 724 33.36 -2.18 31.72
C LEU G 724 32.62 -2.27 33.05
N LEU G 725 32.60 -1.17 33.81
CA LEU G 725 31.93 -1.10 35.11
C LEU G 725 32.49 -2.17 36.06
N ALA G 726 31.74 -3.25 36.27
CA ALA G 726 32.20 -4.35 37.09
C ALA G 726 32.95 -5.35 36.20
N PHE G 727 33.54 -6.36 36.81
CA PHE G 727 34.22 -7.40 36.05
C PHE G 727 33.25 -8.52 35.72
N ARG G 728 31.98 -8.15 35.50
CA ARG G 728 30.93 -9.12 35.22
C ARG G 728 30.78 -9.34 33.71
N ASN G 729 31.66 -8.72 32.95
CA ASN G 729 31.79 -9.01 31.52
C ASN G 729 33.17 -9.58 31.21
N LEU G 730 34.17 -9.09 31.93
CA LEU G 730 35.56 -9.48 31.70
C LEU G 730 35.96 -9.29 30.22
N ARG G 731 35.90 -10.36 29.43
CA ARG G 731 36.29 -10.24 28.02
C ARG G 731 35.14 -10.49 27.05
N PRO G 732 34.70 -9.44 26.35
CA PRO G 732 33.89 -9.62 25.14
C PRO G 732 34.76 -9.90 23.92
N MET G 733 34.15 -10.25 22.79
CA MET G 733 34.91 -10.54 21.57
C MET G 733 34.03 -10.50 20.34
N LEU G 734 34.65 -10.72 19.18
CA LEU G 734 33.94 -10.68 17.90
C LEU G 734 33.65 -12.08 17.39
N ALA G 735 32.83 -12.18 16.34
CA ALA G 735 32.43 -13.47 15.81
C ALA G 735 33.43 -13.99 14.78
N ALA G 736 33.11 -15.14 14.18
CA ALA G 736 33.98 -15.77 13.20
C ALA G 736 34.04 -14.96 11.93
N ASP G 737 32.87 -14.64 11.39
CA ASP G 737 32.76 -13.80 10.20
C ASP G 737 32.90 -12.34 10.58
N ALA G 738 34.11 -11.95 10.98
CA ALA G 738 34.39 -10.57 11.35
C ALA G 738 35.17 -9.91 10.22
N GLN G 739 34.45 -9.17 9.39
CA GLN G 739 35.06 -8.44 8.28
C GLN G 739 35.67 -7.16 8.81
N ARG G 740 36.51 -7.28 9.84
CA ARG G 740 37.09 -6.13 10.52
C ARG G 740 37.75 -5.16 9.54
N TYR G 741 38.02 -5.63 8.33
CA TYR G 741 38.56 -4.78 7.29
C TYR G 741 37.46 -4.33 6.33
N PHE G 742 36.93 -3.13 6.58
CA PHE G 742 35.89 -2.56 5.73
C PHE G 742 36.43 -1.36 4.96
N THR G 743 36.25 -1.37 3.65
CA THR G 743 36.80 -0.33 2.81
C THR G 743 35.74 0.37 1.97
N ALA G 744 35.92 1.68 1.80
CA ALA G 744 35.05 2.49 0.97
C ALA G 744 35.90 3.32 0.00
N SER G 745 35.39 3.51 -1.21
CA SER G 745 36.17 4.14 -2.27
C SER G 745 35.75 5.58 -2.52
N LEU G 746 36.68 6.40 -3.01
CA LEU G 746 36.39 7.77 -3.41
C LEU G 746 36.82 7.97 -4.86
N PRO G 747 35.83 8.16 -5.77
CA PRO G 747 36.15 8.32 -7.19
C PRO G 747 36.65 9.71 -7.55
N PHE G 748 37.04 9.90 -8.81
CA PHE G 748 37.47 11.20 -9.32
C PHE G 748 36.61 11.59 -10.50
N GLU G 749 36.60 12.87 -10.82
CA GLU G 749 35.94 13.34 -12.04
C GLU G 749 36.87 13.11 -13.23
N LYS G 750 36.76 11.94 -13.85
CA LYS G 750 37.67 11.58 -14.93
C LYS G 750 37.63 12.62 -16.05
N ASN G 751 38.83 13.09 -16.40
CA ASN G 751 39.02 14.00 -17.52
C ASN G 751 38.52 13.38 -18.82
N CYS G 752 37.31 13.75 -19.22
CA CYS G 752 36.73 13.23 -20.43
C CYS G 752 37.07 14.15 -21.60
N GLY G 753 38.17 14.87 -21.47
CA GLY G 753 38.64 15.77 -22.51
C GLY G 753 38.75 17.20 -22.03
N ALA G 754 39.25 18.08 -22.90
CA ALA G 754 39.34 19.51 -22.60
C ALA G 754 37.97 20.16 -22.62
N ASP G 755 36.95 19.34 -22.91
CA ASP G 755 35.57 19.79 -22.99
C ASP G 755 34.67 18.56 -23.04
N HIS G 756 33.50 18.70 -23.65
CA HIS G 756 32.61 17.56 -23.89
C HIS G 756 31.82 17.12 -22.67
N ILE G 757 32.16 17.68 -21.50
CA ILE G 757 31.27 17.71 -20.34
C ILE G 757 31.03 16.34 -19.64
N CYS G 758 31.43 15.25 -20.28
CA CYS G 758 31.40 13.93 -19.63
C CYS G 758 29.99 13.45 -19.30
N GLN G 759 29.26 12.95 -20.29
CA GLN G 759 27.89 12.48 -20.07
C GLN G 759 27.84 11.02 -19.63
N ASP G 760 27.30 10.76 -18.44
CA ASP G 760 27.14 9.40 -17.95
C ASP G 760 25.88 8.77 -18.48
N ASN G 761 26.01 7.94 -19.52
CA ASN G 761 24.85 7.26 -20.07
C ASN G 761 25.05 5.74 -20.15
N LEU G 762 24.42 5.01 -19.24
CA LEU G 762 24.45 3.55 -19.25
C LEU G 762 23.05 3.00 -19.03
N GLY G 763 22.71 1.96 -19.79
CA GLY G 763 21.44 1.28 -19.62
C GLY G 763 21.70 -0.13 -19.15
N ILE G 764 20.64 -0.89 -18.91
CA ILE G 764 20.79 -2.27 -18.46
C ILE G 764 19.53 -3.10 -18.69
N SER G 765 19.73 -4.40 -18.91
CA SER G 765 18.62 -5.32 -19.12
C SER G 765 19.08 -6.75 -18.94
N PHE G 766 18.34 -7.53 -18.16
CA PHE G 766 18.69 -8.93 -17.90
C PHE G 766 17.48 -9.85 -18.05
N SER G 767 17.75 -11.13 -18.17
CA SER G 767 16.70 -12.13 -18.35
C SER G 767 17.07 -13.44 -17.66
N PHE G 768 16.22 -14.45 -17.84
CA PHE G 768 16.44 -15.76 -17.26
C PHE G 768 16.23 -16.80 -18.34
N PRO G 769 17.33 -17.36 -18.85
CA PRO G 769 17.31 -18.35 -19.93
C PRO G 769 16.74 -19.70 -19.52
N GLY G 770 15.56 -20.04 -20.05
CA GLY G 770 14.99 -21.37 -19.86
C GLY G 770 14.24 -21.55 -18.55
N LEU G 771 14.37 -20.59 -17.64
CA LEU G 771 13.73 -20.66 -16.33
C LEU G 771 12.23 -20.92 -16.45
N LYS G 772 11.79 -22.09 -15.98
CA LYS G 772 10.39 -22.48 -16.10
C LYS G 772 9.72 -22.67 -14.75
N SER G 773 8.97 -21.65 -14.33
CA SER G 773 8.07 -21.77 -13.19
C SER G 773 8.74 -21.45 -11.84
N LEU G 774 9.92 -22.00 -11.59
CA LEU G 774 10.70 -21.65 -10.40
C LEU G 774 9.99 -21.98 -9.09
N LEU G 775 10.12 -23.21 -8.63
CA LEU G 775 9.57 -23.62 -7.34
C LEU G 775 10.69 -23.82 -6.33
N VAL G 776 10.41 -23.57 -5.05
CA VAL G 776 11.43 -23.58 -4.01
C VAL G 776 11.76 -25.01 -3.56
N GLY G 777 12.92 -25.50 -3.98
CA GLY G 777 13.28 -26.88 -3.76
C GLY G 777 14.07 -27.34 -4.95
N SER G 778 13.40 -27.42 -6.10
CA SER G 778 14.10 -27.54 -7.37
C SER G 778 14.57 -26.14 -7.72
N ASN G 779 15.33 -26.02 -8.80
CA ASN G 779 15.80 -24.71 -9.20
C ASN G 779 16.38 -24.01 -7.97
N LEU G 780 17.46 -24.56 -7.44
CA LEU G 780 18.15 -23.95 -6.31
C LEU G 780 19.01 -22.80 -6.81
N GLU G 781 19.93 -23.10 -7.73
CA GLU G 781 20.73 -22.06 -8.36
C GLU G 781 19.85 -21.33 -9.38
N LEU G 782 20.06 -20.03 -9.51
CA LEU G 782 19.25 -19.22 -10.42
C LEU G 782 20.14 -18.46 -11.41
N ASN G 783 20.09 -18.89 -12.67
CA ASN G 783 20.96 -18.33 -13.70
C ASN G 783 20.40 -17.06 -14.33
N ALA G 784 21.11 -15.95 -14.12
CA ALA G 784 20.71 -14.66 -14.65
C ALA G 784 21.68 -14.16 -15.72
N GLU G 785 21.15 -13.91 -16.91
CA GLU G 785 21.93 -13.40 -18.04
C GLU G 785 21.69 -11.90 -18.20
N VAL G 786 22.59 -11.09 -17.66
CA VAL G 786 22.45 -9.63 -17.71
C VAL G 786 23.30 -9.03 -18.82
N MET G 787 22.65 -8.25 -19.67
CA MET G 787 23.33 -7.43 -20.67
C MET G 787 23.34 -5.98 -20.20
N VAL G 788 24.22 -5.16 -20.76
CA VAL G 788 24.38 -3.78 -20.31
C VAL G 788 24.99 -2.88 -21.40
N TRP G 789 24.56 -1.61 -21.44
CA TRP G 789 24.98 -0.69 -22.50
C TRP G 789 25.94 0.39 -21.99
N ASN G 790 26.48 1.16 -22.94
CA ASN G 790 27.27 2.35 -22.61
C ASN G 790 27.17 3.39 -23.72
N ASP G 791 26.02 4.03 -23.82
CA ASP G 791 25.78 4.98 -24.90
C ASP G 791 26.27 6.38 -24.54
N GLY G 792 27.11 6.46 -23.51
CA GLY G 792 27.66 7.74 -23.09
C GLY G 792 29.13 7.63 -22.72
N GLU G 793 29.65 8.69 -22.13
CA GLU G 793 31.05 8.74 -21.71
C GLU G 793 31.48 7.44 -21.02
N ASP G 794 32.77 7.13 -21.14
CA ASP G 794 33.32 5.91 -20.56
C ASP G 794 33.06 5.83 -19.06
N SER G 795 32.44 4.73 -18.64
CA SER G 795 32.34 4.42 -17.22
C SER G 795 33.53 3.56 -16.86
N TYR G 796 34.25 3.94 -15.81
CA TYR G 796 35.45 3.22 -15.43
C TYR G 796 35.14 2.17 -14.37
N GLY G 797 34.97 2.59 -13.13
CA GLY G 797 34.64 1.66 -12.05
C GLY G 797 33.16 1.36 -12.00
N THR G 798 32.56 1.16 -13.17
CA THR G 798 31.14 0.89 -13.30
C THR G 798 30.69 -0.22 -12.36
N THR G 799 29.66 0.07 -11.57
CA THR G 799 29.12 -0.88 -10.61
C THR G 799 27.70 -1.28 -10.98
N ILE G 800 27.34 -2.54 -10.70
CA ILE G 800 26.02 -3.06 -11.01
C ILE G 800 25.40 -3.76 -9.79
N THR G 801 24.36 -3.17 -9.23
CA THR G 801 23.77 -3.63 -7.97
C THR G 801 22.35 -4.16 -8.17
N PHE G 802 22.04 -5.27 -7.50
CA PHE G 802 20.71 -5.89 -7.59
C PHE G 802 19.89 -5.73 -6.30
N SER G 803 18.57 -5.73 -6.43
CA SER G 803 17.67 -5.78 -5.27
C SER G 803 16.89 -7.11 -5.27
N HIS G 804 16.95 -7.83 -4.15
CA HIS G 804 16.30 -9.13 -4.06
C HIS G 804 15.75 -9.43 -2.67
N PRO G 805 14.76 -10.33 -2.59
CA PRO G 805 14.22 -10.82 -1.32
C PRO G 805 15.26 -11.63 -0.54
N ALA G 806 15.14 -11.64 0.79
CA ALA G 806 16.16 -12.25 1.64
C ALA G 806 16.55 -13.67 1.21
N GLY G 807 15.67 -14.34 0.48
CA GLY G 807 15.80 -15.75 0.19
C GLY G 807 16.84 -16.14 -0.86
N LEU G 808 17.87 -15.32 -1.03
CA LEU G 808 18.95 -15.65 -1.97
C LEU G 808 20.12 -14.67 -1.89
N SER G 809 21.30 -15.12 -2.33
CA SER G 809 22.49 -14.26 -2.42
C SER G 809 23.38 -14.76 -3.55
N TYR G 810 24.37 -13.95 -3.95
CA TYR G 810 25.20 -14.26 -5.10
C TYR G 810 26.36 -15.19 -4.77
N ARG G 811 26.65 -16.12 -5.68
CA ARG G 811 27.82 -16.96 -5.58
C ARG G 811 28.60 -16.92 -6.89
N TYR G 812 29.91 -16.74 -6.77
CA TYR G 812 30.78 -16.66 -7.94
C TYR G 812 30.58 -17.87 -8.85
N VAL G 813 30.52 -17.63 -10.15
CA VAL G 813 30.30 -18.72 -11.11
C VAL G 813 31.60 -19.48 -11.35
N ALA G 814 32.65 -18.77 -11.72
CA ALA G 814 33.96 -19.38 -11.96
C ALA G 814 33.90 -20.45 -13.03
N GLU G 815 33.39 -20.10 -14.19
CA GLU G 815 33.23 -21.08 -15.27
C GLU G 815 34.33 -20.91 -16.32
N GLY G 816 34.59 -21.96 -17.08
CA GLY G 816 35.80 -22.01 -17.89
C GLY G 816 35.82 -22.91 -19.11
N GLN G 817 34.90 -23.87 -19.16
CA GLN G 817 35.25 -25.18 -19.70
C GLN G 817 34.25 -25.85 -20.66
N LYS G 818 33.69 -25.12 -21.63
CA LYS G 818 34.02 -23.73 -21.90
C LYS G 818 32.80 -23.00 -22.45
N GLN G 819 32.92 -21.68 -22.58
CA GLN G 819 31.79 -20.83 -22.91
C GLN G 819 32.23 -19.38 -22.85
N GLY G 820 31.64 -18.51 -23.66
CA GLY G 820 30.67 -18.89 -24.69
C GLY G 820 30.90 -17.95 -25.85
N GLN G 821 30.07 -16.92 -25.93
CA GLN G 821 30.43 -15.67 -26.57
C GLN G 821 30.33 -14.72 -25.40
N LEU G 822 30.89 -15.16 -24.28
CA LEU G 822 30.26 -14.97 -22.98
C LEU G 822 31.23 -14.58 -21.86
N ARG G 823 30.70 -14.55 -20.65
CA ARG G 823 31.41 -14.09 -19.46
C ARG G 823 32.88 -14.48 -19.40
N SER G 824 33.70 -13.51 -19.00
CA SER G 824 35.15 -13.56 -19.11
C SER G 824 35.72 -12.91 -17.86
N LEU G 825 34.84 -12.70 -16.89
CA LEU G 825 34.85 -11.44 -16.15
C LEU G 825 35.09 -11.54 -14.64
N HIS G 826 36.25 -11.06 -14.20
CA HIS G 826 36.54 -10.94 -12.78
C HIS G 826 35.84 -9.72 -12.22
N LEU G 827 34.90 -9.97 -11.30
CA LEU G 827 34.09 -8.91 -10.71
C LEU G 827 33.93 -9.12 -9.21
N THR G 828 33.87 -8.01 -8.47
CA THR G 828 33.79 -8.07 -7.01
C THR G 828 32.37 -7.74 -6.54
N CYS G 829 31.79 -8.64 -5.76
CA CYS G 829 30.42 -8.47 -5.29
C CYS G 829 30.33 -8.52 -3.77
N ASP G 830 29.54 -7.62 -3.19
CA ASP G 830 29.33 -7.57 -1.74
C ASP G 830 27.85 -7.49 -1.40
N SER G 831 27.33 -8.54 -0.76
CA SER G 831 25.95 -8.55 -0.30
C SER G 831 25.80 -7.72 0.97
N ALA G 832 24.57 -7.31 1.26
CA ALA G 832 24.31 -6.47 2.43
C ALA G 832 22.83 -6.16 2.57
N PRO G 833 22.34 -6.09 3.82
CA PRO G 833 20.93 -5.76 4.11
C PRO G 833 20.62 -4.28 3.95
N VAL G 834 19.48 -3.98 3.32
CA VAL G 834 19.13 -2.61 2.98
C VAL G 834 17.77 -2.19 3.50
N GLY G 835 16.72 -2.66 2.82
CA GLY G 835 15.37 -2.19 3.04
C GLY G 835 14.89 -2.27 4.47
N SER G 836 13.77 -1.60 4.75
CA SER G 836 13.20 -1.58 6.09
C SER G 836 13.09 -2.99 6.66
N GLN G 837 12.42 -3.87 5.91
CA GLN G 837 12.25 -5.23 6.36
C GLN G 837 11.95 -6.20 5.21
N GLY G 838 12.98 -6.91 4.77
CA GLY G 838 12.81 -8.06 3.89
C GLY G 838 13.81 -8.14 2.76
N THR G 839 13.91 -7.06 2.00
CA THR G 839 14.76 -7.01 0.82
C THR G 839 16.15 -6.50 1.17
N TRP G 840 17.08 -6.61 0.21
CA TRP G 840 18.45 -6.17 0.42
C TRP G 840 19.29 -6.30 -0.86
N SER G 841 20.38 -5.55 -0.92
CA SER G 841 21.12 -5.38 -2.17
C SER G 841 22.46 -6.13 -2.20
N THR G 842 22.75 -6.72 -3.35
CA THR G 842 24.07 -7.30 -3.61
C THR G 842 24.75 -6.54 -4.77
N SER G 843 25.63 -5.62 -4.43
CA SER G 843 26.34 -4.82 -5.44
C SER G 843 27.47 -5.65 -6.07
N CYS G 844 27.87 -5.29 -7.28
CA CYS G 844 28.93 -6.00 -7.99
C CYS G 844 29.66 -5.10 -8.97
N ARG G 845 30.77 -4.50 -8.54
CA ARG G 845 31.52 -3.59 -9.39
C ARG G 845 32.51 -4.36 -10.26
N ILE G 846 32.41 -4.17 -11.58
CA ILE G 846 33.37 -4.79 -12.49
C ILE G 846 34.76 -4.30 -12.11
N ASN G 847 35.43 -5.11 -11.31
CA ASN G 847 36.62 -4.68 -10.60
C ASN G 847 37.63 -3.93 -11.46
N HIS G 848 38.38 -4.67 -12.28
CA HIS G 848 39.61 -4.14 -12.85
C HIS G 848 39.63 -4.03 -14.38
N LEU G 849 38.81 -3.15 -14.93
CA LEU G 849 39.01 -2.68 -16.30
C LEU G 849 37.85 -1.84 -16.81
N ILE G 850 38.06 -1.21 -17.97
CA ILE G 850 37.17 -0.14 -18.42
C ILE G 850 36.04 -0.61 -19.33
N PHE G 851 34.97 0.17 -19.31
CA PHE G 851 33.81 -0.06 -20.15
C PHE G 851 33.65 1.17 -21.04
N ARG G 852 34.12 1.05 -22.27
CA ARG G 852 34.26 2.21 -23.15
C ARG G 852 33.20 2.26 -24.24
N GLY G 853 33.00 3.46 -24.78
CA GLY G 853 32.15 3.68 -25.93
C GLY G 853 30.80 3.00 -25.85
N GLY G 854 30.14 2.90 -27.00
CA GLY G 854 28.84 2.28 -27.11
C GLY G 854 28.91 0.77 -27.06
N ALA G 855 30.00 0.25 -26.50
CA ALA G 855 30.20 -1.19 -26.40
C ALA G 855 29.26 -1.77 -25.36
N GLN G 856 28.67 -2.91 -25.69
CA GLN G 856 27.81 -3.62 -24.77
C GLN G 856 28.56 -4.84 -24.28
N ILE G 857 28.17 -5.35 -23.12
CA ILE G 857 28.79 -6.54 -22.56
C ILE G 857 27.76 -7.38 -21.81
N THR G 858 27.99 -8.69 -21.76
CA THR G 858 27.09 -9.61 -21.08
C THR G 858 27.85 -10.56 -20.17
N PHE G 859 27.42 -10.63 -18.91
CA PHE G 859 28.03 -11.58 -17.97
C PHE G 859 26.95 -12.42 -17.31
N LEU G 860 27.36 -13.40 -16.52
CA LEU G 860 26.43 -14.30 -15.85
C LEU G 860 26.62 -14.26 -14.34
N ALA G 861 25.53 -13.95 -13.64
CA ALA G 861 25.55 -13.86 -12.18
C ALA G 861 24.49 -14.80 -11.61
N THR G 862 24.93 -15.76 -10.80
CA THR G 862 24.04 -16.79 -10.26
C THR G 862 23.70 -16.56 -8.79
N PHE G 863 22.40 -16.70 -8.46
CA PHE G 863 21.94 -16.58 -7.07
C PHE G 863 21.37 -17.88 -6.51
N ASP G 864 22.03 -18.41 -5.48
CA ASP G 864 21.51 -19.58 -4.77
C ASP G 864 20.25 -19.20 -4.01
N VAL G 865 19.25 -20.08 -4.05
CA VAL G 865 18.00 -19.84 -3.34
C VAL G 865 17.76 -20.94 -2.30
N SER G 866 17.40 -20.54 -1.08
CA SER G 866 17.18 -21.50 -0.02
C SER G 866 15.87 -22.27 -0.24
N PRO G 867 15.90 -23.59 0.04
CA PRO G 867 14.72 -24.46 -0.08
C PRO G 867 13.57 -23.97 0.79
N LYS G 868 13.89 -23.22 1.84
CA LYS G 868 12.88 -22.60 2.67
C LYS G 868 12.96 -21.10 2.46
N ALA G 869 12.73 -20.68 1.22
CA ALA G 869 12.83 -19.27 0.85
C ALA G 869 11.54 -18.54 1.16
N VAL G 870 11.56 -17.74 2.22
CA VAL G 870 10.41 -16.92 2.60
C VAL G 870 10.29 -15.75 1.64
N LEU G 871 9.21 -15.75 0.86
CA LEU G 871 8.99 -14.72 -0.14
C LEU G 871 7.54 -14.79 -0.63
N GLY G 872 6.99 -13.64 -1.00
CA GLY G 872 5.61 -13.58 -1.47
C GLY G 872 5.31 -14.58 -2.56
N ASP G 873 4.05 -14.63 -2.99
CA ASP G 873 3.64 -15.48 -4.09
C ASP G 873 4.28 -15.01 -5.40
N ARG G 874 4.99 -13.88 -5.33
CA ARG G 874 5.77 -13.38 -6.45
C ARG G 874 7.05 -12.74 -5.93
N LEU G 875 8.12 -12.86 -6.70
CA LEU G 875 9.40 -12.27 -6.33
C LEU G 875 9.95 -11.40 -7.46
N LEU G 876 10.20 -10.13 -7.16
CA LEU G 876 10.73 -9.19 -8.12
C LEU G 876 12.19 -8.90 -7.80
N LEU G 877 12.90 -8.34 -8.77
CA LEU G 877 14.28 -7.93 -8.54
C LEU G 877 14.71 -6.91 -9.58
N THR G 878 15.62 -6.03 -9.17
CA THR G 878 16.00 -4.90 -9.98
C THR G 878 17.51 -4.89 -10.24
N ALA G 879 17.94 -3.92 -11.04
CA ALA G 879 19.35 -3.78 -11.38
C ALA G 879 19.70 -2.32 -11.58
N ASN G 880 20.20 -1.67 -10.53
CA ASN G 880 20.74 -0.32 -10.63
C ASN G 880 22.10 -0.35 -11.31
N VAL G 881 22.28 0.47 -12.34
CA VAL G 881 23.54 0.52 -13.06
C VAL G 881 24.04 1.96 -13.19
N SER G 882 25.33 2.18 -12.92
CA SER G 882 25.92 3.51 -13.01
C SER G 882 27.44 3.41 -13.16
N SER G 883 28.10 4.56 -13.32
CA SER G 883 29.56 4.61 -13.46
C SER G 883 30.24 4.83 -12.12
N GLU G 884 31.56 4.65 -12.09
CA GLU G 884 32.32 4.88 -10.86
C GLU G 884 32.08 6.29 -10.34
N ASN G 885 31.79 7.22 -11.25
CA ASN G 885 31.54 8.61 -10.89
C ASN G 885 30.12 8.81 -10.36
N ASN G 886 29.57 7.77 -9.74
CA ASN G 886 28.28 7.87 -9.08
C ASN G 886 27.18 8.26 -10.06
N THR G 887 26.01 8.61 -9.53
CA THR G 887 24.88 9.01 -10.35
C THR G 887 24.59 10.49 -10.16
N PRO G 888 25.23 11.34 -10.98
CA PRO G 888 25.16 12.80 -10.83
C PRO G 888 23.78 13.39 -11.04
N ARG G 889 22.84 12.65 -11.63
CA ARG G 889 21.56 13.25 -12.00
C ARG G 889 20.30 12.47 -11.64
N THR G 890 19.24 12.73 -12.40
CA THR G 890 17.86 12.71 -11.90
C THR G 890 17.20 11.34 -11.90
N SER G 891 16.84 10.86 -13.08
CA SER G 891 16.04 9.65 -13.20
C SER G 891 16.93 8.42 -13.29
N LYS G 892 16.81 7.53 -12.30
CA LYS G 892 17.60 6.31 -12.26
C LYS G 892 17.28 5.41 -13.45
N THR G 893 18.26 4.60 -13.87
CA THR G 893 18.05 3.64 -14.94
C THR G 893 18.00 2.24 -14.38
N THR G 894 16.96 1.95 -13.60
CA THR G 894 16.80 0.65 -12.97
C THR G 894 15.99 -0.26 -13.88
N PHE G 895 16.32 -1.55 -13.89
CA PHE G 895 15.55 -2.54 -14.65
C PHE G 895 15.05 -3.68 -13.76
N GLN G 896 13.74 -3.88 -13.75
CA GLN G 896 13.14 -4.89 -12.88
C GLN G 896 12.23 -5.83 -13.64
N LEU G 897 11.97 -6.99 -13.04
CA LEU G 897 10.93 -7.91 -13.51
C LEU G 897 10.39 -8.74 -12.35
N GLU G 898 9.14 -9.18 -12.48
CA GLU G 898 8.47 -9.93 -11.41
C GLU G 898 8.06 -11.31 -11.91
N LEU G 899 8.27 -12.33 -11.07
CA LEU G 899 8.02 -13.72 -11.44
C LEU G 899 7.03 -14.41 -10.49
N PRO G 900 6.15 -15.26 -11.05
CA PRO G 900 5.34 -16.16 -10.22
C PRO G 900 6.19 -17.19 -9.50
N VAL G 901 5.96 -17.37 -8.19
CA VAL G 901 6.74 -18.32 -7.41
C VAL G 901 5.87 -19.45 -6.87
N LYS G 902 6.36 -20.69 -6.97
CA LYS G 902 5.70 -21.83 -6.37
C LYS G 902 6.58 -22.46 -5.32
N TYR G 903 6.19 -23.66 -4.89
CA TYR G 903 6.91 -24.33 -3.82
C TYR G 903 6.81 -25.84 -3.94
N ALA G 904 7.93 -26.51 -3.66
CA ALA G 904 8.01 -27.96 -3.80
C ALA G 904 7.19 -28.66 -2.73
N VAL G 905 6.70 -29.85 -3.07
CA VAL G 905 5.95 -30.67 -2.14
C VAL G 905 6.04 -32.13 -2.55
N TYR G 906 6.08 -33.04 -1.57
CA TYR G 906 6.10 -34.47 -1.84
C TYR G 906 4.80 -35.07 -1.33
N THR G 907 3.94 -35.49 -2.25
CA THR G 907 2.64 -36.05 -1.89
C THR G 907 2.45 -37.41 -2.55
N VAL G 908 2.40 -38.46 -1.72
CA VAL G 908 2.35 -39.82 -2.23
C VAL G 908 1.13 -40.55 -1.66
N VAL G 909 0.67 -41.57 -2.36
CA VAL G 909 -0.51 -42.34 -1.94
C VAL G 909 -0.42 -43.78 -2.41
N SER G 910 -0.62 -44.71 -1.48
CA SER G 910 -0.52 -46.12 -1.80
C SER G 910 -1.84 -46.83 -1.53
N SER G 911 -1.97 -48.05 -2.06
CA SER G 911 -3.15 -48.87 -1.85
C SER G 911 -2.87 -49.92 -0.79
N HIS G 912 -3.30 -49.65 0.45
CA HIS G 912 -3.02 -50.53 1.58
C HIS G 912 -3.40 -51.97 1.25
N GLU G 913 -2.59 -52.91 1.73
CA GLU G 913 -2.74 -54.32 1.38
C GLU G 913 -3.92 -55.00 2.10
N GLN G 914 -4.74 -54.21 2.78
CA GLN G 914 -5.98 -54.74 3.36
C GLN G 914 -7.11 -54.60 2.33
N PHE G 915 -6.85 -55.12 1.13
CA PHE G 915 -7.76 -54.95 0.01
C PHE G 915 -8.45 -56.26 -0.40
N THR G 916 -9.73 -56.17 -0.71
CA THR G 916 -10.58 -57.34 -0.89
C THR G 916 -10.57 -57.94 -2.30
N LYS G 917 -9.69 -58.92 -2.51
CA LYS G 917 -9.71 -59.72 -3.73
C LYS G 917 -10.27 -61.10 -3.37
N TYR G 918 -11.57 -61.29 -3.60
CA TYR G 918 -12.31 -62.35 -2.92
C TYR G 918 -12.91 -63.45 -3.81
N LEU G 919 -12.77 -63.34 -5.12
CA LEU G 919 -13.38 -64.28 -6.04
C LEU G 919 -13.45 -65.71 -5.50
N ASN G 920 -14.57 -66.39 -5.71
CA ASN G 920 -14.66 -67.83 -5.46
C ASN G 920 -15.92 -68.43 -6.09
N PHE G 921 -15.88 -69.74 -6.32
CA PHE G 921 -16.79 -70.39 -7.25
C PHE G 921 -18.27 -70.41 -6.86
N SER G 922 -18.57 -70.21 -5.58
CA SER G 922 -19.95 -70.29 -5.11
C SER G 922 -20.79 -69.12 -5.63
N GLU G 923 -21.46 -69.33 -6.75
CA GLU G 923 -22.28 -68.31 -7.38
C GLU G 923 -23.58 -68.92 -7.88
N SER G 924 -24.50 -69.20 -6.96
CA SER G 924 -25.77 -69.79 -7.31
C SER G 924 -26.78 -68.70 -7.66
N GLU G 925 -26.91 -67.73 -6.78
CA GLU G 925 -27.88 -66.67 -6.97
C GLU G 925 -27.21 -65.30 -7.04
N GLU G 926 -28.03 -64.27 -7.21
CA GLU G 926 -27.55 -62.90 -7.30
C GLU G 926 -27.84 -62.17 -6.00
N LYS G 927 -26.93 -62.31 -5.04
CA LYS G 927 -27.09 -61.75 -3.71
C LYS G 927 -26.54 -60.33 -3.69
N GLU G 928 -26.21 -59.83 -2.51
CA GLU G 928 -25.82 -58.44 -2.36
C GLU G 928 -24.51 -58.22 -1.60
N SER G 929 -24.48 -58.62 -0.34
CA SER G 929 -23.56 -58.03 0.62
C SER G 929 -22.34 -58.87 0.95
N HIS G 930 -21.34 -58.82 0.09
CA HIS G 930 -19.99 -59.23 0.46
C HIS G 930 -19.10 -58.01 0.38
N VAL G 931 -19.61 -56.89 0.89
CA VAL G 931 -18.94 -55.60 0.86
C VAL G 931 -17.41 -55.72 0.74
N ALA G 932 -16.85 -55.03 -0.25
CA ALA G 932 -15.40 -54.98 -0.44
C ALA G 932 -14.84 -53.73 0.22
N MET G 933 -13.53 -53.73 0.47
CA MET G 933 -12.90 -52.70 1.28
C MET G 933 -11.61 -52.22 0.64
N HIS G 934 -11.66 -51.03 0.05
CA HIS G 934 -10.48 -50.42 -0.56
C HIS G 934 -9.89 -49.38 0.37
N ARG G 935 -8.83 -49.75 1.09
CA ARG G 935 -8.16 -48.81 1.98
C ARG G 935 -7.03 -48.09 1.25
N TYR G 936 -7.02 -46.77 1.35
CA TYR G 936 -5.97 -45.95 0.77
C TYR G 936 -5.26 -45.15 1.85
N GLN G 937 -3.92 -45.19 1.85
CA GLN G 937 -3.12 -44.44 2.80
C GLN G 937 -2.35 -43.38 2.04
N VAL G 938 -2.25 -42.19 2.62
CA VAL G 938 -1.57 -41.09 1.97
C VAL G 938 -0.73 -40.33 2.98
N ASN G 939 0.37 -39.74 2.52
CA ASN G 939 1.28 -39.00 3.38
C ASN G 939 2.22 -38.12 2.56
N ASN G 940 2.61 -36.98 3.12
CA ASN G 940 3.50 -36.08 2.40
C ASN G 940 4.85 -35.90 3.09
N LEU G 941 5.92 -36.18 2.35
CA LEU G 941 7.27 -36.01 2.86
C LEU G 941 7.79 -34.64 2.47
N GLY G 942 6.88 -33.74 2.13
CA GLY G 942 7.24 -32.38 1.80
C GLY G 942 7.86 -31.71 3.02
N GLN G 943 7.83 -30.39 3.05
CA GLN G 943 8.37 -29.68 4.20
C GLN G 943 7.53 -28.43 4.49
N ARG G 944 6.27 -28.46 4.05
CA ARG G 944 5.35 -27.38 4.32
C ARG G 944 3.90 -27.89 4.44
N ASP G 945 3.20 -27.39 5.46
CA ASP G 945 1.77 -27.67 5.64
C ASP G 945 0.99 -27.03 4.49
N LEU G 946 0.16 -27.83 3.83
CA LEU G 946 -0.53 -27.35 2.63
C LEU G 946 -1.88 -28.04 2.45
N PRO G 947 -2.93 -27.23 2.27
CA PRO G 947 -4.25 -27.83 2.04
C PRO G 947 -4.22 -28.78 0.84
N VAL G 948 -5.07 -29.81 0.89
CA VAL G 948 -5.21 -30.75 -0.22
C VAL G 948 -6.64 -31.28 -0.32
N SER G 949 -6.93 -31.92 -1.45
CA SER G 949 -8.24 -32.47 -1.69
C SER G 949 -8.07 -33.81 -2.39
N ILE G 950 -8.40 -34.89 -1.68
CA ILE G 950 -8.22 -36.23 -2.21
C ILE G 950 -9.46 -36.70 -2.98
N ASN G 951 -9.31 -36.89 -4.28
CA ASN G 951 -10.39 -37.33 -5.15
C ASN G 951 -10.43 -38.85 -5.27
N PHE G 952 -11.60 -39.39 -5.60
CA PHE G 952 -11.77 -40.83 -5.78
C PHE G 952 -12.63 -41.13 -7.00
N TRP G 953 -12.73 -42.42 -7.34
CA TRP G 953 -13.53 -42.86 -8.48
C TRP G 953 -13.99 -44.29 -8.27
N VAL G 954 -15.26 -44.46 -7.93
CA VAL G 954 -15.82 -45.78 -7.62
C VAL G 954 -17.00 -46.12 -8.52
N PRO G 955 -16.86 -47.16 -9.35
CA PRO G 955 -17.94 -47.58 -10.26
C PRO G 955 -19.22 -47.95 -9.51
N VAL G 956 -20.37 -47.68 -10.13
CA VAL G 956 -21.65 -48.08 -9.57
C VAL G 956 -22.59 -48.42 -10.71
N GLU G 957 -23.45 -47.47 -11.09
CA GLU G 957 -24.39 -47.71 -12.16
C GLU G 957 -23.70 -48.31 -13.37
N LEU G 958 -24.36 -49.28 -14.00
CA LEU G 958 -23.84 -49.92 -15.20
C LEU G 958 -25.02 -50.35 -16.07
N ASN G 959 -25.54 -49.41 -16.85
CA ASN G 959 -26.73 -49.65 -17.65
C ASN G 959 -27.93 -49.93 -16.75
N GLN G 960 -28.12 -49.05 -15.77
CA GLN G 960 -29.19 -49.20 -14.77
C GLN G 960 -28.88 -50.29 -13.75
N GLU G 961 -27.96 -51.19 -14.12
CA GLU G 961 -27.60 -52.31 -13.26
C GLU G 961 -26.47 -51.89 -12.31
N ALA G 962 -26.83 -51.64 -11.06
CA ALA G 962 -25.86 -51.21 -10.06
C ALA G 962 -24.72 -52.21 -9.92
N VAL G 963 -23.51 -51.69 -9.74
CA VAL G 963 -22.33 -52.54 -9.53
C VAL G 963 -22.19 -52.84 -8.04
N TRP G 964 -21.97 -51.80 -7.24
CA TRP G 964 -22.07 -51.94 -5.79
C TRP G 964 -22.63 -50.67 -5.14
N MET G 965 -23.57 -50.89 -4.23
CA MET G 965 -24.48 -49.84 -3.77
C MET G 965 -24.05 -49.25 -2.44
N ASP G 966 -24.71 -48.16 -2.06
CA ASP G 966 -24.52 -47.54 -0.75
C ASP G 966 -23.05 -47.48 -0.36
N VAL G 967 -22.22 -46.99 -1.27
CA VAL G 967 -20.79 -46.88 -1.02
C VAL G 967 -20.48 -45.55 -0.36
N GLU G 968 -19.83 -45.59 0.79
CA GLU G 968 -19.39 -44.39 1.48
C GLU G 968 -17.93 -44.54 1.89
N VAL G 969 -17.36 -43.49 2.46
CA VAL G 969 -15.95 -43.50 2.84
C VAL G 969 -15.74 -43.15 4.31
N SER G 970 -15.20 -44.11 5.06
CA SER G 970 -14.89 -43.89 6.46
C SER G 970 -13.56 -43.17 6.60
N HIS G 971 -13.45 -42.32 7.62
CA HIS G 971 -12.22 -41.58 7.85
C HIS G 971 -11.72 -41.76 9.29
N PRO G 972 -11.29 -42.98 9.64
CA PRO G 972 -10.89 -43.29 11.01
C PRO G 972 -9.63 -42.57 11.46
N GLN G 973 -9.32 -42.67 12.75
CA GLN G 973 -8.11 -42.08 13.32
C GLN G 973 -8.01 -40.59 13.00
N ASN G 974 -9.12 -39.99 12.61
CA ASN G 974 -9.14 -38.58 12.22
C ASN G 974 -10.55 -38.01 12.28
N PRO G 975 -10.66 -36.69 12.52
CA PRO G 975 -11.95 -36.00 12.68
C PRO G 975 -12.93 -36.33 11.56
N SER G 976 -14.21 -36.05 11.77
CA SER G 976 -15.21 -36.26 10.73
C SER G 976 -15.09 -35.16 9.68
N LEU G 977 -14.43 -35.49 8.58
CA LEU G 977 -14.22 -34.54 7.50
C LEU G 977 -15.37 -34.59 6.51
N ARG G 978 -15.47 -33.54 5.69
CA ARG G 978 -16.57 -33.43 4.74
C ARG G 978 -16.14 -33.93 3.37
N CYS G 979 -16.95 -34.77 2.76
CA CYS G 979 -16.66 -35.30 1.44
C CYS G 979 -17.82 -35.08 0.48
N SER G 980 -17.49 -34.90 -0.80
CA SER G 980 -18.49 -34.61 -1.82
C SER G 980 -18.76 -35.84 -2.67
N SER G 981 -19.90 -35.82 -3.38
CA SER G 981 -20.31 -36.97 -4.19
C SER G 981 -20.98 -36.51 -5.48
N GLU G 982 -20.55 -37.08 -6.61
CA GLU G 982 -21.09 -36.71 -7.91
C GLU G 982 -21.04 -37.88 -8.88
N LYS G 983 -22.15 -38.17 -9.54
CA LYS G 983 -22.21 -39.24 -10.52
C LYS G 983 -21.85 -38.72 -11.90
N ILE G 984 -21.24 -39.56 -12.73
CA ILE G 984 -20.87 -39.17 -14.09
C ILE G 984 -20.93 -40.35 -15.06
N ALA G 985 -21.35 -40.08 -16.29
CA ALA G 985 -21.50 -41.13 -17.29
C ALA G 985 -20.37 -41.07 -18.32
N PRO G 986 -19.64 -42.19 -18.47
CA PRO G 986 -18.50 -42.34 -19.39
C PRO G 986 -18.87 -42.16 -20.86
N PRO G 987 -17.89 -42.29 -21.77
CA PRO G 987 -18.07 -41.95 -23.19
C PRO G 987 -19.15 -42.76 -23.89
N ALA G 988 -19.46 -43.94 -23.37
CA ALA G 988 -20.53 -44.77 -23.91
C ALA G 988 -20.11 -45.50 -25.19
N SER G 989 -18.87 -45.98 -25.22
CA SER G 989 -18.41 -46.80 -26.34
C SER G 989 -18.97 -48.20 -26.20
N ASP G 990 -18.70 -49.05 -27.18
CA ASP G 990 -19.12 -50.45 -27.14
C ASP G 990 -18.40 -51.19 -26.03
N PHE G 991 -19.06 -51.32 -24.86
CA PHE G 991 -18.44 -51.94 -23.70
C PHE G 991 -18.35 -53.46 -23.82
N LEU G 992 -19.13 -54.01 -24.75
CA LEU G 992 -19.09 -55.43 -25.04
C LEU G 992 -17.65 -55.85 -25.35
N ALA G 993 -17.11 -55.31 -26.44
CA ALA G 993 -15.76 -55.65 -26.88
C ALA G 993 -14.70 -54.97 -26.01
N HIS G 994 -15.07 -53.86 -25.39
CA HIS G 994 -14.12 -53.08 -24.61
C HIS G 994 -13.45 -53.91 -23.51
N ILE G 995 -14.25 -54.42 -22.58
CA ILE G 995 -13.71 -55.20 -21.47
C ILE G 995 -13.36 -56.62 -21.90
N GLN G 996 -13.73 -56.99 -23.12
CA GLN G 996 -13.33 -58.28 -23.66
C GLN G 996 -11.83 -58.27 -23.89
N LYS G 997 -11.31 -57.12 -24.30
CA LYS G 997 -9.87 -56.91 -24.35
C LYS G 997 -9.27 -57.22 -22.98
N ASN G 998 -9.74 -56.46 -21.99
CA ASN G 998 -9.23 -56.55 -20.64
C ASN G 998 -10.39 -56.62 -19.64
N PRO G 999 -10.46 -57.72 -18.86
CA PRO G 999 -11.54 -57.93 -17.90
C PRO G 999 -11.76 -56.75 -16.94
N VAL G 1000 -10.80 -55.82 -16.91
CA VAL G 1000 -10.88 -54.66 -16.03
C VAL G 1000 -12.21 -53.91 -16.20
N LEU G 1001 -12.65 -53.25 -15.14
CA LEU G 1001 -13.83 -52.39 -15.19
C LEU G 1001 -13.48 -51.03 -14.61
N ASP G 1002 -12.73 -50.24 -15.37
CA ASP G 1002 -12.43 -48.88 -14.97
C ASP G 1002 -13.70 -48.05 -15.10
N CYS G 1003 -13.61 -46.79 -14.69
CA CYS G 1003 -14.79 -45.93 -14.68
C CYS G 1003 -15.24 -45.53 -16.08
N SER G 1004 -14.43 -45.85 -17.08
CA SER G 1004 -14.73 -45.46 -18.46
C SER G 1004 -15.87 -46.27 -19.06
N ILE G 1005 -16.28 -47.33 -18.37
CA ILE G 1005 -17.35 -48.18 -18.85
C ILE G 1005 -18.62 -48.00 -18.02
N ALA G 1006 -18.47 -48.13 -16.71
CA ALA G 1006 -19.61 -48.04 -15.80
C ALA G 1006 -19.68 -46.65 -15.18
N GLY G 1007 -20.88 -46.09 -15.13
CA GLY G 1007 -21.10 -44.80 -14.49
C GLY G 1007 -20.40 -44.76 -13.15
N CYS G 1008 -19.36 -43.94 -13.07
CA CYS G 1008 -18.52 -43.89 -11.88
C CYS G 1008 -19.06 -42.90 -10.84
N LEU G 1009 -18.34 -42.76 -9.72
CA LEU G 1009 -18.77 -41.88 -8.63
C LEU G 1009 -17.57 -41.19 -7.98
N ARG G 1010 -17.44 -39.88 -8.21
CA ARG G 1010 -16.31 -39.10 -7.72
C ARG G 1010 -16.52 -38.60 -6.29
N PHE G 1011 -15.56 -38.89 -5.43
CA PHE G 1011 -15.59 -38.38 -4.05
C PHE G 1011 -14.52 -37.32 -3.85
N ARG G 1012 -14.95 -36.11 -3.56
CA ARG G 1012 -14.03 -35.01 -3.33
C ARG G 1012 -13.92 -34.73 -1.84
N CYS G 1013 -12.98 -35.41 -1.20
CA CYS G 1013 -12.74 -35.24 0.23
C CYS G 1013 -11.70 -34.16 0.47
N ASP G 1014 -12.18 -32.97 0.80
CA ASP G 1014 -11.31 -31.83 1.06
C ASP G 1014 -10.52 -32.02 2.35
N VAL G 1015 -9.47 -31.22 2.51
CA VAL G 1015 -8.61 -31.31 3.69
C VAL G 1015 -8.17 -29.92 4.13
N PRO G 1016 -8.37 -29.60 5.41
CA PRO G 1016 -8.02 -28.26 5.89
C PRO G 1016 -6.53 -27.99 5.69
N SER G 1017 -5.70 -28.73 6.40
CA SER G 1017 -4.27 -28.53 6.35
C SER G 1017 -3.57 -29.86 6.55
N PHE G 1018 -3.06 -30.40 5.46
CA PHE G 1018 -2.38 -31.70 5.46
C PHE G 1018 -0.96 -31.57 5.98
N SER G 1019 -0.82 -31.24 7.27
CA SER G 1019 0.49 -31.06 7.88
C SER G 1019 1.49 -32.09 7.37
N VAL G 1020 2.75 -31.68 7.23
CA VAL G 1020 3.78 -32.58 6.74
C VAL G 1020 3.95 -33.72 7.71
N GLN G 1021 4.29 -34.89 7.18
CA GLN G 1021 4.53 -36.09 7.99
C GLN G 1021 3.22 -36.79 8.36
N GLU G 1022 2.12 -36.05 8.34
CA GLU G 1022 0.81 -36.62 8.65
C GLU G 1022 0.48 -37.71 7.64
N GLU G 1023 0.30 -38.94 8.12
CA GLU G 1023 -0.03 -40.05 7.24
C GLU G 1023 -1.54 -40.22 7.16
N LEU G 1024 -2.26 -39.11 7.23
CA LEU G 1024 -3.72 -39.13 7.20
C LEU G 1024 -4.22 -40.16 6.20
N ASP G 1025 -4.81 -41.24 6.70
CA ASP G 1025 -5.34 -42.30 5.84
C ASP G 1025 -6.82 -42.60 6.13
N PHE G 1026 -7.49 -43.21 5.16
CA PHE G 1026 -8.88 -43.59 5.31
C PHE G 1026 -9.28 -44.63 4.25
N THR G 1027 -10.44 -45.24 4.44
CA THR G 1027 -10.88 -46.32 3.56
C THR G 1027 -12.34 -46.17 3.12
N LEU G 1028 -12.72 -46.90 2.07
CA LEU G 1028 -14.09 -46.85 1.55
C LEU G 1028 -14.64 -48.25 1.36
N LYS G 1029 -15.90 -48.46 1.69
CA LYS G 1029 -16.55 -49.76 1.57
C LYS G 1029 -17.99 -49.63 1.09
N GLY G 1030 -18.52 -50.72 0.54
CA GLY G 1030 -19.92 -50.79 0.14
C GLY G 1030 -20.33 -52.19 -0.26
N ASN G 1031 -21.53 -52.61 0.16
CA ASN G 1031 -22.05 -53.91 -0.24
C ASN G 1031 -21.97 -54.07 -1.75
N LEU G 1032 -21.25 -55.10 -2.20
CA LEU G 1032 -21.00 -55.29 -3.62
C LEU G 1032 -21.97 -56.28 -4.25
N SER G 1033 -22.81 -55.77 -5.14
CA SER G 1033 -23.85 -56.58 -5.78
C SER G 1033 -23.26 -57.55 -6.81
N PHE G 1034 -23.88 -58.71 -6.92
CA PHE G 1034 -23.43 -59.74 -7.85
C PHE G 1034 -24.28 -59.74 -9.12
N GLY G 1035 -25.32 -58.91 -9.14
CA GLY G 1035 -26.27 -58.88 -10.24
C GLY G 1035 -25.67 -58.51 -11.58
N TRP G 1036 -24.91 -57.42 -11.60
CA TRP G 1036 -24.36 -56.89 -12.85
C TRP G 1036 -23.37 -57.84 -13.50
N VAL G 1037 -22.95 -58.87 -12.78
CA VAL G 1037 -21.92 -59.79 -13.27
C VAL G 1037 -22.34 -60.49 -14.57
N ARG G 1038 -23.63 -60.75 -14.70
CA ARG G 1038 -24.16 -61.42 -15.89
C ARG G 1038 -24.32 -60.45 -17.04
N GLN G 1039 -24.52 -59.17 -16.71
CA GLN G 1039 -24.76 -58.14 -17.71
C GLN G 1039 -23.74 -58.15 -18.84
N ILE G 1040 -22.53 -58.63 -18.56
CA ILE G 1040 -21.45 -58.56 -19.54
C ILE G 1040 -21.09 -59.92 -20.16
N LEU G 1041 -21.63 -60.99 -19.60
CA LEU G 1041 -21.51 -62.31 -20.20
C LEU G 1041 -20.06 -62.79 -20.24
N GLN G 1042 -19.40 -62.74 -19.09
CA GLN G 1042 -18.07 -63.33 -18.93
C GLN G 1042 -17.81 -63.63 -17.46
N LYS G 1043 -16.67 -64.23 -17.17
CA LYS G 1043 -16.30 -64.56 -15.80
C LYS G 1043 -14.88 -64.08 -15.49
N LYS G 1044 -14.56 -64.02 -14.19
CA LYS G 1044 -13.26 -63.56 -13.74
C LYS G 1044 -13.05 -62.07 -14.04
N VAL G 1045 -14.15 -61.34 -14.07
CA VAL G 1045 -14.09 -59.89 -14.26
C VAL G 1045 -13.43 -59.26 -13.03
N SER G 1046 -12.98 -58.02 -13.15
CA SER G 1046 -12.38 -57.32 -12.02
C SER G 1046 -12.70 -55.82 -12.06
N VAL G 1047 -13.28 -55.32 -10.97
CA VAL G 1047 -13.64 -53.92 -10.87
C VAL G 1047 -12.53 -53.13 -10.17
N VAL G 1048 -12.24 -51.94 -10.68
CA VAL G 1048 -11.15 -51.13 -10.16
C VAL G 1048 -11.63 -49.79 -9.63
N SER G 1049 -10.98 -49.29 -8.58
CA SER G 1049 -11.22 -47.94 -8.09
C SER G 1049 -9.93 -47.13 -8.19
N VAL G 1050 -10.03 -45.92 -8.71
CA VAL G 1050 -8.89 -45.03 -8.86
C VAL G 1050 -8.92 -43.94 -7.80
N ALA G 1051 -7.78 -43.68 -7.19
CA ALA G 1051 -7.69 -42.66 -6.15
C ALA G 1051 -6.54 -41.71 -6.46
N GLU G 1052 -6.86 -40.44 -6.66
CA GLU G 1052 -5.86 -39.43 -6.99
C GLU G 1052 -5.99 -38.23 -6.07
N ILE G 1053 -4.88 -37.83 -5.46
CA ILE G 1053 -4.86 -36.65 -4.61
C ILE G 1053 -4.52 -35.42 -5.42
N THR G 1054 -5.09 -34.28 -5.04
CA THR G 1054 -4.86 -33.04 -5.76
C THR G 1054 -4.61 -31.87 -4.81
N PHE G 1055 -4.10 -30.78 -5.37
CA PHE G 1055 -3.88 -29.54 -4.63
C PHE G 1055 -3.76 -28.38 -5.61
N ASP G 1056 -3.90 -27.15 -5.11
CA ASP G 1056 -3.88 -25.99 -6.00
C ASP G 1056 -2.63 -25.99 -6.86
N THR G 1057 -2.80 -26.30 -8.15
CA THR G 1057 -1.69 -26.36 -9.09
C THR G 1057 -0.79 -25.13 -8.96
N SER G 1058 -1.39 -24.00 -8.61
CA SER G 1058 -0.65 -22.77 -8.38
C SER G 1058 -0.17 -22.70 -6.95
N VAL G 1059 0.97 -22.03 -6.74
CA VAL G 1059 1.54 -21.88 -5.41
C VAL G 1059 2.31 -23.13 -5.00
N TYR G 1060 1.68 -24.29 -5.19
CA TYR G 1060 2.29 -25.55 -4.84
C TYR G 1060 2.46 -26.43 -6.07
N SER G 1061 3.19 -27.54 -5.93
CA SER G 1061 3.45 -28.48 -7.01
C SER G 1061 4.46 -29.54 -6.56
N GLN G 1062 4.46 -30.70 -7.23
CA GLN G 1062 5.35 -31.80 -6.85
C GLN G 1062 6.71 -31.68 -7.54
N LEU G 1063 7.75 -32.21 -6.91
CA LEU G 1063 9.12 -31.74 -7.15
C LEU G 1063 9.95 -32.36 -8.29
N PRO G 1064 10.04 -33.69 -8.34
CA PRO G 1064 11.16 -34.42 -8.96
C PRO G 1064 11.15 -34.42 -10.46
N GLY G 1065 10.28 -33.62 -11.05
CA GLY G 1065 9.92 -33.78 -12.43
C GLY G 1065 8.45 -34.07 -12.41
N GLN G 1066 8.10 -35.35 -12.30
CA GLN G 1066 6.70 -35.75 -12.28
C GLN G 1066 6.53 -37.12 -11.64
N GLU G 1067 5.96 -37.14 -10.45
CA GLU G 1067 5.66 -38.38 -9.76
C GLU G 1067 4.17 -38.63 -9.74
N ALA G 1068 3.77 -39.74 -10.35
CA ALA G 1068 2.38 -40.17 -10.34
C ALA G 1068 2.05 -40.92 -9.06
N PHE G 1069 2.90 -40.77 -8.05
CA PHE G 1069 2.67 -41.40 -6.75
C PHE G 1069 1.39 -40.86 -6.11
N MET G 1070 0.82 -39.82 -6.72
CA MET G 1070 -0.41 -39.23 -6.19
C MET G 1070 -1.62 -39.75 -6.97
N ARG G 1071 -1.58 -41.03 -7.32
CA ARG G 1071 -2.66 -41.65 -8.07
C ARG G 1071 -2.58 -43.17 -7.95
N ALA G 1072 -3.05 -43.70 -6.82
CA ALA G 1072 -3.02 -45.14 -6.57
C ALA G 1072 -4.21 -45.84 -7.23
N GLN G 1073 -4.30 -47.16 -7.03
CA GLN G 1073 -5.32 -47.96 -7.69
C GLN G 1073 -5.52 -49.28 -6.93
N THR G 1074 -6.74 -49.80 -6.95
CA THR G 1074 -7.06 -51.07 -6.30
C THR G 1074 -8.01 -51.91 -7.15
N THR G 1075 -7.57 -53.09 -7.54
CA THR G 1075 -8.36 -53.95 -8.43
C THR G 1075 -8.89 -55.20 -7.73
N THR G 1076 -10.19 -55.21 -7.47
CA THR G 1076 -10.86 -56.35 -6.86
C THR G 1076 -11.37 -57.31 -7.94
N VAL G 1077 -11.55 -58.58 -7.60
CA VAL G 1077 -12.00 -59.57 -8.57
C VAL G 1077 -13.32 -60.26 -8.16
N LEU G 1078 -14.17 -60.49 -9.15
CA LEU G 1078 -15.46 -61.14 -8.95
C LEU G 1078 -15.59 -62.43 -9.74
N GLU G 1079 -14.55 -63.26 -9.73
CA GLU G 1079 -14.63 -64.56 -10.39
C GLU G 1079 -15.57 -65.47 -9.61
N LYS G 1080 -16.75 -65.72 -10.17
CA LYS G 1080 -17.72 -66.60 -9.54
C LYS G 1080 -18.45 -67.43 -10.60
N TYR G 1081 -18.14 -68.72 -10.62
CA TYR G 1081 -18.59 -69.61 -11.68
C TYR G 1081 -19.81 -70.43 -11.25
N LYS G 1082 -20.18 -71.40 -12.09
CA LYS G 1082 -21.40 -72.18 -11.89
C LYS G 1082 -22.62 -71.27 -11.84
N GLN H 1 51.50 -28.68 -21.49
CA GLN H 1 50.61 -29.59 -20.73
C GLN H 1 49.69 -28.80 -19.81
N GLU H 2 50.27 -28.22 -18.76
CA GLU H 2 49.50 -27.50 -17.77
C GLU H 2 50.43 -26.70 -16.87
N CYS H 3 50.14 -25.41 -16.71
CA CYS H 3 50.95 -24.55 -15.86
C CYS H 3 50.30 -23.19 -15.67
N THR H 4 49.68 -22.99 -14.51
CA THR H 4 49.14 -21.69 -14.16
C THR H 4 50.17 -20.96 -13.32
N LYS H 5 50.39 -19.68 -13.63
CA LYS H 5 51.45 -18.92 -13.00
C LYS H 5 51.09 -18.44 -11.60
N PHE H 6 51.85 -18.88 -10.61
CA PHE H 6 51.81 -18.27 -9.28
C PHE H 6 52.81 -17.14 -9.29
N LYS H 7 52.96 -16.43 -8.18
CA LYS H 7 53.96 -15.38 -8.09
C LYS H 7 55.32 -15.92 -8.53
N VAL H 8 55.78 -15.48 -9.71
CA VAL H 8 57.04 -15.95 -10.27
C VAL H 8 58.14 -14.90 -10.11
N SER H 9 59.00 -15.10 -9.13
CA SER H 9 60.10 -14.17 -8.89
C SER H 9 61.42 -14.77 -9.35
N SER H 10 61.51 -16.09 -9.29
CA SER H 10 62.71 -16.81 -9.69
C SER H 10 62.32 -18.07 -10.43
N CYS H 11 63.31 -18.90 -10.72
CA CYS H 11 63.06 -20.19 -11.38
C CYS H 11 62.36 -21.14 -10.42
N ARG H 12 62.63 -20.97 -9.13
CA ARG H 12 62.04 -21.83 -8.11
C ARG H 12 60.56 -21.54 -7.93
N GLU H 13 60.19 -20.26 -7.93
CA GLU H 13 58.80 -19.87 -7.77
C GLU H 13 57.97 -20.27 -8.99
N CYS H 14 58.65 -20.63 -10.08
CA CYS H 14 57.97 -21.17 -11.26
C CYS H 14 57.77 -22.66 -11.08
N ILE H 15 58.70 -23.28 -10.37
CA ILE H 15 58.63 -24.69 -10.05
C ILE H 15 57.51 -24.97 -9.05
N GLU H 16 57.31 -24.02 -8.13
CA GLU H 16 56.28 -24.14 -7.10
C GLU H 16 54.89 -23.83 -7.67
N SER H 17 54.79 -23.81 -8.99
CA SER H 17 53.52 -23.51 -9.65
C SER H 17 52.77 -24.78 -10.02
N GLY H 18 53.50 -25.82 -10.39
CA GLY H 18 52.88 -27.09 -10.73
C GLY H 18 53.83 -28.05 -11.45
N PRO H 19 53.37 -29.30 -11.63
CA PRO H 19 54.16 -30.33 -12.31
C PRO H 19 54.53 -29.91 -13.74
N GLY H 20 53.55 -29.45 -14.50
CA GLY H 20 53.77 -29.09 -15.89
C GLY H 20 54.37 -27.70 -16.07
N CYS H 21 55.06 -27.22 -15.05
CA CYS H 21 55.70 -25.90 -15.13
C CYS H 21 57.20 -26.02 -15.39
N THR H 22 57.65 -25.38 -16.46
CA THR H 22 59.07 -25.35 -16.81
C THR H 22 59.58 -23.92 -16.79
N TRP H 23 60.89 -23.78 -16.75
CA TRP H 23 61.53 -22.47 -16.68
C TRP H 23 62.63 -22.34 -17.73
N CYS H 24 62.78 -21.14 -18.29
CA CYS H 24 63.80 -20.90 -19.30
C CYS H 24 64.89 -19.99 -18.74
N GLN H 25 66.15 -20.38 -18.95
CA GLN H 25 67.28 -19.64 -18.40
C GLN H 25 67.91 -18.74 -19.46
N LYS H 26 67.63 -19.03 -20.72
CA LYS H 26 68.24 -18.29 -21.83
C LYS H 26 68.03 -16.79 -21.70
N LEU H 27 69.13 -16.04 -21.59
CA LEU H 27 69.08 -14.58 -21.49
C LEU H 27 68.54 -13.95 -22.76
N ASN H 28 68.36 -12.64 -22.72
CA ASN H 28 67.86 -11.90 -23.88
C ASN H 28 66.55 -12.49 -24.38
N PHE H 29 65.86 -13.24 -23.52
CA PHE H 29 64.59 -13.86 -23.88
C PHE H 29 63.46 -12.88 -23.60
N THR H 30 63.71 -11.94 -22.71
CA THR H 30 62.74 -10.90 -22.38
C THR H 30 62.75 -9.80 -23.43
N GLY H 31 61.60 -9.57 -24.06
CA GLY H 31 61.49 -8.54 -25.09
C GLY H 31 61.71 -7.15 -24.51
N PRO H 32 61.67 -6.13 -25.38
CA PRO H 32 61.90 -4.74 -24.98
C PRO H 32 61.25 -4.39 -23.66
N GLY H 33 60.01 -4.80 -23.47
CA GLY H 33 59.29 -4.54 -22.24
C GLY H 33 58.36 -5.69 -21.90
N ASP H 34 58.91 -6.89 -21.83
CA ASP H 34 58.13 -8.08 -21.51
C ASP H 34 58.33 -8.49 -20.06
N PRO H 35 57.30 -9.13 -19.48
CA PRO H 35 57.35 -9.63 -18.11
C PRO H 35 58.43 -10.70 -17.95
N ASP H 36 58.93 -10.87 -16.74
CA ASP H 36 59.89 -11.93 -16.45
C ASP H 36 59.15 -13.25 -16.22
N SER H 37 57.86 -13.16 -15.94
CA SER H 37 57.05 -14.34 -15.67
C SER H 37 56.76 -15.13 -16.94
N ILE H 38 57.14 -14.57 -18.09
CA ILE H 38 56.94 -15.24 -19.37
C ILE H 38 57.91 -16.40 -19.54
N ARG H 39 59.00 -16.35 -18.79
CA ARG H 39 60.01 -17.41 -18.83
C ARG H 39 59.47 -18.71 -18.26
N CYS H 40 58.36 -18.61 -17.52
CA CYS H 40 57.75 -19.77 -16.88
C CYS H 40 56.46 -20.19 -17.59
N ASP H 41 56.60 -21.08 -18.56
CA ASP H 41 55.45 -21.61 -19.29
C ASP H 41 55.53 -23.13 -19.29
N THR H 42 54.92 -23.76 -20.29
CA THR H 42 55.05 -25.20 -20.47
C THR H 42 56.18 -25.46 -21.46
N ARG H 43 56.81 -26.62 -21.34
CA ARG H 43 57.94 -26.97 -22.21
C ARG H 43 57.61 -26.74 -23.69
N PRO H 44 56.42 -27.19 -24.13
CA PRO H 44 56.02 -27.01 -25.53
C PRO H 44 55.97 -25.54 -25.93
N GLN H 45 55.36 -24.72 -25.08
CA GLN H 45 55.24 -23.30 -25.35
C GLN H 45 56.63 -22.64 -25.45
N LEU H 46 57.54 -23.09 -24.60
CA LEU H 46 58.89 -22.54 -24.57
C LEU H 46 59.59 -22.74 -25.90
N LEU H 47 59.43 -23.92 -26.48
CA LEU H 47 60.06 -24.23 -27.76
C LEU H 47 59.39 -23.45 -28.88
N MET H 48 58.09 -23.25 -28.77
CA MET H 48 57.32 -22.50 -29.75
C MET H 48 57.70 -21.02 -29.70
N ARG H 49 58.20 -20.58 -28.55
CA ARG H 49 58.60 -19.19 -28.36
C ARG H 49 60.05 -18.97 -28.79
N GLY H 50 60.83 -20.04 -28.76
CA GLY H 50 62.23 -19.98 -29.15
C GLY H 50 63.17 -20.47 -28.09
N CYS H 51 62.71 -20.49 -26.83
CA CYS H 51 63.51 -20.96 -25.72
C CYS H 51 64.12 -22.32 -26.05
N ALA H 52 65.46 -22.38 -26.06
CA ALA H 52 66.18 -23.60 -26.40
C ALA H 52 65.71 -24.76 -25.52
N ALA H 53 65.98 -25.97 -25.98
CA ALA H 53 65.59 -27.17 -25.25
C ALA H 53 66.50 -27.39 -24.04
N ASP H 54 67.80 -27.18 -24.22
CA ASP H 54 68.77 -27.39 -23.15
C ASP H 54 68.77 -26.22 -22.16
N ASP H 55 67.90 -25.24 -22.39
CA ASP H 55 67.77 -24.10 -21.50
C ASP H 55 66.54 -24.24 -20.60
N ILE H 56 65.83 -25.36 -20.73
CA ILE H 56 64.59 -25.58 -19.99
C ILE H 56 64.87 -26.34 -18.70
N MET H 57 65.07 -25.59 -17.62
CA MET H 57 65.30 -26.19 -16.30
C MET H 57 64.07 -26.97 -15.86
N ASP H 58 64.23 -28.28 -15.72
CA ASP H 58 63.11 -29.16 -15.35
C ASP H 58 63.47 -30.09 -14.20
N PRO H 59 63.39 -29.58 -12.95
CA PRO H 59 63.66 -30.35 -11.73
C PRO H 59 62.67 -31.50 -11.55
N THR H 60 63.07 -32.71 -11.92
CA THR H 60 62.17 -33.86 -11.90
C THR H 60 62.49 -34.82 -10.75
N SER H 61 61.46 -35.55 -10.30
CA SER H 61 61.61 -36.49 -9.18
C SER H 61 62.17 -37.84 -9.64
N LEU H 62 63.08 -38.40 -8.86
CA LEU H 62 63.63 -39.72 -9.17
C LEU H 62 63.99 -40.47 -7.87
N ALA H 63 64.50 -41.68 -8.01
CA ALA H 63 64.74 -42.55 -6.86
C ALA H 63 66.18 -43.05 -6.80
N GLU H 64 66.71 -43.14 -5.59
CA GLU H 64 68.06 -43.64 -5.37
C GLU H 64 68.00 -44.98 -4.65
N THR H 65 68.39 -46.04 -5.35
CA THR H 65 68.30 -47.39 -4.80
C THR H 65 69.66 -47.89 -4.33
N GLN H 66 70.07 -47.47 -3.14
CA GLN H 66 71.31 -47.95 -2.54
C GLN H 66 71.10 -49.34 -1.95
N GLU H 67 71.30 -50.37 -2.79
CA GLU H 67 71.13 -51.74 -2.36
C GLU H 67 72.27 -52.18 -1.46
N ASP H 68 71.95 -53.05 -0.50
CA ASP H 68 72.94 -53.52 0.49
C ASP H 68 73.79 -54.65 -0.08
N HIS H 69 74.73 -55.15 0.71
CA HIS H 69 75.53 -56.30 0.30
C HIS H 69 74.62 -57.53 0.25
N ASN H 70 74.49 -58.20 1.39
CA ASN H 70 73.55 -59.30 1.56
C ASN H 70 73.50 -59.72 3.03
N GLY H 71 72.32 -60.15 3.48
CA GLY H 71 72.12 -60.45 4.88
C GLY H 71 71.76 -59.18 5.64
N GLY H 72 71.96 -58.03 5.01
CA GLY H 72 71.50 -56.77 5.57
C GLY H 72 70.03 -56.91 5.86
N GLN H 73 69.26 -57.18 4.81
CA GLN H 73 67.89 -57.66 4.97
C GLN H 73 67.58 -58.71 3.93
N LYS H 74 66.51 -59.46 4.15
CA LYS H 74 66.33 -60.75 3.51
C LYS H 74 65.54 -60.69 2.21
N GLN H 75 64.29 -60.27 2.30
CA GLN H 75 63.42 -60.26 1.12
C GLN H 75 62.65 -58.96 0.97
N LEU H 76 63.14 -57.90 1.60
CA LEU H 76 62.60 -56.56 1.38
C LEU H 76 63.67 -55.63 0.81
N SER H 77 63.74 -55.56 -0.51
CA SER H 77 64.67 -54.67 -1.19
C SER H 77 63.93 -53.78 -2.18
N PRO H 78 64.49 -52.60 -2.48
CA PRO H 78 65.75 -52.11 -1.91
C PRO H 78 65.64 -51.86 -0.41
N GLN H 79 66.76 -51.61 0.24
CA GLN H 79 66.79 -51.45 1.69
C GLN H 79 66.86 -49.98 2.07
N LYS H 80 67.29 -49.15 1.14
CA LYS H 80 67.41 -47.71 1.38
C LYS H 80 67.04 -46.93 0.12
N VAL H 81 65.91 -46.24 0.16
CA VAL H 81 65.46 -45.44 -0.96
C VAL H 81 65.57 -43.95 -0.64
N THR H 82 66.61 -43.31 -1.16
CA THR H 82 66.80 -41.88 -0.99
C THR H 82 66.16 -41.15 -2.17
N LEU H 83 64.88 -40.82 -2.03
CA LEU H 83 64.15 -40.14 -3.09
C LEU H 83 64.39 -38.64 -3.07
N TYR H 84 64.42 -38.04 -4.25
CA TYR H 84 64.47 -36.59 -4.37
C TYR H 84 63.13 -36.14 -4.94
N LEU H 85 62.26 -35.65 -4.05
CA LEU H 85 60.87 -35.41 -4.40
C LEU H 85 60.56 -33.93 -4.60
N ARG H 86 60.17 -33.57 -5.82
CA ARG H 86 59.67 -32.24 -6.11
C ARG H 86 58.17 -32.22 -5.85
N PRO H 87 57.68 -31.17 -5.16
CA PRO H 87 56.25 -31.05 -4.85
C PRO H 87 55.37 -31.17 -6.10
N GLY H 88 54.29 -31.93 -6.00
CA GLY H 88 53.34 -32.08 -7.09
C GLY H 88 53.71 -33.19 -8.06
N GLN H 89 54.99 -33.52 -8.12
CA GLN H 89 55.49 -34.56 -9.02
C GLN H 89 55.80 -35.82 -8.24
N ALA H 90 55.35 -36.97 -8.75
CA ALA H 90 55.45 -38.23 -8.04
C ALA H 90 56.76 -38.95 -8.34
N ALA H 91 57.41 -39.46 -7.29
CA ALA H 91 58.61 -40.27 -7.43
C ALA H 91 58.25 -41.74 -7.25
N ALA H 92 58.67 -42.58 -8.19
CA ALA H 92 58.33 -44.00 -8.16
C ALA H 92 59.56 -44.89 -7.97
N PHE H 93 59.47 -45.78 -6.98
CA PHE H 93 60.52 -46.76 -6.71
C PHE H 93 59.89 -48.12 -6.41
N ASN H 94 60.37 -49.15 -7.07
CA ASN H 94 59.80 -50.50 -6.94
C ASN H 94 60.28 -51.23 -5.70
N VAL H 95 59.56 -52.28 -5.32
CA VAL H 95 59.89 -53.06 -4.13
C VAL H 95 59.79 -54.55 -4.41
N THR H 96 60.94 -55.19 -4.60
CA THR H 96 60.99 -56.63 -4.81
C THR H 96 60.85 -57.35 -3.47
N PHE H 97 59.94 -58.32 -3.42
CA PHE H 97 59.76 -59.14 -2.24
C PHE H 97 59.54 -60.60 -2.61
N ARG H 98 60.55 -61.43 -2.34
CA ARG H 98 60.50 -62.85 -2.64
C ARG H 98 60.71 -63.66 -1.36
N ARG H 99 59.63 -63.85 -0.60
CA ARG H 99 59.72 -64.62 0.64
C ARG H 99 60.44 -65.93 0.36
N ALA H 100 60.99 -66.54 1.40
CA ALA H 100 61.94 -67.63 1.19
C ALA H 100 61.47 -68.97 1.74
N LYS H 101 60.92 -68.96 2.94
CA LYS H 101 60.96 -70.15 3.78
C LYS H 101 60.12 -69.94 5.04
N GLY H 102 60.13 -70.93 5.92
CA GLY H 102 59.59 -70.77 7.26
C GLY H 102 60.72 -70.58 8.26
N TYR H 103 60.62 -69.55 9.09
CA TYR H 103 61.64 -69.29 10.11
C TYR H 103 61.24 -69.96 11.42
N PRO H 104 62.10 -69.86 12.45
CA PRO H 104 61.79 -70.44 13.76
C PRO H 104 60.42 -70.00 14.30
N ILE H 105 59.50 -70.94 14.43
CA ILE H 105 58.14 -70.63 14.85
C ILE H 105 58.07 -70.47 16.37
N ASP H 106 56.97 -69.87 16.83
CA ASP H 106 56.76 -69.65 18.26
C ASP H 106 55.28 -69.50 18.57
N LEU H 107 54.59 -70.62 18.78
CA LEU H 107 53.15 -70.62 18.99
C LEU H 107 52.76 -70.31 20.45
N TYR H 108 51.49 -69.98 20.65
CA TYR H 108 50.93 -69.75 21.98
C TYR H 108 49.42 -69.99 21.95
N TYR H 109 48.95 -70.92 22.79
CA TYR H 109 47.56 -71.37 22.74
C TYR H 109 46.69 -70.62 23.76
N LEU H 110 45.93 -69.64 23.27
CA LEU H 110 44.99 -68.91 24.11
C LEU H 110 43.64 -69.63 24.14
N MET H 111 43.43 -70.46 25.16
CA MET H 111 42.19 -71.21 25.29
C MET H 111 41.30 -70.64 26.40
N ASP H 112 40.02 -70.52 26.10
CA ASP H 112 39.03 -70.07 27.06
C ASP H 112 38.63 -71.26 27.94
N LEU H 113 38.88 -71.16 29.25
CA LEU H 113 38.55 -72.24 30.17
C LEU H 113 37.20 -72.01 30.84
N SER H 114 36.15 -72.49 30.18
CA SER H 114 34.80 -72.37 30.71
C SER H 114 34.23 -73.75 30.92
N TYR H 115 32.96 -73.81 31.34
CA TYR H 115 32.29 -75.09 31.50
C TYR H 115 31.80 -75.57 30.13
N SER H 116 31.79 -74.66 29.17
CA SER H 116 31.45 -75.01 27.79
C SER H 116 32.69 -75.51 27.05
N MET H 117 33.85 -75.30 27.65
CA MET H 117 35.11 -75.78 27.09
C MET H 117 35.62 -76.98 27.88
N LEU H 118 34.71 -77.89 28.21
CA LEU H 118 35.07 -79.10 28.94
C LEU H 118 35.58 -80.18 28.01
N ASP H 119 34.73 -80.61 27.08
CA ASP H 119 35.11 -81.63 26.11
C ASP H 119 36.18 -81.12 25.16
N ASP H 120 36.45 -79.81 25.23
CA ASP H 120 37.55 -79.23 24.47
C ASP H 120 38.85 -79.44 25.22
N LEU H 121 38.78 -79.32 26.54
CA LEU H 121 39.95 -79.56 27.39
C LEU H 121 40.32 -81.04 27.40
N ARG H 122 39.34 -81.90 27.18
CA ARG H 122 39.57 -83.35 27.19
C ARG H 122 40.17 -83.82 25.87
N ASN H 123 39.61 -83.36 24.76
CA ASN H 123 40.09 -83.75 23.43
C ASN H 123 41.30 -82.94 23.00
N VAL H 124 41.93 -82.25 23.95
CA VAL H 124 43.03 -81.36 23.63
C VAL H 124 44.08 -81.29 24.75
N LYS H 125 43.69 -81.69 25.96
CA LYS H 125 44.55 -81.53 27.14
C LYS H 125 45.99 -81.97 26.87
N LYS H 126 46.18 -82.91 25.96
CA LYS H 126 47.53 -83.39 25.64
C LYS H 126 47.65 -83.97 24.24
N LEU H 127 47.42 -83.13 23.23
CA LEU H 127 47.70 -83.53 21.85
C LEU H 127 48.74 -82.59 21.25
N GLY H 128 49.94 -82.63 21.79
CA GLY H 128 51.00 -81.73 21.38
C GLY H 128 52.17 -82.46 20.73
N GLY H 129 52.09 -83.78 20.66
CA GLY H 129 53.10 -84.57 19.98
C GLY H 129 52.88 -84.55 18.48
N ASP H 130 51.66 -84.22 18.08
CA ASP H 130 51.32 -84.11 16.66
C ASP H 130 51.41 -82.65 16.21
N LEU H 131 51.75 -81.76 17.14
CA LEU H 131 51.93 -80.35 16.82
C LEU H 131 53.36 -80.11 16.33
N LEU H 132 54.33 -80.61 17.08
CA LEU H 132 55.71 -80.58 16.63
C LEU H 132 55.85 -81.47 15.39
N ARG H 133 54.96 -82.44 15.26
CA ARG H 133 54.91 -83.31 14.09
C ARG H 133 54.38 -82.53 12.89
N ALA H 134 53.41 -81.66 13.13
CA ALA H 134 52.88 -80.78 12.09
C ALA H 134 53.81 -79.59 11.90
N LEU H 135 54.76 -79.44 12.82
CA LEU H 135 55.75 -78.38 12.77
C LEU H 135 57.04 -78.86 12.10
N ASN H 136 57.18 -80.18 12.01
CA ASN H 136 58.41 -80.79 11.51
C ASN H 136 58.68 -80.48 10.04
N GLU H 137 57.64 -80.53 9.22
CA GLU H 137 57.80 -80.39 7.77
C GLU H 137 58.51 -79.08 7.40
N ILE H 138 57.84 -77.96 7.63
CA ILE H 138 58.32 -76.67 7.18
C ILE H 138 59.41 -76.14 8.10
N THR H 139 59.03 -75.80 9.32
CA THR H 139 59.98 -75.23 10.29
C THR H 139 60.65 -76.34 11.09
N GLU H 140 61.77 -76.01 11.73
CA GLU H 140 62.49 -76.97 12.55
C GLU H 140 62.20 -76.73 14.04
N SER H 141 63.24 -76.64 14.85
CA SER H 141 63.08 -76.46 16.28
C SER H 141 62.35 -75.14 16.58
N GLY H 142 61.04 -75.24 16.72
CA GLY H 142 60.23 -74.09 17.07
C GLY H 142 60.07 -73.99 18.56
N ARG H 143 59.01 -73.33 19.01
CA ARG H 143 58.71 -73.19 20.42
C ARG H 143 57.23 -73.39 20.67
N ILE H 144 56.87 -73.77 21.89
CA ILE H 144 55.47 -74.01 22.24
C ILE H 144 55.15 -73.45 23.63
N GLY H 145 54.12 -72.60 23.69
CA GLY H 145 53.70 -72.00 24.95
C GLY H 145 52.19 -72.03 25.13
N PHE H 146 51.72 -71.85 26.35
CA PHE H 146 50.29 -71.89 26.64
C PHE H 146 49.86 -70.77 27.60
N GLY H 147 48.64 -70.28 27.41
CA GLY H 147 48.08 -69.23 28.24
C GLY H 147 46.57 -69.33 28.33
N SER H 148 46.06 -69.51 29.54
CA SER H 148 44.63 -69.68 29.77
C SER H 148 43.94 -68.34 29.98
N PHE H 149 42.61 -68.32 29.88
CA PHE H 149 41.85 -67.10 30.12
C PHE H 149 40.35 -67.36 30.23
N VAL H 150 39.66 -66.53 31.00
CA VAL H 150 38.22 -66.67 31.18
C VAL H 150 37.49 -65.32 31.05
N ASP H 151 37.54 -64.52 32.11
CA ASP H 151 36.86 -63.23 32.13
C ASP H 151 37.20 -62.48 33.42
N LYS H 152 37.00 -61.16 33.44
CA LYS H 152 37.35 -60.36 34.61
C LYS H 152 36.86 -61.00 35.90
N THR H 153 37.63 -60.83 36.97
CA THR H 153 37.29 -61.41 38.27
C THR H 153 35.99 -60.82 38.80
N VAL H 154 35.94 -59.49 38.87
CA VAL H 154 34.81 -58.81 39.48
C VAL H 154 33.60 -58.79 38.55
N LEU H 155 32.42 -58.64 39.14
CA LEU H 155 31.16 -58.60 38.40
C LEU H 155 31.11 -57.34 37.55
N PRO H 156 30.05 -57.19 36.72
CA PRO H 156 28.97 -58.14 36.46
C PRO H 156 29.36 -59.29 35.54
N PHE H 157 30.66 -59.53 35.39
CA PHE H 157 31.14 -60.59 34.50
C PHE H 157 31.04 -61.96 35.16
N VAL H 158 31.16 -61.99 36.50
CA VAL H 158 30.99 -63.22 37.26
C VAL H 158 30.80 -62.90 38.74
N ASN H 159 29.89 -63.62 39.39
CA ASN H 159 29.55 -63.34 40.78
C ASN H 159 30.80 -63.29 41.65
N THR H 160 31.01 -62.14 42.29
CA THR H 160 32.23 -61.89 43.05
C THR H 160 32.15 -62.50 44.45
N HIS H 161 30.95 -62.61 44.98
CA HIS H 161 30.73 -63.31 46.24
C HIS H 161 29.51 -64.19 46.14
N PRO H 162 29.44 -65.22 46.99
CA PRO H 162 30.50 -65.61 47.93
C PRO H 162 31.30 -66.86 47.52
N ASP H 163 31.05 -67.99 48.14
CA ASP H 163 31.92 -69.16 47.99
C ASP H 163 31.55 -70.02 46.79
N LYS H 164 30.55 -69.59 46.03
CA LYS H 164 30.38 -70.09 44.67
C LYS H 164 31.56 -69.56 43.86
N LEU H 165 32.22 -68.54 44.41
CA LEU H 165 33.49 -68.05 43.90
C LEU H 165 34.55 -69.12 44.14
N ARG H 166 34.53 -69.71 45.33
CA ARG H 166 35.42 -70.81 45.66
C ARG H 166 35.04 -72.06 44.86
N ASN H 167 33.81 -72.08 44.37
CA ASN H 167 33.28 -73.25 43.67
C ASN H 167 32.27 -72.87 42.59
N PRO H 168 32.76 -72.29 41.49
CA PRO H 168 31.90 -71.86 40.38
C PRO H 168 31.27 -73.02 39.62
N CYS H 169 31.97 -74.16 39.57
CA CYS H 169 31.53 -75.30 38.78
C CYS H 169 30.04 -75.58 38.99
N PRO H 170 29.25 -75.50 37.90
CA PRO H 170 27.80 -75.71 37.91
C PRO H 170 27.38 -77.16 38.06
N ASN H 171 26.85 -77.52 39.24
CA ASN H 171 26.22 -78.82 39.44
C ASN H 171 27.20 -79.97 39.71
N LYS H 172 28.25 -80.07 38.92
CA LYS H 172 29.20 -81.17 39.06
C LYS H 172 30.24 -80.88 40.12
N GLU H 173 30.75 -79.65 40.13
CA GLU H 173 31.73 -79.25 41.12
C GLU H 173 32.83 -80.29 41.23
N LYS H 174 33.49 -80.56 40.10
CA LYS H 174 34.57 -81.53 40.07
C LYS H 174 35.90 -80.85 40.40
N GLU H 175 35.87 -80.00 41.41
CA GLU H 175 37.07 -79.31 41.88
C GLU H 175 37.69 -78.46 40.78
N CYS H 176 36.87 -77.64 40.12
CA CYS H 176 37.36 -76.74 39.09
C CYS H 176 38.08 -75.56 39.74
N GLN H 177 39.08 -75.03 39.04
CA GLN H 177 39.93 -73.98 39.61
C GLN H 177 39.14 -72.69 39.82
N PRO H 178 39.63 -71.84 40.74
CA PRO H 178 38.96 -70.57 41.04
C PRO H 178 38.81 -69.72 39.79
N PRO H 179 37.74 -68.89 39.74
CA PRO H 179 37.54 -67.97 38.62
C PRO H 179 38.74 -67.06 38.40
N PHE H 180 39.27 -67.06 37.18
CA PHE H 180 40.43 -66.26 36.84
C PHE H 180 40.22 -65.51 35.53
N ALA H 181 41.31 -65.15 34.86
CA ALA H 181 41.23 -64.39 33.62
C ALA H 181 42.45 -64.62 32.74
N PHE H 182 43.62 -64.75 33.36
CA PHE H 182 44.84 -65.03 32.62
C PHE H 182 45.88 -65.69 33.51
N ARG H 183 46.18 -66.94 33.22
CA ARG H 183 47.19 -67.68 33.96
C ARG H 183 48.21 -68.27 32.99
N HIS H 184 49.37 -67.63 32.92
CA HIS H 184 50.46 -68.11 32.07
C HIS H 184 50.98 -69.43 32.61
N VAL H 185 50.38 -70.53 32.14
CA VAL H 185 50.70 -71.85 32.67
C VAL H 185 52.07 -72.33 32.18
N LEU H 186 52.32 -72.19 30.89
CA LEU H 186 53.54 -72.71 30.29
C LEU H 186 54.30 -71.66 29.48
N LYS H 187 55.61 -71.60 29.71
CA LYS H 187 56.47 -70.69 28.96
C LYS H 187 56.94 -71.36 27.67
N LEU H 188 57.45 -70.55 26.75
CA LEU H 188 57.95 -71.06 25.48
C LEU H 188 59.13 -71.99 25.71
N THR H 189 58.94 -73.27 25.41
CA THR H 189 59.96 -74.28 25.67
C THR H 189 60.16 -75.21 24.47
N ASN H 190 61.25 -75.96 24.49
CA ASN H 190 61.56 -76.91 23.43
C ASN H 190 60.75 -78.20 23.58
N ASN H 191 60.73 -78.76 24.79
CA ASN H 191 60.03 -80.00 25.05
C ASN H 191 58.57 -79.95 24.62
N SER H 192 57.98 -81.12 24.39
CA SER H 192 56.60 -81.21 23.95
C SER H 192 55.74 -81.99 24.95
N ASN H 193 56.30 -83.08 25.48
CA ASN H 193 55.57 -83.91 26.43
C ASN H 193 55.41 -83.21 27.78
N GLN H 194 56.43 -82.46 28.17
CA GLN H 194 56.36 -81.70 29.42
C GLN H 194 55.29 -80.63 29.31
N PHE H 195 55.04 -80.19 28.08
CA PHE H 195 54.07 -79.16 27.81
C PHE H 195 52.66 -79.69 27.94
N GLN H 196 52.43 -80.89 27.39
CA GLN H 196 51.12 -81.52 27.42
C GLN H 196 50.67 -81.79 28.85
N THR H 197 51.57 -82.37 29.63
CA THR H 197 51.25 -82.80 30.99
C THR H 197 50.99 -81.62 31.93
N GLU H 198 51.63 -80.49 31.66
CA GLU H 198 51.44 -79.30 32.49
C GLU H 198 50.09 -78.65 32.21
N VAL H 199 49.44 -79.08 31.13
CA VAL H 199 48.16 -78.53 30.72
C VAL H 199 47.00 -79.25 31.39
N GLY H 200 46.88 -80.55 31.10
CA GLY H 200 45.82 -81.35 31.68
C GLY H 200 45.65 -81.06 33.16
N LYS H 201 46.75 -80.70 33.81
CA LYS H 201 46.74 -80.36 35.23
C LYS H 201 45.51 -79.52 35.58
N GLN H 202 45.51 -78.27 35.14
CA GLN H 202 44.45 -77.33 35.47
C GLN H 202 43.12 -77.75 34.84
N LEU H 203 42.04 -77.53 35.59
CA LEU H 203 40.69 -77.80 35.10
C LEU H 203 39.99 -76.47 34.80
N ILE H 204 38.78 -76.56 34.27
CA ILE H 204 38.04 -75.37 33.86
C ILE H 204 37.66 -74.48 35.04
N SER H 205 36.88 -73.44 34.74
CA SER H 205 36.34 -72.57 35.77
C SER H 205 34.91 -72.17 35.38
N GLY H 206 34.62 -70.88 35.35
CA GLY H 206 33.29 -70.41 34.97
C GLY H 206 33.03 -68.96 35.29
N ASN H 207 32.03 -68.39 34.63
CA ASN H 207 31.65 -67.01 34.86
C ASN H 207 30.16 -66.78 34.57
N LEU H 208 29.70 -65.55 34.79
CA LEU H 208 28.31 -65.20 34.55
C LEU H 208 28.05 -64.78 33.09
N ASP H 209 28.38 -63.54 32.75
CA ASP H 209 28.11 -63.01 31.42
C ASP H 209 28.52 -64.00 30.33
N ALA H 210 27.74 -64.08 29.26
CA ALA H 210 27.98 -65.08 28.22
C ALA H 210 29.29 -64.85 27.48
N PRO H 211 29.45 -63.67 26.84
CA PRO H 211 30.73 -63.44 26.17
C PRO H 211 31.90 -63.44 27.14
N GLU H 212 33.10 -63.69 26.64
CA GLU H 212 34.30 -63.76 27.46
C GLU H 212 35.01 -62.41 27.50
N GLY H 213 36.03 -62.30 28.35
CA GLY H 213 36.86 -61.12 28.40
C GLY H 213 38.26 -61.43 27.91
N GLY H 214 38.32 -62.23 26.85
CA GLY H 214 39.59 -62.71 26.32
C GLY H 214 40.54 -61.59 25.90
N LEU H 215 39.97 -60.45 25.52
CA LEU H 215 40.77 -59.34 25.00
C LEU H 215 41.81 -58.85 26.00
N ASP H 216 41.43 -58.78 27.27
CA ASP H 216 42.34 -58.33 28.31
C ASP H 216 43.55 -59.25 28.35
N ALA H 217 43.33 -60.54 28.16
CA ALA H 217 44.40 -61.52 28.18
C ALA H 217 45.39 -61.24 27.06
N MET H 218 44.85 -60.86 25.90
CA MET H 218 45.67 -60.62 24.72
C MET H 218 46.84 -59.69 25.05
N MET H 219 46.53 -58.46 25.47
CA MET H 219 47.55 -57.48 25.77
C MET H 219 48.54 -58.02 26.80
N GLN H 220 48.01 -58.45 27.95
CA GLN H 220 48.85 -58.92 29.05
C GLN H 220 49.90 -59.93 28.57
N VAL H 221 49.54 -60.74 27.58
CA VAL H 221 50.47 -61.70 27.00
C VAL H 221 51.65 -60.99 26.37
N ALA H 222 51.39 -60.31 25.25
CA ALA H 222 52.41 -59.60 24.51
C ALA H 222 52.60 -58.20 25.07
N ALA H 223 52.90 -58.12 26.36
CA ALA H 223 53.05 -56.84 27.03
C ALA H 223 54.42 -56.73 27.68
N CYS H 224 54.82 -57.78 28.39
CA CYS H 224 56.09 -57.80 29.08
C CYS H 224 56.72 -59.19 29.08
N PRO H 225 57.32 -59.58 27.95
CA PRO H 225 58.10 -60.82 27.87
C PRO H 225 59.37 -60.77 28.74
N GLU H 226 59.50 -59.74 29.56
CA GLU H 226 60.55 -59.69 30.56
C GLU H 226 60.23 -60.68 31.68
N GLU H 227 59.03 -61.27 31.61
CA GLU H 227 58.59 -62.25 32.58
C GLU H 227 57.95 -63.46 31.90
N ILE H 228 57.64 -63.33 30.61
CA ILE H 228 57.00 -64.41 29.86
C ILE H 228 57.95 -64.98 28.82
N GLY H 229 58.80 -64.13 28.27
CA GLY H 229 59.81 -64.56 27.32
C GLY H 229 59.24 -64.79 25.94
N TRP H 230 59.98 -64.39 24.91
CA TRP H 230 59.54 -64.54 23.53
C TRP H 230 60.72 -64.62 22.56
N ARG H 231 60.60 -65.46 21.55
CA ARG H 231 61.64 -65.64 20.54
C ARG H 231 61.80 -64.36 19.71
N ASN H 232 62.99 -64.13 19.18
CA ASN H 232 63.26 -62.93 18.40
C ASN H 232 63.00 -63.13 16.91
N VAL H 233 62.22 -64.16 16.59
CA VAL H 233 61.91 -64.46 15.20
C VAL H 233 60.41 -64.39 14.91
N THR H 234 59.70 -65.51 15.10
CA THR H 234 58.28 -65.58 14.79
C THR H 234 57.46 -65.64 16.07
N ARG H 235 56.21 -65.20 15.99
CA ARG H 235 55.29 -65.25 17.14
C ARG H 235 53.85 -65.35 16.67
N LEU H 236 53.33 -66.57 16.62
CA LEU H 236 51.93 -66.78 16.24
C LEU H 236 51.10 -67.13 17.47
N LEU H 237 49.92 -66.51 17.58
CA LEU H 237 48.96 -66.87 18.62
C LEU H 237 47.71 -67.47 17.99
N VAL H 238 46.83 -68.02 18.82
CA VAL H 238 45.60 -68.62 18.34
C VAL H 238 44.49 -68.46 19.37
N PHE H 239 43.41 -67.80 18.96
CA PHE H 239 42.28 -67.58 19.87
C PHE H 239 41.32 -68.76 19.76
N ALA H 240 40.85 -69.23 20.89
CA ALA H 240 39.95 -70.37 20.94
C ALA H 240 38.91 -70.14 22.03
N THR H 241 37.65 -70.10 21.63
CA THR H 241 36.57 -69.87 22.57
C THR H 241 35.23 -70.05 21.87
N ASP H 242 34.30 -70.70 22.58
CA ASP H 242 32.94 -70.85 22.09
C ASP H 242 32.09 -69.76 22.72
N ASP H 243 32.63 -68.54 22.74
CA ASP H 243 31.97 -67.41 23.39
C ASP H 243 32.40 -66.08 22.77
N GLY H 244 31.77 -65.00 23.21
CA GLY H 244 32.06 -63.68 22.69
C GLY H 244 33.37 -63.09 23.16
N PHE H 245 33.44 -61.77 23.21
CA PHE H 245 34.68 -61.07 23.55
C PHE H 245 34.40 -59.61 23.94
N HIS H 246 34.79 -59.24 25.16
CA HIS H 246 34.51 -57.92 25.70
C HIS H 246 35.65 -56.94 25.41
N PHE H 247 35.30 -55.75 24.96
CA PHE H 247 36.28 -54.70 24.70
C PHE H 247 36.10 -53.51 25.62
N ALA H 248 36.95 -52.49 25.44
CA ALA H 248 36.91 -51.30 26.27
C ALA H 248 35.49 -50.75 26.36
N GLY H 249 35.22 -50.01 27.44
CA GLY H 249 33.91 -49.43 27.64
C GLY H 249 33.05 -50.30 28.54
N ASP H 250 33.19 -51.61 28.40
CA ASP H 250 32.41 -52.56 29.19
C ASP H 250 32.87 -52.52 30.64
N GLY H 251 34.08 -52.02 30.87
CA GLY H 251 34.63 -51.92 32.20
C GLY H 251 33.87 -50.96 33.10
N LYS H 252 33.20 -49.98 32.51
CA LYS H 252 32.45 -49.02 33.30
C LYS H 252 31.37 -49.73 34.14
N LEU H 253 30.98 -50.91 33.69
CA LEU H 253 29.99 -51.71 34.41
C LEU H 253 30.55 -52.15 35.76
N GLY H 254 31.83 -52.49 35.78
CA GLY H 254 32.48 -52.92 37.00
C GLY H 254 33.10 -51.78 37.80
N ALA H 255 32.56 -50.57 37.63
CA ALA H 255 33.02 -49.41 38.38
C ALA H 255 34.50 -49.13 38.16
N ILE H 256 34.97 -49.37 36.94
CA ILE H 256 36.36 -49.10 36.59
C ILE H 256 36.48 -48.25 35.33
N LEU H 257 36.95 -47.02 35.49
CA LEU H 257 37.09 -46.09 34.37
C LEU H 257 38.56 -45.74 34.12
N THR H 258 39.45 -46.64 34.52
CA THR H 258 40.87 -46.50 34.21
C THR H 258 41.19 -47.29 32.96
N PRO H 259 41.52 -46.60 31.86
CA PRO H 259 41.73 -47.24 30.55
C PRO H 259 42.93 -48.18 30.49
N ASN H 260 43.11 -48.85 29.36
CA ASN H 260 44.20 -49.80 29.20
C ASN H 260 45.54 -49.11 28.99
N ASP H 261 46.51 -49.43 29.84
CA ASP H 261 47.84 -48.85 29.72
C ASP H 261 48.67 -49.53 28.63
N GLY H 262 48.62 -50.86 28.58
CA GLY H 262 49.29 -51.60 27.52
C GLY H 262 50.33 -52.59 28.02
N ARG H 263 50.79 -52.40 29.25
CA ARG H 263 51.80 -53.27 29.82
C ARG H 263 51.22 -54.15 30.93
N CYS H 264 51.64 -55.42 30.93
CA CYS H 264 51.14 -56.37 31.93
C CYS H 264 51.99 -56.31 33.18
N HIS H 265 51.34 -56.45 34.33
CA HIS H 265 52.02 -56.36 35.61
C HIS H 265 51.61 -57.51 36.53
N LEU H 266 52.24 -58.67 36.31
CA LEU H 266 51.94 -59.87 37.09
C LEU H 266 53.08 -60.15 38.08
N GLU H 267 52.77 -60.89 39.14
CA GLU H 267 53.75 -61.23 40.15
C GLU H 267 53.91 -62.75 40.30
N ASP H 268 52.94 -63.50 39.80
CA ASP H 268 52.96 -64.95 39.90
C ASP H 268 52.38 -65.59 38.65
N ASN H 269 52.89 -65.19 37.49
CA ASN H 269 52.38 -65.68 36.21
C ASN H 269 50.87 -65.63 36.18
N LEU H 270 50.30 -64.68 36.91
CA LEU H 270 48.85 -64.57 37.01
C LEU H 270 48.43 -63.13 37.26
N TYR H 271 47.51 -62.65 36.44
CA TYR H 271 47.02 -61.28 36.52
C TYR H 271 46.44 -60.98 37.90
N LYS H 272 46.74 -59.78 38.40
CA LYS H 272 46.02 -59.24 39.55
C LYS H 272 45.86 -57.74 39.35
N ARG H 273 45.72 -57.35 38.09
CA ARG H 273 45.56 -55.96 37.72
C ARG H 273 44.28 -55.76 36.91
N SER H 274 43.82 -56.80 36.22
CA SER H 274 42.65 -56.71 35.36
C SER H 274 41.42 -56.16 36.08
N ASN H 275 41.43 -56.23 37.41
CA ASN H 275 40.32 -55.72 38.20
C ASN H 275 40.38 -54.20 38.36
N GLU H 276 41.59 -53.68 38.59
CA GLU H 276 41.80 -52.25 38.68
C GLU H 276 42.26 -51.70 37.33
N PHE H 277 41.56 -52.08 36.26
CA PHE H 277 42.02 -51.82 34.90
C PHE H 277 40.93 -52.17 33.88
N ASP H 278 40.80 -51.33 32.85
CA ASP H 278 39.72 -51.47 31.88
C ASP H 278 40.14 -52.30 30.68
N TYR H 279 39.14 -52.76 29.92
CA TYR H 279 39.39 -53.60 28.76
C TYR H 279 40.18 -52.90 27.67
N PRO H 280 41.07 -53.64 27.00
CA PRO H 280 41.78 -53.12 25.82
C PRO H 280 40.80 -52.75 24.72
N SER H 281 40.91 -51.54 24.19
CA SER H 281 40.03 -51.12 23.11
C SER H 281 40.20 -52.08 21.93
N VAL H 282 39.22 -52.13 21.05
CA VAL H 282 39.28 -52.99 19.89
C VAL H 282 40.53 -52.69 19.05
N GLY H 283 40.82 -51.42 18.85
CA GLY H 283 41.94 -51.01 18.01
C GLY H 283 43.28 -50.99 18.72
N GLN H 284 43.30 -51.34 19.99
CA GLN H 284 44.53 -51.26 20.79
C GLN H 284 45.42 -52.47 20.57
N LEU H 285 44.98 -53.38 19.70
CA LEU H 285 45.73 -54.59 19.42
C LEU H 285 46.42 -54.53 18.06
N ALA H 286 45.64 -54.25 17.01
CA ALA H 286 46.20 -54.13 15.67
C ALA H 286 47.46 -53.27 15.71
N HIS H 287 47.60 -52.47 16.76
CA HIS H 287 48.79 -51.64 16.96
C HIS H 287 49.83 -52.36 17.82
N LYS H 288 49.57 -52.44 19.12
CA LYS H 288 50.50 -53.04 20.07
C LYS H 288 50.87 -54.45 19.64
N LEU H 289 49.84 -55.25 19.33
CA LEU H 289 50.03 -56.61 18.84
C LEU H 289 50.92 -56.67 17.61
N ALA H 290 50.55 -55.94 16.56
CA ALA H 290 51.29 -55.95 15.31
C ALA H 290 52.68 -55.31 15.46
N GLU H 291 52.91 -54.66 16.60
CA GLU H 291 54.19 -54.02 16.88
C GLU H 291 55.20 -55.05 17.37
N ASN H 292 54.71 -56.03 18.13
CA ASN H 292 55.56 -57.10 18.66
C ASN H 292 55.56 -58.30 17.71
N ASN H 293 55.11 -58.08 16.49
CA ASN H 293 55.10 -59.11 15.45
C ASN H 293 54.34 -60.37 15.87
N ILE H 294 53.20 -60.17 16.51
CA ILE H 294 52.33 -61.28 16.92
C ILE H 294 51.02 -61.25 16.14
N GLN H 295 50.53 -62.43 15.76
CA GLN H 295 49.32 -62.51 14.95
C GLN H 295 48.45 -63.72 15.32
N PRO H 296 47.33 -63.46 16.02
CA PRO H 296 46.37 -64.49 16.42
C PRO H 296 45.74 -65.19 15.22
N ILE H 297 45.19 -66.38 15.46
CA ILE H 297 44.53 -67.16 14.43
C ILE H 297 43.14 -67.58 14.91
N PHE H 298 42.13 -66.83 14.48
CA PHE H 298 40.77 -67.08 14.95
C PHE H 298 40.35 -68.51 14.67
N ALA H 299 39.89 -69.18 15.72
CA ALA H 299 39.38 -70.54 15.62
C ALA H 299 38.36 -70.78 16.72
N VAL H 300 37.08 -70.68 16.35
CA VAL H 300 36.00 -70.85 17.31
C VAL H 300 34.85 -71.58 16.65
N THR H 301 33.70 -71.57 17.31
CA THR H 301 32.51 -72.25 16.81
C THR H 301 32.01 -71.57 15.53
N SER H 302 31.15 -72.28 14.79
CA SER H 302 30.53 -71.71 13.60
C SER H 302 29.52 -70.63 14.00
N ARG H 303 29.17 -70.62 15.27
CA ARG H 303 28.25 -69.62 15.82
C ARG H 303 28.99 -68.29 15.97
N MET H 304 30.31 -68.36 16.12
CA MET H 304 31.15 -67.18 16.27
C MET H 304 32.12 -67.04 15.10
N VAL H 305 31.75 -67.59 13.94
CA VAL H 305 32.65 -67.60 12.80
C VAL H 305 32.59 -66.28 12.00
N LYS H 306 31.37 -65.78 11.79
CA LYS H 306 31.18 -64.58 10.98
C LYS H 306 31.22 -63.31 11.82
N THR H 307 31.49 -63.45 13.12
CA THR H 307 31.70 -62.29 13.98
C THR H 307 33.20 -62.00 14.06
N TYR H 308 34.00 -63.04 14.01
CA TYR H 308 35.45 -62.88 13.93
C TYR H 308 35.85 -62.64 12.48
N GLU H 309 34.92 -62.88 11.57
CA GLU H 309 35.13 -62.63 10.15
C GLU H 309 35.22 -61.13 9.89
N LYS H 310 34.32 -60.37 10.49
CA LYS H 310 34.35 -58.91 10.40
C LYS H 310 35.58 -58.36 11.12
N LEU H 311 36.11 -59.14 12.05
CA LEU H 311 37.31 -58.77 12.80
C LEU H 311 38.57 -59.02 11.98
N THR H 312 38.47 -59.90 11.00
CA THR H 312 39.58 -60.18 10.10
C THR H 312 39.84 -58.99 9.19
N GLU H 313 38.75 -58.33 8.77
CA GLU H 313 38.84 -57.16 7.90
C GLU H 313 39.75 -56.10 8.52
N ILE H 314 39.47 -55.75 9.77
CA ILE H 314 40.22 -54.72 10.46
C ILE H 314 41.67 -55.16 10.68
N ILE H 315 41.92 -55.92 11.73
CA ILE H 315 43.28 -56.29 12.10
C ILE H 315 43.94 -57.14 11.02
N PRO H 316 45.24 -56.90 10.78
CA PRO H 316 45.98 -57.60 9.72
C PRO H 316 46.38 -59.02 10.13
N LYS H 317 46.79 -59.81 9.15
CA LYS H 317 47.28 -61.17 9.38
C LYS H 317 46.45 -61.93 10.41
N SER H 318 45.27 -62.37 10.00
CA SER H 318 44.38 -63.12 10.87
C SER H 318 43.41 -63.94 10.04
N ALA H 319 43.28 -65.23 10.38
CA ALA H 319 42.43 -66.13 9.62
C ALA H 319 41.24 -66.58 10.45
N VAL H 320 40.19 -67.03 9.77
CA VAL H 320 38.99 -67.52 10.43
C VAL H 320 38.89 -69.04 10.26
N GLY H 321 38.61 -69.74 11.36
CA GLY H 321 38.56 -71.19 11.35
C GLY H 321 37.34 -71.76 12.06
N GLU H 322 36.32 -72.12 11.28
CA GLU H 322 35.12 -72.74 11.82
C GLU H 322 35.39 -74.20 12.15
N LEU H 323 35.12 -74.58 13.39
CA LEU H 323 35.40 -75.95 13.83
C LEU H 323 34.29 -76.48 14.73
N SER H 324 34.31 -77.77 15.00
CA SER H 324 33.31 -78.40 15.87
C SER H 324 33.54 -78.01 17.31
N GLU H 325 32.55 -78.26 18.15
CA GLU H 325 32.59 -77.84 19.55
C GLU H 325 33.50 -78.75 20.40
N ASP H 326 34.21 -79.65 19.73
CA ASP H 326 35.07 -80.61 20.44
C ASP H 326 36.56 -80.28 20.31
N SER H 327 36.89 -79.29 19.48
CA SER H 327 38.28 -78.89 19.26
C SER H 327 39.14 -80.07 18.83
N SER H 328 38.56 -80.96 18.01
CA SER H 328 39.28 -82.13 17.52
C SER H 328 40.06 -81.79 16.26
N ASN H 329 39.45 -80.99 15.38
CA ASN H 329 40.10 -80.55 14.15
C ASN H 329 40.83 -79.22 14.36
N VAL H 330 41.53 -79.11 15.49
CA VAL H 330 42.22 -77.87 15.84
C VAL H 330 43.59 -77.78 15.17
N VAL H 331 44.19 -78.92 14.87
CA VAL H 331 45.51 -78.94 14.25
C VAL H 331 45.42 -78.63 12.76
N GLN H 332 44.25 -78.85 12.16
CA GLN H 332 44.05 -78.52 10.76
C GLN H 332 43.88 -77.01 10.58
N LEU H 333 43.76 -76.30 11.69
CA LEU H 333 43.68 -74.85 11.67
C LEU H 333 44.94 -74.24 11.07
N ILE H 334 46.07 -74.81 11.45
CA ILE H 334 47.37 -74.26 11.06
C ILE H 334 47.77 -74.70 9.65
N LYS H 335 47.15 -75.78 9.15
CA LYS H 335 47.28 -76.14 7.75
C LYS H 335 46.55 -75.09 6.92
N ASN H 336 45.63 -74.38 7.57
CA ASN H 336 44.92 -73.28 6.95
C ASN H 336 45.49 -71.93 7.41
N ALA H 337 46.41 -71.99 8.36
CA ALA H 337 47.08 -70.77 8.85
C ALA H 337 48.12 -70.31 7.84
N TYR H 338 49.22 -71.05 7.74
CA TYR H 338 50.24 -70.75 6.73
C TYR H 338 49.63 -70.66 5.33
N ASN H 339 48.46 -71.28 5.17
CA ASN H 339 47.74 -71.24 3.90
C ASN H 339 47.54 -69.82 3.39
N LYS H 340 47.04 -68.94 4.25
CA LYS H 340 46.78 -67.56 3.88
C LYS H 340 47.33 -66.57 4.93
N LEU H 341 48.30 -67.03 5.71
CA LEU H 341 48.99 -66.16 6.66
C LEU H 341 50.38 -65.85 6.13
N SER H 342 50.94 -66.81 5.39
CA SER H 342 52.16 -66.58 4.64
C SER H 342 51.81 -66.09 3.24
N SER H 343 50.53 -65.73 3.05
CA SER H 343 50.05 -65.21 1.77
C SER H 343 49.78 -63.71 1.84
N ARG H 344 49.44 -63.22 3.02
CA ARG H 344 49.11 -61.81 3.19
C ARG H 344 50.37 -60.94 3.30
N VAL H 345 50.94 -60.60 2.15
CA VAL H 345 52.10 -59.72 2.13
C VAL H 345 51.65 -58.28 2.36
N PHE H 346 52.14 -57.67 3.43
CA PHE H 346 51.75 -56.30 3.78
C PHE H 346 52.89 -55.32 3.54
N LEU H 347 52.54 -54.08 3.26
CA LEU H 347 53.52 -53.06 2.89
C LEU H 347 53.06 -51.66 3.27
N ASP H 348 52.70 -51.48 4.53
CA ASP H 348 52.28 -50.18 5.02
C ASP H 348 53.50 -49.39 5.50
N HIS H 349 53.27 -48.30 6.23
CA HIS H 349 54.36 -47.44 6.67
C HIS H 349 54.02 -46.70 7.96
N ASN H 350 55.05 -46.17 8.62
CA ASN H 350 54.84 -45.35 9.81
C ASN H 350 53.96 -44.16 9.48
N ALA H 351 53.14 -43.75 10.44
CA ALA H 351 52.24 -42.62 10.23
C ALA H 351 53.02 -41.39 9.76
N LEU H 352 52.93 -41.12 8.46
CA LEU H 352 53.64 -39.99 7.86
C LEU H 352 52.95 -38.68 8.20
N PRO H 353 53.71 -37.57 8.18
CA PRO H 353 53.16 -36.24 8.40
C PRO H 353 52.11 -35.88 7.34
N ASP H 354 51.17 -35.01 7.70
CA ASP H 354 50.10 -34.64 6.76
C ASP H 354 50.64 -34.01 5.48
N THR H 355 51.86 -33.51 5.53
CA THR H 355 52.47 -32.85 4.37
C THR H 355 52.88 -33.84 3.28
N LEU H 356 52.51 -35.10 3.45
CA LEU H 356 52.86 -36.13 2.49
C LEU H 356 51.72 -37.09 2.24
N LYS H 357 51.74 -37.75 1.10
CA LYS H 357 50.71 -38.72 0.74
C LYS H 357 51.36 -39.88 -0.01
N VAL H 358 51.09 -41.09 0.46
CA VAL H 358 51.73 -42.27 -0.12
C VAL H 358 50.72 -43.26 -0.67
N THR H 359 51.09 -43.90 -1.78
CA THR H 359 50.25 -44.94 -2.38
C THR H 359 51.12 -46.12 -2.80
N TYR H 360 50.49 -47.14 -3.37
CA TYR H 360 51.21 -48.33 -3.82
C TYR H 360 50.55 -48.92 -5.05
N ASP H 361 51.19 -49.93 -5.63
CA ASP H 361 50.60 -50.74 -6.69
C ASP H 361 50.73 -52.21 -6.32
N SER H 362 50.08 -53.09 -7.07
CA SER H 362 50.11 -54.52 -6.77
C SER H 362 50.11 -55.37 -8.04
N PHE H 363 51.11 -56.25 -8.15
CA PHE H 363 51.18 -57.20 -9.25
C PHE H 363 51.33 -58.62 -8.69
N CYS H 364 50.23 -59.15 -8.16
CA CYS H 364 50.27 -60.49 -7.56
C CYS H 364 50.72 -61.52 -8.58
N SER H 365 51.15 -62.68 -8.10
CA SER H 365 51.71 -63.71 -8.97
C SER H 365 50.65 -64.37 -9.85
N ASN H 366 49.47 -64.63 -9.28
CA ASN H 366 48.41 -65.32 -10.00
C ASN H 366 47.40 -64.40 -10.69
N GLY H 367 47.84 -63.79 -11.78
CA GLY H 367 46.92 -63.09 -12.69
C GLY H 367 46.65 -61.63 -12.36
N VAL H 368 46.59 -61.30 -11.07
CA VAL H 368 46.13 -59.98 -10.65
C VAL H 368 47.02 -58.85 -11.18
N THR H 369 46.38 -57.86 -11.81
CA THR H 369 47.07 -56.66 -12.28
C THR H 369 46.45 -55.43 -11.62
N HIS H 370 46.67 -55.29 -10.32
CA HIS H 370 46.14 -54.16 -9.57
C HIS H 370 46.93 -52.89 -9.80
N ARG H 371 46.34 -51.75 -9.46
CA ARG H 371 46.99 -50.45 -9.65
C ARG H 371 46.43 -49.40 -8.68
N ASN H 372 47.32 -48.69 -8.01
CA ASN H 372 46.96 -47.54 -7.19
C ASN H 372 46.07 -47.88 -5.99
N GLN H 373 46.71 -48.11 -4.84
CA GLN H 373 46.02 -48.34 -3.57
C GLN H 373 47.05 -48.67 -2.49
N PRO H 374 46.78 -48.24 -1.24
CA PRO H 374 47.66 -48.53 -0.09
C PRO H 374 47.81 -50.02 0.16
N ARG H 375 48.52 -50.40 1.22
CA ARG H 375 48.71 -51.80 1.57
C ARG H 375 49.47 -52.56 0.47
N GLY H 376 49.47 -53.89 0.56
CA GLY H 376 50.05 -54.73 -0.47
C GLY H 376 49.34 -56.08 -0.49
N ASP H 377 48.04 -56.06 -0.25
CA ASP H 377 47.23 -57.27 -0.12
C ASP H 377 47.32 -58.16 -1.35
N CYS H 378 48.14 -59.19 -1.26
CA CYS H 378 48.22 -60.20 -2.31
C CYS H 378 48.12 -61.59 -1.68
N ASP H 379 46.88 -62.09 -1.57
CA ASP H 379 46.63 -63.37 -0.94
C ASP H 379 46.80 -64.51 -1.95
N GLY H 380 47.84 -64.43 -2.77
CA GLY H 380 48.10 -65.44 -3.77
C GLY H 380 49.58 -65.64 -4.00
N VAL H 381 50.36 -65.53 -2.93
CA VAL H 381 51.80 -65.76 -2.99
C VAL H 381 52.26 -66.39 -1.68
N GLN H 382 53.23 -67.30 -1.77
CA GLN H 382 53.56 -68.15 -0.62
C GLN H 382 55.06 -68.27 -0.34
N ILE H 383 55.71 -69.19 -1.04
CA ILE H 383 57.06 -69.59 -0.70
C ILE H 383 58.11 -68.79 -1.46
N ASN H 384 58.41 -69.20 -2.69
CA ASN H 384 59.50 -68.60 -3.44
C ASN H 384 59.04 -68.04 -4.79
N VAL H 385 58.14 -67.07 -4.74
CA VAL H 385 57.68 -66.39 -5.95
C VAL H 385 57.57 -64.88 -5.69
N PRO H 386 58.55 -64.11 -6.20
CA PRO H 386 58.60 -62.66 -5.97
C PRO H 386 57.30 -61.93 -6.30
N ILE H 387 57.20 -60.69 -5.86
CA ILE H 387 56.03 -59.85 -6.11
C ILE H 387 56.49 -58.44 -6.47
N THR H 388 55.54 -57.56 -6.77
CA THR H 388 55.87 -56.20 -7.21
C THR H 388 54.96 -55.13 -6.64
N PHE H 389 55.54 -54.23 -5.84
CA PHE H 389 54.81 -53.07 -5.34
C PHE H 389 55.48 -51.79 -5.84
N GLN H 390 54.72 -50.96 -6.54
CA GLN H 390 55.24 -49.69 -7.03
C GLN H 390 54.84 -48.56 -6.08
N VAL H 391 55.79 -48.16 -5.23
CA VAL H 391 55.53 -47.11 -4.24
C VAL H 391 55.68 -45.73 -4.87
N LYS H 392 54.61 -44.95 -4.84
CA LYS H 392 54.61 -43.61 -5.40
C LYS H 392 54.41 -42.58 -4.30
N VAL H 393 55.49 -41.87 -3.96
CA VAL H 393 55.44 -40.84 -2.93
C VAL H 393 55.35 -39.45 -3.52
N THR H 394 54.32 -38.70 -3.13
CA THR H 394 54.13 -37.34 -3.60
C THR H 394 54.04 -36.38 -2.43
N ALA H 395 54.42 -35.12 -2.65
CA ALA H 395 54.33 -34.09 -1.63
C ALA H 395 53.41 -32.97 -2.11
N THR H 396 52.98 -32.12 -1.18
CA THR H 396 52.11 -31.01 -1.53
C THR H 396 52.89 -29.70 -1.58
N GLU H 397 53.87 -29.57 -0.70
CA GLU H 397 54.72 -28.39 -0.65
C GLU H 397 56.18 -28.80 -0.56
N CYS H 398 57.08 -27.82 -0.47
CA CYS H 398 58.49 -28.09 -0.28
C CYS H 398 58.75 -28.51 1.15
N ILE H 399 58.63 -29.81 1.39
CA ILE H 399 58.85 -30.41 2.70
C ILE H 399 60.20 -30.07 3.28
N GLN H 400 60.37 -30.32 4.57
CA GLN H 400 61.68 -30.21 5.20
C GLN H 400 62.30 -31.60 5.24
N GLU H 401 63.62 -31.67 5.10
CA GLU H 401 64.30 -32.96 5.03
C GLU H 401 63.93 -33.82 6.23
N GLN H 402 63.39 -35.01 5.95
CA GLN H 402 63.00 -35.93 6.99
C GLN H 402 63.16 -37.37 6.50
N SER H 403 62.68 -38.33 7.29
CA SER H 403 62.80 -39.74 6.94
C SER H 403 61.73 -40.58 7.61
N PHE H 404 61.16 -41.53 6.86
CA PHE H 404 60.18 -42.45 7.40
C PHE H 404 60.57 -43.89 7.04
N VAL H 405 59.68 -44.84 7.30
CA VAL H 405 59.95 -46.25 7.03
C VAL H 405 58.75 -46.97 6.44
N ILE H 406 59.02 -47.90 5.53
CA ILE H 406 57.99 -48.74 4.95
C ILE H 406 58.22 -50.19 5.34
N ARG H 407 57.51 -50.65 6.37
CA ARG H 407 57.67 -52.01 6.86
C ARG H 407 56.61 -52.93 6.29
N ALA H 408 56.85 -54.23 6.41
CA ALA H 408 55.83 -55.23 6.11
C ALA H 408 55.21 -55.68 7.43
N LEU H 409 53.92 -55.43 7.59
CA LEU H 409 53.25 -55.76 8.85
C LEU H 409 53.56 -57.20 9.23
N GLY H 410 54.10 -57.38 10.44
CA GLY H 410 54.44 -58.70 10.93
C GLY H 410 55.84 -59.13 10.55
N PHE H 411 56.72 -58.15 10.34
CA PHE H 411 58.09 -58.43 9.93
C PHE H 411 59.03 -57.39 10.54
N THR H 412 60.23 -57.83 10.90
CA THR H 412 61.18 -56.94 11.58
C THR H 412 62.02 -56.14 10.59
N ASP H 413 61.83 -56.40 9.29
CA ASP H 413 62.63 -55.75 8.26
C ASP H 413 62.24 -54.28 8.07
N ILE H 414 63.02 -53.39 8.67
CA ILE H 414 62.81 -51.95 8.52
C ILE H 414 63.50 -51.41 7.27
N VAL H 415 62.74 -50.73 6.43
CA VAL H 415 63.32 -50.07 5.25
C VAL H 415 63.36 -48.57 5.46
N THR H 416 64.54 -48.06 5.80
CA THR H 416 64.71 -46.63 6.06
C THR H 416 64.67 -45.83 4.76
N VAL H 417 63.49 -45.33 4.41
CA VAL H 417 63.32 -44.52 3.21
C VAL H 417 63.58 -43.05 3.51
N GLN H 418 64.70 -42.54 3.04
CA GLN H 418 65.06 -41.14 3.24
C GLN H 418 64.28 -40.25 2.28
N VAL H 419 64.02 -39.02 2.71
CA VAL H 419 63.26 -38.07 1.89
C VAL H 419 63.95 -36.72 1.83
N LEU H 420 64.21 -36.25 0.62
CA LEU H 420 64.91 -34.98 0.40
C LEU H 420 64.05 -34.00 -0.38
N PRO H 421 63.71 -32.86 0.26
CA PRO H 421 62.97 -31.78 -0.40
C PRO H 421 63.71 -31.24 -1.63
N GLN H 422 63.31 -31.68 -2.82
CA GLN H 422 63.96 -31.24 -4.04
C GLN H 422 63.22 -30.06 -4.68
N CYS H 423 63.72 -28.86 -4.43
CA CYS H 423 63.19 -27.68 -5.12
C CYS H 423 64.17 -26.52 -5.05
N GLU H 424 65.38 -26.79 -5.52
CA GLU H 424 66.32 -25.75 -5.94
C GLU H 424 66.75 -26.12 -7.35
N CYS H 425 67.23 -25.14 -8.10
CA CYS H 425 67.64 -25.40 -9.48
C CYS H 425 68.84 -24.51 -9.84
N ARG H 426 69.56 -24.89 -10.89
CA ARG H 426 71.01 -24.69 -10.88
C ARG H 426 71.61 -24.36 -12.23
N CYS H 427 72.07 -23.12 -12.38
CA CYS H 427 72.75 -22.71 -13.61
C CYS H 427 74.10 -22.07 -13.34
N ARG H 428 74.07 -20.94 -12.65
CA ARG H 428 75.22 -20.06 -12.61
C ARG H 428 75.33 -19.26 -11.33
N ASP H 429 76.23 -18.28 -11.35
CA ASP H 429 76.56 -17.52 -10.14
C ASP H 429 76.86 -16.06 -10.48
N GLN H 430 77.32 -15.33 -9.48
CA GLN H 430 77.51 -13.88 -9.60
C GLN H 430 78.94 -13.49 -9.94
N SER H 431 79.73 -14.44 -10.42
CA SER H 431 81.07 -14.14 -10.92
C SER H 431 80.95 -13.79 -12.39
N ARG H 432 79.91 -14.33 -13.02
CA ARG H 432 79.61 -14.06 -14.42
C ARG H 432 78.54 -12.97 -14.53
N ASP H 433 78.95 -11.82 -15.05
CA ASP H 433 78.06 -10.68 -15.24
C ASP H 433 77.69 -9.96 -13.94
N ARG H 434 78.65 -9.26 -13.37
CA ARG H 434 78.36 -8.29 -12.32
C ARG H 434 78.08 -6.96 -13.00
N SER H 435 78.12 -6.97 -14.33
CA SER H 435 77.81 -5.80 -15.13
C SER H 435 76.31 -5.60 -15.23
N LEU H 436 75.65 -6.47 -15.99
CA LEU H 436 74.19 -6.40 -16.10
C LEU H 436 73.61 -6.43 -14.69
N CYS H 437 72.36 -5.99 -14.56
CA CYS H 437 71.77 -5.76 -13.25
C CYS H 437 72.52 -4.61 -12.59
N HIS H 438 73.18 -3.81 -13.42
CA HIS H 438 73.93 -2.64 -12.99
C HIS H 438 74.60 -2.80 -11.63
N GLY H 439 75.23 -3.96 -11.42
CA GLY H 439 76.05 -4.18 -10.25
C GLY H 439 75.30 -4.48 -8.96
N LYS H 440 74.06 -4.03 -8.87
CA LYS H 440 73.27 -4.18 -7.65
C LYS H 440 72.31 -5.37 -7.76
N GLY H 441 72.87 -6.54 -8.03
CA GLY H 441 72.08 -7.75 -8.18
C GLY H 441 72.88 -8.85 -8.84
N PHE H 442 72.43 -10.09 -8.69
CA PHE H 442 73.11 -11.23 -9.27
C PHE H 442 72.28 -11.81 -10.41
N LEU H 443 72.84 -12.79 -11.10
CA LEU H 443 72.18 -13.40 -12.24
C LEU H 443 71.97 -14.89 -12.01
N GLU H 444 70.82 -15.39 -12.43
CA GLU H 444 70.48 -16.78 -12.28
C GLU H 444 69.64 -17.24 -13.45
N CYS H 445 70.26 -17.99 -14.38
CA CYS H 445 69.53 -18.49 -15.53
C CYS H 445 68.87 -17.36 -16.27
N GLY H 446 69.66 -16.39 -16.73
CA GLY H 446 69.12 -15.28 -17.47
C GLY H 446 68.77 -14.09 -16.59
N ILE H 447 67.51 -14.03 -16.18
CA ILE H 447 67.02 -12.92 -15.38
C ILE H 447 67.94 -12.60 -14.21
N CYS H 448 67.77 -11.41 -13.65
CA CYS H 448 68.60 -10.96 -12.54
C CYS H 448 67.74 -10.72 -11.30
N ARG H 449 68.10 -11.37 -10.20
CA ARG H 449 67.40 -11.16 -8.94
C ARG H 449 68.11 -10.06 -8.16
N CYS H 450 67.47 -8.89 -8.12
CA CYS H 450 68.08 -7.73 -7.49
C CYS H 450 68.08 -7.86 -5.98
N ASP H 451 68.62 -6.86 -5.31
CA ASP H 451 68.72 -6.86 -3.86
C ASP H 451 67.39 -6.48 -3.24
N THR H 452 67.41 -6.18 -1.95
CA THR H 452 66.19 -5.78 -1.24
C THR H 452 65.65 -4.45 -1.77
N GLY H 453 66.56 -3.52 -2.07
CA GLY H 453 66.17 -2.17 -2.45
C GLY H 453 66.13 -1.91 -3.95
N TYR H 454 66.67 -2.84 -4.73
CA TYR H 454 66.66 -2.68 -6.18
C TYR H 454 65.66 -3.62 -6.83
N ILE H 455 65.04 -3.17 -7.91
CA ILE H 455 64.04 -3.95 -8.64
C ILE H 455 64.08 -3.62 -10.13
N GLY H 456 63.60 -4.55 -10.96
CA GLY H 456 63.62 -4.38 -12.40
C GLY H 456 64.27 -5.57 -13.07
N LYS H 457 64.02 -5.73 -14.36
CA LYS H 457 64.56 -6.88 -15.10
C LYS H 457 66.07 -6.74 -15.32
N ASN H 458 66.63 -5.63 -14.86
CA ASN H 458 68.07 -5.44 -14.90
C ASN H 458 68.52 -4.59 -13.71
N CYS H 459 67.82 -4.74 -12.59
CA CYS H 459 68.15 -4.05 -11.35
C CYS H 459 68.45 -2.57 -11.60
N GLU H 460 67.77 -2.01 -12.59
CA GLU H 460 68.02 -0.62 -12.98
C GLU H 460 67.17 0.32 -12.14
N CYS H 461 66.03 -0.20 -11.68
CA CYS H 461 65.02 0.64 -11.05
C CYS H 461 65.06 0.53 -9.55
N GLN H 462 64.49 1.53 -8.91
CA GLN H 462 64.37 1.51 -7.48
C GLN H 462 62.91 1.65 -7.12
N THR H 463 62.58 1.14 -5.95
CA THR H 463 61.21 1.20 -5.47
C THR H 463 60.83 2.59 -4.99
N GLN H 464 61.68 3.59 -5.26
CA GLN H 464 61.30 4.98 -5.00
C GLN H 464 61.54 5.94 -6.19
N GLY H 465 60.72 5.79 -7.22
CA GLY H 465 60.46 6.91 -8.12
C GLY H 465 60.66 6.62 -9.60
N ARG H 466 59.60 6.15 -10.25
CA ARG H 466 59.69 5.76 -11.65
C ARG H 466 58.36 5.79 -12.39
N SER H 467 58.43 6.11 -13.68
CA SER H 467 57.32 5.93 -14.60
C SER H 467 57.62 6.59 -15.93
N SER H 468 57.29 5.89 -17.01
CA SER H 468 57.52 6.41 -18.36
C SER H 468 56.24 6.38 -19.17
N GLN H 469 56.32 6.84 -20.42
CA GLN H 469 55.15 6.91 -21.28
C GLN H 469 54.69 5.53 -21.73
N GLU H 470 55.37 4.98 -22.74
CA GLU H 470 54.96 3.71 -23.33
C GLU H 470 55.58 2.50 -22.64
N LEU H 471 56.24 2.70 -21.50
CA LEU H 471 56.61 1.59 -20.65
C LEU H 471 55.31 0.95 -20.17
N GLU H 472 54.25 1.74 -20.18
CA GLU H 472 52.93 1.27 -19.82
C GLU H 472 52.31 0.43 -20.94
N GLY H 473 53.16 -0.04 -21.85
CA GLY H 473 52.70 -0.82 -22.99
C GLY H 473 52.25 -2.21 -22.59
N SER H 474 53.20 -3.03 -22.14
CA SER H 474 52.90 -4.36 -21.63
C SER H 474 52.46 -4.27 -20.17
N CYS H 475 52.15 -3.06 -19.73
CA CYS H 475 51.71 -2.82 -18.36
C CYS H 475 50.18 -2.89 -18.24
N ARG H 476 49.50 -2.94 -19.38
CA ARG H 476 48.06 -3.15 -19.40
C ARG H 476 47.72 -4.25 -20.41
N LYS H 477 46.87 -5.18 -20.01
CA LYS H 477 46.59 -6.36 -20.85
C LYS H 477 46.19 -5.97 -22.27
N ASP H 478 45.30 -4.98 -22.39
CA ASP H 478 44.83 -4.54 -23.69
C ASP H 478 44.67 -3.02 -23.72
N ASN H 479 44.36 -2.48 -24.90
CA ASN H 479 44.23 -1.04 -25.09
C ASN H 479 43.09 -0.44 -24.27
N ASN H 480 42.07 -1.24 -24.00
CA ASN H 480 40.91 -0.77 -23.23
C ASN H 480 40.91 -1.32 -21.80
N SER H 481 42.10 -1.48 -21.23
CA SER H 481 42.25 -1.94 -19.86
C SER H 481 42.99 -0.92 -19.02
N ILE H 482 42.54 -0.74 -17.78
CA ILE H 482 43.22 0.17 -16.87
C ILE H 482 44.60 -0.38 -16.54
N ILE H 483 45.53 0.53 -16.26
CA ILE H 483 46.92 0.15 -16.00
C ILE H 483 47.05 -0.73 -14.77
N CYS H 484 47.78 -1.83 -14.90
CA CYS H 484 47.97 -2.78 -13.81
C CYS H 484 46.65 -3.26 -13.23
N SER H 485 45.60 -3.22 -14.04
CA SER H 485 44.28 -3.66 -13.60
C SER H 485 43.97 -3.11 -12.21
N GLY H 486 44.43 -1.89 -11.95
CA GLY H 486 44.34 -1.30 -10.62
C GLY H 486 44.96 -2.22 -9.60
N LEU H 487 45.06 -1.78 -8.35
CA LEU H 487 45.64 -2.63 -7.32
C LEU H 487 47.06 -3.01 -7.71
N GLY H 488 47.74 -2.11 -8.41
CA GLY H 488 49.11 -2.33 -8.83
C GLY H 488 49.66 -1.10 -9.51
N ASP H 489 50.83 -0.65 -9.06
CA ASP H 489 51.48 0.50 -9.68
C ASP H 489 52.64 0.08 -10.60
N CYS H 490 52.54 0.48 -11.86
CA CYS H 490 53.48 0.04 -12.89
C CYS H 490 54.83 0.73 -12.74
N VAL H 491 55.88 -0.06 -12.85
CA VAL H 491 57.24 0.46 -12.83
C VAL H 491 58.13 -0.32 -13.80
N CYS H 492 58.75 0.40 -14.73
CA CYS H 492 59.63 -0.21 -15.72
C CYS H 492 58.94 -1.30 -16.54
N GLY H 493 57.81 -0.93 -17.13
CA GLY H 493 57.09 -1.82 -18.04
C GLY H 493 56.14 -2.74 -17.33
N GLN H 494 56.62 -3.36 -16.26
CA GLN H 494 55.85 -4.35 -15.52
C GLN H 494 55.05 -3.69 -14.40
N CYS H 495 54.29 -4.51 -13.67
CA CYS H 495 53.48 -4.01 -12.56
C CYS H 495 53.97 -4.59 -11.23
N LEU H 496 53.83 -3.82 -10.17
CA LEU H 496 54.05 -4.33 -8.81
C LEU H 496 52.74 -4.32 -8.05
N CYS H 497 52.03 -5.45 -8.08
CA CYS H 497 50.75 -5.56 -7.40
C CYS H 497 50.88 -5.10 -5.97
N HIS H 498 49.90 -4.31 -5.52
CA HIS H 498 49.90 -3.81 -4.15
C HIS H 498 49.71 -4.97 -3.17
N THR H 499 49.92 -4.69 -1.89
CA THR H 499 49.82 -5.70 -0.85
C THR H 499 48.67 -5.40 0.11
N SER H 500 47.98 -6.44 0.56
CA SER H 500 46.91 -6.28 1.54
C SER H 500 47.23 -7.11 2.77
N ASP H 501 47.22 -6.46 3.93
CA ASP H 501 47.44 -7.17 5.19
C ASP H 501 46.12 -7.75 5.69
N VAL H 502 45.44 -8.48 4.80
CA VAL H 502 44.21 -9.16 5.13
C VAL H 502 44.41 -10.65 4.91
N PRO H 503 44.08 -11.46 5.93
CA PRO H 503 44.27 -12.92 5.83
C PRO H 503 43.86 -13.47 4.47
N GLY H 504 44.79 -14.10 3.77
CA GLY H 504 44.49 -14.75 2.50
C GLY H 504 44.67 -13.84 1.30
N LYS H 505 44.15 -12.63 1.41
CA LYS H 505 44.24 -11.64 0.33
C LYS H 505 45.66 -11.59 -0.23
N LEU H 506 45.76 -11.65 -1.55
CA LEU H 506 47.05 -11.53 -2.24
C LEU H 506 46.83 -11.33 -3.72
N ILE H 507 47.32 -10.20 -4.24
CA ILE H 507 47.22 -9.92 -5.67
C ILE H 507 48.47 -10.43 -6.36
N TYR H 508 48.38 -10.68 -7.66
CA TYR H 508 49.52 -11.16 -8.43
C TYR H 508 49.17 -11.23 -9.91
N GLY H 509 50.21 -11.31 -10.74
CA GLY H 509 50.05 -11.37 -12.19
C GLY H 509 50.79 -10.24 -12.86
N GLN H 510 50.96 -10.35 -14.18
CA GLN H 510 51.63 -9.30 -14.95
C GLN H 510 50.91 -7.97 -14.75
N TYR H 511 49.59 -8.00 -14.88
CA TYR H 511 48.76 -6.79 -14.76
C TYR H 511 47.97 -6.80 -13.45
N CYS H 512 48.42 -7.60 -12.48
CA CYS H 512 47.77 -7.68 -11.17
C CYS H 512 46.28 -7.94 -11.29
N GLU H 513 45.92 -8.95 -12.09
CA GLU H 513 44.52 -9.25 -12.33
C GLU H 513 44.02 -10.38 -11.43
N CYS H 514 44.91 -11.34 -11.16
CA CYS H 514 44.53 -12.52 -10.40
C CYS H 514 44.75 -12.35 -8.90
N ASP H 515 43.87 -12.96 -8.11
CA ASP H 515 43.98 -12.95 -6.66
C ASP H 515 43.70 -14.35 -6.12
N THR H 516 44.01 -14.57 -4.84
CA THR H 516 43.79 -15.87 -4.22
C THR H 516 42.68 -15.79 -3.18
N ILE H 517 41.55 -15.20 -3.57
CA ILE H 517 40.42 -15.03 -2.67
C ILE H 517 39.08 -15.01 -3.41
N ASN H 518 39.09 -14.57 -4.66
CA ASN H 518 37.86 -14.43 -5.43
C ASN H 518 37.60 -15.62 -6.34
N CYS H 519 37.20 -16.74 -5.75
CA CYS H 519 36.88 -17.94 -6.51
C CYS H 519 35.49 -18.43 -6.12
N GLU H 520 35.20 -19.70 -6.38
CA GLU H 520 33.92 -20.27 -5.99
C GLU H 520 34.00 -20.86 -4.57
N ARG H 521 33.00 -20.55 -3.75
CA ARG H 521 32.99 -20.99 -2.36
C ARG H 521 32.45 -22.40 -2.17
N TYR H 522 32.36 -22.82 -0.91
CA TYR H 522 31.83 -24.13 -0.54
C TYR H 522 31.81 -24.24 0.97
N ASN H 523 30.63 -24.52 1.52
CA ASN H 523 30.47 -24.62 2.97
C ASN H 523 31.04 -23.38 3.66
N GLY H 524 30.71 -22.21 3.14
CA GLY H 524 31.16 -20.96 3.72
C GLY H 524 32.67 -20.88 3.83
N GLN H 525 33.36 -21.45 2.85
CA GLN H 525 34.82 -21.42 2.83
C GLN H 525 35.33 -21.29 1.39
N VAL H 526 36.45 -20.58 1.26
CA VAL H 526 37.03 -20.30 -0.05
C VAL H 526 37.56 -21.59 -0.71
N CYS H 527 36.97 -21.93 -1.85
CA CYS H 527 37.36 -23.13 -2.59
C CYS H 527 37.27 -24.39 -1.73
N GLY H 528 36.62 -24.28 -0.58
CA GLY H 528 36.50 -25.40 0.33
C GLY H 528 37.51 -25.34 1.47
N GLY H 529 37.75 -24.13 1.97
CA GLY H 529 38.70 -23.94 3.06
C GLY H 529 40.08 -24.46 2.71
N PRO H 530 41.05 -24.28 3.62
CA PRO H 530 42.43 -24.70 3.35
C PRO H 530 42.56 -26.21 3.26
N GLY H 531 41.60 -26.92 3.83
CA GLY H 531 41.63 -28.37 3.82
C GLY H 531 41.43 -28.94 2.44
N ARG H 532 40.23 -28.75 1.89
CA ARG H 532 39.86 -29.37 0.62
C ARG H 532 40.72 -28.90 -0.55
N GLY H 533 40.59 -27.63 -0.91
CA GLY H 533 41.35 -27.10 -2.04
C GLY H 533 41.92 -25.72 -1.80
N LEU H 534 42.30 -25.04 -2.89
CA LEU H 534 42.83 -23.69 -2.80
C LEU H 534 42.35 -22.81 -3.95
N CYS H 535 42.61 -21.50 -3.84
CA CYS H 535 42.13 -20.53 -4.82
C CYS H 535 43.26 -19.92 -5.64
N PHE H 536 43.05 -19.84 -6.95
CA PHE H 536 44.04 -19.25 -7.85
C PHE H 536 43.37 -18.66 -9.09
N CYS H 537 43.13 -17.35 -9.05
CA CYS H 537 42.56 -16.64 -10.18
C CYS H 537 41.23 -17.24 -10.63
N GLY H 538 40.28 -17.31 -9.71
CA GLY H 538 38.94 -17.76 -10.04
C GLY H 538 38.74 -19.26 -9.89
N LYS H 539 39.58 -20.03 -10.56
CA LYS H 539 39.48 -21.49 -10.51
C LYS H 539 40.09 -22.05 -9.24
N CYS H 540 39.50 -23.11 -8.73
CA CYS H 540 40.00 -23.77 -7.52
C CYS H 540 40.83 -25.00 -7.88
N ARG H 541 42.06 -25.03 -7.38
CA ARG H 541 42.91 -26.20 -7.52
C ARG H 541 42.76 -27.09 -6.30
N CYS H 542 41.80 -28.00 -6.36
CA CYS H 542 41.51 -28.88 -5.22
C CYS H 542 42.66 -29.82 -4.93
N HIS H 543 42.93 -30.04 -3.64
CA HIS H 543 43.93 -31.00 -3.22
C HIS H 543 43.65 -32.36 -3.84
N PRO H 544 44.62 -33.27 -3.76
CA PRO H 544 44.45 -34.63 -4.27
C PRO H 544 43.26 -35.31 -3.62
N GLY H 545 42.47 -36.04 -4.40
CA GLY H 545 41.32 -36.75 -3.89
C GLY H 545 40.08 -35.88 -3.84
N PHE H 546 40.18 -34.67 -4.38
CA PHE H 546 39.07 -33.73 -4.40
C PHE H 546 38.96 -33.10 -5.77
N GLU H 547 37.76 -33.16 -6.34
CA GLU H 547 37.50 -32.57 -7.64
C GLU H 547 36.28 -31.66 -7.55
N GLY H 548 35.94 -31.00 -8.65
CA GLY H 548 34.77 -30.14 -8.70
C GLY H 548 35.12 -28.68 -8.91
N SER H 549 34.08 -27.88 -9.17
CA SER H 549 34.26 -26.45 -9.43
C SER H 549 34.95 -25.78 -8.24
N ALA H 550 34.51 -26.11 -7.03
CA ALA H 550 35.11 -25.57 -5.82
C ALA H 550 35.32 -26.68 -4.79
N CYS H 551 35.79 -27.83 -5.25
CA CYS H 551 35.84 -29.03 -4.41
C CYS H 551 34.45 -29.36 -3.90
N GLN H 552 33.45 -28.96 -4.67
CA GLN H 552 32.06 -29.16 -4.28
C GLN H 552 31.76 -30.64 -4.11
N CYS H 553 32.13 -31.42 -5.12
CA CYS H 553 32.11 -32.86 -4.97
C CYS H 553 33.37 -33.26 -4.21
N GLU H 554 33.38 -32.98 -2.92
CA GLU H 554 34.59 -33.01 -2.12
C GLU H 554 35.46 -34.24 -2.34
N ARG H 555 34.86 -35.43 -2.34
CA ARG H 555 35.65 -36.65 -2.40
C ARG H 555 35.46 -37.42 -3.70
N THR H 556 36.57 -37.95 -4.21
CA THR H 556 36.53 -38.80 -5.40
C THR H 556 36.26 -40.24 -4.98
N THR H 557 36.16 -40.46 -3.67
CA THR H 557 35.87 -41.78 -3.12
C THR H 557 34.44 -42.18 -3.43
N GLU H 558 33.98 -43.25 -2.79
CA GLU H 558 32.61 -43.69 -2.95
C GLU H 558 32.05 -44.25 -1.65
N GLY H 559 31.50 -43.36 -0.82
CA GLY H 559 30.76 -43.78 0.36
C GLY H 559 29.38 -44.22 -0.04
N CYS H 560 29.07 -44.11 -1.33
CA CYS H 560 27.80 -44.54 -1.88
C CYS H 560 27.73 -46.07 -1.90
N LEU H 561 28.84 -46.72 -1.60
CA LEU H 561 28.90 -48.17 -1.59
C LEU H 561 28.39 -48.71 -0.26
N ASN H 562 27.59 -49.77 -0.34
CA ASN H 562 27.10 -50.46 0.84
C ASN H 562 28.03 -51.63 1.18
N PRO H 563 27.64 -52.46 2.15
CA PRO H 563 28.40 -53.69 2.35
C PRO H 563 28.39 -54.58 1.10
N ARG H 564 27.33 -54.51 0.31
CA ARG H 564 27.26 -55.25 -0.94
C ARG H 564 28.36 -54.78 -1.89
N ARG H 565 28.88 -53.60 -1.62
CA ARG H 565 29.93 -52.99 -2.44
C ARG H 565 29.44 -52.79 -3.87
N VAL H 566 28.16 -52.46 -4.00
CA VAL H 566 27.58 -52.02 -5.26
C VAL H 566 26.98 -50.64 -5.03
N GLU H 567 27.35 -49.68 -5.86
CA GLU H 567 26.97 -48.29 -5.65
C GLU H 567 25.46 -48.10 -5.63
N CYS H 568 24.98 -47.50 -4.55
CA CYS H 568 23.59 -47.05 -4.47
C CYS H 568 22.59 -48.15 -4.79
N SER H 569 22.94 -49.39 -4.46
CA SER H 569 22.05 -50.52 -4.65
C SER H 569 21.37 -50.50 -6.02
N GLY H 570 20.06 -50.25 -6.03
CA GLY H 570 19.27 -50.39 -7.24
C GLY H 570 19.60 -49.39 -8.32
N ARG H 571 19.22 -48.15 -8.09
CA ARG H 571 19.45 -47.08 -9.06
C ARG H 571 19.96 -45.84 -8.35
N GLY H 572 20.76 -45.04 -9.06
CA GLY H 572 21.27 -43.80 -8.50
C GLY H 572 22.77 -43.65 -8.71
N ARG H 573 23.14 -42.70 -9.56
CA ARG H 573 24.55 -42.38 -9.77
C ARG H 573 25.18 -41.96 -8.45
N CYS H 574 26.48 -42.20 -8.33
CA CYS H 574 27.20 -41.87 -7.10
C CYS H 574 27.98 -40.56 -7.25
N ARG H 575 27.30 -39.45 -7.00
CA ARG H 575 27.91 -38.13 -7.12
C ARG H 575 28.24 -37.54 -5.75
N CYS H 576 29.52 -37.40 -5.45
CA CYS H 576 29.96 -36.75 -4.23
C CYS H 576 29.48 -37.49 -2.98
N ASN H 577 29.67 -38.80 -2.96
CA ASN H 577 29.27 -39.63 -1.82
C ASN H 577 27.78 -39.54 -1.52
N VAL H 578 26.98 -39.40 -2.57
CA VAL H 578 25.53 -39.40 -2.44
C VAL H 578 24.94 -40.21 -3.58
N CYS H 579 23.72 -40.71 -3.40
CA CYS H 579 23.06 -41.49 -4.43
C CYS H 579 21.84 -40.74 -4.96
N GLU H 580 21.61 -40.83 -6.26
CA GLU H 580 20.43 -40.23 -6.88
C GLU H 580 19.40 -41.31 -7.15
N CYS H 581 18.83 -41.86 -6.09
CA CYS H 581 17.91 -42.99 -6.20
C CYS H 581 16.80 -42.68 -7.20
N HIS H 582 16.64 -43.57 -8.19
CA HIS H 582 15.53 -43.45 -9.13
C HIS H 582 14.21 -43.68 -8.40
N SER H 583 13.10 -43.31 -9.03
CA SER H 583 11.80 -43.47 -8.41
C SER H 583 11.80 -42.93 -6.98
N GLY H 584 11.00 -43.54 -6.11
CA GLY H 584 10.88 -43.08 -4.74
C GLY H 584 11.91 -43.65 -3.79
N TYR H 585 12.84 -44.44 -4.31
CA TYR H 585 13.85 -45.05 -3.45
C TYR H 585 14.56 -43.95 -2.68
N GLN H 586 14.85 -44.23 -1.41
CA GLN H 586 15.32 -43.19 -0.49
C GLN H 586 16.73 -43.43 0.01
N LEU H 587 17.23 -42.46 0.76
CA LEU H 587 18.63 -42.41 1.13
C LEU H 587 18.92 -43.33 2.31
N PRO H 588 20.20 -43.65 2.55
CA PRO H 588 21.35 -43.15 1.77
C PRO H 588 21.68 -43.99 0.53
N LEU H 589 21.50 -45.30 0.61
CA LEU H 589 22.03 -46.18 -0.42
C LEU H 589 20.96 -46.74 -1.37
N CYS H 590 19.75 -46.20 -1.28
CA CYS H 590 18.70 -46.50 -2.24
C CYS H 590 18.25 -47.96 -2.20
N GLN H 591 17.55 -48.33 -1.15
CA GLN H 591 17.00 -49.68 -1.04
C GLN H 591 15.50 -49.63 -0.77
N GLU H 592 15.11 -48.85 0.23
CA GLU H 592 13.70 -48.78 0.63
C GLU H 592 12.97 -47.69 -0.12
N CYS H 593 12.01 -48.09 -0.94
CA CYS H 593 11.08 -47.15 -1.56
C CYS H 593 9.76 -47.19 -0.80
N PRO H 594 9.64 -46.37 0.26
CA PRO H 594 8.51 -46.42 1.20
C PRO H 594 7.14 -46.27 0.54
N GLY H 595 7.12 -45.82 -0.72
CA GLY H 595 5.86 -45.51 -1.37
C GLY H 595 5.41 -46.54 -2.39
N CYS H 596 6.34 -47.32 -2.91
CA CYS H 596 6.01 -48.33 -3.92
C CYS H 596 4.83 -49.16 -3.45
N PRO H 597 3.95 -49.56 -4.38
CA PRO H 597 2.68 -50.20 -4.03
C PRO H 597 2.87 -51.57 -3.40
N SER H 598 3.59 -52.45 -4.11
CA SER H 598 4.03 -53.76 -3.60
C SER H 598 3.54 -54.84 -4.55
N PRO H 599 4.01 -54.80 -5.80
CA PRO H 599 3.47 -55.64 -6.88
C PRO H 599 3.65 -57.13 -6.62
N CYS H 600 2.55 -57.81 -6.28
CA CYS H 600 2.55 -59.27 -6.22
C CYS H 600 1.90 -59.81 -7.48
N GLY H 601 1.04 -59.01 -8.09
CA GLY H 601 0.47 -59.34 -9.39
C GLY H 601 1.60 -59.52 -10.39
N LYS H 602 1.35 -60.28 -11.45
CA LYS H 602 2.38 -60.57 -12.45
C LYS H 602 3.52 -61.41 -11.89
N TYR H 603 3.52 -61.66 -10.58
CA TYR H 603 4.57 -62.46 -9.95
C TYR H 603 4.04 -63.84 -9.57
N ILE H 604 2.71 -63.98 -9.55
CA ILE H 604 2.08 -65.26 -9.25
C ILE H 604 2.40 -66.29 -10.32
N SER H 605 2.35 -65.87 -11.58
CA SER H 605 2.61 -66.77 -12.69
C SER H 605 3.99 -67.40 -12.59
N CYS H 606 4.95 -66.67 -12.03
CA CYS H 606 6.32 -67.16 -11.92
C CYS H 606 6.57 -67.83 -10.58
N ALA H 607 5.72 -67.54 -9.60
CA ALA H 607 5.86 -68.13 -8.27
C ALA H 607 5.51 -69.61 -8.33
N GLU H 608 4.52 -69.94 -9.16
CA GLU H 608 4.11 -71.32 -9.34
C GLU H 608 4.91 -71.99 -10.46
N CYS H 609 5.88 -71.26 -11.00
CA CYS H 609 6.75 -71.80 -12.04
C CYS H 609 8.10 -72.17 -11.47
N LEU H 610 8.34 -71.84 -10.21
CA LEU H 610 9.62 -72.12 -9.58
C LEU H 610 9.47 -73.12 -8.44
N LYS H 611 8.78 -72.73 -7.36
CA LYS H 611 8.55 -73.65 -6.26
C LYS H 611 7.66 -74.78 -6.73
N PHE H 612 6.40 -74.46 -7.02
CA PHE H 612 5.48 -75.41 -7.62
C PHE H 612 5.79 -75.46 -9.11
N GLU H 613 5.34 -76.54 -9.77
CA GLU H 613 5.55 -76.68 -11.20
C GLU H 613 4.20 -76.70 -11.92
N LYS H 614 3.51 -75.56 -11.90
CA LYS H 614 2.18 -75.45 -12.49
C LYS H 614 2.23 -74.69 -13.81
N GLY H 615 3.25 -75.00 -14.61
CA GLY H 615 3.33 -74.47 -15.96
C GLY H 615 3.76 -73.03 -16.07
N PRO H 616 5.02 -72.80 -16.48
CA PRO H 616 5.44 -71.48 -16.94
C PRO H 616 4.53 -71.02 -18.06
N PHE H 617 3.69 -70.03 -17.80
CA PHE H 617 2.59 -69.70 -18.72
C PHE H 617 3.03 -69.01 -20.01
N GLY H 618 3.22 -67.70 -19.95
CA GLY H 618 3.54 -66.91 -21.14
C GLY H 618 4.46 -67.63 -22.09
N LYS H 619 5.53 -68.21 -21.55
CA LYS H 619 6.47 -69.00 -22.34
C LYS H 619 6.99 -70.14 -21.45
N ASN H 620 8.27 -70.06 -21.08
CA ASN H 620 8.79 -70.91 -20.02
C ASN H 620 9.08 -70.01 -18.82
N CYS H 621 9.97 -70.45 -17.95
CA CYS H 621 10.43 -69.62 -16.84
C CYS H 621 11.95 -69.62 -16.79
N SER H 622 12.51 -68.92 -15.82
CA SER H 622 13.94 -68.65 -15.79
C SER H 622 14.27 -67.76 -16.97
N ALA H 623 13.23 -67.25 -17.62
CA ALA H 623 13.36 -66.35 -18.77
C ALA H 623 12.37 -65.21 -18.61
N ALA H 624 11.12 -65.56 -18.30
CA ALA H 624 10.10 -64.57 -17.99
C ALA H 624 9.99 -64.41 -16.48
N CYS H 625 11.02 -64.84 -15.76
CA CYS H 625 11.04 -64.76 -14.30
C CYS H 625 12.45 -64.59 -13.76
N PRO H 626 13.11 -63.46 -14.09
CA PRO H 626 14.47 -63.15 -13.62
C PRO H 626 14.59 -62.89 -12.11
N GLY H 627 13.57 -63.24 -11.33
CA GLY H 627 13.72 -63.33 -9.88
C GLY H 627 14.41 -64.64 -9.59
N LEU H 628 15.63 -64.77 -10.10
CA LEU H 628 16.31 -66.05 -10.27
C LEU H 628 16.41 -66.90 -9.00
N GLN H 629 16.51 -66.26 -7.85
CA GLN H 629 16.76 -66.99 -6.61
C GLN H 629 15.48 -67.40 -5.90
N LEU H 630 15.50 -68.58 -5.30
CA LEU H 630 14.36 -69.11 -4.56
C LEU H 630 14.85 -69.86 -3.32
N SER H 631 15.60 -69.15 -2.48
CA SER H 631 16.22 -69.76 -1.30
C SER H 631 15.29 -70.73 -0.57
N ASN H 632 15.88 -71.83 -0.10
CA ASN H 632 15.17 -72.77 0.75
C ASN H 632 15.29 -72.34 2.21
N ASN H 633 14.98 -71.08 2.48
CA ASN H 633 15.10 -70.52 3.82
C ASN H 633 14.01 -69.50 4.12
N PRO H 634 13.75 -69.26 5.42
CA PRO H 634 12.77 -68.28 5.90
C PRO H 634 13.17 -66.82 5.71
N VAL H 635 13.36 -66.41 4.46
CA VAL H 635 13.55 -65.01 4.15
C VAL H 635 12.25 -64.26 4.40
N LYS H 636 12.32 -62.95 4.54
CA LYS H 636 11.14 -62.15 4.86
C LYS H 636 11.30 -60.69 4.45
N GLY H 637 10.30 -59.89 4.79
CA GLY H 637 10.34 -58.46 4.53
C GLY H 637 9.09 -57.99 3.83
N ARG H 638 8.87 -58.48 2.62
CA ARG H 638 7.69 -58.12 1.84
C ARG H 638 6.67 -59.26 1.88
N THR H 639 6.18 -59.53 3.08
CA THR H 639 5.21 -60.60 3.28
C THR H 639 4.05 -60.51 2.29
N CYS H 640 4.13 -61.31 1.22
CA CYS H 640 3.07 -61.34 0.22
C CYS H 640 2.24 -62.60 0.38
N LYS H 641 1.00 -62.56 -0.11
CA LYS H 641 0.10 -63.71 -0.02
C LYS H 641 -1.09 -63.54 -0.97
N GLU H 642 -0.92 -63.97 -2.22
CA GLU H 642 -1.99 -63.89 -3.21
C GLU H 642 -2.37 -65.28 -3.68
N ARG H 643 -3.14 -65.37 -4.76
CA ARG H 643 -3.62 -66.66 -5.27
C ARG H 643 -2.76 -67.20 -6.40
N ASP H 644 -3.11 -68.40 -6.86
CA ASP H 644 -2.37 -69.09 -7.91
C ASP H 644 -3.10 -68.98 -9.25
N SER H 645 -2.81 -69.90 -10.16
CA SER H 645 -3.43 -69.91 -11.48
C SER H 645 -4.86 -70.41 -11.43
N GLU H 646 -5.17 -71.23 -10.43
CA GLU H 646 -6.50 -71.81 -10.32
C GLU H 646 -6.95 -72.00 -8.87
N GLY H 647 -7.39 -70.92 -8.24
CA GLY H 647 -8.05 -70.98 -6.95
C GLY H 647 -7.16 -70.79 -5.73
N CYS H 648 -6.29 -71.77 -5.49
CA CYS H 648 -5.54 -71.85 -4.23
C CYS H 648 -4.71 -70.61 -3.89
N TRP H 649 -4.80 -70.19 -2.63
CA TRP H 649 -4.03 -69.07 -2.11
C TRP H 649 -2.59 -69.46 -1.83
N VAL H 650 -1.68 -69.08 -2.72
CA VAL H 650 -0.26 -69.36 -2.52
C VAL H 650 0.43 -68.27 -1.72
N ALA H 651 0.96 -68.65 -0.56
CA ALA H 651 1.68 -67.71 0.31
C ALA H 651 3.15 -67.69 -0.06
N TYR H 652 3.81 -66.56 0.17
CA TYR H 652 5.24 -66.42 -0.09
C TYR H 652 5.72 -65.02 0.27
N THR H 653 6.84 -64.95 0.97
CA THR H 653 7.50 -63.67 1.23
C THR H 653 8.26 -63.26 -0.02
N LEU H 654 8.92 -62.11 0.03
CA LEU H 654 9.58 -61.58 -1.15
C LEU H 654 10.66 -60.55 -0.78
N GLU H 655 11.87 -61.04 -0.53
CA GLU H 655 12.97 -60.15 -0.16
C GLU H 655 13.75 -59.67 -1.38
N GLN H 656 13.46 -58.45 -1.82
CA GLN H 656 14.18 -57.86 -2.94
C GLN H 656 15.65 -57.64 -2.58
N GLN H 657 16.49 -57.47 -3.58
CA GLN H 657 17.90 -57.22 -3.34
C GLN H 657 18.57 -56.42 -4.44
N ASP H 658 19.12 -55.26 -4.07
CA ASP H 658 19.94 -54.45 -4.97
C ASP H 658 19.21 -53.90 -6.19
N GLY H 659 19.62 -54.35 -7.38
CA GLY H 659 19.28 -53.65 -8.60
C GLY H 659 18.02 -54.07 -9.33
N MET H 660 17.24 -53.08 -9.74
CA MET H 660 16.08 -53.30 -10.60
C MET H 660 15.17 -54.41 -10.09
N ASP H 661 14.74 -55.28 -10.99
CA ASP H 661 13.78 -56.33 -10.66
C ASP H 661 14.49 -57.63 -10.26
N ARG H 662 15.39 -57.52 -9.29
CA ARG H 662 16.09 -58.69 -8.75
C ARG H 662 15.46 -59.06 -7.42
N TYR H 663 15.15 -60.34 -7.23
CA TYR H 663 14.42 -60.76 -6.04
C TYR H 663 14.90 -62.09 -5.46
N LEU H 664 14.29 -62.47 -4.35
CA LEU H 664 14.67 -63.66 -3.61
C LEU H 664 13.46 -64.16 -2.83
N ILE H 665 12.92 -65.32 -3.23
CA ILE H 665 11.64 -65.78 -2.72
C ILE H 665 11.71 -67.11 -1.99
N TYR H 666 10.75 -67.31 -1.10
CA TYR H 666 10.49 -68.62 -0.51
C TYR H 666 8.98 -68.89 -0.57
N VAL H 667 8.56 -69.68 -1.55
CA VAL H 667 7.14 -69.98 -1.72
C VAL H 667 6.72 -71.06 -0.74
N ASP H 668 5.86 -70.69 0.21
CA ASP H 668 5.38 -71.63 1.21
C ASP H 668 4.99 -72.95 0.57
N GLU H 669 5.35 -74.05 1.23
CA GLU H 669 4.96 -75.38 0.79
C GLU H 669 3.54 -75.65 1.25
N SER H 670 2.58 -75.00 0.61
CA SER H 670 1.18 -75.09 1.02
C SER H 670 0.26 -74.42 -0.01
N ARG H 671 -1.02 -74.75 0.05
CA ARG H 671 -2.04 -74.14 -0.81
C ARG H 671 -3.40 -74.14 -0.10
N GLU H 672 -4.42 -73.57 -0.73
CA GLU H 672 -5.73 -73.47 -0.10
C GLU H 672 -6.85 -73.36 -1.13
N CYS H 673 -7.38 -74.51 -1.56
CA CYS H 673 -8.46 -74.55 -2.53
C CYS H 673 -9.81 -74.70 -1.85
C1 NAG I . -51.77 -61.77 23.99
C2 NAG I . -52.58 -62.56 22.97
C3 NAG I . -54.04 -62.15 22.91
C4 NAG I . -54.66 -61.90 24.28
C5 NAG I . -53.70 -61.12 25.17
C6 NAG I . -54.22 -60.93 26.59
C7 NAG I . -51.36 -63.43 21.03
C8 NAG I . -51.51 -63.52 19.54
N2 NAG I . -51.98 -62.42 21.64
O3 NAG I . -54.77 -63.15 22.21
O4 NAG I . -55.85 -61.15 24.13
O5 NAG I . -52.44 -61.75 25.23
O6 NAG I . -53.20 -60.46 27.44
O7 NAG I . -50.69 -64.26 21.64
C1 NAG I . -57.08 -61.82 24.55
C2 NAG I . -57.41 -63.10 23.75
C3 NAG I . -58.40 -64.03 24.46
C4 NAG I . -58.20 -64.08 25.98
C5 NAG I . -58.13 -62.67 26.52
C6 NAG I . -58.01 -62.66 28.05
C7 NAG I . -57.61 -63.43 21.32
C8 NAG I . -58.19 -62.93 20.03
N2 NAG I . -57.94 -62.75 22.43
O3 NAG I . -58.32 -65.34 23.93
O4 NAG I . -59.27 -64.76 26.58
O5 NAG I . -57.04 -61.99 25.95
O6 NAG I . -56.98 -63.52 28.51
O7 NAG I . -56.86 -64.40 21.31
C1 NAG J . -25.74 -45.51 40.23
C2 NAG J . -24.43 -45.57 41.02
C3 NAG J . -24.52 -46.28 42.39
C4 NAG J . -25.81 -45.90 43.11
C5 NAG J . -26.98 -46.17 42.17
C6 NAG J . -28.34 -45.96 42.84
C7 NAG J . -22.27 -45.69 39.86
C8 NAG J . -21.30 -46.57 39.15
N2 NAG J . -23.43 -46.27 40.22
O3 NAG J . -23.42 -45.89 43.18
O4 NAG J . -25.97 -46.57 44.36
O5 NAG J . -26.88 -45.32 41.05
O6 NAG J . -28.87 -44.67 42.56
O7 NAG J . -22.01 -44.52 40.10
C1 NAG J . -25.97 -48.01 44.29
C2 NAG J . -24.66 -48.55 44.90
C3 NAG J . -24.76 -49.83 45.74
C4 NAG J . -26.06 -49.93 46.52
C5 NAG J . -27.26 -49.66 45.62
C6 NAG J . -28.53 -49.58 46.48
C7 NAG J . -22.41 -48.32 44.00
C8 NAG J . -21.50 -48.49 42.82
N2 NAG J . -23.66 -48.75 43.87
O3 NAG J . -23.69 -49.85 46.66
O4 NAG J . -26.24 -51.17 47.19
O5 NAG J . -27.17 -48.44 44.91
O6 NAG J . -29.02 -50.85 46.81
O7 NAG J . -21.98 -47.82 45.05
C1 MAN J . -25.77 -52.36 46.50
C2 MAN J . -24.31 -52.68 46.81
C3 MAN J . -23.85 -53.80 45.89
C4 MAN J . -24.74 -55.01 46.15
C5 MAN J . -26.20 -54.62 45.95
C6 MAN J . -27.11 -55.83 46.20
O2 MAN J . -24.15 -53.06 48.16
O3 MAN J . -22.50 -54.12 46.15
O4 MAN J . -24.38 -56.06 45.28
O5 MAN J . -26.54 -53.52 46.78
O6 MAN J . -27.88 -55.73 47.38
C1 NAG K . -47.84 -4.71 -6.59
C2 NAG K . -48.48 -5.69 -7.59
C3 NAG K . -49.99 -5.49 -7.89
C4 NAG K . -50.78 -4.77 -6.80
C5 NAG K . -49.94 -3.64 -6.23
C6 NAG K . -50.68 -2.83 -5.16
C7 NAG K . -47.40 -6.72 -9.55
C8 NAG K . -48.39 -7.32 -10.50
N2 NAG K . -47.79 -5.64 -8.86
O3 NAG K . -50.58 -6.74 -8.16
O4 NAG K . -51.95 -4.20 -7.38
O5 NAG K . -48.77 -4.18 -5.67
O6 NAG K . -50.65 -3.48 -3.91
O7 NAG K . -46.28 -7.20 -9.45
C1 NAG K . -53.22 -4.67 -6.87
C2 NAG K . -53.44 -6.20 -6.89
C3 NAG K . -54.71 -6.62 -6.13
C4 NAG K . -54.79 -5.91 -4.78
C5 NAG K . -54.67 -4.40 -5.02
C6 NAG K . -54.84 -3.60 -3.72
C7 NAG K . -54.51 -7.20 -8.86
C8 NAG K . -55.31 -6.22 -9.65
N2 NAG K . -53.42 -6.71 -8.26
O3 NAG K . -54.72 -8.01 -5.93
O4 NAG K . -55.97 -6.18 -4.03
O5 NAG K . -53.43 -4.12 -5.59
O6 NAG K . -54.63 -2.23 -3.98
O7 NAG K . -54.85 -8.38 -8.79
C1 MAN K . -57.21 -6.08 -4.75
C2 MAN K . -57.64 -7.48 -5.24
C3 MAN K . -59.13 -7.58 -5.58
C4 MAN K . -60.00 -6.85 -4.56
C5 MAN K . -59.49 -5.44 -4.35
C6 MAN K . -60.35 -4.74 -3.30
O2 MAN K . -57.32 -8.45 -4.26
O3 MAN K . -59.52 -8.94 -5.64
O4 MAN K . -61.32 -6.81 -5.04
O5 MAN K . -58.17 -5.52 -3.87
O6 MAN K . -59.94 -3.40 -3.15
C1 NAG L . -18.88 11.31 -0.90
C2 NAG L . -18.89 9.83 -0.51
C3 NAG L . -18.77 8.82 -1.66
C4 NAG L . -19.38 9.27 -2.98
C5 NAG L . -19.47 10.79 -3.21
C6 NAG L . -20.67 11.12 -4.10
C7 NAG L . -17.78 8.70 1.36
C8 NAG L . -16.82 7.55 1.19
N2 NAG L . -17.76 9.61 0.38
O3 NAG L . -19.39 7.61 -1.28
O4 NAG L . -18.52 8.80 -4.00
O5 NAG L . -19.59 11.63 -2.08
O6 NAG L . -21.87 10.88 -3.40
O7 NAG L . -18.50 8.77 2.35
C1 NAG L . -19.07 7.91 -5.00
C2 NAG L . -19.47 6.52 -4.47
C3 NAG L . -20.23 5.68 -5.50
C4 NAG L . -21.27 6.51 -6.23
C5 NAG L . -20.62 7.77 -6.79
C6 NAG L . -21.63 8.57 -7.60
C7 NAG L . -17.77 4.79 -4.61
C8 NAG L . -16.71 5.10 -5.63
N2 NAG L . -18.30 5.83 -3.97
O3 NAG L . -20.85 4.57 -4.88
O4 NAG L . -21.96 5.83 -7.26
O5 NAG L . -20.11 8.54 -5.73
O6 NAG L . -21.02 9.75 -8.10
O7 NAG L . -18.09 3.62 -4.39
C1 MAN L . -21.11 5.13 -8.22
C2 MAN L . -20.98 3.66 -7.81
C3 MAN L . -20.65 2.71 -8.97
C4 MAN L . -21.39 3.09 -10.25
C5 MAN L . -21.18 4.56 -10.56
C6 MAN L . -21.95 4.92 -11.84
O2 MAN L . -22.18 3.23 -7.19
O3 MAN L . -20.96 1.38 -8.63
O4 MAN L . -20.92 2.30 -11.33
O5 MAN L . -21.70 5.32 -9.49
O6 MAN L . -21.79 6.29 -12.13
C1 NAG M . 38.98 78.67 -12.43
C2 NAG M . 40.50 78.84 -12.38
C3 NAG M . 41.00 79.37 -11.03
C4 NAG M . 40.17 80.52 -10.48
C5 NAG M . 38.67 80.21 -10.64
C6 NAG M . 37.82 81.38 -10.18
C7 NAG M . 41.83 77.37 -13.80
C8 NAG M . 42.98 76.40 -13.71
N2 NAG M . 41.13 77.57 -12.67
O3 NAG M . 42.34 79.77 -11.16
O4 NAG M . 40.44 80.71 -9.10
O5 NAG M . 38.35 79.85 -11.97
O6 NAG M . 36.46 81.13 -10.44
O7 NAG M . 41.58 77.94 -14.86
C1 NAG M . 41.07 81.96 -8.70
C2 NAG M . 42.46 82.19 -9.31
C3 NAG M . 42.93 83.66 -9.24
C4 NAG M . 41.81 84.65 -9.53
C5 NAG M . 40.61 84.33 -8.64
C6 NAG M . 39.48 85.33 -8.83
C7 NAG M . 44.44 80.74 -9.35
C8 NAG M . 45.40 79.90 -8.57
N2 NAG M . 43.46 81.35 -8.67
O3 NAG M . 43.99 83.90 -10.13
O4 NAG M . 42.25 85.96 -9.25
O5 NAG M . 40.15 83.03 -8.92
O6 NAG M . 39.12 85.49 -10.19
O7 NAG M . 44.58 80.86 -10.57
C1 NAG N . 6.78 68.37 -20.15
C2 NAG N . 5.64 68.23 -21.15
C3 NAG N . 5.05 69.55 -21.66
C4 NAG N . 4.94 70.58 -20.54
C5 NAG N . 6.31 70.71 -19.86
C6 NAG N . 6.37 71.80 -18.79
C7 NAG N . 5.49 66.35 -22.70
C8 NAG N . 6.00 65.72 -23.97
N2 NAG N . 6.10 67.47 -22.30
O3 NAG N . 3.75 69.31 -22.17
O4 NAG N . 4.43 71.84 -20.98
O5 NAG N . 6.63 69.47 -19.27
O6 NAG N . 6.34 71.29 -17.47
O7 NAG N . 4.55 65.85 -22.10
C1 NAG N . 5.23 72.51 -22.00
C2 NAG N . 4.50 72.50 -23.37
C3 NAG N . 4.68 73.76 -24.22
C4 NAG N . 4.64 75.02 -23.37
C5 NAG N . 5.72 74.92 -22.29
C6 NAG N . 5.69 76.17 -21.42
C7 NAG N . 3.94 70.55 -24.72
C8 NAG N . 4.42 69.25 -25.34
N2 NAG N . 4.86 71.33 -24.16
O3 NAG N . 3.69 73.85 -25.22
O4 NAG N . 4.90 76.14 -24.17
O5 NAG N . 5.52 73.79 -21.46
O6 NAG N . 6.32 77.25 -22.08
O7 NAG N . 2.74 70.82 -24.76
C1 NAG O . 28.82 27.74 27.26
C2 NAG O . 30.32 27.94 27.04
C3 NAG O . 31.15 28.26 28.30
C4 NAG O . 30.42 29.16 29.29
C5 NAG O . 29.03 28.61 29.52
C6 NAG O . 28.23 29.50 30.47
C7 NAG O . 31.71 26.72 25.43
C8 NAG O . 33.17 26.48 25.72
N2 NAG O . 30.87 26.72 26.46
O3 NAG O . 32.38 28.84 27.95
O4 NAG O . 31.12 29.19 30.53
O5 NAG O . 28.31 28.56 28.31
O6 NAG O . 28.05 30.78 29.89
O7 NAG O . 31.33 26.87 24.27
C1 NAG O . 31.49 30.51 31.01
C2 NAG O . 32.52 31.27 30.17
C3 NAG O . 32.88 32.62 30.82
C4 NAG O . 31.58 33.34 31.19
C5 NAG O . 30.77 32.44 32.11
C6 NAG O . 29.54 33.13 32.68
C7 NAG O . 34.88 30.80 30.62
C8 NAG O . 35.20 30.16 31.94
N2 NAG O . 33.73 30.47 30.04
O3 NAG O . 33.60 33.41 29.90
O4 NAG O . 31.74 34.62 31.80
O5 NAG O . 30.36 31.31 31.35
O6 NAG O . 28.88 32.25 33.54
O7 NAG O . 35.69 31.58 30.11
C1 MAN O . 32.75 34.70 32.82
C2 MAN O . 34.08 35.19 32.20
C3 MAN O . 35.03 35.83 33.21
C4 MAN O . 34.31 36.67 34.27
C5 MAN O . 33.14 35.91 34.86
C6 MAN O . 32.39 36.79 35.85
O2 MAN O . 33.82 36.09 31.16
O3 MAN O . 35.97 36.66 32.55
O4 MAN O . 35.21 37.01 35.30
O5 MAN O . 32.26 35.58 33.81
O6 MAN O . 31.30 36.10 36.41
C1 NAG P . -25.02 48.69 -70.71
C2 NAG P . -26.48 48.98 -71.09
C3 NAG P . -27.01 48.05 -72.18
C4 NAG P . -26.01 47.81 -73.32
C5 NAG P . -24.61 47.56 -72.76
C6 NAG P . -23.58 47.46 -73.89
C7 NAG P . -27.94 49.93 -69.38
C8 NAG P . -29.20 49.65 -68.61
N2 NAG P . -27.32 48.88 -69.90
O3 NAG P . -28.20 48.58 -72.71
O4 NAG P . -26.39 46.67 -74.08
O5 NAG P . -24.21 48.58 -71.85
O6 NAG P . -22.27 47.45 -73.39
O7 NAG P . -27.54 51.09 -69.49
C1 NAG P . -26.80 46.88 -75.46
C2 NAG P . -28.09 47.73 -75.63
C3 NAG P . -28.26 48.32 -77.03
C4 NAG P . -26.94 48.82 -77.61
C5 NAG P . -25.92 47.70 -77.54
C6 NAG P . -24.61 48.10 -78.22
C7 NAG P . -30.31 47.48 -74.66
C8 NAG P . -31.48 46.59 -74.39
N2 NAG P . -29.27 46.95 -75.30
O3 NAG P . -29.18 49.39 -77.03
O4 NAG P . -27.13 49.20 -78.96
O5 NAG P . -25.68 47.37 -76.20
O6 NAG P . -24.16 49.38 -77.80
O7 NAG P . -30.35 48.65 -74.30
C1 NAG Q . 5.38 47.04 -53.85
C2 NAG Q . 6.48 47.16 -52.80
C3 NAG Q . 7.69 47.96 -53.24
C4 NAG Q . 8.06 47.72 -54.70
C5 NAG Q . 6.82 47.87 -55.57
C6 NAG Q . 7.13 47.73 -57.06
C7 NAG Q . 5.76 47.10 -50.47
C8 NAG Q . 4.53 47.44 -49.68
N2 NAG Q . 5.94 47.77 -51.61
O3 NAG Q . 8.79 47.62 -52.42
O4 NAG Q . 9.11 48.60 -55.07
O5 NAG Q . 5.82 46.92 -55.19
O6 NAG Q . 7.11 46.38 -57.49
O7 NAG Q . 6.54 46.23 -50.08
C1 NAG Q . 8.85 50.01 -54.85
C2 NAG Q . 9.52 50.57 -53.58
C3 NAG Q . 9.83 52.08 -53.59
C4 NAG Q . 10.01 52.74 -54.96
C5 NAG Q . 9.26 52.04 -56.10
C6 NAG Q . 9.87 52.43 -57.43
C7 NAG Q . 9.23 49.94 -51.23
C8 NAG Q . 8.25 49.45 -50.20
N2 NAG Q . 8.70 50.34 -52.39
O3 NAG Q . 10.97 52.35 -52.80
O4 NAG Q . 9.52 54.07 -54.88
O5 NAG Q . 9.34 50.64 -56.02
O6 NAG Q . 9.34 53.67 -57.89
O7 NAG Q . 10.43 49.96 -50.99
C1 MAN Q . 10.51 55.09 -55.16
C2 MAN Q . 11.52 55.40 -54.05
C3 MAN Q . 12.14 56.75 -54.38
C4 MAN Q . 12.74 56.68 -55.79
C5 MAN Q . 11.68 56.24 -56.79
C6 MAN Q . 12.19 56.21 -58.23
O2 MAN Q . 12.52 54.42 -53.95
O3 MAN Q . 13.14 57.09 -53.44
O4 MAN Q . 13.26 57.95 -56.16
O5 MAN Q . 11.18 54.97 -56.40
O6 MAN Q . 12.32 54.91 -58.75
C1 NAG R . -28.11 -8.47 -39.22
C2 NAG R . -29.42 -7.74 -39.55
C3 NAG R . -30.34 -8.46 -40.55
C4 NAG R . -29.63 -9.35 -41.56
C5 NAG R . -28.49 -10.09 -40.89
C6 NAG R . -27.74 -11.02 -41.85
C7 NAG R . -30.70 -6.29 -38.03
C8 NAG R . -32.10 -5.97 -38.50
N2 NAG R . -30.19 -7.49 -38.34
O3 NAG R . -31.12 -7.50 -41.22
O4 NAG R . -30.57 -10.28 -42.07
O5 NAG R . -27.59 -9.19 -40.31
O6 NAG R . -27.02 -10.27 -42.80
O7 NAG R . -30.09 -5.46 -37.36
C1 NAG R . -30.72 -10.30 -43.52
C2 NAG R . -31.23 -9.01 -44.17
C3 NAG R . -31.41 -9.19 -45.68
C4 NAG R . -30.17 -9.87 -46.26
C5 NAG R . -29.92 -11.16 -45.51
C6 NAG R . -28.80 -12.00 -46.12
C7 NAG R . -33.65 -8.67 -44.24
C8 NAG R . -34.47 -9.92 -44.08
N2 NAG R . -32.50 -8.63 -43.56
O3 NAG R . -31.58 -7.93 -46.29
O4 NAG R . -30.22 -10.09 -47.66
O5 NAG R . -29.59 -10.84 -44.18
O6 NAG R . -28.62 -13.15 -45.33
O7 NAG R . -34.06 -7.76 -44.95
C1 MAN R . -31.45 -10.62 -48.17
C2 MAN R . -32.38 -9.49 -48.64
C3 MAN R . -33.41 -9.91 -49.70
C4 MAN R . -32.82 -10.87 -50.72
C5 MAN R . -32.13 -12.02 -50.01
C6 MAN R . -31.51 -12.99 -51.03
O2 MAN R . -31.61 -8.41 -49.15
O3 MAN R . -33.92 -8.77 -50.37
O4 MAN R . -33.84 -11.35 -51.56
O5 MAN R . -31.09 -11.50 -49.22
O6 MAN R . -30.83 -14.03 -50.37
C1 NAG S . 35.75 -55.06 51.51
C2 NAG S . 36.56 -54.64 52.74
C3 NAG S . 38.07 -54.63 52.52
C4 NAG S . 38.56 -55.85 51.73
C5 NAG S . 37.65 -56.08 50.53
C6 NAG S . 38.07 -57.32 49.75
C7 NAG S . 35.43 -53.09 54.26
C8 NAG S . 35.73 -51.82 55.01
N2 NAG S . 36.13 -53.31 53.15
O3 NAG S . 38.73 -54.55 53.77
O4 NAG S . 39.87 -55.62 51.26
O5 NAG S . 36.30 -56.22 50.93
O6 NAG S . 37.17 -57.52 48.69
O7 NAG S . 34.56 -53.86 54.67
C1 NAG S . 40.90 -56.50 51.79
C2 NAG S . 41.14 -56.35 53.30
C3 NAG S . 41.92 -57.53 53.91
C4 NAG S . 41.49 -58.87 53.35
C5 NAG S . 41.55 -58.81 51.84
C6 NAG S . 41.24 -60.17 51.21
C7 NAG S . 41.57 -54.39 54.69
C8 NAG S . 42.42 -53.16 54.92
N2 NAG S . 41.83 -55.11 53.60
O3 NAG S . 41.77 -57.56 55.32
O4 NAG S . 42.37 -59.88 53.80
O5 NAG S . 40.64 -57.83 51.37
O6 NAG S . 40.08 -60.77 51.74
O7 NAG S . 40.68 -54.65 55.49
C1 NAG T . 10.88 -58.29 27.41
C2 NAG T . 9.48 -58.59 26.90
C3 NAG T . 9.10 -60.08 26.89
C4 NAG T . 10.28 -60.97 26.49
C5 NAG T . 11.49 -60.59 27.34
C6 NAG T . 12.69 -61.49 27.08
C7 NAG T . 7.82 -56.84 27.26
C8 NAG T . 6.83 -56.24 28.22
N2 NAG T . 8.53 -57.88 27.72
O3 NAG T . 8.04 -60.28 25.98
O4 NAG T . 9.98 -62.36 26.54
O5 NAG T . 11.85 -59.25 27.07
O6 NAG T . 13.57 -60.96 26.11
O7 NAG T . 7.96 -56.37 26.13
C1 NAG T . 9.54 -62.88 27.82
C2 NAG T . 8.03 -63.18 27.78
C3 NAG T . 7.56 -64.42 28.54
C4 NAG T . 8.57 -65.56 28.51
C5 NAG T . 9.95 -65.07 28.90
C6 NAG T . 10.95 -66.20 28.68
C7 NAG T . 6.17 -61.60 27.63
C8 NAG T . 5.55 -60.34 28.15
N2 NAG T . 7.26 -62.03 28.25
O3 NAG T . 6.36 -64.89 27.98
O4 NAG T . 8.21 -66.67 29.32
O5 NAG T . 10.39 -63.98 28.12
O6 NAG T . 10.90 -67.13 29.74
O7 NAG T . 5.66 -62.18 26.66
C1 MAN T . 7.60 -66.39 30.62
C2 MAN T . 6.08 -66.33 30.53
C3 MAN T . 5.50 -65.90 31.87
C4 MAN T . 5.98 -66.89 32.93
C5 MAN T . 7.50 -66.97 32.91
C6 MAN T . 8.02 -67.97 33.94
O2 MAN T . 5.55 -67.58 30.14
O3 MAN T . 4.09 -65.90 31.82
O4 MAN T . 5.52 -66.46 34.20
O5 MAN T . 7.96 -67.32 31.62
O6 MAN T . 8.72 -69.03 33.32
C1 MAN T . 7.82 -69.95 32.65
C2 MAN T . 7.39 -71.06 33.59
C3 MAN T . 8.58 -71.97 33.93
C4 MAN T . 9.26 -72.41 32.65
C5 MAN T . 9.59 -71.21 31.77
C6 MAN T . 10.24 -71.65 30.47
O2 MAN T . 6.37 -71.83 32.98
O3 MAN T . 8.13 -73.10 34.65
O4 MAN T . 10.46 -73.10 32.97
O5 MAN T . 8.40 -70.50 31.49
O6 MAN T . 9.32 -72.31 29.63
C1 NAG U . 45.06 -3.53 12.31
C2 NAG U . 45.67 -3.26 13.70
C3 NAG U . 47.20 -3.23 13.78
C4 NAG U . 47.90 -4.17 12.81
C5 NAG U . 47.28 -4.07 11.43
C6 NAG U . 47.83 -5.13 10.48
C7 NAG U . 44.87 -1.74 15.44
C8 NAG U . 45.90 -1.03 16.28
N2 NAG U . 45.20 -1.97 14.16
O3 NAG U . 47.60 -3.53 15.10
O4 NAG U . 49.26 -3.79 12.74
O5 NAG U . 45.88 -4.27 11.43
O6 NAG U . 47.37 -6.42 10.87
O7 NAG U . 43.79 -2.07 15.91
C1 NAG U . 50.21 -4.83 13.12
C2 NAG U . 50.24 -5.21 14.61
C3 NAG U . 51.35 -6.24 14.87
C4 NAG U . 51.25 -7.36 13.84
C5 NAG U . 51.28 -6.77 12.43
C6 NAG U . 51.31 -7.83 11.34
C7 NAG U . 51.56 -3.78 16.10
C8 NAG U . 52.62 -2.99 15.39
N2 NAG U . 50.43 -4.03 15.43
O3 NAG U . 51.21 -6.77 16.17
O4 NAG U . 52.20 -8.41 13.97
O5 NAG U . 50.14 -5.96 12.27
O6 NAG U . 51.27 -7.22 10.08
O7 NAG U . 51.76 -4.18 17.25
C1 MAN U . 53.56 -7.97 14.15
C2 MAN U . 53.92 -7.88 15.64
C3 MAN U . 55.41 -7.96 15.93
C4 MAN U . 56.14 -8.97 15.04
C5 MAN U . 55.77 -8.73 13.59
C6 MAN U . 56.49 -9.75 12.70
O2 MAN U . 53.24 -8.92 16.35
O3 MAN U . 55.65 -8.29 17.29
O4 MAN U . 57.53 -8.84 15.22
O5 MAN U . 54.38 -8.89 13.45
O6 MAN U . 56.20 -9.53 11.34
C1 NAG V . -53.79 3.59 -17.72
C2 NAG V . -53.62 2.14 -17.28
C3 NAG V . -54.66 1.72 -16.25
C4 NAG V . -54.82 2.79 -15.18
C5 NAG V . -55.10 4.14 -15.81
C6 NAG V . -55.31 5.22 -14.75
C7 NAG V . -52.60 0.61 -18.91
C8 NAG V . -52.77 -0.13 -20.20
N2 NAG V . -53.67 1.25 -18.43
O3 NAG V . -54.28 0.51 -15.64
O4 NAG V . -55.90 2.44 -14.32
O5 NAG V . -54.04 4.50 -16.67
O6 NAG V . -54.09 5.56 -14.14
O7 NAG V . -51.51 0.60 -18.34
CA CA W . -24.02 -23.38 17.40
CA CA X . -30.88 -20.02 7.69
CA CA Y . -34.21 -32.39 -0.54
C1 NAG Z . -66.94 0.50 44.74
C2 NAG Z . -67.57 1.87 44.47
C3 NAG Z . -66.67 3.03 44.91
C4 NAG Z . -66.17 2.79 46.33
C5 NAG Z . -65.52 1.42 46.44
C6 NAG Z . -65.00 1.18 47.86
C7 NAG Z . -69.13 2.00 42.60
C8 NAG Z . -69.29 1.85 41.12
N2 NAG Z . -67.88 1.99 43.05
O3 NAG Z . -67.37 4.24 44.85
O4 NAG Z . -65.24 3.79 46.68
O5 NAG Z . -66.41 0.39 46.06
O6 NAG Z . -66.04 1.28 48.80
O7 NAG Z . -70.12 2.10 43.32
C1 NAG AA . -40.14 34.83 9.73
C2 NAG AA . -38.70 34.74 9.22
C3 NAG AA . -37.99 36.09 9.27
C4 NAG AA . -38.85 37.15 8.59
C5 NAG AA . -40.28 37.12 9.12
C6 NAG AA . -41.18 38.13 8.42
C7 NAG AA . -37.55 32.61 9.30
C8 NAG AA . -36.95 31.51 10.12
N2 NAG AA . -37.96 33.72 9.94
O3 NAG AA . -36.75 35.99 8.62
O4 NAG AA . -38.27 38.42 8.82
O5 NAG AA . -40.85 35.84 9.04
O6 NAG AA . -41.18 37.93 7.02
O7 NAG AA . -37.66 32.50 8.09
CA CA BA . -50.96 -46.76 56.00
C1 NAG CA . 34.99 19.33 37.86
C2 NAG CA . 35.41 20.25 36.70
C3 NAG CA . 35.39 21.72 37.08
C4 NAG CA . 34.13 22.08 37.86
C5 NAG CA . 33.95 21.11 39.02
C6 NAG CA . 32.74 21.46 39.88
C7 NAG CA . 36.91 19.22 35.06
C8 NAG CA . 38.31 18.77 34.75
N2 NAG CA . 36.74 19.87 36.21
O3 NAG CA . 35.48 22.53 35.92
O4 NAG CA . 34.23 23.40 38.35
O5 NAG CA . 33.85 19.78 38.55
O6 NAG CA . 31.55 20.99 39.27
O7 NAG CA . 36.00 18.97 34.28
C1 NAG DA . 3.48 11.39 17.58
C2 NAG DA . 4.34 10.21 18.06
C3 NAG DA . 5.78 10.32 17.57
C4 NAG DA . 5.77 10.43 16.06
C5 NAG DA . 4.90 11.59 15.60
C6 NAG DA . 4.66 11.59 14.09
C7 NAG DA . 4.02 8.90 20.06
C8 NAG DA . 5.11 8.26 20.89
N2 NAG DA . 4.30 10.08 19.51
O3 NAG DA . 6.51 9.17 17.94
O4 NAG DA . 7.11 10.60 15.63
O5 NAG DA . 3.60 11.59 16.19
O6 NAG DA . 5.85 11.49 13.31
O7 NAG DA . 2.93 8.33 19.94
CA CA EA . 10.65 41.02 -4.31
CA CA FA . 19.03 36.31 3.45
CA CA GA . 32.90 38.18 -2.56
C1 NAG HA . -0.45 71.71 41.37
C2 NAG HA . -0.67 71.14 42.76
C3 NAG HA . -2.01 70.43 42.91
C4 NAG HA . -3.12 71.29 42.34
C5 NAG HA . -2.79 71.72 40.92
C6 NAG HA . -3.93 72.55 40.32
C7 NAG HA . 1.31 70.48 44.02
C8 NAG HA . 2.52 69.58 44.07
N2 NAG HA . 0.42 70.21 43.08
O3 NAG HA . -2.27 70.16 44.27
O4 NAG HA . -4.34 70.56 42.34
O5 NAG HA . -1.57 72.44 40.91
O6 NAG HA . -4.16 73.72 41.08
O7 NAG HA . 1.20 71.41 44.82
C1 NAG IA . -6.65 15.07 48.29
C2 NAG IA . -7.53 16.30 48.49
C3 NAG IA . -8.98 15.86 48.66
C4 NAG IA . -9.42 14.97 47.50
C5 NAG IA . -8.42 13.84 47.24
C6 NAG IA . -8.80 13.03 46.00
C7 NAG IA . -6.63 18.34 49.49
C8 NAG IA . -5.85 18.93 50.63
N2 NAG IA . -7.11 17.09 49.64
O3 NAG IA . -9.79 17.02 48.69
O4 NAG IA . -10.68 14.42 47.80
O5 NAG IA . -7.09 14.33 47.15
O6 NAG IA . -8.97 13.85 44.86
O7 NAG IA . -6.78 18.98 48.46
CA CA JA . 8.20 93.48 -4.08
C1 NAG KA . -36.94 -20.22 -36.66
C2 NAG KA . -37.09 -18.75 -37.06
C3 NAG KA . -36.86 -18.53 -38.56
C4 NAG KA . -35.64 -19.30 -39.03
C5 NAG KA . -35.73 -20.77 -38.65
C6 NAG KA . -34.52 -21.56 -39.12
C7 NAG KA . -38.58 -17.51 -35.57
C8 NAG KA . -39.98 -17.13 -35.19
N2 NAG KA . -38.40 -18.25 -36.66
O3 NAG KA . -36.67 -17.16 -38.79
O4 NAG KA . -35.53 -19.18 -40.44
O5 NAG KA . -35.83 -20.90 -37.24
O6 NAG KA . -33.43 -21.35 -38.25
O7 NAG KA . -37.65 -17.13 -34.85
C1 NAG LA . -5.34 -10.41 -17.39
C2 NAG LA . -6.41 -11.13 -16.56
C3 NAG LA . -7.75 -10.41 -16.67
C4 NAG LA . -7.58 -8.99 -16.16
C5 NAG LA . -6.47 -8.27 -16.93
C6 NAG LA . -6.08 -6.94 -16.28
C7 NAG LA . -6.63 -13.48 -15.99
C8 NAG LA . -7.82 -14.40 -16.04
N2 NAG LA . -6.55 -12.53 -16.91
O3 NAG LA . -8.76 -11.06 -15.90
O4 NAG LA . -8.82 -8.33 -16.28
O5 NAG LA . -5.27 -9.03 -17.06
O6 NAG LA . -7.17 -6.12 -15.90
O7 NAG LA . -5.76 -13.65 -15.12
CA CA MA . -4.76 22.70 -36.14
CA CA NA . -14.48 15.02 -36.11
CA CA OA . -27.22 23.27 -37.20
C1 NAG PA . 8.12 -8.75 -81.11
C2 NAG PA . 8.05 -10.26 -81.33
C3 NAG PA . 9.16 -10.98 -80.59
C4 NAG PA . 10.51 -10.32 -80.86
C5 NAG PA . 10.46 -8.83 -80.57
C6 NAG PA . 11.78 -8.17 -80.91
C7 NAG PA . 5.85 -11.25 -81.74
C8 NAG PA . 4.48 -11.52 -81.19
N2 NAG PA . 6.75 -10.76 -80.89
O3 NAG PA . 9.22 -12.34 -80.98
O4 NAG PA . 11.49 -10.91 -80.03
O5 NAG PA . 9.42 -8.22 -81.32
O6 NAG PA . 12.13 -8.37 -82.27
O7 NAG PA . 6.08 -11.47 -82.93
C1 NAG QA . 0.65 -38.06 -32.04
C2 NAG QA . 2.02 -38.72 -32.15
C3 NAG QA . 1.96 -40.19 -31.81
C4 NAG QA . 1.16 -40.44 -30.53
C5 NAG QA . -0.19 -39.72 -30.54
C6 NAG QA . -0.90 -39.81 -29.19
C7 NAG QA . 3.32 -37.55 -33.86
C8 NAG QA . 3.48 -37.30 -35.33
N2 NAG QA . 2.57 -38.59 -33.49
O3 NAG QA . 3.27 -40.65 -31.64
O4 NAG QA . 0.93 -41.83 -30.39
O5 NAG QA . -0.01 -38.35 -30.82
O6 NAG QA . -0.13 -39.17 -28.20
O7 NAG QA . 3.86 -36.80 -33.04
CA CA RA . 7.64 42.37 -83.12
C1 NAG SA . 53.52 8.54 10.35
C2 NAG SA . 53.10 7.60 11.49
C3 NAG SA . 53.90 6.30 11.53
C4 NAG SA . 54.05 5.72 10.12
C5 NAG SA . 54.65 6.78 9.19
C6 NAG SA . 54.88 6.22 7.80
C7 NAG SA . 52.17 8.75 13.43
C8 NAG SA . 52.45 9.71 14.57
N2 NAG SA . 53.23 8.29 12.77
O3 NAG SA . 53.25 5.37 12.35
O4 NAG SA . 54.91 4.61 10.17
O5 NAG SA . 53.78 7.89 9.12
O6 NAG SA . 53.66 6.00 7.14
O7 NAG SA . 51.01 8.43 13.17
C1 NAG TA . 20.15 0.83 -6.36
C2 NAG TA . 20.55 2.30 -6.19
C3 NAG TA . 20.85 2.66 -4.74
C4 NAG TA . 19.65 2.30 -3.88
C5 NAG TA . 19.25 0.84 -4.08
C6 NAG TA . 17.89 0.53 -3.44
C7 NAG TA . 21.68 3.67 -7.88
C8 NAG TA . 22.61 4.80 -7.59
N2 NAG TA . 21.69 2.63 -7.03
O3 NAG TA . 21.10 4.04 -4.61
O4 NAG TA . 20.00 2.58 -2.53
O5 NAG TA . 19.13 0.47 -5.44
O6 NAG TA . 17.66 1.14 -2.18
O7 NAG TA . 20.93 3.70 -8.86
CA CA UA . 15.82 -28.65 17.00
CA CA VA . 24.29 -19.81 18.79
CA CA WA . 26.53 -18.04 33.73
MG MG XA . 14.40 -103.88 55.54
C1 NAG YA . 58.62 -51.13 -11.53
C2 NAG YA . 59.54 -50.46 -12.56
C3 NAG YA . 58.82 -50.22 -13.88
C4 NAG YA . 58.09 -51.47 -14.34
C5 NAG YA . 57.19 -51.99 -13.23
C6 NAG YA . 56.48 -53.28 -13.64
C7 NAG YA . 61.32 -48.99 -11.74
C8 NAG YA . 61.64 -47.73 -10.98
N2 NAG YA . 60.03 -49.19 -12.03
O3 NAG YA . 59.75 -49.83 -14.88
O4 NAG YA . 57.32 -51.19 -15.48
O5 NAG YA . 57.93 -52.23 -12.05
O6 NAG YA . 57.41 -54.31 -13.84
O7 NAG YA . 62.22 -49.77 -12.06
C1 NAG ZA . 41.41 -1.40 -29.54
C2 NAG ZA . 42.06 -0.35 -30.43
C3 NAG ZA . 41.80 -0.63 -31.91
C4 NAG ZA . 42.09 -2.09 -32.25
C5 NAG ZA . 41.56 -3.08 -31.22
C6 NAG ZA . 42.11 -4.49 -31.46
C7 NAG ZA . 42.40 1.79 -29.35
C8 NAG ZA . 41.80 3.07 -28.83
N2 NAG ZA . 41.61 0.99 -30.06
O3 NAG ZA . 42.63 0.20 -32.68
O4 NAG ZA . 41.50 -2.39 -33.49
O5 NAG ZA . 41.87 -2.69 -29.89
O6 NAG ZA . 43.52 -4.50 -31.45
O7 NAG ZA . 43.56 1.51 -29.08
CA CA AB . 33.40 -77.66 24.07
#